data_7CH3
#
_entry.id   7CH3
#
_cell.length_a   87.424
_cell.length_b   113.913
_cell.length_c   160.833
_cell.angle_alpha   81.080
_cell.angle_beta   81.150
_cell.angle_gamma   88.890
#
_symmetry.space_group_name_H-M   'P 1'
#
loop_
_entity.id
_entity.type
_entity.pdbx_description
1 polymer 'L-arabinose isomerase'
2 non-polymer 'MANGANESE (II) ION'
3 water water
#
_entity_poly.entity_id   1
_entity_poly.type   'polypeptide(L)'
_entity_poly.pdbx_seq_one_letter_code
;MIDLKQYEFWFLVGSQYLYGLETLKKVEQQASKIVDSLNDDPIFPSKIVLKPVLKSSSEITEIFEKANADPKCAGVIVWM
HTFSPSKMWIRGLSINKKPLLHLHTQYNREIPWDTIDMDYMNLNQSAHGDREHGFIHARMRLPRKVVVGHWEEKEVREKI
AKWMRVACAIQDGRMGQIVRFGDNMREVASTEGDKVEAQIKLGWSINTWGVGELAERVKAVPEREVEELLKEYREKYIMP
EDEYSLKAIREQAKIEIALREFLAAANAVGFTTTFEDLHDLPQLPGLAVQRLMEEGYGFGAEGDWKAAGLVRAIKVMGTS
LPGGTSFMEDYTYHLTPGNELVLGAHMLEVCPTIAKEKPRIEVHPLSIGGKADPARLVFDGQEGPAVNASIVDMGNRFRL
VVNKVLSVPIERKMPKLPTARVLWKPLPDFKRATTAWILAGGSHHTAFSTAIDVEYLIDWAEALEIEYVVIDENLDLEDF
KKELRWNELYWGLLKR
;
_entity_poly.pdbx_strand_id   A,B,C,D,E,F,G,H,I,J,K,L
#
loop_
_chem_comp.id
_chem_comp.type
_chem_comp.name
_chem_comp.formula
MN non-polymer 'MANGANESE (II) ION' 'Mn 2'
#
# COMPACT_ATOMS: atom_id res chain seq x y z
N MET A 1 1.10 62.52 17.89
CA MET A 1 0.09 62.96 16.94
C MET A 1 0.64 63.92 15.88
N ILE A 2 1.48 63.38 15.02
CA ILE A 2 2.10 64.12 13.93
C ILE A 2 1.35 63.74 12.66
N ASP A 3 1.02 64.74 11.84
CA ASP A 3 0.21 64.52 10.66
C ASP A 3 0.97 64.88 9.40
N LEU A 4 0.40 64.45 8.27
CA LEU A 4 1.00 64.65 6.96
C LEU A 4 0.22 65.66 6.13
N LYS A 5 -0.44 66.61 6.78
CA LYS A 5 -1.19 67.62 6.06
C LYS A 5 -0.33 68.81 5.67
N GLN A 6 0.80 69.01 6.35
CA GLN A 6 1.67 70.13 6.04
C GLN A 6 2.38 69.92 4.71
N TYR A 7 2.55 68.67 4.29
CA TYR A 7 3.25 68.38 3.04
C TYR A 7 2.38 68.76 1.85
N GLU A 8 3.00 69.39 0.85
CA GLU A 8 2.33 69.80 -0.37
C GLU A 8 2.99 69.11 -1.56
N PHE A 9 2.20 68.91 -2.62
CA PHE A 9 2.69 68.23 -3.82
C PHE A 9 2.59 69.18 -5.01
N TRP A 10 3.65 69.24 -5.81
CA TRP A 10 3.77 70.20 -6.89
C TRP A 10 3.28 69.58 -8.19
N PHE A 11 2.13 70.04 -8.67
CA PHE A 11 1.66 69.65 -9.99
C PHE A 11 2.44 70.43 -11.04
N LEU A 12 2.89 69.72 -12.09
CA LEU A 12 3.82 70.25 -13.05
C LEU A 12 3.31 69.95 -14.46
N VAL A 13 3.01 71.01 -15.21
CA VAL A 13 2.50 70.90 -16.57
C VAL A 13 3.58 71.37 -17.53
N GLY A 14 3.70 70.69 -18.65
CA GLY A 14 4.79 70.92 -19.59
C GLY A 14 4.29 71.40 -20.94
N SER A 15 5.03 72.33 -21.53
CA SER A 15 4.77 72.84 -22.87
C SER A 15 6.10 73.32 -23.46
N GLN A 16 6.04 74.10 -24.52
CA GLN A 16 7.25 74.65 -25.12
C GLN A 16 6.99 76.08 -25.59
N TYR A 17 8.08 76.85 -25.72
CA TYR A 17 7.98 78.22 -26.19
C TYR A 17 7.56 78.30 -27.65
N LEU A 18 7.75 77.23 -28.42
CA LEU A 18 7.36 77.19 -29.82
C LEU A 18 5.86 77.01 -30.01
N TYR A 19 5.05 77.69 -29.19
CA TYR A 19 3.61 77.62 -29.26
C TYR A 19 3.04 79.03 -29.17
N GLY A 20 1.78 79.17 -29.56
CA GLY A 20 1.12 80.45 -29.45
C GLY A 20 0.87 80.80 -27.99
N LEU A 21 1.08 82.08 -27.66
CA LEU A 21 0.88 82.55 -26.30
C LEU A 21 -0.58 82.52 -25.88
N GLU A 22 -1.51 82.34 -26.81
CA GLU A 22 -2.93 82.30 -26.48
C GLU A 22 -3.31 80.95 -25.86
N THR A 23 -2.86 79.85 -26.47
CA THR A 23 -3.21 78.52 -25.99
C THR A 23 -2.48 78.14 -24.70
N LEU A 24 -1.39 78.82 -24.37
CA LEU A 24 -0.71 78.53 -23.12
C LEU A 24 -1.58 78.91 -21.93
N LYS A 25 -2.32 80.01 -22.05
CA LYS A 25 -3.24 80.40 -20.99
C LYS A 25 -4.40 79.41 -20.89
N LYS A 26 -4.79 78.79 -22.01
CA LYS A 26 -5.79 77.73 -21.95
C LYS A 26 -5.24 76.52 -21.21
N VAL A 27 -3.96 76.23 -21.39
CA VAL A 27 -3.35 75.11 -20.65
C VAL A 27 -3.33 75.43 -19.17
N GLU A 28 -2.95 76.66 -18.80
CA GLU A 28 -2.94 77.04 -17.39
C GLU A 28 -4.35 76.98 -16.79
N GLN A 29 -5.35 77.46 -17.53
CA GLN A 29 -6.72 77.46 -17.01
C GLN A 29 -7.23 76.04 -16.82
N GLN A 30 -6.93 75.15 -17.78
CA GLN A 30 -7.39 73.78 -17.65
C GLN A 30 -6.67 73.07 -16.50
N ALA A 31 -5.37 73.34 -16.32
CA ALA A 31 -4.66 72.75 -15.21
C ALA A 31 -5.22 73.21 -13.87
N SER A 32 -5.60 74.49 -13.76
CA SER A 32 -6.24 74.94 -12.53
C SER A 32 -7.58 74.27 -12.34
N LYS A 33 -8.34 74.10 -13.42
CA LYS A 33 -9.64 73.43 -13.34
C LYS A 33 -9.47 71.99 -12.87
N ILE A 34 -8.34 71.36 -13.19
CA ILE A 34 -8.11 70.00 -12.73
C ILE A 34 -7.66 69.99 -11.27
N VAL A 35 -6.68 70.82 -10.92
CA VAL A 35 -6.07 70.73 -9.60
C VAL A 35 -7.01 71.22 -8.50
N ASP A 36 -7.86 72.22 -8.75
CA ASP A 36 -8.74 72.65 -7.68
C ASP A 36 -9.83 71.62 -7.41
N SER A 37 -10.43 71.07 -8.47
CA SER A 37 -11.39 69.98 -8.31
C SER A 37 -10.73 68.74 -7.72
N LEU A 38 -9.42 68.58 -7.93
CA LEU A 38 -8.71 67.49 -7.28
C LEU A 38 -8.58 67.74 -5.78
N ASN A 39 -8.30 69.00 -5.41
CA ASN A 39 -8.24 69.34 -3.99
C ASN A 39 -9.61 69.27 -3.32
N ASP A 40 -10.69 69.41 -4.09
CA ASP A 40 -12.02 69.28 -3.51
C ASP A 40 -12.32 67.87 -3.05
N ASP A 41 -11.68 66.87 -3.66
CA ASP A 41 -11.91 65.48 -3.27
C ASP A 41 -11.17 65.19 -1.97
N PRO A 42 -11.85 64.68 -0.94
CA PRO A 42 -11.18 64.43 0.34
C PRO A 42 -10.32 63.18 0.39
N ILE A 43 -10.19 62.42 -0.70
CA ILE A 43 -9.36 61.23 -0.67
C ILE A 43 -7.88 61.62 -0.54
N PHE A 44 -7.49 62.69 -1.19
CA PHE A 44 -6.10 63.14 -1.13
C PHE A 44 -5.79 63.67 0.27
N PRO A 45 -4.79 63.13 0.95
CA PRO A 45 -4.48 63.58 2.32
C PRO A 45 -3.64 64.85 2.39
N SER A 46 -3.19 65.39 1.27
CA SER A 46 -2.33 66.56 1.26
C SER A 46 -2.73 67.48 0.12
N LYS A 47 -2.23 68.71 0.17
CA LYS A 47 -2.61 69.69 -0.83
C LYS A 47 -1.79 69.53 -2.10
N ILE A 48 -2.32 70.12 -3.18
CA ILE A 48 -1.64 70.18 -4.46
C ILE A 48 -1.42 71.66 -4.77
N VAL A 49 -0.30 71.95 -5.42
CA VAL A 49 0.12 73.31 -5.74
C VAL A 49 0.46 73.32 -7.21
N LEU A 50 -0.34 74.01 -8.02
CA LEU A 50 -0.04 74.17 -9.43
C LEU A 50 1.03 75.23 -9.60
N LYS A 51 2.05 74.93 -10.41
CA LYS A 51 3.09 75.91 -10.69
C LYS A 51 3.06 76.25 -12.18
N PRO A 52 3.51 77.44 -12.57
CA PRO A 52 3.28 77.92 -13.93
C PRO A 52 3.77 76.93 -14.98
N VAL A 53 3.03 76.86 -16.08
CA VAL A 53 3.32 75.89 -17.13
C VAL A 53 4.73 76.14 -17.66
N LEU A 54 5.50 75.06 -17.78
CA LEU A 54 6.90 75.17 -18.16
C LEU A 54 7.06 75.06 -19.67
N LYS A 55 7.90 75.90 -20.23
CA LYS A 55 8.14 75.92 -21.67
C LYS A 55 9.60 75.77 -22.04
N SER A 56 10.50 76.33 -21.24
CA SER A 56 11.93 76.28 -21.50
C SER A 56 12.62 75.33 -20.54
N SER A 57 13.88 75.01 -20.84
CA SER A 57 14.64 74.10 -20.00
C SER A 57 14.97 74.74 -18.66
N SER A 58 15.30 76.03 -18.67
CA SER A 58 15.67 76.71 -17.45
C SER A 58 14.51 76.77 -16.47
N GLU A 59 13.27 76.90 -16.98
CA GLU A 59 12.11 76.86 -16.12
C GLU A 59 11.97 75.50 -15.46
N ILE A 60 12.27 74.44 -16.21
CA ILE A 60 12.22 73.08 -15.68
C ILE A 60 13.17 72.95 -14.51
N THR A 61 14.44 73.32 -14.73
CA THR A 61 15.42 73.17 -13.67
C THR A 61 15.13 74.11 -12.50
N GLU A 62 14.57 75.28 -12.75
CA GLU A 62 14.23 76.18 -11.65
C GLU A 62 13.18 75.54 -10.75
N ILE A 63 12.16 74.92 -11.35
CA ILE A 63 11.12 74.29 -10.53
C ILE A 63 11.70 73.12 -9.76
N PHE A 64 12.53 72.30 -10.41
CA PHE A 64 13.08 71.17 -9.66
C PHE A 64 14.04 71.62 -8.55
N GLU A 65 14.77 72.70 -8.76
CA GLU A 65 15.63 73.23 -7.70
C GLU A 65 14.80 73.69 -6.51
N LYS A 66 13.70 74.39 -6.77
CA LYS A 66 12.84 74.80 -5.65
C LYS A 66 12.16 73.60 -5.02
N ALA A 67 11.94 72.52 -5.78
CA ALA A 67 11.36 71.32 -5.20
C ALA A 67 12.33 70.64 -4.24
N ASN A 68 13.62 70.64 -4.58
CA ASN A 68 14.60 70.11 -3.64
C ASN A 68 14.94 71.09 -2.53
N ALA A 69 14.54 72.35 -2.67
CA ALA A 69 14.83 73.35 -1.65
C ALA A 69 13.73 73.45 -0.60
N ASP A 70 12.48 73.29 -1.01
CA ASP A 70 11.35 73.39 -0.08
C ASP A 70 11.26 72.15 0.79
N PRO A 71 11.42 72.26 2.12
CA PRO A 71 11.37 71.05 2.96
C PRO A 71 10.00 70.42 3.05
N LYS A 72 8.93 71.20 2.86
CA LYS A 72 7.55 70.69 2.88
C LYS A 72 7.09 70.08 1.57
N CYS A 73 7.80 70.31 0.47
CA CYS A 73 7.46 69.62 -0.77
C CYS A 73 7.93 68.18 -0.69
N ALA A 74 7.02 67.23 -0.90
CA ALA A 74 7.34 65.81 -0.75
C ALA A 74 7.03 65.00 -1.99
N GLY A 75 6.83 65.65 -3.14
CA GLY A 75 6.55 64.94 -4.36
C GLY A 75 6.23 65.84 -5.52
N VAL A 76 6.37 65.33 -6.75
CA VAL A 76 6.10 66.08 -7.96
C VAL A 76 5.23 65.23 -8.87
N ILE A 77 4.12 65.79 -9.34
CA ILE A 77 3.22 65.11 -10.26
C ILE A 77 3.38 65.77 -11.61
N VAL A 78 3.82 65.01 -12.60
CA VAL A 78 4.18 65.55 -13.90
C VAL A 78 3.15 65.10 -14.93
N TRP A 79 2.66 66.04 -15.73
CA TRP A 79 1.69 65.74 -16.78
C TRP A 79 1.92 66.68 -17.95
N MET A 80 2.08 66.11 -19.14
CA MET A 80 2.32 66.90 -20.36
C MET A 80 0.96 67.17 -21.00
N HIS A 81 0.47 68.40 -20.84
CA HIS A 81 -0.78 68.78 -21.50
C HIS A 81 -0.61 68.81 -23.01
N THR A 82 0.45 69.43 -23.49
CA THR A 82 0.79 69.44 -24.91
C THR A 82 2.17 68.81 -25.10
N PHE A 83 2.60 68.72 -26.35
CA PHE A 83 3.88 68.10 -26.69
C PHE A 83 5.02 69.00 -26.20
N SER A 84 5.67 68.60 -25.12
CA SER A 84 6.87 69.29 -24.64
C SER A 84 8.07 68.40 -24.90
N PRO A 85 9.02 68.81 -25.74
CA PRO A 85 10.17 67.95 -26.05
C PRO A 85 10.98 67.61 -24.82
N SER A 86 11.44 66.35 -24.76
CA SER A 86 12.01 65.81 -23.53
C SER A 86 13.42 66.32 -23.26
N LYS A 87 14.17 66.72 -24.29
CA LYS A 87 15.52 67.21 -24.07
C LYS A 87 15.55 68.47 -23.20
N MET A 88 14.42 69.15 -23.04
CA MET A 88 14.34 70.27 -22.10
C MET A 88 14.31 69.81 -20.66
N TRP A 89 13.78 68.61 -20.41
CA TRP A 89 13.65 68.12 -19.05
C TRP A 89 14.91 67.46 -18.52
N ILE A 90 15.91 67.21 -19.38
CA ILE A 90 17.05 66.41 -18.96
C ILE A 90 17.78 67.09 -17.82
N ARG A 91 18.12 68.38 -18.02
CA ARG A 91 18.84 69.11 -16.98
C ARG A 91 18.01 69.23 -15.72
N GLY A 92 16.69 69.19 -15.85
CA GLY A 92 15.84 69.28 -14.70
C GLY A 92 15.78 67.96 -13.94
N LEU A 93 15.76 66.85 -14.67
CA LEU A 93 15.68 65.55 -14.01
C LEU A 93 17.01 65.09 -13.45
N SER A 94 18.13 65.60 -13.95
CA SER A 94 19.44 65.19 -13.46
C SER A 94 19.81 65.84 -12.14
N ILE A 95 18.91 66.64 -11.56
CA ILE A 95 19.18 67.31 -10.30
C ILE A 95 18.15 67.00 -9.23
N ASN A 96 16.94 66.59 -9.59
CA ASN A 96 15.88 66.41 -8.61
C ASN A 96 15.96 65.03 -7.97
N LYS A 97 15.65 64.97 -6.67
CA LYS A 97 15.62 63.71 -5.95
C LYS A 97 14.28 63.43 -5.27
N LYS A 98 13.29 64.31 -5.42
CA LYS A 98 11.98 64.03 -4.87
C LYS A 98 11.27 62.99 -5.72
N PRO A 99 10.39 62.18 -5.12
CA PRO A 99 9.67 61.17 -5.89
C PRO A 99 8.83 61.79 -7.00
N LEU A 100 8.73 61.06 -8.10
CA LEU A 100 7.98 61.49 -9.28
C LEU A 100 6.76 60.61 -9.49
N LEU A 101 5.64 61.22 -9.82
CA LEU A 101 4.47 60.51 -10.31
C LEU A 101 4.14 61.04 -11.69
N HIS A 102 4.04 60.15 -12.67
CA HIS A 102 3.78 60.55 -14.05
C HIS A 102 2.30 60.36 -14.32
N LEU A 103 1.54 61.45 -14.27
CA LEU A 103 0.11 61.41 -14.52
C LEU A 103 -0.14 61.50 -16.01
N HIS A 104 -0.72 60.45 -16.58
CA HIS A 104 -1.09 60.41 -18.00
C HIS A 104 -2.60 60.56 -18.08
N THR A 105 -3.05 61.71 -18.59
CA THR A 105 -4.48 61.99 -18.55
C THR A 105 -4.82 63.02 -19.63
N GLN A 106 -6.11 63.04 -19.99
CA GLN A 106 -6.68 63.99 -20.92
C GLN A 106 -7.84 64.69 -20.21
N TYR A 107 -7.92 66.01 -20.33
CA TYR A 107 -8.84 66.75 -19.48
C TYR A 107 -10.31 66.44 -19.81
N ASN A 108 -10.62 66.23 -21.08
CA ASN A 108 -11.97 65.85 -21.48
C ASN A 108 -12.04 64.34 -21.66
N ARG A 109 -13.16 63.75 -21.23
CA ARG A 109 -13.32 62.30 -21.23
C ARG A 109 -13.52 61.73 -22.62
N GLU A 110 -14.62 62.07 -23.28
CA GLU A 110 -14.93 61.54 -24.58
C GLU A 110 -14.27 62.39 -25.66
N ILE A 111 -14.49 62.03 -26.92
CA ILE A 111 -13.92 62.74 -28.05
C ILE A 111 -15.03 63.58 -28.68
N PRO A 112 -14.84 64.89 -28.85
CA PRO A 112 -15.82 65.68 -29.60
C PRO A 112 -15.82 65.29 -31.07
N TRP A 113 -16.59 64.24 -31.42
CA TRP A 113 -16.51 63.67 -32.76
C TRP A 113 -16.79 64.72 -33.83
N ASP A 114 -17.71 65.64 -33.55
CA ASP A 114 -18.11 66.67 -34.50
C ASP A 114 -17.32 67.96 -34.32
N THR A 115 -16.46 68.05 -33.31
CA THR A 115 -15.75 69.30 -33.03
C THR A 115 -14.25 69.13 -32.89
N ILE A 116 -13.70 67.97 -33.27
CA ILE A 116 -12.26 67.81 -33.31
C ILE A 116 -11.71 68.50 -34.56
N ASP A 117 -10.89 69.53 -34.35
CA ASP A 117 -10.24 70.29 -35.41
C ASP A 117 -8.77 70.47 -35.07
N MET A 118 -8.04 71.13 -35.98
CA MET A 118 -6.63 71.37 -35.75
C MET A 118 -6.39 72.35 -34.61
N ASP A 119 -7.38 73.18 -34.30
CA ASP A 119 -7.29 74.07 -33.15
C ASP A 119 -7.56 73.35 -31.84
N TYR A 120 -8.05 72.12 -31.89
CA TYR A 120 -8.23 71.28 -30.71
C TYR A 120 -7.15 70.22 -30.56
N MET A 121 -6.73 69.60 -31.67
CA MET A 121 -5.61 68.65 -31.62
C MET A 121 -4.30 69.32 -31.23
N ASN A 122 -4.11 70.59 -31.62
CA ASN A 122 -2.91 71.30 -31.23
C ASN A 122 -2.88 71.60 -29.73
N LEU A 123 -4.06 71.70 -29.11
CA LEU A 123 -4.13 71.95 -27.68
C LEU A 123 -3.95 70.67 -26.88
N ASN A 124 -4.79 69.66 -27.15
CA ASN A 124 -4.75 68.40 -26.41
C ASN A 124 -3.83 67.40 -27.09
N GLN A 125 -2.53 67.68 -26.99
CA GLN A 125 -1.49 66.75 -27.45
C GLN A 125 -1.04 65.82 -26.33
N SER A 126 -1.99 65.34 -25.53
CA SER A 126 -1.65 64.55 -24.35
C SER A 126 -1.22 63.13 -24.71
N ALA A 127 -1.89 62.51 -25.69
CA ALA A 127 -1.67 61.10 -25.99
C ALA A 127 -0.21 60.83 -26.34
N HIS A 128 0.34 61.58 -27.27
CA HIS A 128 1.75 61.47 -27.63
C HIS A 128 2.60 62.52 -26.93
N GLY A 129 2.06 63.15 -25.90
CA GLY A 129 2.77 64.12 -25.10
C GLY A 129 3.58 63.43 -24.03
N ASP A 130 2.97 62.52 -23.27
CA ASP A 130 3.69 61.84 -22.21
C ASP A 130 4.43 60.59 -22.68
N ARG A 131 4.19 60.10 -23.89
CA ARG A 131 5.01 58.99 -24.38
C ARG A 131 6.44 59.44 -24.65
N GLU A 132 6.60 60.59 -25.30
CA GLU A 132 7.92 61.17 -25.50
C GLU A 132 8.59 61.47 -24.17
N HIS A 133 7.81 61.88 -23.16
CA HIS A 133 8.40 62.19 -21.86
C HIS A 133 8.79 60.93 -21.11
N GLY A 134 7.91 59.93 -21.08
CA GLY A 134 8.24 58.67 -20.44
C GLY A 134 9.46 58.00 -21.04
N PHE A 135 9.73 58.27 -22.32
CA PHE A 135 10.98 57.75 -22.88
C PHE A 135 12.18 58.30 -22.15
N ILE A 136 12.18 59.60 -21.83
CA ILE A 136 13.35 60.17 -21.18
C ILE A 136 13.49 59.64 -19.76
N HIS A 137 12.39 59.22 -19.13
CA HIS A 137 12.48 58.60 -17.81
C HIS A 137 13.08 57.21 -17.90
N ALA A 138 12.50 56.36 -18.75
CA ALA A 138 13.06 55.04 -18.97
C ALA A 138 14.52 55.09 -19.39
N ARG A 139 14.90 56.12 -20.15
CA ARG A 139 16.27 56.23 -20.63
C ARG A 139 17.21 56.66 -19.51
N MET A 140 16.82 57.64 -18.71
CA MET A 140 17.69 58.14 -17.66
C MET A 140 17.68 57.24 -16.43
N ARG A 141 16.98 56.11 -16.48
CA ARG A 141 16.85 55.19 -15.35
C ARG A 141 16.33 55.94 -14.12
N LEU A 142 15.35 56.80 -14.34
CA LEU A 142 14.84 57.58 -13.22
C LEU A 142 13.68 56.84 -12.57
N PRO A 143 13.65 56.72 -11.25
CA PRO A 143 12.55 56.02 -10.60
C PRO A 143 11.33 56.90 -10.52
N ARG A 144 10.17 56.34 -10.88
CA ARG A 144 8.94 57.11 -10.85
C ARG A 144 7.77 56.14 -10.96
N LYS A 145 6.59 56.63 -10.61
CA LYS A 145 5.35 55.89 -10.76
C LYS A 145 4.55 56.46 -11.93
N VAL A 146 4.10 55.58 -12.81
CA VAL A 146 3.30 55.98 -13.98
C VAL A 146 1.86 55.60 -13.71
N VAL A 147 0.95 56.54 -13.93
CA VAL A 147 -0.47 56.36 -13.67
C VAL A 147 -1.25 56.90 -14.86
N VAL A 148 -2.12 56.07 -15.42
CA VAL A 148 -2.88 56.44 -16.61
C VAL A 148 -4.37 56.38 -16.29
N GLY A 149 -5.10 57.38 -16.75
CA GLY A 149 -6.54 57.46 -16.56
C GLY A 149 -6.99 58.89 -16.48
N HIS A 150 -8.29 59.08 -16.71
CA HIS A 150 -8.89 60.41 -16.66
C HIS A 150 -9.09 60.83 -15.21
N TRP A 151 -8.71 62.07 -14.90
CA TRP A 151 -8.68 62.55 -13.52
C TRP A 151 -10.06 62.53 -12.85
N GLU A 152 -11.13 62.41 -13.64
CA GLU A 152 -12.46 62.30 -13.03
C GLU A 152 -12.74 60.91 -12.50
N GLU A 153 -12.06 59.88 -13.01
CA GLU A 153 -12.26 58.53 -12.52
C GLU A 153 -11.68 58.38 -11.11
N LYS A 154 -12.30 57.50 -10.32
CA LYS A 154 -11.87 57.33 -8.94
C LYS A 154 -10.67 56.39 -8.81
N GLU A 155 -10.53 55.42 -9.71
CA GLU A 155 -9.45 54.43 -9.60
C GLU A 155 -8.09 55.11 -9.70
N VAL A 156 -7.93 55.98 -10.71
CA VAL A 156 -6.69 56.73 -10.87
C VAL A 156 -6.45 57.65 -9.67
N ARG A 157 -7.53 58.20 -9.11
CA ARG A 157 -7.37 59.08 -7.96
C ARG A 157 -6.90 58.30 -6.74
N GLU A 158 -7.36 57.06 -6.58
CA GLU A 158 -6.89 56.22 -5.49
C GLU A 158 -5.43 55.87 -5.68
N LYS A 159 -5.03 55.57 -6.92
CA LYS A 159 -3.63 55.25 -7.19
C LYS A 159 -2.73 56.43 -6.82
N ILE A 160 -3.09 57.62 -7.29
CA ILE A 160 -2.25 58.79 -7.04
C ILE A 160 -2.27 59.16 -5.55
N ALA A 161 -3.36 58.86 -4.85
CA ALA A 161 -3.41 59.18 -3.42
C ALA A 161 -2.54 58.23 -2.60
N LYS A 162 -2.54 56.94 -2.96
CA LYS A 162 -1.62 56.02 -2.29
C LYS A 162 -0.18 56.45 -2.52
N TRP A 163 0.14 56.91 -3.74
CA TRP A 163 1.48 57.40 -3.98
C TRP A 163 1.77 58.65 -3.17
N MET A 164 0.77 59.50 -2.95
CA MET A 164 0.94 60.68 -2.12
C MET A 164 1.32 60.30 -0.69
N ARG A 165 0.57 59.35 -0.12
CA ARG A 165 0.87 58.93 1.24
C ARG A 165 2.27 58.36 1.36
N VAL A 166 2.68 57.57 0.36
CA VAL A 166 4.03 57.01 0.43
C VAL A 166 5.08 58.10 0.24
N ALA A 167 4.83 59.03 -0.69
CA ALA A 167 5.79 60.08 -1.00
C ALA A 167 5.99 61.04 0.16
N CYS A 168 5.01 61.14 1.06
CA CYS A 168 5.25 61.92 2.28
C CYS A 168 5.75 61.07 3.43
N ALA A 169 5.54 59.75 3.37
CA ALA A 169 6.16 58.88 4.36
C ALA A 169 7.68 58.86 4.22
N ILE A 170 8.18 59.01 2.99
CA ILE A 170 9.63 59.02 2.78
C ILE A 170 10.25 60.31 3.32
N GLN A 171 9.51 61.42 3.27
CA GLN A 171 10.05 62.67 3.80
C GLN A 171 10.15 62.64 5.31
N ASP A 172 9.18 62.00 5.97
CA ASP A 172 9.24 61.77 7.41
C ASP A 172 10.15 60.56 7.68
N GLY A 173 11.43 60.74 7.39
CA GLY A 173 12.43 59.70 7.48
C GLY A 173 13.74 60.22 6.97
N ARG A 174 13.67 61.05 5.92
CA ARG A 174 14.83 61.83 5.51
C ARG A 174 15.05 63.01 6.43
N MET A 175 13.99 63.53 7.05
CA MET A 175 14.06 64.62 8.02
C MET A 175 14.22 64.11 9.45
N GLY A 176 13.45 63.10 9.82
CA GLY A 176 13.45 62.59 11.18
C GLY A 176 14.73 61.85 11.53
N GLN A 177 14.77 61.38 12.78
CA GLN A 177 15.92 60.67 13.32
C GLN A 177 15.44 59.50 14.16
N ILE A 178 16.22 58.42 14.15
CA ILE A 178 15.94 57.21 14.94
C ILE A 178 16.89 57.17 16.13
N VAL A 179 16.33 56.87 17.30
CA VAL A 179 17.03 56.91 18.57
C VAL A 179 17.17 55.47 19.06
N ARG A 180 18.37 55.11 19.53
CA ARG A 180 18.64 53.77 20.03
C ARG A 180 19.04 53.90 21.49
N PHE A 181 18.33 53.19 22.37
CA PHE A 181 18.71 53.12 23.77
C PHE A 181 19.36 51.77 24.01
N GLY A 182 20.68 51.73 23.87
CA GLY A 182 21.39 50.47 23.92
C GLY A 182 21.57 49.86 22.55
N ASP A 183 22.61 49.03 22.41
CA ASP A 183 22.90 48.42 21.12
C ASP A 183 22.01 47.21 20.93
N ASN A 184 22.29 46.41 19.90
CA ASN A 184 21.49 45.25 19.58
C ASN A 184 21.74 44.13 20.59
N MET A 185 20.78 43.21 20.65
CA MET A 185 20.98 42.00 21.44
C MET A 185 22.20 41.25 20.91
N ARG A 186 23.04 40.76 21.83
CA ARG A 186 24.32 40.18 21.44
C ARG A 186 24.12 38.94 20.58
N GLU A 187 24.98 38.81 19.57
CA GLU A 187 25.06 37.71 18.61
C GLU A 187 23.86 37.63 17.69
N VAL A 188 22.92 38.57 17.75
CA VAL A 188 21.77 38.60 16.85
C VAL A 188 22.20 39.32 15.56
N ALA A 189 21.80 38.76 14.43
CA ALA A 189 22.26 39.23 13.13
C ALA A 189 21.19 39.99 12.34
N SER A 190 19.94 39.54 12.34
CA SER A 190 18.93 40.17 11.51
C SER A 190 18.61 41.58 11.97
N THR A 191 18.80 41.88 13.25
CA THR A 191 18.59 43.23 13.76
C THR A 191 19.77 44.15 13.43
N GLU A 192 20.93 43.59 13.11
CA GLU A 192 22.11 44.37 12.78
C GLU A 192 22.03 44.87 11.34
N GLY A 193 22.77 45.94 11.06
CA GLY A 193 22.80 46.50 9.72
C GLY A 193 23.81 47.62 9.63
N ASP A 194 23.99 48.12 8.42
CA ASP A 194 24.91 49.23 8.16
C ASP A 194 24.16 50.54 8.32
N LYS A 195 24.47 51.28 9.40
CA LYS A 195 23.78 52.53 9.67
C LYS A 195 24.11 53.63 8.67
N VAL A 196 25.25 53.53 7.97
CA VAL A 196 25.63 54.56 7.01
C VAL A 196 24.92 54.35 5.68
N GLU A 197 24.87 53.10 5.21
CA GLU A 197 24.17 52.82 3.97
C GLU A 197 22.68 53.07 4.08
N ALA A 198 22.14 53.06 5.30
CA ALA A 198 20.74 53.42 5.48
C ALA A 198 20.54 54.92 5.28
N GLN A 199 21.45 55.74 5.80
CA GLN A 199 21.36 57.17 5.55
C GLN A 199 21.58 57.49 4.08
N ILE A 200 22.45 56.72 3.41
CA ILE A 200 22.72 57.00 2.00
C ILE A 200 21.54 56.58 1.13
N LYS A 201 20.93 55.43 1.43
CA LYS A 201 19.88 54.89 0.59
C LYS A 201 18.49 55.38 1.01
N LEU A 202 18.10 55.10 2.25
CA LEU A 202 16.77 55.48 2.72
C LEU A 202 16.71 56.87 3.32
N GLY A 203 17.84 57.42 3.75
CA GLY A 203 17.88 58.72 4.37
C GLY A 203 17.69 58.73 5.88
N TRP A 204 17.38 57.57 6.47
CA TRP A 204 17.14 57.48 7.91
C TRP A 204 18.39 57.81 8.72
N SER A 205 18.42 58.99 9.34
CA SER A 205 19.48 59.26 10.32
C SER A 205 19.23 58.44 11.56
N ILE A 206 20.30 57.87 12.13
CA ILE A 206 20.18 56.93 13.22
C ILE A 206 21.34 57.13 14.19
N ASN A 207 21.04 57.22 15.49
CA ASN A 207 22.10 57.35 16.48
C ASN A 207 21.72 56.64 17.77
N THR A 208 22.73 56.39 18.60
CA THR A 208 22.61 55.58 19.81
C THR A 208 23.02 56.40 21.03
N TRP A 209 22.30 56.17 22.13
CA TRP A 209 22.53 56.80 23.42
C TRP A 209 22.64 55.73 24.50
N GLY A 210 23.44 56.00 25.52
CA GLY A 210 23.51 55.12 26.66
C GLY A 210 22.23 55.12 27.47
N VAL A 211 21.93 53.97 28.09
CA VAL A 211 20.69 53.85 28.86
C VAL A 211 20.72 54.71 30.12
N GLY A 212 21.91 55.02 30.65
CA GLY A 212 21.97 55.93 31.78
C GLY A 212 21.44 57.31 31.45
N GLU A 213 21.57 57.74 30.19
CA GLU A 213 20.97 58.99 29.76
C GLU A 213 19.46 58.95 29.95
N LEU A 214 18.84 57.79 29.69
CA LEU A 214 17.41 57.64 29.94
C LEU A 214 17.11 57.51 31.42
N ALA A 215 18.01 56.89 32.19
CA ALA A 215 17.80 56.77 33.62
C ALA A 215 17.89 58.11 34.34
N GLU A 216 18.56 59.10 33.75
CA GLU A 216 18.58 60.43 34.34
C GLU A 216 17.20 61.08 34.30
N ARG A 217 16.47 60.92 33.18
CA ARG A 217 15.21 61.63 33.01
C ARG A 217 14.07 61.03 33.83
N VAL A 218 14.10 59.73 34.10
CA VAL A 218 12.98 59.06 34.76
C VAL A 218 12.89 59.49 36.22
N SER A 245 -0.09 46.71 41.64
CA SER A 245 -0.37 46.82 40.21
C SER A 245 -0.34 48.28 39.76
N LEU A 246 -0.78 49.18 40.64
CA LEU A 246 -0.79 50.60 40.32
C LEU A 246 0.57 51.26 40.48
N LYS A 247 1.50 50.63 41.21
CA LYS A 247 2.85 51.18 41.34
C LYS A 247 3.59 51.14 39.99
N ALA A 248 3.42 50.03 39.26
CA ALA A 248 4.07 49.93 37.96
C ALA A 248 3.48 50.91 36.96
N ILE A 249 2.22 51.33 37.17
CA ILE A 249 1.62 52.32 36.30
C ILE A 249 2.30 53.67 36.47
N ARG A 250 2.61 54.05 37.72
CA ARG A 250 3.33 55.30 37.94
C ARG A 250 4.76 55.21 37.42
N GLU A 251 5.37 54.03 37.52
CA GLU A 251 6.72 53.89 36.96
C GLU A 251 6.67 54.04 35.44
N GLN A 252 5.67 53.44 34.80
CA GLN A 252 5.50 53.60 33.36
C GLN A 252 5.17 55.04 32.99
N ALA A 253 4.47 55.76 33.86
CA ALA A 253 4.14 57.15 33.56
C ALA A 253 5.38 58.03 33.59
N LYS A 254 6.26 57.83 34.58
CA LYS A 254 7.48 58.62 34.57
C LYS A 254 8.39 58.21 33.41
N ILE A 255 8.35 56.93 33.01
CA ILE A 255 9.12 56.52 31.83
C ILE A 255 8.53 57.15 30.58
N GLU A 256 7.21 57.24 30.49
CA GLU A 256 6.57 57.87 29.33
C GLU A 256 6.94 59.34 29.22
N ILE A 257 6.97 60.05 30.36
CA ILE A 257 7.34 61.46 30.31
C ILE A 257 8.81 61.62 29.92
N ALA A 258 9.68 60.73 30.42
CA ALA A 258 11.09 60.79 30.05
C ALA A 258 11.27 60.54 28.55
N LEU A 259 10.55 59.55 28.01
CA LEU A 259 10.64 59.26 26.59
C LEU A 259 10.11 60.42 25.75
N ARG A 260 9.01 61.04 26.18
CA ARG A 260 8.48 62.19 25.45
C ARG A 260 9.51 63.32 25.41
N GLU A 261 10.14 63.59 26.56
CA GLU A 261 11.12 64.67 26.62
C GLU A 261 12.31 64.36 25.72
N PHE A 262 12.77 63.11 25.74
CA PHE A 262 13.97 62.77 24.98
C PHE A 262 13.70 62.79 23.49
N LEU A 263 12.63 62.12 23.06
CA LEU A 263 12.35 62.05 21.63
C LEU A 263 11.96 63.40 21.06
N ALA A 264 11.29 64.26 21.84
CA ALA A 264 10.98 65.59 21.33
C ALA A 264 12.23 66.44 21.25
N ALA A 265 13.17 66.27 22.19
CA ALA A 265 14.35 67.12 22.19
C ALA A 265 15.32 66.81 21.06
N ALA A 266 15.23 65.63 20.43
CA ALA A 266 16.19 65.23 19.42
C ALA A 266 15.55 64.90 18.07
N ASN A 267 14.45 65.55 17.73
CA ASN A 267 13.75 65.36 16.44
C ASN A 267 13.67 63.89 16.06
N ALA A 268 12.96 63.14 16.88
CA ALA A 268 12.87 61.69 16.71
C ALA A 268 11.58 61.31 16.03
N VAL A 269 11.61 60.18 15.31
CA VAL A 269 10.40 59.62 14.71
C VAL A 269 10.21 58.18 15.14
N GLY A 270 11.30 57.49 15.50
CA GLY A 270 11.20 56.15 16.04
C GLY A 270 12.29 55.92 17.06
N PHE A 271 12.12 54.87 17.85
CA PHE A 271 13.09 54.53 18.87
C PHE A 271 13.09 53.03 19.11
N THR A 272 14.16 52.55 19.73
CA THR A 272 14.35 51.13 20.02
C THR A 272 15.04 50.98 21.36
N THR A 273 14.67 49.94 22.09
CA THR A 273 15.21 49.62 23.41
C THR A 273 15.79 48.20 23.40
N THR A 274 16.34 47.80 24.54
CA THR A 274 16.88 46.47 24.75
C THR A 274 16.53 46.00 26.16
N PHE A 275 16.22 44.71 26.30
CA PHE A 275 15.71 44.22 27.57
C PHE A 275 16.81 43.74 28.53
N GLU A 276 18.00 43.45 28.03
CA GLU A 276 19.11 42.99 28.87
C GLU A 276 20.06 44.12 29.23
N ASP A 277 19.66 45.37 29.01
CA ASP A 277 20.52 46.52 29.31
C ASP A 277 19.59 47.69 29.65
N LEU A 278 19.21 47.76 30.92
CA LEU A 278 18.34 48.83 31.43
C LEU A 278 18.81 49.24 32.82
N HIS A 279 20.09 49.56 32.95
CA HIS A 279 20.65 49.86 34.25
C HIS A 279 20.08 51.17 34.80
N ASP A 280 19.81 51.16 36.12
CA ASP A 280 19.22 52.27 36.84
C ASP A 280 17.76 52.53 36.43
N LEU A 281 17.27 51.81 35.42
CA LEU A 281 15.86 51.86 35.07
C LEU A 281 15.10 50.87 35.94
N PRO A 282 14.14 51.32 36.76
CA PRO A 282 13.48 50.40 37.70
C PRO A 282 12.60 49.35 37.03
N GLN A 283 12.32 49.46 35.72
CA GLN A 283 11.36 48.56 35.10
C GLN A 283 11.53 48.57 33.59
N LEU A 284 11.29 47.40 32.99
CA LEU A 284 11.37 47.25 31.55
C LEU A 284 10.36 48.19 30.87
N PRO A 285 10.77 48.99 29.89
CA PRO A 285 9.83 49.89 29.22
C PRO A 285 8.70 49.10 28.55
N GLY A 286 7.49 49.35 29.01
CA GLY A 286 6.32 48.66 28.53
C GLY A 286 5.18 49.52 28.03
N LEU A 287 4.19 49.72 28.90
CA LEU A 287 3.02 50.53 28.59
C LEU A 287 3.39 51.85 27.91
N ALA A 288 4.50 52.46 28.32
CA ALA A 288 4.91 53.72 27.72
C ALA A 288 5.21 53.57 26.24
N VAL A 289 5.78 52.42 25.85
CA VAL A 289 6.04 52.17 24.43
C VAL A 289 4.75 52.11 23.64
N GLN A 290 3.73 51.42 24.19
CA GLN A 290 2.45 51.38 23.51
C GLN A 290 1.79 52.76 23.46
N ARG A 291 1.98 53.57 24.51
CA ARG A 291 1.43 54.91 24.54
C ARG A 291 2.05 55.79 23.47
N LEU A 292 3.37 55.67 23.27
CA LEU A 292 4.04 56.45 22.24
C LEU A 292 3.75 55.92 20.84
N MET A 293 3.63 54.60 20.69
CA MET A 293 3.29 54.04 19.38
C MET A 293 1.89 54.40 18.95
N GLU A 294 0.98 54.60 19.90
CA GLU A 294 -0.39 54.95 19.52
C GLU A 294 -0.43 56.28 18.76
N GLU A 295 0.53 57.17 19.00
CA GLU A 295 0.57 58.43 18.29
C GLU A 295 1.13 58.27 16.88
N GLY A 296 2.30 57.64 16.76
CA GLY A 296 2.95 57.51 15.48
C GLY A 296 4.37 57.01 15.55
N TYR A 297 5.02 57.19 16.70
CA TYR A 297 6.40 56.75 16.89
C TYR A 297 6.55 55.26 16.58
N GLY A 298 7.46 54.95 15.65
CA GLY A 298 7.79 53.57 15.39
C GLY A 298 8.70 52.98 16.45
N PHE A 299 8.61 51.67 16.63
CA PHE A 299 9.36 51.03 17.69
C PHE A 299 9.82 49.64 17.25
N GLY A 300 11.04 49.30 17.63
CA GLY A 300 11.54 47.94 17.49
C GLY A 300 12.26 47.54 18.76
N ALA A 301 12.25 46.25 19.05
CA ALA A 301 12.85 45.76 20.27
C ALA A 301 14.20 45.11 19.99
N GLU A 302 14.98 44.92 21.06
CA GLU A 302 16.30 44.28 20.98
C GLU A 302 17.24 45.03 20.05
N GLY A 303 17.04 46.34 19.91
CA GLY A 303 17.90 47.16 19.07
C GLY A 303 17.53 47.21 17.61
N ASP A 304 16.48 46.51 17.19
CA ASP A 304 16.10 46.43 15.77
C ASP A 304 15.62 47.79 15.30
N TRP A 305 16.52 48.54 14.66
CA TRP A 305 16.13 49.82 14.07
C TRP A 305 15.53 49.67 12.68
N LYS A 306 15.77 48.55 12.00
CA LYS A 306 15.13 48.29 10.73
C LYS A 306 13.62 48.33 10.89
N ALA A 307 13.12 47.54 11.84
CA ALA A 307 11.69 47.48 12.09
C ALA A 307 11.18 48.81 12.61
N ALA A 308 11.98 49.51 13.41
CA ALA A 308 11.53 50.79 13.95
C ALA A 308 11.27 51.79 12.82
N GLY A 309 12.23 51.94 11.91
CA GLY A 309 12.05 52.86 10.81
C GLY A 309 10.92 52.44 9.89
N LEU A 310 10.80 51.14 9.64
CA LEU A 310 9.72 50.67 8.77
C LEU A 310 8.36 50.92 9.42
N VAL A 311 8.24 50.64 10.72
CA VAL A 311 6.99 50.86 11.44
C VAL A 311 6.63 52.34 11.43
N ARG A 312 7.61 53.22 11.62
CA ARG A 312 7.30 54.65 11.61
C ARG A 312 6.81 55.10 10.24
N ALA A 313 7.53 54.73 9.18
CA ALA A 313 7.13 55.14 7.84
C ALA A 313 5.78 54.54 7.46
N ILE A 314 5.56 53.28 7.81
CA ILE A 314 4.31 52.61 7.47
C ILE A 314 3.17 53.07 8.36
N LYS A 315 3.47 53.70 9.49
CA LYS A 315 2.47 54.36 10.30
C LYS A 315 2.11 55.72 9.72
N VAL A 316 3.09 56.40 9.13
CA VAL A 316 2.81 57.61 8.37
C VAL A 316 1.95 57.29 7.16
N MET A 317 2.17 56.13 6.54
CA MET A 317 1.33 55.73 5.42
C MET A 317 -0.12 55.55 5.86
N GLY A 318 -0.40 54.50 6.64
CA GLY A 318 -1.76 54.34 7.11
C GLY A 318 -2.06 55.29 8.23
N THR A 319 -2.29 56.56 7.90
CA THR A 319 -2.51 57.62 8.86
C THR A 319 -3.88 58.24 8.59
N SER A 320 -4.91 57.48 8.93
CA SER A 320 -6.27 57.85 8.62
C SER A 320 -7.18 57.06 9.55
N LEU A 321 -8.46 57.01 9.21
CA LEU A 321 -9.45 56.35 10.04
C LEU A 321 -9.33 54.82 9.98
N PRO A 322 -9.11 54.18 8.80
CA PRO A 322 -9.06 52.70 8.79
C PRO A 322 -7.72 52.18 9.28
N GLY A 323 -7.08 52.98 10.13
CA GLY A 323 -5.77 52.73 10.72
C GLY A 323 -5.60 51.41 11.44
N GLY A 324 -4.35 50.99 11.59
CA GLY A 324 -4.01 49.75 12.25
C GLY A 324 -2.61 49.26 11.94
N THR A 325 -1.59 49.80 12.60
CA THR A 325 -0.20 49.39 12.38
C THR A 325 0.49 49.16 13.72
N SER A 326 1.22 48.05 13.83
CA SER A 326 1.85 47.64 15.07
C SER A 326 3.20 46.98 14.78
N PHE A 327 4.01 46.92 15.84
CA PHE A 327 5.27 46.16 15.84
C PHE A 327 4.96 44.72 16.20
N MET A 328 5.32 43.78 15.32
CA MET A 328 4.92 42.39 15.49
C MET A 328 6.14 41.48 15.51
N GLU A 329 5.98 40.34 16.18
CA GLU A 329 6.97 39.28 16.18
C GLU A 329 6.24 37.96 16.10
N ASP A 330 6.49 37.19 15.03
CA ASP A 330 5.83 35.90 14.86
C ASP A 330 6.16 34.98 16.03
N TYR A 331 5.19 34.75 16.91
CA TYR A 331 5.44 34.10 18.18
C TYR A 331 5.20 32.60 18.17
N THR A 332 4.04 32.14 17.67
CA THR A 332 3.77 30.70 17.70
C THR A 332 2.84 30.31 16.57
N TYR A 333 2.81 29.01 16.26
CA TYR A 333 1.98 28.50 15.16
C TYR A 333 0.85 27.64 15.68
N HIS A 334 -0.16 27.45 14.81
CA HIS A 334 -1.25 26.51 15.04
C HIS A 334 -1.38 25.64 13.80
N LEU A 335 -1.02 24.36 13.94
CA LEU A 335 -0.78 23.48 12.80
C LEU A 335 -1.94 22.51 12.53
N THR A 336 -3.18 22.92 12.80
CA THR A 336 -4.29 22.08 12.40
C THR A 336 -4.42 22.11 10.88
N PRO A 337 -4.73 20.97 10.25
CA PRO A 337 -4.66 20.91 8.77
C PRO A 337 -5.52 21.91 8.05
N GLY A 338 -6.80 22.04 8.44
CA GLY A 338 -7.72 22.88 7.69
C GLY A 338 -7.66 24.35 8.06
N ASN A 339 -7.26 24.67 9.29
CA ASN A 339 -7.29 26.03 9.80
C ASN A 339 -5.94 26.41 10.41
N GLU A 340 -4.87 26.28 9.63
CA GLU A 340 -3.54 26.57 10.14
C GLU A 340 -3.40 28.08 10.34
N LEU A 341 -3.07 28.50 11.57
CA LEU A 341 -2.98 29.91 11.88
C LEU A 341 -1.62 30.22 12.47
N VAL A 342 -1.40 31.49 12.79
CA VAL A 342 -0.19 31.88 13.50
C VAL A 342 -0.56 32.97 14.49
N LEU A 343 -0.13 32.79 15.74
CA LEU A 343 -0.42 33.70 16.83
C LEU A 343 0.78 34.64 16.98
N GLY A 344 0.55 35.92 16.69
CA GLY A 344 1.57 36.94 16.76
C GLY A 344 1.36 37.83 17.97
N ALA A 345 2.47 38.13 18.64
CA ALA A 345 2.50 38.96 19.83
C ALA A 345 3.98 39.28 20.09
N HIS A 346 4.23 40.00 21.17
CA HIS A 346 5.60 40.22 21.61
C HIS A 346 5.70 39.87 23.08
N MET A 347 6.79 40.27 23.73
CA MET A 347 6.85 40.10 25.18
C MET A 347 6.02 41.16 25.87
N LEU A 348 5.84 42.31 25.23
CA LEU A 348 5.03 43.38 25.80
C LEU A 348 4.44 44.31 24.75
N GLU A 349 5.26 44.77 23.80
CA GLU A 349 4.93 45.94 23.00
C GLU A 349 4.12 45.54 21.78
N VAL A 350 2.82 45.78 21.84
CA VAL A 350 1.91 45.68 20.69
C VAL A 350 1.08 46.95 20.66
N CYS A 351 1.01 47.59 19.49
CA CYS A 351 0.36 48.89 19.39
C CYS A 351 -1.14 48.77 19.66
N PRO A 352 -1.72 49.70 20.43
CA PRO A 352 -3.16 49.65 20.71
C PRO A 352 -4.03 50.20 19.59
N THR A 353 -3.48 50.42 18.40
CA THR A 353 -4.28 50.90 17.27
C THR A 353 -4.99 49.75 16.57
N ILE A 354 -4.39 48.56 16.57
CA ILE A 354 -5.00 47.38 15.97
C ILE A 354 -5.95 46.74 16.97
N ALA A 355 -6.18 47.41 18.11
CA ALA A 355 -7.02 46.85 19.15
C ALA A 355 -8.47 46.87 18.69
N LYS A 356 -9.16 45.73 18.85
CA LYS A 356 -10.56 45.65 18.49
C LYS A 356 -11.49 46.07 19.63
N GLU A 357 -11.09 45.82 20.87
CA GLU A 357 -11.87 46.22 22.04
C GLU A 357 -11.11 47.25 22.88
N LYS A 358 -11.53 47.44 24.13
CA LYS A 358 -10.87 48.38 25.02
C LYS A 358 -9.52 47.84 25.50
N PRO A 359 -8.42 48.56 25.28
CA PRO A 359 -7.11 48.13 25.77
C PRO A 359 -7.10 48.07 27.30
N ARG A 360 -6.90 46.86 27.83
CA ARG A 360 -6.96 46.61 29.27
C ARG A 360 -5.56 46.54 29.85
N ILE A 361 -5.29 47.36 30.87
CA ILE A 361 -3.98 47.32 31.50
C ILE A 361 -3.87 46.07 32.36
N GLU A 362 -2.76 45.34 32.19
CA GLU A 362 -2.48 44.15 32.99
C GLU A 362 -0.99 44.11 33.30
N VAL A 363 -0.67 43.53 34.47
CA VAL A 363 0.70 43.28 34.89
C VAL A 363 0.84 41.80 35.21
N HIS A 364 1.97 41.21 34.80
CA HIS A 364 2.18 39.78 34.99
C HIS A 364 3.65 39.52 35.25
N PRO A 365 3.98 38.46 36.01
CA PRO A 365 5.39 38.09 36.21
C PRO A 365 6.04 37.60 34.93
N LEU A 366 7.09 38.29 34.50
CA LEU A 366 7.88 37.91 33.34
C LEU A 366 9.35 38.15 33.69
N SER A 367 10.15 37.08 33.73
CA SER A 367 11.52 37.22 34.17
C SER A 367 12.47 37.74 33.09
N ILE A 368 11.98 37.94 31.87
CA ILE A 368 12.83 38.45 30.80
C ILE A 368 13.17 39.91 31.11
N GLY A 369 14.46 40.19 31.27
CA GLY A 369 14.88 41.54 31.61
C GLY A 369 14.67 41.82 33.09
N GLY A 370 15.18 40.90 33.92
CA GLY A 370 15.19 40.99 35.37
C GLY A 370 14.94 42.33 36.05
N LYS A 371 13.81 42.96 35.75
CA LYS A 371 13.38 44.15 36.47
C LYS A 371 11.88 44.04 36.77
N ALA A 372 11.40 45.03 37.51
CA ALA A 372 10.04 45.00 38.06
C ALA A 372 8.99 44.78 36.98
N ASP A 373 7.97 44.00 37.33
CA ASP A 373 6.83 43.59 36.51
C ASP A 373 6.29 44.77 35.71
N PRO A 374 6.49 44.79 34.40
CA PRO A 374 6.04 45.92 33.59
C PRO A 374 4.56 45.81 33.25
N ALA A 375 3.95 46.97 33.00
CA ALA A 375 2.55 47.02 32.62
C ALA A 375 2.40 46.80 31.12
N ARG A 376 1.20 46.46 30.70
CA ARG A 376 0.97 46.19 29.28
C ARG A 376 -0.51 46.34 28.97
N LEU A 377 -0.80 46.53 27.69
CA LEU A 377 -2.17 46.60 27.22
C LEU A 377 -2.54 45.27 26.58
N VAL A 378 -3.72 44.76 26.93
CA VAL A 378 -4.22 43.48 26.47
C VAL A 378 -5.49 43.74 25.69
N PHE A 379 -5.59 43.13 24.52
CA PHE A 379 -6.72 43.26 23.61
C PHE A 379 -6.58 42.21 22.53
N ASP A 380 -7.69 41.92 21.87
CA ASP A 380 -7.67 40.99 20.76
C ASP A 380 -7.38 41.72 19.45
N GLY A 381 -6.88 40.97 18.48
CA GLY A 381 -6.52 41.56 17.20
C GLY A 381 -7.71 41.90 16.33
N GLN A 382 -7.43 42.62 15.26
CA GLN A 382 -8.47 42.99 14.30
C GLN A 382 -8.61 41.91 13.24
N GLU A 383 -9.77 41.89 12.59
CA GLU A 383 -10.08 40.94 11.53
C GLU A 383 -9.82 41.57 10.16
N GLY A 384 -9.89 40.74 9.12
CA GLY A 384 -9.75 41.23 7.77
C GLY A 384 -8.34 41.12 7.23
N PRO A 385 -8.10 41.58 6.00
CA PRO A 385 -6.76 41.44 5.41
C PRO A 385 -5.77 42.46 5.95
N ALA A 386 -4.50 42.02 6.01
CA ALA A 386 -3.42 42.86 6.50
C ALA A 386 -2.13 42.45 5.79
N VAL A 387 -1.04 43.16 6.12
CA VAL A 387 0.28 42.86 5.59
C VAL A 387 1.28 42.80 6.73
N ASN A 388 2.36 42.06 6.50
CA ASN A 388 3.42 41.85 7.48
C ASN A 388 4.74 42.08 6.76
N ALA A 389 5.40 43.20 7.03
CA ALA A 389 6.59 43.57 6.28
C ALA A 389 7.84 43.51 7.14
N SER A 390 8.99 43.49 6.47
CA SER A 390 10.28 43.44 7.16
C SER A 390 11.36 43.85 6.18
N ILE A 391 12.14 44.86 6.56
CA ILE A 391 13.31 45.30 5.81
C ILE A 391 14.53 44.64 6.40
N VAL A 392 15.42 44.12 5.56
CA VAL A 392 16.61 43.43 6.05
C VAL A 392 17.81 43.78 5.17
N ASP A 393 18.98 43.84 5.81
CA ASP A 393 20.22 44.20 5.12
C ASP A 393 20.83 42.95 4.50
N MET A 394 21.23 43.07 3.24
CA MET A 394 21.78 41.94 2.49
C MET A 394 23.26 42.13 2.18
N GLY A 395 23.95 42.91 3.00
CA GLY A 395 25.37 43.16 2.80
C GLY A 395 25.63 44.34 1.87
N ASN A 396 25.31 44.17 0.60
CA ASN A 396 25.51 45.23 -0.39
C ASN A 396 24.28 46.11 -0.56
N ARG A 397 23.12 45.69 -0.05
CA ARG A 397 21.87 46.40 -0.30
C ARG A 397 20.85 45.94 0.74
N PHE A 398 19.72 46.64 0.76
CA PHE A 398 18.58 46.24 1.56
C PHE A 398 17.55 45.55 0.68
N ARG A 399 16.80 44.62 1.27
CA ARG A 399 15.63 44.06 0.60
C ARG A 399 14.44 44.06 1.56
N LEU A 400 13.27 44.27 0.98
CA LEU A 400 12.01 44.40 1.71
C LEU A 400 11.15 43.18 1.40
N VAL A 401 10.93 42.33 2.39
CA VAL A 401 10.05 41.18 2.25
C VAL A 401 8.71 41.55 2.87
N VAL A 402 7.62 41.28 2.16
CA VAL A 402 6.28 41.62 2.64
C VAL A 402 5.36 40.45 2.34
N ASN A 403 4.56 40.07 3.34
CA ASN A 403 3.65 38.93 3.25
C ASN A 403 2.23 39.43 3.44
N LYS A 404 1.37 39.17 2.46
CA LYS A 404 -0.04 39.48 2.59
C LYS A 404 -0.72 38.38 3.39
N VAL A 405 -1.47 38.75 4.42
CA VAL A 405 -2.09 37.80 5.33
C VAL A 405 -3.55 38.16 5.52
N LEU A 406 -4.32 37.19 6.00
CA LEU A 406 -5.74 37.38 6.30
C LEU A 406 -5.95 37.11 7.79
N SER A 407 -6.23 38.16 8.56
CA SER A 407 -6.47 38.02 9.99
C SER A 407 -7.89 37.54 10.25
N VAL A 408 -8.02 36.68 11.24
CA VAL A 408 -9.27 36.00 11.58
C VAL A 408 -9.59 36.34 13.04
N PRO A 409 -10.86 36.33 13.44
CA PRO A 409 -11.17 36.59 14.84
C PRO A 409 -10.70 35.45 15.73
N ILE A 410 -10.34 35.80 16.95
CA ILE A 410 -9.83 34.84 17.93
C ILE A 410 -10.99 34.01 18.46
N GLU A 411 -10.89 32.69 18.32
CA GLU A 411 -12.00 31.80 18.66
C GLU A 411 -12.10 31.54 20.16
N ARG A 412 -10.98 31.26 20.83
CA ARG A 412 -10.98 31.00 22.26
C ARG A 412 -10.20 32.08 23.00
N LYS A 413 -10.55 32.25 24.28
CA LYS A 413 -9.89 33.23 25.13
C LYS A 413 -8.69 32.61 25.83
N MET A 414 -7.76 33.47 26.23
CA MET A 414 -6.49 33.06 26.82
C MET A 414 -6.25 33.74 28.16
N PRO A 415 -6.55 33.06 29.27
CA PRO A 415 -6.42 33.71 30.58
C PRO A 415 -4.97 33.91 31.01
N LYS A 416 -4.06 33.01 30.61
CA LYS A 416 -2.67 33.06 31.07
C LYS A 416 -1.75 33.75 30.07
N LEU A 417 -2.25 34.13 28.90
CA LEU A 417 -1.44 34.88 27.94
C LEU A 417 -1.45 36.36 28.31
N PRO A 418 -0.32 36.95 28.69
CA PRO A 418 -0.35 38.30 29.26
C PRO A 418 -0.32 39.42 28.23
N THR A 419 0.12 39.12 27.01
CA THR A 419 0.32 40.15 25.99
C THR A 419 -0.79 40.11 24.95
N ALA A 420 -1.08 41.28 24.38
CA ALA A 420 -2.06 41.37 23.30
C ALA A 420 -1.60 40.53 22.12
N ARG A 421 -2.56 40.01 21.36
CA ARG A 421 -2.28 38.99 20.36
C ARG A 421 -3.14 39.20 19.13
N VAL A 422 -2.65 38.67 18.01
CA VAL A 422 -3.37 38.66 16.74
C VAL A 422 -3.26 37.26 16.14
N LEU A 423 -4.28 36.86 15.40
CA LEU A 423 -4.29 35.60 14.68
C LEU A 423 -4.49 35.86 13.19
N TRP A 424 -3.70 35.18 12.36
CA TRP A 424 -3.82 35.38 10.93
C TRP A 424 -3.37 34.15 10.18
N LYS A 425 -3.74 34.13 8.90
CA LYS A 425 -3.39 33.10 7.93
C LYS A 425 -2.43 33.70 6.93
N PRO A 426 -1.23 33.15 6.77
CA PRO A 426 -0.32 33.64 5.71
C PRO A 426 -0.74 33.13 4.35
N LEU A 427 -0.87 34.07 3.39
CA LEU A 427 -1.29 33.74 2.03
C LEU A 427 -0.09 33.26 1.21
N PRO A 428 -0.28 32.24 0.35
CA PRO A 428 -1.55 31.52 0.15
C PRO A 428 -1.73 30.39 1.16
N ASP A 429 -0.65 29.68 1.45
CA ASP A 429 -0.62 28.60 2.41
C ASP A 429 0.44 28.93 3.45
N PHE A 430 0.23 28.47 4.68
CA PHE A 430 1.21 28.71 5.74
C PHE A 430 2.56 28.11 5.36
N LYS A 431 2.55 26.91 4.76
CA LYS A 431 3.79 26.29 4.33
C LYS A 431 4.47 27.13 3.26
N ARG A 432 3.73 27.52 2.23
CA ARG A 432 4.32 28.26 1.13
C ARG A 432 4.84 29.61 1.59
N ALA A 433 4.00 30.38 2.30
CA ALA A 433 4.38 31.71 2.69
C ALA A 433 5.54 31.68 3.68
N THR A 434 5.58 30.70 4.57
CA THR A 434 6.66 30.70 5.55
C THR A 434 7.97 30.20 4.94
N THR A 435 7.90 29.21 4.04
CA THR A 435 9.14 28.78 3.39
C THR A 435 9.67 29.85 2.45
N ALA A 436 8.80 30.68 1.88
CA ALA A 436 9.27 31.79 1.06
C ALA A 436 9.80 32.93 1.91
N TRP A 437 9.22 33.14 3.09
CA TRP A 437 9.76 34.13 4.01
C TRP A 437 11.15 33.72 4.50
N ILE A 438 11.37 32.42 4.69
CA ILE A 438 12.67 31.96 5.15
C ILE A 438 13.69 31.98 4.02
N LEU A 439 13.28 31.64 2.80
CA LEU A 439 14.21 31.70 1.67
C LEU A 439 14.75 33.12 1.47
N ALA A 440 13.86 34.12 1.50
CA ALA A 440 14.28 35.51 1.32
C ALA A 440 15.08 36.06 2.50
N GLY A 441 15.15 35.35 3.61
CA GLY A 441 15.86 35.84 4.78
C GLY A 441 15.17 36.95 5.53
N GLY A 442 13.86 36.86 5.67
CA GLY A 442 13.12 37.88 6.38
C GLY A 442 13.36 37.81 7.87
N SER A 443 13.45 38.97 8.51
CA SER A 443 13.69 39.03 9.94
C SER A 443 12.47 38.54 10.72
N HIS A 444 12.71 38.20 11.99
CA HIS A 444 11.62 37.82 12.88
C HIS A 444 10.83 39.03 13.38
N HIS A 445 11.49 40.19 13.51
CA HIS A 445 10.81 41.43 13.85
C HIS A 445 10.15 42.00 12.60
N THR A 446 8.83 42.15 12.63
CA THR A 446 8.09 42.63 11.47
C THR A 446 7.26 43.86 11.84
N ALA A 447 6.63 44.40 10.81
CA ALA A 447 5.76 45.57 10.88
C ALA A 447 4.41 45.11 10.36
N PHE A 448 3.50 44.82 11.29
CA PHE A 448 2.16 44.39 10.94
C PHE A 448 1.29 45.60 10.68
N SER A 449 0.48 45.56 9.62
CA SER A 449 -0.34 46.71 9.31
C SER A 449 -1.64 46.29 8.65
N THR A 450 -2.74 46.85 9.12
CA THR A 450 -4.05 46.61 8.53
C THR A 450 -4.54 47.78 7.69
N ALA A 451 -3.89 48.94 7.79
CA ALA A 451 -4.35 50.16 7.16
C ALA A 451 -3.89 50.33 5.72
N ILE A 452 -2.93 49.54 5.25
CA ILE A 452 -2.32 49.77 3.94
C ILE A 452 -2.39 48.49 3.11
N ASP A 453 -2.18 48.67 1.80
CA ASP A 453 -2.11 47.57 0.86
C ASP A 453 -0.66 47.31 0.47
N VAL A 454 -0.46 46.22 -0.29
CA VAL A 454 0.85 45.92 -0.82
C VAL A 454 1.27 46.99 -1.82
N GLU A 455 0.29 47.66 -2.45
CA GLU A 455 0.58 48.74 -3.38
C GLU A 455 1.42 49.83 -2.72
N TYR A 456 1.17 50.10 -1.43
CA TYR A 456 1.89 51.14 -0.72
C TYR A 456 3.38 50.80 -0.63
N LEU A 457 3.69 49.62 -0.08
CA LEU A 457 5.08 49.22 0.06
C LEU A 457 5.74 49.02 -1.30
N ILE A 458 4.97 48.66 -2.32
CA ILE A 458 5.57 48.49 -3.64
C ILE A 458 5.99 49.84 -4.19
N ASP A 459 5.20 50.89 -3.93
CA ASP A 459 5.66 52.19 -4.39
C ASP A 459 6.75 52.77 -3.51
N TRP A 460 6.79 52.40 -2.24
CA TRP A 460 7.90 52.82 -1.38
C TRP A 460 9.22 52.23 -1.88
N ALA A 461 9.23 50.93 -2.14
CA ALA A 461 10.44 50.28 -2.62
C ALA A 461 10.79 50.73 -4.03
N GLU A 462 9.78 50.99 -4.88
CA GLU A 462 10.07 51.48 -6.23
C GLU A 462 10.69 52.86 -6.18
N ALA A 463 10.23 53.72 -5.26
CA ALA A 463 10.77 55.07 -5.18
C ALA A 463 12.17 55.08 -4.57
N LEU A 464 12.45 54.16 -3.64
CA LEU A 464 13.77 54.17 -3.01
C LEU A 464 14.79 53.25 -3.67
N GLU A 465 14.40 52.53 -4.73
CA GLU A 465 15.32 51.67 -5.48
C GLU A 465 15.92 50.58 -4.61
N ILE A 466 15.06 49.87 -3.89
CA ILE A 466 15.46 48.70 -3.11
C ILE A 466 14.64 47.50 -3.59
N GLU A 467 15.18 46.31 -3.35
CA GLU A 467 14.49 45.09 -3.76
C GLU A 467 13.25 44.88 -2.91
N TYR A 468 12.15 44.50 -3.55
CA TYR A 468 10.93 44.13 -2.85
C TYR A 468 10.44 42.79 -3.36
N VAL A 469 10.02 41.94 -2.44
CA VAL A 469 9.47 40.62 -2.76
C VAL A 469 8.17 40.44 -1.98
N VAL A 470 7.09 40.14 -2.70
CA VAL A 470 5.76 40.04 -2.12
C VAL A 470 5.36 38.57 -2.05
N ILE A 471 4.52 38.25 -1.07
CA ILE A 471 4.02 36.91 -0.86
C ILE A 471 2.51 36.92 -1.03
N ASP A 472 2.05 37.27 -2.23
CA ASP A 472 0.61 37.35 -2.50
C ASP A 472 0.00 35.95 -2.55
N GLU A 473 -1.30 35.91 -2.84
CA GLU A 473 -1.98 34.64 -3.04
C GLU A 473 -1.43 33.91 -4.26
N ASN A 474 -1.06 34.66 -5.31
CA ASN A 474 -0.49 34.08 -6.52
C ASN A 474 0.99 33.72 -6.36
N LEU A 475 1.38 33.19 -5.21
CA LEU A 475 2.78 32.88 -4.90
C LEU A 475 3.11 31.51 -5.45
N ASP A 476 4.00 31.46 -6.44
CA ASP A 476 4.58 30.21 -6.94
C ASP A 476 6.01 30.11 -6.43
N LEU A 477 6.30 29.05 -5.69
CA LEU A 477 7.54 28.96 -4.93
C LEU A 477 8.76 28.88 -5.86
N GLU A 478 8.63 28.13 -6.97
CA GLU A 478 9.76 27.98 -7.89
C GLU A 478 10.10 29.30 -8.58
N ASP A 479 9.06 30.02 -9.02
CA ASP A 479 9.28 31.32 -9.63
C ASP A 479 9.81 32.33 -8.62
N PHE A 480 9.41 32.21 -7.36
CA PHE A 480 9.96 33.07 -6.32
C PHE A 480 11.45 32.77 -6.12
N LYS A 481 11.83 31.50 -6.21
CA LYS A 481 13.24 31.14 -6.09
C LYS A 481 14.04 31.76 -7.21
N LYS A 482 13.55 31.66 -8.45
CA LYS A 482 14.26 32.29 -9.55
C LYS A 482 14.29 33.81 -9.39
N GLU A 483 13.21 34.39 -8.87
CA GLU A 483 13.12 35.84 -8.71
C GLU A 483 14.17 36.35 -7.74
N LEU A 484 14.45 35.61 -6.68
CA LEU A 484 15.45 36.08 -5.72
C LEU A 484 16.83 36.21 -6.38
N ARG A 485 17.23 35.20 -7.15
CA ARG A 485 18.57 35.22 -7.71
C ARG A 485 18.67 36.13 -8.91
N TRP A 486 17.59 36.29 -9.69
CA TRP A 486 17.61 37.27 -10.76
C TRP A 486 17.66 38.68 -10.21
N ASN A 487 17.05 38.93 -9.05
CA ASN A 487 17.13 40.25 -8.45
C ASN A 487 18.51 40.53 -7.87
N GLU A 488 19.20 39.48 -7.39
CA GLU A 488 20.45 39.72 -6.69
C GLU A 488 21.47 40.48 -7.54
N LEU A 489 21.43 40.33 -8.86
CA LEU A 489 22.43 41.04 -9.66
C LEU A 489 21.96 42.39 -10.17
N TYR A 490 20.66 42.57 -10.41
CA TYR A 490 20.20 43.87 -10.88
C TYR A 490 20.44 44.94 -9.82
N TRP A 491 20.08 44.64 -8.58
CA TRP A 491 20.30 45.58 -7.48
C TRP A 491 21.72 45.53 -6.94
N GLY A 492 22.54 44.58 -7.37
CA GLY A 492 23.91 44.48 -6.87
C GLY A 492 24.85 45.48 -7.50
N LEU A 493 24.97 45.44 -8.82
CA LEU A 493 25.79 46.41 -9.55
C LEU A 493 24.95 47.63 -9.95
N LEU A 494 23.92 47.43 -10.76
CA LEU A 494 23.01 48.53 -11.08
C LEU A 494 22.13 48.86 -9.87
N LYS A 495 21.50 50.03 -9.93
CA LYS A 495 20.55 50.43 -8.90
C LYS A 495 19.49 51.35 -9.48
N MET B 1 25.67 -5.35 -4.63
CA MET B 1 24.60 -4.37 -4.55
C MET B 1 25.07 -3.17 -3.73
N ILE B 2 25.08 -1.99 -4.34
CA ILE B 2 25.52 -0.78 -3.65
C ILE B 2 24.26 0.01 -3.34
N ASP B 3 23.75 -0.16 -2.13
CA ASP B 3 22.53 0.48 -1.67
C ASP B 3 22.82 1.26 -0.39
N LEU B 4 22.23 2.44 -0.27
CA LEU B 4 22.50 3.32 0.85
C LEU B 4 21.83 2.81 2.11
N LYS B 5 22.58 2.86 3.22
CA LYS B 5 22.11 2.43 4.53
C LYS B 5 23.08 2.93 5.59
N GLN B 6 24.37 2.96 5.26
CA GLN B 6 25.39 3.41 6.21
C GLN B 6 25.34 4.91 6.43
N TYR B 7 24.80 5.67 5.48
CA TYR B 7 24.80 7.12 5.59
C TYR B 7 23.87 7.58 6.71
N GLU B 8 24.34 8.52 7.51
CA GLU B 8 23.59 9.09 8.62
C GLU B 8 23.43 10.58 8.41
N PHE B 9 22.36 11.14 8.96
CA PHE B 9 22.10 12.57 8.87
C PHE B 9 22.08 13.18 10.26
N TRP B 10 22.76 14.31 10.41
CA TRP B 10 22.99 14.91 11.73
C TRP B 10 21.89 15.94 12.00
N PHE B 11 20.98 15.61 12.91
CA PHE B 11 19.98 16.56 13.36
C PHE B 11 20.61 17.53 14.35
N LEU B 12 20.32 18.81 14.19
CA LEU B 12 21.02 19.88 14.88
C LEU B 12 20.02 20.83 15.53
N VAL B 13 20.07 20.93 16.84
CA VAL B 13 19.21 21.81 17.62
C VAL B 13 20.07 22.93 18.18
N GLY B 14 19.52 24.14 18.20
CA GLY B 14 20.28 25.33 18.57
C GLY B 14 19.71 26.02 19.79
N SER B 15 20.61 26.54 20.63
CA SER B 15 20.25 27.36 21.78
C SER B 15 21.41 28.30 22.06
N GLN B 16 21.42 28.92 23.23
CA GLN B 16 22.51 29.81 23.61
C GLN B 16 22.84 29.66 25.08
N TYR B 17 24.05 30.10 25.44
CA TYR B 17 24.52 30.05 26.82
C TYR B 17 23.72 30.97 27.73
N LEU B 18 23.06 31.98 27.18
CA LEU B 18 22.25 32.91 27.98
C LEU B 18 20.90 32.34 28.40
N TYR B 19 20.85 31.06 28.77
CA TYR B 19 19.63 30.40 29.19
C TYR B 19 19.89 29.60 30.46
N GLY B 20 18.80 29.26 31.15
CA GLY B 20 18.91 28.40 32.32
C GLY B 20 19.20 26.97 31.92
N LEU B 21 20.07 26.32 32.71
CA LEU B 21 20.42 24.93 32.45
C LEU B 21 19.26 23.97 32.66
N GLU B 22 18.17 24.41 33.29
CA GLU B 22 17.02 23.54 33.51
C GLU B 22 16.19 23.38 32.24
N THR B 23 15.90 24.50 31.55
CA THR B 23 15.05 24.44 30.36
C THR B 23 15.78 23.88 29.14
N LEU B 24 17.12 23.83 29.17
CA LEU B 24 17.87 23.23 28.07
C LEU B 24 17.65 21.73 28.00
N LYS B 25 17.56 21.08 29.17
CA LYS B 25 17.31 19.64 29.18
C LYS B 25 15.92 19.31 28.66
N LYS B 26 14.96 20.24 28.82
CA LYS B 26 13.65 20.02 28.22
C LYS B 26 13.74 20.01 26.69
N VAL B 27 14.58 20.88 26.13
CA VAL B 27 14.79 20.89 24.69
C VAL B 27 15.51 19.61 24.25
N GLU B 28 16.52 19.18 25.02
CA GLU B 28 17.23 17.95 24.67
C GLU B 28 16.28 16.76 24.67
N GLN B 29 15.42 16.67 25.69
CA GLN B 29 14.48 15.56 25.79
C GLN B 29 13.45 15.62 24.66
N GLN B 30 12.97 16.83 24.34
CA GLN B 30 11.99 16.96 23.28
C GLN B 30 12.60 16.64 21.92
N ALA B 31 13.85 17.04 21.69
CA ALA B 31 14.52 16.71 20.45
C ALA B 31 14.70 15.20 20.30
N SER B 32 15.03 14.52 21.40
CA SER B 32 15.09 13.06 21.34
C SER B 32 13.72 12.48 21.01
N LYS B 33 12.67 13.06 21.62
CA LYS B 33 11.31 12.61 21.35
C LYS B 33 10.92 12.81 19.89
N ILE B 34 11.49 13.82 19.23
CA ILE B 34 11.17 14.05 17.82
C ILE B 34 11.96 13.11 16.93
N VAL B 35 13.28 13.01 17.15
CA VAL B 35 14.11 12.25 16.22
C VAL B 35 13.88 10.75 16.34
N ASP B 36 13.53 10.25 17.54
CA ASP B 36 13.30 8.82 17.67
C ASP B 36 12.00 8.41 16.96
N SER B 37 10.93 9.17 17.17
CA SER B 37 9.69 8.94 16.43
C SER B 37 9.88 9.17 14.95
N LEU B 38 10.85 10.01 14.55
CA LEU B 38 11.16 10.15 13.14
C LEU B 38 11.81 8.88 12.60
N ASN B 39 12.68 8.26 13.40
CA ASN B 39 13.28 6.99 13.01
C ASN B 39 12.24 5.87 12.97
N ASP B 40 11.12 6.01 13.69
CA ASP B 40 10.10 4.97 13.59
C ASP B 40 9.46 4.92 12.21
N ASP B 41 9.47 6.04 11.47
CA ASP B 41 8.88 6.07 10.14
C ASP B 41 9.83 5.40 9.13
N PRO B 42 9.37 4.40 8.38
CA PRO B 42 10.23 3.72 7.41
C PRO B 42 10.45 4.48 6.11
N ILE B 43 9.88 5.68 5.97
CA ILE B 43 10.04 6.45 4.74
C ILE B 43 11.48 6.91 4.58
N PHE B 44 12.15 7.24 5.68
CA PHE B 44 13.52 7.71 5.62
C PHE B 44 14.46 6.58 5.20
N PRO B 45 15.26 6.77 4.14
CA PRO B 45 16.17 5.71 3.70
C PRO B 45 17.46 5.63 4.48
N SER B 46 17.69 6.53 5.43
CA SER B 46 18.93 6.56 6.20
C SER B 46 18.62 6.92 7.64
N LYS B 47 19.59 6.69 8.51
CA LYS B 47 19.39 6.94 9.93
C LYS B 47 19.62 8.41 10.27
N ILE B 48 19.14 8.79 11.45
CA ILE B 48 19.30 10.13 11.99
C ILE B 48 20.15 10.03 13.26
N VAL B 49 20.92 11.09 13.51
CA VAL B 49 21.83 11.15 14.66
C VAL B 49 21.61 12.49 15.33
N LEU B 50 21.03 12.46 16.53
CA LEU B 50 20.89 13.67 17.33
C LEU B 50 22.22 13.99 18.01
N LYS B 51 22.64 15.25 17.89
CA LYS B 51 23.87 15.67 18.54
C LYS B 51 23.54 16.72 19.61
N PRO B 52 24.39 16.85 20.64
CA PRO B 52 24.03 17.69 21.79
C PRO B 52 23.67 19.11 21.37
N VAL B 53 22.71 19.69 22.12
CA VAL B 53 22.21 21.01 21.78
C VAL B 53 23.34 22.03 21.86
N LEU B 54 23.43 22.87 20.84
CA LEU B 54 24.52 23.83 20.70
C LEU B 54 24.13 25.16 21.35
N LYS B 55 25.07 25.75 22.07
CA LYS B 55 24.83 27.01 22.76
C LYS B 55 25.83 28.10 22.41
N SER B 56 27.10 27.75 22.19
CA SER B 56 28.13 28.72 21.85
C SER B 56 28.54 28.56 20.39
N SER B 57 29.32 29.55 19.91
CA SER B 57 29.79 29.50 18.54
C SER B 57 30.81 28.40 18.33
N SER B 58 31.66 28.17 19.33
CA SER B 58 32.70 27.16 19.21
C SER B 58 32.10 25.76 19.09
N GLU B 59 30.98 25.51 19.78
CA GLU B 59 30.31 24.22 19.63
C GLU B 59 29.75 24.07 18.21
N ILE B 60 29.26 25.17 17.63
CA ILE B 60 28.75 25.13 16.26
C ILE B 60 29.85 24.70 15.31
N THR B 61 30.98 25.40 15.36
CA THR B 61 32.06 25.08 14.43
C THR B 61 32.67 23.71 14.73
N GLU B 62 32.70 23.31 16.01
CA GLU B 62 33.23 22.01 16.35
C GLU B 62 32.39 20.88 15.76
N ILE B 63 31.06 21.02 15.81
CA ILE B 63 30.20 19.99 15.22
C ILE B 63 30.34 19.98 13.70
N PHE B 64 30.39 21.17 13.08
CA PHE B 64 30.53 21.21 11.63
C PHE B 64 31.86 20.65 11.16
N GLU B 65 32.91 20.76 11.98
CA GLU B 65 34.18 20.13 11.61
C GLU B 65 34.04 18.62 11.54
N LYS B 66 33.32 18.01 12.50
CA LYS B 66 33.10 16.58 12.47
C LYS B 66 32.16 16.17 11.34
N ALA B 67 31.27 17.07 10.91
CA ALA B 67 30.35 16.70 9.83
C ALA B 67 31.07 16.52 8.50
N ASN B 68 32.07 17.35 8.22
CA ASN B 68 32.85 17.21 6.98
C ASN B 68 33.91 16.13 7.04
N ALA B 69 34.24 15.64 8.23
CA ALA B 69 35.29 14.63 8.35
C ALA B 69 34.77 13.20 8.24
N ASP B 70 33.60 12.93 8.83
CA ASP B 70 33.04 11.58 8.80
C ASP B 70 32.43 11.31 7.43
N PRO B 71 32.95 10.35 6.67
CA PRO B 71 32.34 10.05 5.35
C PRO B 71 30.96 9.46 5.46
N LYS B 72 30.58 8.94 6.64
CA LYS B 72 29.25 8.38 6.83
C LYS B 72 28.19 9.46 6.92
N CYS B 73 28.59 10.70 7.21
CA CYS B 73 27.69 11.84 7.21
C CYS B 73 27.45 12.34 5.79
N ALA B 74 26.18 12.44 5.39
CA ALA B 74 25.83 12.91 4.06
C ALA B 74 24.84 14.07 4.08
N GLY B 75 24.61 14.70 5.23
CA GLY B 75 23.68 15.80 5.32
C GLY B 75 23.45 16.26 6.74
N VAL B 76 22.98 17.49 6.91
CA VAL B 76 22.71 18.07 8.22
C VAL B 76 21.34 18.73 8.18
N ILE B 77 20.50 18.41 9.17
CA ILE B 77 19.17 18.98 9.29
C ILE B 77 19.19 19.93 10.47
N VAL B 78 18.93 21.21 10.22
CA VAL B 78 19.03 22.24 11.25
C VAL B 78 17.63 22.69 11.61
N TRP B 79 17.36 22.77 12.92
CA TRP B 79 16.06 23.24 13.41
C TRP B 79 16.28 23.99 14.71
N MET B 80 15.74 25.20 14.77
CA MET B 80 15.86 26.04 15.96
C MET B 80 14.67 25.81 16.88
N HIS B 81 14.90 25.07 17.96
CA HIS B 81 13.85 24.89 18.96
C HIS B 81 13.55 26.21 19.67
N THR B 82 14.58 26.90 20.11
CA THR B 82 14.47 28.22 20.72
C THR B 82 15.26 29.24 19.92
N PHE B 83 15.20 30.49 20.37
CA PHE B 83 15.90 31.58 19.69
C PHE B 83 17.40 31.41 19.87
N SER B 84 18.08 30.99 18.80
CA SER B 84 19.53 30.91 18.80
C SER B 84 20.08 32.02 17.93
N PRO B 85 20.82 32.97 18.50
CA PRO B 85 21.35 34.08 17.70
C PRO B 85 22.28 33.60 16.60
N SER B 86 22.14 34.21 15.42
CA SER B 86 22.79 33.66 14.22
C SER B 86 24.28 33.96 14.15
N LYS B 87 24.76 35.04 14.76
CA LYS B 87 26.18 35.36 14.68
C LYS B 87 27.04 34.27 15.31
N MET B 88 26.45 33.39 16.13
CA MET B 88 27.19 32.23 16.61
C MET B 88 27.35 31.18 15.51
N TRP B 89 26.42 31.14 14.56
CA TRP B 89 26.43 30.15 13.50
C TRP B 89 27.31 30.55 12.31
N ILE B 90 27.84 31.76 12.31
CA ILE B 90 28.55 32.26 11.13
C ILE B 90 29.83 31.47 10.89
N ARG B 91 30.66 31.28 11.93
CA ARG B 91 31.90 30.54 11.73
C ARG B 91 31.66 29.07 11.41
N GLY B 92 30.55 28.51 11.88
CA GLY B 92 30.27 27.10 11.64
C GLY B 92 29.77 26.84 10.22
N LEU B 93 28.97 27.76 9.71
CA LEU B 93 28.46 27.63 8.35
C LEU B 93 29.51 27.98 7.30
N SER B 94 30.54 28.72 7.67
CA SER B 94 31.58 29.13 6.73
C SER B 94 32.60 28.03 6.45
N ILE B 95 32.43 26.84 7.03
CA ILE B 95 33.39 25.77 6.85
C ILE B 95 32.76 24.50 6.30
N ASN B 96 31.45 24.30 6.47
CA ASN B 96 30.86 23.02 6.11
C ASN B 96 30.50 22.98 4.63
N LYS B 97 30.62 21.79 4.05
CA LYS B 97 30.24 21.54 2.68
C LYS B 97 29.16 20.49 2.55
N LYS B 98 28.67 19.95 3.67
CA LYS B 98 27.58 18.99 3.59
C LYS B 98 26.27 19.72 3.27
N PRO B 99 25.37 19.07 2.54
CA PRO B 99 24.09 19.70 2.24
C PRO B 99 23.30 20.00 3.51
N LEU B 100 22.55 21.10 3.47
CA LEU B 100 21.75 21.54 4.60
C LEU B 100 20.27 21.42 4.28
N LEU B 101 19.50 20.93 5.24
CA LEU B 101 18.04 20.99 5.19
C LEU B 101 17.57 21.77 6.41
N HIS B 102 16.78 22.80 6.17
CA HIS B 102 16.31 23.68 7.23
C HIS B 102 14.89 23.25 7.59
N LEU B 103 14.76 22.51 8.69
CA LEU B 103 13.47 22.05 9.17
C LEU B 103 12.83 23.12 10.03
N HIS B 104 11.68 23.63 9.61
CA HIS B 104 10.91 24.61 10.36
C HIS B 104 9.68 23.92 10.94
N THR B 105 9.69 23.70 12.25
CA THR B 105 8.62 22.94 12.89
C THR B 105 8.60 23.23 14.39
N GLN B 106 7.46 22.96 14.99
CA GLN B 106 7.30 22.98 16.44
C GLN B 106 6.69 21.64 16.85
N TYR B 107 7.22 21.05 17.92
CA TYR B 107 6.90 19.67 18.26
C TYR B 107 5.43 19.49 18.63
N ASN B 108 4.81 20.48 19.25
CA ASN B 108 3.39 20.37 19.60
C ASN B 108 2.54 20.93 18.46
N ARG B 109 1.46 20.22 18.14
CA ARG B 109 0.62 20.60 17.01
C ARG B 109 -0.22 21.83 17.31
N GLU B 110 -1.15 21.72 18.25
CA GLU B 110 -2.03 22.83 18.57
C GLU B 110 -1.42 23.70 19.67
N ILE B 111 -2.15 24.73 20.06
CA ILE B 111 -1.71 25.68 21.08
C ILE B 111 -2.52 25.44 22.34
N PRO B 112 -1.88 25.25 23.50
CA PRO B 112 -2.64 25.20 24.76
C PRO B 112 -3.28 26.55 25.06
N TRP B 113 -4.50 26.74 24.54
CA TRP B 113 -5.14 28.06 24.59
C TRP B 113 -5.30 28.56 26.01
N ASP B 114 -5.58 27.67 26.95
CA ASP B 114 -5.86 28.07 28.33
C ASP B 114 -4.63 28.02 29.24
N THR B 115 -3.49 27.52 28.76
CA THR B 115 -2.32 27.34 29.63
C THR B 115 -1.04 27.92 28.99
N ILE B 116 -1.17 28.76 27.97
CA ILE B 116 -0.01 29.41 27.40
C ILE B 116 0.43 30.54 28.32
N ASP B 117 1.64 30.40 28.86
CA ASP B 117 2.22 31.38 29.78
C ASP B 117 3.62 31.75 29.31
N MET B 118 4.26 32.68 30.04
CA MET B 118 5.58 33.15 29.65
C MET B 118 6.66 32.08 29.86
N ASP B 119 6.42 31.09 30.73
CA ASP B 119 7.36 29.99 30.88
C ASP B 119 7.22 28.94 29.78
N TYR B 120 6.19 29.05 28.94
CA TYR B 120 6.02 28.19 27.77
C TYR B 120 6.47 28.87 26.48
N MET B 121 6.21 30.18 26.35
CA MET B 121 6.74 30.93 25.22
C MET B 121 8.26 30.98 25.24
N ASN B 122 8.86 30.97 26.43
CA ASN B 122 10.32 30.95 26.52
C ASN B 122 10.88 29.62 26.04
N LEU B 123 10.10 28.54 26.14
CA LEU B 123 10.54 27.24 25.66
C LEU B 123 10.30 27.11 24.16
N ASN B 124 9.04 27.29 23.74
CA ASN B 124 8.67 27.13 22.34
C ASN B 124 8.74 28.49 21.62
N GLN B 125 9.97 28.89 21.36
CA GLN B 125 10.29 30.06 20.54
C GLN B 125 10.41 29.65 19.06
N SER B 126 9.46 28.85 18.59
CA SER B 126 9.61 28.20 17.29
C SER B 126 9.44 29.18 16.13
N ALA B 127 8.43 30.03 16.17
CA ALA B 127 8.13 30.88 15.03
C ALA B 127 9.27 31.84 14.71
N HIS B 128 9.75 32.57 15.72
CA HIS B 128 10.83 33.55 15.56
C HIS B 128 12.19 32.99 15.92
N GLY B 129 12.32 31.68 16.03
CA GLY B 129 13.62 31.11 16.35
C GLY B 129 14.50 30.96 15.13
N ASP B 130 14.01 30.27 14.11
CA ASP B 130 14.78 30.07 12.90
C ASP B 130 14.55 31.14 11.83
N ARG B 131 13.61 32.07 12.00
CA ARG B 131 13.54 33.17 11.04
C ARG B 131 14.84 33.99 11.08
N GLU B 132 15.34 34.24 12.29
CA GLU B 132 16.65 34.85 12.47
C GLU B 132 17.74 33.99 11.84
N HIS B 133 17.56 32.65 11.88
CA HIS B 133 18.57 31.76 11.32
C HIS B 133 18.54 31.79 9.80
N GLY B 134 17.36 31.72 9.21
CA GLY B 134 17.24 31.78 7.77
C GLY B 134 17.78 33.08 7.22
N PHE B 135 17.76 34.13 8.02
CA PHE B 135 18.41 35.36 7.57
C PHE B 135 19.91 35.12 7.34
N ILE B 136 20.57 34.40 8.26
CA ILE B 136 22.02 34.23 8.11
C ILE B 136 22.35 33.34 6.92
N HIS B 137 21.43 32.44 6.53
CA HIS B 137 21.65 31.64 5.33
C HIS B 137 21.48 32.48 4.08
N ALA B 138 20.34 33.17 3.95
CA ALA B 138 20.16 34.09 2.83
C ALA B 138 21.29 35.10 2.73
N ARG B 139 21.84 35.53 3.87
CA ARG B 139 22.92 36.51 3.89
C ARG B 139 24.24 35.91 3.42
N MET B 140 24.57 34.73 3.90
CA MET B 140 25.85 34.11 3.56
C MET B 140 25.86 33.46 2.17
N ARG B 141 24.78 33.61 1.39
CA ARG B 141 24.68 33.03 0.05
C ARG B 141 24.93 31.52 0.10
N LEU B 142 24.39 30.88 1.12
CA LEU B 142 24.62 29.46 1.34
C LEU B 142 23.50 28.64 0.73
N PRO B 143 23.80 27.56 0.00
CA PRO B 143 22.74 26.74 -0.59
C PRO B 143 22.15 25.78 0.43
N ARG B 144 20.81 25.68 0.43
CA ARG B 144 20.13 24.79 1.35
C ARG B 144 18.69 24.58 0.88
N LYS B 145 18.07 23.54 1.42
CA LYS B 145 16.67 23.23 1.18
C LYS B 145 15.86 23.59 2.42
N VAL B 146 14.79 24.34 2.23
CA VAL B 146 13.92 24.77 3.32
C VAL B 146 12.63 23.96 3.25
N VAL B 147 12.22 23.40 4.39
CA VAL B 147 11.01 22.59 4.49
C VAL B 147 10.27 23.01 5.75
N VAL B 148 8.98 23.35 5.61
CA VAL B 148 8.16 23.83 6.71
C VAL B 148 6.96 22.91 6.89
N GLY B 149 6.65 22.59 8.13
CA GLY B 149 5.53 21.73 8.47
C GLY B 149 5.80 20.95 9.74
N HIS B 150 4.73 20.45 10.35
CA HIS B 150 4.84 19.70 11.59
C HIS B 150 5.33 18.29 11.30
N TRP B 151 6.31 17.82 12.08
CA TRP B 151 7.01 16.57 11.78
C TRP B 151 6.08 15.36 11.79
N GLU B 152 4.89 15.46 12.36
CA GLU B 152 3.95 14.36 12.32
C GLU B 152 3.24 14.27 10.97
N GLU B 153 3.15 15.37 10.24
CA GLU B 153 2.53 15.38 8.93
C GLU B 153 3.36 14.58 7.94
N LYS B 154 2.68 13.97 6.96
CA LYS B 154 3.37 13.12 6.00
C LYS B 154 4.03 13.90 4.88
N GLU B 155 3.46 15.05 4.49
CA GLU B 155 4.00 15.80 3.36
C GLU B 155 5.43 16.29 3.65
N VAL B 156 5.64 16.87 4.83
CA VAL B 156 6.97 17.32 5.23
C VAL B 156 7.92 16.14 5.33
N ARG B 157 7.42 14.99 5.80
CA ARG B 157 8.29 13.82 5.92
C ARG B 157 8.73 13.31 4.55
N GLU B 158 7.85 13.39 3.56
CA GLU B 158 8.22 13.00 2.20
C GLU B 158 9.26 13.97 1.64
N LYS B 159 9.07 15.27 1.88
CA LYS B 159 10.03 16.25 1.39
C LYS B 159 11.42 16.01 1.99
N ILE B 160 11.47 15.83 3.31
CA ILE B 160 12.78 15.66 3.95
C ILE B 160 13.43 14.33 3.55
N ALA B 161 12.63 13.30 3.25
CA ALA B 161 13.24 12.05 2.83
C ALA B 161 13.79 12.13 1.40
N LYS B 162 13.06 12.81 0.51
CA LYS B 162 13.58 13.04 -0.83
C LYS B 162 14.88 13.81 -0.77
N TRP B 163 14.95 14.82 0.11
CA TRP B 163 16.20 15.54 0.27
C TRP B 163 17.30 14.64 0.83
N MET B 164 16.97 13.70 1.71
CA MET B 164 18.00 12.79 2.20
C MET B 164 18.58 11.96 1.05
N ARG B 165 17.70 11.42 0.20
CA ARG B 165 18.19 10.62 -0.92
C ARG B 165 19.10 11.45 -1.82
N VAL B 166 18.72 12.71 -2.08
CA VAL B 166 19.58 13.52 -2.94
C VAL B 166 20.88 13.89 -2.22
N ALA B 167 20.80 14.21 -0.93
CA ALA B 167 21.97 14.65 -0.17
C ALA B 167 23.01 13.55 -0.05
N CYS B 168 22.60 12.28 -0.17
CA CYS B 168 23.60 11.24 -0.25
C CYS B 168 23.94 10.84 -1.69
N ALA B 169 23.10 11.19 -2.66
CA ALA B 169 23.45 10.92 -4.05
C ALA B 169 24.67 11.72 -4.49
N ILE B 170 24.85 12.93 -3.96
CA ILE B 170 26.05 13.71 -4.31
C ILE B 170 27.28 13.12 -3.64
N GLN B 171 27.10 12.47 -2.49
CA GLN B 171 28.24 11.87 -1.79
C GLN B 171 28.80 10.68 -2.55
N ASP B 172 27.92 9.90 -3.22
CA ASP B 172 28.35 8.83 -4.11
C ASP B 172 28.75 9.46 -5.45
N GLY B 173 29.83 10.23 -5.38
CA GLY B 173 30.30 11.01 -6.51
C GLY B 173 31.47 11.86 -6.07
N ARG B 174 31.40 12.35 -4.83
CA ARG B 174 32.56 12.99 -4.21
C ARG B 174 33.60 11.95 -3.80
N MET B 175 33.15 10.75 -3.43
CA MET B 175 34.03 9.66 -3.05
C MET B 175 34.37 8.76 -4.24
N GLY B 176 33.37 8.40 -5.03
CA GLY B 176 33.55 7.48 -6.13
C GLY B 176 34.39 8.08 -7.26
N GLN B 177 34.59 7.25 -8.28
CA GLN B 177 35.37 7.61 -9.45
C GLN B 177 34.66 7.10 -10.70
N ILE B 178 34.75 7.84 -11.79
CA ILE B 178 34.19 7.43 -13.07
C ILE B 178 35.34 7.00 -13.97
N VAL B 179 35.12 5.87 -14.64
CA VAL B 179 36.16 5.21 -15.43
C VAL B 179 35.81 5.31 -16.89
N ARG B 180 36.79 5.66 -17.72
CA ARG B 180 36.58 5.80 -19.14
C ARG B 180 37.44 4.78 -19.87
N PHE B 181 36.82 3.93 -20.67
CA PHE B 181 37.54 3.00 -21.53
C PHE B 181 37.49 3.60 -22.92
N GLY B 182 38.51 4.39 -23.26
CA GLY B 182 38.52 5.13 -24.50
C GLY B 182 37.93 6.52 -24.33
N ASP B 183 38.37 7.42 -25.20
CA ASP B 183 37.92 8.81 -25.13
C ASP B 183 36.57 8.96 -25.82
N ASN B 184 36.16 10.20 -26.04
CA ASN B 184 34.85 10.45 -26.63
C ASN B 184 34.86 10.07 -28.12
N MET B 185 33.65 9.89 -28.65
CA MET B 185 33.50 9.72 -30.08
C MET B 185 33.99 10.97 -30.80
N ARG B 186 34.75 10.78 -31.87
CA ARG B 186 35.42 11.90 -32.52
C ARG B 186 34.40 12.90 -33.09
N GLU B 187 34.72 14.17 -32.95
CA GLU B 187 33.96 15.33 -33.42
C GLU B 187 32.64 15.53 -32.69
N VAL B 188 32.33 14.73 -31.68
CA VAL B 188 31.12 14.93 -30.89
C VAL B 188 31.40 15.96 -29.80
N ALA B 189 30.46 16.89 -29.61
CA ALA B 189 30.66 18.03 -28.72
C ALA B 189 29.88 17.92 -27.42
N SER B 190 28.63 17.44 -27.45
CA SER B 190 27.84 17.41 -26.23
C SER B 190 28.37 16.41 -25.22
N THR B 191 29.07 15.37 -25.69
CA THR B 191 29.68 14.41 -24.78
C THR B 191 30.97 14.94 -24.14
N GLU B 192 31.60 15.92 -24.75
CA GLU B 192 32.83 16.49 -24.22
C GLU B 192 32.51 17.48 -23.09
N GLY B 193 33.50 17.70 -22.24
CA GLY B 193 33.35 18.62 -21.13
C GLY B 193 34.68 18.80 -20.42
N ASP B 194 34.67 19.70 -19.44
CA ASP B 194 35.86 19.99 -18.64
C ASP B 194 35.92 19.02 -17.47
N LYS B 195 36.88 18.09 -17.52
CA LYS B 195 37.00 17.06 -16.49
C LYS B 195 37.38 17.65 -15.14
N VAL B 196 38.00 18.82 -15.12
CA VAL B 196 38.44 19.44 -13.87
C VAL B 196 37.27 20.17 -13.20
N GLU B 197 36.45 20.86 -14.00
CA GLU B 197 35.29 21.55 -13.45
C GLU B 197 34.29 20.60 -12.83
N ALA B 198 34.28 19.33 -13.24
CA ALA B 198 33.41 18.36 -12.61
C ALA B 198 33.90 17.99 -11.21
N GLN B 199 35.21 17.83 -11.06
CA GLN B 199 35.77 17.57 -9.74
C GLN B 199 35.61 18.78 -8.83
N ILE B 200 35.73 19.99 -9.39
CA ILE B 200 35.64 21.19 -8.55
C ILE B 200 34.20 21.48 -8.15
N LYS B 201 33.25 21.34 -9.07
CA LYS B 201 31.86 21.69 -8.79
C LYS B 201 31.05 20.50 -8.27
N LEU B 202 31.02 19.42 -9.04
CA LEU B 202 30.21 18.26 -8.69
C LEU B 202 30.96 17.28 -7.80
N GLY B 203 32.29 17.29 -7.82
CA GLY B 203 33.07 16.36 -7.05
C GLY B 203 33.39 15.07 -7.77
N TRP B 204 32.82 14.86 -8.95
CA TRP B 204 33.04 13.63 -9.71
C TRP B 204 34.48 13.48 -10.14
N SER B 205 35.22 12.58 -9.50
CA SER B 205 36.55 12.22 -9.99
C SER B 205 36.38 11.40 -11.26
N ILE B 206 37.22 11.68 -12.26
CA ILE B 206 37.07 11.09 -13.58
C ILE B 206 38.44 10.80 -14.16
N ASN B 207 38.64 9.58 -14.68
CA ASN B 207 39.90 9.27 -15.33
C ASN B 207 39.68 8.29 -16.48
N THR B 208 40.69 8.24 -17.36
CA THR B 208 40.61 7.48 -18.59
C THR B 208 41.72 6.44 -18.63
N TRP B 209 41.37 5.26 -19.15
CA TRP B 209 42.28 4.13 -19.34
C TRP B 209 42.15 3.63 -20.78
N GLY B 210 43.23 3.09 -21.30
CA GLY B 210 43.16 2.44 -22.60
C GLY B 210 42.35 1.16 -22.54
N VAL B 211 41.67 0.84 -23.64
CA VAL B 211 40.82 -0.33 -23.67
C VAL B 211 41.62 -1.63 -23.62
N GLY B 212 42.90 -1.60 -24.01
CA GLY B 212 43.73 -2.78 -23.85
C GLY B 212 43.85 -3.21 -22.41
N GLU B 213 43.73 -2.26 -21.48
CA GLU B 213 43.70 -2.62 -20.06
C GLU B 213 42.53 -3.54 -19.76
N LEU B 214 41.39 -3.29 -20.40
CA LEU B 214 40.24 -4.19 -20.24
C LEU B 214 40.42 -5.48 -21.01
N ALA B 215 41.11 -5.40 -22.16
CA ALA B 215 41.38 -6.60 -22.95
C ALA B 215 42.32 -7.56 -22.24
N GLU B 216 43.14 -7.05 -21.32
CA GLU B 216 43.97 -7.94 -20.52
C GLU B 216 43.10 -8.78 -19.58
N ARG B 217 42.11 -8.16 -18.96
CA ARG B 217 41.29 -8.86 -17.98
C ARG B 217 40.26 -9.78 -18.63
N VAL B 218 39.78 -9.46 -19.83
CA VAL B 218 38.69 -10.25 -20.39
C VAL B 218 39.15 -11.66 -20.76
N LYS B 219 40.43 -11.83 -21.11
CA LYS B 219 40.92 -13.14 -21.50
C LYS B 219 41.41 -13.96 -20.32
N ALA B 220 41.83 -13.32 -19.23
CA ALA B 220 42.38 -14.02 -18.07
C ALA B 220 41.31 -14.46 -17.08
N VAL B 221 40.06 -14.55 -17.51
CA VAL B 221 38.98 -14.98 -16.63
C VAL B 221 38.96 -16.50 -16.55
N PRO B 222 38.73 -17.08 -15.37
CA PRO B 222 38.59 -18.53 -15.27
C PRO B 222 37.36 -19.02 -16.03
N GLU B 223 37.36 -20.31 -16.33
CA GLU B 223 36.27 -20.90 -17.10
C GLU B 223 35.09 -21.29 -16.23
N ARG B 224 35.32 -21.78 -15.01
CA ARG B 224 34.25 -22.18 -14.13
C ARG B 224 33.59 -21.01 -13.42
N GLU B 225 33.98 -19.78 -13.75
CA GLU B 225 33.26 -18.60 -13.28
C GLU B 225 32.18 -18.16 -14.24
N VAL B 226 32.35 -18.43 -15.54
CA VAL B 226 31.35 -18.02 -16.51
C VAL B 226 30.15 -18.96 -16.52
N GLU B 227 30.32 -20.20 -16.04
CA GLU B 227 29.20 -21.13 -15.98
C GLU B 227 28.26 -20.82 -14.82
N GLU B 228 28.80 -20.32 -13.71
CA GLU B 228 27.94 -19.83 -12.64
C GLU B 228 27.14 -18.60 -13.10
N LEU B 229 27.67 -17.87 -14.09
CA LEU B 229 26.89 -16.80 -14.71
C LEU B 229 25.89 -17.35 -15.72
N LEU B 230 26.23 -18.44 -16.41
CA LEU B 230 25.31 -19.01 -17.37
C LEU B 230 24.09 -19.64 -16.69
N LYS B 231 24.28 -20.24 -15.50
CA LYS B 231 23.11 -20.76 -14.80
C LYS B 231 22.18 -19.64 -14.35
N GLU B 232 22.76 -18.50 -13.94
CA GLU B 232 21.94 -17.34 -13.60
C GLU B 232 21.22 -16.80 -14.83
N TYR B 233 21.94 -16.69 -15.95
CA TYR B 233 21.33 -16.29 -17.21
C TYR B 233 20.15 -17.19 -17.56
N ARG B 234 20.30 -18.49 -17.33
CA ARG B 234 19.22 -19.44 -17.60
C ARG B 234 18.07 -19.23 -16.64
N GLU B 235 18.37 -18.96 -15.36
CA GLU B 235 17.32 -18.70 -14.38
C GLU B 235 16.57 -17.41 -14.66
N LYS B 236 17.15 -16.47 -15.41
CA LYS B 236 16.47 -15.21 -15.66
C LYS B 236 16.22 -14.90 -17.14
N TYR B 237 17.07 -15.38 -18.05
CA TYR B 237 16.98 -14.95 -19.45
C TYR B 237 17.14 -16.12 -20.43
N ILE B 238 18.16 -16.03 -21.30
CA ILE B 238 18.64 -17.10 -22.18
C ILE B 238 17.75 -17.28 -23.41
N MET B 239 18.40 -17.49 -24.59
CA MET B 239 17.86 -17.78 -25.91
C MET B 239 17.85 -19.27 -26.15
N PRO B 240 17.02 -19.75 -27.13
CA PRO B 240 16.78 -21.19 -27.35
C PRO B 240 17.88 -22.18 -26.97
N GLU B 241 18.74 -22.54 -27.92
CA GLU B 241 19.61 -23.70 -27.76
C GLU B 241 21.07 -23.32 -27.98
N ASP B 242 21.94 -24.29 -27.72
CA ASP B 242 23.39 -24.13 -27.84
C ASP B 242 23.76 -23.96 -29.31
N GLU B 243 23.97 -22.72 -29.73
CA GLU B 243 24.42 -22.41 -31.08
C GLU B 243 25.50 -21.34 -31.01
N TYR B 244 25.65 -20.55 -32.08
CA TYR B 244 26.47 -19.35 -32.00
C TYR B 244 25.87 -18.30 -31.09
N SER B 245 24.59 -18.44 -30.72
CA SER B 245 23.97 -17.49 -29.81
C SER B 245 24.55 -17.58 -28.41
N LEU B 246 24.93 -18.78 -27.97
CA LEU B 246 25.50 -18.96 -26.64
C LEU B 246 26.99 -18.61 -26.59
N LYS B 247 27.65 -18.57 -27.74
CA LYS B 247 29.04 -18.15 -27.78
C LYS B 247 29.17 -16.67 -27.36
N ALA B 248 28.24 -15.84 -27.84
CA ALA B 248 28.24 -14.45 -27.43
C ALA B 248 27.86 -14.32 -25.95
N ILE B 249 27.08 -15.27 -25.43
CA ILE B 249 26.74 -15.22 -24.01
C ILE B 249 27.96 -15.51 -23.16
N ARG B 250 28.77 -16.49 -23.55
CA ARG B 250 29.99 -16.74 -22.79
C ARG B 250 30.97 -15.58 -22.93
N GLU B 251 31.02 -14.95 -24.09
CA GLU B 251 31.91 -13.80 -24.24
C GLU B 251 31.45 -12.63 -23.37
N GLN B 252 30.14 -12.38 -23.33
CA GLN B 252 29.61 -11.30 -22.49
C GLN B 252 29.82 -11.60 -21.01
N ALA B 253 29.75 -12.88 -20.62
CA ALA B 253 29.97 -13.22 -19.22
C ALA B 253 31.44 -13.01 -18.85
N LYS B 254 32.36 -13.34 -19.75
CA LYS B 254 33.77 -13.12 -19.45
C LYS B 254 34.08 -11.63 -19.36
N ILE B 255 33.43 -10.82 -20.20
CA ILE B 255 33.59 -9.37 -20.11
C ILE B 255 32.99 -8.85 -18.81
N GLU B 256 31.85 -9.40 -18.39
CA GLU B 256 31.24 -8.96 -17.14
C GLU B 256 32.15 -9.23 -15.95
N ILE B 257 32.80 -10.39 -15.93
CA ILE B 257 33.70 -10.70 -14.82
C ILE B 257 34.90 -9.76 -14.84
N ALA B 258 35.43 -9.47 -16.04
CA ALA B 258 36.55 -8.55 -16.13
C ALA B 258 36.16 -7.15 -15.64
N LEU B 259 34.97 -6.68 -16.03
CA LEU B 259 34.52 -5.36 -15.63
C LEU B 259 34.30 -5.27 -14.13
N ARG B 260 33.70 -6.30 -13.53
CA ARG B 260 33.50 -6.24 -12.09
C ARG B 260 34.83 -6.20 -11.35
N GLU B 261 35.80 -7.02 -11.78
CA GLU B 261 37.10 -6.99 -11.11
C GLU B 261 37.77 -5.62 -11.27
N PHE B 262 37.66 -5.03 -12.46
CA PHE B 262 38.35 -3.78 -12.73
C PHE B 262 37.72 -2.65 -11.93
N LEU B 263 36.39 -2.53 -11.99
CA LEU B 263 35.74 -1.43 -11.28
C LEU B 263 35.90 -1.58 -9.78
N ALA B 264 35.96 -2.80 -9.26
CA ALA B 264 36.20 -2.96 -7.83
C ALA B 264 37.62 -2.56 -7.47
N ALA B 265 38.58 -2.81 -8.36
CA ALA B 265 39.97 -2.49 -8.03
C ALA B 265 40.26 -1.00 -7.98
N ALA B 266 39.43 -0.17 -8.60
CA ALA B 266 39.69 1.27 -8.68
C ALA B 266 38.56 2.11 -8.08
N ASN B 267 37.85 1.57 -7.08
CA ASN B 267 36.78 2.27 -6.37
C ASN B 267 35.90 3.08 -7.31
N ALA B 268 35.19 2.40 -8.21
CA ALA B 268 34.40 3.06 -9.24
C ALA B 268 32.93 3.13 -8.85
N VAL B 269 32.24 4.13 -9.39
CA VAL B 269 30.79 4.24 -9.26
C VAL B 269 30.09 4.32 -10.62
N GLY B 270 30.77 4.76 -11.66
CA GLY B 270 30.23 4.72 -13.01
C GLY B 270 31.35 4.47 -13.99
N PHE B 271 30.96 4.08 -15.20
CA PHE B 271 31.96 3.83 -16.23
C PHE B 271 31.36 4.13 -17.60
N THR B 272 32.25 4.32 -18.59
CA THR B 272 31.83 4.65 -19.94
C THR B 272 32.78 3.98 -20.92
N THR B 273 32.22 3.56 -22.05
CA THR B 273 32.97 2.89 -23.12
C THR B 273 32.83 3.66 -24.42
N THR B 274 33.50 3.16 -25.46
CA THR B 274 33.41 3.73 -26.79
C THR B 274 33.39 2.59 -27.80
N PHE B 275 32.61 2.75 -28.87
CA PHE B 275 32.39 1.66 -29.81
C PHE B 275 33.40 1.61 -30.94
N GLU B 276 34.11 2.69 -31.22
CA GLU B 276 35.09 2.71 -32.29
C GLU B 276 36.51 2.49 -31.79
N ASP B 277 36.68 2.08 -30.53
CA ASP B 277 38.02 1.84 -29.98
C ASP B 277 37.90 0.79 -28.88
N LEU B 278 37.91 -0.48 -29.28
CA LEU B 278 37.90 -1.58 -28.32
C LEU B 278 38.67 -2.77 -28.89
N HIS B 279 39.90 -2.53 -29.33
CA HIS B 279 40.70 -3.57 -29.95
C HIS B 279 41.10 -4.63 -28.94
N ASP B 280 41.22 -5.87 -29.42
CA ASP B 280 41.49 -7.08 -28.65
C ASP B 280 40.29 -7.50 -27.82
N LEU B 281 39.23 -6.69 -27.83
CA LEU B 281 37.94 -7.11 -27.29
C LEU B 281 37.19 -7.83 -28.40
N PRO B 282 36.85 -9.12 -28.23
CA PRO B 282 36.26 -9.87 -29.36
C PRO B 282 34.89 -9.37 -29.79
N GLN B 283 34.25 -8.51 -29.01
CA GLN B 283 32.89 -8.08 -29.32
C GLN B 283 32.57 -6.84 -28.49
N LEU B 284 31.72 -5.99 -29.05
CA LEU B 284 31.33 -4.76 -28.36
C LEU B 284 30.67 -5.13 -27.04
N PRO B 285 31.12 -4.57 -25.92
CA PRO B 285 30.52 -4.92 -24.62
C PRO B 285 29.05 -4.53 -24.55
N GLY B 286 28.21 -5.56 -24.41
CA GLY B 286 26.77 -5.40 -24.28
C GLY B 286 26.40 -6.12 -23.01
N LEU B 287 25.14 -6.54 -22.87
CA LEU B 287 24.59 -7.31 -21.75
C LEU B 287 25.32 -7.17 -20.40
N ALA B 288 26.65 -7.20 -20.42
CA ALA B 288 27.42 -7.02 -19.19
C ALA B 288 27.22 -5.61 -18.64
N VAL B 289 27.10 -4.64 -19.54
CA VAL B 289 26.81 -3.28 -19.11
C VAL B 289 25.44 -3.22 -18.48
N GLN B 290 24.45 -3.91 -19.08
CA GLN B 290 23.13 -3.97 -18.46
C GLN B 290 23.18 -4.71 -17.12
N ARG B 291 24.04 -5.73 -17.01
CA ARG B 291 24.19 -6.44 -15.74
C ARG B 291 24.78 -5.55 -14.65
N LEU B 292 25.75 -4.71 -15.02
CA LEU B 292 26.35 -3.82 -14.03
C LEU B 292 25.41 -2.67 -13.68
N MET B 293 24.66 -2.18 -14.67
CA MET B 293 23.67 -1.13 -14.41
C MET B 293 22.53 -1.65 -13.55
N GLU B 294 22.22 -2.95 -13.65
CA GLU B 294 21.16 -3.53 -12.84
C GLU B 294 21.48 -3.44 -11.36
N GLU B 295 22.76 -3.44 -11.01
CA GLU B 295 23.15 -3.31 -9.61
C GLU B 295 23.07 -1.86 -9.16
N GLY B 296 23.70 -0.95 -9.89
CA GLY B 296 23.74 0.45 -9.51
C GLY B 296 24.73 1.25 -10.32
N TYR B 297 25.73 0.58 -10.89
CA TYR B 297 26.76 1.24 -11.68
C TYR B 297 26.15 2.06 -12.81
N GLY B 298 26.47 3.35 -12.83
CA GLY B 298 26.05 4.19 -13.94
C GLY B 298 26.90 3.94 -15.17
N PHE B 299 26.31 4.23 -16.33
CA PHE B 299 26.97 3.97 -17.60
C PHE B 299 26.62 5.04 -18.61
N GLY B 300 27.61 5.40 -19.41
CA GLY B 300 27.40 6.23 -20.58
C GLY B 300 28.14 5.66 -21.76
N ALA B 301 27.59 5.87 -22.95
CA ALA B 301 28.17 5.35 -24.17
C ALA B 301 28.86 6.46 -24.95
N GLU B 302 29.68 6.05 -25.92
CA GLU B 302 30.37 6.97 -26.81
C GLU B 302 31.26 7.94 -26.05
N GLY B 303 31.71 7.54 -24.86
CA GLY B 303 32.58 8.35 -24.04
C GLY B 303 31.88 9.36 -23.15
N ASP B 304 30.55 9.44 -23.21
CA ASP B 304 29.79 10.45 -22.47
C ASP B 304 29.87 10.14 -20.98
N TRP B 305 30.76 10.83 -20.28
CA TRP B 305 30.84 10.72 -18.83
C TRP B 305 29.83 11.60 -18.11
N LYS B 306 29.31 12.63 -18.78
CA LYS B 306 28.25 13.45 -18.21
C LYS B 306 27.06 12.57 -17.84
N ALA B 307 26.58 11.80 -18.83
CA ALA B 307 25.44 10.94 -18.62
C ALA B 307 25.76 9.82 -17.63
N ALA B 308 26.99 9.31 -17.65
CA ALA B 308 27.34 8.24 -16.73
C ALA B 308 27.27 8.71 -15.28
N GLY B 309 27.87 9.87 -14.99
CA GLY B 309 27.80 10.38 -13.63
C GLY B 309 26.38 10.75 -13.22
N LEU B 310 25.60 11.33 -14.14
CA LEU B 310 24.23 11.68 -13.82
C LEU B 310 23.41 10.42 -13.54
N VAL B 311 23.57 9.39 -14.38
CA VAL B 311 22.85 8.14 -14.19
C VAL B 311 23.22 7.49 -12.87
N ARG B 312 24.50 7.52 -12.50
CA ARG B 312 24.91 6.93 -11.23
C ARG B 312 24.26 7.65 -10.04
N ALA B 313 24.34 8.98 -10.01
CA ALA B 313 23.75 9.71 -8.88
C ALA B 313 22.23 9.55 -8.86
N ILE B 314 21.59 9.61 -10.02
CA ILE B 314 20.14 9.51 -10.11
C ILE B 314 19.66 8.09 -9.87
N LYS B 315 20.57 7.12 -9.97
CA LYS B 315 20.27 5.75 -9.59
C LYS B 315 20.42 5.56 -8.09
N VAL B 316 21.37 6.29 -7.48
CA VAL B 316 21.46 6.29 -6.02
C VAL B 316 20.19 6.90 -5.43
N MET B 317 19.64 7.91 -6.10
CA MET B 317 18.36 8.47 -5.65
C MET B 317 17.25 7.43 -5.70
N GLY B 318 16.88 6.99 -6.91
CA GLY B 318 15.85 5.98 -7.08
C GLY B 318 16.30 4.58 -6.71
N THR B 319 16.25 4.26 -5.42
CA THR B 319 16.81 3.02 -4.89
C THR B 319 15.81 2.08 -4.22
N SER B 320 14.53 2.44 -4.14
CA SER B 320 13.63 1.63 -3.34
C SER B 320 12.66 0.82 -4.19
N LEU B 321 11.43 0.68 -3.70
CA LEU B 321 10.47 -0.21 -4.39
C LEU B 321 10.12 0.27 -5.79
N PRO B 322 9.82 1.56 -6.04
CA PRO B 322 9.44 1.94 -7.40
C PRO B 322 10.64 2.18 -8.31
N GLY B 323 11.75 1.49 -8.02
CA GLY B 323 13.00 1.67 -8.75
C GLY B 323 12.88 1.55 -10.26
N GLY B 324 13.81 2.18 -10.97
CA GLY B 324 13.81 2.17 -12.42
C GLY B 324 14.54 3.34 -13.03
N THR B 325 15.86 3.21 -13.21
CA THR B 325 16.69 4.24 -13.80
C THR B 325 17.58 3.61 -14.87
N SER B 326 17.67 4.26 -16.02
CA SER B 326 18.39 3.73 -17.17
C SER B 326 19.10 4.84 -17.92
N PHE B 327 20.10 4.44 -18.70
CA PHE B 327 20.79 5.30 -19.64
C PHE B 327 19.99 5.28 -20.94
N MET B 328 19.53 6.45 -21.39
CA MET B 328 18.60 6.52 -22.50
C MET B 328 19.16 7.40 -23.60
N GLU B 329 18.72 7.13 -24.83
CA GLU B 329 19.01 8.00 -25.97
C GLU B 329 17.75 8.07 -26.81
N ASP B 330 17.18 9.26 -26.93
CA ASP B 330 15.95 9.45 -27.71
C ASP B 330 16.19 9.06 -29.16
N TYR B 331 15.68 7.91 -29.58
CA TYR B 331 16.10 7.31 -30.83
C TYR B 331 15.22 7.69 -32.01
N THR B 332 13.89 7.62 -31.86
CA THR B 332 13.04 7.92 -33.00
C THR B 332 11.70 8.48 -32.52
N TYR B 333 10.98 9.12 -33.44
CA TYR B 333 9.72 9.76 -33.12
C TYR B 333 8.55 9.06 -33.81
N HIS B 334 7.34 9.33 -33.31
CA HIS B 334 6.10 8.89 -33.94
C HIS B 334 5.23 10.14 -34.07
N LEU B 335 5.04 10.58 -35.32
CA LEU B 335 4.53 11.92 -35.60
C LEU B 335 3.05 11.94 -35.99
N THR B 336 2.26 11.02 -35.43
CA THR B 336 0.82 11.11 -35.63
C THR B 336 0.27 12.30 -34.84
N PRO B 337 -0.69 13.04 -35.41
CA PRO B 337 -1.10 14.30 -34.77
C PRO B 337 -1.62 14.15 -33.35
N GLY B 338 -2.53 13.21 -33.09
CA GLY B 338 -3.14 13.14 -31.78
C GLY B 338 -2.35 12.38 -30.74
N ASN B 339 -1.54 11.42 -31.17
CA ASN B 339 -0.81 10.56 -30.25
C ASN B 339 0.67 10.51 -30.62
N GLU B 340 1.29 11.69 -30.76
CA GLU B 340 2.69 11.76 -31.12
C GLU B 340 3.54 11.32 -29.94
N LEU B 341 4.39 10.31 -30.17
CA LEU B 341 5.19 9.72 -29.10
C LEU B 341 6.66 9.77 -29.47
N VAL B 342 7.50 9.25 -28.58
CA VAL B 342 8.92 9.11 -28.87
C VAL B 342 9.39 7.77 -28.32
N LEU B 343 10.10 7.03 -29.18
CA LEU B 343 10.63 5.71 -28.89
C LEU B 343 12.11 5.88 -28.54
N GLY B 344 12.44 5.58 -27.28
CA GLY B 344 13.81 5.66 -26.80
C GLY B 344 14.40 4.27 -26.63
N ALA B 345 15.66 4.15 -27.03
CA ALA B 345 16.41 2.90 -26.96
C ALA B 345 17.87 3.24 -27.20
N HIS B 346 18.71 2.20 -27.20
CA HIS B 346 20.10 2.37 -27.59
C HIS B 346 20.47 1.27 -28.58
N MET B 347 21.77 1.09 -28.86
CA MET B 347 22.17 -0.02 -29.70
C MET B 347 22.23 -1.34 -28.92
N LEU B 348 22.48 -1.27 -27.61
CA LEU B 348 22.58 -2.47 -26.79
C LEU B 348 22.20 -2.19 -25.34
N GLU B 349 22.74 -1.11 -24.76
CA GLU B 349 22.75 -0.91 -23.31
C GLU B 349 21.51 -0.15 -22.87
N VAL B 350 20.53 -0.89 -22.35
CA VAL B 350 19.37 -0.33 -21.66
C VAL B 350 19.20 -1.09 -20.35
N CYS B 351 19.05 -0.36 -19.24
CA CYS B 351 19.03 -0.99 -17.93
C CYS B 351 17.79 -1.86 -17.78
N PRO B 352 17.93 -3.08 -17.23
CA PRO B 352 16.78 -3.96 -17.04
C PRO B 352 15.92 -3.63 -15.82
N THR B 353 16.10 -2.46 -15.21
CA THR B 353 15.27 -2.09 -14.07
C THR B 353 13.95 -1.47 -14.51
N ILE B 354 13.95 -0.78 -15.65
CA ILE B 354 12.74 -0.17 -16.19
C ILE B 354 11.96 -1.20 -17.01
N ALA B 355 12.38 -2.46 -16.97
CA ALA B 355 11.72 -3.47 -17.78
C ALA B 355 10.33 -3.79 -17.24
N LYS B 356 9.44 -4.17 -18.16
CA LYS B 356 8.08 -4.60 -17.83
C LYS B 356 7.87 -6.10 -17.96
N GLU B 357 8.56 -6.74 -18.90
CA GLU B 357 8.46 -8.16 -19.16
C GLU B 357 9.70 -8.86 -18.62
N LYS B 358 9.87 -10.12 -18.99
CA LYS B 358 11.06 -10.86 -18.62
C LYS B 358 12.20 -10.41 -19.51
N PRO B 359 13.32 -9.96 -18.95
CA PRO B 359 14.47 -9.58 -19.78
C PRO B 359 14.93 -10.74 -20.65
N ARG B 360 14.77 -10.61 -21.97
CA ARG B 360 15.06 -11.68 -22.90
C ARG B 360 16.39 -11.40 -23.59
N ILE B 361 17.34 -12.33 -23.47
CA ILE B 361 18.61 -12.16 -24.16
C ILE B 361 18.42 -12.43 -25.65
N GLU B 362 18.94 -11.53 -26.48
CA GLU B 362 18.92 -11.71 -27.92
C GLU B 362 20.24 -11.23 -28.52
N VAL B 363 20.63 -11.87 -29.62
CA VAL B 363 21.77 -11.46 -30.42
C VAL B 363 21.30 -11.23 -31.85
N HIS B 364 21.81 -10.17 -32.46
CA HIS B 364 21.38 -9.74 -33.79
C HIS B 364 22.57 -9.15 -34.52
N PRO B 365 22.56 -9.15 -35.85
CA PRO B 365 23.68 -8.55 -36.59
C PRO B 365 23.82 -7.07 -36.29
N LEU B 366 25.00 -6.68 -35.78
CA LEU B 366 25.30 -5.30 -35.45
C LEU B 366 26.72 -5.01 -35.91
N SER B 367 26.86 -4.26 -37.01
CA SER B 367 28.15 -3.94 -37.60
C SER B 367 28.81 -2.71 -36.99
N ILE B 368 28.15 -2.03 -36.05
CA ILE B 368 28.70 -0.81 -35.47
C ILE B 368 29.97 -1.14 -34.70
N GLY B 369 31.08 -0.53 -35.12
CA GLY B 369 32.38 -0.77 -34.52
C GLY B 369 33.11 -2.00 -35.03
N GLY B 370 32.46 -2.83 -35.83
CA GLY B 370 33.12 -3.91 -36.54
C GLY B 370 33.58 -5.10 -35.72
N LYS B 371 32.67 -5.74 -34.97
CA LYS B 371 33.00 -6.95 -34.24
C LYS B 371 31.89 -7.98 -34.47
N ALA B 372 31.76 -8.91 -33.53
CA ALA B 372 30.84 -10.04 -33.64
C ALA B 372 29.56 -9.69 -32.89
N ASP B 373 28.42 -10.12 -33.45
CA ASP B 373 27.08 -9.84 -32.98
C ASP B 373 26.97 -9.97 -31.47
N PRO B 374 26.93 -8.86 -30.74
CA PRO B 374 26.91 -8.91 -29.28
C PRO B 374 25.51 -9.17 -28.75
N ALA B 375 25.47 -9.67 -27.52
CA ALA B 375 24.20 -9.97 -26.87
C ALA B 375 23.61 -8.72 -26.24
N ARG B 376 22.32 -8.78 -25.95
CA ARG B 376 21.60 -7.65 -25.40
C ARG B 376 20.35 -8.14 -24.70
N LEU B 377 19.81 -7.31 -23.82
CA LEU B 377 18.55 -7.59 -23.16
C LEU B 377 17.43 -6.83 -23.84
N VAL B 378 16.32 -7.53 -24.09
CA VAL B 378 15.16 -7.02 -24.79
C VAL B 378 13.98 -7.09 -23.85
N PHE B 379 13.23 -5.99 -23.75
CA PHE B 379 12.07 -5.88 -22.89
C PHE B 379 11.33 -4.60 -23.26
N ASP B 380 10.07 -4.53 -22.88
CA ASP B 380 9.29 -3.32 -23.10
C ASP B 380 9.43 -2.38 -21.90
N GLY B 381 9.16 -1.10 -22.15
CA GLY B 381 9.31 -0.10 -21.12
C GLY B 381 8.20 -0.15 -20.09
N GLN B 382 8.39 0.64 -19.04
CA GLN B 382 7.41 0.74 -17.97
C GLN B 382 6.38 1.82 -18.30
N GLU B 383 5.24 1.74 -17.64
CA GLU B 383 4.16 2.71 -17.81
C GLU B 383 4.22 3.77 -16.73
N GLY B 384 3.42 4.82 -16.90
CA GLY B 384 3.31 5.85 -15.89
C GLY B 384 4.25 7.03 -16.09
N PRO B 385 4.24 7.99 -15.17
CA PRO B 385 5.09 9.17 -15.34
C PRO B 385 6.54 8.90 -14.99
N ALA B 386 7.42 9.60 -15.69
CA ALA B 386 8.86 9.48 -15.50
C ALA B 386 9.52 10.81 -15.83
N VAL B 387 10.84 10.87 -15.67
CA VAL B 387 11.62 12.06 -15.98
C VAL B 387 12.79 11.67 -16.86
N ASN B 388 13.26 12.63 -17.64
CA ASN B 388 14.35 12.44 -18.58
C ASN B 388 15.32 13.60 -18.40
N ALA B 389 16.48 13.35 -17.81
CA ALA B 389 17.41 14.42 -17.45
C ALA B 389 18.67 14.36 -18.31
N SER B 390 19.42 15.45 -18.31
CA SER B 390 20.67 15.54 -19.06
C SER B 390 21.48 16.71 -18.53
N ILE B 391 22.72 16.46 -18.12
CA ILE B 391 23.66 17.50 -17.74
C ILE B 391 24.57 17.77 -18.92
N VAL B 392 24.82 19.05 -19.20
CA VAL B 392 25.65 19.42 -20.33
C VAL B 392 26.55 20.58 -19.94
N ASP B 393 27.75 20.59 -20.50
CA ASP B 393 28.75 21.60 -20.20
C ASP B 393 28.54 22.81 -21.10
N MET B 394 28.55 23.99 -20.49
CA MET B 394 28.27 25.24 -21.19
C MET B 394 29.53 26.12 -21.25
N GLY B 395 30.70 25.51 -21.18
CA GLY B 395 31.95 26.27 -21.24
C GLY B 395 32.39 26.76 -19.88
N ASN B 396 31.62 27.69 -19.32
CA ASN B 396 31.91 28.26 -18.02
C ASN B 396 31.21 27.55 -16.87
N ARG B 397 30.22 26.70 -17.17
CA ARG B 397 29.42 26.07 -16.13
C ARG B 397 28.69 24.88 -16.74
N PHE B 398 28.10 24.07 -15.86
CA PHE B 398 27.23 22.98 -16.25
C PHE B 398 25.78 23.41 -16.09
N ARG B 399 24.91 22.88 -16.95
CA ARG B 399 23.47 23.06 -16.75
C ARG B 399 22.75 21.73 -16.91
N LEU B 400 21.68 21.59 -16.12
CA LEU B 400 20.87 20.39 -16.04
C LEU B 400 19.52 20.66 -16.66
N VAL B 401 19.25 20.03 -17.80
CA VAL B 401 17.95 20.11 -18.45
C VAL B 401 17.17 18.87 -18.07
N VAL B 402 15.91 19.04 -17.69
CA VAL B 402 15.09 17.90 -17.28
C VAL B 402 13.70 18.05 -17.89
N ASN B 403 13.19 16.97 -18.47
CA ASN B 403 11.89 16.93 -19.12
C ASN B 403 11.03 15.90 -18.40
N LYS B 404 9.89 16.33 -17.88
CA LYS B 404 8.94 15.40 -17.30
C LYS B 404 8.09 14.80 -18.41
N VAL B 405 7.99 13.47 -18.44
CA VAL B 405 7.32 12.75 -19.51
C VAL B 405 6.35 11.74 -18.92
N LEU B 406 5.43 11.28 -19.76
CA LEU B 406 4.49 10.23 -19.38
C LEU B 406 4.68 9.03 -20.29
N SER B 407 5.19 7.93 -19.75
CA SER B 407 5.40 6.71 -20.52
C SER B 407 4.10 5.95 -20.67
N VAL B 408 3.92 5.37 -21.86
CA VAL B 408 2.69 4.71 -22.28
C VAL B 408 3.00 3.27 -22.66
N PRO B 409 2.06 2.34 -22.55
CA PRO B 409 2.32 0.96 -22.96
C PRO B 409 2.47 0.84 -24.47
N ILE B 410 3.29 -0.13 -24.87
CA ILE B 410 3.57 -0.32 -26.29
C ILE B 410 2.36 -0.96 -26.96
N GLU B 411 1.81 -0.29 -27.98
CA GLU B 411 0.60 -0.79 -28.64
C GLU B 411 0.92 -1.86 -29.69
N ARG B 412 1.95 -1.63 -30.50
CA ARG B 412 2.29 -2.52 -31.60
C ARG B 412 3.62 -3.22 -31.35
N LYS B 413 3.78 -4.37 -32.01
CA LYS B 413 4.97 -5.19 -31.88
C LYS B 413 6.01 -4.84 -32.95
N MET B 414 7.27 -5.12 -32.63
CA MET B 414 8.39 -4.85 -33.53
C MET B 414 9.26 -6.10 -33.65
N PRO B 415 9.06 -6.91 -34.70
CA PRO B 415 9.83 -8.16 -34.79
C PRO B 415 11.30 -7.95 -35.15
N LYS B 416 11.62 -6.93 -35.94
CA LYS B 416 12.98 -6.72 -36.42
C LYS B 416 13.76 -5.69 -35.59
N LEU B 417 13.14 -5.05 -34.61
CA LEU B 417 13.87 -4.14 -33.74
C LEU B 417 14.55 -4.93 -32.63
N PRO B 418 15.88 -4.94 -32.56
CA PRO B 418 16.58 -5.86 -31.65
C PRO B 418 16.76 -5.39 -30.22
N THR B 419 16.64 -4.08 -29.98
CA THR B 419 16.96 -3.52 -28.67
C THR B 419 15.70 -3.21 -27.88
N ALA B 420 15.82 -3.29 -26.55
CA ALA B 420 14.72 -2.92 -25.67
C ALA B 420 14.35 -1.46 -25.87
N ARG B 421 13.07 -1.14 -25.66
CA ARG B 421 12.54 0.13 -26.08
C ARG B 421 11.53 0.67 -25.06
N VAL B 422 11.37 1.99 -25.08
CA VAL B 422 10.36 2.67 -24.26
C VAL B 422 9.65 3.68 -25.16
N LEU B 423 8.37 3.93 -24.88
CA LEU B 423 7.59 4.94 -25.57
C LEU B 423 7.06 5.95 -24.56
N TRP B 424 7.15 7.23 -24.90
CA TRP B 424 6.66 8.22 -23.95
C TRP B 424 6.21 9.49 -24.66
N LYS B 425 5.49 10.31 -23.90
CA LYS B 425 4.97 11.61 -24.32
C LYS B 425 5.73 12.70 -23.58
N PRO B 426 6.38 13.62 -24.30
CA PRO B 426 7.01 14.77 -23.65
C PRO B 426 5.98 15.83 -23.28
N LEU B 427 6.00 16.25 -22.02
CA LEU B 427 5.04 17.25 -21.55
C LEU B 427 5.53 18.66 -21.90
N PRO B 428 4.62 19.56 -22.33
CA PRO B 428 3.20 19.29 -22.51
C PRO B 428 2.89 18.72 -23.89
N ASP B 429 3.58 19.25 -24.90
CA ASP B 429 3.45 18.79 -26.27
C ASP B 429 4.82 18.38 -26.78
N PHE B 430 4.83 17.43 -27.72
CA PHE B 430 6.09 17.01 -28.31
C PHE B 430 6.81 18.17 -28.97
N LYS B 431 6.08 19.03 -29.66
CA LYS B 431 6.69 20.17 -30.32
C LYS B 431 7.31 21.12 -29.30
N ARG B 432 6.54 21.54 -28.30
CA ARG B 432 7.08 22.50 -27.34
C ARG B 432 8.21 21.89 -26.53
N ALA B 433 8.01 20.69 -25.99
CA ALA B 433 9.03 20.11 -25.12
C ALA B 433 10.31 19.83 -25.89
N THR B 434 10.20 19.43 -27.16
CA THR B 434 11.40 19.12 -27.92
C THR B 434 12.10 20.40 -28.39
N THR B 435 11.33 21.43 -28.77
CA THR B 435 11.96 22.68 -29.15
C THR B 435 12.58 23.38 -27.95
N ALA B 436 12.06 23.13 -26.73
CA ALA B 436 12.70 23.65 -25.53
C ALA B 436 13.93 22.85 -25.15
N TRP B 437 13.90 21.54 -25.39
CA TRP B 437 15.09 20.73 -25.19
C TRP B 437 16.20 21.15 -26.14
N ILE B 438 15.84 21.55 -27.36
CA ILE B 438 16.84 21.99 -28.32
C ILE B 438 17.34 23.40 -27.99
N LEU B 439 16.44 24.28 -27.54
CA LEU B 439 16.86 25.63 -27.16
C LEU B 439 17.87 25.60 -26.03
N ALA B 440 17.61 24.79 -24.99
CA ALA B 440 18.52 24.68 -23.87
C ALA B 440 19.81 23.96 -24.21
N GLY B 441 19.89 23.35 -25.38
CA GLY B 441 21.09 22.62 -25.77
C GLY B 441 21.23 21.30 -25.06
N GLY B 442 20.14 20.57 -24.86
CA GLY B 442 20.21 19.29 -24.18
C GLY B 442 20.87 18.24 -25.05
N SER B 443 21.70 17.41 -24.43
CA SER B 443 22.39 16.36 -25.15
C SER B 443 21.41 15.26 -25.58
N HIS B 444 21.86 14.45 -26.55
CA HIS B 444 21.07 13.30 -26.96
C HIS B 444 21.16 12.16 -25.95
N HIS B 445 22.28 12.05 -25.23
CA HIS B 445 22.42 11.08 -24.16
C HIS B 445 21.71 11.61 -22.92
N THR B 446 20.72 10.89 -22.43
CA THR B 446 19.93 11.29 -21.29
C THR B 446 19.95 10.20 -20.21
N ALA B 447 19.33 10.55 -19.09
CA ALA B 447 19.19 9.69 -17.92
C ALA B 447 17.69 9.56 -17.71
N PHE B 448 17.14 8.43 -18.16
CA PHE B 448 15.71 8.17 -17.99
C PHE B 448 15.49 7.58 -16.61
N SER B 449 14.44 8.04 -15.92
CA SER B 449 14.19 7.50 -14.59
C SER B 449 12.71 7.52 -14.29
N THR B 450 12.19 6.40 -13.79
CA THR B 450 10.81 6.30 -13.36
C THR B 450 10.66 6.34 -11.85
N ALA B 451 11.77 6.21 -11.12
CA ALA B 451 11.74 6.11 -9.67
C ALA B 451 11.75 7.45 -8.96
N ILE B 452 12.03 8.55 -9.66
CA ILE B 452 12.20 9.84 -9.02
C ILE B 452 11.32 10.88 -9.69
N ASP B 453 11.10 11.98 -8.97
CA ASP B 453 10.36 13.14 -9.45
C ASP B 453 11.33 14.26 -9.80
N VAL B 454 10.77 15.35 -10.36
CA VAL B 454 11.56 16.54 -10.64
C VAL B 454 12.05 17.19 -9.35
N GLU B 455 11.33 16.99 -8.24
CA GLU B 455 11.73 17.51 -6.94
C GLU B 455 13.15 17.06 -6.57
N TYR B 456 13.47 15.80 -6.92
CA TYR B 456 14.79 15.26 -6.60
C TYR B 456 15.89 16.02 -7.33
N LEU B 457 15.78 16.11 -8.65
CA LEU B 457 16.80 16.80 -9.42
C LEU B 457 16.85 18.29 -9.09
N ILE B 458 15.73 18.87 -8.66
CA ILE B 458 15.75 20.27 -8.28
C ILE B 458 16.56 20.47 -7.00
N ASP B 459 16.45 19.52 -6.06
CA ASP B 459 17.29 19.65 -4.87
C ASP B 459 18.73 19.29 -5.15
N TRP B 460 18.96 18.41 -6.14
CA TRP B 460 20.33 18.10 -6.55
C TRP B 460 21.03 19.35 -7.09
N ALA B 461 20.36 20.05 -8.02
CA ALA B 461 20.96 21.23 -8.61
C ALA B 461 21.08 22.36 -7.58
N GLU B 462 20.11 22.48 -6.67
CA GLU B 462 20.23 23.50 -5.64
C GLU B 462 21.38 23.20 -4.70
N ALA B 463 21.62 21.92 -4.40
CA ALA B 463 22.70 21.58 -3.49
C ALA B 463 24.07 21.75 -4.14
N LEU B 464 24.18 21.53 -5.45
CA LEU B 464 25.47 21.70 -6.12
C LEU B 464 25.65 23.07 -6.76
N GLU B 465 24.65 23.94 -6.73
CA GLU B 465 24.75 25.31 -7.27
C GLU B 465 25.04 25.28 -8.77
N ILE B 466 24.23 24.52 -9.51
CA ILE B 466 24.31 24.52 -10.96
C ILE B 466 22.94 24.89 -11.50
N GLU B 467 22.94 25.38 -12.74
CA GLU B 467 21.70 25.79 -13.38
C GLU B 467 20.81 24.58 -13.63
N TYR B 468 19.53 24.72 -13.35
CA TYR B 468 18.54 23.71 -13.67
C TYR B 468 17.41 24.37 -14.43
N VAL B 469 16.93 23.69 -15.47
CA VAL B 469 15.80 24.15 -16.26
C VAL B 469 14.83 22.99 -16.41
N VAL B 470 13.58 23.19 -15.99
CA VAL B 470 12.59 22.13 -15.98
C VAL B 470 11.58 22.38 -17.10
N ILE B 471 11.04 21.28 -17.63
CA ILE B 471 10.06 21.34 -18.71
C ILE B 471 8.75 20.70 -18.22
N ASP B 472 8.14 21.31 -17.21
CA ASP B 472 6.92 20.78 -16.62
C ASP B 472 5.74 20.89 -17.59
N GLU B 473 4.57 20.50 -17.09
CA GLU B 473 3.34 20.59 -17.87
C GLU B 473 2.97 22.03 -18.19
N ASN B 474 3.20 22.95 -17.24
CA ASN B 474 2.94 24.38 -17.44
C ASN B 474 4.03 25.09 -18.23
N LEU B 475 4.52 24.47 -19.31
CA LEU B 475 5.64 25.02 -20.07
C LEU B 475 5.15 26.06 -21.06
N ASP B 476 5.59 27.31 -20.85
CA ASP B 476 5.39 28.40 -21.80
C ASP B 476 6.72 28.68 -22.47
N LEU B 477 6.74 28.56 -23.81
CA LEU B 477 8.00 28.52 -24.54
C LEU B 477 8.73 29.86 -24.46
N GLU B 478 8.01 30.97 -24.60
CA GLU B 478 8.64 32.29 -24.61
C GLU B 478 9.23 32.63 -23.24
N ASP B 479 8.49 32.30 -22.18
CA ASP B 479 9.00 32.56 -20.84
C ASP B 479 10.20 31.69 -20.54
N PHE B 480 10.23 30.47 -21.07
CA PHE B 480 11.40 29.60 -20.94
C PHE B 480 12.59 30.21 -21.69
N LYS B 481 12.32 30.84 -22.84
CA LYS B 481 13.38 31.50 -23.60
C LYS B 481 13.99 32.61 -22.77
N LYS B 482 13.16 33.44 -22.13
CA LYS B 482 13.68 34.49 -21.26
C LYS B 482 14.44 33.90 -20.06
N GLU B 483 13.94 32.76 -19.54
CA GLU B 483 14.57 32.12 -18.40
C GLU B 483 16.00 31.72 -18.72
N LEU B 484 16.23 31.24 -19.95
CA LEU B 484 17.57 30.79 -20.31
C LEU B 484 18.57 31.93 -20.23
N ARG B 485 18.22 33.09 -20.76
CA ARG B 485 19.19 34.18 -20.80
C ARG B 485 19.33 34.88 -19.45
N TRP B 486 18.24 34.94 -18.67
CA TRP B 486 18.40 35.49 -17.32
C TRP B 486 19.27 34.59 -16.45
N ASN B 487 19.20 33.26 -16.64
CA ASN B 487 20.06 32.38 -15.88
C ASN B 487 21.49 32.46 -16.37
N GLU B 488 21.69 32.73 -17.67
CA GLU B 488 23.03 32.70 -18.24
C GLU B 488 24.00 33.65 -17.54
N LEU B 489 23.49 34.74 -16.98
CA LEU B 489 24.34 35.72 -16.32
C LEU B 489 24.44 35.53 -14.80
N TYR B 490 23.41 34.98 -14.15
CA TYR B 490 23.49 34.77 -12.71
C TYR B 490 24.55 33.75 -12.34
N TRP B 491 24.55 32.61 -13.03
CA TRP B 491 25.50 31.55 -12.77
C TRP B 491 26.86 31.79 -13.41
N GLY B 492 27.00 32.84 -14.23
CA GLY B 492 28.26 33.10 -14.88
C GLY B 492 29.28 33.72 -13.94
N LEU B 493 28.95 34.85 -13.34
CA LEU B 493 29.83 35.48 -12.36
C LEU B 493 29.53 34.97 -10.95
N LEU B 494 28.32 35.21 -10.45
CA LEU B 494 27.93 34.63 -9.17
C LEU B 494 27.70 33.13 -9.31
N LYS B 495 27.71 32.45 -8.17
CA LYS B 495 27.41 31.01 -8.12
C LYS B 495 26.77 30.63 -6.79
N MET C 1 5.45 48.00 -56.29
CA MET C 1 5.58 46.95 -55.28
C MET C 1 6.96 46.28 -55.33
N ILE C 2 7.99 47.08 -55.06
CA ILE C 2 9.38 46.63 -55.09
C ILE C 2 9.66 45.65 -53.96
N ASP C 3 9.09 44.45 -54.04
CA ASP C 3 9.30 43.48 -52.96
C ASP C 3 9.91 42.16 -53.44
N LEU C 4 9.58 41.06 -52.76
CA LEU C 4 10.39 39.86 -52.80
C LEU C 4 9.85 38.78 -53.73
N LYS C 5 10.68 37.74 -53.90
CA LYS C 5 10.56 36.56 -54.74
C LYS C 5 11.98 36.18 -55.13
N GLN C 6 12.84 37.21 -55.24
CA GLN C 6 14.23 37.02 -55.64
C GLN C 6 15.05 36.31 -54.58
N TYR C 7 14.69 36.44 -53.31
CA TYR C 7 15.48 35.83 -52.24
C TYR C 7 15.30 34.31 -52.22
N GLU C 8 16.40 33.59 -52.02
CA GLU C 8 16.40 32.14 -51.94
C GLU C 8 16.92 31.71 -50.57
N PHE C 9 16.44 30.55 -50.11
CA PHE C 9 16.85 30.00 -48.84
C PHE C 9 17.51 28.64 -49.02
N TRP C 10 18.64 28.42 -48.35
CA TRP C 10 19.47 27.24 -48.58
C TRP C 10 19.10 26.14 -47.58
N PHE C 11 18.45 25.09 -48.07
CA PHE C 11 18.22 23.90 -47.28
C PHE C 11 19.52 23.09 -47.21
N LEU C 12 19.88 22.68 -46.00
CA LEU C 12 21.18 22.11 -45.70
C LEU C 12 20.99 20.85 -44.88
N VAL C 13 21.42 19.71 -45.44
CA VAL C 13 21.27 18.41 -44.80
C VAL C 13 22.65 17.96 -44.34
N GLY C 14 22.70 17.32 -43.18
CA GLY C 14 23.96 16.97 -42.54
C GLY C 14 24.12 15.47 -42.38
N SER C 15 25.36 15.01 -42.59
CA SER C 15 25.73 13.62 -42.37
C SER C 15 27.21 13.60 -42.03
N GLN C 16 27.84 12.43 -42.12
CA GLN C 16 29.27 12.32 -41.84
C GLN C 16 29.91 11.39 -42.86
N TYR C 17 31.23 11.55 -43.00
CA TYR C 17 32.00 10.71 -43.90
C TYR C 17 32.07 9.26 -43.44
N LEU C 18 31.81 9.01 -42.15
CA LEU C 18 31.83 7.66 -41.58
C LEU C 18 30.57 6.87 -41.90
N TYR C 19 30.05 6.98 -43.12
CA TYR C 19 28.85 6.26 -43.53
C TYR C 19 29.09 5.64 -44.90
N GLY C 20 28.24 4.67 -45.23
CA GLY C 20 28.32 4.07 -46.55
C GLY C 20 27.83 5.03 -47.61
N LEU C 21 28.49 5.00 -48.77
CA LEU C 21 28.11 5.87 -49.87
C LEU C 21 26.74 5.52 -50.45
N GLU C 22 26.20 4.35 -50.11
CA GLU C 22 24.89 3.96 -50.61
C GLU C 22 23.77 4.67 -49.86
N THR C 23 23.84 4.70 -48.52
CA THR C 23 22.78 5.34 -47.74
C THR C 23 22.85 6.86 -47.78
N LEU C 24 24.01 7.42 -48.14
CA LEU C 24 24.10 8.87 -48.28
C LEU C 24 23.28 9.33 -49.47
N LYS C 25 23.27 8.56 -50.55
CA LYS C 25 22.42 8.89 -51.68
C LYS C 25 20.94 8.71 -51.34
N LYS C 26 20.63 7.79 -50.42
CA LYS C 26 19.24 7.70 -49.94
C LYS C 26 18.87 8.97 -49.19
N VAL C 27 19.81 9.52 -48.44
CA VAL C 27 19.55 10.79 -47.75
C VAL C 27 19.36 11.92 -48.76
N GLU C 28 20.20 11.96 -49.79
CA GLU C 28 20.07 13.00 -50.81
C GLU C 28 18.72 12.92 -51.53
N GLN C 29 18.30 11.70 -51.88
CA GLN C 29 17.03 11.53 -52.60
C GLN C 29 15.85 11.90 -51.70
N GLN C 30 15.92 11.52 -50.43
CA GLN C 30 14.84 11.82 -49.50
C GLN C 30 14.75 13.32 -49.24
N ALA C 31 15.90 13.99 -49.09
CA ALA C 31 15.91 15.43 -48.90
C ALA C 31 15.38 16.16 -50.13
N SER C 32 15.69 15.66 -51.32
CA SER C 32 15.10 16.25 -52.52
C SER C 32 13.59 16.08 -52.53
N LYS C 33 13.11 14.91 -52.09
CA LYS C 33 11.67 14.69 -51.99
C LYS C 33 11.04 15.67 -51.02
N ILE C 34 11.78 16.09 -50.00
CA ILE C 34 11.21 17.03 -49.04
C ILE C 34 11.21 18.44 -49.62
N VAL C 35 12.34 18.90 -50.17
CA VAL C 35 12.43 20.30 -50.56
C VAL C 35 11.58 20.60 -51.80
N ASP C 36 11.42 19.62 -52.70
CA ASP C 36 10.60 19.90 -53.89
C ASP C 36 9.13 20.04 -53.53
N SER C 37 8.63 19.12 -52.69
CA SER C 37 7.27 19.24 -52.17
C SER C 37 7.11 20.47 -51.29
N LEU C 38 8.20 20.96 -50.70
CA LEU C 38 8.13 22.21 -49.95
C LEU C 38 7.93 23.38 -50.90
N ASN C 39 8.63 23.38 -52.04
CA ASN C 39 8.43 24.43 -53.03
C ASN C 39 7.06 24.37 -53.69
N ASP C 40 6.41 23.19 -53.69
CA ASP C 40 5.09 23.14 -54.30
C ASP C 40 4.04 23.92 -53.50
N ASP C 41 4.23 24.05 -52.18
CA ASP C 41 3.25 24.76 -51.35
C ASP C 41 3.40 26.27 -51.50
N PRO C 42 2.31 27.00 -51.78
CA PRO C 42 2.40 28.45 -52.00
C PRO C 42 2.51 29.28 -50.73
N ILE C 43 2.56 28.66 -49.54
CA ILE C 43 2.68 29.43 -48.31
C ILE C 43 4.04 30.09 -48.22
N PHE C 44 5.08 29.42 -48.70
CA PHE C 44 6.43 29.99 -48.68
C PHE C 44 6.54 31.15 -49.66
N PRO C 45 6.99 32.32 -49.21
CA PRO C 45 7.10 33.47 -50.11
C PRO C 45 8.36 33.48 -50.96
N SER C 46 9.28 32.54 -50.75
CA SER C 46 10.53 32.51 -51.50
C SER C 46 10.91 31.07 -51.79
N LYS C 47 11.83 30.91 -52.74
CA LYS C 47 12.23 29.59 -53.16
C LYS C 47 13.29 29.01 -52.23
N ILE C 48 13.45 27.68 -52.31
CA ILE C 48 14.43 26.95 -51.53
C ILE C 48 15.40 26.26 -52.49
N VAL C 49 16.64 26.11 -52.02
CA VAL C 49 17.74 25.52 -52.78
C VAL C 49 18.39 24.49 -51.88
N LEU C 50 18.23 23.21 -52.22
CA LEU C 50 18.90 22.15 -51.47
C LEU C 50 20.36 22.08 -51.89
N LYS C 51 21.25 22.02 -50.91
CA LYS C 51 22.62 21.90 -51.38
C LYS C 51 23.21 20.54 -50.95
N PRO C 52 24.22 20.03 -51.67
CA PRO C 52 24.64 18.64 -51.44
C PRO C 52 24.94 18.35 -49.97
N VAL C 53 24.62 17.12 -49.57
CA VAL C 53 24.72 16.72 -48.18
C VAL C 53 26.15 16.85 -47.68
N LEU C 54 26.29 17.45 -46.50
CA LEU C 54 27.61 17.74 -45.94
C LEU C 54 28.07 16.61 -45.03
N LYS C 55 29.35 16.25 -45.18
CA LYS C 55 29.95 15.17 -44.40
C LYS C 55 31.21 15.59 -43.67
N SER C 56 32.04 16.44 -44.28
CA SER C 56 33.28 16.91 -43.70
C SER C 56 33.17 18.37 -43.28
N SER C 57 34.16 18.83 -42.50
CA SER C 57 34.14 20.20 -41.99
C SER C 57 34.37 21.21 -43.10
N SER C 58 35.24 20.88 -44.06
CA SER C 58 35.55 21.83 -45.12
C SER C 58 34.32 22.13 -45.96
N GLU C 59 33.46 21.13 -46.18
CA GLU C 59 32.21 21.37 -46.90
C GLU C 59 31.29 22.28 -46.10
N ILE C 60 31.28 22.14 -44.78
CA ILE C 60 30.45 22.99 -43.93
C ILE C 60 30.86 24.45 -44.11
N THR C 61 32.16 24.72 -43.94
CA THR C 61 32.60 26.11 -44.05
C THR C 61 32.49 26.63 -45.47
N GLU C 62 32.67 25.75 -46.47
CA GLU C 62 32.50 26.18 -47.86
C GLU C 62 31.08 26.64 -48.13
N ILE C 63 30.09 25.89 -47.63
CA ILE C 63 28.70 26.28 -47.82
C ILE C 63 28.39 27.57 -47.11
N PHE C 64 28.88 27.74 -45.87
CA PHE C 64 28.59 28.99 -45.18
C PHE C 64 29.28 30.19 -45.83
N GLU C 65 30.48 30.00 -46.38
CA GLU C 65 31.14 31.07 -47.11
C GLU C 65 30.35 31.47 -48.35
N LYS C 66 29.85 30.48 -49.10
CA LYS C 66 29.05 30.80 -50.27
C LYS C 66 27.71 31.42 -49.88
N ALA C 67 27.21 31.08 -48.69
CA ALA C 67 25.97 31.69 -48.22
C ALA C 67 26.18 33.17 -47.87
N ASN C 68 27.33 33.50 -47.27
CA ASN C 68 27.60 34.90 -47.00
C ASN C 68 28.06 35.67 -48.23
N ALA C 69 28.45 34.99 -49.31
CA ALA C 69 28.90 35.73 -50.48
C ALA C 69 27.77 36.06 -51.44
N ASP C 70 26.82 35.14 -51.64
CA ASP C 70 25.71 35.36 -52.56
C ASP C 70 24.67 36.28 -51.92
N PRO C 71 24.45 37.48 -52.46
CA PRO C 71 23.46 38.39 -51.87
C PRO C 71 22.01 37.92 -52.02
N LYS C 72 21.73 37.03 -52.97
CA LYS C 72 20.36 36.55 -53.15
C LYS C 72 19.95 35.56 -52.05
N CYS C 73 20.92 34.99 -51.34
CA CYS C 73 20.63 34.15 -50.19
C CYS C 73 20.33 35.03 -48.99
N ALA C 74 19.19 34.77 -48.32
CA ALA C 74 18.78 35.55 -47.18
C ALA C 74 18.53 34.70 -45.94
N GLY C 75 18.98 33.46 -45.94
CA GLY C 75 18.76 32.58 -44.80
C GLY C 75 19.23 31.17 -45.05
N VAL C 76 19.45 30.40 -43.98
CA VAL C 76 19.92 29.04 -44.07
C VAL C 76 19.05 28.16 -43.16
N ILE C 77 18.55 27.07 -43.70
CA ILE C 77 17.73 26.11 -42.98
C ILE C 77 18.59 24.86 -42.79
N VAL C 78 18.81 24.47 -41.54
CA VAL C 78 19.68 23.35 -41.19
C VAL C 78 18.84 22.21 -40.65
N TRP C 79 19.07 21.00 -41.15
CA TRP C 79 18.35 19.83 -40.66
C TRP C 79 19.27 18.62 -40.71
N MET C 80 19.41 17.94 -39.58
CA MET C 80 20.27 16.76 -39.47
C MET C 80 19.45 15.52 -39.79
N HIS C 81 19.62 15.00 -41.01
CA HIS C 81 18.97 13.75 -41.37
C HIS C 81 19.58 12.58 -40.60
N THR C 82 20.91 12.51 -40.55
CA THR C 82 21.64 11.52 -39.79
C THR C 82 22.49 12.22 -38.74
N PHE C 83 23.16 11.42 -37.91
CA PHE C 83 23.98 11.95 -36.84
C PHE C 83 25.23 12.59 -37.44
N SER C 84 25.26 13.92 -37.48
CA SER C 84 26.46 14.64 -37.90
C SER C 84 27.09 15.28 -36.67
N PRO C 85 28.29 14.88 -36.28
CA PRO C 85 28.92 15.43 -35.08
C PRO C 85 29.12 16.94 -35.21
N SER C 86 28.86 17.64 -34.10
CA SER C 86 28.78 19.10 -34.14
C SER C 86 30.13 19.78 -34.26
N LYS C 87 31.20 19.16 -33.76
CA LYS C 87 32.52 19.80 -33.82
C LYS C 87 32.97 20.06 -35.26
N MET C 88 32.36 19.41 -36.24
CA MET C 88 32.62 19.76 -37.62
C MET C 88 31.97 21.07 -37.99
N TRP C 89 30.85 21.41 -37.34
CA TRP C 89 30.11 22.62 -37.66
C TRP C 89 30.64 23.86 -36.95
N ILE C 90 31.62 23.70 -36.05
CA ILE C 90 32.04 24.83 -35.22
C ILE C 90 32.67 25.93 -36.06
N ARG C 91 33.61 25.57 -36.95
CA ARG C 91 34.23 26.61 -37.77
C ARG C 91 33.23 27.20 -38.76
N GLY C 92 32.23 26.44 -39.18
CA GLY C 92 31.26 26.91 -40.15
C GLY C 92 30.23 27.85 -39.55
N LEU C 93 29.79 27.55 -38.32
CA LEU C 93 28.81 28.40 -37.65
C LEU C 93 29.43 29.69 -37.11
N SER C 94 30.73 29.70 -36.86
CA SER C 94 31.42 30.86 -36.33
C SER C 94 31.76 31.91 -37.38
N ILE C 95 31.32 31.73 -38.63
CA ILE C 95 31.67 32.66 -39.69
C ILE C 95 30.46 33.30 -40.35
N ASN C 96 29.28 32.70 -40.30
CA ASN C 96 28.12 33.23 -40.99
C ASN C 96 27.36 34.23 -40.11
N LYS C 97 26.76 35.22 -40.77
CA LYS C 97 25.90 36.19 -40.09
C LYS C 97 24.46 36.17 -40.60
N LYS C 98 24.15 35.29 -41.56
CA LYS C 98 22.79 35.16 -42.05
C LYS C 98 21.92 34.39 -41.06
N PRO C 99 20.61 34.67 -41.03
CA PRO C 99 19.73 34.00 -40.06
C PRO C 99 19.77 32.48 -40.21
N LEU C 100 19.65 31.79 -39.09
CA LEU C 100 19.66 30.34 -39.05
C LEU C 100 18.31 29.85 -38.59
N LEU C 101 17.78 28.83 -39.28
CA LEU C 101 16.59 28.13 -38.82
C LEU C 101 16.92 26.66 -38.64
N HIS C 102 16.65 26.14 -37.45
CA HIS C 102 16.95 24.75 -37.12
C HIS C 102 15.67 23.95 -37.29
N LEU C 103 15.54 23.26 -38.42
CA LEU C 103 14.37 22.43 -38.70
C LEU C 103 14.60 21.05 -38.10
N HIS C 104 13.74 20.67 -37.15
CA HIS C 104 13.77 19.37 -36.52
C HIS C 104 12.60 18.56 -37.08
N THR C 105 12.90 17.55 -37.89
CA THR C 105 11.86 16.85 -38.61
C THR C 105 12.34 15.45 -38.99
N GLN C 106 11.36 14.58 -39.23
CA GLN C 106 11.58 13.20 -39.69
C GLN C 106 10.80 12.98 -40.97
N TYR C 107 11.42 12.28 -41.93
CA TYR C 107 10.86 12.22 -43.28
C TYR C 107 9.52 11.48 -43.30
N ASN C 108 9.42 10.36 -42.60
CA ASN C 108 8.19 9.60 -42.55
C ASN C 108 7.44 9.95 -41.26
N ARG C 109 6.11 10.03 -41.36
CA ARG C 109 5.29 10.47 -40.23
C ARG C 109 5.24 9.39 -39.14
N GLU C 110 4.63 8.25 -39.44
CA GLU C 110 4.50 7.20 -38.44
C GLU C 110 5.69 6.26 -38.49
N ILE C 111 5.69 5.25 -37.63
CA ILE C 111 6.78 4.29 -37.51
C ILE C 111 6.33 2.98 -38.13
N PRO C 112 7.09 2.41 -39.08
CA PRO C 112 6.80 1.05 -39.55
C PRO C 112 7.06 0.04 -38.45
N TRP C 113 6.04 -0.24 -37.64
CA TRP C 113 6.23 -1.06 -36.43
C TRP C 113 6.78 -2.44 -36.78
N ASP C 114 6.38 -3.01 -37.91
CA ASP C 114 6.77 -4.37 -38.26
C ASP C 114 8.00 -4.42 -39.17
N THR C 115 8.52 -3.28 -39.62
CA THR C 115 9.63 -3.27 -40.58
C THR C 115 10.76 -2.35 -40.11
N ILE C 116 10.78 -1.94 -38.85
CA ILE C 116 11.88 -1.14 -38.32
C ILE C 116 13.06 -2.06 -38.05
N ASP C 117 14.16 -1.83 -38.78
CA ASP C 117 15.36 -2.64 -38.66
C ASP C 117 16.57 -1.73 -38.47
N MET C 118 17.74 -2.34 -38.30
CA MET C 118 18.95 -1.57 -38.06
C MET C 118 19.39 -0.79 -39.27
N ASP C 119 18.97 -1.20 -40.47
CA ASP C 119 19.25 -0.41 -41.67
C ASP C 119 18.30 0.77 -41.82
N TYR C 120 17.27 0.85 -40.98
CA TYR C 120 16.37 1.99 -40.93
C TYR C 120 16.70 2.97 -39.80
N MET C 121 17.09 2.46 -38.64
CA MET C 121 17.56 3.33 -37.58
C MET C 121 18.84 4.06 -37.97
N ASN C 122 19.70 3.42 -38.77
CA ASN C 122 20.90 4.08 -39.24
C ASN C 122 20.60 5.18 -40.25
N LEU C 123 19.48 5.06 -40.97
CA LEU C 123 19.15 6.08 -41.97
C LEU C 123 18.49 7.30 -41.34
N ASN C 124 17.36 7.10 -40.66
CA ASN C 124 16.61 8.22 -40.07
C ASN C 124 17.06 8.42 -38.62
N GLN C 125 18.28 8.94 -38.48
CA GLN C 125 18.83 9.33 -37.19
C GLN C 125 18.50 10.78 -36.86
N SER C 126 17.29 11.21 -37.18
CA SER C 126 16.93 12.62 -37.02
C SER C 126 16.69 12.96 -35.55
N ALA C 127 16.04 12.07 -34.80
CA ALA C 127 15.60 12.40 -33.45
C ALA C 127 16.78 12.79 -32.55
N HIS C 128 17.80 11.95 -32.49
CA HIS C 128 18.99 12.26 -31.69
C HIS C 128 20.13 12.80 -32.53
N GLY C 129 19.85 13.19 -33.77
CA GLY C 129 20.88 13.73 -34.63
C GLY C 129 21.10 15.21 -34.41
N ASP C 130 20.03 16.00 -34.49
CA ASP C 130 20.13 17.44 -34.34
C ASP C 130 19.99 17.92 -32.89
N ARG C 131 19.68 17.04 -31.93
CA ARG C 131 19.81 17.48 -30.54
C ARG C 131 21.27 17.80 -30.23
N GLU C 132 22.18 16.95 -30.72
CA GLU C 132 23.61 17.24 -30.65
C GLU C 132 23.94 18.53 -31.38
N HIS C 133 23.21 18.83 -32.46
CA HIS C 133 23.46 20.05 -33.21
C HIS C 133 22.96 21.28 -32.47
N GLY C 134 21.75 21.21 -31.92
CA GLY C 134 21.26 22.31 -31.11
C GLY C 134 22.11 22.60 -29.90
N PHE C 135 22.80 21.58 -29.37
CA PHE C 135 23.71 21.85 -28.28
C PHE C 135 24.82 22.80 -28.71
N ILE C 136 25.38 22.60 -29.90
CA ILE C 136 26.49 23.46 -30.31
C ILE C 136 26.02 24.89 -30.55
N HIS C 137 24.74 25.09 -30.89
CA HIS C 137 24.20 26.43 -31.02
C HIS C 137 24.02 27.08 -29.66
N ALA C 138 23.30 26.40 -28.75
CA ALA C 138 23.16 26.91 -27.40
C ALA C 138 24.51 27.18 -26.74
N ARG C 139 25.49 26.33 -27.02
CA ARG C 139 26.82 26.49 -26.42
C ARG C 139 27.55 27.67 -27.00
N MET C 140 27.51 27.83 -28.32
CA MET C 140 28.17 28.97 -28.95
C MET C 140 27.36 30.26 -28.82
N ARG C 141 26.22 30.20 -28.14
CA ARG C 141 25.37 31.37 -27.92
C ARG C 141 25.01 32.07 -29.22
N LEU C 142 24.67 31.28 -30.23
CA LEU C 142 24.35 31.72 -31.58
C LEU C 142 22.84 31.92 -31.72
N PRO C 143 22.38 33.01 -32.34
CA PRO C 143 20.94 33.22 -32.48
C PRO C 143 20.35 32.41 -33.63
N ARG C 144 19.21 31.76 -33.37
CA ARG C 144 18.54 30.96 -34.38
C ARG C 144 17.11 30.69 -33.92
N LYS C 145 16.27 30.28 -34.87
CA LYS C 145 14.89 29.88 -34.61
C LYS C 145 14.79 28.36 -34.72
N VAL C 146 14.20 27.73 -33.71
CA VAL C 146 14.06 26.28 -33.66
C VAL C 146 12.62 25.93 -33.97
N VAL C 147 12.44 24.96 -34.87
CA VAL C 147 11.11 24.53 -35.32
C VAL C 147 11.08 23.02 -35.36
N VAL C 148 10.08 22.42 -34.71
CA VAL C 148 9.94 20.97 -34.62
C VAL C 148 8.59 20.57 -35.21
N GLY C 149 8.59 19.53 -36.02
CA GLY C 149 7.40 19.01 -36.64
C GLY C 149 7.69 18.41 -38.00
N HIS C 150 6.77 17.57 -38.46
CA HIS C 150 6.92 16.94 -39.77
C HIS C 150 6.56 17.92 -40.88
N TRP C 151 7.39 17.97 -41.92
CA TRP C 151 7.26 18.98 -42.96
C TRP C 151 5.93 18.92 -43.70
N GLU C 152 5.18 17.81 -43.58
CA GLU C 152 3.88 17.75 -44.23
C GLU C 152 2.81 18.50 -43.44
N GLU C 153 3.02 18.71 -42.15
CA GLU C 153 2.06 19.47 -41.35
C GLU C 153 2.09 20.94 -41.75
N LYS C 154 0.93 21.61 -41.63
CA LYS C 154 0.82 22.99 -42.05
C LYS C 154 1.34 23.98 -41.02
N GLU C 155 1.22 23.65 -39.72
CA GLU C 155 1.65 24.59 -38.67
C GLU C 155 3.15 24.87 -38.75
N VAL C 156 3.94 23.80 -38.88
CA VAL C 156 5.39 23.95 -39.02
C VAL C 156 5.73 24.69 -40.30
N ARG C 157 4.95 24.48 -41.36
CA ARG C 157 5.19 25.19 -42.61
C ARG C 157 4.92 26.68 -42.45
N GLU C 158 3.90 27.02 -41.66
CA GLU C 158 3.63 28.43 -41.39
C GLU C 158 4.78 29.05 -40.60
N LYS C 159 5.29 28.34 -39.60
CA LYS C 159 6.40 28.88 -38.82
C LYS C 159 7.62 29.13 -39.71
N ILE C 160 7.99 28.16 -40.54
CA ILE C 160 9.19 28.35 -41.35
C ILE C 160 8.97 29.43 -42.42
N ALA C 161 7.74 29.60 -42.92
CA ALA C 161 7.53 30.64 -43.93
C ALA C 161 7.53 32.04 -43.32
N LYS C 162 6.92 32.18 -42.13
CA LYS C 162 6.98 33.44 -41.42
C LYS C 162 8.43 33.81 -41.10
N TRP C 163 9.24 32.82 -40.72
CA TRP C 163 10.65 33.09 -40.51
C TRP C 163 11.34 33.50 -41.81
N MET C 164 10.91 32.93 -42.94
CA MET C 164 11.47 33.37 -44.22
C MET C 164 11.17 34.84 -44.47
N ARG C 165 9.93 35.26 -44.21
CA ARG C 165 9.58 36.67 -44.41
C ARG C 165 10.45 37.55 -43.53
N VAL C 166 10.70 37.13 -42.28
CA VAL C 166 11.54 37.94 -41.41
C VAL C 166 12.98 37.94 -41.91
N ALA C 167 13.46 36.79 -42.38
CA ALA C 167 14.84 36.67 -42.85
C ALA C 167 15.08 37.51 -44.10
N CYS C 168 14.03 37.84 -44.84
CA CYS C 168 14.20 38.78 -45.94
C CYS C 168 13.96 40.22 -45.55
N ALA C 169 13.26 40.47 -44.44
CA ALA C 169 13.12 41.85 -43.99
C ALA C 169 14.45 42.44 -43.52
N ILE C 170 15.31 41.63 -42.88
CA ILE C 170 16.59 42.16 -42.41
C ILE C 170 17.59 42.31 -43.55
N GLN C 171 17.49 41.47 -44.59
CA GLN C 171 18.42 41.59 -45.72
C GLN C 171 18.13 42.85 -46.52
N ASP C 172 16.86 43.21 -46.67
CA ASP C 172 16.47 44.48 -47.28
C ASP C 172 16.59 45.59 -46.25
N GLY C 173 17.83 45.84 -45.84
CA GLY C 173 18.13 46.79 -44.79
C GLY C 173 19.61 46.78 -44.52
N ARG C 174 20.21 45.60 -44.57
CA ARG C 174 21.66 45.50 -44.61
C ARG C 174 22.18 45.91 -45.97
N MET C 175 21.39 45.71 -47.02
CA MET C 175 21.75 46.12 -48.36
C MET C 175 21.26 47.55 -48.64
N GLY C 176 20.02 47.84 -48.27
CA GLY C 176 19.42 49.13 -48.53
C GLY C 176 20.04 50.25 -47.70
N GLN C 177 19.53 51.46 -47.95
CA GLN C 177 19.99 52.67 -47.29
C GLN C 177 18.80 53.55 -46.95
N ILE C 178 18.87 54.25 -45.83
CA ILE C 178 17.83 55.18 -45.41
C ILE C 178 18.31 56.62 -45.60
N VAL C 179 17.42 57.44 -46.15
CA VAL C 179 17.71 58.81 -46.55
C VAL C 179 16.97 59.76 -45.61
N ARG C 180 17.66 60.79 -45.16
CA ARG C 180 17.08 61.79 -44.27
C ARG C 180 17.11 63.14 -44.96
N PHE C 181 15.96 63.80 -45.07
CA PHE C 181 15.90 65.18 -45.56
C PHE C 181 15.71 66.10 -44.36
N GLY C 182 16.82 66.54 -43.80
CA GLY C 182 16.80 67.31 -42.56
C GLY C 182 16.94 66.43 -41.34
N ASP C 183 17.46 67.02 -40.26
CA ASP C 183 17.70 66.27 -39.03
C ASP C 183 16.39 66.20 -38.24
N ASN C 184 16.48 65.75 -36.99
CA ASN C 184 15.30 65.59 -36.15
C ASN C 184 14.74 66.95 -35.75
N MET C 185 13.47 66.95 -35.35
CA MET C 185 12.88 68.14 -34.75
C MET C 185 13.65 68.50 -33.49
N ARG C 186 13.89 69.79 -33.30
CA ARG C 186 14.75 70.26 -32.23
C ARG C 186 14.20 69.88 -30.86
N GLU C 187 15.09 69.50 -29.95
CA GLU C 187 14.83 69.13 -28.56
C GLU C 187 14.03 67.84 -28.42
N VAL C 188 13.75 67.12 -29.50
CA VAL C 188 13.06 65.84 -29.41
C VAL C 188 14.07 64.74 -29.13
N ALA C 189 13.74 63.85 -28.18
CA ALA C 189 14.67 62.85 -27.69
C ALA C 189 14.40 61.44 -28.18
N SER C 190 13.14 61.00 -28.20
CA SER C 190 12.86 59.61 -28.56
C SER C 190 13.18 59.31 -30.01
N THR C 191 13.12 60.32 -30.89
CA THR C 191 13.46 60.13 -32.30
C THR C 191 14.97 60.07 -32.54
N GLU C 192 15.78 60.58 -31.62
CA GLU C 192 17.22 60.54 -31.78
C GLU C 192 17.75 59.16 -31.43
N GLY C 193 18.95 58.88 -31.94
CA GLY C 193 19.60 57.61 -31.67
C GLY C 193 21.00 57.62 -32.24
N ASP C 194 21.74 56.55 -31.96
CA ASP C 194 23.11 56.41 -32.44
C ASP C 194 23.06 55.79 -33.84
N LYS C 195 23.38 56.60 -34.86
CA LYS C 195 23.32 56.14 -36.23
C LYS C 195 24.36 55.09 -36.55
N VAL C 196 25.45 55.04 -35.78
CA VAL C 196 26.51 54.07 -36.05
C VAL C 196 26.15 52.71 -35.45
N GLU C 197 25.58 52.71 -34.25
CA GLU C 197 25.16 51.47 -33.63
C GLU C 197 24.06 50.79 -34.44
N ALA C 198 23.33 51.56 -35.24
CA ALA C 198 22.31 50.95 -36.11
C ALA C 198 22.97 50.17 -37.24
N GLN C 199 24.02 50.72 -37.85
CA GLN C 199 24.75 49.97 -38.87
C GLN C 199 25.47 48.78 -38.26
N ILE C 200 25.97 48.90 -37.04
CA ILE C 200 26.71 47.79 -36.44
C ILE C 200 25.75 46.67 -36.03
N LYS C 201 24.58 47.03 -35.48
CA LYS C 201 23.65 46.02 -34.97
C LYS C 201 22.67 45.56 -36.05
N LEU C 202 21.88 46.47 -36.60
CA LEU C 202 20.86 46.14 -37.57
C LEU C 202 21.36 46.14 -39.00
N GLY C 203 22.45 46.84 -39.28
CA GLY C 203 22.96 46.95 -40.63
C GLY C 203 22.37 48.10 -41.42
N TRP C 204 21.40 48.81 -40.86
CA TRP C 204 20.74 49.90 -41.57
C TRP C 204 21.73 51.03 -41.85
N SER C 205 22.14 51.18 -43.11
CA SER C 205 22.90 52.36 -43.49
C SER C 205 21.98 53.56 -43.48
N ILE C 206 22.46 54.68 -42.95
CA ILE C 206 21.63 55.85 -42.71
C ILE C 206 22.43 57.10 -42.99
N ASN C 207 21.87 58.02 -43.78
CA ASN C 207 22.58 59.28 -44.02
C ASN C 207 21.59 60.42 -44.20
N THR C 208 22.13 61.64 -44.08
CA THR C 208 21.33 62.87 -44.08
C THR C 208 21.76 63.78 -45.23
N TRP C 209 20.77 64.43 -45.84
CA TRP C 209 20.92 65.38 -46.94
C TRP C 209 20.13 66.64 -46.63
N GLY C 210 20.60 67.77 -47.17
CA GLY C 210 19.85 69.00 -47.07
C GLY C 210 18.58 68.98 -47.92
N VAL C 211 17.57 69.71 -47.45
CA VAL C 211 16.28 69.76 -48.15
C VAL C 211 16.37 70.53 -49.47
N GLY C 212 17.34 71.43 -49.60
CA GLY C 212 17.52 72.11 -50.87
C GLY C 212 17.86 71.15 -51.99
N GLU C 213 18.46 70.01 -51.66
CA GLU C 213 18.70 68.98 -52.67
C GLU C 213 17.39 68.50 -53.28
N LEU C 214 16.34 68.40 -52.47
CA LEU C 214 15.02 68.05 -52.99
C LEU C 214 14.39 69.23 -53.72
N ALA C 215 14.66 70.45 -53.25
CA ALA C 215 14.13 71.63 -53.94
C ALA C 215 14.73 71.78 -55.32
N GLU C 216 15.92 71.23 -55.56
CA GLU C 216 16.47 71.24 -56.91
C GLU C 216 15.64 70.38 -57.84
N ARG C 217 15.25 69.19 -57.39
CA ARG C 217 14.54 68.27 -58.27
C ARG C 217 13.07 68.66 -58.46
N VAL C 218 12.47 69.35 -57.48
CA VAL C 218 11.03 69.59 -57.62
C VAL C 218 10.73 70.57 -58.76
N LYS C 219 11.70 71.41 -59.14
CA LYS C 219 11.46 72.37 -60.20
C LYS C 219 11.85 71.87 -61.58
N ALA C 220 12.84 70.97 -61.66
CA ALA C 220 13.33 70.44 -62.92
C ALA C 220 12.52 69.25 -63.43
N VAL C 221 11.25 69.17 -63.06
CA VAL C 221 10.41 68.04 -63.50
C VAL C 221 10.11 68.18 -64.99
N PRO C 222 10.18 67.11 -65.77
CA PRO C 222 9.84 67.21 -67.20
C PRO C 222 8.42 67.71 -67.41
N GLU C 223 8.20 68.24 -68.62
CA GLU C 223 6.92 68.88 -68.92
C GLU C 223 5.77 67.88 -68.91
N ARG C 224 5.98 66.70 -69.49
CA ARG C 224 4.89 65.74 -69.65
C ARG C 224 5.01 64.56 -68.69
N GLU C 225 4.98 64.84 -67.39
CA GLU C 225 5.06 63.76 -66.41
C GLU C 225 4.04 63.95 -65.29
N VAL C 226 3.62 65.18 -65.04
CA VAL C 226 2.70 65.43 -63.94
C VAL C 226 1.26 65.09 -64.33
N GLU C 227 0.88 65.35 -65.59
CA GLU C 227 -0.44 64.98 -66.05
C GLU C 227 -0.62 63.47 -66.14
N GLU C 228 0.47 62.75 -66.45
CA GLU C 228 0.42 61.30 -66.44
C GLU C 228 0.14 60.75 -65.05
N LEU C 229 0.52 61.50 -64.01
CA LEU C 229 0.13 61.14 -62.65
C LEU C 229 -1.31 61.56 -62.36
N LEU C 230 -1.73 62.72 -62.89
CA LEU C 230 -3.09 63.18 -62.62
C LEU C 230 -4.13 62.24 -63.19
N LYS C 231 -3.87 61.61 -64.33
CA LYS C 231 -4.87 60.68 -64.88
C LYS C 231 -5.07 59.48 -63.96
N GLU C 232 -3.98 58.93 -63.42
CA GLU C 232 -4.11 57.84 -62.45
C GLU C 232 -4.81 58.31 -61.18
N TYR C 233 -4.47 59.53 -60.73
CA TYR C 233 -5.14 60.12 -59.57
C TYR C 233 -6.65 60.15 -59.79
N ARG C 234 -7.09 60.50 -61.00
CA ARG C 234 -8.51 60.46 -61.30
C ARG C 234 -9.03 59.04 -61.30
N GLU C 235 -8.22 58.09 -61.81
CA GLU C 235 -8.62 56.70 -61.78
C GLU C 235 -8.81 56.15 -60.36
N LYS C 236 -8.16 56.73 -59.37
CA LYS C 236 -8.31 56.23 -58.02
C LYS C 236 -8.88 57.23 -57.03
N TYR C 237 -8.67 58.53 -57.24
CA TYR C 237 -8.97 59.45 -56.15
C TYR C 237 -9.72 60.69 -56.60
N ILE C 238 -9.11 61.86 -56.40
CA ILE C 238 -9.55 63.16 -56.93
C ILE C 238 -10.73 63.75 -56.17
N MET C 239 -10.68 65.15 -55.91
CA MET C 239 -11.54 66.18 -55.35
C MET C 239 -12.29 66.90 -56.47
N PRO C 240 -13.48 67.50 -56.13
CA PRO C 240 -14.39 68.04 -57.16
C PRO C 240 -13.84 68.45 -58.51
N GLU C 241 -13.48 69.73 -58.67
CA GLU C 241 -13.17 70.29 -59.99
C GLU C 241 -11.80 70.95 -59.98
N ASP C 242 -11.37 71.35 -61.18
CA ASP C 242 -10.13 72.10 -61.36
C ASP C 242 -10.17 73.37 -60.54
N GLU C 243 -9.58 73.33 -59.35
CA GLU C 243 -9.65 74.43 -58.40
C GLU C 243 -8.23 74.68 -57.88
N TYR C 244 -8.14 75.30 -56.71
CA TYR C 244 -6.87 75.30 -55.99
C TYR C 244 -6.56 73.94 -55.40
N SER C 245 -7.59 73.11 -55.19
CA SER C 245 -7.37 71.75 -54.70
C SER C 245 -6.56 70.94 -55.71
N LEU C 246 -6.75 71.20 -57.00
CA LEU C 246 -5.99 70.49 -58.03
C LEU C 246 -4.60 71.08 -58.23
N LYS C 247 -4.36 72.31 -57.78
CA LYS C 247 -3.03 72.90 -57.81
C LYS C 247 -2.09 72.15 -56.87
N ALA C 248 -2.58 71.81 -55.68
CA ALA C 248 -1.76 71.04 -54.75
C ALA C 248 -1.50 69.65 -55.29
N ILE C 249 -2.38 69.14 -56.15
CA ILE C 249 -2.14 67.83 -56.77
C ILE C 249 -0.96 67.90 -57.71
N ARG C 250 -0.84 68.98 -58.49
CA ARG C 250 0.32 69.12 -59.36
C ARG C 250 1.59 69.32 -58.55
N GLU C 251 1.49 70.04 -57.42
CA GLU C 251 2.67 70.20 -56.57
C GLU C 251 3.10 68.86 -55.98
N GLN C 252 2.14 68.07 -55.49
CA GLN C 252 2.45 66.74 -54.96
C GLN C 252 2.95 65.80 -56.05
N ALA C 253 2.47 65.95 -57.28
CA ALA C 253 2.94 65.08 -58.36
C ALA C 253 4.40 65.37 -58.71
N LYS C 254 4.77 66.64 -58.78
CA LYS C 254 6.17 66.93 -59.05
C LYS C 254 7.05 66.55 -57.86
N ILE C 255 6.52 66.64 -56.64
CA ILE C 255 7.28 66.17 -55.48
C ILE C 255 7.43 64.65 -55.53
N GLU C 256 6.39 63.93 -55.94
CA GLU C 256 6.47 62.48 -56.05
C GLU C 256 7.51 62.07 -57.09
N ILE C 257 7.55 62.77 -58.21
CA ILE C 257 8.53 62.44 -59.24
C ILE C 257 9.95 62.72 -58.75
N ALA C 258 10.13 63.85 -58.04
CA ALA C 258 11.46 64.16 -57.50
C ALA C 258 11.90 63.12 -56.47
N LEU C 259 10.98 62.70 -55.60
CA LEU C 259 11.33 61.69 -54.59
C LEU C 259 11.64 60.35 -55.25
N ARG C 260 10.88 59.96 -56.27
CA ARG C 260 11.19 58.71 -56.94
C ARG C 260 12.59 58.75 -57.55
N GLU C 261 12.93 59.86 -58.21
CA GLU C 261 14.24 59.98 -58.83
C GLU C 261 15.34 59.94 -57.78
N PHE C 262 15.14 60.62 -56.66
CA PHE C 262 16.19 60.71 -55.65
C PHE C 262 16.38 59.38 -54.94
N LEU C 263 15.29 58.77 -54.47
CA LEU C 263 15.43 57.52 -53.73
C LEU C 263 15.91 56.39 -54.63
N ALA C 264 15.54 56.39 -55.91
CA ALA C 264 16.06 55.35 -56.79
C ALA C 264 17.53 55.56 -57.08
N ALA C 265 17.97 56.81 -57.18
CA ALA C 265 19.38 57.07 -57.51
C ALA C 265 20.32 56.73 -56.36
N ALA C 266 19.82 56.62 -55.13
CA ALA C 266 20.68 56.42 -53.96
C ALA C 266 20.37 55.15 -53.20
N ASN C 267 19.92 54.10 -53.90
CA ASN C 267 19.62 52.79 -53.32
C ASN C 267 18.89 52.91 -51.97
N ALA C 268 17.68 53.43 -51.99
CA ALA C 268 16.94 53.70 -50.77
C ALA C 268 15.91 52.61 -50.48
N VAL C 269 15.62 52.43 -49.20
CA VAL C 269 14.52 51.58 -48.75
C VAL C 269 13.55 52.32 -47.85
N GLY C 270 14.00 53.37 -47.17
CA GLY C 270 13.11 54.23 -46.41
C GLY C 270 13.65 55.63 -46.46
N PHE C 271 12.79 56.59 -46.11
CA PHE C 271 13.20 57.98 -46.11
C PHE C 271 12.43 58.73 -45.04
N THR C 272 12.96 59.89 -44.67
CA THR C 272 12.35 60.71 -43.64
C THR C 272 12.54 62.18 -43.98
N THR C 273 11.53 62.97 -43.64
CA THR C 273 11.52 64.40 -43.88
C THR C 273 11.32 65.14 -42.56
N THR C 274 11.32 66.47 -42.64
CA THR C 274 11.06 67.32 -41.49
C THR C 274 10.20 68.49 -41.94
N PHE C 275 9.26 68.90 -41.08
CA PHE C 275 8.27 69.89 -41.49
C PHE C 275 8.69 71.33 -41.23
N GLU C 276 9.65 71.56 -40.34
CA GLU C 276 10.08 72.91 -40.00
C GLU C 276 11.32 73.33 -40.79
N ASP C 277 11.68 72.59 -41.85
CA ASP C 277 12.85 72.93 -42.65
C ASP C 277 12.59 72.40 -44.06
N LEU C 278 11.89 73.21 -44.87
CA LEU C 278 11.59 72.85 -46.25
C LEU C 278 11.66 74.08 -47.14
N HIS C 279 12.74 74.85 -47.03
CA HIS C 279 12.86 76.07 -47.82
C HIS C 279 13.07 75.73 -49.28
N ASP C 280 12.49 76.57 -50.15
CA ASP C 280 12.45 76.41 -51.60
C ASP C 280 11.53 75.26 -52.00
N LEU C 281 11.04 74.49 -51.02
CA LEU C 281 9.97 73.53 -51.27
C LEU C 281 8.63 74.25 -51.10
N PRO C 282 7.82 74.35 -52.15
CA PRO C 282 6.57 75.13 -52.04
C PRO C 282 5.53 74.51 -51.12
N GLN C 283 5.71 73.27 -50.68
CA GLN C 283 4.64 72.60 -49.94
C GLN C 283 5.20 71.41 -49.19
N LEU C 284 4.66 71.17 -47.99
CA LEU C 284 5.07 70.03 -47.18
C LEU C 284 4.75 68.72 -47.88
N PRO C 285 5.70 67.80 -48.02
CA PRO C 285 5.40 66.52 -48.68
C PRO C 285 4.31 65.74 -47.96
N GLY C 286 3.23 65.50 -48.68
CA GLY C 286 2.07 64.81 -48.16
C GLY C 286 1.68 63.61 -49.02
N LEU C 287 0.72 63.83 -49.92
CA LEU C 287 0.24 62.79 -50.83
C LEU C 287 1.38 61.99 -51.46
N ALA C 288 2.49 62.65 -51.79
CA ALA C 288 3.61 61.93 -52.40
C ALA C 288 4.19 60.89 -51.45
N VAL C 289 4.26 61.20 -50.16
CA VAL C 289 4.74 60.24 -49.18
C VAL C 289 3.81 59.05 -49.10
N GLN C 290 2.49 59.29 -49.11
CA GLN C 290 1.54 58.19 -49.11
C GLN C 290 1.65 57.36 -50.39
N ARG C 291 1.93 58.00 -51.52
CA ARG C 291 2.09 57.26 -52.77
C ARG C 291 3.33 56.37 -52.72
N LEU C 292 4.42 56.86 -52.12
CA LEU C 292 5.62 56.05 -52.03
C LEU C 292 5.45 54.93 -51.00
N MET C 293 4.74 55.20 -49.90
CA MET C 293 4.47 54.17 -48.91
C MET C 293 3.52 53.11 -49.44
N GLU C 294 2.62 53.47 -50.36
CA GLU C 294 1.71 52.49 -50.93
C GLU C 294 2.46 51.41 -51.69
N GLU C 295 3.62 51.75 -52.24
CA GLU C 295 4.44 50.77 -52.94
C GLU C 295 5.26 49.93 -51.97
N GLY C 296 5.99 50.57 -51.06
CA GLY C 296 6.84 49.83 -50.16
C GLY C 296 7.80 50.70 -49.36
N TYR C 297 8.11 51.89 -49.87
CA TYR C 297 9.03 52.79 -49.20
C TYR C 297 8.58 53.08 -47.77
N GLY C 298 9.46 52.81 -46.81
CA GLY C 298 9.19 53.19 -45.44
C GLY C 298 9.40 54.68 -45.23
N PHE C 299 8.69 55.23 -44.25
CA PHE C 299 8.72 56.66 -44.00
C PHE C 299 8.61 56.95 -42.51
N GLY C 300 9.36 57.96 -42.08
CA GLY C 300 9.19 58.52 -40.76
C GLY C 300 9.20 60.03 -40.84
N ALA C 301 8.48 60.66 -39.91
CA ALA C 301 8.37 62.11 -39.91
C ALA C 301 9.22 62.69 -38.77
N GLU C 302 9.47 64.00 -38.87
CA GLU C 302 10.20 64.76 -37.85
C GLU C 302 11.60 64.20 -37.63
N GLY C 303 12.18 63.58 -38.66
CA GLY C 303 13.52 63.05 -38.56
C GLY C 303 13.62 61.65 -37.98
N ASP C 304 12.51 61.04 -37.59
CA ASP C 304 12.50 59.74 -36.94
C ASP C 304 12.93 58.69 -37.95
N TRP C 305 14.21 58.31 -37.91
CA TRP C 305 14.68 57.22 -38.76
C TRP C 305 14.43 55.85 -38.14
N LYS C 306 14.23 55.78 -36.82
CA LYS C 306 13.87 54.54 -36.17
C LYS C 306 12.58 53.98 -36.77
N ALA C 307 11.55 54.82 -36.79
CA ALA C 307 10.25 54.41 -37.32
C ALA C 307 10.33 54.15 -38.81
N ALA C 308 11.12 54.94 -39.55
CA ALA C 308 11.24 54.74 -40.99
C ALA C 308 11.82 53.37 -41.31
N GLY C 309 12.93 53.01 -40.67
CA GLY C 309 13.52 51.70 -40.91
C GLY C 309 12.63 50.56 -40.43
N LEU C 310 11.97 50.74 -39.28
CA LEU C 310 11.09 49.69 -38.79
C LEU C 310 9.90 49.50 -39.71
N VAL C 311 9.32 50.60 -40.20
CA VAL C 311 8.21 50.52 -41.15
C VAL C 311 8.65 49.82 -42.42
N ARG C 312 9.86 50.10 -42.90
CA ARG C 312 10.34 49.44 -44.12
C ARG C 312 10.48 47.93 -43.91
N ALA C 313 11.12 47.52 -42.81
CA ALA C 313 11.30 46.10 -42.57
C ALA C 313 9.96 45.39 -42.36
N ILE C 314 9.05 46.02 -41.61
CA ILE C 314 7.75 45.44 -41.34
C ILE C 314 6.85 45.50 -42.56
N LYS C 315 7.20 46.33 -43.54
CA LYS C 315 6.52 46.35 -44.83
C LYS C 315 7.00 45.23 -45.72
N VAL C 316 8.29 44.91 -45.66
CA VAL C 316 8.78 43.74 -46.39
C VAL C 316 8.18 42.47 -45.80
N MET C 317 8.01 42.43 -44.47
CA MET C 317 7.35 41.29 -43.85
C MET C 317 5.90 41.16 -44.32
N GLY C 318 5.07 42.14 -43.99
CA GLY C 318 3.67 42.12 -44.40
C GLY C 318 3.46 42.38 -45.87
N THR C 319 3.62 41.31 -46.67
CA THR C 319 3.59 41.42 -48.12
C THR C 319 2.49 40.57 -48.77
N SER C 320 1.65 39.89 -47.99
CA SER C 320 0.73 38.96 -48.62
C SER C 320 -0.70 39.49 -48.71
N LEU C 321 -1.68 38.60 -48.68
CA LEU C 321 -3.06 39.03 -48.94
C LEU C 321 -3.60 39.91 -47.82
N PRO C 322 -3.45 39.56 -46.52
CA PRO C 322 -4.05 40.42 -45.48
C PRO C 322 -3.20 41.64 -45.18
N GLY C 323 -2.47 42.13 -46.19
CA GLY C 323 -1.57 43.26 -46.03
C GLY C 323 -2.19 44.49 -45.40
N GLY C 324 -1.35 45.33 -44.81
CA GLY C 324 -1.81 46.53 -44.15
C GLY C 324 -0.86 47.04 -43.08
N THR C 325 0.13 47.84 -43.49
CA THR C 325 1.10 48.42 -42.57
C THR C 325 1.29 49.90 -42.88
N SER C 326 1.32 50.71 -41.82
CA SER C 326 1.38 52.16 -41.93
C SER C 326 2.25 52.73 -40.81
N PHE C 327 2.68 53.97 -41.04
CA PHE C 327 3.37 54.78 -40.04
C PHE C 327 2.30 55.49 -39.20
N MET C 328 2.32 55.28 -37.89
CA MET C 328 1.26 55.76 -37.02
C MET C 328 1.81 56.65 -35.90
N GLU C 329 0.97 57.54 -35.40
CA GLU C 329 1.29 58.34 -34.24
C GLU C 329 0.05 58.40 -33.35
N ASP C 330 0.15 57.88 -32.13
CA ASP C 330 -0.97 57.87 -31.20
C ASP C 330 -1.42 59.29 -30.89
N TYR C 331 -2.54 59.72 -31.48
CA TYR C 331 -2.91 61.13 -31.46
C TYR C 331 -3.86 61.49 -30.34
N THR C 332 -4.93 60.73 -30.11
CA THR C 332 -5.87 61.12 -29.06
C THR C 332 -6.54 59.88 -28.48
N TYR C 333 -7.14 60.05 -27.31
CA TYR C 333 -7.77 58.95 -26.58
C TYR C 333 -9.28 59.12 -26.52
N HIS C 334 -9.95 58.02 -26.18
CA HIS C 334 -11.38 58.00 -25.88
C HIS C 334 -11.53 57.33 -24.52
N LEU C 335 -11.90 58.10 -23.51
CA LEU C 335 -11.79 57.69 -22.11
C LEU C 335 -13.11 57.23 -21.53
N THR C 336 -13.99 56.65 -22.34
CA THR C 336 -15.18 56.03 -21.78
C THR C 336 -14.78 54.77 -21.03
N PRO C 337 -15.40 54.48 -19.87
CA PRO C 337 -14.89 53.40 -19.01
C PRO C 337 -14.85 52.03 -19.67
N GLY C 338 -15.94 51.59 -20.29
CA GLY C 338 -16.01 50.25 -20.83
C GLY C 338 -15.44 50.11 -22.23
N ASN C 339 -15.43 51.19 -22.99
CA ASN C 339 -15.03 51.18 -24.40
C ASN C 339 -13.96 52.24 -24.65
N GLU C 340 -12.91 52.20 -23.84
CA GLU C 340 -11.81 53.16 -23.98
C GLU C 340 -10.99 52.82 -25.22
N LEU C 341 -10.86 53.77 -26.13
CA LEU C 341 -10.20 53.53 -27.41
C LEU C 341 -9.08 54.53 -27.60
N VAL C 342 -8.39 54.41 -28.74
CA VAL C 342 -7.39 55.42 -29.08
C VAL C 342 -7.42 55.68 -30.58
N LEU C 343 -7.50 56.96 -30.94
CA LEU C 343 -7.60 57.42 -32.32
C LEU C 343 -6.20 57.80 -32.80
N GLY C 344 -5.71 57.04 -33.77
CA GLY C 344 -4.38 57.24 -34.33
C GLY C 344 -4.46 57.88 -35.72
N ALA C 345 -3.55 58.82 -35.96
CA ALA C 345 -3.45 59.54 -37.22
C ALA C 345 -2.12 60.29 -37.22
N HIS C 346 -1.85 61.01 -38.31
CA HIS C 346 -0.70 61.90 -38.38
C HIS C 346 -1.12 63.27 -38.90
N MET C 347 -0.15 64.10 -39.29
CA MET C 347 -0.49 65.39 -39.89
C MET C 347 -0.83 65.24 -41.37
N LEU C 348 -0.26 64.24 -42.05
CA LEU C 348 -0.51 64.03 -43.47
C LEU C 348 -0.29 62.56 -43.85
N GLU C 349 0.82 61.99 -43.41
CA GLU C 349 1.35 60.75 -43.97
C GLU C 349 0.76 59.55 -43.24
N VAL C 350 -0.22 58.91 -43.86
CA VAL C 350 -0.75 57.62 -43.42
C VAL C 350 -0.83 56.71 -44.64
N CYS C 351 -0.29 55.50 -44.51
CA CYS C 351 -0.19 54.60 -45.66
C CYS C 351 -1.59 54.18 -46.13
N PRO C 352 -1.84 54.18 -47.44
CA PRO C 352 -3.15 53.77 -47.96
C PRO C 352 -3.37 52.26 -48.01
N THR C 353 -2.51 51.46 -47.38
CA THR C 353 -2.71 50.01 -47.36
C THR C 353 -3.68 49.58 -46.28
N ILE C 354 -3.72 50.30 -45.16
CA ILE C 354 -4.64 50.02 -44.06
C ILE C 354 -5.98 50.67 -44.34
N ALA C 355 -6.15 51.19 -45.55
CA ALA C 355 -7.36 51.93 -45.91
C ALA C 355 -8.57 51.00 -46.07
N LYS C 356 -8.52 50.11 -47.05
CA LYS C 356 -9.60 49.15 -47.32
C LYS C 356 -10.88 49.89 -47.69
N GLU C 357 -10.76 50.74 -48.71
CA GLU C 357 -11.81 51.59 -49.24
C GLU C 357 -11.17 52.33 -50.40
N LYS C 358 -11.67 53.52 -50.73
CA LYS C 358 -10.99 54.33 -51.71
C LYS C 358 -10.47 55.54 -50.96
N PRO C 359 -9.14 55.71 -50.86
CA PRO C 359 -8.60 56.92 -50.25
C PRO C 359 -9.09 58.11 -51.05
N ARG C 360 -9.59 59.11 -50.36
CA ARG C 360 -10.10 60.31 -51.01
C ARG C 360 -9.09 61.44 -50.84
N ILE C 361 -8.67 62.04 -51.95
CA ILE C 361 -7.74 63.16 -51.87
C ILE C 361 -8.47 64.38 -51.33
N GLU C 362 -7.87 65.02 -50.35
CA GLU C 362 -8.35 66.25 -49.78
C GLU C 362 -7.17 67.14 -49.47
N VAL C 363 -7.38 68.45 -49.56
CA VAL C 363 -6.39 69.42 -49.14
C VAL C 363 -7.03 70.30 -48.07
N HIS C 364 -6.26 70.59 -47.03
CA HIS C 364 -6.78 71.30 -45.88
C HIS C 364 -5.69 72.21 -45.33
N PRO C 365 -6.06 73.31 -44.68
CA PRO C 365 -5.07 74.21 -44.10
C PRO C 365 -4.24 73.52 -43.01
N LEU C 366 -2.93 73.52 -43.20
CA LEU C 366 -1.99 72.93 -42.25
C LEU C 366 -0.85 73.92 -42.07
N SER C 367 -0.83 74.58 -40.91
CA SER C 367 0.18 75.59 -40.62
C SER C 367 1.45 75.00 -40.04
N ILE C 368 1.50 73.69 -39.80
CA ILE C 368 2.68 73.07 -39.22
C ILE C 368 3.83 73.16 -40.20
N GLY C 369 4.88 73.86 -39.81
CA GLY C 369 6.06 74.07 -40.64
C GLY C 369 5.94 75.18 -41.65
N GLY C 370 4.76 75.78 -41.84
CA GLY C 370 4.66 77.00 -42.61
C GLY C 370 4.85 76.93 -44.11
N LYS C 371 4.03 76.18 -44.85
CA LYS C 371 4.14 76.18 -46.29
C LYS C 371 2.77 76.38 -46.95
N ALA C 372 2.68 76.04 -48.23
CA ALA C 372 1.53 76.37 -49.07
C ALA C 372 0.61 75.16 -49.29
N ASP C 373 -0.36 75.00 -48.40
CA ASP C 373 -1.43 74.01 -48.41
C ASP C 373 -1.07 72.62 -48.95
N PRO C 374 -0.81 71.64 -48.09
CA PRO C 374 -0.47 70.30 -48.58
C PRO C 374 -1.69 69.43 -48.83
N ALA C 375 -1.51 68.45 -49.72
CA ALA C 375 -2.52 67.45 -50.03
C ALA C 375 -2.40 66.26 -49.08
N ARG C 376 -3.47 65.46 -49.01
CA ARG C 376 -3.49 64.29 -48.13
C ARG C 376 -4.57 63.32 -48.60
N LEU C 377 -4.42 62.07 -48.17
CA LEU C 377 -5.40 61.02 -48.40
C LEU C 377 -6.22 60.77 -47.14
N VAL C 378 -7.54 60.64 -47.31
CA VAL C 378 -8.47 60.45 -46.21
C VAL C 378 -9.16 59.10 -46.36
N PHE C 379 -9.17 58.33 -45.29
CA PHE C 379 -9.81 57.02 -45.27
C PHE C 379 -9.88 56.54 -43.84
N ASP C 380 -10.79 55.60 -43.60
CA ASP C 380 -10.94 55.00 -42.29
C ASP C 380 -10.04 53.76 -42.17
N GLY C 381 -9.79 53.36 -40.93
CA GLY C 381 -8.89 52.26 -40.67
C GLY C 381 -9.49 50.90 -41.01
N GLN C 382 -8.62 49.89 -40.96
CA GLN C 382 -8.97 48.52 -41.26
C GLN C 382 -9.49 47.81 -40.00
N GLU C 383 -10.20 46.70 -40.22
CA GLU C 383 -10.75 45.92 -39.12
C GLU C 383 -9.80 44.78 -38.73
N GLY C 384 -10.11 44.13 -37.61
CA GLY C 384 -9.35 42.99 -37.14
C GLY C 384 -8.27 43.33 -36.14
N PRO C 385 -7.51 42.31 -35.74
CA PRO C 385 -6.40 42.53 -34.81
C PRO C 385 -5.18 43.06 -35.54
N ALA C 386 -4.38 43.85 -34.82
CA ALA C 386 -3.17 44.44 -35.39
C ALA C 386 -2.12 44.57 -34.30
N VAL C 387 -0.95 45.06 -34.69
CA VAL C 387 0.16 45.30 -33.77
C VAL C 387 0.68 46.70 -33.99
N ASN C 388 1.29 47.26 -32.95
CA ASN C 388 1.84 48.61 -32.96
C ASN C 388 3.23 48.54 -32.36
N ALA C 389 4.26 48.69 -33.19
CA ALA C 389 5.64 48.49 -32.74
C ALA C 389 6.40 49.82 -32.71
N SER C 390 7.53 49.80 -32.01
CA SER C 390 8.38 50.98 -31.90
C SER C 390 9.76 50.53 -31.44
N ILE C 391 10.79 50.90 -32.19
CA ILE C 391 12.17 50.67 -31.81
C ILE C 391 12.69 51.95 -31.17
N VAL C 392 13.39 51.82 -30.05
CA VAL C 392 13.89 53.00 -29.37
C VAL C 392 15.30 52.73 -28.85
N ASP C 393 16.13 53.77 -28.89
CA ASP C 393 17.53 53.68 -28.50
C ASP C 393 17.64 53.92 -27.00
N MET C 394 18.37 53.04 -26.32
CA MET C 394 18.51 53.08 -24.87
C MET C 394 19.95 53.41 -24.47
N GLY C 395 20.67 54.11 -25.34
CA GLY C 395 22.05 54.48 -25.07
C GLY C 395 23.07 53.46 -25.50
N ASN C 396 23.10 52.31 -24.83
CA ASN C 396 24.04 51.25 -25.15
C ASN C 396 23.48 50.23 -26.13
N ARG C 397 22.16 50.22 -26.34
CA ARG C 397 21.51 49.22 -27.18
C ARG C 397 20.12 49.71 -27.55
N PHE C 398 19.50 49.00 -28.48
CA PHE C 398 18.12 49.24 -28.91
C PHE C 398 17.17 48.27 -28.23
N ARG C 399 15.93 48.72 -28.04
CA ARG C 399 14.88 47.81 -27.59
C ARG C 399 13.65 48.01 -28.48
N LEU C 400 12.94 46.91 -28.70
CA LEU C 400 11.76 46.88 -29.56
C LEU C 400 10.54 46.62 -28.69
N VAL C 401 9.67 47.62 -28.56
CA VAL C 401 8.40 47.48 -27.83
C VAL C 401 7.29 47.24 -28.84
N VAL C 402 6.43 46.27 -28.58
CA VAL C 402 5.34 45.93 -29.50
C VAL C 402 4.08 45.68 -28.68
N ASN C 403 2.97 46.27 -29.14
CA ASN C 403 1.68 46.17 -28.45
C ASN C 403 0.68 45.51 -29.39
N LYS C 404 0.08 44.41 -28.95
CA LYS C 404 -1.00 43.78 -29.70
C LYS C 404 -2.31 44.51 -29.39
N VAL C 405 -3.02 44.92 -30.44
CA VAL C 405 -4.23 45.71 -30.29
C VAL C 405 -5.35 45.10 -31.13
N LEU C 406 -6.58 45.50 -30.81
CA LEU C 406 -7.77 45.05 -31.54
C LEU C 406 -8.45 46.27 -32.15
N SER C 407 -8.42 46.38 -33.49
CA SER C 407 -9.03 47.51 -34.16
C SER C 407 -10.54 47.35 -34.28
N VAL C 408 -11.24 48.47 -34.18
CA VAL C 408 -12.70 48.48 -34.22
C VAL C 408 -13.14 49.38 -35.38
N PRO C 409 -14.28 49.13 -36.00
CA PRO C 409 -14.75 50.01 -37.08
C PRO C 409 -15.18 51.37 -36.53
N ILE C 410 -14.98 52.40 -37.36
CA ILE C 410 -15.30 53.77 -36.96
C ILE C 410 -16.81 53.95 -37.01
N GLU C 411 -17.43 54.21 -35.86
CA GLU C 411 -18.89 54.34 -35.79
C GLU C 411 -19.39 55.76 -36.06
N ARG C 412 -18.76 56.76 -35.45
CA ARG C 412 -19.21 58.14 -35.58
C ARG C 412 -18.35 58.84 -36.61
N LYS C 413 -18.93 59.87 -37.22
CA LYS C 413 -18.26 60.57 -38.29
C LYS C 413 -17.43 61.74 -37.76
N MET C 414 -16.39 62.08 -38.51
CA MET C 414 -15.46 63.16 -38.17
C MET C 414 -15.39 64.09 -39.37
N PRO C 415 -16.20 65.15 -39.39
CA PRO C 415 -16.21 66.02 -40.58
C PRO C 415 -14.97 66.89 -40.70
N LYS C 416 -14.38 67.29 -39.59
CA LYS C 416 -13.28 68.25 -39.59
C LYS C 416 -11.90 67.60 -39.49
N LEU C 417 -11.82 66.29 -39.32
CA LEU C 417 -10.52 65.64 -39.25
C LEU C 417 -9.99 65.40 -40.66
N PRO C 418 -8.88 66.04 -41.05
CA PRO C 418 -8.44 65.95 -42.45
C PRO C 418 -7.60 64.72 -42.74
N THR C 419 -7.07 64.08 -41.71
CA THR C 419 -6.13 62.98 -41.89
C THR C 419 -6.80 61.63 -41.63
N ALA C 420 -6.33 60.61 -42.35
CA ALA C 420 -6.81 59.26 -42.16
C ALA C 420 -6.51 58.78 -40.74
N ARG C 421 -7.39 57.92 -40.22
CA ARG C 421 -7.37 57.58 -38.81
C ARG C 421 -7.76 56.12 -38.62
N VAL C 422 -7.32 55.56 -37.48
CA VAL C 422 -7.71 54.22 -37.07
C VAL C 422 -8.09 54.26 -35.60
N LEU C 423 -9.02 53.38 -35.21
CA LEU C 423 -9.45 53.26 -33.82
C LEU C 423 -9.21 51.84 -33.33
N TRP C 424 -8.65 51.73 -32.13
CA TRP C 424 -8.33 50.41 -31.60
C TRP C 424 -8.32 50.42 -30.07
N LYS C 425 -8.33 49.20 -29.53
CA LYS C 425 -8.26 48.88 -28.11
C LYS C 425 -6.90 48.28 -27.81
N PRO C 426 -6.12 48.85 -26.89
CA PRO C 426 -4.85 48.22 -26.50
C PRO C 426 -5.10 47.02 -25.60
N LEU C 427 -4.53 45.87 -25.98
CA LEU C 427 -4.72 44.68 -25.16
C LEU C 427 -3.70 44.68 -24.02
N PRO C 428 -4.11 44.29 -22.80
CA PRO C 428 -5.49 43.89 -22.47
C PRO C 428 -6.38 45.09 -22.12
N ASP C 429 -5.82 46.05 -21.39
CA ASP C 429 -6.54 47.25 -20.99
C ASP C 429 -5.76 48.46 -21.48
N PHE C 430 -6.50 49.54 -21.80
CA PHE C 430 -5.85 50.76 -22.24
C PHE C 430 -4.94 51.33 -21.16
N LYS C 431 -5.39 51.29 -19.90
CA LYS C 431 -4.57 51.77 -18.80
C LYS C 431 -3.32 50.94 -18.64
N ARG C 432 -3.48 49.61 -18.57
CA ARG C 432 -2.35 48.72 -18.36
C ARG C 432 -1.37 48.77 -19.53
N ALA C 433 -1.88 48.65 -20.75
CA ALA C 433 -1.01 48.64 -21.92
C ALA C 433 -0.30 49.97 -22.10
N THR C 434 -0.98 51.09 -21.78
CA THR C 434 -0.33 52.38 -21.97
C THR C 434 0.68 52.67 -20.86
N THR C 435 0.39 52.26 -19.62
CA THR C 435 1.37 52.44 -18.56
C THR C 435 2.58 51.52 -18.76
N ALA C 436 2.39 50.38 -19.41
CA ALA C 436 3.53 49.53 -19.73
C ALA C 436 4.28 50.08 -20.93
N TRP C 437 3.58 50.71 -21.87
CA TRP C 437 4.26 51.37 -22.97
C TRP C 437 5.13 52.52 -22.48
N ILE C 438 4.64 53.25 -21.47
CA ILE C 438 5.43 54.35 -20.94
C ILE C 438 6.60 53.83 -20.11
N LEU C 439 6.39 52.75 -19.36
CA LEU C 439 7.50 52.16 -18.61
C LEU C 439 8.62 51.72 -19.55
N ALA C 440 8.27 51.06 -20.65
CA ALA C 440 9.30 50.62 -21.59
C ALA C 440 9.92 51.77 -22.36
N GLY C 441 9.37 52.97 -22.28
CA GLY C 441 9.91 54.10 -23.00
C GLY C 441 9.67 54.07 -24.49
N GLY C 442 8.48 53.64 -24.91
CA GLY C 442 8.17 53.57 -26.32
C GLY C 442 7.98 54.97 -26.91
N SER C 443 8.47 55.16 -28.12
CA SER C 443 8.32 56.44 -28.79
C SER C 443 6.87 56.70 -29.16
N HIS C 444 6.56 57.97 -29.42
CA HIS C 444 5.22 58.32 -29.88
C HIS C 444 5.02 57.94 -31.34
N HIS C 445 6.07 57.98 -32.16
CA HIS C 445 5.99 57.52 -33.53
C HIS C 445 6.10 55.99 -33.54
N THR C 446 5.08 55.32 -34.05
CA THR C 446 5.04 53.87 -34.07
C THR C 446 4.82 53.36 -35.49
N ALA C 447 4.86 52.04 -35.61
CA ALA C 447 4.67 51.31 -36.87
C ALA C 447 3.45 50.42 -36.65
N PHE C 448 2.31 50.87 -37.15
CA PHE C 448 1.06 50.11 -37.06
C PHE C 448 1.02 49.09 -38.19
N SER C 449 0.63 47.85 -37.88
CA SER C 449 0.60 46.84 -38.92
C SER C 449 -0.50 45.84 -38.65
N THR C 450 -1.29 45.55 -39.69
CA THR C 450 -2.33 44.54 -39.61
C THR C 450 -1.96 43.25 -40.32
N ALA C 451 -0.89 43.25 -41.10
CA ALA C 451 -0.52 42.10 -41.93
C ALA C 451 0.29 41.05 -41.20
N ILE C 452 0.84 41.37 -40.02
CA ILE C 452 1.74 40.46 -39.35
C ILE C 452 1.28 40.25 -37.92
N ASP C 453 1.82 39.19 -37.31
CA ASP C 453 1.58 38.87 -35.91
C ASP C 453 2.80 39.26 -35.08
N VAL C 454 2.67 39.11 -33.76
CA VAL C 454 3.80 39.36 -32.87
C VAL C 454 4.93 38.37 -33.12
N GLU C 455 4.62 37.19 -33.65
CA GLU C 455 5.63 36.19 -33.97
C GLU C 455 6.68 36.74 -34.93
N TYR C 456 6.25 37.58 -35.89
CA TYR C 456 7.18 38.15 -36.86
C TYR C 456 8.22 39.01 -36.18
N LEU C 457 7.77 40.00 -35.40
CA LEU C 457 8.70 40.89 -34.73
C LEU C 457 9.52 40.15 -33.68
N ILE C 458 8.98 39.06 -33.12
CA ILE C 458 9.73 38.32 -32.14
C ILE C 458 10.92 37.62 -32.80
N ASP C 459 10.73 37.10 -34.02
CA ASP C 459 11.87 36.52 -34.71
C ASP C 459 12.80 37.58 -35.29
N TRP C 460 12.25 38.75 -35.64
CA TRP C 460 13.10 39.84 -36.10
C TRP C 460 14.04 40.30 -34.99
N ALA C 461 13.51 40.50 -33.79
CA ALA C 461 14.34 40.95 -32.68
C ALA C 461 15.30 39.87 -32.21
N GLU C 462 14.87 38.60 -32.23
CA GLU C 462 15.79 37.54 -31.82
C GLU C 462 16.94 37.35 -32.81
N ALA C 463 16.66 37.50 -34.11
CA ALA C 463 17.72 37.27 -35.10
C ALA C 463 18.78 38.37 -35.08
N LEU C 464 18.39 39.59 -34.75
CA LEU C 464 19.34 40.70 -34.72
C LEU C 464 19.92 40.94 -33.32
N GLU C 465 19.51 40.17 -32.32
CA GLU C 465 20.05 40.24 -30.96
C GLU C 465 19.76 41.61 -30.31
N ILE C 466 18.50 42.02 -30.35
CA ILE C 466 18.06 43.19 -29.61
C ILE C 466 16.94 42.76 -28.68
N GLU C 467 16.75 43.52 -27.61
CA GLU C 467 15.71 43.21 -26.65
C GLU C 467 14.33 43.47 -27.26
N TYR C 468 13.40 42.56 -26.96
CA TYR C 468 12.00 42.71 -27.36
C TYR C 468 11.13 42.58 -26.12
N VAL C 469 10.10 43.42 -26.03
CA VAL C 469 9.13 43.38 -24.94
C VAL C 469 7.73 43.44 -25.56
N VAL C 470 6.91 42.45 -25.25
CA VAL C 470 5.59 42.32 -25.85
C VAL C 470 4.54 42.67 -24.80
N ILE C 471 3.42 43.20 -25.27
CA ILE C 471 2.30 43.56 -24.41
C ILE C 471 1.09 42.72 -24.80
N ASP C 472 1.21 41.41 -24.64
CA ASP C 472 0.15 40.48 -25.01
C ASP C 472 -1.05 40.63 -24.08
N GLU C 473 -2.05 39.78 -24.31
CA GLU C 473 -3.20 39.72 -23.41
C GLU C 473 -2.79 39.26 -22.03
N ASN C 474 -1.80 38.37 -21.95
CA ASN C 474 -1.28 37.88 -20.68
C ASN C 474 -0.34 38.88 -20.01
N LEU C 475 -0.67 40.17 -20.05
CA LEU C 475 0.19 41.22 -19.53
C LEU C 475 -0.06 41.38 -18.03
N ASP C 476 0.95 41.07 -17.23
CA ASP C 476 0.94 41.35 -15.80
C ASP C 476 1.90 42.50 -15.53
N LEU C 477 1.38 43.58 -14.96
CA LEU C 477 2.15 44.82 -14.89
C LEU C 477 3.40 44.64 -14.02
N GLU C 478 3.26 43.91 -12.91
CA GLU C 478 4.38 43.70 -12.00
C GLU C 478 5.47 42.87 -12.68
N ASP C 479 5.06 41.83 -13.42
CA ASP C 479 6.01 41.00 -14.14
C ASP C 479 6.69 41.78 -15.26
N PHE C 480 5.97 42.69 -15.91
CA PHE C 480 6.59 43.52 -16.93
C PHE C 480 7.63 44.45 -16.30
N LYS C 481 7.31 44.95 -15.11
CA LYS C 481 8.25 45.79 -14.38
C LYS C 481 9.54 45.04 -14.09
N LYS C 482 9.42 43.82 -13.57
CA LYS C 482 10.62 43.02 -13.30
C LYS C 482 11.33 42.62 -14.59
N GLU C 483 10.57 42.33 -15.65
CA GLU C 483 11.18 41.89 -16.90
C GLU C 483 12.10 42.94 -17.48
N LEU C 484 11.70 44.22 -17.38
CA LEU C 484 12.53 45.28 -17.96
C LEU C 484 13.90 45.32 -17.29
N ARG C 485 13.91 45.25 -15.96
CA ARG C 485 15.18 45.39 -15.24
C ARG C 485 16.01 44.12 -15.28
N TRP C 486 15.39 42.95 -15.32
CA TRP C 486 16.18 41.74 -15.51
C TRP C 486 16.82 41.72 -16.89
N ASN C 487 16.13 42.27 -17.90
CA ASN C 487 16.72 42.30 -19.22
C ASN C 487 17.83 43.34 -19.32
N GLU C 488 17.76 44.41 -18.54
CA GLU C 488 18.73 45.50 -18.72
C GLU C 488 20.18 45.03 -18.59
N LEU C 489 20.45 43.97 -17.83
CA LEU C 489 21.83 43.54 -17.68
C LEU C 489 22.24 42.45 -18.67
N TYR C 490 21.31 41.62 -19.12
CA TYR C 490 21.66 40.58 -20.09
C TYR C 490 22.06 41.20 -21.42
N TRP C 491 21.26 42.14 -21.92
CA TRP C 491 21.58 42.82 -23.16
C TRP C 491 22.57 43.95 -22.97
N GLY C 492 22.89 44.31 -21.73
CA GLY C 492 23.83 45.39 -21.45
C GLY C 492 25.28 44.97 -21.62
N LEU C 493 25.68 43.93 -20.91
CA LEU C 493 27.03 43.40 -21.03
C LEU C 493 27.10 42.33 -22.13
N LEU C 494 26.38 41.23 -21.95
CA LEU C 494 26.30 40.22 -22.97
C LEU C 494 25.44 40.69 -24.14
N LYS C 495 25.58 40.02 -25.27
CA LYS C 495 24.75 40.30 -26.43
C LYS C 495 24.57 39.03 -27.28
N MET D 1 34.69 89.91 -26.58
CA MET D 1 34.75 89.58 -25.15
C MET D 1 33.45 88.95 -24.67
N ILE D 2 33.57 87.74 -24.10
CA ILE D 2 32.43 86.96 -23.63
C ILE D 2 32.97 85.80 -22.79
N ASP D 3 33.49 86.09 -21.60
CA ASP D 3 34.07 85.05 -20.77
C ASP D 3 33.82 85.29 -19.28
N LEU D 4 34.30 84.35 -18.47
CA LEU D 4 34.04 84.23 -17.04
C LEU D 4 34.56 85.42 -16.25
N LYS D 5 34.16 85.43 -14.97
CA LYS D 5 34.45 86.41 -13.93
C LYS D 5 33.22 86.44 -13.01
N GLN D 6 32.05 86.21 -13.60
CA GLN D 6 30.80 86.27 -12.87
C GLN D 6 30.63 85.12 -11.89
N TYR D 7 31.26 83.98 -12.16
CA TYR D 7 31.08 82.80 -11.33
C TYR D 7 31.75 82.95 -9.97
N GLU D 8 31.06 82.49 -8.93
CA GLU D 8 31.57 82.53 -7.57
C GLU D 8 31.66 81.10 -7.04
N PHE D 9 32.61 80.88 -6.11
CA PHE D 9 32.81 79.56 -5.53
C PHE D 9 32.58 79.62 -4.03
N TRP D 10 31.85 78.64 -3.52
CA TRP D 10 31.38 78.63 -2.13
C TRP D 10 32.38 77.87 -1.27
N PHE D 11 33.13 78.61 -0.45
CA PHE D 11 33.97 77.97 0.55
C PHE D 11 33.09 77.52 1.71
N LEU D 12 33.30 76.29 2.15
CA LEU D 12 32.42 75.63 3.11
C LEU D 12 33.29 75.02 4.20
N VAL D 13 33.10 75.49 5.43
CA VAL D 13 33.86 75.05 6.59
C VAL D 13 32.94 74.21 7.46
N GLY D 14 33.50 73.16 8.05
CA GLY D 14 32.70 72.18 8.79
C GLY D 14 33.02 72.13 10.26
N SER D 15 31.97 72.00 11.07
CA SER D 15 32.07 71.82 12.52
C SER D 15 30.84 71.04 12.98
N GLN D 16 30.57 71.05 14.28
CA GLN D 16 29.38 70.42 14.82
C GLN D 16 28.82 71.27 15.96
N TYR D 17 27.52 71.10 16.21
CA TYR D 17 26.84 71.84 17.28
C TYR D 17 27.27 71.42 18.67
N LEU D 18 27.83 70.21 18.81
CA LEU D 18 28.27 69.72 20.12
C LEU D 18 29.59 70.37 20.55
N TYR D 19 29.71 71.68 20.34
CA TYR D 19 30.91 72.43 20.67
C TYR D 19 30.52 73.72 21.38
N GLY D 20 31.52 74.32 22.02
CA GLY D 20 31.31 75.62 22.63
C GLY D 20 31.14 76.68 21.56
N LEU D 21 30.24 77.63 21.82
CA LEU D 21 29.96 78.68 20.84
C LEU D 21 31.14 79.62 20.61
N GLU D 22 32.15 79.61 21.48
CA GLU D 22 33.34 80.45 21.30
C GLU D 22 34.30 79.88 20.26
N THR D 23 34.57 78.58 20.31
CA THR D 23 35.50 78.03 19.34
C THR D 23 34.89 78.00 17.95
N LEU D 24 33.56 78.05 17.86
CA LEU D 24 32.93 78.19 16.55
C LEU D 24 33.23 79.56 15.97
N LYS D 25 33.22 80.60 16.81
CA LYS D 25 33.58 81.93 16.32
C LYS D 25 35.07 82.00 16.00
N LYS D 26 35.91 81.24 16.70
CA LYS D 26 37.31 81.21 16.31
C LYS D 26 37.48 80.55 14.94
N VAL D 27 36.69 79.51 14.67
CA VAL D 27 36.73 78.88 13.34
C VAL D 27 36.22 79.86 12.28
N GLU D 28 35.14 80.57 12.57
CA GLU D 28 34.59 81.53 11.62
C GLU D 28 35.61 82.63 11.30
N GLN D 29 36.28 83.17 12.33
CA GLN D 29 37.23 84.24 12.10
C GLN D 29 38.44 83.75 11.32
N GLN D 30 38.91 82.54 11.64
CA GLN D 30 40.07 82.02 10.92
C GLN D 30 39.70 81.72 9.47
N ALA D 31 38.50 81.18 9.23
CA ALA D 31 38.06 80.92 7.88
C ALA D 31 37.90 82.22 7.09
N SER D 32 37.43 83.28 7.74
CA SER D 32 37.35 84.57 7.06
C SER D 32 38.74 85.07 6.69
N LYS D 33 39.71 84.90 7.60
CA LYS D 33 41.07 85.31 7.30
C LYS D 33 41.62 84.53 6.12
N ILE D 34 41.24 83.25 6.01
CA ILE D 34 41.76 82.42 4.93
C ILE D 34 41.12 82.78 3.61
N VAL D 35 39.79 82.95 3.59
CA VAL D 35 39.15 83.22 2.31
C VAL D 35 39.49 84.63 1.82
N ASP D 36 39.73 85.57 2.74
CA ASP D 36 40.10 86.92 2.30
C ASP D 36 41.52 86.91 1.74
N SER D 37 42.46 86.26 2.44
CA SER D 37 43.80 86.13 1.89
C SER D 37 43.81 85.29 0.62
N LEU D 38 42.84 84.40 0.44
CA LEU D 38 42.73 83.63 -0.78
C LEU D 38 42.29 84.49 -1.94
N ASN D 39 41.33 85.39 -1.71
CA ASN D 39 40.94 86.32 -2.77
C ASN D 39 42.04 87.31 -3.07
N ASP D 40 42.97 87.54 -2.14
CA ASP D 40 44.06 88.46 -2.45
C ASP D 40 44.97 87.91 -3.55
N ASP D 41 45.06 86.58 -3.69
CA ASP D 41 45.91 86.02 -4.75
C ASP D 41 45.21 86.13 -6.09
N PRO D 42 45.85 86.74 -7.11
CA PRO D 42 45.20 86.92 -8.41
C PRO D 42 45.22 85.69 -9.31
N ILE D 43 45.79 84.57 -8.86
CA ILE D 43 45.79 83.37 -9.70
C ILE D 43 44.37 82.84 -9.84
N PHE D 44 43.55 82.98 -8.80
CA PHE D 44 42.18 82.50 -8.86
C PHE D 44 41.38 83.34 -9.85
N PRO D 45 40.72 82.74 -10.84
CA PRO D 45 39.97 83.50 -11.83
C PRO D 45 38.58 83.93 -11.38
N SER D 46 38.14 83.53 -10.19
CA SER D 46 36.80 83.85 -9.72
C SER D 46 36.84 84.13 -8.22
N LYS D 47 35.76 84.72 -7.72
CA LYS D 47 35.67 85.10 -6.33
C LYS D 47 35.29 83.91 -5.46
N ILE D 48 35.52 84.06 -4.16
CA ILE D 48 35.16 83.07 -3.15
C ILE D 48 34.13 83.71 -2.23
N VAL D 49 33.23 82.87 -1.72
CA VAL D 49 32.14 83.30 -0.85
C VAL D 49 32.13 82.36 0.35
N LEU D 50 32.49 82.90 1.51
CA LEU D 50 32.40 82.14 2.75
C LEU D 50 30.96 82.19 3.26
N LYS D 51 30.42 81.03 3.60
CA LYS D 51 29.08 80.94 4.14
C LYS D 51 29.14 80.43 5.59
N PRO D 52 28.15 80.76 6.42
CA PRO D 52 28.28 80.49 7.86
C PRO D 52 28.63 79.03 8.14
N VAL D 53 29.44 78.83 9.18
CA VAL D 53 29.94 77.50 9.51
C VAL D 53 28.78 76.56 9.80
N LEU D 54 28.83 75.37 9.22
CA LEU D 54 27.76 74.39 9.33
C LEU D 54 27.99 73.47 10.51
N LYS D 55 26.94 73.20 11.26
CA LYS D 55 27.03 72.35 12.44
C LYS D 55 26.05 71.19 12.44
N SER D 56 24.84 71.38 11.93
CA SER D 56 23.81 70.35 11.88
C SER D 56 23.63 69.86 10.45
N SER D 57 22.87 68.76 10.31
CA SER D 57 22.65 68.17 9.00
C SER D 57 21.77 69.05 8.12
N SER D 58 20.75 69.67 8.70
CA SER D 58 19.85 70.49 7.92
C SER D 58 20.58 71.70 7.33
N GLU D 59 21.54 72.23 8.08
CA GLU D 59 22.35 73.34 7.57
C GLU D 59 23.19 72.88 6.39
N ILE D 60 23.68 71.63 6.42
CA ILE D 60 24.44 71.08 5.30
C ILE D 60 23.57 71.04 4.04
N THR D 61 22.39 70.44 4.16
CA THR D 61 21.53 70.30 2.98
C THR D 61 21.03 71.64 2.48
N GLU D 62 20.81 72.61 3.37
CA GLU D 62 20.36 73.92 2.91
C GLU D 62 21.40 74.58 2.02
N ILE D 63 22.67 74.49 2.41
CA ILE D 63 23.73 75.11 1.60
C ILE D 63 23.88 74.39 0.27
N PHE D 64 23.83 73.05 0.28
CA PHE D 64 23.95 72.39 -1.03
C PHE D 64 22.75 72.66 -1.94
N GLU D 65 21.55 72.81 -1.37
CA GLU D 65 20.40 73.17 -2.17
C GLU D 65 20.56 74.57 -2.78
N LYS D 66 21.04 75.52 -1.97
CA LYS D 66 21.25 76.86 -2.53
C LYS D 66 22.40 76.88 -3.52
N ALA D 67 23.37 75.96 -3.38
CA ALA D 67 24.46 75.87 -4.34
C ALA D 67 23.96 75.37 -5.68
N ASN D 68 23.01 74.43 -5.66
CA ASN D 68 22.41 73.98 -6.91
C ASN D 68 21.36 74.95 -7.44
N ALA D 69 20.90 75.90 -6.63
CA ALA D 69 19.89 76.85 -7.08
C ALA D 69 20.50 78.10 -7.69
N ASP D 70 21.59 78.62 -7.11
CA ASP D 70 22.22 79.84 -7.61
C ASP D 70 23.03 79.53 -8.86
N PRO D 71 22.66 80.07 -10.02
CA PRO D 71 23.43 79.77 -11.24
C PRO D 71 24.82 80.39 -11.26
N LYS D 72 25.08 81.41 -10.43
CA LYS D 72 26.41 81.99 -10.38
C LYS D 72 27.39 81.10 -9.64
N CYS D 73 26.90 80.16 -8.83
CA CYS D 73 27.76 79.19 -8.17
C CYS D 73 28.19 78.13 -9.16
N ALA D 74 29.50 77.90 -9.28
CA ALA D 74 30.03 76.91 -10.20
C ALA D 74 30.94 75.90 -9.52
N GLY D 75 30.93 75.84 -8.19
CA GLY D 75 31.77 74.91 -7.47
C GLY D 75 31.69 75.10 -5.96
N VAL D 76 32.07 74.08 -5.20
CA VAL D 76 32.06 74.12 -3.75
C VAL D 76 33.38 73.58 -3.24
N ILE D 77 34.03 74.32 -2.34
CA ILE D 77 35.29 73.92 -1.73
C ILE D 77 35.01 73.57 -0.28
N VAL D 78 35.27 72.32 0.10
CA VAL D 78 34.91 71.79 1.41
C VAL D 78 36.15 71.59 2.25
N TRP D 79 36.11 72.07 3.49
CA TRP D 79 37.22 71.92 4.42
C TRP D 79 36.68 71.80 5.84
N MET D 80 37.12 70.75 6.54
CA MET D 80 36.74 70.53 7.94
C MET D 80 37.81 71.16 8.81
N HIS D 81 37.49 72.32 9.39
CA HIS D 81 38.41 72.97 10.31
C HIS D 81 38.58 72.11 11.56
N THR D 82 37.48 71.64 12.11
CA THR D 82 37.48 70.71 13.24
C THR D 82 36.76 69.44 12.80
N PHE D 83 36.69 68.47 13.72
CA PHE D 83 36.07 67.18 13.43
C PHE D 83 34.56 67.35 13.28
N SER D 84 34.08 67.30 12.05
CA SER D 84 32.65 67.33 11.77
C SER D 84 32.20 65.94 11.33
N PRO D 85 31.33 65.29 12.08
CA PRO D 85 30.92 63.92 11.73
C PRO D 85 30.26 63.84 10.36
N SER D 86 30.61 62.79 9.61
CA SER D 86 30.25 62.70 8.21
C SER D 86 28.79 62.30 7.98
N LYS D 87 28.17 61.60 8.94
CA LYS D 87 26.78 61.19 8.75
C LYS D 87 25.84 62.38 8.64
N MET D 88 26.27 63.56 9.06
CA MET D 88 25.48 64.77 8.83
C MET D 88 25.54 65.25 7.39
N TRP D 89 26.65 64.97 6.70
CA TRP D 89 26.85 65.46 5.35
C TRP D 89 26.21 64.58 4.28
N ILE D 90 25.69 63.41 4.64
CA ILE D 90 25.21 62.48 3.62
C ILE D 90 24.05 63.11 2.85
N ARG D 91 23.06 63.63 3.59
CA ARG D 91 21.92 64.25 2.92
C ARG D 91 22.36 65.45 2.11
N GLY D 92 23.44 66.10 2.52
CA GLY D 92 23.91 67.26 1.78
C GLY D 92 24.64 66.84 0.55
N LEU D 93 25.44 65.78 0.64
CA LEU D 93 26.18 65.30 -0.52
C LEU D 93 25.31 64.50 -1.48
N SER D 94 24.20 63.95 -1.00
CA SER D 94 23.32 63.15 -1.84
C SER D 94 22.41 64.00 -2.71
N ILE D 95 22.55 65.33 -2.69
CA ILE D 95 21.68 66.20 -3.46
C ILE D 95 22.44 67.09 -4.43
N ASN D 96 23.72 67.37 -4.20
CA ASN D 96 24.43 68.30 -5.05
C ASN D 96 24.99 67.62 -6.29
N LYS D 97 25.01 68.37 -7.38
CA LYS D 97 25.64 67.93 -8.61
C LYS D 97 26.74 68.90 -9.05
N LYS D 98 27.01 69.93 -8.23
CA LYS D 98 28.05 70.89 -8.50
C LYS D 98 29.43 70.27 -8.30
N PRO D 99 30.44 70.74 -9.03
CA PRO D 99 31.79 70.19 -8.83
C PRO D 99 32.27 70.40 -7.41
N LEU D 100 32.98 69.41 -6.88
CA LEU D 100 33.47 69.45 -5.51
C LEU D 100 34.99 69.50 -5.50
N LEU D 101 35.56 70.37 -4.65
CA LEU D 101 36.98 70.35 -4.35
C LEU D 101 37.16 70.20 -2.84
N HIS D 102 37.94 69.20 -2.43
CA HIS D 102 38.16 68.91 -1.02
C HIS D 102 39.50 69.50 -0.62
N LEU D 103 39.47 70.67 0.04
CA LEU D 103 40.68 71.33 0.49
C LEU D 103 41.08 70.76 1.86
N HIS D 104 42.25 70.15 1.92
CA HIS D 104 42.83 69.64 3.17
C HIS D 104 43.97 70.56 3.57
N THR D 105 43.80 71.28 4.67
CA THR D 105 44.77 72.28 5.05
C THR D 105 44.65 72.56 6.54
N GLN D 106 45.72 73.13 7.09
CA GLN D 106 45.77 73.61 8.47
C GLN D 106 46.16 75.08 8.41
N TYR D 107 45.45 75.92 9.17
CA TYR D 107 45.58 77.36 8.97
C TYR D 107 46.97 77.87 9.36
N ASN D 108 47.56 77.30 10.40
CA ASN D 108 48.90 77.68 10.82
C ASN D 108 49.91 76.71 10.23
N ARG D 109 51.05 77.25 9.78
CA ARG D 109 52.05 76.43 9.11
C ARG D 109 52.78 75.53 10.11
N GLU D 110 53.53 76.14 11.03
CA GLU D 110 54.35 75.40 11.98
C GLU D 110 53.54 75.07 13.24
N ILE D 111 54.17 74.37 14.16
CA ILE D 111 53.54 73.93 15.40
C ILE D 111 54.08 74.75 16.55
N PRO D 112 53.23 75.38 17.37
CA PRO D 112 53.72 76.01 18.60
C PRO D 112 54.23 74.96 19.58
N TRP D 113 55.51 74.59 19.46
CA TRP D 113 56.03 73.45 20.21
C TRP D 113 55.87 73.64 21.72
N ASP D 114 56.00 74.87 22.20
CA ASP D 114 55.94 75.13 23.63
C ASP D 114 54.56 75.53 24.12
N THR D 115 53.58 75.71 23.22
CA THR D 115 52.27 76.20 23.62
C THR D 115 51.13 75.35 23.06
N ILE D 116 51.42 74.15 22.57
CA ILE D 116 50.36 73.25 22.13
C ILE D 116 49.69 72.63 23.34
N ASP D 117 48.41 72.94 23.53
CA ASP D 117 47.63 72.46 24.66
C ASP D 117 46.33 71.86 24.17
N MET D 118 45.54 71.32 25.11
CA MET D 118 44.29 70.68 24.75
C MET D 118 43.23 71.67 24.27
N ASP D 119 43.34 72.94 24.65
CA ASP D 119 42.44 73.95 24.11
C ASP D 119 42.84 74.42 22.72
N TYR D 120 44.01 74.00 22.22
CA TYR D 120 44.45 74.25 20.86
C TYR D 120 44.24 73.04 19.95
N MET D 121 44.49 71.83 20.48
CA MET D 121 44.16 70.62 19.73
C MET D 121 42.66 70.50 19.52
N ASN D 122 41.86 70.98 20.47
CA ASN D 122 40.42 70.97 20.30
C ASN D 122 39.98 71.95 19.22
N LEU D 123 40.78 72.99 18.97
CA LEU D 123 40.46 73.95 17.91
C LEU D 123 40.89 73.42 16.55
N ASN D 124 42.17 73.09 16.40
CA ASN D 124 42.69 72.62 15.12
C ASN D 124 42.61 71.10 15.04
N GLN D 125 41.39 70.62 14.88
CA GLN D 125 41.14 69.20 14.60
C GLN D 125 41.12 68.93 13.11
N SER D 126 42.02 69.56 12.36
CA SER D 126 41.99 69.46 10.89
C SER D 126 42.53 68.12 10.40
N ALA D 127 43.59 67.61 11.02
CA ALA D 127 44.24 66.40 10.52
C ALA D 127 43.29 65.22 10.52
N HIS D 128 42.62 64.96 11.65
CA HIS D 128 41.66 63.87 11.75
C HIS D 128 40.23 64.35 11.56
N GLY D 129 40.06 65.58 11.10
CA GLY D 129 38.76 66.13 10.80
C GLY D 129 38.32 65.77 9.40
N ASP D 130 39.23 65.96 8.44
CA ASP D 130 38.98 65.77 7.01
C ASP D 130 39.17 64.33 6.55
N ARG D 131 39.81 63.49 7.35
CA ARG D 131 39.92 62.08 7.02
C ARG D 131 38.57 61.38 7.13
N GLU D 132 37.82 61.68 8.19
CA GLU D 132 36.46 61.18 8.35
C GLU D 132 35.57 61.64 7.20
N HIS D 133 35.82 62.84 6.69
CA HIS D 133 35.02 63.34 5.58
C HIS D 133 35.38 62.65 4.28
N GLY D 134 36.67 62.50 3.99
CA GLY D 134 37.07 61.80 2.79
C GLY D 134 36.57 60.37 2.75
N PHE D 135 36.37 59.77 3.94
CA PHE D 135 35.78 58.44 3.95
C PHE D 135 34.38 58.45 3.36
N ILE D 136 33.57 59.47 3.70
CA ILE D 136 32.20 59.47 3.22
C ILE D 136 32.16 59.69 1.71
N HIS D 137 33.19 60.32 1.14
CA HIS D 137 33.27 60.45 -0.31
C HIS D 137 33.62 59.12 -0.95
N ALA D 138 34.70 58.49 -0.48
CA ALA D 138 35.03 57.15 -0.98
C ALA D 138 33.86 56.19 -0.85
N ARG D 139 33.07 56.34 0.21
CA ARG D 139 31.93 55.46 0.45
C ARG D 139 30.79 55.74 -0.52
N MET D 140 30.45 57.01 -0.71
CA MET D 140 29.36 57.34 -1.62
C MET D 140 29.79 57.34 -3.08
N ARG D 141 31.05 57.02 -3.38
CA ARG D 141 31.56 56.97 -4.75
C ARG D 141 31.30 58.30 -5.46
N LEU D 142 31.55 59.39 -4.78
CA LEU D 142 31.28 60.71 -5.29
C LEU D 142 32.51 61.27 -5.99
N PRO D 143 32.36 61.85 -7.18
CA PRO D 143 33.53 62.41 -7.89
C PRO D 143 33.91 63.77 -7.32
N ARG D 144 35.20 63.97 -7.09
CA ARG D 144 35.69 65.24 -6.57
C ARG D 144 37.21 65.31 -6.74
N LYS D 145 37.74 66.52 -6.63
CA LYS D 145 39.17 66.76 -6.67
C LYS D 145 39.67 67.03 -5.25
N VAL D 146 40.70 66.30 -4.84
CA VAL D 146 41.28 66.42 -3.51
C VAL D 146 42.59 67.18 -3.62
N VAL D 147 42.77 68.19 -2.77
CA VAL D 147 43.97 69.02 -2.77
C VAL D 147 44.42 69.20 -1.34
N VAL D 148 45.68 68.86 -1.06
CA VAL D 148 46.25 68.91 0.28
C VAL D 148 47.45 69.83 0.27
N GLY D 149 47.55 70.66 1.30
CA GLY D 149 48.65 71.60 1.44
C GLY D 149 48.21 72.85 2.18
N HIS D 150 49.19 73.57 2.71
CA HIS D 150 48.90 74.79 3.46
C HIS D 150 48.56 75.91 2.47
N TRP D 151 47.49 76.65 2.78
CA TRP D 151 46.92 77.62 1.84
C TRP D 151 47.89 78.75 1.48
N GLU D 152 48.97 78.93 2.24
CA GLU D 152 49.96 79.95 1.89
C GLU D 152 50.89 79.51 0.77
N GLU D 153 51.05 78.20 0.56
CA GLU D 153 51.90 77.70 -0.51
C GLU D 153 51.29 77.98 -1.87
N LYS D 154 52.16 78.16 -2.87
CA LYS D 154 51.70 78.50 -4.22
C LYS D 154 51.24 77.27 -5.00
N GLU D 155 51.85 76.11 -4.75
CA GLU D 155 51.53 74.90 -5.51
C GLU D 155 50.07 74.50 -5.30
N VAL D 156 49.62 74.48 -4.05
CA VAL D 156 48.24 74.16 -3.73
C VAL D 156 47.30 75.18 -4.35
N ARG D 157 47.72 76.45 -4.39
CA ARG D 157 46.89 77.49 -4.99
C ARG D 157 46.77 77.28 -6.49
N GLU D 158 47.83 76.81 -7.15
CA GLU D 158 47.74 76.51 -8.57
C GLU D 158 46.77 75.37 -8.83
N LYS D 159 46.84 74.33 -7.99
CA LYS D 159 45.92 73.20 -8.16
C LYS D 159 44.47 73.63 -8.00
N ILE D 160 44.17 74.38 -6.94
CA ILE D 160 42.78 74.77 -6.70
C ILE D 160 42.30 75.76 -7.76
N ALA D 161 43.19 76.58 -8.32
CA ALA D 161 42.75 77.52 -9.35
C ALA D 161 42.49 76.83 -10.68
N LYS D 162 43.32 75.85 -11.04
CA LYS D 162 43.02 75.07 -12.23
C LYS D 162 41.68 74.36 -12.08
N TRP D 163 41.40 73.84 -10.88
CA TRP D 163 40.09 73.23 -10.67
C TRP D 163 38.98 74.26 -10.78
N MET D 164 39.21 75.49 -10.34
CA MET D 164 38.19 76.53 -10.51
C MET D 164 37.90 76.79 -11.98
N ARG D 165 38.96 76.89 -12.79
CA ARG D 165 38.76 77.11 -14.22
C ARG D 165 37.96 75.97 -14.84
N VAL D 166 38.23 74.73 -14.44
CA VAL D 166 37.46 73.62 -14.99
C VAL D 166 36.02 73.65 -14.47
N ALA D 167 35.85 73.96 -13.18
CA ALA D 167 34.52 73.96 -12.57
C ALA D 167 33.61 75.02 -13.17
N CYS D 168 34.19 76.07 -13.76
CA CYS D 168 33.35 76.99 -14.52
C CYS D 168 33.30 76.66 -16.00
N ALA D 169 34.24 75.85 -16.50
CA ALA D 169 34.15 75.40 -17.89
C ALA D 169 32.95 74.48 -18.12
N ILE D 170 32.59 73.66 -17.12
CA ILE D 170 31.44 72.77 -17.28
C ILE D 170 30.14 73.55 -17.23
N GLN D 171 30.12 74.67 -16.51
CA GLN D 171 28.89 75.46 -16.42
C GLN D 171 28.59 76.16 -17.74
N ASP D 172 29.62 76.62 -18.45
CA ASP D 172 29.45 77.15 -19.81
C ASP D 172 29.38 75.97 -20.78
N GLY D 173 28.34 75.17 -20.63
CA GLY D 173 28.16 73.95 -21.39
C GLY D 173 26.92 73.23 -20.89
N ARG D 174 26.69 73.29 -19.58
CA ARG D 174 25.41 72.87 -19.03
C ARG D 174 24.34 73.90 -19.29
N MET D 175 24.71 75.18 -19.37
CA MET D 175 23.79 76.28 -19.63
C MET D 175 23.67 76.58 -21.12
N GLY D 176 24.80 76.65 -21.81
CA GLY D 176 24.82 77.02 -23.20
C GLY D 176 24.18 75.97 -24.10
N GLN D 177 24.13 76.30 -25.38
CA GLN D 177 23.52 75.44 -26.38
C GLN D 177 24.41 75.46 -27.61
N ILE D 178 24.50 74.32 -28.29
CA ILE D 178 25.33 74.17 -29.48
C ILE D 178 24.42 74.15 -30.71
N VAL D 179 24.82 74.89 -31.74
CA VAL D 179 24.00 75.12 -32.92
C VAL D 179 24.66 74.39 -34.08
N ARG D 180 23.85 73.67 -34.86
CA ARG D 180 24.35 72.93 -36.00
C ARG D 180 23.69 73.49 -37.25
N PHE D 181 24.50 73.93 -38.21
CA PHE D 181 23.99 74.35 -39.52
C PHE D 181 24.27 73.21 -40.48
N GLY D 182 23.30 72.31 -40.60
CA GLY D 182 23.50 71.09 -41.36
C GLY D 182 23.99 69.96 -40.50
N ASP D 183 23.68 68.74 -40.92
CA ASP D 183 24.04 67.56 -40.16
C ASP D 183 25.48 67.17 -40.48
N ASN D 184 25.89 65.99 -40.02
CA ASN D 184 27.26 65.54 -40.25
C ASN D 184 27.49 65.17 -41.70
N MET D 185 28.77 65.14 -42.08
CA MET D 185 29.15 64.62 -43.39
C MET D 185 28.72 63.16 -43.50
N ARG D 186 28.14 62.80 -44.64
CA ARG D 186 27.57 61.47 -44.81
C ARG D 186 28.63 60.39 -44.70
N GLU D 187 28.26 59.27 -44.08
CA GLU D 187 29.05 58.06 -43.89
C GLU D 187 30.22 58.25 -42.92
N VAL D 188 30.37 59.42 -42.32
CA VAL D 188 31.42 59.66 -41.32
C VAL D 188 30.91 59.18 -39.96
N ALA D 189 31.76 58.49 -39.22
CA ALA D 189 31.38 57.85 -37.96
C ALA D 189 31.89 58.56 -36.73
N SER D 190 33.14 59.04 -36.73
CA SER D 190 33.69 59.64 -35.53
C SER D 190 33.02 60.96 -35.19
N THR D 191 32.49 61.66 -36.19
CA THR D 191 31.77 62.91 -35.92
C THR D 191 30.35 62.66 -35.41
N GLU D 192 29.80 61.49 -35.67
CA GLU D 192 28.45 61.16 -35.21
C GLU D 192 28.46 60.78 -33.74
N GLY D 193 27.30 60.93 -33.10
CA GLY D 193 27.19 60.56 -31.70
C GLY D 193 25.75 60.69 -31.24
N ASP D 194 25.52 60.28 -29.99
CA ASP D 194 24.21 60.37 -29.37
C ASP D 194 24.10 61.74 -28.71
N LYS D 195 23.26 62.61 -29.29
CA LYS D 195 23.13 63.98 -28.78
C LYS D 195 22.49 64.04 -27.40
N VAL D 196 21.75 62.99 -27.01
CA VAL D 196 21.08 62.96 -25.72
C VAL D 196 22.05 62.52 -24.63
N GLU D 197 22.95 61.59 -24.96
CA GLU D 197 23.93 61.11 -24.01
C GLU D 197 24.83 62.26 -23.54
N ALA D 198 24.98 63.29 -24.37
CA ALA D 198 25.74 64.47 -23.99
C ALA D 198 24.98 65.33 -23.00
N GLN D 199 23.67 65.52 -23.19
CA GLN D 199 22.89 66.28 -22.23
C GLN D 199 22.83 65.57 -20.89
N ILE D 200 22.73 64.25 -20.90
CA ILE D 200 22.65 63.53 -19.63
C ILE D 200 24.00 63.50 -18.92
N LYS D 201 25.08 63.31 -19.67
CA LYS D 201 26.40 63.17 -19.06
C LYS D 201 27.12 64.52 -18.92
N LEU D 202 27.34 65.20 -20.03
CA LEU D 202 28.08 66.46 -20.02
C LEU D 202 27.18 67.68 -19.82
N GLY D 203 25.88 67.57 -20.12
CA GLY D 203 24.97 68.69 -20.02
C GLY D 203 24.83 69.51 -21.27
N TRP D 204 25.62 69.24 -22.30
CA TRP D 204 25.60 70.05 -23.53
C TRP D 204 24.28 69.94 -24.26
N SER D 205 23.46 70.98 -24.21
CA SER D 205 22.29 71.05 -25.07
C SER D 205 22.73 71.30 -26.50
N ILE D 206 22.14 70.59 -27.46
CA ILE D 206 22.60 70.61 -28.84
C ILE D 206 21.40 70.48 -29.77
N ASN D 207 21.33 71.35 -30.78
CA ASN D 207 20.23 71.27 -31.75
C ASN D 207 20.71 71.67 -33.14
N THR D 208 19.91 71.30 -34.13
CA THR D 208 20.24 71.46 -35.54
C THR D 208 19.21 72.32 -36.25
N TRP D 209 19.69 73.13 -37.19
CA TRP D 209 18.88 74.02 -38.02
C TRP D 209 19.24 73.82 -39.49
N GLY D 210 18.28 74.07 -40.36
CA GLY D 210 18.55 74.03 -41.78
C GLY D 210 19.44 75.17 -42.22
N VAL D 211 20.23 74.93 -43.27
CA VAL D 211 21.16 75.94 -43.77
C VAL D 211 20.42 77.10 -44.43
N GLY D 212 19.21 76.86 -44.94
CA GLY D 212 18.42 77.96 -45.48
C GLY D 212 18.10 79.02 -44.45
N GLU D 213 18.01 78.62 -43.18
CA GLU D 213 17.83 79.59 -42.11
C GLU D 213 19.01 80.56 -42.05
N LEU D 214 20.21 80.05 -42.30
CA LEU D 214 21.39 80.91 -42.36
C LEU D 214 21.41 81.75 -43.64
N ALA D 215 20.93 81.17 -44.74
CA ALA D 215 20.87 81.91 -46.00
C ALA D 215 19.88 83.05 -45.93
N GLU D 216 18.87 82.97 -45.06
CA GLU D 216 17.97 84.10 -44.88
C GLU D 216 18.70 85.28 -44.24
N ARG D 217 19.52 85.02 -43.23
CA ARG D 217 20.16 86.13 -42.51
C ARG D 217 21.36 86.69 -43.27
N VAL D 218 22.03 85.90 -44.10
CA VAL D 218 23.25 86.41 -44.72
C VAL D 218 22.92 87.50 -45.74
N LYS D 219 21.71 87.52 -46.28
CA LYS D 219 21.37 88.45 -47.36
C LYS D 219 20.74 89.73 -46.86
N ALA D 220 19.95 89.69 -45.78
CA ALA D 220 19.17 90.83 -45.31
C ALA D 220 19.95 91.73 -44.36
N VAL D 221 21.28 91.72 -44.43
CA VAL D 221 22.10 92.53 -43.54
C VAL D 221 22.12 93.98 -44.03
N PRO D 222 21.98 94.95 -43.13
CA PRO D 222 22.18 96.35 -43.53
C PRO D 222 23.60 96.55 -44.04
N GLU D 223 23.71 97.33 -45.12
CA GLU D 223 24.94 97.42 -45.89
C GLU D 223 25.93 98.44 -45.35
N ARG D 224 25.71 98.98 -44.15
CA ARG D 224 26.66 99.89 -43.54
C ARG D 224 27.53 99.22 -42.49
N GLU D 225 27.00 98.20 -41.80
CA GLU D 225 27.76 97.54 -40.73
C GLU D 225 28.98 96.79 -41.26
N VAL D 226 29.03 96.53 -42.57
CA VAL D 226 30.09 95.70 -43.14
C VAL D 226 31.40 96.48 -43.28
N GLU D 227 31.32 97.76 -43.69
CA GLU D 227 32.55 98.55 -43.80
C GLU D 227 33.14 98.85 -42.42
N GLU D 228 32.31 98.89 -41.39
CA GLU D 228 32.83 99.03 -40.03
C GLU D 228 33.62 97.80 -39.61
N LEU D 229 33.33 96.64 -40.21
CA LEU D 229 34.18 95.47 -40.01
C LEU D 229 35.43 95.56 -40.87
N LEU D 230 35.29 96.10 -42.09
CA LEU D 230 36.44 96.21 -42.99
C LEU D 230 37.51 97.13 -42.42
N LYS D 231 37.14 98.18 -41.69
CA LYS D 231 38.17 99.05 -41.12
C LYS D 231 38.98 98.32 -40.05
N GLU D 232 38.33 97.48 -39.23
CA GLU D 232 39.07 96.68 -38.27
C GLU D 232 39.94 95.65 -38.98
N TYR D 233 39.43 95.04 -40.05
CA TYR D 233 40.26 94.16 -40.87
C TYR D 233 41.52 94.87 -41.35
N ARG D 234 41.38 96.13 -41.75
CA ARG D 234 42.55 96.91 -42.15
C ARG D 234 43.48 97.16 -40.97
N GLU D 235 42.91 97.39 -39.78
CA GLU D 235 43.76 97.64 -38.62
C GLU D 235 44.51 96.39 -38.17
N LYS D 236 43.99 95.19 -38.45
CA LYS D 236 44.66 93.99 -37.97
C LYS D 236 45.19 93.08 -39.08
N TYR D 237 44.50 93.00 -40.22
CA TYR D 237 44.90 92.06 -41.26
C TYR D 237 45.02 92.73 -42.62
N ILE D 238 43.96 92.59 -43.42
CA ILE D 238 43.76 93.21 -44.73
C ILE D 238 44.59 92.55 -45.82
N MET D 239 44.08 92.67 -47.04
CA MET D 239 44.49 92.20 -48.34
C MET D 239 44.67 93.39 -49.27
N PRO D 240 45.72 93.38 -50.14
CA PRO D 240 46.14 94.57 -50.90
C PRO D 240 45.08 95.62 -51.22
N GLU D 241 44.51 95.58 -52.42
CA GLU D 241 43.53 96.56 -52.87
C GLU D 241 42.29 95.86 -53.37
N ASP D 242 41.23 96.65 -53.58
CA ASP D 242 39.97 96.11 -54.06
C ASP D 242 40.16 95.41 -55.40
N GLU D 243 40.47 94.12 -55.35
CA GLU D 243 40.65 93.30 -56.54
C GLU D 243 39.39 92.45 -56.75
N TYR D 244 39.55 91.28 -57.37
CA TYR D 244 38.51 90.26 -57.33
C TYR D 244 38.70 89.30 -56.18
N SER D 245 39.50 89.71 -55.19
CA SER D 245 39.71 89.01 -53.93
C SER D 245 39.01 89.69 -52.76
N LEU D 246 38.82 91.01 -52.82
CA LEU D 246 38.10 91.76 -51.80
C LEU D 246 36.59 91.57 -51.91
N LYS D 247 36.14 90.99 -53.02
CA LYS D 247 34.73 90.63 -53.16
C LYS D 247 34.30 89.63 -52.09
N ALA D 248 35.17 88.67 -51.78
CA ALA D 248 34.90 87.67 -50.75
C ALA D 248 34.90 88.24 -49.34
N ILE D 249 35.61 89.35 -49.10
CA ILE D 249 35.70 89.90 -47.75
C ILE D 249 34.35 90.44 -47.29
N ARG D 250 33.60 91.12 -48.17
CA ARG D 250 32.29 91.61 -47.77
C ARG D 250 31.31 90.46 -47.53
N GLU D 251 31.44 89.37 -48.29
CA GLU D 251 30.60 88.21 -48.07
C GLU D 251 30.90 87.57 -46.72
N GLN D 252 32.20 87.47 -46.37
CA GLN D 252 32.55 86.93 -45.07
C GLN D 252 32.08 87.85 -43.94
N ALA D 253 32.09 89.16 -44.17
CA ALA D 253 31.63 90.08 -43.14
C ALA D 253 30.14 89.98 -42.91
N LYS D 254 29.35 89.87 -43.99
CA LYS D 254 27.91 89.72 -43.80
C LYS D 254 27.59 88.36 -43.20
N ILE D 255 28.40 87.33 -43.49
CA ILE D 255 28.19 86.04 -42.83
C ILE D 255 28.49 86.16 -41.34
N GLU D 256 29.54 86.90 -40.98
CA GLU D 256 29.86 87.09 -39.58
C GLU D 256 28.72 87.83 -38.87
N ILE D 257 28.14 88.83 -39.52
CA ILE D 257 27.04 89.56 -38.89
C ILE D 257 25.82 88.67 -38.72
N ALA D 258 25.53 87.84 -39.72
CA ALA D 258 24.38 86.92 -39.60
C ALA D 258 24.59 85.93 -38.46
N LEU D 259 25.80 85.38 -38.35
CA LEU D 259 26.10 84.45 -37.26
C LEU D 259 26.03 85.14 -35.91
N ARG D 260 26.52 86.38 -35.84
CA ARG D 260 26.49 87.14 -34.60
C ARG D 260 25.05 87.36 -34.15
N GLU D 261 24.16 87.71 -35.08
CA GLU D 261 22.76 87.88 -34.72
C GLU D 261 22.11 86.56 -34.31
N PHE D 262 22.46 85.47 -35.00
CA PHE D 262 21.78 84.19 -34.77
C PHE D 262 22.17 83.57 -33.43
N LEU D 263 23.48 83.46 -33.17
CA LEU D 263 23.94 82.71 -32.00
C LEU D 263 23.55 83.36 -30.67
N ALA D 264 23.47 84.68 -30.62
CA ALA D 264 23.07 85.34 -29.38
C ALA D 264 21.60 85.09 -29.05
N ALA D 265 20.75 85.00 -30.07
CA ALA D 265 19.32 84.84 -29.84
C ALA D 265 18.95 83.46 -29.31
N ALA D 266 19.83 82.47 -29.44
CA ALA D 266 19.53 81.11 -29.04
C ALA D 266 20.50 80.58 -27.99
N ASN D 267 21.00 81.48 -27.15
CA ASN D 267 21.92 81.15 -26.05
C ASN D 267 22.95 80.12 -26.46
N ALA D 268 23.79 80.51 -27.41
CA ALA D 268 24.76 79.59 -28.00
C ALA D 268 26.14 79.77 -27.38
N VAL D 269 26.90 78.68 -27.35
CA VAL D 269 28.31 78.73 -26.96
C VAL D 269 29.23 78.14 -28.00
N GLY D 270 28.76 77.23 -28.85
CA GLY D 270 29.54 76.74 -29.97
C GLY D 270 28.62 76.47 -31.13
N PHE D 271 29.20 76.32 -32.31
CA PHE D 271 28.42 76.02 -33.49
C PHE D 271 29.25 75.22 -34.47
N THR D 272 28.56 74.56 -35.40
CA THR D 272 29.21 73.71 -36.39
C THR D 272 28.49 73.84 -37.72
N THR D 273 29.27 73.76 -38.80
CA THR D 273 28.76 73.87 -40.16
C THR D 273 29.14 72.61 -40.96
N THR D 274 28.70 72.58 -42.21
CA THR D 274 29.02 71.48 -43.12
C THR D 274 29.28 72.06 -44.51
N PHE D 275 30.24 71.45 -45.22
CA PHE D 275 30.69 72.01 -46.49
C PHE D 275 29.91 71.50 -47.70
N GLU D 276 29.22 70.37 -47.58
CA GLU D 276 28.46 69.82 -48.70
C GLU D 276 26.98 70.17 -48.63
N ASP D 277 26.61 71.15 -47.79
CA ASP D 277 25.21 71.56 -47.65
C ASP D 277 25.23 73.04 -47.24
N LEU D 278 25.28 73.90 -48.25
CA LEU D 278 25.29 75.35 -48.05
C LEU D 278 24.45 76.02 -49.13
N HIS D 279 23.22 75.57 -49.29
CA HIS D 279 22.36 76.08 -50.35
C HIS D 279 22.02 77.54 -50.11
N ASP D 280 22.02 78.33 -51.19
CA ASP D 280 21.79 79.77 -51.21
C ASP D 280 22.90 80.55 -50.53
N LEU D 281 23.87 79.88 -49.91
CA LEU D 281 25.05 80.56 -49.38
C LEU D 281 26.07 80.74 -50.49
N PRO D 282 26.42 81.98 -50.85
CA PRO D 282 27.34 82.19 -51.98
C PRO D 282 28.75 81.72 -51.73
N GLN D 283 29.12 81.37 -50.50
CA GLN D 283 30.52 81.08 -50.21
C GLN D 283 30.62 80.29 -48.91
N LEU D 284 31.58 79.36 -48.87
CA LEU D 284 31.81 78.55 -47.69
C LEU D 284 32.25 79.42 -46.52
N PRO D 285 31.64 79.29 -45.35
CA PRO D 285 32.03 80.11 -44.19
C PRO D 285 33.48 79.84 -43.78
N GLY D 286 34.29 80.90 -43.83
CA GLY D 286 35.70 80.85 -43.51
C GLY D 286 36.13 81.84 -42.44
N LEU D 287 36.66 82.98 -42.90
CA LEU D 287 37.13 84.04 -42.01
C LEU D 287 36.17 84.34 -40.87
N ALA D 288 34.86 84.29 -41.13
CA ALA D 288 33.89 84.59 -40.08
C ALA D 288 33.99 83.59 -38.93
N VAL D 289 34.27 82.33 -39.25
CA VAL D 289 34.45 81.31 -38.21
C VAL D 289 35.66 81.63 -37.36
N GLN D 290 36.75 82.06 -37.99
CA GLN D 290 37.94 82.44 -37.24
C GLN D 290 37.66 83.65 -36.36
N ARG D 291 36.86 84.59 -36.85
CA ARG D 291 36.51 85.77 -36.05
C ARG D 291 35.69 85.37 -34.84
N LEU D 292 34.76 84.42 -35.01
CA LEU D 292 33.94 84.00 -33.87
C LEU D 292 34.74 83.15 -32.90
N MET D 293 35.65 82.31 -33.40
CA MET D 293 36.48 81.51 -32.52
C MET D 293 37.47 82.35 -31.72
N GLU D 294 37.93 83.48 -32.29
CA GLU D 294 38.84 84.34 -31.54
C GLU D 294 38.17 84.92 -30.30
N GLU D 295 36.85 85.10 -30.34
CA GLU D 295 36.12 85.65 -29.21
C GLU D 295 35.87 84.60 -28.13
N GLY D 296 35.32 83.44 -28.53
CA GLY D 296 35.01 82.41 -27.56
C GLY D 296 34.17 81.28 -28.10
N TYR D 297 33.41 81.55 -29.16
CA TYR D 297 32.56 80.53 -29.77
C TYR D 297 33.39 79.34 -30.22
N GLY D 298 33.04 78.15 -29.73
CA GLY D 298 33.66 76.94 -30.22
C GLY D 298 33.12 76.55 -31.58
N PHE D 299 33.94 75.83 -32.34
CA PHE D 299 33.54 75.47 -33.70
C PHE D 299 34.06 74.10 -34.08
N GLY D 300 33.24 73.36 -34.82
CA GLY D 300 33.68 72.14 -35.45
C GLY D 300 33.16 72.11 -36.88
N ALA D 301 33.93 71.47 -37.75
CA ALA D 301 33.59 71.38 -39.16
C ALA D 301 33.07 69.99 -39.50
N GLU D 302 32.44 69.89 -40.67
CA GLU D 302 31.93 68.63 -41.18
C GLU D 302 30.91 68.00 -40.24
N GLY D 303 30.23 68.84 -39.44
CA GLY D 303 29.20 68.40 -38.53
C GLY D 303 29.68 67.93 -37.17
N ASP D 304 30.99 67.93 -36.92
CA ASP D 304 31.56 67.42 -35.66
C ASP D 304 31.16 68.37 -34.53
N TRP D 305 30.12 67.99 -33.77
CA TRP D 305 29.74 68.75 -32.59
C TRP D 305 30.55 68.34 -31.36
N LYS D 306 31.14 67.15 -31.37
CA LYS D 306 32.03 66.73 -30.29
C LYS D 306 33.16 67.74 -30.13
N ALA D 307 33.84 68.03 -31.23
CA ALA D 307 34.94 68.98 -31.21
C ALA D 307 34.46 70.37 -30.88
N ALA D 308 33.26 70.74 -31.34
CA ALA D 308 32.74 72.07 -31.05
C ALA D 308 32.57 72.28 -29.55
N GLY D 309 31.91 71.32 -28.88
CA GLY D 309 31.73 71.45 -27.44
C GLY D 309 33.04 71.38 -26.68
N LEU D 310 33.96 70.52 -27.12
CA LEU D 310 35.25 70.43 -26.44
C LEU D 310 36.05 71.72 -26.61
N VAL D 311 36.06 72.27 -27.82
CA VAL D 311 36.77 73.52 -28.08
C VAL D 311 36.18 74.65 -27.26
N ARG D 312 34.85 74.72 -27.15
CA ARG D 312 34.24 75.76 -26.34
C ARG D 312 34.65 75.66 -24.88
N ALA D 313 34.54 74.45 -24.30
CA ALA D 313 34.89 74.29 -22.89
C ALA D 313 36.37 74.54 -22.65
N ILE D 314 37.23 74.05 -23.54
CA ILE D 314 38.66 74.22 -23.39
C ILE D 314 39.10 75.64 -23.71
N LYS D 315 38.24 76.40 -24.38
CA LYS D 315 38.46 77.84 -24.56
C LYS D 315 38.08 78.60 -23.31
N VAL D 316 37.02 78.14 -22.62
CA VAL D 316 36.69 78.74 -21.33
C VAL D 316 37.78 78.47 -20.31
N MET D 317 38.39 77.27 -20.37
CA MET D 317 39.52 76.98 -19.49
C MET D 317 40.69 77.92 -19.75
N GLY D 318 41.31 77.81 -20.92
CA GLY D 318 42.42 78.67 -21.28
C GLY D 318 41.96 80.08 -21.60
N THR D 319 41.81 80.91 -20.56
CA THR D 319 41.22 82.23 -20.73
C THR D 319 42.14 83.39 -20.37
N SER D 320 43.39 83.13 -19.97
CA SER D 320 44.21 84.22 -19.48
C SER D 320 45.33 84.60 -20.46
N LEU D 321 46.50 84.98 -19.93
CA LEU D 321 47.56 85.50 -20.77
C LEU D 321 48.13 84.46 -21.74
N PRO D 322 48.43 83.21 -21.33
CA PRO D 322 49.06 82.29 -22.29
C PRO D 322 48.04 81.66 -23.23
N GLY D 323 46.96 82.39 -23.51
CA GLY D 323 45.89 81.91 -24.35
C GLY D 323 46.32 81.36 -25.70
N GLY D 324 45.52 80.46 -26.25
CA GLY D 324 45.83 79.83 -27.51
C GLY D 324 45.09 78.52 -27.67
N THR D 325 43.84 78.59 -28.16
CA THR D 325 43.01 77.42 -28.36
C THR D 325 42.39 77.49 -29.75
N SER D 326 42.43 76.37 -30.46
CA SER D 326 41.97 76.31 -31.84
C SER D 326 41.34 74.96 -32.14
N PHE D 327 40.53 74.96 -33.20
CA PHE D 327 39.98 73.75 -33.79
C PHE D 327 41.02 73.20 -34.77
N MET D 328 41.46 71.96 -34.57
CA MET D 328 42.58 71.44 -35.34
C MET D 328 42.18 70.15 -36.06
N GLU D 329 42.88 69.87 -37.15
CA GLU D 329 42.74 68.61 -37.86
C GLU D 329 44.14 68.15 -38.26
N ASP D 330 44.57 67.00 -37.73
CA ASP D 330 45.89 66.48 -38.07
C ASP D 330 45.95 66.23 -39.57
N TYR D 331 46.61 67.14 -40.31
CA TYR D 331 46.48 67.17 -41.76
C TYR D 331 47.57 66.39 -42.48
N THR D 332 48.85 66.56 -42.11
CA THR D 332 49.89 65.84 -42.81
C THR D 332 51.07 65.60 -41.89
N TYR D 333 51.91 64.64 -42.28
CA TYR D 333 53.06 64.24 -41.48
C TYR D 333 54.37 64.58 -42.17
N HIS D 334 55.44 64.59 -41.37
CA HIS D 334 56.81 64.72 -41.87
C HIS D 334 57.61 63.57 -41.27
N LEU D 335 57.99 62.61 -42.11
CA LEU D 335 58.48 61.31 -41.66
C LEU D 335 60.01 61.19 -41.74
N THR D 336 60.73 62.28 -41.56
CA THR D 336 62.18 62.15 -41.46
C THR D 336 62.56 61.47 -40.15
N PRO D 337 63.57 60.59 -40.15
CA PRO D 337 63.81 59.77 -38.94
C PRO D 337 64.09 60.56 -37.68
N GLY D 338 64.99 61.55 -37.73
CA GLY D 338 65.39 62.23 -36.51
C GLY D 338 64.48 63.35 -36.08
N ASN D 339 63.79 63.99 -37.02
CA ASN D 339 62.97 65.16 -36.72
C ASN D 339 61.58 65.01 -37.32
N GLU D 340 60.92 63.89 -37.02
CA GLU D 340 59.58 63.63 -37.55
C GLU D 340 58.56 64.53 -36.86
N LEU D 341 57.82 65.30 -37.66
CA LEU D 341 56.87 66.27 -37.12
C LEU D 341 55.48 66.01 -37.69
N VAL D 342 54.52 66.84 -37.29
CA VAL D 342 53.18 66.77 -37.86
C VAL D 342 52.66 68.18 -38.06
N LEU D 343 52.16 68.44 -39.28
CA LEU D 343 51.63 69.72 -39.72
C LEU D 343 50.11 69.67 -39.61
N GLY D 344 49.57 70.47 -38.70
CA GLY D 344 48.14 70.56 -38.47
C GLY D 344 47.56 71.83 -39.07
N ALA D 345 46.40 71.69 -39.71
CA ALA D 345 45.69 72.78 -40.35
C ALA D 345 44.29 72.28 -40.69
N HIS D 346 43.50 73.15 -41.29
CA HIS D 346 42.20 72.75 -41.84
C HIS D 346 42.06 73.29 -43.26
N MET D 347 40.85 73.27 -43.81
CA MET D 347 40.64 73.88 -45.11
C MET D 347 40.49 75.39 -45.02
N LEU D 348 40.01 75.89 -43.87
CA LEU D 348 39.82 77.33 -43.68
C LEU D 348 39.90 77.70 -42.21
N GLU D 349 39.21 76.96 -41.36
CA GLU D 349 38.90 77.39 -39.99
C GLU D 349 40.02 76.96 -39.05
N VAL D 350 40.91 77.89 -38.73
CA VAL D 350 41.90 77.75 -37.66
C VAL D 350 41.87 79.01 -36.82
N CYS D 351 41.78 78.86 -35.51
CA CYS D 351 41.62 80.01 -34.63
C CYS D 351 42.88 80.88 -34.66
N PRO D 352 42.72 82.21 -34.73
CA PRO D 352 43.87 83.11 -34.75
C PRO D 352 44.49 83.37 -33.37
N THR D 353 44.13 82.59 -32.35
CA THR D 353 44.71 82.78 -31.03
C THR D 353 46.06 82.08 -30.90
N ILE D 354 46.24 80.96 -31.60
CA ILE D 354 47.51 80.23 -31.59
C ILE D 354 48.49 80.84 -32.58
N ALA D 355 48.13 81.97 -33.19
CA ALA D 355 48.98 82.57 -34.20
C ALA D 355 50.23 83.16 -33.58
N LYS D 356 51.33 83.17 -34.35
CA LYS D 356 52.59 83.77 -33.92
C LYS D 356 52.88 85.08 -34.63
N GLU D 357 52.50 85.20 -35.89
CA GLU D 357 52.73 86.39 -36.68
C GLU D 357 51.41 87.15 -36.85
N LYS D 358 51.41 88.12 -37.75
CA LYS D 358 50.20 88.86 -38.04
C LYS D 358 49.26 88.02 -38.90
N PRO D 359 48.02 87.77 -38.46
CA PRO D 359 47.07 87.02 -39.30
C PRO D 359 46.84 87.71 -40.62
N ARG D 360 47.25 87.09 -41.71
CA ARG D 360 47.19 87.69 -43.04
C ARG D 360 45.99 87.14 -43.80
N ILE D 361 45.12 88.03 -44.27
CA ILE D 361 43.97 87.59 -45.05
C ILE D 361 44.42 87.16 -46.44
N GLU D 362 43.98 85.98 -46.87
CA GLU D 362 44.26 85.47 -48.20
C GLU D 362 43.03 84.75 -48.73
N VAL D 363 42.85 84.80 -50.05
CA VAL D 363 41.83 84.04 -50.74
C VAL D 363 42.52 83.19 -51.81
N HIS D 364 42.08 81.95 -51.95
CA HIS D 364 42.70 81.00 -52.84
C HIS D 364 41.61 80.09 -53.41
N PRO D 365 41.84 79.49 -54.57
CA PRO D 365 40.86 78.58 -55.15
C PRO D 365 40.61 77.38 -54.23
N LEU D 366 39.36 77.19 -53.85
CA LEU D 366 38.93 76.10 -52.98
C LEU D 366 37.67 75.49 -53.58
N SER D 367 37.81 74.32 -54.20
CA SER D 367 36.70 73.63 -54.84
C SER D 367 35.92 72.73 -53.90
N ILE D 368 36.36 72.59 -52.65
CA ILE D 368 35.68 71.70 -51.72
C ILE D 368 34.29 72.24 -51.41
N GLY D 369 33.27 71.47 -51.74
CA GLY D 369 31.89 71.86 -51.53
C GLY D 369 31.29 72.77 -52.59
N GLY D 370 32.09 73.26 -53.53
CA GLY D 370 31.54 73.97 -54.67
C GLY D 370 30.95 75.34 -54.42
N LYS D 371 31.74 76.28 -53.91
CA LYS D 371 31.26 77.65 -53.73
C LYS D 371 32.30 78.63 -54.30
N ALA D 372 32.25 79.87 -53.80
CA ALA D 372 33.08 80.95 -54.28
C ALA D 372 34.28 81.11 -53.36
N ASP D 373 35.44 81.45 -53.95
CA ASP D 373 36.72 81.55 -53.28
C ASP D 373 36.62 82.21 -51.91
N PRO D 374 36.66 81.43 -50.83
CA PRO D 374 36.48 81.99 -49.50
C PRO D 374 37.77 82.59 -48.95
N ALA D 375 37.58 83.52 -48.01
CA ALA D 375 38.70 84.15 -47.35
C ALA D 375 39.20 83.29 -46.19
N ARG D 376 40.44 83.55 -45.77
CA ARG D 376 41.02 82.79 -44.68
C ARG D 376 42.17 83.59 -44.08
N LEU D 377 42.52 83.24 -42.85
CA LEU D 377 43.66 83.84 -42.16
C LEU D 377 44.84 82.88 -42.21
N VAL D 378 46.01 83.43 -42.54
CA VAL D 378 47.24 82.67 -42.69
C VAL D 378 48.24 83.16 -41.65
N PHE D 379 48.87 82.23 -40.96
CA PHE D 379 49.84 82.52 -39.92
C PHE D 379 50.53 81.20 -39.55
N ASP D 380 51.71 81.33 -38.93
CA ASP D 380 52.45 80.18 -38.44
C ASP D 380 52.02 79.86 -37.02
N GLY D 381 52.28 78.62 -36.60
CA GLY D 381 51.87 78.17 -35.29
C GLY D 381 52.73 78.75 -34.17
N GLN D 382 52.27 78.53 -32.95
CA GLN D 382 52.97 78.99 -31.76
C GLN D 382 53.99 77.95 -31.30
N GLU D 383 54.95 78.40 -30.51
CA GLU D 383 55.98 77.55 -29.94
C GLU D 383 55.60 77.13 -28.52
N GLY D 384 56.38 76.20 -27.97
CA GLY D 384 56.18 75.74 -26.62
C GLY D 384 55.35 74.47 -26.52
N PRO D 385 55.09 74.01 -25.31
CA PRO D 385 54.28 72.80 -25.13
C PRO D 385 52.78 73.11 -25.26
N ALA D 386 52.05 72.12 -25.76
CA ALA D 386 50.60 72.25 -25.95
C ALA D 386 49.95 70.89 -25.77
N VAL D 387 48.63 70.86 -25.88
CA VAL D 387 47.85 69.63 -25.78
C VAL D 387 46.92 69.55 -26.97
N ASN D 388 46.56 68.32 -27.33
CA ASN D 388 45.69 68.04 -28.47
C ASN D 388 44.66 67.03 -27.99
N ALA D 389 43.42 67.46 -27.82
CA ALA D 389 42.40 66.62 -27.21
C ALA D 389 41.34 66.21 -28.23
N SER D 390 40.57 65.20 -27.88
CA SER D 390 39.50 64.69 -28.74
C SER D 390 38.56 63.86 -27.90
N ILE D 391 37.27 64.23 -27.89
CA ILE D 391 36.22 63.45 -27.26
C ILE D 391 35.55 62.61 -28.35
N VAL D 392 35.30 61.34 -28.06
CA VAL D 392 34.67 60.48 -29.05
C VAL D 392 33.68 59.55 -28.36
N ASP D 393 32.60 59.24 -29.08
CA ASP D 393 31.52 58.42 -28.56
C ASP D 393 31.86 56.95 -28.80
N MET D 394 31.71 56.13 -27.76
CA MET D 394 32.06 54.72 -27.80
C MET D 394 30.84 53.82 -27.68
N GLY D 395 29.68 54.32 -28.11
CA GLY D 395 28.45 53.54 -28.04
C GLY D 395 27.73 53.69 -26.72
N ASN D 396 28.31 53.15 -25.65
CA ASN D 396 27.72 53.22 -24.32
C ASN D 396 28.22 54.41 -23.52
N ARG D 397 29.27 55.08 -23.97
CA ARG D 397 29.90 56.13 -23.19
C ARG D 397 30.78 56.97 -24.10
N PHE D 398 31.25 58.09 -23.57
CA PHE D 398 32.24 58.91 -24.24
C PHE D 398 33.62 58.63 -23.64
N ARG D 399 34.66 58.78 -24.44
CA ARG D 399 36.01 58.77 -23.91
C ARG D 399 36.78 59.96 -24.48
N LEU D 400 37.67 60.49 -23.63
CA LEU D 400 38.46 61.68 -23.93
C LEU D 400 39.90 61.25 -24.07
N VAL D 401 40.43 61.36 -25.29
CA VAL D 401 41.83 61.07 -25.58
C VAL D 401 42.58 62.40 -25.64
N VAL D 402 43.73 62.47 -24.99
CA VAL D 402 44.50 63.71 -24.95
C VAL D 402 45.98 63.38 -25.19
N ASN D 403 46.62 64.15 -26.06
CA ASN D 403 48.01 63.96 -26.42
C ASN D 403 48.78 65.21 -26.06
N LYS D 404 49.80 65.07 -25.20
CA LYS D 404 50.69 66.18 -24.89
C LYS D 404 51.73 66.28 -25.99
N VAL D 405 51.89 67.48 -26.56
CA VAL D 405 52.76 67.67 -27.70
C VAL D 405 53.69 68.85 -27.44
N LEU D 406 54.78 68.88 -28.21
CA LEU D 406 55.74 69.98 -28.15
C LEU D 406 55.77 70.64 -29.52
N SER D 407 55.24 71.86 -29.61
CA SER D 407 55.20 72.56 -30.88
C SER D 407 56.56 73.17 -31.20
N VAL D 408 56.89 73.18 -32.48
CA VAL D 408 58.20 73.66 -32.93
C VAL D 408 57.99 74.80 -33.91
N PRO D 409 58.92 75.74 -34.01
CA PRO D 409 58.77 76.82 -35.00
C PRO D 409 58.93 76.28 -36.42
N ILE D 410 58.26 76.93 -37.35
CA ILE D 410 58.29 76.49 -38.74
C ILE D 410 59.65 76.82 -39.33
N GLU D 411 60.34 75.80 -39.84
CA GLU D 411 61.70 75.99 -40.32
C GLU D 411 61.72 76.60 -41.72
N ARG D 412 60.89 76.10 -42.63
CA ARG D 412 60.84 76.57 -44.00
C ARG D 412 59.49 77.21 -44.29
N LYS D 413 59.48 78.07 -45.30
CA LYS D 413 58.28 78.78 -45.70
C LYS D 413 57.50 77.97 -46.74
N MET D 414 56.20 78.26 -46.82
CA MET D 414 55.27 77.52 -47.67
C MET D 414 54.51 78.50 -48.57
N PRO D 415 54.94 78.69 -49.81
CA PRO D 415 54.29 79.69 -50.67
C PRO D 415 52.92 79.25 -51.17
N LYS D 416 52.71 77.96 -51.41
CA LYS D 416 51.47 77.47 -52.01
C LYS D 416 50.49 76.91 -50.98
N LEU D 417 50.85 76.85 -49.71
CA LEU D 417 49.92 76.39 -48.69
C LEU D 417 49.01 77.54 -48.26
N PRO D 418 47.70 77.47 -48.52
CA PRO D 418 46.84 78.63 -48.31
C PRO D 418 46.33 78.80 -46.89
N THR D 419 46.37 77.74 -46.09
CA THR D 419 45.78 77.77 -44.75
C THR D 419 46.85 77.90 -43.69
N ALA D 420 46.48 78.54 -42.57
CA ALA D 420 47.37 78.64 -41.43
C ALA D 420 47.73 77.25 -40.91
N ARG D 421 48.93 77.13 -40.35
CA ARG D 421 49.49 75.82 -40.05
C ARG D 421 50.27 75.86 -38.76
N VAL D 422 50.40 74.67 -38.14
CA VAL D 422 51.23 74.50 -36.95
C VAL D 422 52.03 73.21 -37.12
N LEU D 423 53.23 73.18 -36.53
CA LEU D 423 54.07 71.98 -36.55
C LEU D 423 54.36 71.54 -35.11
N TRP D 424 54.25 70.24 -34.86
CA TRP D 424 54.51 69.78 -33.50
C TRP D 424 55.00 68.35 -33.49
N LYS D 425 55.55 67.97 -32.33
CA LYS D 425 56.07 66.64 -32.03
C LYS D 425 55.15 65.95 -31.04
N PRO D 426 54.59 64.79 -31.38
CA PRO D 426 53.79 64.02 -30.41
C PRO D 426 54.70 63.29 -29.42
N LEU D 427 54.42 63.48 -28.12
CA LEU D 427 55.23 62.84 -27.09
C LEU D 427 54.77 61.41 -26.85
N PRO D 428 55.70 60.46 -26.68
CA PRO D 428 57.15 60.70 -26.74
C PRO D 428 57.71 60.62 -28.16
N ASP D 429 57.22 59.65 -28.93
CA ASP D 429 57.62 59.43 -30.30
C ASP D 429 56.37 59.50 -31.19
N PHE D 430 56.57 59.93 -32.43
CA PHE D 430 55.46 60.00 -33.37
C PHE D 430 54.83 58.63 -33.58
N LYS D 431 55.67 57.58 -33.66
CA LYS D 431 55.14 56.23 -33.83
C LYS D 431 54.29 55.81 -32.63
N ARG D 432 54.84 55.94 -31.42
CA ARG D 432 54.12 55.52 -30.23
C ARG D 432 52.86 56.34 -30.03
N ALA D 433 52.98 57.67 -30.08
CA ALA D 433 51.82 58.50 -29.80
C ALA D 433 50.73 58.33 -30.85
N THR D 434 51.09 58.12 -32.11
CA THR D 434 50.06 57.97 -33.12
C THR D 434 49.43 56.58 -33.06
N THR D 435 50.22 55.53 -32.80
CA THR D 435 49.62 54.21 -32.67
C THR D 435 48.76 54.10 -31.41
N ALA D 436 49.07 54.87 -30.37
CA ALA D 436 48.20 54.88 -29.19
C ALA D 436 46.96 55.73 -29.43
N TRP D 437 47.08 56.80 -30.23
CA TRP D 437 45.91 57.57 -30.62
C TRP D 437 44.96 56.73 -31.47
N ILE D 438 45.51 55.86 -32.31
CA ILE D 438 44.65 55.01 -33.13
C ILE D 438 44.04 53.88 -32.31
N LEU D 439 44.81 53.32 -31.36
CA LEU D 439 44.25 52.29 -30.48
C LEU D 439 43.07 52.82 -29.69
N ALA D 440 43.19 54.03 -29.13
CA ALA D 440 42.09 54.62 -28.38
C ALA D 440 40.93 55.06 -29.26
N GLY D 441 41.10 55.06 -30.57
CA GLY D 441 40.03 55.51 -31.44
C GLY D 441 39.80 57.00 -31.43
N GLY D 442 40.87 57.78 -31.39
CA GLY D 442 40.73 59.22 -31.39
C GLY D 442 40.31 59.75 -32.75
N SER D 443 39.45 60.75 -32.74
CA SER D 443 38.97 61.34 -33.99
C SER D 443 40.09 62.12 -34.68
N HIS D 444 39.89 62.37 -35.98
CA HIS D 444 40.82 63.22 -36.72
C HIS D 444 40.62 64.69 -36.39
N HIS D 445 39.40 65.09 -36.09
CA HIS D 445 39.12 66.45 -35.61
C HIS D 445 39.50 66.54 -34.14
N THR D 446 40.42 67.43 -33.81
CA THR D 446 40.89 67.59 -32.45
C THR D 446 40.71 69.04 -31.99
N ALA D 447 41.04 69.25 -30.73
CA ALA D 447 40.97 70.55 -30.05
C ALA D 447 42.39 70.85 -29.60
N PHE D 448 43.08 71.70 -30.36
CA PHE D 448 44.44 72.09 -30.05
C PHE D 448 44.41 73.22 -29.02
N SER D 449 45.25 73.14 -28.00
CA SER D 449 45.26 74.20 -27.00
C SER D 449 46.65 74.36 -26.42
N THR D 450 47.12 75.60 -26.37
CA THR D 450 48.41 75.92 -25.78
C THR D 450 48.28 76.55 -24.41
N ALA D 451 47.09 76.97 -24.00
CA ALA D 451 46.91 77.70 -22.76
C ALA D 451 46.75 76.81 -21.54
N ILE D 452 46.51 75.50 -21.72
CA ILE D 452 46.21 74.62 -20.60
C ILE D 452 47.13 73.41 -20.64
N ASP D 453 47.19 72.72 -19.49
CA ASP D 453 47.94 71.48 -19.34
C ASP D 453 46.98 70.30 -19.32
N VAL D 454 47.55 69.09 -19.29
CA VAL D 454 46.76 67.88 -19.16
C VAL D 454 46.03 67.86 -17.83
N GLU D 455 46.57 68.56 -16.83
CA GLU D 455 45.95 68.66 -15.52
C GLU D 455 44.52 69.21 -15.62
N TYR D 456 44.28 70.12 -16.55
CA TYR D 456 42.95 70.69 -16.72
C TYR D 456 41.96 69.65 -17.22
N LEU D 457 42.26 69.00 -18.33
CA LEU D 457 41.35 68.02 -18.89
C LEU D 457 41.17 66.82 -17.97
N ILE D 458 42.16 66.53 -17.13
CA ILE D 458 42.01 65.40 -16.23
C ILE D 458 40.95 65.70 -15.17
N ASP D 459 40.88 66.95 -14.70
CA ASP D 459 39.81 67.31 -13.78
C ASP D 459 38.48 67.48 -14.48
N TRP D 460 38.50 67.83 -15.77
CA TRP D 460 37.27 67.85 -16.55
C TRP D 460 36.65 66.46 -16.60
N ALA D 461 37.45 65.47 -16.96
CA ALA D 461 36.94 64.10 -17.05
C ALA D 461 36.62 63.54 -15.68
N GLU D 462 37.39 63.89 -14.67
CA GLU D 462 37.11 63.40 -13.31
C GLU D 462 35.82 63.98 -12.78
N ALA D 463 35.54 65.25 -13.05
CA ALA D 463 34.31 65.86 -12.57
C ALA D 463 33.10 65.38 -13.34
N LEU D 464 33.28 65.05 -14.62
CA LEU D 464 32.14 64.57 -15.41
C LEU D 464 32.02 63.05 -15.43
N GLU D 465 32.96 62.32 -14.81
CA GLU D 465 32.92 60.86 -14.72
C GLU D 465 32.94 60.21 -16.10
N ILE D 466 33.90 60.62 -16.92
CA ILE D 466 34.12 59.99 -18.22
C ILE D 466 35.55 59.48 -18.29
N GLU D 467 35.78 58.52 -19.17
CA GLU D 467 37.10 57.93 -19.31
C GLU D 467 38.08 58.94 -19.90
N TYR D 468 39.29 58.97 -19.36
CA TYR D 468 40.36 59.79 -19.89
C TYR D 468 41.60 58.93 -20.10
N VAL D 469 42.29 59.14 -21.22
CA VAL D 469 43.53 58.45 -21.54
C VAL D 469 44.54 59.51 -22.00
N VAL D 470 45.70 59.53 -21.36
CA VAL D 470 46.73 60.55 -21.62
C VAL D 470 47.88 59.93 -22.38
N ILE D 471 48.54 60.77 -23.19
CA ILE D 471 49.69 60.35 -23.97
C ILE D 471 50.90 61.16 -23.51
N ASP D 472 51.25 61.03 -22.23
CA ASP D 472 52.39 61.75 -21.67
C ASP D 472 53.69 61.19 -22.19
N GLU D 473 54.79 61.74 -21.69
CA GLU D 473 56.11 61.21 -22.02
C GLU D 473 56.27 59.79 -21.49
N ASN D 474 55.68 59.50 -20.33
CA ASN D 474 55.73 58.18 -19.72
C ASN D 474 54.77 57.18 -20.38
N LEU D 475 54.69 57.20 -21.70
CA LEU D 475 53.75 56.35 -22.44
C LEU D 475 54.38 54.98 -22.65
N ASP D 476 53.80 53.96 -22.03
CA ASP D 476 54.15 52.56 -22.27
C ASP D 476 53.03 51.93 -23.08
N LEU D 477 53.39 51.42 -24.27
CA LEU D 477 52.37 51.03 -25.24
C LEU D 477 51.56 49.83 -24.72
N GLU D 478 52.24 48.85 -24.14
CA GLU D 478 51.54 47.67 -23.61
C GLU D 478 50.67 48.05 -22.42
N ASP D 479 51.19 48.91 -21.56
CA ASP D 479 50.42 49.39 -20.42
C ASP D 479 49.23 50.21 -20.88
N PHE D 480 49.37 50.95 -21.98
CA PHE D 480 48.24 51.70 -22.53
C PHE D 480 47.16 50.76 -23.06
N LYS D 481 47.55 49.66 -23.69
CA LYS D 481 46.57 48.68 -24.16
C LYS D 481 45.81 48.07 -22.99
N LYS D 482 46.56 47.66 -21.95
CA LYS D 482 45.90 47.09 -20.77
C LYS D 482 45.00 48.11 -20.11
N GLU D 483 45.43 49.39 -20.08
CA GLU D 483 44.59 50.42 -19.50
C GLU D 483 43.29 50.56 -20.27
N LEU D 484 43.36 50.47 -21.61
CA LEU D 484 42.15 50.61 -22.39
C LEU D 484 41.16 49.51 -22.05
N ARG D 485 41.64 48.26 -21.97
CA ARG D 485 40.67 47.20 -21.77
C ARG D 485 40.20 47.13 -20.31
N TRP D 486 41.06 47.49 -19.36
CA TRP D 486 40.60 47.55 -17.96
C TRP D 486 39.61 48.68 -17.73
N ASN D 487 39.76 49.81 -18.42
CA ASN D 487 38.81 50.90 -18.26
C ASN D 487 37.47 50.58 -18.92
N GLU D 488 37.49 49.81 -20.01
CA GLU D 488 36.23 49.58 -20.73
C GLU D 488 35.15 48.97 -19.85
N LEU D 489 35.54 48.24 -18.81
CA LEU D 489 34.54 47.59 -17.96
C LEU D 489 34.15 48.42 -16.74
N TYR D 490 35.04 49.26 -16.21
CA TYR D 490 34.68 50.09 -15.06
C TYR D 490 33.62 51.12 -15.44
N TRP D 491 33.81 51.81 -16.56
CA TRP D 491 32.87 52.83 -16.99
C TRP D 491 31.63 52.26 -17.69
N GLY D 492 31.58 50.96 -17.94
CA GLY D 492 30.42 50.39 -18.59
C GLY D 492 29.24 50.23 -17.66
N LEU D 493 29.43 49.50 -16.56
CA LEU D 493 28.38 49.33 -15.56
C LEU D 493 28.45 50.43 -14.50
N LEU D 494 29.56 50.51 -13.75
CA LEU D 494 29.71 51.61 -12.81
C LEU D 494 30.02 52.90 -13.56
N LYS D 495 29.84 54.02 -12.85
CA LYS D 495 30.17 55.34 -13.37
C LYS D 495 30.59 56.28 -12.25
N MET E 1 -8.84 -19.98 -22.27
CA MET E 1 -10.02 -20.05 -23.13
C MET E 1 -11.24 -19.56 -22.39
N ILE E 2 -11.54 -20.20 -21.26
CA ILE E 2 -12.71 -19.88 -20.47
C ILE E 2 -12.25 -19.13 -19.22
N ASP E 3 -12.61 -17.86 -19.14
CA ASP E 3 -12.32 -17.02 -17.99
C ASP E 3 -13.63 -16.45 -17.47
N LEU E 4 -13.55 -15.74 -16.35
CA LEU E 4 -14.76 -15.29 -15.66
C LEU E 4 -15.05 -13.81 -15.91
N LYS E 5 -15.59 -13.13 -14.89
CA LYS E 5 -15.93 -11.70 -14.88
C LYS E 5 -17.37 -11.51 -15.32
N GLN E 6 -17.91 -12.43 -16.13
CA GLN E 6 -19.30 -12.30 -16.57
C GLN E 6 -20.26 -12.52 -15.41
N TYR E 7 -19.82 -13.27 -14.39
CA TYR E 7 -20.67 -13.55 -13.25
C TYR E 7 -20.85 -12.30 -12.39
N GLU E 8 -22.08 -12.07 -11.93
CA GLU E 8 -22.42 -10.92 -11.12
C GLU E 8 -22.91 -11.39 -9.77
N PHE E 9 -22.73 -10.56 -8.74
CA PHE E 9 -23.16 -10.89 -7.39
C PHE E 9 -24.20 -9.87 -6.94
N TRP E 10 -25.29 -10.37 -6.35
CA TRP E 10 -26.44 -9.55 -6.01
C TRP E 10 -26.30 -9.07 -4.57
N PHE E 11 -26.01 -7.80 -4.38
CA PHE E 11 -26.03 -7.20 -3.05
C PHE E 11 -27.47 -6.96 -2.63
N LEU E 12 -27.79 -7.33 -1.39
CA LEU E 12 -29.17 -7.39 -0.91
C LEU E 12 -29.26 -6.67 0.42
N VAL E 13 -30.05 -5.59 0.45
CA VAL E 13 -30.23 -4.78 1.65
C VAL E 13 -31.65 -5.03 2.15
N GLY E 14 -31.80 -5.08 3.46
CA GLY E 14 -33.06 -5.45 4.09
C GLY E 14 -33.64 -4.34 4.94
N SER E 15 -34.96 -4.21 4.89
CA SER E 15 -35.70 -3.27 5.72
C SER E 15 -37.09 -3.85 5.93
N GLN E 16 -38.02 -3.02 6.38
CA GLN E 16 -39.39 -3.45 6.58
C GLN E 16 -40.34 -2.34 6.15
N TYR E 17 -41.58 -2.74 5.89
CA TYR E 17 -42.62 -1.80 5.48
C TYR E 17 -42.98 -0.82 6.59
N LEU E 18 -42.70 -1.17 7.85
CA LEU E 18 -43.00 -0.31 9.00
C LEU E 18 -41.99 0.83 9.17
N TYR E 19 -41.57 1.46 8.08
CA TYR E 19 -40.64 2.58 8.15
C TYR E 19 -41.11 3.70 7.24
N GLY E 20 -40.57 4.89 7.48
CA GLY E 20 -40.86 6.02 6.62
C GLY E 20 -40.17 5.87 5.28
N LEU E 21 -40.88 6.26 4.22
CA LEU E 21 -40.33 6.17 2.87
C LEU E 21 -39.16 7.11 2.65
N GLU E 22 -38.95 8.09 3.54
CA GLU E 22 -37.85 9.02 3.36
C GLU E 22 -36.51 8.41 3.76
N THR E 23 -36.45 7.74 4.91
CA THR E 23 -35.20 7.15 5.37
C THR E 23 -34.84 5.90 4.59
N LEU E 24 -35.81 5.26 3.92
CA LEU E 24 -35.50 4.11 3.09
C LEU E 24 -34.66 4.54 1.90
N LYS E 25 -34.92 5.73 1.36
CA LYS E 25 -34.09 6.23 0.27
C LYS E 25 -32.69 6.59 0.78
N LYS E 26 -32.56 6.99 2.05
CA LYS E 26 -31.22 7.17 2.60
C LYS E 26 -30.49 5.84 2.68
N VAL E 27 -31.23 4.77 2.98
CA VAL E 27 -30.60 3.45 3.01
C VAL E 27 -30.16 3.05 1.61
N GLU E 28 -31.01 3.29 0.61
CA GLU E 28 -30.64 2.97 -0.77
C GLU E 28 -29.42 3.78 -1.22
N GLN E 29 -29.38 5.06 -0.87
CA GLN E 29 -28.25 5.91 -1.28
C GLN E 29 -26.97 5.46 -0.61
N GLN E 30 -27.04 5.07 0.67
CA GLN E 30 -25.84 4.61 1.37
C GLN E 30 -25.35 3.29 0.78
N ALA E 31 -26.29 2.40 0.43
CA ALA E 31 -25.90 1.14 -0.20
C ALA E 31 -25.26 1.37 -1.56
N SER E 32 -25.77 2.34 -2.33
CA SER E 32 -25.14 2.68 -3.60
C SER E 32 -23.74 3.22 -3.38
N LYS E 33 -23.57 4.07 -2.37
CA LYS E 33 -22.25 4.61 -2.06
C LYS E 33 -21.29 3.50 -1.66
N ILE E 34 -21.79 2.42 -1.07
CA ILE E 34 -20.92 1.31 -0.70
C ILE E 34 -20.58 0.47 -1.92
N VAL E 35 -21.59 0.08 -2.71
CA VAL E 35 -21.35 -0.87 -3.79
C VAL E 35 -20.54 -0.25 -4.94
N ASP E 36 -20.69 1.06 -5.17
CA ASP E 36 -19.93 1.68 -6.26
C ASP E 36 -18.44 1.73 -5.91
N SER E 37 -18.13 2.17 -4.69
CA SER E 37 -16.75 2.14 -4.22
C SER E 37 -16.24 0.72 -4.09
N LEU E 38 -17.13 -0.25 -3.90
CA LEU E 38 -16.71 -1.65 -3.85
C LEU E 38 -16.28 -2.13 -5.22
N ASN E 39 -17.03 -1.77 -6.27
CA ASN E 39 -16.61 -2.10 -7.62
C ASN E 39 -15.36 -1.33 -8.04
N ASP E 40 -15.09 -0.18 -7.42
CA ASP E 40 -13.87 0.53 -7.77
C ASP E 40 -12.61 -0.24 -7.37
N ASP E 41 -12.70 -1.09 -6.35
CA ASP E 41 -11.55 -1.87 -5.89
C ASP E 41 -11.30 -3.04 -6.86
N PRO E 42 -10.08 -3.18 -7.37
CA PRO E 42 -9.80 -4.28 -8.31
C PRO E 42 -9.59 -5.63 -7.66
N ILE E 43 -9.73 -5.74 -6.34
CA ILE E 43 -9.57 -7.02 -5.67
C ILE E 43 -10.72 -7.96 -6.03
N PHE E 44 -11.92 -7.42 -6.17
CA PHE E 44 -13.08 -8.23 -6.54
C PHE E 44 -12.98 -8.68 -7.98
N PRO E 45 -13.05 -9.99 -8.26
CA PRO E 45 -12.93 -10.46 -9.65
C PRO E 45 -14.20 -10.36 -10.46
N SER E 46 -15.32 -9.94 -9.86
CA SER E 46 -16.59 -9.87 -10.56
C SER E 46 -17.36 -8.65 -10.09
N LYS E 47 -18.39 -8.29 -10.85
CA LYS E 47 -19.17 -7.11 -10.55
C LYS E 47 -20.25 -7.39 -9.50
N ILE E 48 -20.75 -6.31 -8.92
CA ILE E 48 -21.82 -6.34 -7.93
C ILE E 48 -23.00 -5.56 -8.49
N VAL E 49 -24.20 -6.00 -8.13
CA VAL E 49 -25.45 -5.43 -8.60
C VAL E 49 -26.31 -5.17 -7.36
N LEU E 50 -26.55 -3.91 -7.05
CA LEU E 50 -27.44 -3.54 -5.96
C LEU E 50 -28.88 -3.68 -6.42
N LYS E 51 -29.71 -4.33 -5.61
CA LYS E 51 -31.11 -4.51 -5.91
C LYS E 51 -31.97 -3.77 -4.88
N PRO E 52 -33.19 -3.37 -5.26
CA PRO E 52 -33.98 -2.47 -4.40
C PRO E 52 -34.14 -3.03 -2.99
N VAL E 53 -34.14 -2.12 -2.01
CA VAL E 53 -34.23 -2.53 -0.61
C VAL E 53 -35.52 -3.28 -0.37
N LEU E 54 -35.42 -4.41 0.31
CA LEU E 54 -36.56 -5.30 0.52
C LEU E 54 -37.24 -4.95 1.84
N LYS E 55 -38.56 -4.92 1.82
CA LYS E 55 -39.34 -4.57 3.00
C LYS E 55 -40.38 -5.63 3.35
N SER E 56 -41.00 -6.27 2.36
CA SER E 56 -42.01 -7.28 2.57
C SER E 56 -41.46 -8.66 2.20
N SER E 57 -42.21 -9.69 2.57
CA SER E 57 -41.80 -11.07 2.31
C SER E 57 -41.85 -11.39 0.81
N SER E 58 -42.86 -10.84 0.11
CA SER E 58 -43.01 -11.12 -1.30
C SER E 58 -41.84 -10.57 -2.11
N GLU E 59 -41.30 -9.43 -1.71
CA GLU E 59 -40.12 -8.91 -2.39
C GLU E 59 -38.93 -9.84 -2.17
N ILE E 60 -38.84 -10.43 -0.97
CA ILE E 60 -37.77 -11.37 -0.66
C ILE E 60 -37.84 -12.56 -1.61
N THR E 61 -39.03 -13.18 -1.72
CA THR E 61 -39.12 -14.34 -2.58
C THR E 61 -38.95 -13.97 -4.05
N GLU E 62 -39.37 -12.77 -4.46
CA GLU E 62 -39.15 -12.36 -5.84
C GLU E 62 -37.66 -12.29 -6.16
N ILE E 63 -36.87 -11.70 -5.24
CA ILE E 63 -35.45 -11.58 -5.49
C ILE E 63 -34.78 -12.96 -5.50
N PHE E 64 -35.14 -13.83 -4.55
CA PHE E 64 -34.50 -15.15 -4.55
C PHE E 64 -34.90 -15.99 -5.77
N GLU E 65 -36.14 -15.85 -6.24
CA GLU E 65 -36.53 -16.56 -7.46
C GLU E 65 -35.73 -16.08 -8.65
N LYS E 66 -35.54 -14.76 -8.77
CA LYS E 66 -34.72 -14.27 -9.88
C LYS E 66 -33.26 -14.64 -9.69
N ALA E 67 -32.81 -14.82 -8.45
CA ALA E 67 -31.43 -15.25 -8.22
C ALA E 67 -31.23 -16.67 -8.71
N ASN E 68 -32.23 -17.54 -8.54
CA ASN E 68 -32.12 -18.88 -9.12
C ASN E 68 -32.43 -18.90 -10.61
N ALA E 69 -33.04 -17.86 -11.16
CA ALA E 69 -33.39 -17.87 -12.57
C ALA E 69 -32.29 -17.32 -13.47
N ASP E 70 -31.60 -16.26 -13.04
CA ASP E 70 -30.56 -15.65 -13.87
C ASP E 70 -29.30 -16.52 -13.80
N PRO E 71 -28.85 -17.11 -14.92
CA PRO E 71 -27.64 -17.95 -14.86
C PRO E 71 -26.35 -17.19 -14.62
N LYS E 72 -26.32 -15.88 -14.89
CA LYS E 72 -25.10 -15.10 -14.64
C LYS E 72 -24.92 -14.80 -13.16
N CYS E 73 -25.97 -14.93 -12.36
CA CYS E 73 -25.86 -14.76 -10.92
C CYS E 73 -25.20 -15.98 -10.30
N ALA E 74 -24.13 -15.77 -9.55
CA ALA E 74 -23.38 -16.85 -8.93
C ALA E 74 -23.25 -16.67 -7.42
N GLY E 75 -24.02 -15.78 -6.82
CA GLY E 75 -23.95 -15.55 -5.39
C GLY E 75 -24.83 -14.41 -4.93
N VAL E 76 -25.15 -14.38 -3.65
CA VAL E 76 -25.96 -13.33 -3.06
C VAL E 76 -25.29 -12.88 -1.77
N ILE E 77 -25.12 -11.56 -1.62
CA ILE E 77 -24.53 -10.97 -0.43
C ILE E 77 -25.66 -10.28 0.32
N VAL E 78 -25.89 -10.69 1.56
CA VAL E 78 -27.01 -10.19 2.36
C VAL E 78 -26.44 -9.31 3.47
N TRP E 79 -27.02 -8.13 3.64
CA TRP E 79 -26.61 -7.22 4.70
C TRP E 79 -27.82 -6.45 5.21
N MET E 80 -28.03 -6.47 6.51
CA MET E 80 -29.16 -5.78 7.13
C MET E 80 -28.72 -4.38 7.52
N HIS E 81 -29.12 -3.38 6.74
CA HIS E 81 -28.84 -2.00 7.09
C HIS E 81 -29.65 -1.61 8.33
N THR E 82 -30.94 -1.91 8.33
CA THR E 82 -31.81 -1.70 9.49
C THR E 82 -32.42 -3.02 9.92
N PHE E 83 -33.20 -2.96 11.00
CA PHE E 83 -33.82 -4.14 11.57
C PHE E 83 -34.90 -4.67 10.62
N SER E 84 -34.60 -5.78 9.95
CA SER E 84 -35.57 -6.47 9.12
C SER E 84 -35.97 -7.77 9.81
N PRO E 85 -37.23 -7.93 10.22
CA PRO E 85 -37.62 -9.15 10.92
C PRO E 85 -37.44 -10.38 10.04
N SER E 86 -36.97 -11.46 10.68
CA SER E 86 -36.50 -12.63 9.93
C SER E 86 -37.62 -13.49 9.37
N LYS E 87 -38.79 -13.52 10.02
CA LYS E 87 -39.86 -14.37 9.52
C LYS E 87 -40.32 -13.96 8.13
N MET E 88 -39.98 -12.76 7.68
CA MET E 88 -40.25 -12.39 6.30
C MET E 88 -39.27 -13.08 5.34
N TRP E 89 -38.07 -13.39 5.82
CA TRP E 89 -37.04 -13.98 4.98
C TRP E 89 -37.15 -15.48 4.85
N ILE E 90 -38.05 -16.12 5.59
CA ILE E 90 -38.12 -17.58 5.61
C ILE E 90 -38.52 -18.11 4.24
N ARG E 91 -39.58 -17.55 3.65
CA ARG E 91 -40.05 -18.02 2.36
C ARG E 91 -39.03 -17.75 1.26
N GLY E 92 -38.22 -16.71 1.40
CA GLY E 92 -37.22 -16.39 0.40
C GLY E 92 -36.00 -17.28 0.49
N LEU E 93 -35.59 -17.60 1.71
CA LEU E 93 -34.43 -18.47 1.91
C LEU E 93 -34.74 -19.93 1.63
N SER E 94 -36.02 -20.32 1.71
CA SER E 94 -36.41 -21.71 1.49
C SER E 94 -36.47 -22.08 0.01
N ILE E 95 -36.10 -21.18 -0.90
CA ILE E 95 -36.17 -21.48 -2.32
C ILE E 95 -34.83 -21.31 -3.02
N ASN E 96 -33.90 -20.51 -2.50
CA ASN E 96 -32.66 -20.25 -3.21
C ASN E 96 -31.61 -21.30 -2.89
N LYS E 97 -30.80 -21.61 -3.89
CA LYS E 97 -29.65 -22.49 -3.73
C LYS E 97 -28.34 -21.83 -4.11
N LYS E 98 -28.37 -20.54 -4.47
CA LYS E 98 -27.15 -19.82 -4.77
C LYS E 98 -26.38 -19.55 -3.47
N PRO E 99 -25.06 -19.49 -3.54
CA PRO E 99 -24.27 -19.25 -2.33
C PRO E 99 -24.63 -17.93 -1.67
N LEU E 100 -24.56 -17.92 -0.33
CA LEU E 100 -24.86 -16.75 0.47
C LEU E 100 -23.59 -16.28 1.17
N LEU E 101 -23.39 -14.96 1.17
CA LEU E 101 -22.38 -14.32 2.00
C LEU E 101 -23.08 -13.31 2.90
N HIS E 102 -22.86 -13.43 4.19
CA HIS E 102 -23.51 -12.56 5.17
C HIS E 102 -22.53 -11.45 5.53
N LEU E 103 -22.72 -10.28 4.92
CA LEU E 103 -21.86 -9.13 5.19
C LEU E 103 -22.38 -8.40 6.41
N HIS E 104 -21.57 -8.36 7.47
CA HIS E 104 -21.89 -7.65 8.70
C HIS E 104 -21.02 -6.41 8.74
N THR E 105 -21.63 -5.25 8.58
CA THR E 105 -20.87 -4.02 8.43
C THR E 105 -21.73 -2.83 8.81
N GLN E 106 -21.05 -1.73 9.13
CA GLN E 106 -21.67 -0.45 9.40
C GLN E 106 -21.06 0.57 8.46
N TYR E 107 -21.89 1.42 7.86
CA TYR E 107 -21.42 2.28 6.78
C TYR E 107 -20.40 3.31 7.29
N ASN E 108 -20.60 3.81 8.51
CA ASN E 108 -19.68 4.74 9.13
C ASN E 108 -18.74 4.00 10.07
N ARG E 109 -17.46 4.38 10.05
CA ARG E 109 -16.47 3.69 10.87
C ARG E 109 -16.63 4.09 12.34
N GLU E 110 -16.39 5.36 12.65
CA GLU E 110 -16.43 5.84 14.03
C GLU E 110 -17.85 6.29 14.39
N ILE E 111 -18.02 6.74 15.63
CA ILE E 111 -19.32 7.16 16.16
C ILE E 111 -19.29 8.67 16.33
N PRO E 112 -20.26 9.42 15.77
CA PRO E 112 -20.38 10.85 16.09
C PRO E 112 -20.76 11.06 17.55
N TRP E 113 -19.76 11.14 18.43
CA TRP E 113 -20.02 11.12 19.86
C TRP E 113 -20.93 12.26 20.30
N ASP E 114 -20.80 13.43 19.68
CA ASP E 114 -21.56 14.60 20.10
C ASP E 114 -22.87 14.80 19.35
N THR E 115 -23.16 13.99 18.32
CA THR E 115 -24.33 14.20 17.49
C THR E 115 -25.14 12.92 17.32
N ILE E 116 -24.91 11.90 18.15
CA ILE E 116 -25.69 10.67 18.10
C ILE E 116 -27.05 10.93 18.73
N ASP E 117 -28.11 10.82 17.92
CA ASP E 117 -29.48 11.06 18.35
C ASP E 117 -30.35 9.88 17.95
N MET E 118 -31.63 9.94 18.31
CA MET E 118 -32.56 8.85 18.03
C MET E 118 -32.86 8.72 16.55
N ASP E 119 -32.67 9.77 15.77
CA ASP E 119 -32.84 9.69 14.33
C ASP E 119 -31.64 9.06 13.63
N TYR E 120 -30.54 8.84 14.35
CA TYR E 120 -29.38 8.14 13.83
C TYR E 120 -29.34 6.68 14.27
N MET E 121 -29.73 6.40 15.53
CA MET E 121 -29.85 5.02 15.96
C MET E 121 -30.94 4.29 15.17
N ASN E 122 -32.00 5.00 14.79
CA ASN E 122 -33.05 4.38 13.99
C ASN E 122 -32.60 4.08 12.57
N LEU E 123 -31.61 4.84 12.07
CA LEU E 123 -31.12 4.61 10.71
C LEU E 123 -30.12 3.46 10.66
N ASN E 124 -29.03 3.59 11.41
CA ASN E 124 -27.96 2.59 11.41
C ASN E 124 -28.22 1.55 12.49
N GLN E 125 -29.24 0.73 12.24
CA GLN E 125 -29.56 -0.42 13.09
C GLN E 125 -28.83 -1.68 12.65
N SER E 126 -27.56 -1.57 12.29
CA SER E 126 -26.84 -2.72 11.75
C SER E 126 -26.48 -3.72 12.84
N ALA E 127 -26.07 -3.24 14.01
CA ALA E 127 -25.56 -4.15 15.04
C ALA E 127 -26.62 -5.17 15.45
N HIS E 128 -27.82 -4.72 15.78
CA HIS E 128 -28.91 -5.61 16.14
C HIS E 128 -29.85 -5.88 14.98
N GLY E 129 -29.45 -5.54 13.77
CA GLY E 129 -30.27 -5.79 12.62
C GLY E 129 -30.11 -7.20 12.07
N ASP E 130 -28.87 -7.60 11.78
CA ASP E 130 -28.60 -8.92 11.22
C ASP E 130 -28.31 -9.98 12.27
N ARG E 131 -28.23 -9.64 13.54
CA ARG E 131 -28.17 -10.71 14.53
C ARG E 131 -29.47 -11.53 14.49
N GLU E 132 -30.60 -10.83 14.39
CA GLU E 132 -31.89 -11.48 14.18
C GLU E 132 -31.91 -12.26 12.87
N HIS E 133 -31.24 -11.75 11.84
CA HIS E 133 -31.22 -12.44 10.55
C HIS E 133 -30.33 -13.69 10.60
N GLY E 134 -29.14 -13.57 11.16
CA GLY E 134 -28.27 -14.73 11.31
C GLY E 134 -28.91 -15.81 12.15
N PHE E 135 -29.82 -15.43 13.06
CA PHE E 135 -30.55 -16.45 13.78
C PHE E 135 -31.36 -17.32 12.83
N ILE E 136 -32.02 -16.71 11.83
CA ILE E 136 -32.85 -17.51 10.94
C ILE E 136 -32.00 -18.45 10.09
N HIS E 137 -30.73 -18.10 9.84
CA HIS E 137 -29.84 -19.01 9.14
C HIS E 137 -29.45 -20.18 10.03
N ALA E 138 -28.94 -19.87 11.23
CA ALA E 138 -28.65 -20.94 12.18
C ALA E 138 -29.85 -21.84 12.44
N ARG E 139 -31.05 -21.27 12.43
CA ARG E 139 -32.28 -22.03 12.67
C ARG E 139 -32.63 -22.92 11.49
N MET E 140 -32.57 -22.38 10.28
CA MET E 140 -32.93 -23.16 9.10
C MET E 140 -31.80 -24.07 8.60
N ARG E 141 -30.67 -24.12 9.31
CA ARG E 141 -29.53 -24.94 8.92
C ARG E 141 -29.12 -24.63 7.48
N LEU E 142 -29.09 -23.35 7.15
CA LEU E 142 -28.77 -22.91 5.80
C LEU E 142 -27.28 -22.61 5.70
N PRO E 143 -26.59 -23.07 4.66
CA PRO E 143 -25.15 -22.82 4.55
C PRO E 143 -24.87 -21.41 4.04
N ARG E 144 -23.91 -20.76 4.69
CA ARG E 144 -23.52 -19.40 4.30
C ARG E 144 -22.18 -19.07 4.93
N LYS E 145 -21.53 -18.04 4.39
CA LYS E 145 -20.28 -17.51 4.91
C LYS E 145 -20.57 -16.20 5.64
N VAL E 146 -20.09 -16.08 6.87
CA VAL E 146 -20.30 -14.89 7.68
C VAL E 146 -19.01 -14.08 7.72
N VAL E 147 -19.12 -12.79 7.45
CA VAL E 147 -17.97 -11.89 7.40
C VAL E 147 -18.35 -10.61 8.12
N VAL E 148 -17.52 -10.20 9.08
CA VAL E 148 -17.76 -9.01 9.89
C VAL E 148 -16.59 -8.05 9.71
N GLY E 149 -16.89 -6.78 9.56
CA GLY E 149 -15.89 -5.74 9.40
C GLY E 149 -16.39 -4.60 8.55
N HIS E 150 -15.72 -3.46 8.68
CA HIS E 150 -16.08 -2.26 7.93
C HIS E 150 -15.61 -2.39 6.49
N TRP E 151 -16.48 -2.04 5.54
CA TRP E 151 -16.23 -2.29 4.13
C TRP E 151 -15.02 -1.54 3.59
N GLU E 152 -14.50 -0.54 4.31
CA GLU E 152 -13.29 0.13 3.85
C GLU E 152 -12.02 -0.65 4.18
N GLU E 153 -12.06 -1.54 5.17
CA GLU E 153 -10.89 -2.31 5.53
C GLU E 153 -10.57 -3.33 4.44
N LYS E 154 -9.28 -3.64 4.29
CA LYS E 154 -8.82 -4.54 3.24
C LYS E 154 -8.98 -6.02 3.61
N GLU E 155 -8.87 -6.36 4.89
CA GLU E 155 -8.94 -7.76 5.30
C GLU E 155 -10.32 -8.36 5.00
N VAL E 156 -11.38 -7.63 5.37
CA VAL E 156 -12.74 -8.06 5.08
C VAL E 156 -12.98 -8.13 3.59
N ARG E 157 -12.38 -7.20 2.83
CA ARG E 157 -12.55 -7.21 1.39
C ARG E 157 -11.88 -8.43 0.76
N GLU E 158 -10.74 -8.84 1.30
CA GLU E 158 -10.10 -10.06 0.82
C GLU E 158 -10.96 -11.27 1.10
N LYS E 159 -11.55 -11.33 2.30
CA LYS E 159 -12.41 -12.47 2.63
C LYS E 159 -13.59 -12.56 1.67
N ILE E 160 -14.27 -11.43 1.44
CA ILE E 160 -15.45 -11.47 0.58
C ILE E 160 -15.05 -11.75 -0.87
N ALA E 161 -13.85 -11.34 -1.29
CA ALA E 161 -13.43 -11.61 -2.67
C ALA E 161 -13.07 -13.09 -2.86
N LYS E 162 -12.42 -13.69 -1.86
CA LYS E 162 -12.16 -15.13 -1.94
C LYS E 162 -13.47 -15.89 -2.01
N TRP E 163 -14.47 -15.46 -1.25
CA TRP E 163 -15.78 -16.11 -1.33
C TRP E 163 -16.38 -15.95 -2.71
N MET E 164 -16.16 -14.79 -3.34
CA MET E 164 -16.66 -14.60 -4.70
C MET E 164 -16.00 -15.57 -5.68
N ARG E 165 -14.67 -15.73 -5.58
CA ARG E 165 -13.99 -16.65 -6.49
C ARG E 165 -14.52 -18.06 -6.33
N VAL E 166 -14.77 -18.49 -5.09
CA VAL E 166 -15.31 -19.84 -4.93
C VAL E 166 -16.76 -19.91 -5.41
N ALA E 167 -17.55 -18.86 -5.13
CA ALA E 167 -18.96 -18.86 -5.51
C ALA E 167 -19.15 -18.87 -7.01
N CYS E 168 -18.16 -18.45 -7.78
CA CYS E 168 -18.26 -18.67 -9.22
C CYS E 168 -17.56 -19.94 -9.67
N ALA E 169 -16.67 -20.51 -8.84
CA ALA E 169 -16.10 -21.81 -9.18
C ALA E 169 -17.14 -22.91 -9.14
N ILE E 170 -18.13 -22.82 -8.25
CA ILE E 170 -19.17 -23.84 -8.18
C ILE E 170 -20.10 -23.72 -9.37
N GLN E 171 -20.26 -22.52 -9.92
CA GLN E 171 -21.15 -22.34 -11.06
C GLN E 171 -20.56 -22.98 -12.31
N ASP E 172 -19.24 -22.93 -12.47
CA ASP E 172 -18.54 -23.64 -13.54
C ASP E 172 -18.37 -25.11 -13.10
N GLY E 173 -19.51 -25.78 -12.98
CA GLY E 173 -19.58 -27.14 -12.49
C GLY E 173 -21.02 -27.56 -12.37
N ARG E 174 -21.88 -26.63 -11.97
CA ARG E 174 -23.32 -26.85 -12.07
C ARG E 174 -23.80 -26.72 -13.50
N MET E 175 -23.16 -25.86 -14.30
CA MET E 175 -23.48 -25.66 -15.69
C MET E 175 -22.68 -26.57 -16.61
N GLY E 176 -21.39 -26.68 -16.38
CA GLY E 176 -20.51 -27.44 -17.24
C GLY E 176 -20.75 -28.93 -17.19
N GLN E 177 -19.98 -29.64 -18.02
CA GLN E 177 -20.08 -31.08 -18.13
C GLN E 177 -18.66 -31.65 -18.23
N ILE E 178 -18.46 -32.84 -17.66
CA ILE E 178 -17.17 -33.53 -17.67
C ILE E 178 -17.23 -34.69 -18.66
N VAL E 179 -16.17 -34.82 -19.45
CA VAL E 179 -16.10 -35.78 -20.55
C VAL E 179 -15.08 -36.84 -20.15
N ARG E 180 -15.43 -38.10 -20.37
CA ARG E 180 -14.55 -39.21 -20.05
C ARG E 180 -14.23 -39.97 -21.33
N PHE E 181 -12.95 -40.09 -21.67
CA PHE E 181 -12.52 -40.92 -22.79
C PHE E 181 -11.98 -42.23 -22.22
N GLY E 182 -12.88 -43.20 -22.06
CA GLY E 182 -12.56 -44.44 -21.38
C GLY E 182 -12.88 -44.37 -19.91
N ASP E 183 -13.16 -45.53 -19.31
CA ASP E 183 -13.54 -45.59 -17.92
C ASP E 183 -12.30 -45.56 -17.04
N ASN E 184 -12.47 -45.86 -15.75
CA ASN E 184 -11.35 -45.81 -14.82
C ASN E 184 -10.40 -46.97 -15.08
N MET E 185 -9.17 -46.82 -14.56
CA MET E 185 -8.23 -47.92 -14.56
C MET E 185 -8.81 -49.08 -13.77
N ARG E 186 -8.68 -50.28 -14.31
CA ARG E 186 -9.31 -51.45 -13.68
C ARG E 186 -8.75 -51.71 -12.29
N GLU E 187 -9.64 -52.09 -11.38
CA GLU E 187 -9.39 -52.47 -10.00
C GLU E 187 -8.95 -51.29 -9.13
N VAL E 188 -8.91 -50.08 -9.66
CA VAL E 188 -8.57 -48.92 -8.85
C VAL E 188 -9.83 -48.41 -8.15
N ALA E 189 -9.70 -48.08 -6.88
CA ALA E 189 -10.84 -47.74 -6.03
C ALA E 189 -10.96 -46.25 -5.74
N SER E 190 -9.85 -45.56 -5.48
CA SER E 190 -9.93 -44.15 -5.10
C SER E 190 -10.41 -43.27 -6.25
N THR E 191 -10.18 -43.71 -7.49
CA THR E 191 -10.66 -42.95 -8.64
C THR E 191 -12.14 -43.14 -8.89
N GLU E 192 -12.73 -44.23 -8.39
CA GLU E 192 -14.14 -44.52 -8.60
C GLU E 192 -15.02 -43.70 -7.66
N GLY E 193 -16.29 -43.55 -8.05
CA GLY E 193 -17.25 -42.84 -7.25
C GLY E 193 -18.63 -42.97 -7.86
N ASP E 194 -19.63 -42.44 -7.14
CA ASP E 194 -21.01 -42.46 -7.60
C ASP E 194 -21.27 -41.21 -8.43
N LYS E 195 -21.46 -41.39 -9.73
CA LYS E 195 -21.65 -40.26 -10.63
C LYS E 195 -22.97 -39.53 -10.40
N VAL E 196 -23.97 -40.18 -9.80
CA VAL E 196 -25.27 -39.54 -9.61
C VAL E 196 -25.27 -38.66 -8.37
N GLU E 197 -24.72 -39.16 -7.26
CA GLU E 197 -24.64 -38.35 -6.06
C GLU E 197 -23.72 -37.16 -6.26
N ALA E 198 -22.83 -37.22 -7.26
CA ALA E 198 -22.00 -36.06 -7.58
C ALA E 198 -22.83 -34.95 -8.20
N GLN E 199 -23.74 -35.30 -9.11
CA GLN E 199 -24.65 -34.31 -9.66
C GLN E 199 -25.60 -33.79 -8.58
N ILE E 200 -26.00 -34.65 -7.64
CA ILE E 200 -26.94 -34.21 -6.62
C ILE E 200 -26.26 -33.27 -5.62
N LYS E 201 -25.02 -33.57 -5.24
CA LYS E 201 -24.33 -32.79 -4.22
C LYS E 201 -23.50 -31.66 -4.81
N LEU E 202 -22.56 -31.98 -5.69
CA LEU E 202 -21.66 -30.97 -6.24
C LEU E 202 -22.20 -30.32 -7.51
N GLY E 203 -23.12 -30.97 -8.21
CA GLY E 203 -23.67 -30.46 -9.44
C GLY E 203 -22.88 -30.85 -10.68
N TRP E 204 -21.74 -31.51 -10.52
CA TRP E 204 -20.88 -31.88 -11.64
C TRP E 204 -21.60 -32.89 -12.53
N SER E 205 -22.05 -32.45 -13.71
CA SER E 205 -22.52 -33.39 -14.71
C SER E 205 -21.32 -34.13 -15.31
N ILE E 206 -21.47 -35.44 -15.51
CA ILE E 206 -20.35 -36.28 -15.92
C ILE E 206 -20.86 -37.36 -16.88
N ASN E 207 -20.16 -37.55 -18.00
CA ASN E 207 -20.54 -38.60 -18.94
C ASN E 207 -19.30 -39.18 -19.60
N THR E 208 -19.49 -40.37 -20.20
CA THR E 208 -18.41 -41.15 -20.78
C THR E 208 -18.66 -41.40 -22.26
N TRP E 209 -17.58 -41.38 -23.05
CA TRP E 209 -17.58 -41.65 -24.47
C TRP E 209 -16.51 -42.68 -24.79
N GLY E 210 -16.75 -43.47 -25.84
CA GLY E 210 -15.74 -44.40 -26.30
C GLY E 210 -14.54 -43.70 -26.92
N VAL E 211 -13.37 -44.34 -26.79
CA VAL E 211 -12.14 -43.75 -27.30
C VAL E 211 -12.12 -43.76 -28.83
N GLY E 212 -12.86 -44.68 -29.46
CA GLY E 212 -12.96 -44.66 -30.91
C GLY E 212 -13.58 -43.38 -31.43
N GLU E 213 -14.45 -42.76 -30.64
CA GLU E 213 -15.00 -41.46 -31.01
C GLU E 213 -13.90 -40.42 -31.16
N LEU E 214 -12.88 -40.50 -30.29
CA LEU E 214 -11.73 -39.60 -30.42
C LEU E 214 -10.84 -40.02 -31.58
N ALA E 215 -10.74 -41.32 -31.84
CA ALA E 215 -9.95 -41.79 -32.97
C ALA E 215 -10.58 -41.37 -34.30
N GLU E 216 -11.89 -41.13 -34.32
CA GLU E 216 -12.52 -40.59 -35.52
C GLU E 216 -12.06 -39.17 -35.77
N ARG E 217 -11.97 -38.35 -34.72
CA ARG E 217 -11.64 -36.94 -34.90
C ARG E 217 -10.16 -36.74 -35.17
N VAL E 218 -9.29 -37.61 -34.66
CA VAL E 218 -7.86 -37.35 -34.80
C VAL E 218 -7.40 -37.50 -36.25
N LYS E 219 -8.09 -38.32 -37.04
CA LYS E 219 -7.60 -38.60 -38.38
C LYS E 219 -8.11 -37.61 -39.42
N ALA E 220 -9.30 -37.04 -39.23
CA ALA E 220 -9.90 -36.13 -40.19
C ALA E 220 -9.45 -34.69 -40.00
N VAL E 221 -8.30 -34.47 -39.37
CA VAL E 221 -7.78 -33.12 -39.12
C VAL E 221 -7.16 -32.57 -40.40
N PRO E 222 -7.45 -31.32 -40.77
CA PRO E 222 -6.78 -30.72 -41.92
C PRO E 222 -5.27 -30.60 -41.68
N GLU E 223 -4.54 -30.40 -42.78
CA GLU E 223 -3.08 -30.39 -42.69
C GLU E 223 -2.53 -29.03 -42.27
N ARG E 224 -3.08 -27.95 -42.82
CA ARG E 224 -2.61 -26.61 -42.49
C ARG E 224 -3.10 -26.13 -41.12
N GLU E 225 -3.74 -27.00 -40.34
CA GLU E 225 -4.12 -26.66 -38.98
C GLU E 225 -3.07 -27.08 -37.97
N VAL E 226 -2.26 -28.10 -38.28
CA VAL E 226 -1.24 -28.54 -37.33
C VAL E 226 0.01 -27.68 -37.40
N GLU E 227 0.30 -27.10 -38.58
CA GLU E 227 1.47 -26.24 -38.71
C GLU E 227 1.24 -24.89 -38.05
N GLU E 228 0.00 -24.41 -38.02
CA GLU E 228 -0.31 -23.19 -37.27
C GLU E 228 -0.12 -23.41 -35.78
N LEU E 229 -0.22 -24.66 -35.33
CA LEU E 229 0.15 -24.98 -33.95
C LEU E 229 1.66 -25.15 -33.80
N LEU E 230 2.33 -25.66 -34.84
CA LEU E 230 3.77 -25.84 -34.76
C LEU E 230 4.50 -24.51 -34.69
N LYS E 231 3.98 -23.46 -35.32
CA LYS E 231 4.64 -22.15 -35.20
C LYS E 231 4.55 -21.62 -33.77
N GLU E 232 3.41 -21.84 -33.10
CA GLU E 232 3.30 -21.49 -31.69
C GLU E 232 4.24 -22.34 -30.84
N TYR E 233 4.33 -23.64 -31.15
CA TYR E 233 5.28 -24.52 -30.48
C TYR E 233 6.70 -23.97 -30.59
N ARG E 234 7.07 -23.47 -31.77
CA ARG E 234 8.38 -22.87 -31.95
C ARG E 234 8.51 -21.59 -31.15
N GLU E 235 7.45 -20.78 -31.10
CA GLU E 235 7.48 -19.56 -30.30
C GLU E 235 7.62 -19.85 -28.80
N LYS E 236 7.22 -21.02 -28.34
CA LYS E 236 7.27 -21.28 -26.90
C LYS E 236 8.14 -22.46 -26.49
N TYR E 237 8.29 -23.49 -27.32
CA TYR E 237 8.97 -24.71 -26.88
C TYR E 237 9.96 -25.26 -27.90
N ILE E 238 9.69 -26.48 -28.38
CA ILE E 238 10.36 -27.13 -29.50
C ILE E 238 11.70 -27.75 -29.13
N MET E 239 11.91 -29.01 -29.60
CA MET E 239 13.03 -29.94 -29.58
C MET E 239 13.82 -29.78 -30.89
N PRO E 240 15.12 -30.25 -30.98
CA PRO E 240 16.03 -29.61 -31.94
C PRO E 240 15.57 -29.64 -33.39
N GLU E 241 15.68 -30.78 -34.08
CA GLU E 241 15.48 -30.80 -35.53
C GLU E 241 14.45 -31.84 -35.91
N ASP E 242 14.07 -31.81 -37.19
CA ASP E 242 13.07 -32.70 -37.77
C ASP E 242 13.61 -34.13 -37.75
N GLU E 243 13.19 -34.91 -36.76
CA GLU E 243 13.56 -36.32 -36.67
C GLU E 243 12.32 -37.13 -36.30
N TYR E 244 12.49 -38.21 -35.55
CA TYR E 244 11.35 -38.85 -34.91
C TYR E 244 10.78 -37.99 -33.79
N SER E 245 11.52 -36.98 -33.36
CA SER E 245 11.05 -36.10 -32.30
C SER E 245 9.98 -35.14 -32.81
N LEU E 246 10.09 -34.71 -34.07
CA LEU E 246 9.11 -33.79 -34.64
C LEU E 246 7.86 -34.51 -35.16
N LYS E 247 7.94 -35.82 -35.37
CA LYS E 247 6.76 -36.59 -35.76
C LYS E 247 5.71 -36.62 -34.65
N ALA E 248 6.16 -36.79 -33.42
CA ALA E 248 5.25 -36.81 -32.29
C ALA E 248 4.61 -35.45 -32.07
N ILE E 249 5.28 -34.37 -32.49
CA ILE E 249 4.70 -33.04 -32.34
C ILE E 249 3.49 -32.88 -33.25
N ARG E 250 3.58 -33.36 -34.48
CA ARG E 250 2.42 -33.28 -35.37
C ARG E 250 1.31 -34.21 -34.89
N GLU E 251 1.67 -35.37 -34.32
CA GLU E 251 0.64 -36.25 -33.81
C GLU E 251 -0.10 -35.61 -32.63
N GLN E 252 0.64 -34.99 -31.71
CA GLN E 252 0.00 -34.31 -30.59
C GLN E 252 -0.78 -33.09 -31.05
N ALA E 253 -0.35 -32.43 -32.12
CA ALA E 253 -1.10 -31.26 -32.59
C ALA E 253 -2.44 -31.66 -33.16
N LYS E 254 -2.48 -32.74 -33.95
CA LYS E 254 -3.78 -33.16 -34.46
C LYS E 254 -4.67 -33.72 -33.34
N ILE E 255 -4.07 -34.33 -32.31
CA ILE E 255 -4.87 -34.76 -31.17
C ILE E 255 -5.42 -33.56 -30.42
N GLU E 256 -4.63 -32.50 -30.28
CA GLU E 256 -5.11 -31.29 -29.62
C GLU E 256 -6.26 -30.67 -30.38
N ILE E 257 -6.18 -30.66 -31.71
CA ILE E 257 -7.28 -30.09 -32.50
C ILE E 257 -8.53 -30.93 -32.35
N ALA E 258 -8.39 -32.26 -32.34
CA ALA E 258 -9.55 -33.13 -32.14
C ALA E 258 -10.19 -32.90 -30.78
N LEU E 259 -9.37 -32.77 -29.73
CA LEU E 259 -9.91 -32.52 -28.39
C LEU E 259 -10.59 -31.17 -28.32
N ARG E 260 -10.01 -30.14 -28.96
CA ARG E 260 -10.63 -28.83 -28.97
C ARG E 260 -11.99 -28.87 -29.65
N GLU E 261 -12.08 -29.60 -30.77
CA GLU E 261 -13.36 -29.71 -31.46
C GLU E 261 -14.38 -30.46 -30.61
N PHE E 262 -13.94 -31.52 -29.91
CA PHE E 262 -14.88 -32.35 -29.18
C PHE E 262 -15.41 -31.65 -27.93
N LEU E 263 -14.51 -31.13 -27.09
CA LEU E 263 -14.93 -30.59 -25.80
C LEU E 263 -15.79 -29.35 -25.95
N ALA E 264 -15.55 -28.52 -26.96
CA ALA E 264 -16.37 -27.32 -27.12
C ALA E 264 -17.80 -27.65 -27.54
N ALA E 265 -17.98 -28.70 -28.34
CA ALA E 265 -19.31 -29.05 -28.85
C ALA E 265 -20.23 -29.61 -27.79
N ALA E 266 -19.69 -30.07 -26.66
CA ALA E 266 -20.49 -30.73 -25.63
C ALA E 266 -20.40 -30.02 -24.29
N ASN E 267 -20.24 -28.69 -24.32
CA ASN E 267 -20.18 -27.85 -23.12
C ASN E 267 -19.34 -28.47 -22.02
N ALA E 268 -18.04 -28.62 -22.25
CA ALA E 268 -17.17 -29.30 -21.32
C ALA E 268 -16.39 -28.30 -20.47
N VAL E 269 -16.04 -28.73 -19.26
CA VAL E 269 -15.15 -27.98 -18.39
C VAL E 269 -13.94 -28.80 -17.95
N GLY E 270 -14.04 -30.12 -17.93
CA GLY E 270 -12.90 -30.98 -17.67
C GLY E 270 -13.05 -32.26 -18.45
N PHE E 271 -11.96 -32.99 -18.57
CA PHE E 271 -11.98 -34.27 -19.28
C PHE E 271 -10.94 -35.20 -18.68
N THR E 272 -11.09 -36.49 -18.97
CA THR E 272 -10.20 -37.52 -18.45
C THR E 272 -9.99 -38.58 -19.51
N THR E 273 -8.78 -39.15 -19.52
CA THR E 273 -8.39 -40.18 -20.46
C THR E 273 -7.96 -41.43 -19.71
N THR E 274 -7.60 -42.46 -20.46
CA THR E 274 -7.12 -43.71 -19.89
C THR E 274 -5.99 -44.26 -20.77
N PHE E 275 -4.99 -44.87 -20.13
CA PHE E 275 -3.80 -45.30 -20.84
C PHE E 275 -3.89 -46.72 -21.39
N GLU E 276 -4.78 -47.55 -20.85
CA GLU E 276 -4.93 -48.93 -21.29
C GLU E 276 -6.07 -49.09 -22.29
N ASP E 277 -6.58 -48.00 -22.85
CA ASP E 277 -7.67 -48.06 -23.82
C ASP E 277 -7.53 -46.84 -24.74
N LEU E 278 -6.71 -47.00 -25.79
CA LEU E 278 -6.47 -45.95 -26.78
C LEU E 278 -6.37 -46.56 -28.17
N HIS E 279 -7.36 -47.38 -28.52
CA HIS E 279 -7.31 -48.08 -29.79
C HIS E 279 -7.48 -47.11 -30.95
N ASP E 280 -6.72 -47.34 -32.02
CA ASP E 280 -6.63 -46.52 -33.22
C ASP E 280 -6.00 -45.16 -32.97
N LEU E 281 -5.67 -44.83 -31.71
CA LEU E 281 -4.91 -43.62 -31.44
C LEU E 281 -3.42 -43.92 -31.58
N PRO E 282 -2.72 -43.25 -32.51
CA PRO E 282 -1.30 -43.61 -32.76
C PRO E 282 -0.38 -43.31 -31.60
N GLN E 283 -0.83 -42.57 -30.58
CA GLN E 283 0.07 -42.14 -29.52
C GLN E 283 -0.75 -41.68 -28.32
N LEU E 284 -0.24 -41.96 -27.13
CA LEU E 284 -0.91 -41.57 -25.90
C LEU E 284 -1.00 -40.05 -25.79
N PRO E 285 -2.19 -39.49 -25.53
CA PRO E 285 -2.31 -38.04 -25.42
C PRO E 285 -1.46 -37.49 -24.27
N GLY E 286 -0.52 -36.64 -24.63
CA GLY E 286 0.42 -36.02 -23.71
C GLY E 286 0.39 -34.52 -23.82
N LEU E 287 1.28 -33.97 -24.64
CA LEU E 287 1.37 -32.53 -24.86
C LEU E 287 0.01 -31.87 -25.07
N ALA E 288 -0.91 -32.55 -25.76
CA ALA E 288 -2.23 -31.96 -26.00
C ALA E 288 -2.99 -31.75 -24.69
N VAL E 289 -2.86 -32.69 -23.75
CA VAL E 289 -3.51 -32.56 -22.46
C VAL E 289 -2.94 -31.36 -21.72
N GLN E 290 -1.61 -31.20 -21.76
CA GLN E 290 -0.99 -30.04 -21.13
C GLN E 290 -1.44 -28.74 -21.78
N ARG E 291 -1.63 -28.75 -23.10
CA ARG E 291 -2.09 -27.55 -23.80
C ARG E 291 -3.50 -27.18 -23.39
N LEU E 292 -4.37 -28.18 -23.21
CA LEU E 292 -5.74 -27.88 -22.80
C LEU E 292 -5.79 -27.45 -21.33
N MET E 293 -4.97 -28.06 -20.48
CA MET E 293 -4.92 -27.63 -19.09
C MET E 293 -4.32 -26.24 -18.95
N GLU E 294 -3.45 -25.84 -19.88
CA GLU E 294 -2.84 -24.52 -19.83
C GLU E 294 -3.87 -23.41 -19.97
N GLU E 295 -4.96 -23.68 -20.68
CA GLU E 295 -6.02 -22.67 -20.82
C GLU E 295 -6.92 -22.63 -19.59
N GLY E 296 -7.42 -23.80 -19.16
CA GLY E 296 -8.35 -23.83 -18.05
C GLY E 296 -9.01 -25.17 -17.83
N TYR E 297 -9.09 -25.98 -18.89
CA TYR E 297 -9.70 -27.29 -18.79
C TYR E 297 -9.05 -28.13 -17.69
N GLY E 298 -9.85 -28.60 -16.75
CA GLY E 298 -9.35 -29.53 -15.75
C GLY E 298 -9.17 -30.92 -16.34
N PHE E 299 -8.23 -31.67 -15.75
CA PHE E 299 -7.90 -32.98 -16.29
C PHE E 299 -7.55 -33.94 -15.17
N GLY E 300 -7.98 -35.18 -15.34
CA GLY E 300 -7.51 -36.27 -14.50
C GLY E 300 -7.16 -37.47 -15.37
N ALA E 301 -6.19 -38.23 -14.90
CA ALA E 301 -5.71 -39.38 -15.64
C ALA E 301 -6.24 -40.67 -15.03
N GLU E 302 -6.12 -41.77 -15.79
CA GLU E 302 -6.53 -43.09 -15.35
C GLU E 302 -8.01 -43.13 -14.97
N GLY E 303 -8.80 -42.25 -15.59
CA GLY E 303 -10.22 -42.19 -15.35
C GLY E 303 -10.67 -41.39 -14.15
N ASP E 304 -9.74 -40.82 -13.38
CA ASP E 304 -10.08 -40.10 -12.15
C ASP E 304 -10.85 -38.82 -12.51
N TRP E 305 -12.18 -38.88 -12.45
CA TRP E 305 -12.99 -37.69 -12.67
C TRP E 305 -13.12 -36.83 -11.43
N LYS E 306 -12.88 -37.40 -10.25
CA LYS E 306 -12.85 -36.59 -9.03
C LYS E 306 -11.81 -35.50 -9.14
N ALA E 307 -10.59 -35.89 -9.48
CA ALA E 307 -9.51 -34.94 -9.63
C ALA E 307 -9.76 -33.99 -10.81
N ALA E 308 -10.37 -34.50 -11.88
CA ALA E 308 -10.63 -33.63 -13.03
C ALA E 308 -11.58 -32.49 -12.65
N GLY E 309 -12.70 -32.83 -12.02
CA GLY E 309 -13.64 -31.79 -11.61
C GLY E 309 -13.05 -30.87 -10.56
N LEU E 310 -12.27 -31.43 -9.62
CA LEU E 310 -11.65 -30.60 -8.60
C LEU E 310 -10.64 -29.64 -9.22
N VAL E 311 -9.82 -30.13 -10.16
CA VAL E 311 -8.84 -29.30 -10.84
C VAL E 311 -9.53 -28.20 -11.63
N ARG E 312 -10.63 -28.51 -12.30
CA ARG E 312 -11.35 -27.48 -13.05
C ARG E 312 -11.88 -26.39 -12.12
N ALA E 313 -12.57 -26.78 -11.05
CA ALA E 313 -13.13 -25.79 -10.14
C ALA E 313 -12.04 -24.98 -9.44
N ILE E 314 -10.97 -25.64 -9.02
CA ILE E 314 -9.88 -24.98 -8.32
C ILE E 314 -9.02 -24.15 -9.27
N LYS E 315 -9.11 -24.42 -10.58
CA LYS E 315 -8.48 -23.57 -11.58
C LYS E 315 -9.34 -22.33 -11.83
N VAL E 316 -10.67 -22.48 -11.76
CA VAL E 316 -11.53 -21.30 -11.83
C VAL E 316 -11.28 -20.41 -10.62
N MET E 317 -11.01 -21.01 -9.46
CA MET E 317 -10.65 -20.22 -8.28
C MET E 317 -9.39 -19.40 -8.52
N GLY E 318 -8.25 -20.07 -8.68
CA GLY E 318 -6.99 -19.40 -8.97
C GLY E 318 -6.89 -18.92 -10.41
N THR E 319 -7.46 -17.74 -10.70
CA THR E 319 -7.59 -17.25 -12.06
C THR E 319 -6.87 -15.93 -12.33
N SER E 320 -6.18 -15.36 -11.35
CA SER E 320 -5.63 -14.01 -11.52
C SER E 320 -4.12 -14.04 -11.69
N LEU E 321 -3.44 -13.04 -11.12
CA LEU E 321 -2.00 -12.90 -11.35
C LEU E 321 -1.20 -14.06 -10.79
N PRO E 322 -1.40 -14.53 -9.54
CA PRO E 322 -0.53 -15.60 -9.03
C PRO E 322 -0.97 -16.98 -9.47
N GLY E 323 -1.62 -17.09 -10.63
CA GLY E 323 -2.15 -18.35 -11.10
C GLY E 323 -1.15 -19.50 -11.14
N GLY E 324 -1.65 -20.73 -11.06
CA GLY E 324 -0.80 -21.91 -11.05
C GLY E 324 -1.43 -23.10 -10.38
N THR E 325 -2.22 -23.87 -11.15
CA THR E 325 -2.90 -25.05 -10.65
C THR E 325 -2.70 -26.19 -11.64
N SER E 326 -2.40 -27.38 -11.11
CA SER E 326 -2.09 -28.53 -11.94
C SER E 326 -2.65 -29.81 -11.33
N PHE E 327 -2.75 -30.83 -12.18
CA PHE E 327 -3.08 -32.18 -11.77
C PHE E 327 -1.78 -32.87 -11.33
N MET E 328 -1.74 -33.37 -10.09
CA MET E 328 -0.50 -33.88 -9.52
C MET E 328 -0.69 -35.32 -9.06
N GLU E 329 0.41 -36.06 -9.03
CA GLU E 329 0.45 -37.41 -8.47
C GLU E 329 1.73 -37.55 -7.67
N ASP E 330 1.60 -37.76 -6.37
CA ASP E 330 2.76 -37.93 -5.50
C ASP E 330 3.56 -39.14 -5.93
N TYR E 331 4.71 -38.94 -6.57
CA TYR E 331 5.39 -40.02 -7.28
C TYR E 331 6.44 -40.72 -6.41
N THR E 332 7.29 -39.97 -5.73
CA THR E 332 8.35 -40.59 -4.93
C THR E 332 8.71 -39.67 -3.76
N TYR E 333 9.41 -40.24 -2.79
CA TYR E 333 9.80 -39.50 -1.59
C TYR E 333 11.32 -39.32 -1.55
N HIS E 334 11.75 -38.39 -0.69
CA HIS E 334 13.16 -38.19 -0.36
C HIS E 334 13.25 -38.23 1.15
N LEU E 335 13.85 -39.30 1.68
CA LEU E 335 13.75 -39.65 3.09
C LEU E 335 14.98 -39.28 3.90
N THR E 336 15.70 -38.23 3.50
CA THR E 336 16.79 -37.76 4.34
C THR E 336 16.21 -37.10 5.59
N PRO E 337 16.84 -37.29 6.75
CA PRO E 337 16.21 -36.84 8.01
C PRO E 337 15.91 -35.35 8.05
N GLY E 338 16.86 -34.50 7.67
CA GLY E 338 16.67 -33.07 7.82
C GLY E 338 15.89 -32.42 6.70
N ASN E 339 15.94 -33.00 5.50
CA ASN E 339 15.34 -32.40 4.31
C ASN E 339 14.45 -33.40 3.58
N GLU E 340 13.50 -33.99 4.31
CA GLU E 340 12.61 -34.97 3.70
C GLU E 340 11.60 -34.27 2.80
N LEU E 341 11.57 -34.65 1.52
CA LEU E 341 10.73 -33.99 0.53
C LEU E 341 9.86 -35.02 -0.16
N VAL E 342 9.04 -34.55 -1.10
CA VAL E 342 8.25 -35.45 -1.93
C VAL E 342 8.22 -34.91 -3.35
N LEU E 343 8.56 -35.78 -4.31
CA LEU E 343 8.65 -35.46 -5.72
C LEU E 343 7.35 -35.89 -6.39
N GLY E 344 6.59 -34.92 -6.87
CA GLY E 344 5.33 -35.17 -7.55
C GLY E 344 5.48 -34.96 -9.06
N ALA E 345 4.88 -35.87 -9.81
CA ALA E 345 4.91 -35.85 -11.28
C ALA E 345 3.88 -36.84 -11.79
N HIS E 346 3.79 -36.97 -13.11
CA HIS E 346 2.99 -38.01 -13.72
C HIS E 346 3.79 -38.72 -14.80
N MET E 347 3.13 -39.52 -15.66
CA MET E 347 3.83 -40.11 -16.78
C MET E 347 3.96 -39.14 -17.95
N LEU E 348 3.04 -38.19 -18.08
CA LEU E 348 3.08 -37.21 -19.16
C LEU E 348 2.41 -35.90 -18.77
N GLU E 349 1.20 -35.98 -18.20
CA GLU E 349 0.30 -34.83 -18.11
C GLU E 349 0.58 -34.06 -16.83
N VAL E 350 1.29 -32.96 -16.95
CA VAL E 350 1.47 -31.97 -15.88
C VAL E 350 1.23 -30.60 -16.48
N CYS E 351 0.40 -29.79 -15.82
CA CYS E 351 0.01 -28.50 -16.38
C CYS E 351 1.21 -27.57 -16.47
N PRO E 352 1.38 -26.87 -17.59
CA PRO E 352 2.48 -25.91 -17.72
C PRO E 352 2.25 -24.58 -17.04
N THR E 353 1.24 -24.47 -16.18
CA THR E 353 0.98 -23.23 -15.46
C THR E 353 1.84 -23.12 -14.21
N ILE E 354 2.16 -24.24 -13.58
CA ILE E 354 3.01 -24.27 -12.40
C ILE E 354 4.48 -24.27 -12.79
N ALA E 355 4.76 -24.10 -14.09
CA ALA E 355 6.14 -24.18 -14.55
C ALA E 355 6.94 -22.96 -14.13
N LYS E 356 8.19 -23.20 -13.69
CA LYS E 356 9.13 -22.13 -13.38
C LYS E 356 10.04 -21.79 -14.56
N GLU E 357 10.34 -22.76 -15.41
CA GLU E 357 11.24 -22.59 -16.54
C GLU E 357 10.47 -22.46 -17.84
N LYS E 358 11.20 -22.49 -18.95
CA LYS E 358 10.59 -22.52 -20.26
C LYS E 358 10.12 -23.93 -20.54
N PRO E 359 8.84 -24.17 -20.81
CA PRO E 359 8.39 -25.53 -21.10
C PRO E 359 9.12 -26.11 -22.30
N ARG E 360 9.93 -27.14 -22.07
CA ARG E 360 10.74 -27.72 -23.13
C ARG E 360 10.10 -29.02 -23.59
N ILE E 361 9.83 -29.12 -24.90
CA ILE E 361 9.25 -30.35 -25.42
C ILE E 361 10.33 -31.43 -25.47
N GLU E 362 9.99 -32.62 -25.00
CA GLU E 362 10.88 -33.77 -25.05
C GLU E 362 10.06 -35.02 -25.40
N VAL E 363 10.72 -35.96 -26.08
CA VAL E 363 10.15 -37.26 -26.38
C VAL E 363 11.10 -38.31 -25.82
N HIS E 364 10.53 -39.34 -25.20
CA HIS E 364 11.30 -40.38 -24.52
C HIS E 364 10.58 -41.70 -24.67
N PRO E 365 11.28 -42.82 -24.58
CA PRO E 365 10.61 -44.13 -24.66
C PRO E 365 9.65 -44.31 -23.49
N LEU E 366 8.38 -44.55 -23.80
CA LEU E 366 7.35 -44.76 -22.78
C LEU E 366 6.49 -45.93 -23.24
N SER E 367 6.65 -47.07 -22.58
CA SER E 367 5.91 -48.28 -22.92
C SER E 367 4.55 -48.38 -22.25
N ILE E 368 4.18 -47.41 -21.41
CA ILE E 368 2.92 -47.49 -20.69
C ILE E 368 1.76 -47.38 -21.68
N GLY E 369 0.92 -48.42 -21.71
CA GLY E 369 -0.20 -48.49 -22.61
C GLY E 369 0.10 -48.95 -24.01
N GLY E 370 1.37 -49.13 -24.38
CA GLY E 370 1.72 -49.75 -25.64
C GLY E 370 1.46 -48.93 -26.88
N LYS E 371 2.05 -47.74 -26.98
CA LYS E 371 1.94 -46.93 -28.19
C LYS E 371 3.33 -46.41 -28.56
N ALA E 372 3.36 -45.31 -29.30
CA ALA E 372 4.59 -44.73 -29.82
C ALA E 372 5.01 -43.60 -28.89
N ASP E 373 6.33 -43.48 -28.68
CA ASP E 373 6.95 -42.53 -27.77
C ASP E 373 6.28 -41.15 -27.84
N PRO E 374 5.46 -40.81 -26.86
CA PRO E 374 4.71 -39.55 -26.92
C PRO E 374 5.55 -38.37 -26.48
N ALA E 375 5.13 -37.20 -26.94
CA ALA E 375 5.80 -35.96 -26.56
C ALA E 375 5.28 -35.46 -25.22
N ARG E 376 6.06 -34.59 -24.59
CA ARG E 376 5.68 -34.08 -23.28
C ARG E 376 6.41 -32.77 -23.04
N LEU E 377 5.88 -31.99 -22.09
CA LEU E 377 6.52 -30.76 -21.67
C LEU E 377 7.28 -31.00 -20.38
N VAL E 378 8.51 -30.49 -20.32
CA VAL E 378 9.41 -30.67 -19.19
C VAL E 378 9.70 -29.30 -18.62
N PHE E 379 9.60 -29.18 -17.29
CA PHE E 379 9.81 -27.93 -16.59
C PHE E 379 9.87 -28.24 -15.10
N ASP E 380 10.49 -27.33 -14.34
CA ASP E 380 10.55 -27.46 -12.90
C ASP E 380 9.37 -26.73 -12.25
N GLY E 381 9.05 -27.14 -11.02
CA GLY E 381 7.95 -26.56 -10.29
C GLY E 381 8.31 -25.18 -9.73
N GLN E 382 7.29 -24.51 -9.21
CA GLN E 382 7.46 -23.20 -8.61
C GLN E 382 7.81 -23.35 -7.13
N GLU E 383 8.38 -22.28 -6.56
CA GLU E 383 8.72 -22.22 -5.15
C GLU E 383 7.60 -21.56 -4.35
N GLY E 384 7.72 -21.61 -3.03
CA GLY E 384 6.75 -20.95 -2.18
C GLY E 384 5.63 -21.85 -1.70
N PRO E 385 4.67 -21.29 -0.96
CA PRO E 385 3.60 -22.11 -0.41
C PRO E 385 2.55 -22.48 -1.44
N ALA E 386 1.98 -23.68 -1.25
CA ALA E 386 0.96 -24.21 -2.14
C ALA E 386 0.05 -25.12 -1.31
N VAL E 387 -0.97 -25.66 -1.98
CA VAL E 387 -1.91 -26.59 -1.37
C VAL E 387 -2.05 -27.80 -2.28
N ASN E 388 -2.42 -28.93 -1.68
CA ASN E 388 -2.57 -30.20 -2.38
C ASN E 388 -3.90 -30.79 -1.92
N ALA E 389 -4.91 -30.79 -2.79
CA ALA E 389 -6.25 -31.19 -2.40
C ALA E 389 -6.65 -32.49 -3.08
N SER E 390 -7.70 -33.12 -2.55
CA SER E 390 -8.21 -34.36 -3.10
C SER E 390 -9.62 -34.59 -2.58
N ILE E 391 -10.57 -34.74 -3.49
CA ILE E 391 -11.94 -35.11 -3.13
C ILE E 391 -12.06 -36.62 -3.32
N VAL E 392 -12.69 -37.31 -2.37
CA VAL E 392 -12.79 -38.75 -2.45
C VAL E 392 -14.18 -39.19 -1.98
N ASP E 393 -14.68 -40.25 -2.60
CA ASP E 393 -16.01 -40.79 -2.33
C ASP E 393 -15.94 -41.73 -1.15
N MET E 394 -16.85 -41.55 -0.20
CA MET E 394 -16.87 -42.35 1.01
C MET E 394 -18.11 -43.24 1.08
N GLY E 395 -18.67 -43.58 -0.08
CA GLY E 395 -19.86 -44.40 -0.12
C GLY E 395 -21.14 -43.61 -0.01
N ASN E 396 -21.36 -43.04 1.17
CA ASN E 396 -22.55 -42.24 1.45
C ASN E 396 -22.35 -40.75 1.21
N ARG E 397 -21.11 -40.30 1.03
CA ARG E 397 -20.83 -38.88 0.90
C ARG E 397 -19.42 -38.72 0.33
N PHE E 398 -19.11 -37.48 -0.04
CA PHE E 398 -17.77 -37.09 -0.44
C PHE E 398 -17.06 -36.41 0.72
N ARG E 399 -15.75 -36.53 0.78
CA ARG E 399 -14.97 -35.71 1.69
C ARG E 399 -13.76 -35.12 0.96
N LEU E 400 -13.40 -33.92 1.39
CA LEU E 400 -12.34 -33.13 0.78
C LEU E 400 -11.16 -33.08 1.75
N VAL E 401 -10.05 -33.71 1.37
CA VAL E 401 -8.81 -33.67 2.14
C VAL E 401 -7.89 -32.64 1.50
N VAL E 402 -7.30 -31.77 2.31
CA VAL E 402 -6.42 -30.73 1.79
C VAL E 402 -5.19 -30.62 2.69
N ASN E 403 -4.02 -30.57 2.06
CA ASN E 403 -2.73 -30.50 2.76
C ASN E 403 -2.02 -29.22 2.34
N LYS E 404 -1.69 -28.38 3.31
CA LYS E 404 -0.89 -27.19 3.02
C LYS E 404 0.57 -27.59 2.95
N VAL E 405 1.26 -27.21 1.87
CA VAL E 405 2.63 -27.64 1.63
C VAL E 405 3.47 -26.43 1.26
N LEU E 406 4.79 -26.59 1.38
CA LEU E 406 5.74 -25.56 0.98
C LEU E 406 6.66 -26.11 -0.10
N SER E 407 6.53 -25.61 -1.32
CA SER E 407 7.38 -26.04 -2.42
C SER E 407 8.75 -25.37 -2.34
N VAL E 408 9.78 -26.15 -2.68
CA VAL E 408 11.18 -25.74 -2.56
C VAL E 408 11.84 -25.83 -3.93
N PRO E 409 12.88 -25.05 -4.19
CA PRO E 409 13.57 -25.17 -5.49
C PRO E 409 14.33 -26.48 -5.61
N ILE E 410 14.44 -26.94 -6.85
CA ILE E 410 15.11 -28.21 -7.14
C ILE E 410 16.61 -28.01 -6.98
N GLU E 411 17.24 -28.83 -6.13
CA GLU E 411 18.66 -28.63 -5.83
C GLU E 411 19.55 -29.17 -6.95
N ARG E 412 19.29 -30.40 -7.40
CA ARG E 412 20.08 -31.03 -8.44
C ARG E 412 19.22 -31.28 -9.68
N LYS E 413 19.89 -31.38 -10.82
CA LYS E 413 19.23 -31.60 -12.09
C LYS E 413 19.07 -33.09 -12.36
N MET E 414 18.10 -33.41 -13.22
CA MET E 414 17.71 -34.79 -13.50
C MET E 414 17.76 -35.06 -15.00
N PRO E 415 18.86 -35.64 -15.49
CA PRO E 415 18.98 -35.84 -16.96
C PRO E 415 18.10 -36.94 -17.49
N LYS E 416 17.85 -37.99 -16.71
CA LYS E 416 17.09 -39.15 -17.18
C LYS E 416 15.62 -39.12 -16.77
N LEU E 417 15.21 -38.14 -15.99
CA LEU E 417 13.79 -38.01 -15.64
C LEU E 417 13.06 -37.26 -16.74
N PRO E 418 12.14 -37.92 -17.46
CA PRO E 418 11.58 -37.30 -18.67
C PRO E 418 10.39 -36.38 -18.41
N THR E 419 9.76 -36.50 -17.25
CA THR E 419 8.52 -35.77 -16.99
C THR E 419 8.78 -34.58 -16.06
N ALA E 420 7.98 -33.53 -16.24
CA ALA E 420 8.05 -32.37 -15.36
C ALA E 420 7.72 -32.78 -13.93
N ARG E 421 8.32 -32.09 -12.98
CA ARG E 421 8.29 -32.52 -11.59
C ARG E 421 8.23 -31.32 -10.66
N VAL E 422 7.72 -31.56 -9.45
CA VAL E 422 7.72 -30.55 -8.40
C VAL E 422 8.18 -31.20 -7.10
N LEU E 423 8.83 -30.41 -6.25
CA LEU E 423 9.28 -30.87 -4.95
C LEU E 423 8.66 -29.99 -3.87
N TRP E 424 8.19 -30.62 -2.79
CA TRP E 424 7.58 -29.86 -1.71
C TRP E 424 7.72 -30.61 -0.40
N LYS E 425 7.47 -29.86 0.68
CA LYS E 425 7.46 -30.33 2.06
C LYS E 425 6.03 -30.31 2.56
N PRO E 426 5.48 -31.45 2.99
CA PRO E 426 4.14 -31.44 3.59
C PRO E 426 4.18 -30.87 5.02
N LEU E 427 3.32 -29.89 5.27
CA LEU E 427 3.26 -29.26 6.58
C LEU E 427 2.38 -30.08 7.52
N PRO E 428 2.77 -30.22 8.80
CA PRO E 428 3.99 -29.65 9.37
C PRO E 428 5.20 -30.57 9.18
N ASP E 429 4.97 -31.88 9.33
CA ASP E 429 6.00 -32.88 9.15
C ASP E 429 5.55 -33.87 8.09
N PHE E 430 6.52 -34.43 7.37
CA PHE E 430 6.20 -35.43 6.36
C PHE E 430 5.49 -36.63 6.99
N LYS E 431 5.96 -37.06 8.17
CA LYS E 431 5.34 -38.19 8.84
C LYS E 431 3.90 -37.87 9.21
N ARG E 432 3.68 -36.75 9.90
CA ARG E 432 2.33 -36.40 10.35
C ARG E 432 1.41 -36.16 9.17
N ALA E 433 1.84 -35.35 8.21
CA ALA E 433 0.96 -35.00 7.10
C ALA E 433 0.63 -36.23 6.26
N THR E 434 1.59 -37.13 6.08
CA THR E 434 1.29 -38.29 5.25
C THR E 434 0.47 -39.33 6.00
N THR E 435 0.72 -39.52 7.30
CA THR E 435 -0.11 -40.45 8.06
C THR E 435 -1.52 -39.91 8.26
N ALA E 436 -1.69 -38.58 8.27
CA ALA E 436 -3.04 -38.01 8.33
C ALA E 436 -3.73 -38.06 6.98
N TRP E 437 -2.96 -37.93 5.90
CA TRP E 437 -3.52 -38.12 4.56
C TRP E 437 -3.97 -39.56 4.37
N ILE E 438 -3.23 -40.51 4.93
CA ILE E 438 -3.62 -41.91 4.79
C ILE E 438 -4.80 -42.23 5.71
N LEU E 439 -4.80 -41.68 6.93
CA LEU E 439 -5.94 -41.89 7.82
C LEU E 439 -7.22 -41.33 7.22
N ALA E 440 -7.14 -40.11 6.67
CA ALA E 440 -8.31 -39.52 6.05
C ALA E 440 -8.69 -40.20 4.73
N GLY E 441 -7.83 -41.06 4.20
CA GLY E 441 -8.12 -41.74 2.95
C GLY E 441 -7.99 -40.88 1.71
N GLY E 442 -6.97 -40.04 1.64
CA GLY E 442 -6.81 -39.20 0.46
C GLY E 442 -6.31 -40.00 -0.73
N SER E 443 -6.84 -39.67 -1.90
CA SER E 443 -6.46 -40.36 -3.12
C SER E 443 -5.02 -40.05 -3.51
N HIS E 444 -4.46 -40.90 -4.37
CA HIS E 444 -3.11 -40.64 -4.87
C HIS E 444 -3.11 -39.54 -5.94
N HIS E 445 -4.18 -39.42 -6.71
CA HIS E 445 -4.33 -38.31 -7.65
C HIS E 445 -4.80 -37.08 -6.89
N THR E 446 -4.01 -36.01 -6.93
CA THR E 446 -4.31 -34.79 -6.19
C THR E 446 -4.37 -33.59 -7.13
N ALA E 447 -4.73 -32.46 -6.55
CA ALA E 447 -4.86 -31.19 -7.24
C ALA E 447 -3.88 -30.23 -6.57
N PHE E 448 -2.74 -30.04 -7.23
CA PHE E 448 -1.70 -29.15 -6.74
C PHE E 448 -2.05 -27.72 -7.15
N SER E 449 -1.91 -26.78 -6.23
CA SER E 449 -2.25 -25.41 -6.58
C SER E 449 -1.39 -24.43 -5.80
N THR E 450 -0.82 -23.45 -6.51
CA THR E 450 -0.04 -22.41 -5.88
C THR E 450 -0.77 -21.07 -5.82
N ALA E 451 -1.89 -20.94 -6.53
CA ALA E 451 -2.60 -19.66 -6.63
C ALA E 451 -3.58 -19.41 -5.50
N ILE E 452 -3.94 -20.43 -4.72
CA ILE E 452 -5.01 -20.30 -3.73
C ILE E 452 -4.52 -20.75 -2.36
N ASP E 453 -5.27 -20.36 -1.34
CA ASP E 453 -5.06 -20.75 0.05
C ASP E 453 -6.08 -21.81 0.46
N VAL E 454 -5.90 -22.33 1.67
CA VAL E 454 -6.89 -23.25 2.25
C VAL E 454 -8.21 -22.53 2.51
N GLU E 455 -8.15 -21.21 2.72
CA GLU E 455 -9.35 -20.40 2.95
C GLU E 455 -10.35 -20.55 1.80
N TYR E 456 -9.86 -20.72 0.57
CA TYR E 456 -10.76 -20.90 -0.57
C TYR E 456 -11.51 -22.21 -0.46
N LEU E 457 -10.79 -23.32 -0.29
CA LEU E 457 -11.42 -24.63 -0.22
C LEU E 457 -12.32 -24.76 1.01
N ILE E 458 -12.04 -23.99 2.06
CA ILE E 458 -12.93 -24.07 3.23
C ILE E 458 -14.30 -23.48 2.88
N ASP E 459 -14.34 -22.42 2.06
CA ASP E 459 -15.63 -21.90 1.63
C ASP E 459 -16.26 -22.76 0.56
N TRP E 460 -15.45 -23.47 -0.21
CA TRP E 460 -16.00 -24.44 -1.17
C TRP E 460 -16.76 -25.54 -0.43
N ALA E 461 -16.13 -26.12 0.58
CA ALA E 461 -16.76 -27.20 1.32
C ALA E 461 -17.93 -26.68 2.16
N GLU E 462 -17.82 -25.47 2.71
CA GLU E 462 -18.93 -24.92 3.48
C GLU E 462 -20.14 -24.65 2.58
N ALA E 463 -19.91 -24.17 1.36
CA ALA E 463 -21.02 -23.87 0.46
C ALA E 463 -21.67 -25.13 -0.09
N LEU E 464 -20.88 -26.19 -0.31
CA LEU E 464 -21.46 -27.42 -0.85
C LEU E 464 -21.86 -28.41 0.23
N GLU E 465 -21.62 -28.11 1.51
CA GLU E 465 -22.05 -28.94 2.63
C GLU E 465 -21.42 -30.34 2.56
N ILE E 466 -20.10 -30.38 2.40
CA ILE E 466 -19.38 -31.64 2.46
C ILE E 466 -18.29 -31.53 3.52
N GLU E 467 -17.84 -32.68 4.00
CA GLU E 467 -16.80 -32.72 5.02
C GLU E 467 -15.48 -32.24 4.44
N TYR E 468 -14.77 -31.43 5.21
CA TYR E 468 -13.44 -30.99 4.85
C TYR E 468 -12.48 -31.27 6.01
N VAL E 469 -11.29 -31.74 5.68
CA VAL E 469 -10.24 -32.02 6.65
C VAL E 469 -8.97 -31.36 6.16
N VAL E 470 -8.37 -30.51 7.00
CA VAL E 470 -7.21 -29.73 6.66
C VAL E 470 -5.98 -30.28 7.38
N ILE E 471 -4.82 -30.13 6.74
CA ILE E 471 -3.56 -30.58 7.30
C ILE E 471 -2.66 -29.36 7.51
N ASP E 472 -3.12 -28.44 8.35
CA ASP E 472 -2.37 -27.22 8.62
C ASP E 472 -1.12 -27.51 9.45
N GLU E 473 -0.40 -26.44 9.79
CA GLU E 473 0.71 -26.55 10.72
C GLU E 473 0.22 -26.97 12.09
N ASN E 474 -0.98 -26.53 12.47
CA ASN E 474 -1.60 -26.87 13.75
C ASN E 474 -2.21 -28.29 13.74
N LEU E 475 -1.51 -29.25 13.14
CA LEU E 475 -2.02 -30.61 13.01
C LEU E 475 -1.64 -31.40 14.25
N ASP E 476 -2.64 -31.79 15.04
CA ASP E 476 -2.48 -32.72 16.15
C ASP E 476 -3.11 -34.05 15.76
N LEU E 477 -2.29 -35.10 15.75
CA LEU E 477 -2.70 -36.36 15.13
C LEU E 477 -3.88 -37.00 15.86
N GLU E 478 -3.85 -36.98 17.20
CA GLU E 478 -4.91 -37.61 17.98
C GLU E 478 -6.22 -36.84 17.80
N ASP E 479 -6.13 -35.52 17.82
CA ASP E 479 -7.31 -34.69 17.61
C ASP E 479 -7.83 -34.85 16.18
N PHE E 480 -6.93 -35.08 15.22
CA PHE E 480 -7.36 -35.33 13.85
C PHE E 480 -8.12 -36.65 13.76
N LYS E 481 -7.69 -37.67 14.50
CA LYS E 481 -8.39 -38.95 14.52
C LYS E 481 -9.81 -38.76 15.06
N LYS E 482 -9.92 -38.06 16.19
CA LYS E 482 -11.23 -37.82 16.77
C LYS E 482 -12.08 -36.98 15.83
N GLU E 483 -11.48 -36.01 15.14
CA GLU E 483 -12.23 -35.20 14.20
C GLU E 483 -12.77 -36.06 13.06
N LEU E 484 -11.96 -37.00 12.58
CA LEU E 484 -12.42 -37.85 11.49
C LEU E 484 -13.63 -38.65 11.90
N ARG E 485 -13.59 -39.25 13.10
CA ARG E 485 -14.71 -40.11 13.45
C ARG E 485 -15.93 -39.31 13.91
N TRP E 486 -15.74 -38.15 14.54
CA TRP E 486 -16.89 -37.32 14.88
C TRP E 486 -17.56 -36.75 13.65
N ASN E 487 -16.79 -36.43 12.60
CA ASN E 487 -17.39 -35.94 11.37
C ASN E 487 -18.06 -37.06 10.59
N GLU E 488 -17.55 -38.29 10.69
CA GLU E 488 -18.08 -39.37 9.86
C GLU E 488 -19.58 -39.57 10.06
N LEU E 489 -20.08 -39.25 11.25
CA LEU E 489 -21.50 -39.43 11.54
C LEU E 489 -22.34 -38.15 11.36
N TYR E 490 -21.75 -36.97 11.52
CA TYR E 490 -22.51 -35.74 11.32
C TYR E 490 -22.96 -35.58 9.87
N TRP E 491 -22.06 -35.81 8.93
CA TRP E 491 -22.39 -35.70 7.52
C TRP E 491 -23.12 -36.92 6.98
N GLY E 492 -23.27 -37.98 7.78
CA GLY E 492 -23.95 -39.18 7.34
C GLY E 492 -25.44 -39.04 7.30
N LEU E 493 -26.05 -38.69 8.43
CA LEU E 493 -27.49 -38.45 8.47
C LEU E 493 -27.81 -36.97 8.21
N LEU E 494 -27.32 -36.07 9.06
CA LEU E 494 -27.48 -34.66 8.78
C LEU E 494 -26.59 -34.22 7.61
N LYS E 495 -26.90 -33.07 7.05
CA LYS E 495 -26.09 -32.49 5.98
C LYS E 495 -26.13 -30.97 6.03
N MET F 1 57.01 17.80 -44.41
CA MET F 1 57.77 18.98 -44.78
C MET F 1 56.86 20.06 -45.35
N ILE F 2 56.00 20.58 -44.49
CA ILE F 2 54.98 21.56 -44.85
C ILE F 2 55.45 22.95 -44.45
N ASP F 3 55.60 23.84 -45.44
CA ASP F 3 56.10 25.20 -45.35
C ASP F 3 55.00 26.18 -45.76
N LEU F 4 55.28 27.48 -45.66
CA LEU F 4 54.22 28.50 -45.72
C LEU F 4 54.38 29.57 -46.81
N LYS F 5 54.95 29.27 -47.98
CA LYS F 5 55.01 30.35 -48.96
C LYS F 5 53.71 30.52 -49.76
N GLN F 6 52.78 29.58 -49.68
CA GLN F 6 51.55 29.67 -50.47
C GLN F 6 50.58 30.73 -49.97
N TYR F 7 50.63 31.08 -48.68
CA TYR F 7 49.69 32.06 -48.14
C TYR F 7 49.99 33.46 -48.65
N GLU F 8 48.93 34.19 -49.00
CA GLU F 8 49.03 35.55 -49.51
C GLU F 8 48.28 36.50 -48.59
N PHE F 9 48.70 37.76 -48.57
CA PHE F 9 48.07 38.78 -47.74
C PHE F 9 47.49 39.88 -48.61
N TRP F 10 46.26 40.28 -48.30
CA TRP F 10 45.49 41.19 -49.14
C TRP F 10 45.70 42.63 -48.66
N PHE F 11 46.44 43.40 -49.46
CA PHE F 11 46.56 44.84 -49.21
C PHE F 11 45.30 45.55 -49.68
N LEU F 12 44.79 46.44 -48.85
CA LEU F 12 43.48 47.07 -49.01
C LEU F 12 43.65 48.57 -48.85
N VAL F 13 43.33 49.33 -49.89
CA VAL F 13 43.45 50.78 -49.89
C VAL F 13 42.05 51.37 -49.87
N GLY F 14 41.88 52.47 -49.15
CA GLY F 14 40.56 53.05 -48.93
C GLY F 14 40.40 54.42 -49.57
N SER F 15 39.24 54.64 -50.16
CA SER F 15 38.84 55.92 -50.74
C SER F 15 37.31 56.01 -50.72
N GLN F 16 36.75 56.95 -51.48
CA GLN F 16 35.31 57.09 -51.58
C GLN F 16 34.89 57.49 -52.99
N TYR F 17 33.61 57.22 -53.30
CA TYR F 17 33.02 57.59 -54.58
C TYR F 17 32.90 59.09 -54.76
N LEU F 18 32.86 59.87 -53.67
CA LEU F 18 32.74 61.32 -53.76
C LEU F 18 34.04 62.02 -54.13
N TYR F 19 34.79 61.43 -55.07
CA TYR F 19 36.05 62.00 -55.52
C TYR F 19 36.10 61.91 -57.04
N GLY F 20 37.01 62.68 -57.63
CA GLY F 20 37.22 62.60 -59.06
C GLY F 20 37.90 61.29 -59.44
N LEU F 21 37.47 60.71 -60.56
CA LEU F 21 38.05 59.47 -61.04
C LEU F 21 39.51 59.61 -61.45
N GLU F 22 40.01 60.83 -61.59
CA GLU F 22 41.40 61.02 -61.99
C GLU F 22 42.37 60.76 -60.84
N THR F 23 42.09 61.31 -59.66
CA THR F 23 42.98 61.12 -58.52
C THR F 23 42.88 59.73 -57.92
N LEU F 24 41.79 59.01 -58.18
CA LEU F 24 41.68 57.64 -57.71
C LEU F 24 42.69 56.75 -58.42
N LYS F 25 42.92 57.00 -59.71
CA LYS F 25 43.94 56.25 -60.43
C LYS F 25 45.33 56.61 -59.94
N LYS F 26 45.53 57.84 -59.46
CA LYS F 26 46.82 58.17 -58.84
C LYS F 26 47.01 57.38 -57.57
N VAL F 27 45.93 57.18 -56.81
CA VAL F 27 46.02 56.35 -55.60
C VAL F 27 46.32 54.90 -55.97
N GLU F 28 45.66 54.38 -57.00
CA GLU F 28 45.91 53.02 -57.45
C GLU F 28 47.36 52.82 -57.88
N GLN F 29 47.89 53.78 -58.64
CA GLN F 29 49.26 53.66 -59.11
C GLN F 29 50.26 53.77 -57.96
N GLN F 30 49.98 54.65 -57.00
CA GLN F 30 50.87 54.80 -55.86
C GLN F 30 50.85 53.53 -55.01
N ALA F 31 49.67 52.93 -54.84
CA ALA F 31 49.58 51.68 -54.09
C ALA F 31 50.34 50.56 -54.79
N SER F 32 50.28 50.52 -56.13
CA SER F 32 51.06 49.53 -56.86
C SER F 32 52.55 49.77 -56.65
N LYS F 33 52.96 51.05 -56.68
CA LYS F 33 54.37 51.39 -56.46
C LYS F 33 54.83 50.97 -55.09
N ILE F 34 53.93 50.97 -54.10
CA ILE F 34 54.33 50.54 -52.76
C ILE F 34 54.36 49.02 -52.66
N VAL F 35 53.32 48.33 -53.14
CA VAL F 35 53.22 46.89 -52.91
C VAL F 35 54.24 46.12 -53.74
N ASP F 36 54.64 46.64 -54.91
CA ASP F 36 55.64 45.91 -55.69
C ASP F 36 56.99 45.95 -54.99
N SER F 37 57.39 47.13 -54.51
CA SER F 37 58.61 47.24 -53.70
C SER F 37 58.49 46.47 -52.40
N LEU F 38 57.27 46.29 -51.90
CA LEU F 38 57.08 45.47 -50.70
C LEU F 38 57.35 44.00 -50.99
N ASN F 39 56.89 43.51 -52.14
CA ASN F 39 57.21 42.14 -52.52
C ASN F 39 58.68 41.96 -52.88
N ASP F 40 59.38 43.03 -53.26
CA ASP F 40 60.81 42.87 -53.56
C ASP F 40 61.62 42.55 -52.31
N ASP F 41 61.17 42.97 -51.12
CA ASP F 41 61.92 42.72 -49.89
C ASP F 41 61.76 41.28 -49.44
N PRO F 42 62.86 40.55 -49.22
CA PRO F 42 62.74 39.13 -48.81
C PRO F 42 62.45 38.92 -47.33
N ILE F 43 62.29 40.00 -46.54
CA ILE F 43 61.99 39.82 -45.12
C ILE F 43 60.59 39.24 -44.95
N PHE F 44 59.66 39.64 -45.81
CA PHE F 44 58.29 39.14 -45.72
C PHE F 44 58.26 37.66 -46.12
N PRO F 45 57.68 36.79 -45.29
CA PRO F 45 57.64 35.36 -45.62
C PRO F 45 56.53 34.98 -46.59
N SER F 46 55.67 35.93 -46.97
CA SER F 46 54.55 35.64 -47.85
C SER F 46 54.35 36.81 -48.80
N LYS F 47 53.58 36.56 -49.86
CA LYS F 47 53.35 37.54 -50.90
C LYS F 47 52.22 38.50 -50.49
N ILE F 48 52.16 39.62 -51.21
CA ILE F 48 51.12 40.63 -51.03
C ILE F 48 50.33 40.72 -52.32
N VAL F 49 49.04 41.02 -52.18
CA VAL F 49 48.11 41.09 -53.30
C VAL F 49 47.35 42.39 -53.17
N LEU F 50 47.59 43.33 -54.08
CA LEU F 50 46.84 44.57 -54.10
C LEU F 50 45.47 44.31 -54.72
N LYS F 51 44.43 44.79 -54.06
CA LYS F 51 43.08 44.67 -54.59
C LYS F 51 42.52 46.05 -54.90
N PRO F 52 41.60 46.15 -55.86
CA PRO F 52 41.19 47.48 -56.36
C PRO F 52 40.74 48.42 -55.24
N VAL F 53 41.03 49.71 -55.43
CA VAL F 53 40.75 50.71 -54.41
C VAL F 53 39.25 50.75 -54.16
N LEU F 54 38.88 50.75 -52.89
CA LEU F 54 37.48 50.68 -52.47
C LEU F 54 36.89 52.07 -52.33
N LYS F 55 35.67 52.23 -52.82
CA LYS F 55 34.97 53.51 -52.78
C LYS F 55 33.60 53.42 -52.15
N SER F 56 32.86 52.34 -52.38
CA SER F 56 31.53 52.16 -51.82
C SER F 56 31.55 51.07 -50.74
N SER F 57 30.45 50.99 -49.99
CA SER F 57 30.35 50.01 -48.92
C SER F 57 30.25 48.59 -49.45
N SER F 58 29.54 48.41 -50.57
CA SER F 58 29.35 47.08 -51.13
C SER F 58 30.67 46.48 -51.58
N GLU F 59 31.58 47.31 -52.09
CA GLU F 59 32.91 46.83 -52.46
C GLU F 59 33.66 46.36 -51.24
N ILE F 60 33.48 47.07 -50.12
CA ILE F 60 34.12 46.68 -48.85
C ILE F 60 33.67 45.29 -48.45
N THR F 61 32.35 45.08 -48.40
CA THR F 61 31.85 43.78 -47.98
C THR F 61 32.19 42.69 -48.98
N GLU F 62 32.25 43.03 -50.28
CA GLU F 62 32.62 42.01 -51.27
C GLU F 62 34.04 41.53 -51.06
N ILE F 63 34.97 42.46 -50.78
CA ILE F 63 36.35 42.05 -50.58
C ILE F 63 36.48 41.22 -49.31
N PHE F 64 35.80 41.63 -48.23
CA PHE F 64 35.91 40.81 -47.02
C PHE F 64 35.24 39.43 -47.17
N GLU F 65 34.16 39.34 -47.96
CA GLU F 65 33.57 38.03 -48.22
C GLU F 65 34.54 37.14 -48.96
N LYS F 66 35.23 37.68 -49.96
CA LYS F 66 36.22 36.85 -50.65
C LYS F 66 37.40 36.55 -49.73
N ALA F 67 37.66 37.40 -48.75
CA ALA F 67 38.73 37.10 -47.79
C ALA F 67 38.37 35.91 -46.92
N ASN F 68 37.10 35.80 -46.54
CA ASN F 68 36.68 34.60 -45.81
C ASN F 68 36.46 33.40 -46.71
N ALA F 69 36.37 33.60 -48.02
CA ALA F 69 36.15 32.47 -48.92
C ALA F 69 37.46 31.84 -49.40
N ASP F 70 38.47 32.66 -49.66
CA ASP F 70 39.74 32.16 -50.17
C ASP F 70 40.55 31.52 -49.05
N PRO F 71 40.82 30.21 -49.10
CA PRO F 71 41.64 29.60 -48.05
C PRO F 71 43.10 30.03 -48.09
N LYS F 72 43.59 30.53 -49.22
CA LYS F 72 44.97 30.99 -49.32
C LYS F 72 45.18 32.36 -48.67
N CYS F 73 44.12 33.12 -48.45
CA CYS F 73 44.22 34.40 -47.74
C CYS F 73 44.32 34.15 -46.24
N ALA F 74 45.34 34.72 -45.61
CA ALA F 74 45.57 34.55 -44.19
C ALA F 74 45.68 35.87 -43.43
N GLY F 75 45.30 36.98 -44.05
CA GLY F 75 45.38 38.28 -43.40
C GLY F 75 45.02 39.43 -44.33
N VAL F 76 44.66 40.57 -43.74
CA VAL F 76 44.26 41.75 -44.50
C VAL F 76 44.99 42.96 -43.91
N ILE F 77 45.64 43.74 -44.77
CA ILE F 77 46.34 44.95 -44.37
C ILE F 77 45.55 46.13 -44.91
N VAL F 78 45.07 46.99 -44.01
CA VAL F 78 44.18 48.09 -44.36
C VAL F 78 44.93 49.40 -44.25
N TRP F 79 44.79 50.25 -45.26
CA TRP F 79 45.44 51.56 -45.25
C TRP F 79 44.56 52.57 -45.98
N MET F 80 44.33 53.71 -45.31
CA MET F 80 43.53 54.79 -45.86
C MET F 80 44.48 55.77 -46.55
N HIS F 81 44.54 55.71 -47.88
CA HIS F 81 45.33 56.69 -48.62
C HIS F 81 44.70 58.07 -48.50
N THR F 82 43.40 58.16 -48.75
CA THR F 82 42.62 59.37 -48.59
C THR F 82 41.51 59.12 -47.56
N PHE F 83 40.73 60.15 -47.30
CA PHE F 83 39.66 60.07 -46.30
C PHE F 83 38.57 59.14 -46.82
N SER F 84 38.50 57.94 -46.27
CA SER F 84 37.43 57.00 -46.57
C SER F 84 36.51 56.91 -45.37
N PRO F 85 35.25 57.34 -45.48
CA PRO F 85 34.35 57.31 -44.33
C PRO F 85 34.15 55.89 -43.80
N SER F 86 34.12 55.78 -42.47
CA SER F 86 34.17 54.46 -41.84
C SER F 86 32.84 53.71 -41.92
N LYS F 87 31.72 54.43 -41.99
CA LYS F 87 30.42 53.76 -42.02
C LYS F 87 30.27 52.88 -43.25
N MET F 88 31.12 53.07 -44.26
CA MET F 88 31.15 52.13 -45.37
C MET F 88 31.82 50.82 -44.96
N TRP F 89 32.75 50.89 -44.00
CA TRP F 89 33.50 49.72 -43.58
C TRP F 89 32.79 48.88 -42.54
N ILE F 90 31.65 49.34 -42.02
CA ILE F 90 31.01 48.65 -40.91
C ILE F 90 30.54 47.26 -41.33
N ARG F 91 29.81 47.18 -42.45
CA ARG F 91 29.32 45.88 -42.90
C ARG F 91 30.44 44.97 -43.36
N GLY F 92 31.56 45.54 -43.82
CA GLY F 92 32.66 44.71 -44.26
C GLY F 92 33.43 44.12 -43.10
N LEU F 93 33.63 44.90 -42.05
CA LEU F 93 34.33 44.41 -40.87
C LEU F 93 33.48 43.50 -40.00
N SER F 94 32.16 43.59 -40.11
CA SER F 94 31.26 42.77 -39.31
C SER F 94 31.10 41.35 -39.85
N ILE F 95 31.82 41.00 -40.91
CA ILE F 95 31.70 39.68 -41.50
C ILE F 95 33.02 38.92 -41.55
N ASN F 96 34.16 39.61 -41.54
CA ASN F 96 35.44 38.96 -41.74
C ASN F 96 35.98 38.42 -40.41
N LYS F 97 36.69 37.30 -40.51
CA LYS F 97 37.38 36.70 -39.37
C LYS F 97 38.88 36.59 -39.59
N LYS F 98 39.39 37.06 -40.72
CA LYS F 98 40.83 37.05 -40.95
C LYS F 98 41.49 38.16 -40.13
N PRO F 99 42.72 37.93 -39.68
CA PRO F 99 43.43 38.96 -38.89
C PRO F 99 43.60 40.26 -39.67
N LEU F 100 43.55 41.37 -38.95
CA LEU F 100 43.69 42.69 -39.53
C LEU F 100 45.00 43.33 -39.07
N LEU F 101 45.69 43.96 -40.01
CA LEU F 101 46.83 44.83 -39.71
C LEU F 101 46.51 46.22 -40.25
N HIS F 102 46.61 47.22 -39.40
CA HIS F 102 46.29 48.59 -39.76
C HIS F 102 47.59 49.32 -40.09
N LEU F 103 47.88 49.46 -41.38
CA LEU F 103 49.09 50.14 -41.80
C LEU F 103 48.81 51.64 -41.88
N HIS F 104 49.50 52.41 -41.05
CA HIS F 104 49.41 53.86 -41.05
C HIS F 104 50.71 54.38 -41.66
N THR F 105 50.61 54.94 -42.86
CA THR F 105 51.82 55.32 -43.60
C THR F 105 51.47 56.39 -44.62
N GLN F 106 52.51 57.10 -45.05
CA GLN F 106 52.44 58.10 -46.10
C GLN F 106 53.43 57.72 -47.18
N TYR F 107 53.00 57.78 -48.44
CA TYR F 107 53.83 57.23 -49.52
C TYR F 107 55.11 58.03 -49.68
N ASN F 108 55.04 59.35 -49.50
CA ASN F 108 56.21 60.20 -49.54
C ASN F 108 56.67 60.48 -48.12
N ARG F 109 58.00 60.47 -47.92
CA ARG F 109 58.55 60.65 -46.57
C ARG F 109 58.42 62.10 -46.14
N GLU F 110 59.10 63.00 -46.84
CA GLU F 110 59.12 64.42 -46.48
C GLU F 110 57.94 65.15 -47.12
N ILE F 111 57.87 66.44 -46.86
CA ILE F 111 56.79 67.30 -47.36
C ILE F 111 57.38 68.20 -48.45
N PRO F 112 56.79 68.24 -49.64
CA PRO F 112 57.22 69.22 -50.64
C PRO F 112 56.92 70.64 -50.17
N TRP F 113 57.85 71.23 -49.43
CA TRP F 113 57.59 72.51 -48.77
C TRP F 113 57.22 73.60 -49.76
N ASP F 114 57.83 73.57 -50.94
CA ASP F 114 57.60 74.61 -51.94
C ASP F 114 56.51 74.25 -52.96
N THR F 115 55.99 73.02 -52.92
CA THR F 115 55.04 72.57 -53.93
C THR F 115 53.79 71.94 -53.31
N ILE F 116 53.54 72.17 -52.03
CA ILE F 116 52.32 71.68 -51.40
C ILE F 116 51.16 72.58 -51.82
N ASP F 117 50.21 72.00 -52.56
CA ASP F 117 49.04 72.73 -53.05
C ASP F 117 47.79 71.94 -52.70
N MET F 118 46.63 72.51 -53.03
CA MET F 118 45.37 71.89 -52.68
C MET F 118 45.11 70.59 -53.44
N ASP F 119 45.76 70.39 -54.60
CA ASP F 119 45.65 69.13 -55.30
C ASP F 119 46.55 68.05 -54.72
N TYR F 120 47.42 68.39 -53.77
CA TYR F 120 48.24 67.42 -53.06
C TYR F 120 47.69 67.06 -51.69
N MET F 121 47.16 68.04 -50.95
CA MET F 121 46.48 67.74 -49.71
C MET F 121 45.23 66.91 -49.95
N ASN F 122 44.55 67.13 -51.08
CA ASN F 122 43.38 66.34 -51.40
C ASN F 122 43.73 64.90 -51.76
N LEU F 123 44.95 64.68 -52.25
CA LEU F 123 45.39 63.33 -52.60
C LEU F 123 45.89 62.57 -51.37
N ASN F 124 46.89 63.13 -50.69
CA ASN F 124 47.52 62.45 -49.55
C ASN F 124 46.82 62.87 -48.26
N GLN F 125 45.60 62.34 -48.10
CA GLN F 125 44.82 62.49 -46.87
C GLN F 125 45.09 61.37 -45.89
N SER F 126 46.35 60.95 -45.75
CA SER F 126 46.66 59.79 -44.92
C SER F 126 46.58 60.12 -43.44
N ALA F 127 47.04 61.32 -43.05
CA ALA F 127 47.13 61.66 -41.63
C ALA F 127 45.78 61.59 -40.95
N HIS F 128 44.77 62.25 -41.52
CA HIS F 128 43.42 62.22 -40.97
C HIS F 128 42.52 61.21 -41.67
N GLY F 129 43.10 60.31 -42.47
CA GLY F 129 42.31 59.32 -43.16
C GLY F 129 42.03 58.10 -42.32
N ASP F 130 43.09 57.48 -41.79
CA ASP F 130 42.91 56.29 -40.97
C ASP F 130 42.70 56.63 -39.50
N ARG F 131 42.86 57.88 -39.08
CA ARG F 131 42.45 58.24 -37.73
C ARG F 131 40.94 58.05 -37.58
N GLU F 132 40.18 58.45 -38.60
CA GLU F 132 38.75 58.14 -38.66
C GLU F 132 38.50 56.65 -38.74
N HIS F 133 39.39 55.91 -39.41
CA HIS F 133 39.20 54.47 -39.61
C HIS F 133 39.41 53.70 -38.32
N GLY F 134 40.46 54.02 -37.57
CA GLY F 134 40.70 53.36 -36.30
C GLY F 134 39.57 53.54 -35.30
N PHE F 135 38.81 54.63 -35.42
CA PHE F 135 37.67 54.80 -34.53
C PHE F 135 36.64 53.70 -34.70
N ILE F 136 36.37 53.30 -35.94
CA ILE F 136 35.37 52.25 -36.15
C ILE F 136 35.88 50.91 -35.65
N HIS F 137 37.20 50.71 -35.56
CA HIS F 137 37.74 49.50 -34.98
C HIS F 137 37.60 49.50 -33.47
N ALA F 138 38.08 50.57 -32.82
CA ALA F 138 37.88 50.70 -31.38
C ALA F 138 36.41 50.64 -30.99
N ARG F 139 35.53 51.15 -31.86
CA ARG F 139 34.10 51.17 -31.60
C ARG F 139 33.50 49.77 -31.72
N MET F 140 33.84 49.04 -32.77
CA MET F 140 33.29 47.71 -33.00
C MET F 140 33.98 46.64 -32.16
N ARG F 141 34.87 47.03 -31.27
CA ARG F 141 35.59 46.10 -30.41
C ARG F 141 36.28 45.02 -31.25
N LEU F 142 36.87 45.45 -32.34
CA LEU F 142 37.48 44.52 -33.28
C LEU F 142 38.96 44.36 -32.97
N PRO F 143 39.49 43.14 -32.94
CA PRO F 143 40.91 42.97 -32.66
C PRO F 143 41.75 43.21 -33.91
N ARG F 144 42.84 43.94 -33.74
CA ARG F 144 43.73 44.23 -34.85
C ARG F 144 45.06 44.73 -34.32
N LYS F 145 46.07 44.70 -35.19
CA LYS F 145 47.39 45.23 -34.90
C LYS F 145 47.57 46.54 -35.64
N VAL F 146 48.01 47.57 -34.92
CA VAL F 146 48.20 48.89 -35.49
C VAL F 146 49.69 49.12 -35.68
N VAL F 147 50.07 49.58 -36.88
CA VAL F 147 51.47 49.79 -37.23
C VAL F 147 51.60 51.13 -37.93
N VAL F 148 52.49 51.99 -37.42
CA VAL F 148 52.68 53.34 -37.95
C VAL F 148 54.14 53.47 -38.39
N GLY F 149 54.35 54.06 -39.56
CA GLY F 149 55.66 54.30 -40.09
C GLY F 149 55.67 54.25 -41.59
N HIS F 150 56.71 54.84 -42.18
CA HIS F 150 56.85 54.88 -43.63
C HIS F 150 57.34 53.54 -44.16
N TRP F 151 56.70 53.06 -45.24
CA TRP F 151 56.95 51.71 -45.72
C TRP F 151 58.39 51.49 -46.15
N GLU F 152 59.17 52.55 -46.37
CA GLU F 152 60.58 52.38 -46.70
C GLU F 152 61.43 52.09 -45.47
N GLU F 153 60.97 52.46 -44.27
CA GLU F 153 61.71 52.18 -43.05
C GLU F 153 61.72 50.69 -42.75
N LYS F 154 62.80 50.23 -42.11
CA LYS F 154 62.98 48.81 -41.82
C LYS F 154 62.24 48.37 -40.55
N GLU F 155 62.13 49.26 -39.56
CA GLU F 155 61.50 48.89 -38.28
C GLU F 155 60.04 48.50 -38.48
N VAL F 156 59.30 49.34 -39.22
CA VAL F 156 57.90 49.05 -39.53
C VAL F 156 57.80 47.77 -40.35
N ARG F 157 58.77 47.53 -41.22
CA ARG F 157 58.74 46.31 -42.02
C ARG F 157 58.95 45.07 -41.16
N GLU F 158 59.79 45.19 -40.12
CA GLU F 158 59.96 44.07 -39.20
C GLU F 158 58.67 43.78 -38.45
N LYS F 159 57.99 44.83 -38.00
CA LYS F 159 56.74 44.64 -37.29
C LYS F 159 55.69 43.97 -38.17
N ILE F 160 55.52 44.47 -39.39
CA ILE F 160 54.49 43.90 -40.27
C ILE F 160 54.86 42.48 -40.69
N ALA F 161 56.15 42.15 -40.78
CA ALA F 161 56.52 40.79 -41.15
C ALA F 161 56.26 39.81 -40.00
N LYS F 162 56.55 40.23 -38.77
CA LYS F 162 56.20 39.40 -37.63
C LYS F 162 54.70 39.17 -37.56
N TRP F 163 53.91 40.21 -37.86
CA TRP F 163 52.47 40.01 -37.88
C TRP F 163 52.05 39.05 -38.98
N MET F 164 52.74 39.07 -40.12
CA MET F 164 52.43 38.12 -41.18
C MET F 164 52.68 36.68 -40.72
N ARG F 165 53.83 36.45 -40.06
CA ARG F 165 54.12 35.11 -39.59
C ARG F 165 53.06 34.62 -38.61
N VAL F 166 52.61 35.51 -37.72
CA VAL F 166 51.58 35.10 -36.77
C VAL F 166 50.25 34.88 -37.48
N ALA F 167 49.91 35.75 -38.44
CA ALA F 167 48.64 35.66 -39.15
C ALA F 167 48.53 34.40 -39.98
N CYS F 168 49.65 33.80 -40.36
CA CYS F 168 49.57 32.49 -41.00
C CYS F 168 49.74 31.35 -40.01
N ALA F 169 50.28 31.61 -38.82
CA ALA F 169 50.33 30.56 -37.80
C ALA F 169 48.93 30.18 -37.30
N ILE F 170 48.00 31.14 -37.24
CA ILE F 170 46.65 30.83 -36.79
C ILE F 170 45.89 30.03 -37.85
N GLN F 171 46.22 30.25 -39.13
CA GLN F 171 45.55 29.53 -40.19
C GLN F 171 45.94 28.06 -40.20
N ASP F 172 47.20 27.77 -39.84
CA ASP F 172 47.63 26.39 -39.60
C ASP F 172 47.18 25.97 -38.20
N GLY F 173 45.87 25.90 -38.06
CA GLY F 173 45.24 25.61 -36.79
C GLY F 173 43.73 25.71 -36.93
N ARG F 174 43.27 26.66 -37.73
CA ARG F 174 41.87 26.70 -38.11
C ARG F 174 41.54 25.63 -39.14
N MET F 175 42.49 25.31 -40.02
CA MET F 175 42.31 24.28 -41.04
C MET F 175 42.76 22.91 -40.58
N GLY F 176 43.94 22.83 -39.96
CA GLY F 176 44.50 21.56 -39.56
C GLY F 176 43.75 20.92 -38.40
N GLN F 177 44.22 19.73 -38.03
CA GLN F 177 43.62 18.96 -36.96
C GLN F 177 44.73 18.32 -36.14
N ILE F 178 44.51 18.20 -34.83
CA ILE F 178 45.45 17.61 -33.90
C ILE F 178 44.94 16.23 -33.49
N VAL F 179 45.86 15.26 -33.46
CA VAL F 179 45.56 13.86 -33.26
C VAL F 179 46.09 13.44 -31.90
N ARG F 180 45.29 12.67 -31.16
CA ARG F 180 45.66 12.19 -29.83
C ARG F 180 45.70 10.68 -29.89
N PHE F 181 46.82 10.07 -29.52
CA PHE F 181 46.91 8.63 -29.37
C PHE F 181 46.85 8.32 -27.88
N GLY F 182 45.64 8.10 -27.39
CA GLY F 182 45.43 7.94 -25.96
C GLY F 182 45.09 9.25 -25.28
N ASP F 183 44.39 9.14 -24.16
CA ASP F 183 43.94 10.32 -23.44
C ASP F 183 45.07 10.86 -22.56
N ASN F 184 44.75 11.81 -21.69
CA ASN F 184 45.75 12.42 -20.82
C ASN F 184 46.18 11.45 -19.73
N MET F 185 47.34 11.74 -19.14
CA MET F 185 47.77 11.02 -17.96
C MET F 185 46.74 11.23 -16.85
N ARG F 186 46.41 10.14 -16.15
CA ARG F 186 45.33 10.19 -15.18
C ARG F 186 45.65 11.15 -14.04
N GLU F 187 44.62 11.87 -13.59
CA GLU F 187 44.63 12.82 -12.48
C GLU F 187 45.44 14.09 -12.79
N VAL F 188 45.95 14.26 -14.00
CA VAL F 188 46.67 15.48 -14.38
C VAL F 188 45.67 16.52 -14.82
N ALA F 189 45.85 17.75 -14.35
CA ALA F 189 44.90 18.83 -14.57
C ALA F 189 45.36 19.87 -15.58
N SER F 190 46.62 20.28 -15.53
CA SER F 190 47.07 21.36 -16.42
C SER F 190 47.09 20.94 -17.88
N THR F 191 47.25 19.65 -18.16
CA THR F 191 47.20 19.17 -19.53
C THR F 191 45.78 19.05 -20.07
N GLU F 192 44.78 18.94 -19.18
CA GLU F 192 43.40 18.81 -19.59
C GLU F 192 42.81 20.17 -19.97
N GLY F 193 41.75 20.13 -20.76
CA GLY F 193 41.07 21.34 -21.18
C GLY F 193 39.79 21.00 -21.90
N ASP F 194 39.05 22.06 -22.25
CA ASP F 194 37.78 21.91 -22.95
C ASP F 194 38.05 21.87 -24.45
N LYS F 195 37.85 20.70 -25.05
CA LYS F 195 38.13 20.51 -26.47
C LYS F 195 37.20 21.29 -27.39
N VAL F 196 36.01 21.67 -26.91
CA VAL F 196 35.05 22.36 -27.77
C VAL F 196 35.34 23.86 -27.81
N GLU F 197 35.59 24.47 -26.66
CA GLU F 197 35.91 25.89 -26.66
C GLU F 197 37.24 26.17 -27.35
N ALA F 198 38.11 25.16 -27.46
CA ALA F 198 39.34 25.34 -28.22
C ALA F 198 39.05 25.44 -29.71
N GLN F 199 38.12 24.63 -30.22
CA GLN F 199 37.71 24.78 -31.61
C GLN F 199 36.96 26.09 -31.82
N ILE F 200 36.21 26.54 -30.82
CA ILE F 200 35.42 27.77 -30.99
C ILE F 200 36.33 29.00 -30.98
N LYS F 201 37.33 29.02 -30.11
CA LYS F 201 38.18 30.20 -29.96
C LYS F 201 39.41 30.17 -30.87
N LEU F 202 40.22 29.13 -30.75
CA LEU F 202 41.45 29.03 -31.54
C LEU F 202 41.24 28.37 -32.89
N GLY F 203 40.19 27.56 -33.05
CA GLY F 203 39.96 26.84 -34.27
C GLY F 203 40.60 25.47 -34.34
N TRP F 204 41.41 25.11 -33.35
CA TRP F 204 42.10 23.83 -33.36
C TRP F 204 41.13 22.67 -33.28
N SER F 205 40.93 21.96 -34.39
CA SER F 205 40.18 20.72 -34.35
C SER F 205 41.02 19.65 -33.66
N ILE F 206 40.39 18.85 -32.81
CA ILE F 206 41.12 17.91 -31.95
C ILE F 206 40.33 16.62 -31.84
N ASN F 207 41.01 15.49 -32.03
CA ASN F 207 40.31 14.21 -31.88
C ASN F 207 41.26 13.16 -31.33
N THR F 208 40.67 12.07 -30.81
CA THR F 208 41.41 11.01 -30.13
C THR F 208 41.17 9.67 -30.80
N TRP F 209 42.23 8.86 -30.87
CA TRP F 209 42.23 7.50 -31.41
C TRP F 209 42.90 6.56 -30.42
N GLY F 210 42.47 5.30 -30.43
CA GLY F 210 43.12 4.29 -29.63
C GLY F 210 44.52 3.97 -30.12
N VAL F 211 45.39 3.58 -29.19
CA VAL F 211 46.78 3.30 -29.52
C VAL F 211 46.89 2.02 -30.36
N GLY F 212 45.94 1.10 -30.23
CA GLY F 212 45.94 -0.08 -31.08
C GLY F 212 45.82 0.28 -32.55
N GLU F 213 45.17 1.41 -32.85
CA GLU F 213 45.10 1.87 -34.23
C GLU F 213 46.50 2.13 -34.78
N LEU F 214 47.40 2.66 -33.95
CA LEU F 214 48.78 2.84 -34.37
C LEU F 214 49.53 1.52 -34.40
N ALA F 215 49.19 0.60 -33.49
CA ALA F 215 49.81 -0.71 -33.50
C ALA F 215 49.45 -1.50 -34.75
N GLU F 216 48.34 -1.16 -35.39
CA GLU F 216 48.01 -1.77 -36.68
C GLU F 216 49.01 -1.34 -37.74
N ARG F 217 49.37 -0.05 -37.77
CA ARG F 217 50.24 0.45 -38.83
C ARG F 217 51.70 0.09 -38.60
N VAL F 218 52.12 -0.10 -37.35
CA VAL F 218 53.55 -0.29 -37.12
C VAL F 218 54.03 -1.64 -37.67
N LYS F 219 53.16 -2.62 -37.79
CA LYS F 219 53.61 -3.96 -38.16
C LYS F 219 53.61 -4.22 -39.67
N ALA F 220 52.72 -3.58 -40.42
CA ALA F 220 52.60 -3.82 -41.85
C ALA F 220 53.53 -2.94 -42.69
N VAL F 221 54.62 -2.44 -42.09
CA VAL F 221 55.56 -1.58 -42.78
C VAL F 221 56.44 -2.42 -43.70
N PRO F 222 56.70 -1.98 -44.93
CA PRO F 222 57.61 -2.72 -45.81
C PRO F 222 59.02 -2.75 -45.25
N GLU F 223 59.79 -3.74 -45.71
CA GLU F 223 61.13 -3.95 -45.16
C GLU F 223 62.18 -3.04 -45.82
N ARG F 224 62.09 -2.84 -47.13
CA ARG F 224 63.07 -1.98 -47.79
C ARG F 224 62.86 -0.50 -47.50
N GLU F 225 61.95 -0.17 -46.58
CA GLU F 225 61.76 1.22 -46.17
C GLU F 225 62.56 1.58 -44.92
N VAL F 226 62.89 0.58 -44.09
CA VAL F 226 63.58 0.88 -42.83
C VAL F 226 65.07 1.11 -43.05
N GLU F 227 65.67 0.44 -44.04
CA GLU F 227 67.09 0.66 -44.32
C GLU F 227 67.32 1.97 -45.08
N GLU F 228 66.34 2.41 -45.87
CA GLU F 228 66.42 3.74 -46.44
C GLU F 228 66.33 4.82 -45.38
N LEU F 229 65.69 4.53 -44.25
CA LEU F 229 65.75 5.43 -43.12
C LEU F 229 67.06 5.29 -42.35
N LEU F 230 67.62 4.07 -42.30
CA LEU F 230 68.88 3.90 -41.57
C LEU F 230 70.05 4.55 -42.28
N LYS F 231 70.04 4.60 -43.62
CA LYS F 231 71.10 5.32 -44.31
C LYS F 231 71.04 6.82 -44.00
N GLU F 232 69.84 7.38 -43.94
CA GLU F 232 69.70 8.79 -43.56
C GLU F 232 70.07 9.00 -42.09
N TYR F 233 69.78 8.02 -41.24
CA TYR F 233 70.21 8.11 -39.83
C TYR F 233 71.72 8.09 -39.73
N ARG F 234 72.38 7.27 -40.54
CA ARG F 234 73.84 7.19 -40.54
C ARG F 234 74.47 8.45 -41.10
N GLU F 235 73.82 9.09 -42.08
CA GLU F 235 74.34 10.34 -42.63
C GLU F 235 74.33 11.48 -41.63
N LYS F 236 73.59 11.36 -40.53
CA LYS F 236 73.47 12.47 -39.58
C LYS F 236 73.75 12.06 -38.14
N TYR F 237 73.43 10.83 -37.76
CA TYR F 237 73.50 10.43 -36.35
C TYR F 237 74.18 9.08 -36.16
N ILE F 238 73.44 8.13 -35.57
CA ILE F 238 73.83 6.72 -35.40
C ILE F 238 74.87 6.54 -34.30
N MET F 239 74.68 5.43 -33.45
CA MET F 239 75.41 4.78 -32.37
C MET F 239 76.21 3.61 -32.93
N PRO F 240 77.35 3.26 -32.27
CA PRO F 240 78.30 2.25 -32.80
C PRO F 240 77.77 1.16 -33.73
N GLU F 241 77.47 -0.03 -33.21
CA GLU F 241 77.28 -1.20 -34.05
C GLU F 241 76.01 -1.93 -33.66
N ASP F 242 75.63 -2.90 -34.50
CA ASP F 242 74.42 -3.69 -34.32
C ASP F 242 74.63 -4.72 -33.21
N GLU F 243 74.08 -4.42 -32.04
CA GLU F 243 74.04 -5.39 -30.93
C GLU F 243 72.61 -5.46 -30.41
N TYR F 244 72.29 -4.57 -29.48
CA TYR F 244 70.91 -4.30 -29.11
C TYR F 244 70.52 -2.84 -29.38
N SER F 245 71.46 -2.03 -29.88
CA SER F 245 71.19 -0.63 -30.15
C SER F 245 70.60 -0.39 -31.54
N LEU F 246 71.00 -1.19 -32.53
CA LEU F 246 70.47 -1.01 -33.88
C LEU F 246 69.09 -1.63 -34.07
N LYS F 247 68.68 -2.52 -33.18
CA LYS F 247 67.32 -3.07 -33.23
C LYS F 247 66.28 -1.98 -32.93
N ALA F 248 66.55 -1.15 -31.93
CA ALA F 248 65.64 -0.09 -31.57
C ALA F 248 65.57 0.99 -32.66
N ILE F 249 66.63 1.14 -33.44
CA ILE F 249 66.61 2.13 -34.51
C ILE F 249 65.63 1.71 -35.60
N ARG F 250 65.62 0.43 -35.97
CA ARG F 250 64.63 -0.03 -36.94
C ARG F 250 63.23 -0.04 -36.36
N GLU F 251 63.08 -0.30 -35.06
CA GLU F 251 61.75 -0.22 -34.48
C GLU F 251 61.23 1.21 -34.54
N GLN F 252 62.08 2.19 -34.21
CA GLN F 252 61.70 3.59 -34.32
C GLN F 252 61.46 3.99 -35.78
N ALA F 253 62.17 3.39 -36.73
CA ALA F 253 61.98 3.73 -38.13
C ALA F 253 60.62 3.25 -38.63
N LYS F 254 60.23 2.02 -38.26
CA LYS F 254 58.91 1.57 -38.69
C LYS F 254 57.81 2.36 -37.97
N ILE F 255 58.06 2.80 -36.74
CA ILE F 255 57.10 3.66 -36.07
C ILE F 255 57.00 5.01 -36.77
N GLU F 256 58.15 5.54 -37.24
CA GLU F 256 58.14 6.81 -37.96
C GLU F 256 57.35 6.70 -39.26
N ILE F 257 57.50 5.58 -39.97
CA ILE F 257 56.75 5.42 -41.21
C ILE F 257 55.26 5.29 -40.92
N ALA F 258 54.90 4.57 -39.86
CA ALA F 258 53.50 4.46 -39.49
C ALA F 258 52.90 5.81 -39.12
N LEU F 259 53.64 6.61 -38.34
CA LEU F 259 53.15 7.93 -37.96
C LEU F 259 53.00 8.85 -39.17
N ARG F 260 53.95 8.81 -40.09
CA ARG F 260 53.83 9.65 -41.28
C ARG F 260 52.59 9.26 -42.08
N GLU F 261 52.37 7.96 -42.26
CA GLU F 261 51.22 7.50 -43.02
C GLU F 261 49.92 7.90 -42.34
N PHE F 262 49.88 7.83 -41.01
CA PHE F 262 48.66 8.14 -40.29
C PHE F 262 48.37 9.63 -40.32
N LEU F 263 49.37 10.45 -39.99
CA LEU F 263 49.14 11.89 -39.89
C LEU F 263 48.85 12.52 -41.25
N ALA F 264 49.42 11.99 -42.33
CA ALA F 264 49.13 12.58 -43.63
C ALA F 264 47.68 12.32 -44.07
N ALA F 265 47.13 11.16 -43.71
CA ALA F 265 45.80 10.78 -44.17
C ALA F 265 44.67 11.57 -43.52
N ALA F 266 44.91 12.22 -42.38
CA ALA F 266 43.85 12.90 -41.65
C ALA F 266 44.16 14.38 -41.45
N ASN F 267 44.86 14.98 -42.42
CA ASN F 267 45.21 16.40 -42.42
C ASN F 267 45.64 16.88 -41.05
N ALA F 268 46.76 16.37 -40.54
CA ALA F 268 47.21 16.65 -39.19
C ALA F 268 48.27 17.75 -39.19
N VAL F 269 48.32 18.48 -38.07
CA VAL F 269 49.37 19.46 -37.85
C VAL F 269 50.13 19.23 -36.55
N GLY F 270 49.53 18.56 -35.56
CA GLY F 270 50.24 18.17 -34.36
C GLY F 270 49.67 16.86 -33.87
N PHE F 271 50.40 16.22 -32.96
CA PHE F 271 49.95 14.96 -32.39
C PHE F 271 50.49 14.83 -30.98
N THR F 272 49.88 13.93 -30.20
CA THR F 272 50.27 13.71 -28.83
C THR F 272 50.12 12.24 -28.47
N THR F 273 51.03 11.75 -27.63
CA THR F 273 51.03 10.36 -27.18
C THR F 273 50.96 10.33 -25.65
N THR F 274 50.92 9.11 -25.11
CA THR F 274 50.92 8.88 -23.67
C THR F 274 51.77 7.65 -23.37
N PHE F 275 52.50 7.69 -22.25
CA PHE F 275 53.46 6.64 -21.95
C PHE F 275 52.87 5.46 -21.17
N GLU F 276 51.73 5.66 -20.52
CA GLU F 276 51.09 4.59 -19.76
C GLU F 276 49.99 3.89 -20.56
N ASP F 277 49.95 4.10 -21.88
CA ASP F 277 48.95 3.47 -22.73
C ASP F 277 49.59 3.31 -24.11
N LEU F 278 50.31 2.20 -24.30
CA LEU F 278 50.98 1.88 -25.56
C LEU F 278 50.87 0.39 -25.82
N HIS F 279 49.65 -0.14 -25.76
CA HIS F 279 49.44 -1.57 -25.88
C HIS F 279 49.79 -2.02 -27.30
N ASP F 280 50.45 -3.18 -27.39
CA ASP F 280 50.95 -3.80 -28.61
C ASP F 280 52.08 -3.01 -29.25
N LEU F 281 52.45 -1.84 -28.72
CA LEU F 281 53.63 -1.13 -29.20
C LEU F 281 54.86 -1.66 -28.49
N PRO F 282 55.83 -2.23 -29.21
CA PRO F 282 57.00 -2.84 -28.55
C PRO F 282 57.92 -1.85 -27.86
N GLN F 283 57.73 -0.54 -28.08
CA GLN F 283 58.69 0.43 -27.56
C GLN F 283 58.06 1.82 -27.53
N LEU F 284 58.39 2.58 -26.51
CA LEU F 284 57.88 3.93 -26.35
C LEU F 284 58.35 4.82 -27.50
N PRO F 285 57.45 5.54 -28.17
CA PRO F 285 57.86 6.40 -29.28
C PRO F 285 58.85 7.47 -28.83
N GLY F 286 60.03 7.43 -29.42
CA GLY F 286 61.12 8.35 -29.10
C GLY F 286 61.65 9.09 -30.31
N LEU F 287 62.75 8.56 -30.87
CA LEU F 287 63.41 9.15 -32.04
C LEU F 287 62.43 9.56 -33.13
N ALA F 288 61.37 8.78 -33.34
CA ALA F 288 60.42 9.11 -34.40
C ALA F 288 59.71 10.43 -34.12
N VAL F 289 59.41 10.71 -32.86
CA VAL F 289 58.78 11.98 -32.51
C VAL F 289 59.71 13.14 -32.81
N GLN F 290 61.00 12.99 -32.47
CA GLN F 290 61.96 14.03 -32.79
C GLN F 290 62.11 14.21 -34.30
N ARG F 291 62.04 13.11 -35.05
CA ARG F 291 62.13 13.21 -36.51
C ARG F 291 60.95 13.97 -37.08
N LEU F 292 59.76 13.75 -36.53
CA LEU F 292 58.59 14.47 -37.03
C LEU F 292 58.62 15.93 -36.59
N MET F 293 59.08 16.20 -35.37
CA MET F 293 59.18 17.59 -34.90
C MET F 293 60.23 18.38 -35.66
N GLU F 294 61.27 17.70 -36.17
CA GLU F 294 62.31 18.40 -36.91
C GLU F 294 61.75 19.03 -38.18
N GLU F 295 60.71 18.43 -38.77
CA GLU F 295 60.12 19.01 -39.97
C GLU F 295 59.16 20.14 -39.63
N GLY F 296 58.22 19.91 -38.72
CA GLY F 296 57.23 20.91 -38.40
C GLY F 296 56.08 20.44 -37.51
N TYR F 297 55.80 19.15 -37.52
CA TYR F 297 54.73 18.60 -36.68
C TYR F 297 54.97 18.95 -35.22
N GLY F 298 53.99 19.60 -34.60
CA GLY F 298 54.05 19.85 -33.17
C GLY F 298 53.73 18.61 -32.37
N PHE F 299 54.27 18.55 -31.15
CA PHE F 299 54.10 17.37 -30.31
C PHE F 299 53.96 17.76 -28.85
N GLY F 300 53.10 17.04 -28.15
CA GLY F 300 53.02 17.12 -26.71
C GLY F 300 52.93 15.72 -26.13
N ALA F 301 53.46 15.56 -24.94
CA ALA F 301 53.49 14.26 -24.28
C ALA F 301 52.45 14.18 -23.19
N GLU F 302 52.18 12.94 -22.75
CA GLU F 302 51.25 12.67 -21.66
C GLU F 302 49.85 13.20 -21.95
N GLY F 303 49.50 13.29 -23.24
CA GLY F 303 48.20 13.74 -23.65
C GLY F 303 48.03 15.24 -23.78
N ASP F 304 49.06 16.01 -23.50
CA ASP F 304 48.97 17.48 -23.52
C ASP F 304 48.79 17.96 -24.94
N TRP F 305 47.54 18.23 -25.33
CA TRP F 305 47.27 18.81 -26.63
C TRP F 305 47.43 20.32 -26.64
N LYS F 306 47.37 20.97 -25.47
CA LYS F 306 47.63 22.40 -25.40
C LYS F 306 49.03 22.71 -25.92
N ALA F 307 50.03 22.01 -25.36
CA ALA F 307 51.41 22.22 -25.75
C ALA F 307 51.63 21.79 -27.19
N ALA F 308 50.98 20.71 -27.62
CA ALA F 308 51.17 20.24 -29.00
C ALA F 308 50.70 21.29 -29.99
N GLY F 309 49.48 21.82 -29.80
CA GLY F 309 48.99 22.84 -30.71
C GLY F 309 49.81 24.12 -30.64
N LEU F 310 50.24 24.50 -29.44
CA LEU F 310 51.06 25.70 -29.30
C LEU F 310 52.40 25.52 -29.99
N VAL F 311 53.03 24.36 -29.83
CA VAL F 311 54.30 24.07 -30.48
C VAL F 311 54.15 24.10 -31.98
N ARG F 312 53.04 23.56 -32.50
CA ARG F 312 52.82 23.58 -33.94
C ARG F 312 52.69 25.01 -34.46
N ALA F 313 51.85 25.82 -33.80
CA ALA F 313 51.65 27.19 -34.27
C ALA F 313 52.93 28.02 -34.14
N ILE F 314 53.66 27.85 -33.03
CA ILE F 314 54.87 28.60 -32.80
C ILE F 314 56.04 28.08 -33.65
N LYS F 315 55.92 26.86 -34.19
CA LYS F 315 56.88 26.38 -35.17
C LYS F 315 56.55 26.94 -36.54
N VAL F 316 55.27 27.12 -36.85
CA VAL F 316 54.90 27.81 -38.09
C VAL F 316 55.39 29.25 -38.04
N MET F 317 55.35 29.86 -36.86
CA MET F 317 55.90 31.21 -36.70
C MET F 317 57.40 31.21 -36.99
N GLY F 318 58.18 30.57 -36.13
CA GLY F 318 59.63 30.46 -36.31
C GLY F 318 60.02 29.47 -37.39
N THR F 319 60.00 29.88 -38.66
CA THR F 319 60.21 28.97 -39.77
C THR F 319 61.42 29.29 -40.64
N SER F 320 62.18 30.33 -40.33
CA SER F 320 63.24 30.76 -41.25
C SER F 320 64.63 30.42 -40.73
N LEU F 321 65.59 31.33 -40.99
CA LEU F 321 66.98 31.04 -40.66
C LEU F 321 67.24 30.90 -39.16
N PRO F 322 66.73 31.79 -38.27
CA PRO F 322 67.07 31.64 -36.85
C PRO F 322 66.20 30.60 -36.16
N GLY F 323 65.72 29.60 -36.92
CA GLY F 323 64.82 28.59 -36.41
C GLY F 323 65.30 27.87 -35.17
N GLY F 324 64.37 27.33 -34.40
CA GLY F 324 64.69 26.63 -33.17
C GLY F 324 63.53 26.58 -32.21
N THR F 325 62.64 25.61 -32.39
CA THR F 325 61.46 25.45 -31.54
C THR F 325 61.35 24.00 -31.13
N SER F 326 61.08 23.76 -29.84
CA SER F 326 61.02 22.43 -29.27
C SER F 326 59.94 22.37 -28.20
N PHE F 327 59.53 21.15 -27.90
CA PHE F 327 58.65 20.85 -26.77
C PHE F 327 59.51 20.66 -25.53
N MET F 328 59.26 21.46 -24.49
CA MET F 328 60.15 21.47 -23.34
C MET F 328 59.39 21.17 -22.05
N GLU F 329 60.12 20.65 -21.07
CA GLU F 329 59.59 20.41 -19.73
C GLU F 329 60.65 20.83 -18.74
N ASP F 330 60.35 21.85 -17.93
CA ASP F 330 61.30 22.36 -16.93
C ASP F 330 61.65 21.25 -15.96
N TYR F 331 62.86 20.70 -16.07
CA TYR F 331 63.01 19.44 -15.38
C TYR F 331 63.60 19.62 -14.01
N THR F 332 64.67 20.40 -13.90
CA THR F 332 65.39 20.57 -12.62
C THR F 332 66.03 21.95 -12.60
N TYR F 333 66.37 22.43 -11.40
CA TYR F 333 66.93 23.75 -11.19
C TYR F 333 68.39 23.68 -10.75
N HIS F 334 69.07 24.82 -10.86
CA HIS F 334 70.43 24.99 -10.35
C HIS F 334 70.42 26.23 -9.46
N LEU F 335 70.55 26.02 -8.15
CA LEU F 335 70.24 27.03 -7.15
C LEU F 335 71.48 27.71 -6.57
N THR F 336 72.54 27.85 -7.35
CA THR F 336 73.66 28.64 -6.88
C THR F 336 73.27 30.12 -6.87
N PRO F 337 73.69 30.88 -5.85
CA PRO F 337 73.18 32.26 -5.71
C PRO F 337 73.46 33.17 -6.89
N GLY F 338 74.71 33.19 -7.37
CA GLY F 338 75.05 34.17 -8.41
C GLY F 338 74.72 33.74 -9.81
N ASN F 339 74.69 32.44 -10.09
CA ASN F 339 74.48 31.93 -11.44
C ASN F 339 73.40 30.85 -11.44
N GLU F 340 72.23 31.17 -10.89
CA GLU F 340 71.14 30.20 -10.80
C GLU F 340 70.52 29.98 -12.18
N LEU F 341 70.46 28.72 -12.60
CA LEU F 341 69.99 28.35 -13.94
C LEU F 341 68.84 27.36 -13.83
N VAL F 342 68.34 26.93 -14.98
CA VAL F 342 67.32 25.87 -14.99
C VAL F 342 67.59 24.93 -16.16
N LEU F 343 67.64 23.62 -15.86
CA LEU F 343 67.93 22.58 -16.82
C LEU F 343 66.60 21.99 -17.30
N GLY F 344 66.30 22.21 -18.58
CA GLY F 344 65.08 21.71 -19.21
C GLY F 344 65.39 20.54 -20.13
N ALA F 345 64.53 19.53 -20.08
CA ALA F 345 64.65 18.33 -20.89
C ALA F 345 63.33 17.58 -20.79
N HIS F 346 63.27 16.43 -21.46
CA HIS F 346 62.12 15.54 -21.31
C HIS F 346 62.61 14.12 -21.05
N MET F 347 61.72 13.13 -21.16
CA MET F 347 62.14 11.74 -21.04
C MET F 347 62.75 11.22 -22.33
N LEU F 348 62.33 11.76 -23.48
CA LEU F 348 62.83 11.33 -24.78
C LEU F 348 62.75 12.44 -25.81
N GLU F 349 61.58 13.08 -25.90
CA GLU F 349 61.23 13.91 -27.05
C GLU F 349 61.71 15.34 -26.83
N VAL F 350 62.82 15.68 -27.48
CA VAL F 350 63.29 17.06 -27.58
C VAL F 350 63.63 17.31 -29.04
N CYS F 351 63.10 18.41 -29.59
CA CYS F 351 63.26 18.66 -31.02
C CYS F 351 64.73 18.95 -31.35
N PRO F 352 65.26 18.37 -32.43
CA PRO F 352 66.64 18.63 -32.82
C PRO F 352 66.87 19.94 -33.54
N THR F 353 65.89 20.86 -33.51
CA THR F 353 66.07 22.16 -34.16
C THR F 353 66.83 23.13 -33.27
N ILE F 354 66.67 23.01 -31.95
CA ILE F 354 67.39 23.87 -31.01
C ILE F 354 68.77 23.30 -30.73
N ALA F 355 69.15 22.24 -31.44
CA ALA F 355 70.43 21.60 -31.16
C ALA F 355 71.58 22.49 -31.62
N LYS F 356 72.69 22.42 -30.89
CA LYS F 356 73.91 23.14 -31.23
C LYS F 356 74.98 22.25 -31.86
N GLU F 357 75.07 21.00 -31.42
CA GLU F 357 76.04 20.05 -31.92
C GLU F 357 75.36 19.03 -32.81
N LYS F 358 76.06 17.95 -33.12
CA LYS F 358 75.51 16.88 -33.93
C LYS F 358 74.54 16.04 -33.10
N PRO F 359 73.28 15.90 -33.52
CA PRO F 359 72.34 15.03 -32.79
C PRO F 359 72.84 13.59 -32.76
N ARG F 360 73.15 13.09 -31.57
CA ARG F 360 73.73 11.76 -31.41
C ARG F 360 72.65 10.79 -30.94
N ILE F 361 72.47 9.69 -31.68
CA ILE F 361 71.51 8.67 -31.25
C ILE F 361 72.09 7.90 -30.08
N GLU F 362 71.27 7.72 -29.04
CA GLU F 362 71.65 6.94 -27.87
C GLU F 362 70.44 6.15 -27.39
N VAL F 363 70.73 4.98 -26.82
CA VAL F 363 69.72 4.15 -26.17
C VAL F 363 70.17 3.91 -24.73
N HIS F 364 69.22 4.00 -23.81
CA HIS F 364 69.50 3.91 -22.38
C HIS F 364 68.33 3.24 -21.70
N PRO F 365 68.54 2.61 -20.53
CA PRO F 365 67.42 1.99 -19.82
C PRO F 365 66.39 3.03 -19.41
N LEU F 366 65.16 2.83 -19.86
CA LEU F 366 64.04 3.72 -19.54
C LEU F 366 62.84 2.86 -19.19
N SER F 367 62.51 2.78 -17.90
CA SER F 367 61.41 1.96 -17.42
C SER F 367 60.07 2.67 -17.42
N ILE F 368 60.02 3.94 -17.81
CA ILE F 368 58.77 4.71 -17.76
C ILE F 368 57.80 4.13 -18.78
N GLY F 369 56.64 3.68 -18.28
CA GLY F 369 55.61 3.08 -19.09
C GLY F 369 55.79 1.62 -19.42
N GLY F 370 56.93 1.02 -19.09
CA GLY F 370 57.10 -0.41 -19.19
C GLY F 370 57.22 -0.98 -20.60
N LYS F 371 58.20 -0.52 -21.37
CA LYS F 371 58.45 -1.08 -22.69
C LYS F 371 59.96 -1.35 -22.82
N ALA F 372 60.43 -1.39 -24.07
CA ALA F 372 61.81 -1.73 -24.37
C ALA F 372 62.60 -0.45 -24.58
N ASP F 373 63.85 -0.44 -24.11
CA ASP F 373 64.74 0.72 -24.11
C ASP F 373 64.69 1.47 -25.43
N PRO F 374 64.02 2.62 -25.47
CA PRO F 374 63.84 3.35 -26.73
C PRO F 374 65.06 4.21 -27.07
N ALA F 375 65.18 4.50 -28.35
CA ALA F 375 66.25 5.36 -28.84
C ALA F 375 65.87 6.83 -28.67
N ARG F 376 66.88 7.69 -28.71
CA ARG F 376 66.65 9.11 -28.48
C ARG F 376 67.81 9.90 -29.07
N LEU F 377 67.56 11.18 -29.32
CA LEU F 377 68.59 12.09 -29.80
C LEU F 377 69.14 12.92 -28.64
N VAL F 378 70.46 13.03 -28.57
CA VAL F 378 71.16 13.75 -27.51
C VAL F 378 71.94 14.88 -28.14
N PHE F 379 71.83 16.07 -27.54
CA PHE F 379 72.50 17.26 -28.03
C PHE F 379 72.39 18.34 -26.97
N ASP F 380 73.28 19.33 -27.06
CA ASP F 380 73.26 20.46 -26.16
C ASP F 380 72.36 21.57 -26.73
N GLY F 381 71.91 22.44 -25.84
CA GLY F 381 71.01 23.51 -26.24
C GLY F 381 71.72 24.61 -27.00
N GLN F 382 70.91 25.50 -27.57
CA GLN F 382 71.41 26.65 -28.31
C GLN F 382 71.63 27.83 -27.37
N GLU F 383 72.45 28.77 -27.83
CA GLU F 383 72.75 29.99 -27.08
C GLU F 383 71.84 31.13 -27.54
N GLY F 384 71.92 32.24 -26.80
CA GLY F 384 71.17 33.43 -27.13
C GLY F 384 69.84 33.54 -26.41
N PRO F 385 69.07 34.58 -26.69
CA PRO F 385 67.77 34.76 -26.03
C PRO F 385 66.70 33.89 -26.66
N ALA F 386 65.73 33.49 -25.83
CA ALA F 386 64.64 32.65 -26.27
C ALA F 386 63.40 32.96 -25.43
N VAL F 387 62.30 32.29 -25.74
CA VAL F 387 61.04 32.45 -25.02
C VAL F 387 60.50 31.07 -24.66
N ASN F 388 59.70 31.02 -23.60
CA ASN F 388 59.12 29.79 -23.08
C ASN F 388 57.65 30.06 -22.82
N ALA F 389 56.78 29.52 -23.66
CA ALA F 389 55.36 29.82 -23.59
C ALA F 389 54.56 28.60 -23.17
N SER F 390 53.32 28.86 -22.74
CA SER F 390 52.40 27.81 -22.31
C SER F 390 50.99 28.38 -22.29
N ILE F 391 50.07 27.75 -23.01
CA ILE F 391 48.64 28.07 -22.96
C ILE F 391 47.97 27.11 -22.00
N VAL F 392 47.09 27.64 -21.15
CA VAL F 392 46.44 26.80 -20.15
C VAL F 392 44.98 27.19 -20.02
N ASP F 393 44.15 26.21 -19.70
CA ASP F 393 42.70 26.39 -19.59
C ASP F 393 42.35 26.87 -18.19
N MET F 394 41.54 27.92 -18.12
CA MET F 394 41.14 28.52 -16.87
C MET F 394 39.65 28.35 -16.60
N GLY F 395 39.06 27.28 -17.14
CA GLY F 395 37.66 27.02 -16.95
C GLY F 395 36.78 27.71 -17.97
N ASN F 396 36.71 29.04 -17.88
CA ASN F 396 35.91 29.83 -18.80
C ASN F 396 36.68 30.34 -20.00
N ARG F 397 38.01 30.27 -19.97
CA ARG F 397 38.82 30.85 -21.04
C ARG F 397 40.22 30.27 -20.94
N PHE F 398 41.01 30.53 -21.98
CA PHE F 398 42.43 30.17 -21.99
C PHE F 398 43.27 31.40 -21.65
N ARG F 399 44.42 31.16 -21.03
CA ARG F 399 45.40 32.22 -20.85
C ARG F 399 46.77 31.73 -21.27
N LEU F 400 47.55 32.65 -21.82
CA LEU F 400 48.87 32.37 -22.38
C LEU F 400 49.92 33.02 -21.50
N VAL F 401 50.72 32.20 -20.83
CA VAL F 401 51.84 32.65 -20.01
C VAL F 401 53.10 32.49 -20.83
N VAL F 402 53.94 33.52 -20.85
CA VAL F 402 55.18 33.50 -21.62
C VAL F 402 56.30 34.10 -20.77
N ASN F 403 57.45 33.42 -20.75
CA ASN F 403 58.61 33.82 -19.98
C ASN F 403 59.77 34.06 -20.94
N LYS F 404 60.31 35.28 -20.94
CA LYS F 404 61.49 35.57 -21.73
C LYS F 404 62.73 35.09 -20.97
N VAL F 405 63.57 34.31 -21.65
CA VAL F 405 64.72 33.69 -21.00
C VAL F 405 65.96 33.93 -21.84
N LEU F 406 67.12 33.76 -21.21
CA LEU F 406 68.41 33.87 -21.89
C LEU F 406 69.13 32.53 -21.73
N SER F 407 69.31 31.81 -22.83
CA SER F 407 69.98 30.52 -22.79
C SER F 407 71.50 30.70 -22.72
N VAL F 408 72.15 29.80 -21.99
CA VAL F 408 73.58 29.88 -21.75
C VAL F 408 74.24 28.60 -22.24
N PRO F 409 75.51 28.64 -22.66
CA PRO F 409 76.18 27.40 -23.08
C PRO F 409 76.43 26.48 -21.90
N ILE F 410 76.44 25.19 -22.20
CA ILE F 410 76.61 24.17 -21.17
C ILE F 410 78.08 24.14 -20.73
N GLU F 411 78.32 24.33 -19.44
CA GLU F 411 79.70 24.42 -18.96
C GLU F 411 80.32 23.03 -18.78
N ARG F 412 79.60 22.11 -18.15
CA ARG F 412 80.10 20.76 -17.91
C ARG F 412 79.30 19.74 -18.70
N LYS F 413 79.93 18.61 -18.96
CA LYS F 413 79.30 17.51 -19.69
C LYS F 413 78.61 16.57 -18.72
N MET F 414 77.62 15.85 -19.25
CA MET F 414 76.76 14.97 -18.46
C MET F 414 76.76 13.56 -19.03
N PRO F 415 77.59 12.66 -18.49
CA PRO F 415 77.69 11.32 -19.08
C PRO F 415 76.47 10.45 -18.82
N LYS F 416 75.80 10.61 -17.68
CA LYS F 416 74.70 9.74 -17.31
C LYS F 416 73.33 10.33 -17.63
N LEU F 417 73.28 11.58 -18.12
CA LEU F 417 72.02 12.16 -18.54
C LEU F 417 71.71 11.70 -19.96
N PRO F 418 70.65 10.93 -20.15
CA PRO F 418 70.43 10.30 -21.47
C PRO F 418 69.71 11.18 -22.46
N THR F 419 69.02 12.22 -21.99
CA THR F 419 68.18 13.06 -22.85
C THR F 419 68.86 14.38 -23.16
N ALA F 420 68.56 14.92 -24.34
CA ALA F 420 69.05 16.24 -24.71
C ALA F 420 68.51 17.28 -23.74
N ARG F 421 69.30 18.34 -23.53
CA ARG F 421 69.03 19.28 -22.45
C ARG F 421 69.37 20.69 -22.89
N VAL F 422 68.74 21.67 -22.22
CA VAL F 422 69.03 23.07 -22.43
C VAL F 422 69.15 23.76 -21.07
N LEU F 423 69.98 24.79 -21.01
CA LEU F 423 70.16 25.60 -19.81
C LEU F 423 69.84 27.06 -20.13
N TRP F 424 69.10 27.70 -19.22
CA TRP F 424 68.73 29.09 -19.43
C TRP F 424 68.48 29.77 -18.10
N LYS F 425 68.44 31.10 -18.16
CA LYS F 425 68.14 32.00 -17.05
C LYS F 425 66.78 32.63 -17.29
N PRO F 426 65.81 32.45 -16.40
CA PRO F 426 64.53 33.17 -16.53
C PRO F 426 64.66 34.62 -16.11
N LEU F 427 64.23 35.52 -16.99
CA LEU F 427 64.30 36.95 -16.71
C LEU F 427 63.09 37.40 -15.88
N PRO F 428 63.30 38.29 -14.89
CA PRO F 428 64.60 38.87 -14.55
C PRO F 428 65.39 38.03 -13.55
N ASP F 429 64.71 37.50 -12.55
CA ASP F 429 65.32 36.64 -11.55
C ASP F 429 64.58 35.31 -11.54
N PHE F 430 65.31 34.24 -11.22
CA PHE F 430 64.67 32.93 -11.17
C PHE F 430 63.55 32.91 -10.14
N LYS F 431 63.76 33.54 -8.98
CA LYS F 431 62.72 33.59 -7.97
C LYS F 431 61.50 34.35 -8.48
N ARG F 432 61.72 35.55 -9.02
CA ARG F 432 60.60 36.38 -9.48
C ARG F 432 59.87 35.70 -10.64
N ALA F 433 60.61 35.27 -11.65
CA ALA F 433 59.97 34.69 -12.83
C ALA F 433 59.26 33.40 -12.50
N THR F 434 59.82 32.58 -11.60
CA THR F 434 59.17 31.31 -11.31
C THR F 434 57.97 31.50 -10.39
N THR F 435 58.05 32.43 -9.43
CA THR F 435 56.88 32.68 -8.60
C THR F 435 55.77 33.35 -9.40
N ALA F 436 56.11 34.11 -10.45
CA ALA F 436 55.08 34.66 -11.30
C ALA F 436 54.51 33.60 -12.24
N TRP F 437 55.34 32.65 -12.67
CA TRP F 437 54.85 31.54 -13.45
C TRP F 437 53.88 30.68 -12.63
N ILE F 438 54.15 30.54 -11.33
CA ILE F 438 53.26 29.75 -10.48
C ILE F 438 51.99 30.52 -10.16
N LEU F 439 52.10 31.84 -9.95
CA LEU F 439 50.91 32.64 -9.73
C LEU F 439 49.97 32.60 -10.94
N ALA F 440 50.53 32.74 -12.15
CA ALA F 440 49.74 32.70 -13.36
C ALA F 440 49.21 31.32 -13.69
N GLY F 441 49.69 30.27 -13.01
CA GLY F 441 49.22 28.93 -13.27
C GLY F 441 49.75 28.32 -14.56
N GLY F 442 51.00 28.57 -14.89
CA GLY F 442 51.56 28.02 -16.13
C GLY F 442 51.81 26.52 -16.00
N SER F 443 51.54 25.80 -17.08
CA SER F 443 51.74 24.36 -17.10
C SER F 443 53.23 24.03 -17.06
N HIS F 444 53.52 22.78 -16.67
CA HIS F 444 54.90 22.30 -16.70
C HIS F 444 55.34 21.95 -18.12
N HIS F 445 54.42 21.52 -18.98
CA HIS F 445 54.72 21.30 -20.39
C HIS F 445 54.72 22.66 -21.09
N THR F 446 55.85 23.05 -21.68
CA THR F 446 55.98 24.34 -22.33
C THR F 446 56.44 24.17 -23.77
N ALA F 447 56.49 25.31 -24.48
CA ALA F 447 56.92 25.37 -25.87
C ALA F 447 58.12 26.30 -25.92
N PHE F 448 59.32 25.72 -25.94
CA PHE F 448 60.55 26.50 -25.97
C PHE F 448 60.82 26.94 -27.39
N SER F 449 61.20 28.21 -27.57
CA SER F 449 61.45 28.69 -28.93
C SER F 449 62.53 29.75 -28.92
N THR F 450 63.50 29.60 -29.82
CA THR F 450 64.55 30.58 -29.99
C THR F 450 64.37 31.43 -31.24
N ALA F 451 63.46 31.05 -32.13
CA ALA F 451 63.30 31.71 -33.42
C ALA F 451 62.40 32.94 -33.38
N ILE F 452 61.63 33.14 -32.31
CA ILE F 452 60.64 34.21 -32.27
C ILE F 452 60.84 35.06 -31.02
N ASP F 453 60.25 36.24 -31.05
CA ASP F 453 60.26 37.18 -29.95
C ASP F 453 58.92 37.16 -29.21
N VAL F 454 58.86 37.89 -28.10
CA VAL F 454 57.60 38.02 -27.36
C VAL F 454 56.56 38.75 -28.21
N GLU F 455 57.01 39.57 -29.15
CA GLU F 455 56.09 40.26 -30.05
C GLU F 455 55.22 39.27 -30.83
N TYR F 456 55.79 38.11 -31.18
CA TYR F 456 55.04 37.10 -31.93
C TYR F 456 53.86 36.59 -31.11
N LEU F 457 54.13 36.10 -29.90
CA LEU F 457 53.06 35.58 -29.06
C LEU F 457 52.09 36.69 -28.64
N ILE F 458 52.57 37.93 -28.55
CA ILE F 458 51.69 39.01 -28.18
C ILE F 458 50.69 39.29 -29.30
N ASP F 459 51.14 39.16 -30.56
CA ASP F 459 50.19 39.32 -31.66
C ASP F 459 49.31 38.09 -31.83
N TRP F 460 49.80 36.91 -31.43
CA TRP F 460 48.96 35.73 -31.41
C TRP F 460 47.78 35.92 -30.47
N ALA F 461 48.07 36.35 -29.24
CA ALA F 461 47.01 36.54 -28.26
C ALA F 461 46.12 37.72 -28.63
N GLU F 462 46.70 38.77 -29.23
CA GLU F 462 45.89 39.91 -29.65
C GLU F 462 44.93 39.52 -30.76
N ALA F 463 45.38 38.67 -31.69
CA ALA F 463 44.53 38.28 -32.81
C ALA F 463 43.45 37.29 -32.39
N LEU F 464 43.74 36.43 -31.40
CA LEU F 464 42.73 35.45 -30.98
C LEU F 464 41.91 35.92 -29.79
N GLU F 465 42.21 37.09 -29.22
CA GLU F 465 41.46 37.66 -28.10
C GLU F 465 41.49 36.75 -26.88
N ILE F 466 42.68 36.34 -26.47
CA ILE F 466 42.87 35.59 -25.24
C ILE F 466 43.84 36.36 -24.35
N GLU F 467 43.76 36.07 -23.05
CA GLU F 467 44.62 36.76 -22.10
C GLU F 467 46.07 36.34 -22.31
N TYR F 468 46.97 37.31 -22.26
CA TYR F 468 48.40 37.05 -22.32
C TYR F 468 49.07 37.75 -21.15
N VAL F 469 50.01 37.05 -20.54
CA VAL F 469 50.79 37.59 -19.43
C VAL F 469 52.26 37.31 -19.72
N VAL F 470 53.08 38.36 -19.70
CA VAL F 470 54.49 38.27 -20.06
C VAL F 470 55.34 38.38 -18.81
N ILE F 471 56.50 37.73 -18.85
CA ILE F 471 57.45 37.75 -17.75
C ILE F 471 58.72 38.42 -18.26
N ASP F 472 58.58 39.69 -18.66
CA ASP F 472 59.71 40.43 -19.22
C ASP F 472 60.73 40.76 -18.14
N GLU F 473 61.79 41.46 -18.55
CA GLU F 473 62.78 41.97 -17.61
C GLU F 473 62.17 43.00 -16.66
N ASN F 474 61.24 43.81 -17.18
CA ASN F 474 60.54 44.83 -16.39
C ASN F 474 59.45 44.23 -15.50
N LEU F 475 59.69 43.08 -14.90
CA LEU F 475 58.69 42.36 -14.11
C LEU F 475 58.70 42.87 -12.68
N ASP F 476 57.61 43.52 -12.28
CA ASP F 476 57.35 43.88 -10.88
C ASP F 476 56.23 42.97 -10.38
N LEU F 477 56.53 42.22 -9.32
CA LEU F 477 55.69 41.09 -8.93
C LEU F 477 54.30 41.52 -8.47
N GLU F 478 54.22 42.61 -7.69
CA GLU F 478 52.92 43.04 -7.16
C GLU F 478 52.02 43.52 -8.29
N ASP F 479 52.59 44.25 -9.24
CA ASP F 479 51.83 44.72 -10.38
C ASP F 479 51.38 43.55 -11.25
N PHE F 480 52.18 42.48 -11.31
CA PHE F 480 51.77 41.29 -12.03
C PHE F 480 50.57 40.63 -11.36
N LYS F 481 50.54 40.62 -10.03
CA LYS F 481 49.39 40.07 -9.32
C LYS F 481 48.13 40.87 -9.63
N LYS F 482 48.24 42.20 -9.54
CA LYS F 482 47.09 43.03 -9.87
C LYS F 482 46.68 42.85 -11.33
N GLU F 483 47.65 42.67 -12.21
CA GLU F 483 47.34 42.45 -13.62
C GLU F 483 46.53 41.19 -13.80
N LEU F 484 46.88 40.13 -13.06
CA LEU F 484 46.16 38.87 -13.19
C LEU F 484 44.70 39.08 -12.78
N ARG F 485 44.48 39.75 -11.66
CA ARG F 485 43.09 39.84 -11.21
C ARG F 485 42.28 40.86 -12.01
N TRP F 486 42.90 41.94 -12.48
CA TRP F 486 42.19 42.87 -13.35
C TRP F 486 41.86 42.24 -14.69
N ASN F 487 42.73 41.36 -15.21
CA ASN F 487 42.42 40.70 -16.46
C ASN F 487 41.31 39.67 -16.30
N GLU F 488 41.20 39.06 -15.12
CA GLU F 488 40.23 37.96 -14.98
C GLU F 488 38.81 38.39 -15.30
N LEU F 489 38.45 39.67 -15.11
CA LEU F 489 37.08 40.08 -15.38
C LEU F 489 36.86 40.69 -16.76
N TYR F 490 37.87 41.31 -17.37
CA TYR F 490 37.69 41.82 -18.72
C TYR F 490 37.45 40.68 -19.71
N TRP F 491 38.26 39.62 -19.62
CA TRP F 491 38.08 38.46 -20.47
C TRP F 491 36.97 37.55 -19.98
N GLY F 492 36.39 37.84 -18.82
CA GLY F 492 35.29 37.05 -18.28
C GLY F 492 33.96 37.34 -18.94
N LEU F 493 33.55 38.60 -18.93
CA LEU F 493 32.31 39.00 -19.60
C LEU F 493 32.58 39.32 -21.07
N LEU F 494 33.39 40.34 -21.31
CA LEU F 494 33.83 40.69 -22.66
C LEU F 494 34.86 39.67 -23.14
N LYS F 495 35.12 39.67 -24.44
CA LYS F 495 36.13 38.78 -25.00
C LYS F 495 36.81 39.45 -26.19
N MET G 1 4.52 -69.72 34.11
CA MET G 1 5.01 -68.57 33.37
C MET G 1 4.97 -68.80 31.85
N ILE G 2 4.53 -67.78 31.13
CA ILE G 2 4.38 -67.83 29.68
C ILE G 2 4.45 -66.41 29.11
N ASP G 3 5.53 -66.09 28.40
CA ASP G 3 5.67 -64.74 27.87
C ASP G 3 6.26 -64.69 26.47
N LEU G 4 5.58 -63.95 25.60
CA LEU G 4 6.04 -63.47 24.30
C LEU G 4 6.71 -64.49 23.38
N LYS G 5 7.39 -63.96 22.35
CA LYS G 5 8.04 -64.75 21.31
C LYS G 5 6.93 -65.58 20.68
N GLN G 6 7.23 -66.76 20.16
CA GLN G 6 6.22 -67.64 19.57
C GLN G 6 5.36 -66.96 18.51
N TYR G 7 4.78 -65.82 18.83
CA TYR G 7 3.92 -65.11 17.89
C TYR G 7 4.76 -64.51 16.77
N GLU G 8 4.27 -64.67 15.54
CA GLU G 8 4.96 -64.18 14.37
C GLU G 8 4.10 -63.15 13.66
N PHE G 9 4.74 -62.22 12.96
CA PHE G 9 4.01 -61.20 12.23
C PHE G 9 4.29 -61.33 10.75
N TRP G 10 3.23 -61.27 9.94
CA TRP G 10 3.32 -61.56 8.52
C TRP G 10 3.52 -60.24 7.78
N PHE G 11 4.72 -60.05 7.26
CA PHE G 11 5.00 -58.91 6.38
C PHE G 11 4.43 -59.21 5.00
N LEU G 12 3.74 -58.23 4.42
CA LEU G 12 2.94 -58.43 3.22
C LEU G 12 3.30 -57.32 2.24
N VAL G 13 3.78 -57.71 1.06
CA VAL G 13 4.18 -56.77 0.02
C VAL G 13 3.17 -56.85 -1.11
N GLY G 14 2.85 -55.71 -1.70
CA GLY G 14 1.78 -55.63 -2.68
C GLY G 14 2.27 -55.25 -4.07
N SER G 15 1.71 -55.89 -5.08
CA SER G 15 1.99 -55.60 -6.48
C SER G 15 0.75 -55.99 -7.31
N GLN G 16 0.91 -56.10 -8.63
CA GLN G 16 -0.19 -56.50 -9.49
C GLN G 16 0.32 -57.42 -10.60
N TYR G 17 -0.61 -58.21 -11.14
CA TYR G 17 -0.30 -59.13 -12.24
C TYR G 17 0.00 -58.39 -13.54
N LEU G 18 -0.48 -57.15 -13.68
CA LEU G 18 -0.25 -56.36 -14.90
C LEU G 18 1.17 -55.78 -14.95
N TYR G 19 2.16 -56.57 -14.56
CA TYR G 19 3.55 -56.18 -14.57
C TYR G 19 4.38 -57.31 -15.18
N GLY G 20 5.61 -56.97 -15.58
CA GLY G 20 6.51 -57.98 -16.07
C GLY G 20 7.00 -58.87 -14.94
N LEU G 21 7.10 -60.17 -15.23
CA LEU G 21 7.57 -61.12 -14.22
C LEU G 21 9.04 -60.91 -13.85
N GLU G 22 9.78 -60.12 -14.62
CA GLU G 22 11.18 -59.88 -14.33
C GLU G 22 11.35 -58.88 -13.18
N THR G 23 10.61 -57.78 -13.22
CA THR G 23 10.74 -56.75 -12.19
C THR G 23 10.08 -57.12 -10.87
N LEU G 24 9.20 -58.13 -10.86
CA LEU G 24 8.58 -58.58 -9.62
C LEU G 24 9.60 -59.27 -8.72
N LYS G 25 10.55 -60.00 -9.31
CA LYS G 25 11.57 -60.66 -8.50
C LYS G 25 12.49 -59.64 -7.82
N LYS G 26 12.65 -58.45 -8.42
CA LYS G 26 13.40 -57.41 -7.74
C LYS G 26 12.67 -56.95 -6.49
N VAL G 27 11.33 -56.91 -6.54
CA VAL G 27 10.55 -56.55 -5.36
C VAL G 27 10.67 -57.65 -4.31
N GLU G 28 10.64 -58.91 -4.72
CA GLU G 28 10.79 -60.00 -3.76
C GLU G 28 12.15 -59.91 -3.05
N GLN G 29 13.21 -59.65 -3.82
CA GLN G 29 14.54 -59.57 -3.24
C GLN G 29 14.67 -58.36 -2.32
N GLN G 30 14.08 -57.23 -2.71
CA GLN G 30 14.15 -56.03 -1.88
C GLN G 30 13.38 -56.22 -0.58
N ALA G 31 12.22 -56.88 -0.66
CA ALA G 31 11.45 -57.15 0.55
C ALA G 31 12.22 -58.08 1.49
N SER G 32 12.93 -59.07 0.93
CA SER G 32 13.76 -59.90 1.78
C SER G 32 14.86 -59.08 2.44
N LYS G 33 15.46 -58.16 1.68
CA LYS G 33 16.51 -57.32 2.25
C LYS G 33 15.99 -56.44 3.37
N ILE G 34 14.71 -56.05 3.31
CA ILE G 34 14.17 -55.23 4.39
C ILE G 34 13.83 -56.07 5.60
N VAL G 35 13.11 -57.18 5.40
CA VAL G 35 12.61 -57.94 6.53
C VAL G 35 13.72 -58.67 7.28
N ASP G 36 14.80 -59.06 6.60
CA ASP G 36 15.87 -59.75 7.30
C ASP G 36 16.61 -58.80 8.24
N SER G 37 16.94 -57.61 7.75
CA SER G 37 17.53 -56.60 8.61
C SER G 37 16.57 -56.14 9.68
N LEU G 38 15.25 -56.25 9.42
CA LEU G 38 14.29 -55.92 10.47
C LEU G 38 14.32 -56.95 11.59
N ASN G 39 14.40 -58.23 11.24
CA ASN G 39 14.52 -59.26 12.27
C ASN G 39 15.84 -59.19 13.01
N ASP G 40 16.87 -58.62 12.38
CA ASP G 40 18.16 -58.51 13.08
C ASP G 40 18.09 -57.53 14.24
N ASP G 41 17.18 -56.55 14.21
CA ASP G 41 17.07 -55.56 15.27
C ASP G 41 16.41 -56.16 16.50
N PRO G 42 17.02 -56.04 17.69
CA PRO G 42 16.43 -56.63 18.90
C PRO G 42 15.31 -55.83 19.53
N ILE G 43 14.92 -54.68 18.97
CA ILE G 43 13.80 -53.93 19.54
C ILE G 43 12.50 -54.69 19.35
N PHE G 44 12.36 -55.37 18.22
CA PHE G 44 11.14 -56.12 17.93
C PHE G 44 11.05 -57.33 18.86
N PRO G 45 9.93 -57.50 19.57
CA PRO G 45 9.80 -58.64 20.49
C PRO G 45 9.40 -59.94 19.81
N SER G 46 9.12 -59.94 18.51
CA SER G 46 8.68 -61.13 17.81
C SER G 46 9.28 -61.17 16.41
N LYS G 47 9.21 -62.33 15.78
CA LYS G 47 9.79 -62.50 14.46
C LYS G 47 8.82 -62.03 13.37
N ILE G 48 9.39 -61.80 12.19
CA ILE G 48 8.65 -61.40 11.00
C ILE G 48 8.82 -62.48 9.94
N VAL G 49 7.78 -62.67 9.15
CA VAL G 49 7.72 -63.72 8.13
C VAL G 49 7.29 -63.06 6.83
N LEU G 50 8.19 -63.01 5.85
CA LEU G 50 7.86 -62.51 4.53
C LEU G 50 7.10 -63.59 3.76
N LYS G 51 5.99 -63.20 3.15
CA LYS G 51 5.21 -64.11 2.33
C LYS G 51 5.21 -63.65 0.88
N PRO G 52 5.04 -64.55 -0.09
CA PRO G 52 5.25 -64.20 -1.50
C PRO G 52 4.46 -62.97 -1.92
N VAL G 53 5.07 -62.18 -2.81
CA VAL G 53 4.49 -60.91 -3.24
C VAL G 53 3.16 -61.18 -3.92
N LEU G 54 2.15 -60.39 -3.55
CA LEU G 54 0.79 -60.58 -4.02
C LEU G 54 0.53 -59.75 -5.27
N LYS G 55 -0.15 -60.37 -6.24
CA LYS G 55 -0.46 -59.72 -7.51
C LYS G 55 -1.95 -59.74 -7.84
N SER G 56 -2.65 -60.83 -7.52
CA SER G 56 -4.07 -60.96 -7.80
C SER G 56 -4.87 -60.89 -6.51
N SER G 57 -6.20 -60.77 -6.67
CA SER G 57 -7.07 -60.68 -5.50
C SER G 57 -7.15 -62.00 -4.76
N SER G 58 -7.14 -63.11 -5.50
CA SER G 58 -7.25 -64.42 -4.88
C SER G 58 -6.07 -64.71 -3.97
N GLU G 59 -4.88 -64.24 -4.36
CA GLU G 59 -3.72 -64.39 -3.49
C GLU G 59 -3.90 -63.59 -2.20
N ILE G 60 -4.53 -62.41 -2.31
CA ILE G 60 -4.79 -61.59 -1.13
C ILE G 60 -5.65 -62.36 -0.14
N THR G 61 -6.79 -62.87 -0.63
CA THR G 61 -7.71 -63.55 0.28
C THR G 61 -7.10 -64.86 0.79
N GLU G 62 -6.29 -65.55 -0.01
CA GLU G 62 -5.65 -66.77 0.47
C GLU G 62 -4.72 -66.46 1.63
N ILE G 63 -3.93 -65.38 1.52
CA ILE G 63 -3.03 -65.03 2.59
C ILE G 63 -3.80 -64.61 3.84
N PHE G 64 -4.87 -63.84 3.70
CA PHE G 64 -5.63 -63.46 4.89
C PHE G 64 -6.34 -64.64 5.54
N GLU G 65 -6.81 -65.62 4.74
CA GLU G 65 -7.39 -66.82 5.32
C GLU G 65 -6.37 -67.59 6.14
N LYS G 66 -5.16 -67.74 5.60
CA LYS G 66 -4.13 -68.44 6.37
C LYS G 66 -3.71 -67.62 7.58
N ALA G 67 -3.85 -66.29 7.51
CA ALA G 67 -3.53 -65.44 8.65
C ALA G 67 -4.54 -65.62 9.78
N ASN G 68 -5.82 -65.79 9.43
CA ASN G 68 -6.81 -66.04 10.46
C ASN G 68 -6.80 -67.49 10.94
N ALA G 69 -6.16 -68.40 10.20
CA ALA G 69 -6.16 -69.78 10.65
C ALA G 69 -4.99 -70.10 11.59
N ASP G 70 -3.81 -69.54 11.33
CA ASP G 70 -2.63 -69.82 12.14
C ASP G 70 -2.69 -69.08 13.47
N PRO G 71 -2.76 -69.78 14.60
CA PRO G 71 -2.82 -69.07 15.90
C PRO G 71 -1.52 -68.38 16.27
N LYS G 72 -0.38 -68.77 15.69
CA LYS G 72 0.88 -68.10 16.00
C LYS G 72 0.98 -66.75 15.33
N CYS G 73 0.17 -66.50 14.31
CA CYS G 73 0.10 -65.18 13.68
C CYS G 73 -0.75 -64.27 14.57
N ALA G 74 -0.18 -63.12 14.95
CA ALA G 74 -0.89 -62.18 15.80
C ALA G 74 -0.97 -60.79 15.20
N GLY G 75 -0.67 -60.64 13.92
CA GLY G 75 -0.72 -59.34 13.27
C GLY G 75 -0.21 -59.40 11.84
N VAL G 76 -0.58 -58.41 11.03
CA VAL G 76 -0.17 -58.34 9.64
C VAL G 76 0.33 -56.93 9.36
N ILE G 77 1.50 -56.85 8.73
CA ILE G 77 2.11 -55.58 8.33
C ILE G 77 1.97 -55.47 6.82
N VAL G 78 1.30 -54.43 6.35
CA VAL G 78 0.98 -54.28 4.93
C VAL G 78 1.81 -53.15 4.36
N TRP G 79 2.43 -53.40 3.19
CA TRP G 79 3.22 -52.37 2.53
C TRP G 79 3.11 -52.56 1.02
N MET G 80 2.78 -51.46 0.34
CA MET G 80 2.66 -51.45 -1.11
C MET G 80 4.00 -51.00 -1.68
N HIS G 81 4.78 -51.97 -2.19
CA HIS G 81 6.03 -51.62 -2.84
C HIS G 81 5.77 -50.85 -4.13
N THR G 82 4.88 -51.37 -4.97
CA THR G 82 4.44 -50.71 -6.18
C THR G 82 2.93 -50.49 -6.11
N PHE G 83 2.38 -49.88 -7.15
CA PHE G 83 0.96 -49.57 -7.21
C PHE G 83 0.14 -50.85 -7.32
N SER G 84 -0.50 -51.25 -6.22
CA SER G 84 -1.42 -52.38 -6.23
C SER G 84 -2.84 -51.84 -6.08
N PRO G 85 -3.68 -52.02 -7.10
CA PRO G 85 -5.05 -51.48 -7.03
C PRO G 85 -5.83 -52.06 -5.85
N SER G 86 -6.62 -51.20 -5.21
CA SER G 86 -7.23 -51.57 -3.92
C SER G 86 -8.40 -52.53 -4.06
N LYS G 87 -9.10 -52.52 -5.21
CA LYS G 87 -10.22 -53.42 -5.37
C LYS G 87 -9.80 -54.89 -5.31
N MET G 88 -8.50 -55.17 -5.46
CA MET G 88 -8.03 -56.53 -5.26
C MET G 88 -8.00 -56.90 -3.78
N TRP G 89 -7.81 -55.91 -2.91
CA TRP G 89 -7.72 -56.14 -1.48
C TRP G 89 -9.07 -56.18 -0.78
N ILE G 90 -10.16 -55.88 -1.49
CA ILE G 90 -11.45 -55.76 -0.85
C ILE G 90 -11.89 -57.09 -0.25
N ARG G 91 -11.84 -58.17 -1.04
CA ARG G 91 -12.19 -59.46 -0.48
C ARG G 91 -11.20 -59.93 0.57
N GLY G 92 -9.94 -59.50 0.47
CA GLY G 92 -8.94 -59.93 1.41
C GLY G 92 -9.04 -59.21 2.75
N LEU G 93 -9.33 -57.90 2.71
CA LEU G 93 -9.47 -57.14 3.95
C LEU G 93 -10.80 -57.39 4.65
N SER G 94 -11.82 -57.81 3.91
CA SER G 94 -13.14 -58.06 4.46
C SER G 94 -13.26 -59.41 5.16
N ILE G 95 -12.16 -60.15 5.32
CA ILE G 95 -12.21 -61.46 5.93
C ILE G 95 -11.32 -61.57 7.17
N ASN G 96 -10.29 -60.75 7.30
CA ASN G 96 -9.34 -60.88 8.39
C ASN G 96 -9.83 -60.15 9.65
N LYS G 97 -9.49 -60.71 10.80
CA LYS G 97 -9.76 -60.08 12.09
C LYS G 97 -8.51 -59.79 12.89
N LYS G 98 -7.33 -60.11 12.35
CA LYS G 98 -6.07 -59.80 13.02
C LYS G 98 -5.77 -58.30 12.89
N PRO G 99 -5.09 -57.72 13.87
CA PRO G 99 -4.75 -56.29 13.77
C PRO G 99 -3.88 -56.01 12.55
N LEU G 100 -4.07 -54.84 11.96
CA LEU G 100 -3.33 -54.41 10.80
C LEU G 100 -2.42 -53.24 11.14
N LEU G 101 -1.19 -53.28 10.63
CA LEU G 101 -0.31 -52.12 10.65
C LEU G 101 0.04 -51.76 9.21
N HIS G 102 -0.17 -50.51 8.86
CA HIS G 102 0.07 -50.03 7.49
C HIS G 102 1.43 -49.35 7.50
N LEU G 103 2.44 -50.08 7.03
CA LEU G 103 3.79 -49.53 6.96
C LEU G 103 3.93 -48.76 5.65
N HIS G 104 4.17 -47.46 5.76
CA HIS G 104 4.41 -46.60 4.60
C HIS G 104 5.89 -46.27 4.58
N THR G 105 6.60 -46.81 3.60
CA THR G 105 8.05 -46.69 3.58
C THR G 105 8.57 -46.90 2.16
N GLN G 106 9.78 -46.40 1.93
CA GLN G 106 10.52 -46.59 0.70
C GLN G 106 11.86 -47.19 1.07
N TYR G 107 12.28 -48.22 0.32
CA TYR G 107 13.45 -48.99 0.74
C TYR G 107 14.71 -48.14 0.71
N ASN G 108 14.82 -47.24 -0.26
CA ASN G 108 15.97 -46.36 -0.39
C ASN G 108 15.67 -45.02 0.28
N ARG G 109 16.66 -44.50 1.00
CA ARG G 109 16.47 -43.25 1.74
C ARG G 109 16.47 -42.05 0.80
N GLU G 110 17.59 -41.82 0.11
CA GLU G 110 17.74 -40.69 -0.79
C GLU G 110 17.24 -41.04 -2.20
N ILE G 111 17.31 -40.07 -3.09
CA ILE G 111 16.88 -40.22 -4.49
C ILE G 111 18.11 -40.23 -5.37
N PRO G 112 18.28 -41.24 -6.24
CA PRO G 112 19.35 -41.16 -7.25
C PRO G 112 19.08 -40.02 -8.24
N TRP G 113 19.54 -38.82 -7.91
CA TRP G 113 19.17 -37.63 -8.67
C TRP G 113 19.56 -37.76 -10.14
N ASP G 114 20.69 -38.39 -10.42
CA ASP G 114 21.21 -38.47 -11.78
C ASP G 114 20.80 -39.74 -12.51
N THR G 115 20.12 -40.68 -11.85
CA THR G 115 19.80 -41.97 -12.46
C THR G 115 18.32 -42.32 -12.29
N ILE G 116 17.47 -41.37 -11.94
CA ILE G 116 16.04 -41.64 -11.85
C ILE G 116 15.46 -41.67 -13.26
N ASP G 117 14.97 -42.84 -13.66
CA ASP G 117 14.38 -43.05 -14.97
C ASP G 117 13.03 -43.72 -14.81
N MET G 118 12.34 -43.94 -15.93
CA MET G 118 11.01 -44.54 -15.88
C MET G 118 11.06 -46.01 -15.46
N ASP G 119 12.19 -46.69 -15.63
CA ASP G 119 12.33 -48.05 -15.14
C ASP G 119 12.62 -48.11 -13.64
N TYR G 120 12.90 -46.95 -13.02
CA TYR G 120 13.04 -46.84 -11.57
C TYR G 120 11.80 -46.29 -10.89
N MET G 121 11.15 -45.30 -11.52
CA MET G 121 9.87 -44.82 -11.01
C MET G 121 8.81 -45.92 -11.08
N ASN G 122 8.90 -46.79 -12.09
CA ASN G 122 7.97 -47.91 -12.19
C ASN G 122 8.23 -48.94 -11.08
N LEU G 123 9.46 -49.00 -10.57
CA LEU G 123 9.78 -49.94 -9.50
C LEU G 123 9.36 -49.40 -8.15
N ASN G 124 9.86 -48.22 -7.77
CA ASN G 124 9.57 -47.64 -6.46
C ASN G 124 8.34 -46.74 -6.56
N GLN G 125 7.19 -47.38 -6.74
CA GLN G 125 5.89 -46.71 -6.72
C GLN G 125 5.29 -46.67 -5.32
N SER G 126 6.11 -46.45 -4.30
CA SER G 126 5.63 -46.52 -2.93
C SER G 126 4.78 -45.31 -2.56
N ALA G 127 5.19 -44.12 -3.00
CA ALA G 127 4.53 -42.90 -2.58
C ALA G 127 3.05 -42.91 -2.96
N HIS G 128 2.75 -43.23 -4.22
CA HIS G 128 1.38 -43.31 -4.70
C HIS G 128 0.86 -44.74 -4.73
N GLY G 129 1.57 -45.68 -4.10
CA GLY G 129 1.11 -47.05 -4.10
C GLY G 129 0.12 -47.33 -2.98
N ASP G 130 0.51 -47.05 -1.75
CA ASP G 130 -0.38 -47.30 -0.63
C ASP G 130 -1.27 -46.11 -0.29
N ARG G 131 -1.10 -44.94 -0.89
CA ARG G 131 -2.11 -43.91 -0.68
C ARG G 131 -3.45 -44.41 -1.19
N GLU G 132 -3.43 -45.06 -2.35
CA GLU G 132 -4.61 -45.74 -2.87
C GLU G 132 -5.07 -46.84 -1.92
N HIS G 133 -4.14 -47.50 -1.22
CA HIS G 133 -4.52 -48.57 -0.30
C HIS G 133 -5.14 -48.03 0.98
N GLY G 134 -4.54 -47.00 1.56
CA GLY G 134 -5.11 -46.38 2.74
C GLY G 134 -6.49 -45.81 2.46
N PHE G 135 -6.76 -45.44 1.20
CA PHE G 135 -8.11 -45.05 0.88
C PHE G 135 -9.09 -46.19 1.12
N ILE G 136 -8.73 -47.41 0.72
CA ILE G 136 -9.68 -48.51 0.88
C ILE G 136 -9.90 -48.84 2.36
N HIS G 137 -8.93 -48.52 3.21
CA HIS G 137 -9.14 -48.71 4.65
C HIS G 137 -10.08 -47.66 5.19
N ALA G 138 -9.78 -46.39 4.93
CA ALA G 138 -10.70 -45.32 5.33
C ALA G 138 -12.12 -45.55 4.79
N ARG G 139 -12.22 -46.13 3.60
CA ARG G 139 -13.51 -46.38 2.97
C ARG G 139 -14.26 -47.51 3.68
N MET G 140 -13.57 -48.62 3.96
CA MET G 140 -14.23 -49.75 4.60
C MET G 140 -14.35 -49.60 6.11
N ARG G 141 -13.97 -48.45 6.67
CA ARG G 141 -14.06 -48.21 8.11
C ARG G 141 -13.36 -49.32 8.90
N LEU G 142 -12.21 -49.71 8.42
CA LEU G 142 -11.43 -50.80 9.01
C LEU G 142 -10.42 -50.23 10.01
N PRO G 143 -10.30 -50.79 11.21
CA PRO G 143 -9.35 -50.26 12.18
C PRO G 143 -7.93 -50.73 11.89
N ARG G 144 -6.99 -49.79 11.97
CA ARG G 144 -5.59 -50.11 11.73
C ARG G 144 -4.72 -48.96 12.23
N LYS G 145 -3.43 -49.25 12.40
CA LYS G 145 -2.43 -48.27 12.77
C LYS G 145 -1.58 -47.93 11.55
N VAL G 146 -1.43 -46.63 11.27
CA VAL G 146 -0.64 -46.15 10.14
C VAL G 146 0.68 -45.60 10.67
N VAL G 147 1.77 -46.02 10.04
CA VAL G 147 3.12 -45.62 10.44
C VAL G 147 3.91 -45.26 9.19
N VAL G 148 4.48 -44.06 9.17
CA VAL G 148 5.20 -43.55 8.01
C VAL G 148 6.64 -43.25 8.40
N GLY G 149 7.57 -43.66 7.55
CA GLY G 149 8.98 -43.43 7.77
C GLY G 149 9.80 -44.55 7.16
N HIS G 150 11.09 -44.28 6.96
CA HIS G 150 12.00 -45.27 6.38
C HIS G 150 12.41 -46.28 7.45
N TRP G 151 12.38 -47.57 7.07
CA TRP G 151 12.58 -48.66 8.02
C TRP G 151 13.94 -48.63 8.72
N GLU G 152 14.89 -47.84 8.21
CA GLU G 152 16.16 -47.71 8.92
C GLU G 152 16.07 -46.76 10.10
N GLU G 153 15.09 -45.85 10.11
CA GLU G 153 14.94 -44.92 11.20
C GLU G 153 14.48 -45.65 12.48
N LYS G 154 14.88 -45.10 13.62
CA LYS G 154 14.58 -45.75 14.89
C LYS G 154 13.18 -45.44 15.41
N GLU G 155 12.67 -44.24 15.16
CA GLU G 155 11.36 -43.85 15.68
C GLU G 155 10.25 -44.73 15.11
N VAL G 156 10.29 -44.94 13.79
CA VAL G 156 9.32 -45.81 13.13
C VAL G 156 9.46 -47.25 13.64
N ARG G 157 10.68 -47.68 13.93
CA ARG G 157 10.86 -49.03 14.44
C ARG G 157 10.27 -49.17 15.85
N GLU G 158 10.37 -48.11 16.66
CA GLU G 158 9.75 -48.15 17.98
C GLU G 158 8.25 -48.22 17.87
N LYS G 159 7.67 -47.43 16.95
CA LYS G 159 6.21 -47.45 16.76
C LYS G 159 5.74 -48.84 16.34
N ILE G 160 6.40 -49.43 15.34
CA ILE G 160 5.95 -50.73 14.86
C ILE G 160 6.18 -51.82 15.92
N ALA G 161 7.18 -51.66 16.77
CA ALA G 161 7.39 -52.67 17.82
C ALA G 161 6.36 -52.56 18.93
N LYS G 162 5.99 -51.32 19.32
CA LYS G 162 4.92 -51.15 20.28
C LYS G 162 3.61 -51.73 19.74
N TRP G 163 3.36 -51.52 18.44
CA TRP G 163 2.16 -52.12 17.85
C TRP G 163 2.25 -53.64 17.86
N MET G 164 3.44 -54.21 17.69
CA MET G 164 3.58 -55.66 17.81
C MET G 164 3.24 -56.13 19.22
N ARG G 165 3.71 -55.41 20.24
CA ARG G 165 3.38 -55.78 21.61
C ARG G 165 1.88 -55.75 21.85
N VAL G 166 1.20 -54.74 21.31
CA VAL G 166 -0.25 -54.69 21.50
C VAL G 166 -0.93 -55.79 20.70
N ALA G 167 -0.46 -56.05 19.49
CA ALA G 167 -1.06 -57.05 18.62
C ALA G 167 -0.90 -58.47 19.16
N CYS G 168 0.09 -58.71 20.02
CA CYS G 168 0.15 -59.99 20.70
C CYS G 168 -0.51 -59.96 22.07
N ALA G 169 -0.72 -58.77 22.64
CA ALA G 169 -1.50 -58.69 23.88
C ALA G 169 -2.96 -59.05 23.66
N ILE G 170 -3.52 -58.73 22.47
CA ILE G 170 -4.91 -59.06 22.21
C ILE G 170 -5.06 -60.55 21.93
N GLN G 171 -4.04 -61.19 21.35
CA GLN G 171 -4.12 -62.62 21.08
C GLN G 171 -4.03 -63.42 22.38
N ASP G 172 -3.22 -62.97 23.32
CA ASP G 172 -3.18 -63.54 24.67
C ASP G 172 -4.36 -62.95 25.45
N GLY G 173 -5.56 -63.29 24.99
CA GLY G 173 -6.78 -62.74 25.53
C GLY G 173 -7.97 -63.23 24.71
N ARG G 174 -7.76 -63.34 23.40
CA ARG G 174 -8.73 -64.03 22.56
C ARG G 174 -8.67 -65.53 22.74
N MET G 175 -7.48 -66.06 23.07
CA MET G 175 -7.27 -67.47 23.29
C MET G 175 -7.46 -67.86 24.76
N GLY G 176 -6.92 -67.06 25.67
CA GLY G 176 -6.96 -67.38 27.08
C GLY G 176 -8.35 -67.28 27.68
N GLN G 177 -8.42 -67.59 28.97
CA GLN G 177 -9.66 -67.59 29.72
C GLN G 177 -9.41 -66.98 31.10
N ILE G 178 -10.40 -66.27 31.62
CA ILE G 178 -10.33 -65.66 32.95
C ILE G 178 -11.22 -66.47 33.88
N VAL G 179 -10.70 -66.74 35.07
CA VAL G 179 -11.32 -67.62 36.06
C VAL G 179 -11.77 -66.77 37.24
N ARG G 180 -12.99 -67.03 37.71
CA ARG G 180 -13.56 -66.30 38.82
C ARG G 180 -13.80 -67.27 39.96
N PHE G 181 -13.26 -66.98 41.13
CA PHE G 181 -13.56 -67.76 42.34
C PHE G 181 -14.54 -66.93 43.16
N GLY G 182 -15.82 -67.15 42.90
CA GLY G 182 -16.86 -66.33 43.51
C GLY G 182 -17.22 -65.14 42.64
N ASP G 183 -18.46 -64.68 42.80
CA ASP G 183 -18.97 -63.58 41.98
C ASP G 183 -18.50 -62.25 42.57
N ASN G 184 -19.07 -61.15 42.08
CA ASN G 184 -18.65 -59.84 42.53
C ASN G 184 -19.12 -59.57 43.95
N MET G 185 -18.47 -58.61 44.59
CA MET G 185 -18.94 -58.12 45.88
C MET G 185 -20.34 -57.54 45.72
N ARG G 186 -21.22 -57.86 46.66
CA ARG G 186 -22.62 -57.49 46.54
C ARG G 186 -22.80 -55.98 46.51
N GLU G 187 -23.73 -55.52 45.69
CA GLU G 187 -24.13 -54.12 45.49
C GLU G 187 -23.06 -53.27 44.83
N VAL G 188 -21.93 -53.85 44.41
CA VAL G 188 -20.90 -53.10 43.69
C VAL G 188 -21.26 -53.08 42.21
N ALA G 189 -21.12 -51.91 41.59
CA ALA G 189 -21.55 -51.70 40.22
C ALA G 189 -20.43 -51.60 39.21
N SER G 190 -19.34 -50.89 39.54
CA SER G 190 -18.28 -50.67 38.57
C SER G 190 -17.53 -51.95 38.22
N THR G 191 -17.53 -52.93 39.14
CA THR G 191 -16.87 -54.21 38.86
C THR G 191 -17.71 -55.12 37.96
N GLU G 192 -19.02 -54.88 37.88
CA GLU G 192 -19.87 -55.70 37.03
C GLU G 192 -19.75 -55.29 35.57
N GLY G 193 -20.13 -56.22 34.70
CA GLY G 193 -20.11 -55.98 33.26
C GLY G 193 -20.78 -57.14 32.54
N ASP G 194 -20.92 -56.97 31.23
CA ASP G 194 -21.55 -57.97 30.39
C ASP G 194 -20.47 -58.96 29.93
N LYS G 195 -20.56 -60.20 30.44
CA LYS G 195 -19.58 -61.22 30.13
C LYS G 195 -19.62 -61.64 28.65
N VAL G 196 -20.76 -61.45 27.98
CA VAL G 196 -20.87 -61.87 26.59
C VAL G 196 -20.32 -60.81 25.65
N GLU G 197 -20.62 -59.53 25.92
CA GLU G 197 -20.11 -58.46 25.08
C GLU G 197 -18.60 -58.35 25.17
N ALA G 198 -17.98 -58.86 26.24
CA ALA G 198 -16.52 -58.87 26.29
C ALA G 198 -15.95 -59.90 25.33
N GLN G 199 -16.57 -61.08 25.24
CA GLN G 199 -16.13 -62.07 24.25
C GLN G 199 -16.38 -61.57 22.85
N ILE G 200 -17.48 -60.84 22.64
CA ILE G 200 -17.79 -60.36 21.30
C ILE G 200 -16.85 -59.21 20.90
N LYS G 201 -16.54 -58.32 21.84
CA LYS G 201 -15.76 -57.13 21.56
C LYS G 201 -14.25 -57.37 21.77
N LEU G 202 -13.87 -57.73 23.01
CA LEU G 202 -12.47 -57.92 23.35
C LEU G 202 -11.98 -59.34 23.12
N GLY G 203 -12.89 -60.32 23.11
CA GLY G 203 -12.51 -61.71 22.97
C GLY G 203 -12.24 -62.44 24.27
N TRP G 204 -12.26 -61.72 25.40
CA TRP G 204 -11.96 -62.33 26.70
C TRP G 204 -12.99 -63.38 27.11
N SER G 205 -12.60 -64.65 27.06
CA SER G 205 -13.45 -65.68 27.65
C SER G 205 -13.39 -65.58 29.16
N ILE G 206 -14.54 -65.73 29.81
CA ILE G 206 -14.67 -65.48 31.24
C ILE G 206 -15.65 -66.49 31.84
N ASN G 207 -15.26 -67.13 32.95
CA ASN G 207 -16.19 -68.04 33.60
C ASN G 207 -15.98 -68.02 35.12
N THR G 208 -17.00 -68.52 35.83
CA THR G 208 -17.07 -68.47 37.28
C THR G 208 -17.17 -69.88 37.86
N TRP G 209 -16.47 -70.09 38.98
CA TRP G 209 -16.44 -71.33 39.74
C TRP G 209 -16.69 -71.03 41.21
N GLY G 210 -17.29 -71.98 41.91
CA GLY G 210 -17.45 -71.84 43.35
C GLY G 210 -16.13 -71.92 44.10
N VAL G 211 -16.07 -71.22 45.23
CA VAL G 211 -14.84 -71.18 46.04
C VAL G 211 -14.54 -72.52 46.68
N GLY G 212 -15.56 -73.36 46.90
CA GLY G 212 -15.31 -74.70 47.39
C GLY G 212 -14.45 -75.51 46.46
N GLU G 213 -14.48 -75.20 45.15
CA GLU G 213 -13.60 -75.87 44.21
C GLU G 213 -12.14 -75.61 44.56
N LEU G 214 -11.82 -74.39 45.01
CA LEU G 214 -10.47 -74.09 45.47
C LEU G 214 -10.20 -74.70 46.84
N ALA G 215 -11.22 -74.77 47.69
CA ALA G 215 -11.04 -75.38 49.01
C ALA G 215 -10.77 -76.88 48.90
N GLU G 216 -11.22 -77.51 47.82
CA GLU G 216 -10.86 -78.91 47.59
C GLU G 216 -9.37 -79.06 47.32
N ARG G 217 -8.80 -78.16 46.51
CA ARG G 217 -7.41 -78.30 46.09
C ARG G 217 -6.44 -77.88 47.20
N VAL G 218 -6.85 -76.97 48.09
CA VAL G 218 -5.87 -76.47 49.05
C VAL G 218 -5.46 -77.56 50.04
N LYS G 219 -6.33 -78.55 50.28
CA LYS G 219 -6.03 -79.55 51.30
C LYS G 219 -5.28 -80.76 50.76
N ALA G 220 -5.46 -81.10 49.49
CA ALA G 220 -4.86 -82.29 48.90
C ALA G 220 -3.46 -82.05 48.36
N VAL G 221 -2.79 -80.99 48.80
CA VAL G 221 -1.45 -80.65 48.33
C VAL G 221 -0.44 -81.55 49.02
N PRO G 222 0.54 -82.11 48.29
CA PRO G 222 1.62 -82.86 48.97
C PRO G 222 2.42 -81.94 49.89
N GLU G 223 3.03 -82.56 50.91
CA GLU G 223 3.67 -81.76 51.95
C GLU G 223 5.06 -81.30 51.55
N ARG G 224 5.82 -82.14 50.86
CA ARG G 224 7.16 -81.75 50.43
C ARG G 224 7.14 -80.84 49.21
N GLU G 225 5.97 -80.39 48.78
CA GLU G 225 5.89 -79.34 47.76
C GLU G 225 5.88 -77.95 48.38
N VAL G 226 5.41 -77.83 49.63
CA VAL G 226 5.38 -76.52 50.27
C VAL G 226 6.75 -76.15 50.83
N GLU G 227 7.58 -77.15 51.17
CA GLU G 227 8.92 -76.85 51.64
C GLU G 227 9.85 -76.42 50.50
N GLU G 228 9.63 -76.98 49.30
CA GLU G 228 10.35 -76.49 48.14
C GLU G 228 9.99 -75.04 47.83
N LEU G 229 8.78 -74.62 48.21
CA LEU G 229 8.43 -73.22 48.09
C LEU G 229 9.00 -72.40 49.23
N LEU G 230 9.11 -72.97 50.44
CA LEU G 230 9.65 -72.21 51.56
C LEU G 230 11.14 -71.95 51.39
N LYS G 231 11.89 -72.89 50.82
CA LYS G 231 13.31 -72.62 50.59
C LYS G 231 13.50 -71.50 49.56
N GLU G 232 12.65 -71.46 48.53
CA GLU G 232 12.71 -70.36 47.58
C GLU G 232 12.29 -69.05 48.23
N TYR G 233 11.26 -69.10 49.10
CA TYR G 233 10.88 -67.92 49.87
C TYR G 233 12.06 -67.39 50.67
N ARG G 234 12.85 -68.31 51.26
CA ARG G 234 14.05 -67.89 51.97
C ARG G 234 15.07 -67.29 51.02
N GLU G 235 15.20 -67.86 49.82
CA GLU G 235 16.09 -67.28 48.82
C GLU G 235 15.65 -65.88 48.40
N LYS G 236 14.38 -65.53 48.55
CA LYS G 236 13.92 -64.22 48.10
C LYS G 236 13.33 -63.33 49.19
N TYR G 237 12.67 -63.90 50.20
CA TYR G 237 11.93 -63.08 51.15
C TYR G 237 12.12 -63.51 52.60
N ILE G 238 11.01 -63.92 53.24
CA ILE G 238 10.96 -64.50 54.58
C ILE G 238 11.14 -63.46 55.69
N MET G 239 10.30 -63.63 56.84
CA MET G 239 10.13 -63.04 58.16
C MET G 239 10.95 -63.81 59.20
N PRO G 240 11.32 -63.13 60.32
CA PRO G 240 12.27 -63.70 61.31
C PRO G 240 12.38 -65.22 61.42
N GLU G 241 11.65 -65.83 62.35
CA GLU G 241 11.87 -67.23 62.67
C GLU G 241 10.54 -67.99 62.69
N ASP G 242 10.66 -69.30 62.88
CA ASP G 242 9.51 -70.21 62.90
C ASP G 242 8.58 -69.91 64.07
N GLU G 243 7.51 -69.18 63.81
CA GLU G 243 6.49 -68.89 64.82
C GLU G 243 5.12 -69.11 64.22
N TYR G 244 4.13 -68.34 64.66
CA TYR G 244 2.84 -68.34 64.00
C TYR G 244 2.89 -67.68 62.62
N SER G 245 3.99 -66.99 62.31
CA SER G 245 4.10 -66.32 61.02
C SER G 245 4.38 -67.30 59.88
N LEU G 246 5.11 -68.40 60.15
CA LEU G 246 5.44 -69.37 59.12
C LEU G 246 4.30 -70.34 58.83
N LYS G 247 3.34 -70.47 59.74
CA LYS G 247 2.16 -71.29 59.46
C LYS G 247 1.34 -70.68 58.34
N ALA G 248 1.18 -69.36 58.34
CA ALA G 248 0.47 -68.71 57.26
C ALA G 248 1.27 -68.78 55.97
N ILE G 249 2.60 -68.87 56.06
CA ILE G 249 3.40 -69.03 54.86
C ILE G 249 3.17 -70.39 54.24
N ARG G 250 3.08 -71.43 55.06
CA ARG G 250 2.78 -72.75 54.51
C ARG G 250 1.36 -72.80 53.95
N GLU G 251 0.42 -72.10 54.57
CA GLU G 251 -0.93 -72.07 54.02
C GLU G 251 -0.95 -71.35 52.68
N GLN G 252 -0.22 -70.23 52.57
CA GLN G 252 -0.12 -69.53 51.28
C GLN G 252 0.60 -70.38 50.24
N ALA G 253 1.55 -71.22 50.66
CA ALA G 253 2.24 -72.07 49.71
C ALA G 253 1.30 -73.13 49.14
N LYS G 254 0.49 -73.74 50.00
CA LYS G 254 -0.45 -74.73 49.47
C LYS G 254 -1.55 -74.05 48.63
N ILE G 255 -1.91 -72.81 48.96
CA ILE G 255 -2.84 -72.08 48.12
C ILE G 255 -2.22 -71.77 46.76
N GLU G 256 -0.93 -71.41 46.75
CA GLU G 256 -0.25 -71.15 45.50
C GLU G 256 -0.18 -72.40 44.64
N ILE G 257 0.05 -73.56 45.25
CA ILE G 257 0.10 -74.79 44.47
C ILE G 257 -1.29 -75.14 43.93
N ALA G 258 -2.33 -74.92 44.72
CA ALA G 258 -3.69 -75.17 44.24
C ALA G 258 -4.03 -74.25 43.08
N LEU G 259 -3.65 -72.97 43.19
CA LEU G 259 -3.91 -72.02 42.11
C LEU G 259 -3.14 -72.39 40.86
N ARG G 260 -1.88 -72.82 41.00
CA ARG G 260 -1.11 -73.23 39.83
C ARG G 260 -1.78 -74.38 39.11
N GLU G 261 -2.20 -75.40 39.88
CA GLU G 261 -2.84 -76.55 39.26
C GLU G 261 -4.15 -76.16 38.59
N PHE G 262 -4.93 -75.30 39.24
CA PHE G 262 -6.24 -74.95 38.70
C PHE G 262 -6.11 -74.10 37.46
N LEU G 263 -5.31 -73.03 37.52
CA LEU G 263 -5.19 -72.13 36.39
C LEU G 263 -4.53 -72.82 35.21
N ALA G 264 -3.59 -73.74 35.45
CA ALA G 264 -3.01 -74.47 34.34
C ALA G 264 -4.01 -75.43 33.73
N ALA G 265 -4.86 -76.04 34.55
CA ALA G 265 -5.80 -77.04 34.04
C ALA G 265 -6.89 -76.44 33.17
N ALA G 266 -7.15 -75.13 33.26
CA ALA G 266 -8.26 -74.52 32.54
C ALA G 266 -7.81 -73.40 31.61
N ASN G 267 -6.59 -73.50 31.07
CA ASN G 267 -6.04 -72.51 30.14
C ASN G 267 -6.33 -71.08 30.58
N ALA G 268 -5.78 -70.66 31.71
CA ALA G 268 -6.09 -69.37 32.30
C ALA G 268 -5.01 -68.34 31.97
N VAL G 269 -5.45 -67.08 31.91
CA VAL G 269 -4.54 -65.94 31.80
C VAL G 269 -4.74 -64.92 32.91
N GLY G 270 -5.92 -64.86 33.52
CA GLY G 270 -6.14 -64.03 34.69
C GLY G 270 -7.13 -64.71 35.60
N PHE G 271 -7.19 -64.25 36.84
CA PHE G 271 -8.11 -64.82 37.80
C PHE G 271 -8.53 -63.76 38.81
N THR G 272 -9.64 -64.02 39.49
CA THR G 272 -10.18 -63.09 40.47
C THR G 272 -10.80 -63.85 41.63
N THR G 273 -10.66 -63.28 42.83
CA THR G 273 -11.18 -63.86 44.05
C THR G 273 -12.11 -62.86 44.73
N THR G 274 -12.70 -63.29 45.85
CA THR G 274 -13.56 -62.44 46.65
C THR G 274 -13.31 -62.70 48.12
N PHE G 275 -13.34 -61.65 48.93
CA PHE G 275 -12.95 -61.77 50.33
C PHE G 275 -14.09 -62.13 51.26
N GLU G 276 -15.35 -61.94 50.84
CA GLU G 276 -16.50 -62.27 51.67
C GLU G 276 -17.07 -63.65 51.34
N ASP G 277 -16.34 -64.46 50.60
CA ASP G 277 -16.81 -65.80 50.22
C ASP G 277 -15.55 -66.67 50.04
N LEU G 278 -15.09 -67.25 51.14
CA LEU G 278 -13.92 -68.11 51.15
C LEU G 278 -14.15 -69.27 52.11
N HIS G 279 -15.27 -69.97 51.94
CA HIS G 279 -15.64 -71.03 52.87
C HIS G 279 -14.66 -72.19 52.75
N ASP G 280 -14.29 -72.75 53.90
CA ASP G 280 -13.32 -73.85 54.02
C ASP G 280 -11.91 -73.44 53.64
N LEU G 281 -11.74 -72.21 53.14
CA LEU G 281 -10.41 -71.66 52.88
C LEU G 281 -9.87 -71.05 54.17
N PRO G 282 -8.74 -71.54 54.70
CA PRO G 282 -8.27 -71.04 56.00
C PRO G 282 -7.81 -69.59 56.00
N GLN G 283 -7.62 -68.96 54.84
CA GLN G 283 -7.06 -67.62 54.81
C GLN G 283 -7.30 -66.99 53.45
N LEU G 284 -7.50 -65.67 53.47
CA LEU G 284 -7.69 -64.90 52.25
C LEU G 284 -6.43 -64.98 51.39
N PRO G 285 -6.55 -65.32 50.10
CA PRO G 285 -5.35 -65.39 49.24
C PRO G 285 -4.62 -64.06 49.17
N GLY G 286 -3.37 -64.07 49.61
CA GLY G 286 -2.52 -62.89 49.66
C GLY G 286 -1.21 -63.12 48.93
N LEU G 287 -0.18 -63.51 49.69
CA LEU G 287 1.15 -63.78 49.15
C LEU G 287 1.09 -64.62 47.87
N ALA G 288 0.17 -65.59 47.81
CA ALA G 288 0.07 -66.44 46.62
C ALA G 288 -0.34 -65.62 45.40
N VAL G 289 -1.22 -64.64 45.58
CA VAL G 289 -1.63 -63.79 44.47
C VAL G 289 -0.45 -62.96 43.98
N GLN G 290 0.35 -62.41 44.89
CA GLN G 290 1.53 -61.67 44.48
C GLN G 290 2.52 -62.58 43.77
N ARG G 291 2.64 -63.82 44.21
CA ARG G 291 3.55 -64.76 43.56
C ARG G 291 3.09 -65.08 42.15
N LEU G 292 1.78 -65.20 41.94
CA LEU G 292 1.27 -65.49 40.60
C LEU G 292 1.34 -64.26 39.70
N MET G 293 1.09 -63.08 40.25
CA MET G 293 1.21 -61.85 39.44
C MET G 293 2.66 -61.56 39.08
N GLU G 294 3.62 -61.98 39.92
CA GLU G 294 5.02 -61.76 39.59
C GLU G 294 5.40 -62.50 38.31
N GLU G 295 4.72 -63.60 38.01
CA GLU G 295 4.98 -64.37 36.80
C GLU G 295 4.34 -63.73 35.57
N GLY G 296 3.04 -63.44 35.65
CA GLY G 296 2.35 -62.86 34.51
C GLY G 296 0.84 -62.85 34.64
N TYR G 297 0.30 -63.75 35.44
CA TYR G 297 -1.14 -63.86 35.64
C TYR G 297 -1.71 -62.52 36.14
N GLY G 298 -2.70 -62.00 35.40
CA GLY G 298 -3.41 -60.83 35.87
C GLY G 298 -4.40 -61.17 36.97
N PHE G 299 -4.68 -60.19 37.82
CA PHE G 299 -5.54 -60.42 38.98
C PHE G 299 -6.40 -59.21 39.27
N GLY G 300 -7.64 -59.48 39.68
CA GLY G 300 -8.50 -58.44 40.22
C GLY G 300 -9.19 -58.96 41.45
N ALA G 301 -9.50 -58.04 42.36
CA ALA G 301 -10.12 -58.41 43.62
C ALA G 301 -11.60 -58.04 43.62
N GLU G 302 -12.33 -58.62 44.59
CA GLU G 302 -13.76 -58.35 44.77
C GLU G 302 -14.58 -58.72 43.55
N GLY G 303 -14.09 -59.68 42.76
CA GLY G 303 -14.80 -60.13 41.58
C GLY G 303 -14.55 -59.31 40.33
N ASP G 304 -13.74 -58.26 40.41
CA ASP G 304 -13.50 -57.35 39.29
C ASP G 304 -12.72 -58.10 38.22
N TRP G 305 -13.42 -58.61 37.21
CA TRP G 305 -12.73 -59.24 36.09
C TRP G 305 -12.25 -58.23 35.05
N LYS G 306 -12.83 -57.02 35.05
CA LYS G 306 -12.35 -55.98 34.16
C LYS G 306 -10.88 -55.69 34.43
N ALA G 307 -10.56 -55.43 35.70
CA ALA G 307 -9.18 -55.13 36.06
C ALA G 307 -8.28 -56.34 35.85
N ALA G 308 -8.78 -57.54 36.12
CA ALA G 308 -7.97 -58.73 35.93
C ALA G 308 -7.55 -58.90 34.48
N GLY G 309 -8.52 -58.82 33.55
CA GLY G 309 -8.19 -58.95 32.15
C GLY G 309 -7.31 -57.81 31.64
N LEU G 310 -7.57 -56.59 32.10
CA LEU G 310 -6.73 -55.47 31.69
C LEU G 310 -5.31 -55.63 32.21
N VAL G 311 -5.16 -56.06 33.46
CA VAL G 311 -3.84 -56.29 34.03
C VAL G 311 -3.10 -57.38 33.25
N ARG G 312 -3.80 -58.45 32.86
CA ARG G 312 -3.13 -59.50 32.10
C ARG G 312 -2.63 -58.98 30.76
N ALA G 313 -3.50 -58.29 30.02
CA ALA G 313 -3.09 -57.78 28.70
C ALA G 313 -1.98 -56.75 28.83
N ILE G 314 -2.08 -55.86 29.82
CA ILE G 314 -1.10 -54.79 30.01
C ILE G 314 0.20 -55.33 30.60
N LYS G 315 0.18 -56.53 31.18
CA LYS G 315 1.41 -57.19 31.57
C LYS G 315 2.05 -57.88 30.38
N VAL G 316 1.24 -58.39 29.46
CA VAL G 316 1.79 -58.94 28.23
C VAL G 316 2.46 -57.83 27.42
N MET G 317 1.89 -56.62 27.44
CA MET G 317 2.53 -55.49 26.78
C MET G 317 3.89 -55.18 27.41
N GLY G 318 3.90 -54.70 28.66
CA GLY G 318 5.14 -54.42 29.36
C GLY G 318 5.82 -55.70 29.80
N THR G 319 6.59 -56.32 28.90
CA THR G 319 7.18 -57.63 29.16
C THR G 319 8.70 -57.65 29.13
N SER G 320 9.36 -56.52 28.89
CA SER G 320 10.81 -56.55 28.70
C SER G 320 11.55 -55.96 29.90
N LEU G 321 12.64 -55.25 29.62
CA LEU G 321 13.51 -54.76 30.69
C LEU G 321 12.84 -53.76 31.61
N PRO G 322 12.11 -52.73 31.13
CA PRO G 322 11.56 -51.74 32.06
C PRO G 322 10.27 -52.20 32.73
N GLY G 323 10.11 -53.51 32.91
CA GLY G 323 8.89 -54.08 33.45
C GLY G 323 8.43 -53.47 34.77
N GLY G 324 7.13 -53.55 35.03
CA GLY G 324 6.55 -52.98 36.23
C GLY G 324 5.08 -52.69 36.10
N THR G 325 4.25 -53.72 36.26
CA THR G 325 2.80 -53.59 36.16
C THR G 325 2.14 -54.29 37.34
N SER G 326 1.15 -53.63 37.95
CA SER G 326 0.51 -54.13 39.14
C SER G 326 -0.99 -53.79 39.13
N PHE G 327 -1.73 -54.53 39.95
CA PHE G 327 -3.12 -54.25 40.24
C PHE G 327 -3.19 -53.23 41.36
N MET G 328 -3.85 -52.10 41.11
CA MET G 328 -3.80 -50.99 42.05
C MET G 328 -5.22 -50.59 42.47
N GLU G 329 -5.31 -49.99 43.65
CA GLU G 329 -6.54 -49.39 44.15
C GLU G 329 -6.20 -48.06 44.78
N ASP G 330 -6.73 -46.97 44.21
CA ASP G 330 -6.47 -45.64 44.75
C ASP G 330 -7.02 -45.57 46.17
N TYR G 331 -6.13 -45.65 47.17
CA TYR G 331 -6.57 -45.89 48.53
C TYR G 331 -6.70 -44.60 49.36
N THR G 332 -5.72 -43.70 49.31
CA THR G 332 -5.83 -42.50 50.13
C THR G 332 -5.11 -41.34 49.46
N TYR G 333 -5.42 -40.13 49.90
CA TYR G 333 -4.86 -38.92 49.31
C TYR G 333 -3.95 -38.18 50.28
N HIS G 334 -3.12 -37.30 49.71
CA HIS G 334 -2.29 -36.37 50.45
C HIS G 334 -2.55 -34.99 49.85
N LEU G 335 -3.21 -34.12 50.61
CA LEU G 335 -3.82 -32.91 50.08
C LEU G 335 -2.99 -31.65 50.34
N THR G 336 -1.67 -31.77 50.34
CA THR G 336 -0.86 -30.56 50.42
C THR G 336 -1.00 -29.77 49.11
N PRO G 337 -1.07 -28.44 49.18
CA PRO G 337 -1.48 -27.67 47.98
C PRO G 337 -0.60 -27.87 46.77
N GLY G 338 0.72 -27.73 46.89
CA GLY G 338 1.56 -27.76 45.71
C GLY G 338 2.00 -29.14 45.26
N ASN G 339 2.08 -30.09 46.17
CA ASN G 339 2.57 -31.43 45.87
C ASN G 339 1.60 -32.48 46.39
N GLU G 340 0.33 -32.33 46.01
CA GLU G 340 -0.70 -33.26 46.45
C GLU G 340 -0.54 -34.59 45.72
N LEU G 341 -0.46 -35.67 46.49
CA LEU G 341 -0.19 -36.99 45.96
C LEU G 341 -1.32 -37.95 46.32
N VAL G 342 -1.16 -39.20 45.93
CA VAL G 342 -2.13 -40.24 46.27
C VAL G 342 -1.37 -41.53 46.56
N LEU G 343 -1.70 -42.15 47.68
CA LEU G 343 -1.07 -43.37 48.15
C LEU G 343 -1.95 -44.53 47.70
N GLY G 344 -1.40 -45.35 46.80
CA GLY G 344 -2.10 -46.50 46.26
C GLY G 344 -1.57 -47.79 46.85
N ALA G 345 -2.50 -48.69 47.18
CA ALA G 345 -2.20 -49.99 47.76
C ALA G 345 -3.48 -50.81 47.71
N HIS G 346 -3.41 -52.02 48.24
CA HIS G 346 -4.60 -52.84 48.42
C HIS G 346 -4.59 -53.39 49.84
N MET G 347 -5.44 -54.38 50.13
CA MET G 347 -5.39 -55.03 51.44
C MET G 347 -4.30 -56.09 51.49
N LEU G 348 -3.93 -56.67 50.35
CA LEU G 348 -2.91 -57.71 50.29
C LEU G 348 -2.20 -57.74 48.95
N GLU G 349 -2.98 -57.70 47.86
CA GLU G 349 -2.48 -58.07 46.53
C GLU G 349 -1.92 -56.85 45.81
N VAL G 350 -0.59 -56.73 45.81
CA VAL G 350 0.13 -55.77 44.99
C VAL G 350 1.28 -56.52 44.32
N CYS G 351 1.41 -56.36 43.00
CA CYS G 351 2.40 -57.13 42.26
C CYS G 351 3.82 -56.72 42.66
N PRO G 352 4.71 -57.69 42.85
CA PRO G 352 6.10 -57.38 43.21
C PRO G 352 6.97 -56.95 42.04
N THR G 353 6.38 -56.62 40.89
CA THR G 353 7.17 -56.16 39.75
C THR G 353 7.50 -54.68 39.85
N ILE G 354 6.62 -53.90 40.46
CA ILE G 354 6.85 -52.46 40.64
C ILE G 354 7.69 -52.23 41.90
N ALA G 355 8.17 -53.30 42.52
CA ALA G 355 8.93 -53.13 43.75
C ALA G 355 10.30 -52.52 43.46
N LYS G 356 10.80 -51.74 44.40
CA LYS G 356 12.13 -51.16 44.30
C LYS G 356 13.15 -51.83 45.19
N GLU G 357 12.73 -52.33 46.35
CA GLU G 357 13.59 -53.01 47.30
C GLU G 357 13.33 -54.51 47.24
N LYS G 358 13.86 -55.22 48.23
CA LYS G 358 13.62 -56.65 48.32
C LYS G 358 12.21 -56.88 48.86
N PRO G 359 11.36 -57.63 48.15
CA PRO G 359 10.01 -57.91 48.66
C PRO G 359 10.08 -58.63 50.00
N ARG G 360 9.60 -57.98 51.06
CA ARG G 360 9.71 -58.53 52.41
C ARG G 360 8.39 -59.13 52.83
N ILE G 361 8.40 -60.40 53.24
CA ILE G 361 7.18 -61.04 53.70
C ILE G 361 6.81 -60.47 55.07
N GLU G 362 5.55 -60.13 55.24
CA GLU G 362 5.02 -59.67 56.51
C GLU G 362 3.62 -60.25 56.71
N VAL G 363 3.28 -60.50 57.96
CA VAL G 363 1.95 -60.93 58.37
C VAL G 363 1.43 -59.95 59.41
N HIS G 364 0.16 -59.59 59.30
CA HIS G 364 -0.47 -58.61 60.16
C HIS G 364 -1.92 -59.00 60.36
N PRO G 365 -2.54 -58.57 61.46
CA PRO G 365 -3.97 -58.88 61.67
C PRO G 365 -4.82 -58.24 60.59
N LEU G 366 -5.58 -59.08 59.88
CA LEU G 366 -6.48 -58.62 58.82
C LEU G 366 -7.81 -59.34 58.98
N SER G 367 -8.82 -58.61 59.47
CA SER G 367 -10.14 -59.18 59.74
C SER G 367 -11.07 -59.15 58.54
N ILE G 368 -10.63 -58.59 57.41
CA ILE G 368 -11.51 -58.48 56.25
C ILE G 368 -11.85 -59.88 55.74
N GLY G 369 -13.15 -60.20 55.74
CA GLY G 369 -13.63 -61.50 55.35
C GLY G 369 -13.55 -62.58 56.41
N GLY G 370 -12.95 -62.31 57.56
CA GLY G 370 -13.01 -63.20 58.69
C GLY G 370 -12.22 -64.49 58.57
N LYS G 371 -10.92 -64.40 58.37
CA LYS G 371 -10.06 -65.59 58.34
C LYS G 371 -8.82 -65.34 59.19
N ALA G 372 -7.76 -66.07 58.91
CA ALA G 372 -6.53 -66.05 59.69
C ALA G 372 -5.53 -65.13 59.00
N ASP G 373 -4.75 -64.40 59.82
CA ASP G 373 -3.80 -63.39 59.37
C ASP G 373 -3.02 -63.84 58.13
N PRO G 374 -3.36 -63.32 56.95
CA PRO G 374 -2.71 -63.78 55.72
C PRO G 374 -1.37 -63.09 55.53
N ALA G 375 -0.51 -63.74 54.76
CA ALA G 375 0.81 -63.21 54.46
C ALA G 375 0.73 -62.23 53.29
N ARG G 376 1.77 -61.40 53.17
CA ARG G 376 1.80 -60.42 52.10
C ARG G 376 3.24 -59.98 51.88
N LEU G 377 3.47 -59.42 50.69
CA LEU G 377 4.77 -58.85 50.35
C LEU G 377 4.72 -57.34 50.51
N VAL G 378 5.74 -56.79 51.13
CA VAL G 378 5.84 -55.36 51.43
C VAL G 378 7.05 -54.82 50.71
N PHE G 379 6.87 -53.69 50.03
CA PHE G 379 7.91 -53.03 49.24
C PHE G 379 7.40 -51.65 48.84
N ASP G 380 8.33 -50.77 48.52
CA ASP G 380 8.00 -49.43 48.04
C ASP G 380 7.85 -49.43 46.52
N GLY G 381 7.15 -48.42 46.03
CA GLY G 381 6.90 -48.31 44.60
C GLY G 381 8.12 -47.86 43.83
N GLN G 382 8.01 -47.93 42.50
CA GLN G 382 9.07 -47.53 41.61
C GLN G 382 8.97 -46.04 41.30
N GLU G 383 10.08 -45.48 40.83
CA GLU G 383 10.16 -44.07 40.44
C GLU G 383 9.94 -43.92 38.94
N GLY G 384 9.80 -42.66 38.51
CA GLY G 384 9.64 -42.35 37.11
C GLY G 384 8.19 -42.22 36.69
N PRO G 385 7.94 -41.97 35.41
CA PRO G 385 6.55 -41.84 34.94
C PRO G 385 5.89 -43.19 34.74
N ALA G 386 4.57 -43.20 34.92
CA ALA G 386 3.78 -44.41 34.78
C ALA G 386 2.39 -44.04 34.27
N VAL G 387 1.56 -45.06 34.07
CA VAL G 387 0.19 -44.89 33.60
C VAL G 387 -0.74 -45.68 34.51
N ASN G 388 -1.99 -45.26 34.56
CA ASN G 388 -3.01 -45.88 35.40
C ASN G 388 -4.26 -46.06 34.55
N ALA G 389 -4.58 -47.30 34.19
CA ALA G 389 -5.66 -47.58 33.26
C ALA G 389 -6.83 -48.25 33.96
N SER G 390 -7.98 -48.20 33.31
CA SER G 390 -9.19 -48.82 33.84
C SER G 390 -10.20 -48.97 32.71
N ILE G 391 -10.65 -50.20 32.47
CA ILE G 391 -11.74 -50.46 31.53
C ILE G 391 -13.02 -50.57 32.33
N VAL G 392 -14.08 -49.93 31.84
CA VAL G 392 -15.35 -49.93 32.55
C VAL G 392 -16.48 -50.08 31.55
N ASP G 393 -17.53 -50.77 31.97
CA ASP G 393 -18.68 -51.06 31.11
C ASP G 393 -19.66 -49.90 31.19
N MET G 394 -20.11 -49.44 30.04
CA MET G 394 -21.01 -48.28 29.94
C MET G 394 -22.40 -48.68 29.45
N GLY G 395 -22.80 -49.92 29.71
CA GLY G 395 -24.11 -50.38 29.31
C GLY G 395 -24.11 -50.91 27.89
N ASN G 396 -23.91 -50.01 26.92
CA ASN G 396 -23.90 -50.38 25.51
C ASN G 396 -22.50 -50.70 24.99
N ARG G 397 -21.45 -50.35 25.74
CA ARG G 397 -20.10 -50.47 25.25
C ARG G 397 -19.14 -50.38 26.44
N PHE G 398 -17.88 -50.70 26.17
CA PHE G 398 -16.81 -50.50 27.13
C PHE G 398 -16.05 -49.22 26.80
N ARG G 399 -15.52 -48.57 27.82
CA ARG G 399 -14.60 -47.45 27.61
C ARG G 399 -13.38 -47.61 28.51
N LEU G 400 -12.24 -47.17 27.99
CA LEU G 400 -10.95 -47.28 28.67
C LEU G 400 -10.49 -45.88 29.08
N VAL G 401 -10.44 -45.62 30.37
CA VAL G 401 -9.91 -44.37 30.92
C VAL G 401 -8.48 -44.62 31.35
N VAL G 402 -7.58 -43.71 30.97
CA VAL G 402 -6.16 -43.85 31.29
C VAL G 402 -5.63 -42.50 31.75
N ASN G 403 -4.87 -42.52 32.85
CA ASN G 403 -4.30 -41.32 33.45
C ASN G 403 -2.79 -41.45 33.48
N LYS G 404 -2.10 -40.49 32.89
CA LYS G 404 -0.64 -40.44 32.95
C LYS G 404 -0.23 -39.83 34.29
N VAL G 405 0.67 -40.51 35.01
CA VAL G 405 1.07 -40.11 36.34
C VAL G 405 2.59 -40.10 36.43
N LEU G 406 3.11 -39.39 37.44
CA LEU G 406 4.53 -39.34 37.72
C LEU G 406 4.79 -39.84 39.13
N SER G 407 5.40 -41.02 39.26
CA SER G 407 5.65 -41.59 40.58
C SER G 407 6.83 -40.90 41.26
N VAL G 408 6.74 -40.77 42.58
CA VAL G 408 7.74 -40.05 43.37
C VAL G 408 8.30 -41.01 44.42
N PRO G 409 9.54 -40.83 44.86
CA PRO G 409 10.09 -41.69 45.91
C PRO G 409 9.42 -41.41 47.25
N ILE G 410 9.34 -42.46 48.07
CA ILE G 410 8.70 -42.32 49.37
C ILE G 410 9.62 -41.54 50.29
N GLU G 411 9.14 -40.40 50.80
CA GLU G 411 9.97 -39.52 51.59
C GLU G 411 10.06 -39.98 53.05
N ARG G 412 8.93 -40.32 53.67
CA ARG G 412 8.92 -40.83 55.03
C ARG G 412 8.44 -42.27 55.06
N LYS G 413 8.85 -42.99 56.11
CA LYS G 413 8.49 -44.38 56.27
C LYS G 413 7.19 -44.52 57.05
N MET G 414 6.53 -45.67 56.86
CA MET G 414 5.22 -45.96 57.43
C MET G 414 5.28 -47.27 58.21
N PRO G 415 5.44 -47.20 59.54
CA PRO G 415 5.61 -48.45 60.31
C PRO G 415 4.33 -49.27 60.43
N LYS G 416 3.16 -48.63 60.44
CA LYS G 416 1.90 -49.32 60.65
C LYS G 416 1.17 -49.66 59.35
N LEU G 417 1.70 -49.26 58.20
CA LEU G 417 1.09 -49.64 56.94
C LEU G 417 1.56 -51.03 56.55
N PRO G 418 0.66 -52.02 56.50
CA PRO G 418 1.10 -53.41 56.33
C PRO G 418 1.28 -53.82 54.87
N THR G 419 0.68 -53.08 53.94
CA THR G 419 0.68 -53.44 52.53
C THR G 419 1.65 -52.56 51.75
N ALA G 420 2.19 -53.14 50.67
CA ALA G 420 3.07 -52.39 49.78
C ALA G 420 2.31 -51.22 49.17
N ARG G 421 3.04 -50.14 48.87
CA ARG G 421 2.40 -48.88 48.54
C ARG G 421 3.20 -48.16 47.45
N VAL G 422 2.50 -47.28 46.73
CA VAL G 422 3.12 -46.42 45.73
C VAL G 422 2.57 -45.01 45.88
N LEU G 423 3.41 -44.02 45.57
CA LEU G 423 3.03 -42.61 45.57
C LEU G 423 3.28 -42.01 44.19
N TRP G 424 2.33 -41.20 43.72
CA TRP G 424 2.45 -40.60 42.40
C TRP G 424 1.67 -39.29 42.33
N LYS G 425 1.94 -38.54 41.27
CA LYS G 425 1.30 -37.27 40.94
C LYS G 425 0.39 -37.50 39.76
N PRO G 426 -0.92 -37.23 39.87
CA PRO G 426 -1.79 -37.33 38.69
C PRO G 426 -1.58 -36.12 37.78
N LEU G 427 -1.28 -36.38 36.52
CA LEU G 427 -1.04 -35.28 35.60
C LEU G 427 -2.37 -34.75 35.05
N PRO G 428 -2.51 -33.43 34.90
CA PRO G 428 -1.49 -32.45 35.27
C PRO G 428 -1.59 -32.03 36.74
N ASP G 429 -2.81 -31.87 37.23
CA ASP G 429 -3.08 -31.54 38.62
C ASP G 429 -3.99 -32.58 39.21
N PHE G 430 -3.85 -32.82 40.52
CA PHE G 430 -4.70 -33.80 41.19
C PHE G 430 -6.17 -33.42 41.08
N LYS G 431 -6.49 -32.13 41.20
CA LYS G 431 -7.87 -31.69 41.09
C LYS G 431 -8.41 -31.99 39.69
N ARG G 432 -7.68 -31.55 38.67
CA ARG G 432 -8.14 -31.71 37.28
C ARG G 432 -8.21 -33.19 36.91
N ALA G 433 -7.15 -33.95 37.17
CA ALA G 433 -7.12 -35.34 36.77
C ALA G 433 -8.17 -36.15 37.52
N THR G 434 -8.42 -35.83 38.78
CA THR G 434 -9.41 -36.61 39.53
C THR G 434 -10.83 -36.24 39.15
N THR G 435 -11.11 -34.95 38.89
CA THR G 435 -12.44 -34.60 38.44
C THR G 435 -12.71 -35.10 37.03
N ALA G 436 -11.66 -35.27 36.22
CA ALA G 436 -11.85 -35.88 34.91
C ALA G 436 -11.99 -37.39 35.01
N TRP G 437 -11.31 -38.01 35.98
CA TRP G 437 -11.52 -39.44 36.23
C TRP G 437 -12.94 -39.70 36.69
N ILE G 438 -13.50 -38.80 37.49
CA ILE G 438 -14.86 -38.99 37.99
C ILE G 438 -15.88 -38.71 36.88
N LEU G 439 -15.62 -37.71 36.05
CA LEU G 439 -16.53 -37.44 34.93
C LEU G 439 -16.62 -38.64 34.00
N ALA G 440 -15.50 -39.25 33.66
CA ALA G 440 -15.50 -40.42 32.79
C ALA G 440 -16.04 -41.67 33.48
N GLY G 441 -16.26 -41.64 34.79
CA GLY G 441 -16.76 -42.80 35.50
C GLY G 441 -15.75 -43.90 35.68
N GLY G 442 -14.50 -43.55 35.99
CA GLY G 442 -13.48 -44.56 36.15
C GLY G 442 -13.66 -45.35 37.44
N SER G 443 -13.41 -46.65 37.36
CA SER G 443 -13.55 -47.53 38.51
C SER G 443 -12.47 -47.24 39.55
N HIS G 444 -12.71 -47.73 40.76
CA HIS G 444 -11.70 -47.62 41.81
C HIS G 444 -10.59 -48.64 41.64
N HIS G 445 -10.89 -49.81 41.08
CA HIS G 445 -9.87 -50.80 40.76
C HIS G 445 -9.18 -50.39 39.46
N THR G 446 -7.87 -50.17 39.51
CA THR G 446 -7.13 -49.74 38.34
C THR G 446 -5.97 -50.70 38.06
N ALA G 447 -5.31 -50.45 36.94
CA ALA G 447 -4.16 -51.22 36.48
C ALA G 447 -3.01 -50.24 36.37
N PHE G 448 -2.15 -50.24 37.37
CA PHE G 448 -0.98 -49.37 37.40
C PHE G 448 0.13 -50.03 36.59
N SER G 449 0.83 -49.23 35.78
CA SER G 449 1.89 -49.82 34.96
C SER G 449 2.99 -48.80 34.74
N THR G 450 4.23 -49.22 34.96
CA THR G 450 5.38 -48.37 34.71
C THR G 450 6.14 -48.77 33.44
N ALA G 451 5.82 -49.93 32.86
CA ALA G 451 6.56 -50.45 31.73
C ALA G 451 6.08 -49.94 30.38
N ILE G 452 4.90 -49.32 30.32
CA ILE G 452 4.31 -48.91 29.06
C ILE G 452 3.92 -47.45 29.11
N ASP G 453 3.70 -46.87 27.95
CA ASP G 453 3.24 -45.51 27.80
C ASP G 453 1.75 -45.49 27.40
N VAL G 454 1.18 -44.29 27.36
CA VAL G 454 -0.20 -44.15 26.88
C VAL G 454 -0.31 -44.55 25.41
N GLU G 455 0.81 -44.44 24.67
CA GLU G 455 0.84 -44.84 23.28
C GLU G 455 0.39 -46.30 23.11
N TYR G 456 0.72 -47.16 24.08
CA TYR G 456 0.33 -48.57 24.01
C TYR G 456 -1.18 -48.72 24.13
N LEU G 457 -1.77 -48.15 25.17
CA LEU G 457 -3.21 -48.28 25.38
C LEU G 457 -4.00 -47.62 24.27
N ILE G 458 -3.43 -46.60 23.62
CA ILE G 458 -4.15 -45.98 22.51
C ILE G 458 -4.26 -46.96 21.36
N ASP G 459 -3.22 -47.75 21.13
CA ASP G 459 -3.33 -48.77 20.09
C ASP G 459 -4.17 -49.95 20.53
N TRP G 460 -4.24 -50.22 21.83
CA TRP G 460 -5.15 -51.25 22.31
C TRP G 460 -6.59 -50.89 21.99
N ALA G 461 -6.99 -49.67 22.32
CA ALA G 461 -8.35 -49.24 22.04
C ALA G 461 -8.58 -49.05 20.54
N GLU G 462 -7.56 -48.60 19.81
CA GLU G 462 -7.69 -48.43 18.37
C GLU G 462 -7.90 -49.78 17.67
N ALA G 463 -7.20 -50.82 18.11
CA ALA G 463 -7.34 -52.13 17.48
C ALA G 463 -8.62 -52.82 17.90
N LEU G 464 -9.09 -52.61 19.12
CA LEU G 464 -10.32 -53.27 19.55
C LEU G 464 -11.57 -52.41 19.36
N GLU G 465 -11.43 -51.19 18.88
CA GLU G 465 -12.57 -50.32 18.57
C GLU G 465 -13.42 -50.02 19.80
N ILE G 466 -12.76 -49.58 20.87
CA ILE G 466 -13.45 -49.12 22.07
C ILE G 466 -13.02 -47.70 22.35
N GLU G 467 -13.87 -46.98 23.09
CA GLU G 467 -13.59 -45.58 23.41
C GLU G 467 -12.38 -45.48 24.33
N TYR G 468 -11.52 -44.50 24.06
CA TYR G 468 -10.39 -44.20 24.93
C TYR G 468 -10.38 -42.72 25.26
N VAL G 469 -10.11 -42.41 26.52
CA VAL G 469 -9.99 -41.03 27.01
C VAL G 469 -8.73 -40.94 27.86
N VAL G 470 -7.86 -39.99 27.51
CA VAL G 470 -6.56 -39.86 28.16
C VAL G 470 -6.57 -38.62 29.05
N ILE G 471 -5.76 -38.68 30.11
CA ILE G 471 -5.62 -37.58 31.05
C ILE G 471 -4.17 -37.10 31.00
N ASP G 472 -3.73 -36.65 29.83
CA ASP G 472 -2.37 -36.18 29.64
C ASP G 472 -2.17 -34.82 30.31
N GLU G 473 -0.98 -34.26 30.12
CA GLU G 473 -0.71 -32.90 30.57
C GLU G 473 -1.61 -31.91 29.83
N ASN G 474 -1.89 -32.19 28.56
CA ASN G 474 -2.77 -31.36 27.73
C ASN G 474 -4.25 -31.57 28.05
N LEU G 475 -4.58 -31.71 29.34
CA LEU G 475 -5.95 -31.97 29.76
C LEU G 475 -6.68 -30.64 29.91
N ASP G 476 -7.66 -30.41 29.05
CA ASP G 476 -8.59 -29.28 29.17
C ASP G 476 -9.92 -29.83 29.64
N LEU G 477 -10.37 -29.38 30.81
CA LEU G 477 -11.51 -30.01 31.45
C LEU G 477 -12.78 -29.83 30.62
N GLU G 478 -12.99 -28.63 30.07
CA GLU G 478 -14.18 -28.39 29.26
C GLU G 478 -14.10 -29.16 27.95
N ASP G 479 -12.92 -29.20 27.33
CA ASP G 479 -12.76 -29.96 26.12
C ASP G 479 -12.90 -31.46 26.38
N PHE G 480 -12.46 -31.91 27.56
CA PHE G 480 -12.68 -33.31 27.94
C PHE G 480 -14.17 -33.59 28.12
N LYS G 481 -14.90 -32.61 28.66
CA LYS G 481 -16.35 -32.75 28.81
C LYS G 481 -17.01 -32.92 27.44
N LYS G 482 -16.62 -32.07 26.48
CA LYS G 482 -17.19 -32.19 25.15
C LYS G 482 -16.78 -33.52 24.49
N GLU G 483 -15.54 -33.96 24.72
CA GLU G 483 -15.08 -35.20 24.12
C GLU G 483 -15.90 -36.39 24.61
N LEU G 484 -16.26 -36.39 25.90
CA LEU G 484 -17.01 -37.52 26.44
C LEU G 484 -18.35 -37.66 25.74
N ARG G 485 -19.07 -36.56 25.57
CA ARG G 485 -20.41 -36.66 25.01
C ARG G 485 -20.39 -36.82 23.50
N TRP G 486 -19.39 -36.24 22.81
CA TRP G 486 -19.29 -36.51 21.38
C TRP G 486 -18.93 -37.97 21.12
N ASN G 487 -18.13 -38.58 22.01
CA ASN G 487 -17.81 -39.99 21.85
C ASN G 487 -18.98 -40.90 22.21
N GLU G 488 -19.82 -40.49 23.16
CA GLU G 488 -20.85 -41.40 23.67
C GLU G 488 -21.77 -41.90 22.56
N LEU G 489 -22.00 -41.10 21.53
CA LEU G 489 -22.90 -41.52 20.46
C LEU G 489 -22.17 -42.12 19.26
N TYR G 490 -20.92 -41.74 19.01
CA TYR G 490 -20.18 -42.33 17.90
C TYR G 490 -19.98 -43.82 18.11
N TRP G 491 -19.57 -44.21 19.31
CA TRP G 491 -19.40 -45.62 19.62
C TRP G 491 -20.71 -46.30 19.98
N GLY G 492 -21.80 -45.55 20.10
CA GLY G 492 -23.09 -46.12 20.45
C GLY G 492 -23.75 -46.85 19.30
N LEU G 493 -23.96 -46.14 18.19
CA LEU G 493 -24.50 -46.79 16.99
C LEU G 493 -23.38 -47.31 16.11
N LEU G 494 -22.50 -46.42 15.62
CA LEU G 494 -21.34 -46.87 14.88
C LEU G 494 -20.33 -47.52 15.82
N LYS G 495 -19.40 -48.27 15.23
CA LYS G 495 -18.32 -48.88 15.97
C LYS G 495 -17.08 -49.06 15.08
N MET H 1 48.95 39.01 28.97
CA MET H 1 50.22 38.59 28.40
C MET H 1 50.03 37.38 27.48
N ILE H 2 49.28 37.58 26.41
CA ILE H 2 48.96 36.52 25.47
C ILE H 2 49.80 36.73 24.21
N ASP H 3 50.70 35.80 23.95
CA ASP H 3 51.59 35.86 22.80
C ASP H 3 51.33 34.62 21.95
N LEU H 4 52.32 34.16 21.19
CA LEU H 4 52.10 33.03 20.29
C LEU H 4 53.27 32.06 20.38
N LYS H 5 52.96 30.78 20.25
CA LYS H 5 53.91 29.66 20.30
C LYS H 5 53.11 28.39 20.11
N GLN H 6 51.86 28.41 20.60
CA GLN H 6 50.99 27.24 20.55
C GLN H 6 50.58 26.90 19.12
N TYR H 7 50.60 27.86 18.21
CA TYR H 7 50.19 27.59 16.84
C TYR H 7 51.26 26.78 16.12
N GLU H 8 50.82 25.77 15.37
CA GLU H 8 51.69 24.87 14.63
C GLU H 8 51.37 24.97 13.15
N PHE H 9 52.37 24.70 12.31
CA PHE H 9 52.18 24.75 10.87
C PHE H 9 52.47 23.38 10.27
N TRP H 10 51.58 22.94 9.38
CA TRP H 10 51.61 21.59 8.83
C TRP H 10 52.35 21.60 7.50
N PHE H 11 53.56 21.03 7.49
CA PHE H 11 54.28 20.82 6.25
C PHE H 11 53.68 19.64 5.49
N LEU H 12 53.49 19.81 4.18
CA LEU H 12 52.72 18.88 3.37
C LEU H 12 53.53 18.52 2.13
N VAL H 13 53.87 17.25 2.00
CA VAL H 13 54.65 16.74 0.87
C VAL H 13 53.73 15.89 0.00
N GLY H 14 53.89 16.01 -1.30
CA GLY H 14 52.98 15.38 -2.24
C GLY H 14 53.69 14.36 -3.13
N SER H 15 53.01 13.26 -3.38
CA SER H 15 53.46 12.23 -4.32
C SER H 15 52.22 11.53 -4.85
N GLN H 16 52.40 10.35 -5.45
CA GLN H 16 51.27 9.59 -5.94
C GLN H 16 51.49 8.10 -5.68
N TYR H 17 50.37 7.37 -5.67
CA TYR H 17 50.40 5.93 -5.45
C TYR H 17 51.09 5.19 -6.59
N LEU H 18 51.18 5.80 -7.78
CA LEU H 18 51.82 5.17 -8.93
C LEU H 18 53.34 5.24 -8.86
N TYR H 19 53.92 5.03 -7.68
CA TYR H 19 55.36 5.03 -7.47
C TYR H 19 55.74 3.83 -6.61
N GLY H 20 57.02 3.49 -6.63
CA GLY H 20 57.52 2.43 -5.78
C GLY H 20 57.56 2.87 -4.33
N LEU H 21 57.19 1.93 -3.44
CA LEU H 21 57.20 2.22 -2.00
C LEU H 21 58.61 2.46 -1.46
N GLU H 22 59.64 2.10 -2.21
CA GLU H 22 61.01 2.32 -1.76
C GLU H 22 61.42 3.78 -1.94
N THR H 23 61.12 4.36 -3.10
CA THR H 23 61.50 5.75 -3.36
C THR H 23 60.64 6.74 -2.59
N LEU H 24 59.47 6.32 -2.11
CA LEU H 24 58.65 7.20 -1.28
C LEU H 24 59.28 7.43 0.08
N LYS H 25 59.93 6.40 0.64
CA LYS H 25 60.61 6.56 1.91
C LYS H 25 61.79 7.51 1.80
N LYS H 26 62.40 7.60 0.62
CA LYS H 26 63.46 8.59 0.42
C LYS H 26 62.90 10.00 0.52
N VAL H 27 61.70 10.22 -0.02
CA VAL H 27 61.06 11.53 0.08
C VAL H 27 60.67 11.83 1.52
N GLU H 28 60.12 10.84 2.23
CA GLU H 28 59.76 11.07 3.64
C GLU H 28 60.98 11.44 4.48
N GLN H 29 62.08 10.71 4.28
CA GLN H 29 63.30 10.99 5.04
C GLN H 29 63.89 12.35 4.66
N GLN H 30 63.85 12.69 3.36
CA GLN H 30 64.38 13.96 2.92
C GLN H 30 63.55 15.12 3.46
N ALA H 31 62.23 14.97 3.48
CA ALA H 31 61.37 15.99 4.05
C ALA H 31 61.64 16.16 5.55
N SER H 32 61.91 15.05 6.24
CA SER H 32 62.28 15.17 7.65
C SER H 32 63.59 15.93 7.80
N LYS H 33 64.55 15.66 6.91
CA LYS H 33 65.82 16.39 6.95
C LYS H 33 65.63 17.87 6.70
N ILE H 34 64.62 18.24 5.92
CA ILE H 34 64.37 19.65 5.68
C ILE H 34 63.65 20.30 6.85
N VAL H 35 62.57 19.68 7.34
CA VAL H 35 61.75 20.32 8.35
C VAL H 35 62.46 20.40 9.70
N ASP H 36 63.33 19.43 10.02
CA ASP H 36 64.04 19.49 11.28
C ASP H 36 65.06 20.63 11.28
N SER H 37 65.82 20.76 10.19
CA SER H 37 66.73 21.90 10.03
C SER H 37 65.96 23.21 9.96
N LEU H 38 64.70 23.17 9.52
CA LEU H 38 63.88 24.38 9.54
C LEU H 38 63.53 24.77 10.97
N ASN H 39 63.19 23.78 11.81
CA ASN H 39 62.92 24.07 13.21
C ASN H 39 64.18 24.48 13.96
N ASP H 40 65.37 24.10 13.47
CA ASP H 40 66.59 24.53 14.15
C ASP H 40 66.81 26.05 14.03
N ASP H 41 66.27 26.68 12.98
CA ASP H 41 66.44 28.12 12.80
C ASP H 41 65.51 28.89 13.75
N PRO H 42 66.03 29.81 14.56
CA PRO H 42 65.17 30.54 15.50
C PRO H 42 64.36 31.66 14.88
N ILE H 43 64.46 31.87 13.57
CA ILE H 43 63.68 32.94 12.92
C ILE H 43 62.20 32.61 12.95
N PHE H 44 61.85 31.33 12.79
CA PHE H 44 60.45 30.93 12.78
C PHE H 44 59.84 31.05 14.18
N PRO H 45 58.72 31.77 14.33
CA PRO H 45 58.09 31.92 15.64
C PRO H 45 57.20 30.77 16.05
N SER H 46 57.01 29.76 15.19
CA SER H 46 56.12 28.65 15.50
C SER H 46 56.72 27.36 14.99
N LYS H 47 56.20 26.24 15.47
CA LYS H 47 56.73 24.94 15.13
C LYS H 47 56.19 24.45 13.79
N ILE H 48 56.88 23.46 13.23
CA ILE H 48 56.49 22.81 11.99
C ILE H 48 56.25 21.34 12.31
N VAL H 49 55.27 20.75 11.62
CA VAL H 49 54.87 19.37 11.83
C VAL H 49 54.80 18.71 10.46
N LEU H 50 55.71 17.77 10.22
CA LEU H 50 55.69 17.00 8.98
C LEU H 50 54.62 15.92 9.07
N LYS H 51 53.80 15.81 8.03
CA LYS H 51 52.79 14.78 7.98
C LYS H 51 53.10 13.82 6.83
N PRO H 52 52.67 12.56 6.92
CA PRO H 52 53.12 11.54 5.96
C PRO H 52 52.87 11.98 4.52
N VAL H 53 53.80 11.59 3.64
CA VAL H 53 53.71 12.01 2.24
C VAL H 53 52.42 11.49 1.65
N LEU H 54 51.70 12.37 0.95
CA LEU H 54 50.39 12.04 0.42
C LEU H 54 50.51 11.49 -1.00
N LYS H 55 49.75 10.44 -1.28
CA LYS H 55 49.78 9.78 -2.58
C LYS H 55 48.41 9.68 -3.23
N SER H 56 47.35 9.47 -2.47
CA SER H 56 46.00 9.37 -2.99
C SER H 56 45.20 10.61 -2.61
N SER H 57 44.04 10.76 -3.25
CA SER H 57 43.19 11.90 -3.00
C SER H 57 42.57 11.84 -1.61
N SER H 58 42.22 10.63 -1.16
CA SER H 58 41.56 10.48 0.13
C SER H 58 42.49 10.91 1.27
N GLU H 59 43.78 10.63 1.14
CA GLU H 59 44.73 11.09 2.15
C GLU H 59 44.80 12.62 2.16
N ILE H 60 44.72 13.23 0.96
CA ILE H 60 44.72 14.68 0.85
C ILE H 60 43.56 15.27 1.63
N THR H 61 42.35 14.79 1.35
CA THR H 61 41.19 15.33 2.04
C THR H 61 41.19 14.99 3.52
N GLU H 62 41.73 13.83 3.90
CA GLU H 62 41.79 13.53 5.34
C GLU H 62 42.66 14.53 6.07
N ILE H 63 43.83 14.86 5.49
CA ILE H 63 44.71 15.83 6.13
C ILE H 63 44.07 17.20 6.18
N PHE H 64 43.43 17.64 5.09
CA PHE H 64 42.78 18.95 5.12
C PHE H 64 41.58 18.99 6.07
N GLU H 65 40.85 17.87 6.20
CA GLU H 65 39.75 17.82 7.15
C GLU H 65 40.25 17.96 8.58
N LYS H 66 41.34 17.26 8.91
CA LYS H 66 41.88 17.42 10.26
C LYS H 66 42.53 18.78 10.47
N ALA H 67 42.98 19.45 9.41
CA ALA H 67 43.58 20.77 9.57
C ALA H 67 42.56 21.81 10.02
N ASN H 68 41.32 21.72 9.53
CA ASN H 68 40.28 22.65 9.97
C ASN H 68 39.69 22.29 11.32
N ALA H 69 39.94 21.07 11.82
CA ALA H 69 39.38 20.67 13.10
C ALA H 69 40.31 21.01 14.28
N ASP H 70 41.62 20.84 14.08
CA ASP H 70 42.56 21.13 15.15
C ASP H 70 42.75 22.64 15.27
N PRO H 71 42.37 23.26 16.38
CA PRO H 71 42.55 24.73 16.50
C PRO H 71 44.00 25.16 16.60
N LYS H 72 44.92 24.26 16.95
CA LYS H 72 46.33 24.64 17.05
C LYS H 72 46.97 24.82 15.67
N CYS H 73 46.37 24.27 14.63
CA CYS H 73 46.86 24.49 13.27
C CYS H 73 46.39 25.85 12.76
N ALA H 74 47.33 26.68 12.32
CA ALA H 74 47.01 28.00 11.82
C ALA H 74 47.54 28.25 10.42
N GLY H 75 47.95 27.20 9.71
CA GLY H 75 48.47 27.35 8.36
C GLY H 75 48.99 26.04 7.80
N VAL H 76 49.09 25.97 6.48
CA VAL H 76 49.54 24.78 5.78
C VAL H 76 50.58 25.19 4.75
N ILE H 77 51.74 24.52 4.77
CA ILE H 77 52.81 24.76 3.82
C ILE H 77 52.83 23.58 2.87
N VAL H 78 52.68 23.84 1.58
CA VAL H 78 52.56 22.81 0.55
C VAL H 78 53.82 22.82 -0.31
N TRP H 79 54.40 21.64 -0.52
CA TRP H 79 55.58 21.54 -1.37
C TRP H 79 55.55 20.19 -2.09
N MET H 80 55.68 20.23 -3.42
CA MET H 80 55.68 19.02 -4.24
C MET H 80 57.12 18.56 -4.44
N HIS H 81 57.50 17.51 -3.72
CA HIS H 81 58.83 16.94 -3.92
C HIS H 81 58.93 16.28 -5.29
N THR H 82 57.94 15.48 -5.65
CA THR H 82 57.85 14.85 -6.98
C THR H 82 56.56 15.28 -7.66
N PHE H 83 56.38 14.80 -8.89
CA PHE H 83 55.19 15.16 -9.67
C PHE H 83 53.96 14.53 -9.04
N SER H 84 53.15 15.35 -8.38
CA SER H 84 51.88 14.90 -7.82
C SER H 84 50.74 15.48 -8.66
N PRO H 85 49.96 14.65 -9.34
CA PRO H 85 48.88 15.17 -10.18
C PRO H 85 47.87 15.98 -9.37
N SER H 86 47.43 17.10 -9.95
CA SER H 86 46.68 18.08 -9.19
C SER H 86 45.24 17.66 -8.95
N LYS H 87 44.65 16.86 -9.84
CA LYS H 87 43.26 16.46 -9.67
C LYS H 87 43.04 15.64 -8.39
N MET H 88 44.11 15.13 -7.78
CA MET H 88 43.97 14.49 -6.48
C MET H 88 43.76 15.52 -5.37
N TRP H 89 44.28 16.74 -5.55
CA TRP H 89 44.20 17.77 -4.52
C TRP H 89 42.90 18.56 -4.55
N ILE H 90 42.04 18.34 -5.55
CA ILE H 90 40.87 19.19 -5.72
C ILE H 90 39.93 19.07 -4.53
N ARG H 91 39.60 17.83 -4.14
CA ARG H 91 38.69 17.68 -3.00
C ARG H 91 39.33 18.17 -1.71
N GLY H 92 40.65 18.10 -1.61
CA GLY H 92 41.32 18.52 -0.39
C GLY H 92 41.42 20.04 -0.26
N LEU H 93 41.67 20.72 -1.37
CA LEU H 93 41.76 22.17 -1.34
C LEU H 93 40.38 22.83 -1.26
N SER H 94 39.34 22.13 -1.67
CA SER H 94 37.98 22.66 -1.66
C SER H 94 37.32 22.60 -0.30
N ILE H 95 38.03 22.16 0.73
CA ILE H 95 37.46 22.04 2.07
C ILE H 95 38.21 22.86 3.11
N ASN H 96 39.48 23.20 2.89
CA ASN H 96 40.26 23.87 3.92
C ASN H 96 40.03 25.37 3.85
N LYS H 97 40.07 26.00 5.02
CA LYS H 97 39.99 27.46 5.11
C LYS H 97 41.23 28.06 5.75
N LYS H 98 42.22 27.24 6.11
CA LYS H 98 43.44 27.75 6.67
C LYS H 98 44.30 28.39 5.56
N PRO H 99 45.09 29.40 5.91
CA PRO H 99 45.95 30.03 4.89
C PRO H 99 46.92 29.02 4.30
N LEU H 100 47.23 29.19 3.02
CA LEU H 100 48.14 28.31 2.31
C LEU H 100 49.41 29.06 1.96
N LEU H 101 50.55 28.40 2.15
CA LEU H 101 51.82 28.88 1.63
C LEU H 101 52.41 27.82 0.72
N HIS H 102 52.73 28.19 -0.50
CA HIS H 102 53.26 27.26 -1.50
C HIS H 102 54.77 27.42 -1.53
N LEU H 103 55.47 26.50 -0.87
CA LEU H 103 56.93 26.52 -0.84
C LEU H 103 57.46 25.82 -2.09
N HIS H 104 58.18 26.56 -2.92
CA HIS H 104 58.81 26.02 -4.13
C HIS H 104 60.30 25.90 -3.87
N THR H 105 60.79 24.67 -3.77
CA THR H 105 62.17 24.45 -3.38
C THR H 105 62.63 23.08 -3.84
N GLN H 106 63.95 22.93 -3.93
CA GLN H 106 64.62 21.67 -4.23
C GLN H 106 65.60 21.39 -3.11
N TYR H 107 65.61 20.16 -2.61
CA TYR H 107 66.35 19.89 -1.38
C TYR H 107 67.86 20.06 -1.58
N ASN H 108 68.37 19.70 -2.75
CA ASN H 108 69.78 19.90 -3.07
C ASN H 108 69.92 21.20 -3.84
N ARG H 109 70.98 21.96 -3.53
CA ARG H 109 71.18 23.27 -4.14
C ARG H 109 71.65 23.14 -5.59
N GLU H 110 72.84 22.59 -5.79
CA GLU H 110 73.44 22.48 -7.11
C GLU H 110 73.00 21.18 -7.79
N ILE H 111 73.48 20.97 -9.00
CA ILE H 111 73.13 19.80 -9.82
C ILE H 111 74.32 18.87 -9.86
N PRO H 112 74.17 17.59 -9.50
CA PRO H 112 75.25 16.62 -9.72
C PRO H 112 75.52 16.41 -11.19
N TRP H 113 76.38 17.24 -11.78
CA TRP H 113 76.55 17.24 -13.24
C TRP H 113 76.98 15.87 -13.76
N ASP H 114 77.79 15.15 -12.99
CA ASP H 114 78.31 13.87 -13.46
C ASP H 114 77.48 12.68 -13.02
N THR H 115 76.46 12.87 -12.19
CA THR H 115 75.72 11.74 -11.63
C THR H 115 74.21 11.92 -11.79
N ILE H 116 73.76 12.85 -12.63
CA ILE H 116 72.33 13.01 -12.89
C ILE H 116 71.88 11.88 -13.81
N ASP H 117 71.04 11.00 -13.31
CA ASP H 117 70.51 9.87 -14.05
C ASP H 117 69.00 9.84 -13.91
N MET H 118 68.37 8.87 -14.58
CA MET H 118 66.92 8.79 -14.54
C MET H 118 66.39 8.36 -13.18
N ASP H 119 67.20 7.69 -12.35
CA ASP H 119 66.77 7.32 -10.99
C ASP H 119 66.90 8.46 -9.99
N TYR H 120 67.56 9.57 -10.36
CA TYR H 120 67.66 10.82 -9.62
C TYR H 120 66.66 11.84 -10.12
N MET H 121 66.48 11.89 -11.45
CA MET H 121 65.49 12.73 -12.10
C MET H 121 64.09 12.30 -11.70
N ASN H 122 63.88 10.98 -11.49
CA ASN H 122 62.58 10.49 -11.01
C ASN H 122 62.29 10.88 -9.55
N LEU H 123 63.34 11.12 -8.74
CA LEU H 123 63.16 11.50 -7.34
C LEU H 123 62.86 12.99 -7.21
N ASN H 124 63.74 13.84 -7.73
CA ASN H 124 63.58 15.29 -7.59
C ASN H 124 62.84 15.86 -8.79
N GLN H 125 61.54 15.58 -8.82
CA GLN H 125 60.63 16.18 -9.81
C GLN H 125 60.02 17.47 -9.29
N SER H 126 60.82 18.30 -8.61
CA SER H 126 60.27 19.49 -7.97
C SER H 126 59.96 20.58 -8.98
N ALA H 127 60.82 20.77 -9.99
CA ALA H 127 60.67 21.88 -10.92
C ALA H 127 59.33 21.81 -11.65
N HIS H 128 59.01 20.66 -12.22
CA HIS H 128 57.74 20.46 -12.91
C HIS H 128 56.71 19.75 -12.04
N GLY H 129 56.96 19.62 -10.74
CA GLY H 129 56.01 18.99 -9.84
C GLY H 129 54.96 19.95 -9.33
N ASP H 130 55.40 21.05 -8.73
CA ASP H 130 54.47 22.02 -8.18
C ASP H 130 54.05 23.09 -9.18
N ARG H 131 54.63 23.13 -10.38
CA ARG H 131 54.04 23.98 -11.41
C ARG H 131 52.64 23.48 -11.75
N GLU H 132 52.51 22.16 -11.91
CA GLU H 132 51.22 21.52 -12.07
C GLU H 132 50.33 21.77 -10.87
N HIS H 133 50.92 21.87 -9.68
CA HIS H 133 50.12 22.10 -8.48
C HIS H 133 49.62 23.54 -8.43
N GLY H 134 50.50 24.51 -8.73
CA GLY H 134 50.07 25.89 -8.78
C GLY H 134 49.00 26.14 -9.81
N PHE H 135 48.97 25.32 -10.88
CA PHE H 135 47.88 25.47 -11.84
C PHE H 135 46.53 25.21 -11.17
N ILE H 136 46.44 24.19 -10.30
CA ILE H 136 45.14 23.90 -9.70
C ILE H 136 44.70 25.01 -8.77
N HIS H 137 45.65 25.78 -8.21
CA HIS H 137 45.28 26.94 -7.39
C HIS H 137 44.77 28.07 -8.29
N ALA H 138 45.54 28.43 -9.32
CA ALA H 138 45.06 29.44 -10.25
C ALA H 138 43.70 29.08 -10.82
N ARG H 139 43.46 27.79 -11.04
CA ARG H 139 42.19 27.34 -11.60
C ARG H 139 41.06 27.46 -10.59
N MET H 140 41.29 27.02 -9.36
CA MET H 140 40.23 27.10 -8.35
C MET H 140 40.11 28.48 -7.72
N ARG H 141 40.91 29.46 -8.16
CA ARG H 141 40.87 30.82 -7.62
C ARG H 141 41.01 30.84 -6.10
N LEU H 142 41.91 30.03 -5.61
CA LEU H 142 42.18 29.87 -4.19
C LEU H 142 43.28 30.82 -3.76
N PRO H 143 43.13 31.51 -2.63
CA PRO H 143 44.18 32.45 -2.20
C PRO H 143 45.34 31.73 -1.54
N ARG H 144 46.55 32.14 -1.90
CA ARG H 144 47.74 31.53 -1.32
C ARG H 144 48.95 32.41 -1.56
N LYS H 145 50.00 32.14 -0.78
CA LYS H 145 51.29 32.81 -0.92
C LYS H 145 52.28 31.85 -1.55
N VAL H 146 52.95 32.30 -2.61
CA VAL H 146 53.93 31.50 -3.35
C VAL H 146 55.32 32.00 -2.99
N VAL H 147 56.21 31.07 -2.66
CA VAL H 147 57.57 31.38 -2.23
C VAL H 147 58.54 30.44 -2.95
N VAL H 148 59.53 31.00 -3.62
CA VAL H 148 60.50 30.24 -4.40
C VAL H 148 61.90 30.49 -3.85
N GLY H 149 62.66 29.42 -3.71
CA GLY H 149 64.02 29.51 -3.23
C GLY H 149 64.41 28.25 -2.47
N HIS H 150 65.71 28.04 -2.35
CA HIS H 150 66.22 26.87 -1.64
C HIS H 150 66.10 27.08 -0.14
N TRP H 151 65.60 26.06 0.56
CA TRP H 151 65.27 26.21 1.98
C TRP H 151 66.48 26.54 2.85
N GLU H 152 67.70 26.35 2.33
CA GLU H 152 68.88 26.73 3.08
C GLU H 152 69.16 28.23 3.03
N GLU H 153 68.65 28.91 2.00
CA GLU H 153 68.83 30.36 1.90
C GLU H 153 68.02 31.08 2.97
N LYS H 154 68.53 32.23 3.41
CA LYS H 154 67.89 32.98 4.49
C LYS H 154 66.74 33.86 4.02
N GLU H 155 66.81 34.39 2.81
CA GLU H 155 65.78 35.31 2.31
C GLU H 155 64.42 34.62 2.22
N VAL H 156 64.41 33.41 1.64
CA VAL H 156 63.19 32.63 1.55
C VAL H 156 62.67 32.28 2.93
N ARG H 157 63.58 32.05 3.88
CA ARG H 157 63.14 31.75 5.24
C ARG H 157 62.49 32.97 5.89
N GLU H 158 62.97 34.18 5.55
CA GLU H 158 62.33 35.38 6.06
C GLU H 158 60.92 35.51 5.51
N LYS H 159 60.76 35.24 4.21
CA LYS H 159 59.43 35.33 3.61
C LYS H 159 58.46 34.35 4.27
N ILE H 160 58.88 33.09 4.41
CA ILE H 160 57.98 32.09 4.97
C ILE H 160 57.69 32.36 6.44
N ALA H 161 58.63 32.95 7.18
CA ALA H 161 58.35 33.22 8.59
C ALA H 161 57.39 34.38 8.76
N LYS H 162 57.53 35.43 7.94
CA LYS H 162 56.55 36.51 7.98
C LYS H 162 55.16 35.96 7.65
N TRP H 163 55.08 35.04 6.67
CA TRP H 163 53.77 34.45 6.39
C TRP H 163 53.26 33.65 7.56
N MET H 164 54.14 32.99 8.32
CA MET H 164 53.68 32.26 9.49
C MET H 164 53.05 33.19 10.51
N ARG H 165 53.72 34.32 10.78
CA ARG H 165 53.17 35.28 11.74
C ARG H 165 51.81 35.77 11.29
N VAL H 166 51.67 36.06 9.99
CA VAL H 166 50.38 36.54 9.51
C VAL H 166 49.33 35.44 9.57
N ALA H 167 49.71 34.21 9.23
CA ALA H 167 48.76 33.10 9.21
C ALA H 167 48.26 32.73 10.59
N CYS H 168 49.00 33.07 11.64
CA CYS H 168 48.43 32.90 12.97
C CYS H 168 47.78 34.16 13.51
N ALA H 169 48.06 35.32 12.92
CA ALA H 169 47.35 36.54 13.33
C ALA H 169 45.87 36.46 13.00
N ILE H 170 45.49 35.79 11.90
CA ILE H 170 44.08 35.69 11.54
C ILE H 170 43.33 34.75 12.47
N GLN H 171 44.02 33.76 13.04
CA GLN H 171 43.37 32.81 13.93
C GLN H 171 42.95 33.46 15.24
N ASP H 172 43.74 34.41 15.74
CA ASP H 172 43.35 35.20 16.91
C ASP H 172 42.37 36.28 16.46
N GLY H 173 41.21 35.82 16.01
CA GLY H 173 40.19 36.68 15.44
C GLY H 173 39.04 35.84 14.92
N ARG H 174 39.37 34.67 14.37
CA ARG H 174 38.33 33.70 14.04
C ARG H 174 37.79 33.03 15.29
N MET H 175 38.64 32.84 16.30
CA MET H 175 38.26 32.25 17.57
C MET H 175 37.88 33.31 18.59
N GLY H 176 38.67 34.38 18.70
CA GLY H 176 38.46 35.39 19.70
C GLY H 176 37.21 36.22 19.46
N GLN H 177 36.95 37.13 20.40
CA GLN H 177 35.77 37.97 20.37
C GLN H 177 36.17 39.36 20.84
N ILE H 178 35.54 40.39 20.26
CA ILE H 178 35.80 41.78 20.59
C ILE H 178 34.61 42.34 21.37
N VAL H 179 34.93 43.09 22.43
CA VAL H 179 33.96 43.59 23.40
C VAL H 179 33.85 45.10 23.25
N ARG H 180 32.63 45.61 23.24
CA ARG H 180 32.37 47.04 23.10
C ARG H 180 31.70 47.55 24.36
N PHE H 181 32.27 48.57 24.98
CA PHE H 181 31.62 49.25 26.10
C PHE H 181 31.04 50.55 25.55
N GLY H 182 29.79 50.49 25.13
CA GLY H 182 29.16 51.61 24.45
C GLY H 182 29.30 51.53 22.95
N ASP H 183 28.35 52.16 22.26
CA ASP H 183 28.32 52.13 20.80
C ASP H 183 29.25 53.21 20.25
N ASN H 184 29.17 53.47 18.94
CA ASN H 184 30.04 54.42 18.28
C ASN H 184 29.67 55.85 18.67
N MET H 185 30.62 56.76 18.45
CA MET H 185 30.34 58.18 18.57
C MET H 185 29.25 58.58 17.57
N ARG H 186 28.32 59.42 18.04
CA ARG H 186 27.15 59.76 17.23
C ARG H 186 27.56 60.50 15.96
N GLU H 187 26.88 60.16 14.86
CA GLU H 187 27.03 60.76 13.53
C GLU H 187 28.38 60.48 12.89
N VAL H 188 29.25 59.69 13.52
CA VAL H 188 30.54 59.32 12.95
C VAL H 188 30.34 58.11 12.04
N ALA H 189 30.95 58.17 10.86
CA ALA H 189 30.74 57.17 9.82
C ALA H 189 31.91 56.22 9.62
N SER H 190 33.15 56.71 9.68
CA SER H 190 34.30 55.86 9.37
C SER H 190 34.50 54.76 10.41
N THR H 191 34.04 54.98 11.64
CA THR H 191 34.12 53.95 12.66
C THR H 191 33.05 52.88 12.51
N GLU H 192 31.97 53.17 11.78
CA GLU H 192 30.89 52.23 11.61
C GLU H 192 31.25 51.16 10.58
N GLY H 193 30.54 50.03 10.67
CA GLY H 193 30.72 48.93 9.76
C GLY H 193 29.67 47.86 10.04
N ASP H 194 29.66 46.85 9.18
CA ASP H 194 28.72 45.74 9.30
C ASP H 194 29.31 44.68 10.22
N LYS H 195 28.72 44.52 11.40
CA LYS H 195 29.23 43.54 12.36
C LYS H 195 29.11 42.12 11.86
N VAL H 196 28.18 41.85 10.94
CA VAL H 196 27.99 40.50 10.43
C VAL H 196 28.98 40.18 9.31
N GLU H 197 29.20 41.14 8.40
CA GLU H 197 30.14 40.92 7.32
C GLU H 197 31.57 40.76 7.84
N ALA H 198 31.85 41.28 9.03
CA ALA H 198 33.17 41.07 9.61
C ALA H 198 33.34 39.62 10.06
N GLN H 199 32.31 39.04 10.67
CA GLN H 199 32.38 37.62 11.02
C GLN H 199 32.41 36.75 9.77
N ILE H 200 31.72 37.16 8.71
CA ILE H 200 31.67 36.32 7.51
C ILE H 200 33.02 36.38 6.77
N LYS H 201 33.63 37.56 6.67
CA LYS H 201 34.86 37.71 5.91
C LYS H 201 36.10 37.53 6.79
N LEU H 202 36.23 38.36 7.83
CA LEU H 202 37.41 38.33 8.70
C LEU H 202 37.27 37.34 9.84
N GLY H 203 36.06 36.98 10.22
CA GLY H 203 35.84 36.09 11.34
C GLY H 203 35.71 36.78 12.68
N TRP H 204 35.94 38.10 12.74
CA TRP H 204 35.89 38.83 14.00
C TRP H 204 34.50 38.82 14.61
N SER H 205 34.31 38.04 15.67
CA SER H 205 33.10 38.15 16.45
C SER H 205 33.12 39.43 17.28
N ILE H 206 31.98 40.12 17.34
CA ILE H 206 31.91 41.45 17.92
C ILE H 206 30.59 41.60 18.66
N ASN H 207 30.65 42.09 19.90
CA ASN H 207 29.42 42.34 20.63
C ASN H 207 29.58 43.53 21.57
N THR H 208 28.43 44.08 21.99
CA THR H 208 28.37 45.31 22.77
C THR H 208 27.69 45.07 24.11
N TRP H 209 28.22 45.74 25.14
CA TRP H 209 27.72 45.71 26.51
C TRP H 209 27.56 47.14 27.01
N GLY H 210 26.61 47.34 27.93
CA GLY H 210 26.45 48.63 28.56
C GLY H 210 27.61 48.98 29.48
N VAL H 211 27.87 50.28 29.60
CA VAL H 211 28.98 50.75 30.43
C VAL H 211 28.73 50.51 31.91
N GLY H 212 27.47 50.42 32.33
CA GLY H 212 27.17 50.07 33.71
C GLY H 212 27.72 48.72 34.09
N GLU H 213 27.86 47.82 33.12
CA GLU H 213 28.47 46.52 33.39
C GLU H 213 29.90 46.70 33.89
N LEU H 214 30.63 47.66 33.33
CA LEU H 214 31.98 47.96 33.79
C LEU H 214 31.97 48.75 35.10
N ALA H 215 30.97 49.64 35.26
CA ALA H 215 30.88 50.44 36.48
C ALA H 215 30.55 49.57 37.70
N GLU H 216 29.91 48.42 37.51
CA GLU H 216 29.71 47.51 38.61
C GLU H 216 31.03 46.93 39.09
N ARG H 217 31.90 46.55 38.14
CA ARG H 217 33.15 45.88 38.49
C ARG H 217 34.20 46.85 39.03
N VAL H 218 34.16 48.11 38.64
CA VAL H 218 35.25 49.01 39.05
C VAL H 218 35.21 49.30 40.54
N LYS H 219 34.04 49.21 41.18
CA LYS H 219 33.91 49.61 42.58
C LYS H 219 34.18 48.48 43.56
N ALA H 220 33.90 47.23 43.18
CA ALA H 220 34.06 46.08 44.07
C ALA H 220 35.48 45.51 44.06
N VAL H 221 36.47 46.32 43.71
CA VAL H 221 37.84 45.84 43.60
C VAL H 221 38.45 45.74 45.00
N PRO H 222 39.16 44.67 45.33
CA PRO H 222 39.86 44.60 46.61
C PRO H 222 40.91 45.71 46.72
N GLU H 223 41.21 46.09 47.97
CA GLU H 223 42.07 47.24 48.21
C GLU H 223 43.55 46.90 48.08
N ARG H 224 43.96 45.75 48.62
CA ARG H 224 45.38 45.39 48.58
C ARG H 224 45.85 44.94 47.20
N GLU H 225 45.01 45.09 46.17
CA GLU H 225 45.45 44.80 44.80
C GLU H 225 45.94 46.05 44.07
N VAL H 226 45.48 47.23 44.48
CA VAL H 226 45.86 48.45 43.78
C VAL H 226 47.23 48.96 44.23
N GLU H 227 47.59 48.75 45.50
CA GLU H 227 48.92 49.13 45.97
C GLU H 227 50.00 48.19 45.43
N GLU H 228 49.66 46.91 45.28
CA GLU H 228 50.55 45.97 44.59
C GLU H 228 50.77 46.36 43.14
N LEU H 229 49.82 47.11 42.56
CA LEU H 229 50.06 47.69 41.23
C LEU H 229 50.87 48.97 41.32
N LEU H 230 50.70 49.74 42.40
CA LEU H 230 51.46 50.99 42.54
C LEU H 230 52.94 50.72 42.74
N LYS H 231 53.31 49.61 43.37
CA LYS H 231 54.75 49.33 43.51
C LYS H 231 55.38 49.07 42.14
N GLU H 232 54.70 48.34 41.26
CA GLU H 232 55.18 48.16 39.90
C GLU H 232 55.20 49.49 39.15
N TYR H 233 54.16 50.29 39.32
CA TYR H 233 54.14 51.64 38.73
C TYR H 233 55.37 52.43 39.14
N ARG H 234 55.77 52.33 40.40
CA ARG H 234 56.97 53.02 40.86
C ARG H 234 58.22 52.42 40.23
N GLU H 235 58.26 51.10 40.08
CA GLU H 235 59.39 50.47 39.40
C GLU H 235 59.50 50.90 37.94
N LYS H 236 58.40 51.34 37.31
CA LYS H 236 58.48 51.71 35.90
C LYS H 236 58.14 53.18 35.62
N TYR H 237 57.22 53.79 36.37
CA TYR H 237 56.76 55.13 36.01
C TYR H 237 56.71 56.07 37.21
N ILE H 238 55.50 56.59 37.50
CA ILE H 238 55.18 57.40 38.67
C ILE H 238 55.76 58.81 38.58
N MET H 239 54.89 59.84 39.00
CA MET H 239 54.84 61.28 39.21
C MET H 239 55.14 61.59 40.69
N PRO H 240 55.81 62.75 40.96
CA PRO H 240 56.33 63.05 42.31
C PRO H 240 55.78 62.31 43.51
N GLU H 241 54.81 62.89 44.22
CA GLU H 241 54.41 62.38 45.52
C GLU H 241 52.90 62.15 45.59
N ASP H 242 52.47 61.55 46.70
CA ASP H 242 51.07 61.26 46.96
C ASP H 242 50.26 62.53 47.10
N GLU H 243 49.57 62.92 46.02
CA GLU H 243 48.72 64.10 46.05
C GLU H 243 47.39 63.77 45.38
N TYR H 244 46.79 64.74 44.70
CA TYR H 244 45.64 64.44 43.85
C TYR H 244 46.04 63.60 42.64
N SER H 245 47.33 63.56 42.31
CA SER H 245 47.79 62.78 41.18
C SER H 245 47.71 61.28 41.46
N LEU H 246 47.92 60.86 42.71
CA LEU H 246 47.86 59.44 43.04
C LEU H 246 46.43 58.94 43.22
N LYS H 247 45.47 59.85 43.43
CA LYS H 247 44.07 59.46 43.48
C LYS H 247 43.63 58.91 42.12
N ALA H 248 44.05 59.58 41.05
CA ALA H 248 43.74 59.09 39.71
C ALA H 248 44.48 57.79 39.43
N ILE H 249 45.63 57.58 40.06
CA ILE H 249 46.35 56.32 39.86
C ILE H 249 45.58 55.17 40.49
N ARG H 250 45.02 55.38 41.69
CA ARG H 250 44.22 54.31 42.28
C ARG H 250 42.93 54.09 41.50
N GLU H 251 42.36 55.17 40.93
CA GLU H 251 41.16 55.00 40.12
C GLU H 251 41.47 54.19 38.86
N GLN H 252 42.59 54.49 38.20
CA GLN H 252 42.99 53.72 37.04
C GLN H 252 43.33 52.28 37.41
N ALA H 253 43.85 52.05 38.62
CA ALA H 253 44.18 50.69 39.02
C ALA H 253 42.91 49.85 39.22
N LYS H 254 41.88 50.42 39.84
CA LYS H 254 40.65 49.65 39.98
C LYS H 254 39.97 49.45 38.62
N ILE H 255 40.11 50.41 37.71
CA ILE H 255 39.57 50.21 36.36
C ILE H 255 40.34 49.12 35.63
N GLU H 256 41.66 49.08 35.79
CA GLU H 256 42.47 48.04 35.16
C GLU H 256 42.10 46.66 35.68
N ILE H 257 41.87 46.53 36.98
CA ILE H 257 41.51 45.22 37.51
C ILE H 257 40.11 44.81 37.02
N ALA H 258 39.18 45.77 36.93
CA ALA H 258 37.86 45.44 36.41
C ALA H 258 37.93 45.00 34.95
N LEU H 259 38.73 45.68 34.14
CA LEU H 259 38.88 45.31 32.74
C LEU H 259 39.53 43.94 32.59
N ARG H 260 40.56 43.67 33.40
CA ARG H 260 41.21 42.37 33.35
C ARG H 260 40.23 41.26 33.68
N GLU H 261 39.39 41.48 34.70
CA GLU H 261 38.40 40.47 35.06
C GLU H 261 37.35 40.30 33.97
N PHE H 262 36.94 41.40 33.32
CA PHE H 262 35.85 41.32 32.35
C PHE H 262 36.31 40.65 31.05
N LEU H 263 37.42 41.14 30.48
CA LEU H 263 37.82 40.67 29.16
C LEU H 263 38.23 39.20 29.16
N ALA H 264 38.83 38.71 30.25
CA ALA H 264 39.22 37.31 30.29
C ALA H 264 38.01 36.38 30.38
N ALA H 265 36.94 36.82 31.05
CA ALA H 265 35.78 35.96 31.25
C ALA H 265 35.00 35.72 29.97
N ALA H 266 35.19 36.53 28.94
CA ALA H 266 34.41 36.43 27.70
C ALA H 266 35.29 36.20 26.48
N ASN H 267 36.42 35.52 26.67
CA ASN H 267 37.37 35.17 25.60
C ASN H 267 37.57 36.32 24.63
N ALA H 268 38.13 37.41 25.15
CA ALA H 268 38.30 38.64 24.38
C ALA H 268 39.71 38.74 23.84
N VAL H 269 39.84 39.43 22.71
CA VAL H 269 41.14 39.77 22.16
C VAL H 269 41.33 41.27 21.97
N GLY H 270 40.26 42.03 21.81
CA GLY H 270 40.33 43.47 21.78
C GLY H 270 39.08 44.05 22.41
N PHE H 271 39.14 45.33 22.72
CA PHE H 271 37.99 46.01 23.29
C PHE H 271 38.01 47.47 22.87
N THR H 272 36.84 48.11 22.97
CA THR H 272 36.69 49.49 22.57
C THR H 272 35.74 50.21 23.51
N THR H 273 36.03 51.47 23.77
CA THR H 273 35.25 52.31 24.66
C THR H 273 34.77 53.56 23.90
N THR H 274 34.03 54.40 24.62
CA THR H 274 33.57 55.68 24.10
C THR H 274 33.66 56.72 25.21
N PHE H 275 34.03 57.95 24.84
CA PHE H 275 34.31 58.97 25.83
C PHE H 275 33.08 59.78 26.24
N GLU H 276 32.02 59.76 25.44
CA GLU H 276 30.80 60.49 25.73
C GLU H 276 29.74 59.62 26.39
N ASP H 277 30.11 58.43 26.86
CA ASP H 277 29.17 57.52 27.49
C ASP H 277 29.96 56.67 28.50
N LEU H 278 30.11 57.21 29.71
CA LEU H 278 30.84 56.55 30.78
C LEU H 278 30.12 56.79 32.11
N HIS H 279 28.83 56.45 32.14
CA HIS H 279 28.01 56.72 33.32
C HIS H 279 28.47 55.86 34.49
N ASP H 280 28.49 56.47 35.68
CA ASP H 280 28.91 55.88 36.95
C ASP H 280 30.41 55.58 36.99
N LEU H 281 31.14 55.77 35.89
CA LEU H 281 32.60 55.65 35.92
C LEU H 281 33.20 56.97 36.37
N PRO H 282 33.92 57.00 37.50
CA PRO H 282 34.43 58.28 38.02
C PRO H 282 35.50 58.93 37.15
N GLN H 283 36.02 58.24 36.14
CA GLN H 283 37.13 58.78 35.37
C GLN H 283 37.24 58.04 34.04
N LEU H 284 37.60 58.79 33.00
CA LEU H 284 37.77 58.21 31.67
C LEU H 284 38.91 57.20 31.68
N PRO H 285 38.70 55.98 31.17
CA PRO H 285 39.77 54.99 31.14
C PRO H 285 40.96 55.45 30.32
N GLY H 286 42.11 55.57 30.98
CA GLY H 286 43.34 56.03 30.38
C GLY H 286 44.49 55.05 30.55
N LEU H 287 45.30 55.29 31.58
CA LEU H 287 46.46 54.46 31.89
C LEU H 287 46.14 52.97 31.85
N ALA H 288 44.94 52.57 32.29
CA ALA H 288 44.58 51.16 32.29
C ALA H 288 44.53 50.60 30.88
N VAL H 289 44.05 51.41 29.92
CA VAL H 289 44.02 50.97 28.53
C VAL H 289 45.44 50.77 28.01
N GLN H 290 46.36 51.67 28.35
CA GLN H 290 47.74 51.50 27.94
C GLN H 290 48.36 50.26 28.57
N ARG H 291 48.00 49.96 29.83
CA ARG H 291 48.52 48.77 30.48
C ARG H 291 48.02 47.50 29.79
N LEU H 292 46.76 47.50 29.38
CA LEU H 292 46.23 46.33 28.69
C LEU H 292 46.78 46.22 27.27
N MET H 293 46.97 47.35 26.59
CA MET H 293 47.54 47.32 25.25
C MET H 293 49.00 46.87 25.26
N GLU H 294 49.73 47.15 26.35
CA GLU H 294 51.12 46.73 26.43
C GLU H 294 51.26 45.22 26.39
N GLU H 295 50.26 44.48 26.86
CA GLU H 295 50.31 43.03 26.83
C GLU H 295 49.98 42.48 25.45
N GLY H 296 48.88 42.92 24.85
CA GLY H 296 48.45 42.39 23.57
C GLY H 296 47.05 42.81 23.18
N TYR H 297 46.23 43.15 24.17
CA TYR H 297 44.86 43.57 23.90
C TYR H 297 44.81 44.73 22.92
N GLY H 298 44.09 44.54 21.81
CA GLY H 298 43.86 45.64 20.90
C GLY H 298 42.81 46.59 21.44
N PHE H 299 42.91 47.85 21.02
CA PHE H 299 42.01 48.87 21.53
C PHE H 299 41.68 49.88 20.45
N GLY H 300 40.43 50.32 20.44
CA GLY H 300 40.00 51.44 19.63
C GLY H 300 39.11 52.35 20.44
N ALA H 301 39.17 53.64 20.11
CA ALA H 301 38.41 54.65 20.82
C ALA H 301 37.21 55.08 20.00
N GLU H 302 36.28 55.76 20.67
CA GLU H 302 35.09 56.31 20.03
C GLU H 302 34.25 55.22 19.36
N GLY H 303 34.33 53.99 19.86
CA GLY H 303 33.57 52.88 19.34
C GLY H 303 34.19 52.16 18.15
N ASP H 304 35.36 52.61 17.69
CA ASP H 304 36.00 52.05 16.50
C ASP H 304 36.45 50.62 16.79
N TRP H 305 35.64 49.65 16.38
CA TRP H 305 36.04 48.25 16.49
C TRP H 305 36.92 47.80 15.33
N LYS H 306 36.87 48.52 14.21
CA LYS H 306 37.78 48.22 13.10
C LYS H 306 39.23 48.36 13.58
N ALA H 307 39.55 49.50 14.18
CA ALA H 307 40.90 49.73 14.66
C ALA H 307 41.26 48.79 15.80
N ALA H 308 40.30 48.46 16.66
CA ALA H 308 40.59 47.55 17.76
C ALA H 308 41.01 46.18 17.25
N GLY H 309 40.22 45.61 16.33
CA GLY H 309 40.58 44.31 15.78
C GLY H 309 41.85 44.35 14.96
N LEU H 310 42.05 45.43 14.20
CA LEU H 310 43.26 45.56 13.39
C LEU H 310 44.49 45.68 14.28
N VAL H 311 44.40 46.48 15.35
CA VAL H 311 45.51 46.62 16.29
C VAL H 311 45.81 45.29 16.95
N ARG H 312 44.77 44.52 17.30
CA ARG H 312 45.01 43.22 17.93
C ARG H 312 45.77 42.29 16.99
N ALA H 313 45.30 42.15 15.74
CA ALA H 313 45.98 41.24 14.82
C ALA H 313 47.39 41.73 14.50
N ILE H 314 47.55 43.05 14.29
CA ILE H 314 48.84 43.61 13.93
C ILE H 314 49.80 43.64 15.12
N LYS H 315 49.26 43.50 16.33
CA LYS H 315 50.09 43.28 17.51
C LYS H 315 50.50 41.82 17.63
N VAL H 316 49.62 40.91 17.22
CA VAL H 316 49.99 39.50 17.20
C VAL H 316 51.12 39.28 16.19
N MET H 317 51.10 40.01 15.08
CA MET H 317 52.21 39.91 14.13
C MET H 317 53.53 40.37 14.73
N GLY H 318 53.66 41.66 15.02
CA GLY H 318 54.87 42.20 15.62
C GLY H 318 54.99 41.90 17.11
N THR H 319 55.47 40.70 17.45
CA THR H 319 55.51 40.23 18.82
C THR H 319 56.90 39.92 19.35
N SER H 320 57.94 40.05 18.56
CA SER H 320 59.26 39.61 18.99
C SER H 320 60.14 40.79 19.33
N LEU H 321 61.40 40.69 18.92
CA LEU H 321 62.37 41.69 19.33
C LEU H 321 62.04 43.09 18.83
N PRO H 322 61.69 43.31 17.56
CA PRO H 322 61.48 44.70 17.13
C PRO H 322 60.09 45.22 17.47
N GLY H 323 59.46 44.72 18.53
CA GLY H 323 58.09 45.08 18.88
C GLY H 323 57.78 46.56 18.97
N GLY H 324 56.51 46.92 18.77
CA GLY H 324 56.09 48.31 18.81
C GLY H 324 54.85 48.59 17.98
N THR H 325 53.67 48.37 18.55
CA THR H 325 52.40 48.58 17.88
C THR H 325 51.47 49.36 18.79
N SER H 326 50.80 50.38 18.22
CA SER H 326 49.95 51.27 18.99
C SER H 326 48.73 51.68 18.18
N PHE H 327 47.72 52.15 18.92
CA PHE H 327 46.53 52.78 18.35
C PHE H 327 46.84 54.25 18.12
N MET H 328 46.68 54.72 16.89
CA MET H 328 47.11 56.06 16.51
C MET H 328 45.95 56.86 15.93
N GLU H 329 46.05 58.18 16.05
CA GLU H 329 45.12 59.11 15.43
C GLU H 329 45.93 60.27 14.87
N ASP H 330 45.86 60.47 13.56
CA ASP H 330 46.59 61.55 12.92
C ASP H 330 46.11 62.88 13.51
N TYR H 331 46.91 63.47 14.40
CA TYR H 331 46.43 64.56 15.23
C TYR H 331 46.74 65.94 14.67
N THR H 332 47.98 66.19 14.25
CA THR H 332 48.28 67.53 13.75
C THR H 332 49.41 67.45 12.73
N TYR H 333 49.56 68.50 11.93
CA TYR H 333 50.57 68.55 10.89
C TYR H 333 51.64 69.60 11.20
N HIS H 334 52.76 69.49 10.50
CA HIS H 334 53.83 70.47 10.50
C HIS H 334 54.14 70.79 9.05
N LEU H 335 53.79 72.01 8.61
CA LEU H 335 53.69 72.33 7.19
C LEU H 335 54.89 73.12 6.67
N THR H 336 56.08 72.90 7.23
CA THR H 336 57.26 73.52 6.65
C THR H 336 57.56 72.86 5.30
N PRO H 337 57.99 73.65 4.30
CA PRO H 337 58.09 73.10 2.93
C PRO H 337 59.00 71.90 2.79
N GLY H 338 60.23 71.96 3.32
CA GLY H 338 61.16 70.88 3.09
C GLY H 338 61.01 69.71 4.05
N ASN H 339 60.49 69.96 5.24
CA ASN H 339 60.40 68.94 6.28
C ASN H 339 58.99 68.85 6.84
N GLU H 340 58.01 68.69 5.94
CA GLU H 340 56.62 68.59 6.37
C GLU H 340 56.38 67.25 7.06
N LEU H 341 55.91 67.30 8.30
CA LEU H 341 55.72 66.13 9.14
C LEU H 341 54.29 66.05 9.62
N VAL H 342 54.01 65.02 10.42
CA VAL H 342 52.72 64.87 11.07
C VAL H 342 52.95 64.33 12.48
N LEU H 343 52.36 64.98 13.46
CA LEU H 343 52.47 64.63 14.87
C LEU H 343 51.26 63.78 15.22
N GLY H 344 51.51 62.53 15.55
CA GLY H 344 50.47 61.58 15.90
C GLY H 344 50.42 61.34 17.41
N ALA H 345 49.20 61.31 17.93
CA ALA H 345 48.92 61.09 19.34
C ALA H 345 47.42 60.87 19.48
N HIS H 346 46.97 60.68 20.71
CA HIS H 346 45.54 60.65 21.00
C HIS H 346 45.25 61.55 22.20
N MET H 347 44.05 61.43 22.78
CA MET H 347 43.76 62.19 23.99
C MET H 347 44.37 61.54 25.23
N LEU H 348 44.56 60.22 25.21
CA LEU H 348 45.13 59.51 26.36
C LEU H 348 45.87 58.24 25.93
N GLU H 349 45.24 57.44 25.08
CA GLU H 349 45.65 56.05 24.85
C GLU H 349 46.69 55.98 23.74
N VAL H 350 47.95 55.84 24.13
CA VAL H 350 49.06 55.52 23.22
C VAL H 350 49.86 54.40 23.86
N CYS H 351 50.11 53.34 23.09
CA CYS H 351 50.77 52.16 23.65
C CYS H 351 52.21 52.49 24.05
N PRO H 352 52.65 52.03 25.22
CA PRO H 352 54.04 52.29 25.65
C PRO H 352 55.07 51.39 25.01
N THR H 353 54.72 50.65 23.95
CA THR H 353 55.68 49.79 23.28
C THR H 353 56.52 50.55 22.27
N ILE H 354 55.94 51.58 21.64
CA ILE H 354 56.64 52.41 20.68
C ILE H 354 57.42 53.51 21.40
N ALA H 355 57.46 53.46 22.73
CA ALA H 355 58.11 54.51 23.49
C ALA H 355 59.62 54.44 23.36
N LYS H 356 60.27 55.60 23.26
CA LYS H 356 61.72 55.71 23.26
C LYS H 356 62.31 56.02 24.64
N GLU H 357 61.58 56.77 25.47
CA GLU H 357 62.05 57.18 26.77
C GLU H 357 61.34 56.37 27.85
N LYS H 358 61.51 56.78 29.10
CA LYS H 358 60.82 56.12 30.21
C LYS H 358 59.37 56.59 30.25
N PRO H 359 58.40 55.68 30.17
CA PRO H 359 56.99 56.09 30.23
C PRO H 359 56.69 56.81 31.55
N ARG H 360 56.38 58.10 31.48
CA ARG H 360 56.19 58.91 32.67
C ARG H 360 54.70 59.13 32.91
N ILE H 361 54.22 58.78 34.12
CA ILE H 361 52.82 59.01 34.45
C ILE H 361 52.60 60.49 34.68
N GLU H 362 51.55 61.02 34.05
CA GLU H 362 51.15 62.40 34.23
C GLU H 362 49.63 62.50 34.25
N VAL H 363 49.14 63.49 34.99
CA VAL H 363 47.72 63.85 35.02
C VAL H 363 47.61 65.31 34.64
N HIS H 364 46.60 65.63 33.83
CA HIS H 364 46.43 66.96 33.27
C HIS H 364 44.93 67.23 33.15
N PRO H 365 44.52 68.50 33.14
CA PRO H 365 43.10 68.82 32.96
C PRO H 365 42.60 68.34 31.60
N LEU H 366 41.59 67.47 31.63
CA LEU H 366 40.99 66.94 30.41
C LEU H 366 39.47 66.97 30.58
N SER H 367 38.82 67.89 29.88
CA SER H 367 37.38 68.07 29.99
C SER H 367 36.59 67.17 29.04
N ILE H 368 37.26 66.38 28.21
CA ILE H 368 36.56 65.54 27.23
C ILE H 368 35.77 64.47 27.98
N GLY H 369 34.45 64.47 27.81
CA GLY H 369 33.56 63.54 28.46
C GLY H 369 33.19 63.86 29.89
N GLY H 370 33.81 64.88 30.49
CA GLY H 370 33.35 65.36 31.79
C GLY H 370 33.61 64.46 32.97
N LYS H 371 34.87 64.10 33.24
CA LYS H 371 35.21 63.31 34.41
C LYS H 371 36.40 63.95 35.12
N ALA H 372 37.12 63.13 35.88
CA ALA H 372 38.24 63.58 36.70
C ALA H 372 39.54 63.30 35.97
N ASP H 373 40.50 64.23 36.11
CA ASP H 373 41.78 64.20 35.41
C ASP H 373 42.39 62.80 35.36
N PRO H 374 42.32 62.14 34.22
CA PRO H 374 42.82 60.75 34.13
C PRO H 374 44.32 60.72 33.95
N ALA H 375 44.90 59.59 34.33
CA ALA H 375 46.34 59.42 34.20
C ALA H 375 46.70 58.99 32.77
N ARG H 376 47.97 59.19 32.43
CA ARG H 376 48.43 58.86 31.10
C ARG H 376 49.94 58.68 31.13
N LEU H 377 50.45 57.97 30.13
CA LEU H 377 51.88 57.77 29.97
C LEU H 377 52.41 58.71 28.91
N VAL H 378 53.53 59.37 29.20
CA VAL H 378 54.15 60.35 28.33
C VAL H 378 55.53 59.86 27.94
N PHE H 379 55.83 59.94 26.64
CA PHE H 379 57.10 59.49 26.06
C PHE H 379 57.17 60.01 24.63
N ASP H 380 58.40 60.06 24.10
CA ASP H 380 58.64 60.44 22.72
C ASP H 380 58.61 59.20 21.83
N GLY H 381 58.41 59.44 20.53
CA GLY H 381 58.29 58.34 19.58
C GLY H 381 59.62 57.67 19.29
N GLN H 382 59.51 56.53 18.61
CA GLN H 382 60.66 55.72 18.21
C GLN H 382 61.20 56.16 16.85
N GLU H 383 62.44 55.76 16.57
CA GLU H 383 63.09 56.05 15.31
C GLU H 383 62.92 54.88 14.34
N GLY H 384 63.33 55.10 13.10
CA GLY H 384 63.29 54.08 12.08
C GLY H 384 62.02 54.08 11.25
N PRO H 385 61.92 53.15 10.30
CA PRO H 385 60.72 53.08 9.46
C PRO H 385 59.58 52.36 10.17
N ALA H 386 58.36 52.74 9.82
CA ALA H 386 57.16 52.15 10.39
C ALA H 386 56.05 52.18 9.35
N VAL H 387 54.89 51.64 9.72
CA VAL H 387 53.71 51.61 8.86
C VAL H 387 52.51 52.08 9.66
N ASN H 388 51.51 52.60 8.95
CA ASN H 388 50.29 53.11 9.53
C ASN H 388 49.13 52.55 8.72
N ALA H 389 48.37 51.61 9.29
CA ALA H 389 47.34 50.90 8.54
C ALA H 389 45.95 51.29 9.03
N SER H 390 44.95 50.97 8.21
CA SER H 390 43.56 51.24 8.54
C SER H 390 42.65 50.43 7.63
N ILE H 391 41.77 49.64 8.23
CA ILE H 391 40.72 48.91 7.52
C ILE H 391 39.46 49.74 7.59
N VAL H 392 38.75 49.86 6.47
CA VAL H 392 37.54 50.67 6.43
C VAL H 392 36.47 49.96 5.61
N ASP H 393 35.22 50.18 6.01
CA ASP H 393 34.07 49.53 5.39
C ASP H 393 33.62 50.34 4.18
N MET H 394 33.42 49.63 3.06
CA MET H 394 33.05 50.24 1.79
C MET H 394 31.64 49.84 1.37
N GLY H 395 30.79 49.48 2.33
CA GLY H 395 29.44 49.08 2.02
C GLY H 395 29.31 47.61 1.71
N ASN H 396 29.86 47.20 0.56
CA ASN H 396 29.81 45.81 0.12
C ASN H 396 31.04 45.02 0.54
N ARG H 397 32.09 45.68 1.00
CA ARG H 397 33.34 45.00 1.30
C ARG H 397 34.19 45.93 2.18
N PHE H 398 35.26 45.37 2.71
CA PHE H 398 36.27 46.13 3.44
C PHE H 398 37.46 46.38 2.52
N ARG H 399 38.15 47.49 2.75
CA ARG H 399 39.44 47.72 2.11
C ARG H 399 40.46 48.16 3.14
N LEU H 400 41.71 47.76 2.89
CA LEU H 400 42.83 47.98 3.79
C LEU H 400 43.77 49.00 3.16
N VAL H 401 43.85 50.19 3.72
CA VAL H 401 44.79 51.21 3.29
C VAL H 401 45.97 51.20 4.24
N VAL H 402 47.19 51.23 3.69
CA VAL H 402 48.39 51.18 4.50
C VAL H 402 49.39 52.21 3.95
N ASN H 403 49.99 52.99 4.85
CA ASN H 403 50.93 54.04 4.49
C ASN H 403 52.27 53.72 5.12
N LYS H 404 53.31 53.62 4.29
CA LYS H 404 54.67 53.45 4.79
C LYS H 404 55.23 54.81 5.19
N VAL H 405 55.78 54.90 6.41
CA VAL H 405 56.27 56.15 6.95
C VAL H 405 57.68 55.94 7.51
N LEU H 406 58.39 57.04 7.68
CA LEU H 406 59.73 57.05 8.27
C LEU H 406 59.68 57.94 9.52
N SER H 407 59.80 57.34 10.70
CA SER H 407 59.72 58.10 11.94
C SER H 407 61.04 58.85 12.18
N VAL H 408 60.92 60.04 12.75
CA VAL H 408 62.06 60.91 12.96
C VAL H 408 62.16 61.26 14.45
N PRO H 409 63.35 61.54 14.96
CA PRO H 409 63.47 61.94 16.36
C PRO H 409 62.88 63.32 16.60
N ILE H 410 62.36 63.53 17.81
CA ILE H 410 61.72 64.78 18.16
C ILE H 410 62.81 65.82 18.38
N GLU H 411 62.74 66.93 17.63
CA GLU H 411 63.80 67.94 17.71
C GLU H 411 63.66 68.82 18.94
N ARG H 412 62.46 69.32 19.20
CA ARG H 412 62.20 70.17 20.36
C ARG H 412 61.25 69.49 21.33
N LYS H 413 61.32 69.91 22.59
CA LYS H 413 60.47 69.36 23.63
C LYS H 413 59.18 70.15 23.73
N MET H 414 58.15 69.50 24.26
CA MET H 414 56.81 70.05 24.37
C MET H 414 56.35 69.97 25.82
N PRO H 415 56.50 71.06 26.58
CA PRO H 415 56.18 70.99 28.02
C PRO H 415 54.70 70.92 28.33
N LYS H 416 53.85 71.56 27.53
CA LYS H 416 52.43 71.65 27.85
C LYS H 416 51.61 70.60 27.11
N LEU H 417 52.23 69.81 26.24
CA LEU H 417 51.51 68.74 25.56
C LEU H 417 51.42 67.53 26.48
N PRO H 418 50.22 67.12 26.90
CA PRO H 418 50.11 66.11 27.95
C PRO H 418 50.21 64.67 27.47
N THR H 419 49.99 64.40 26.19
CA THR H 419 49.94 63.03 25.69
C THR H 419 51.22 62.67 24.96
N ALA H 420 51.58 61.39 25.01
CA ALA H 420 52.73 60.89 24.26
C ALA H 420 52.51 61.10 22.77
N ARG H 421 53.62 61.29 22.05
CA ARG H 421 53.55 61.75 20.68
C ARG H 421 54.62 61.08 19.83
N VAL H 422 54.37 61.02 18.53
CA VAL H 422 55.35 60.52 17.56
C VAL H 422 55.37 61.45 16.35
N LEU H 423 56.54 61.57 15.73
CA LEU H 423 56.73 62.35 14.51
C LEU H 423 57.27 61.45 13.40
N TRP H 424 56.69 61.59 12.20
CA TRP H 424 57.10 60.77 11.08
C TRP H 424 56.84 61.50 9.76
N LYS H 425 57.45 60.97 8.70
CA LYS H 425 57.32 61.45 7.34
C LYS H 425 56.52 60.44 6.54
N PRO H 426 55.39 60.82 5.95
CA PRO H 426 54.67 59.89 5.06
C PRO H 426 55.37 59.77 3.72
N LEU H 427 55.65 58.53 3.31
CA LEU H 427 56.34 58.31 2.05
C LEU H 427 55.36 58.36 0.89
N PRO H 428 55.73 58.98 -0.25
CA PRO H 428 57.02 59.66 -0.43
C PRO H 428 56.97 61.10 0.07
N ASP H 429 55.85 61.77 -0.19
CA ASP H 429 55.62 63.14 0.23
C ASP H 429 54.36 63.18 1.07
N PHE H 430 54.33 64.12 2.02
CA PHE H 430 53.13 64.28 2.85
C PHE H 430 51.93 64.64 2.00
N LYS H 431 52.13 65.49 0.99
CA LYS H 431 51.02 65.87 0.10
C LYS H 431 50.48 64.64 -0.63
N ARG H 432 51.37 63.90 -1.28
CA ARG H 432 50.94 62.75 -2.07
C ARG H 432 50.31 61.68 -1.19
N ALA H 433 51.00 61.32 -0.09
CA ALA H 433 50.52 60.24 0.75
C ALA H 433 49.19 60.59 1.43
N THR H 434 49.03 61.85 1.83
CA THR H 434 47.79 62.21 2.52
C THR H 434 46.64 62.39 1.53
N THR H 435 46.91 62.94 0.34
CA THR H 435 45.84 63.02 -0.65
C THR H 435 45.45 61.63 -1.17
N ALA H 436 46.37 60.67 -1.15
CA ALA H 436 46.01 59.30 -1.50
C ALA H 436 45.28 58.61 -0.36
N TRP H 437 45.62 58.94 0.88
CA TRP H 437 44.86 58.43 2.01
C TRP H 437 43.42 58.94 1.98
N ILE H 438 43.23 60.19 1.55
CA ILE H 438 41.88 60.73 1.45
C ILE H 438 41.14 60.15 0.25
N LEU H 439 41.84 59.94 -0.86
CA LEU H 439 41.22 59.31 -2.02
C LEU H 439 40.74 57.91 -1.68
N ALA H 440 41.58 57.12 -1.00
CA ALA H 440 41.19 55.77 -0.62
C ALA H 440 40.14 55.75 0.49
N GLY H 441 39.85 56.89 1.12
CA GLY H 441 38.88 56.94 2.19
C GLY H 441 39.34 56.34 3.49
N GLY H 442 40.60 56.58 3.86
CA GLY H 442 41.12 56.02 5.10
C GLY H 442 40.56 56.73 6.32
N SER H 443 40.27 55.95 7.36
CA SER H 443 39.73 56.50 8.59
C SER H 443 40.79 57.31 9.33
N HIS H 444 40.33 58.14 10.26
CA HIS H 444 41.25 58.88 11.10
C HIS H 444 41.87 58.01 12.18
N HIS H 445 41.17 56.97 12.64
CA HIS H 445 41.74 56.00 13.56
C HIS H 445 42.62 55.04 12.77
N THR H 446 43.91 54.97 13.12
CA THR H 446 44.85 54.11 12.43
C THR H 446 45.55 53.18 13.43
N ALA H 447 46.36 52.29 12.88
CA ALA H 447 47.13 51.31 13.63
C ALA H 447 48.58 51.58 13.26
N PHE H 448 49.29 52.26 14.15
CA PHE H 448 50.70 52.57 13.95
C PHE H 448 51.54 51.39 14.40
N SER H 449 52.54 51.01 13.62
CA SER H 449 53.36 49.87 14.00
C SER H 449 54.77 50.03 13.47
N THR H 450 55.76 49.80 14.33
CA THR H 450 57.15 49.83 13.93
C THR H 450 57.73 48.42 13.80
N ALA H 451 57.00 47.40 14.27
CA ALA H 451 57.50 46.03 14.31
C ALA H 451 57.30 45.27 13.01
N ILE H 452 56.48 45.77 12.08
CA ILE H 452 56.13 45.01 10.89
C ILE H 452 56.41 45.83 9.64
N ASP H 453 56.46 45.12 8.51
CA ASP H 453 56.62 45.71 7.20
C ASP H 453 55.29 45.69 6.45
N VAL H 454 55.28 46.31 5.26
CA VAL H 454 54.10 46.26 4.41
C VAL H 454 53.84 44.83 3.91
N GLU H 455 54.90 44.01 3.83
CA GLU H 455 54.77 42.62 3.42
C GLU H 455 53.79 41.86 4.31
N TYR H 456 53.79 42.18 5.60
CA TYR H 456 52.91 41.50 6.54
C TYR H 456 51.45 41.78 6.21
N LEU H 457 51.08 43.06 6.12
CA LEU H 457 49.70 43.41 5.82
C LEU H 457 49.31 42.97 4.42
N ILE H 458 50.27 42.89 3.50
CA ILE H 458 49.92 42.45 2.16
C ILE H 458 49.55 40.97 2.19
N ASP H 459 50.24 40.18 3.02
CA ASP H 459 49.81 38.78 3.14
C ASP H 459 48.54 38.64 3.98
N TRP H 460 48.29 39.57 4.89
CA TRP H 460 47.02 39.56 5.63
C TRP H 460 45.84 39.77 4.68
N ALA H 461 45.92 40.80 3.85
CA ALA H 461 44.83 41.09 2.93
C ALA H 461 44.72 40.02 1.85
N GLU H 462 45.86 39.46 1.42
CA GLU H 462 45.83 38.40 0.41
C GLU H 462 45.18 37.14 0.97
N ALA H 463 45.45 36.81 2.24
CA ALA H 463 44.88 35.62 2.83
C ALA H 463 43.40 35.80 3.13
N LEU H 464 42.96 37.00 3.47
CA LEU H 464 41.54 37.21 3.75
C LEU H 464 40.75 37.68 2.52
N GLU H 465 41.41 37.88 1.38
CA GLU H 465 40.75 38.26 0.12
C GLU H 465 40.03 39.59 0.24
N ILE H 466 40.75 40.61 0.72
CA ILE H 466 40.22 41.96 0.76
C ILE H 466 41.18 42.86 -0.01
N GLU H 467 40.65 44.00 -0.46
CA GLU H 467 41.43 44.95 -1.24
C GLU H 467 42.53 45.55 -0.39
N TYR H 468 43.72 45.70 -0.96
CA TYR H 468 44.82 46.37 -0.29
C TYR H 468 45.37 47.45 -1.21
N VAL H 469 45.68 48.60 -0.62
CA VAL H 469 46.29 49.72 -1.34
C VAL H 469 47.43 50.24 -0.47
N VAL H 470 48.63 50.29 -1.05
CA VAL H 470 49.83 50.69 -0.32
C VAL H 470 50.27 52.08 -0.78
N ILE H 471 50.89 52.82 0.13
CA ILE H 471 51.39 54.16 -0.19
C ILE H 471 52.90 54.16 -0.03
N ASP H 472 53.58 53.30 -0.80
CA ASP H 472 55.03 53.19 -0.76
C ASP H 472 55.68 54.40 -1.42
N GLU H 473 57.01 54.36 -1.51
CA GLU H 473 57.74 55.39 -2.25
C GLU H 473 57.34 55.40 -3.72
N ASN H 474 57.04 54.24 -4.28
CA ASN H 474 56.60 54.13 -5.66
C ASN H 474 55.16 54.56 -5.86
N LEU H 475 54.74 55.61 -5.15
CA LEU H 475 53.36 56.08 -5.20
C LEU H 475 53.23 57.08 -6.35
N ASP H 476 52.49 56.69 -7.38
CA ASP H 476 52.10 57.58 -8.47
C ASP H 476 50.62 57.87 -8.31
N LEU H 477 50.28 59.15 -8.16
CA LEU H 477 48.93 59.52 -7.75
C LEU H 477 47.91 59.12 -8.81
N GLU H 478 48.24 59.32 -10.09
CA GLU H 478 47.31 58.97 -11.16
C GLU H 478 47.13 57.46 -11.26
N ASP H 479 48.21 56.71 -11.12
CA ASP H 479 48.12 55.26 -11.15
C ASP H 479 47.35 54.74 -9.94
N PHE H 480 47.49 55.39 -8.79
CA PHE H 480 46.71 55.03 -7.62
C PHE H 480 45.23 55.29 -7.87
N LYS H 481 44.93 56.39 -8.57
CA LYS H 481 43.55 56.71 -8.90
C LYS H 481 42.93 55.64 -9.76
N LYS H 482 43.64 55.22 -10.82
CA LYS H 482 43.12 54.13 -11.66
C LYS H 482 43.03 52.82 -10.90
N GLU H 483 43.99 52.58 -10.00
CA GLU H 483 44.00 51.34 -9.22
C GLU H 483 42.76 51.21 -8.37
N LEU H 484 42.28 52.33 -7.82
CA LEU H 484 41.09 52.27 -6.97
C LEU H 484 39.88 51.78 -7.77
N ARG H 485 39.69 52.30 -8.98
CA ARG H 485 38.50 51.93 -9.73
C ARG H 485 38.62 50.54 -10.34
N TRP H 486 39.84 50.13 -10.72
CA TRP H 486 39.98 48.76 -11.19
C TRP H 486 39.77 47.75 -10.06
N ASN H 487 40.14 48.08 -8.83
CA ASN H 487 39.91 47.16 -7.74
C ASN H 487 38.44 47.11 -7.34
N GLU H 488 37.72 48.22 -7.48
CA GLU H 488 36.35 48.24 -6.96
C GLU H 488 35.47 47.17 -7.58
N LEU H 489 35.66 46.87 -8.87
CA LEU H 489 34.77 45.91 -9.50
C LEU H 489 35.26 44.47 -9.37
N TYR H 490 36.57 44.27 -9.32
CA TYR H 490 37.09 42.93 -9.09
C TYR H 490 36.70 42.44 -7.70
N TRP H 491 36.89 43.27 -6.68
CA TRP H 491 36.46 42.85 -5.35
C TRP H 491 34.97 43.05 -5.12
N GLY H 492 34.28 43.72 -6.04
CA GLY H 492 32.84 43.89 -5.94
C GLY H 492 32.11 42.65 -6.35
N LEU H 493 32.40 42.13 -7.54
CA LEU H 493 31.73 40.90 -7.97
C LEU H 493 32.45 39.65 -7.48
N LEU H 494 33.68 39.43 -7.96
CA LEU H 494 34.49 38.32 -7.48
C LEU H 494 35.05 38.61 -6.09
N LYS H 495 35.52 37.55 -5.45
CA LYS H 495 36.19 37.67 -4.15
C LYS H 495 37.24 36.57 -4.00
N MET I 1 -20.71 -73.05 -20.36
CA MET I 1 -21.60 -74.02 -19.73
C MET I 1 -21.10 -74.39 -18.34
N ILE I 2 -21.13 -73.42 -17.43
CA ILE I 2 -20.64 -73.57 -16.07
C ILE I 2 -21.85 -73.74 -15.16
N ASP I 3 -21.94 -74.92 -14.53
CA ASP I 3 -23.04 -75.30 -13.67
C ASP I 3 -22.51 -75.57 -12.26
N LEU I 4 -23.43 -75.84 -11.34
CA LEU I 4 -23.09 -76.01 -9.93
C LEU I 4 -23.12 -77.50 -9.59
N LYS I 5 -22.11 -77.95 -8.86
CA LYS I 5 -22.01 -79.35 -8.45
C LYS I 5 -20.87 -79.55 -7.46
N GLN I 6 -19.77 -78.84 -7.67
CA GLN I 6 -18.59 -79.00 -6.81
C GLN I 6 -18.77 -78.38 -5.44
N TYR I 7 -19.66 -77.40 -5.28
CA TYR I 7 -19.81 -76.72 -4.02
C TYR I 7 -20.39 -77.67 -2.97
N GLU I 8 -19.80 -77.64 -1.78
CA GLU I 8 -20.17 -78.53 -0.68
C GLU I 8 -20.63 -77.69 0.50
N PHE I 9 -21.51 -78.26 1.31
CA PHE I 9 -22.01 -77.57 2.49
C PHE I 9 -21.63 -78.34 3.74
N TRP I 10 -21.14 -77.62 4.75
CA TRP I 10 -20.56 -78.21 5.94
C TRP I 10 -21.63 -78.33 7.02
N PHE I 11 -22.09 -79.55 7.27
CA PHE I 11 -22.99 -79.80 8.39
C PHE I 11 -22.20 -79.78 9.69
N LEU I 12 -22.73 -79.08 10.69
CA LEU I 12 -22.00 -78.76 11.91
C LEU I 12 -22.88 -79.07 13.11
N VAL I 13 -22.44 -80.03 13.92
CA VAL I 13 -23.17 -80.45 15.12
C VAL I 13 -22.40 -79.97 16.34
N GLY I 14 -23.13 -79.54 17.35
CA GLY I 14 -22.54 -78.90 18.53
C GLY I 14 -22.79 -79.70 19.79
N SER I 15 -21.78 -79.73 20.65
CA SER I 15 -21.87 -80.33 21.97
C SER I 15 -20.87 -79.61 22.86
N GLN I 16 -20.55 -80.19 24.01
CA GLN I 16 -19.57 -79.61 24.90
C GLN I 16 -18.71 -80.70 25.53
N TYR I 17 -17.52 -80.28 25.98
CA TYR I 17 -16.61 -81.20 26.65
C TYR I 17 -17.16 -81.64 28.00
N LEU I 18 -18.08 -80.87 28.59
CA LEU I 18 -18.70 -81.22 29.87
C LEU I 18 -19.75 -82.32 29.73
N TYR I 19 -19.46 -83.31 28.89
CA TYR I 19 -20.35 -84.45 28.68
C TYR I 19 -19.51 -85.72 28.67
N GLY I 20 -20.18 -86.85 28.86
CA GLY I 20 -19.50 -88.12 28.75
C GLY I 20 -19.16 -88.44 27.31
N LEU I 21 -17.98 -89.03 27.12
CA LEU I 21 -17.56 -89.42 25.78
C LEU I 21 -18.44 -90.52 25.20
N GLU I 22 -19.28 -91.14 26.03
CA GLU I 22 -20.15 -92.21 25.56
C GLU I 22 -21.29 -91.65 24.72
N THR I 23 -21.94 -90.58 25.22
CA THR I 23 -23.06 -89.99 24.51
C THR I 23 -22.66 -89.15 23.30
N LEU I 24 -21.39 -88.75 23.20
CA LEU I 24 -20.95 -87.96 22.05
C LEU I 24 -20.92 -88.80 20.77
N LYS I 25 -20.50 -90.06 20.87
CA LYS I 25 -20.48 -90.90 19.68
C LYS I 25 -21.89 -91.20 19.19
N LYS I 26 -22.87 -91.19 20.09
CA LYS I 26 -24.26 -91.31 19.65
C LYS I 26 -24.67 -90.12 18.80
N VAL I 27 -24.17 -88.93 19.15
CA VAL I 27 -24.44 -87.75 18.35
C VAL I 27 -23.77 -87.87 16.99
N GLU I 28 -22.53 -88.34 16.95
CA GLU I 28 -21.87 -88.53 15.66
C GLU I 28 -22.62 -89.53 14.79
N GLN I 29 -23.09 -90.63 15.38
CA GLN I 29 -23.80 -91.64 14.60
C GLN I 29 -25.12 -91.10 14.08
N GLN I 30 -25.86 -90.37 14.91
CA GLN I 30 -27.15 -89.85 14.48
C GLN I 30 -26.97 -88.79 13.39
N ALA I 31 -25.96 -87.94 13.55
CA ALA I 31 -25.69 -86.93 12.53
C ALA I 31 -25.27 -87.56 11.21
N SER I 32 -24.48 -88.64 11.26
CA SER I 32 -24.13 -89.32 10.03
C SER I 32 -25.35 -89.94 9.36
N LYS I 33 -26.24 -90.53 10.17
CA LYS I 33 -27.46 -91.11 9.63
C LYS I 33 -28.34 -90.05 9.00
N ILE I 34 -28.28 -88.82 9.51
CA ILE I 34 -29.09 -87.76 8.92
C ILE I 34 -28.46 -87.23 7.64
N VAL I 35 -27.15 -86.96 7.64
CA VAL I 35 -26.52 -86.31 6.49
C VAL I 35 -26.44 -87.27 5.30
N ASP I 36 -26.30 -88.58 5.55
CA ASP I 36 -26.24 -89.50 4.43
C ASP I 36 -27.60 -89.60 3.74
N SER I 37 -28.68 -89.69 4.53
CA SER I 37 -30.02 -89.66 3.97
C SER I 37 -30.32 -88.31 3.33
N LEU I 38 -29.65 -87.25 3.77
CA LEU I 38 -29.82 -85.96 3.14
C LEU I 38 -29.21 -85.95 1.75
N ASN I 39 -28.03 -86.54 1.60
CA ASN I 39 -27.45 -86.65 0.27
C ASN I 39 -28.22 -87.63 -0.62
N ASP I 40 -28.95 -88.58 -0.03
CA ASP I 40 -29.71 -89.51 -0.86
C ASP I 40 -30.87 -88.81 -1.60
N ASP I 41 -31.40 -87.73 -1.03
CA ASP I 41 -32.52 -87.02 -1.67
C ASP I 41 -32.01 -86.14 -2.81
N PRO I 42 -32.56 -86.26 -4.01
CA PRO I 42 -32.07 -85.47 -5.15
C PRO I 42 -32.53 -84.03 -5.18
N ILE I 43 -33.33 -83.58 -4.21
CA ILE I 43 -33.78 -82.19 -4.22
C ILE I 43 -32.61 -81.25 -3.94
N PHE I 44 -31.69 -81.68 -3.08
CA PHE I 44 -30.53 -80.85 -2.76
C PHE I 44 -29.60 -80.78 -3.97
N PRO I 45 -29.24 -79.57 -4.42
CA PRO I 45 -28.39 -79.44 -5.60
C PRO I 45 -26.90 -79.60 -5.32
N SER I 46 -26.50 -79.77 -4.06
CA SER I 46 -25.08 -79.88 -3.72
C SER I 46 -24.92 -80.90 -2.61
N LYS I 47 -23.67 -81.33 -2.42
CA LYS I 47 -23.36 -82.35 -1.43
C LYS I 47 -23.20 -81.75 -0.03
N ILE I 48 -23.26 -82.63 0.96
CA ILE I 48 -23.10 -82.27 2.35
C ILE I 48 -21.86 -83.00 2.88
N VAL I 49 -21.18 -82.35 3.82
CA VAL I 49 -19.96 -82.88 4.42
C VAL I 49 -20.10 -82.73 5.93
N LEU I 50 -20.23 -83.85 6.63
CA LEU I 50 -20.28 -83.83 8.08
C LEU I 50 -18.86 -83.73 8.63
N LYS I 51 -18.65 -82.81 9.57
CA LYS I 51 -17.36 -82.65 10.22
C LYS I 51 -17.47 -83.00 11.70
N PRO I 52 -16.38 -83.43 12.34
CA PRO I 52 -16.47 -83.99 13.69
C PRO I 52 -17.19 -83.06 14.67
N VAL I 53 -17.91 -83.68 15.60
CA VAL I 53 -18.72 -82.94 16.56
C VAL I 53 -17.83 -82.04 17.40
N LEU I 54 -18.26 -80.79 17.56
CA LEU I 54 -17.47 -79.77 18.25
C LEU I 54 -17.83 -79.74 19.73
N LYS I 55 -16.82 -79.64 20.57
CA LYS I 55 -17.02 -79.64 22.02
C LYS I 55 -16.41 -78.43 22.70
N SER I 56 -15.25 -77.95 22.24
CA SER I 56 -14.58 -76.79 22.83
C SER I 56 -14.68 -75.60 21.89
N SER I 57 -14.32 -74.43 22.41
CA SER I 57 -14.40 -73.21 21.63
C SER I 57 -13.37 -73.19 20.51
N SER I 58 -12.18 -73.73 20.78
CA SER I 58 -11.11 -73.71 19.78
C SER I 58 -11.50 -74.55 18.56
N GLU I 59 -12.21 -75.65 18.77
CA GLU I 59 -12.69 -76.44 17.63
C GLU I 59 -13.70 -75.65 16.82
N ILE I 60 -14.53 -74.84 17.50
CA ILE I 60 -15.51 -74.00 16.80
C ILE I 60 -14.79 -73.04 15.85
N THR I 61 -13.82 -72.31 16.39
CA THR I 61 -13.12 -71.34 15.55
C THR I 61 -12.28 -72.03 14.48
N GLU I 62 -11.74 -73.21 14.78
CA GLU I 62 -10.95 -73.94 13.79
C GLU I 62 -11.81 -74.33 12.60
N ILE I 63 -13.03 -74.81 12.87
CA ILE I 63 -13.91 -75.20 11.76
C ILE I 63 -14.33 -73.99 10.95
N PHE I 64 -14.68 -72.87 11.61
CA PHE I 64 -15.06 -71.71 10.81
C PHE I 64 -13.89 -71.15 10.01
N GLU I 65 -12.67 -71.24 10.54
CA GLU I 65 -11.51 -70.82 9.76
C GLU I 65 -11.33 -71.70 8.52
N LYS I 66 -11.49 -73.02 8.67
CA LYS I 66 -11.40 -73.87 7.50
C LYS I 66 -12.55 -73.66 6.54
N ALA I 67 -13.70 -73.21 7.05
CA ALA I 67 -14.83 -72.93 6.17
C ALA I 67 -14.54 -71.69 5.32
N ASN I 68 -13.88 -70.69 5.91
CA ASN I 68 -13.48 -69.53 5.13
C ASN I 68 -12.26 -69.78 4.26
N ALA I 69 -11.52 -70.86 4.51
CA ALA I 69 -10.33 -71.13 3.71
C ALA I 69 -10.62 -71.98 2.48
N ASP I 70 -11.49 -72.97 2.59
CA ASP I 70 -11.79 -73.86 1.47
C ASP I 70 -12.72 -73.16 0.48
N PRO I 71 -12.28 -72.91 -0.76
CA PRO I 71 -13.16 -72.24 -1.73
C PRO I 71 -14.35 -73.09 -2.18
N LYS I 72 -14.29 -74.41 -2.02
CA LYS I 72 -15.42 -75.24 -2.40
C LYS I 72 -16.57 -75.13 -1.41
N CYS I 73 -16.31 -74.66 -0.20
CA CYS I 73 -17.36 -74.44 0.78
C CYS I 73 -18.10 -73.15 0.47
N ALA I 74 -19.43 -73.23 0.34
CA ALA I 74 -20.25 -72.07 0.05
C ALA I 74 -21.35 -71.87 1.08
N GLY I 75 -21.26 -72.54 2.23
CA GLY I 75 -22.26 -72.42 3.26
C GLY I 75 -22.02 -73.38 4.40
N VAL I 76 -22.60 -73.07 5.57
CA VAL I 76 -22.46 -73.88 6.77
C VAL I 76 -23.84 -74.05 7.38
N ILE I 77 -24.22 -75.29 7.68
CA ILE I 77 -25.49 -75.61 8.31
C ILE I 77 -25.19 -76.00 9.75
N VAL I 78 -25.77 -75.29 10.70
CA VAL I 78 -25.50 -75.51 12.12
C VAL I 78 -26.73 -76.09 12.77
N TRP I 79 -26.54 -77.15 13.57
CA TRP I 79 -27.63 -77.80 14.29
C TRP I 79 -27.13 -78.28 15.63
N MET I 80 -27.86 -77.94 16.70
CA MET I 80 -27.50 -78.33 18.05
C MET I 80 -28.20 -79.65 18.39
N HIS I 81 -27.44 -80.74 18.34
CA HIS I 81 -27.98 -82.03 18.74
C HIS I 81 -28.28 -82.03 20.23
N THR I 82 -27.33 -81.60 21.04
CA THR I 82 -27.50 -81.42 22.47
C THR I 82 -27.22 -79.96 22.83
N PHE I 83 -27.35 -79.65 24.12
CA PHE I 83 -27.13 -78.29 24.59
C PHE I 83 -25.66 -77.94 24.50
N SER I 84 -25.30 -77.09 23.52
CA SER I 84 -23.94 -76.58 23.39
C SER I 84 -23.93 -75.12 23.82
N PRO I 85 -23.20 -74.77 24.89
CA PRO I 85 -23.21 -73.38 25.35
C PRO I 85 -22.69 -72.41 24.29
N SER I 86 -23.36 -71.26 24.19
CA SER I 86 -23.12 -70.35 23.08
C SER I 86 -21.83 -69.55 23.22
N LYS I 87 -21.36 -69.29 24.44
CA LYS I 87 -20.14 -68.51 24.60
C LYS I 87 -18.93 -69.20 23.98
N MET I 88 -19.03 -70.50 23.71
CA MET I 88 -17.97 -71.18 22.97
C MET I 88 -18.00 -70.80 21.50
N TRP I 89 -19.19 -70.47 20.99
CA TRP I 89 -19.37 -70.14 19.57
C TRP I 89 -19.05 -68.70 19.24
N ILE I 90 -18.78 -67.86 20.25
CA ILE I 90 -18.61 -66.43 20.00
C ILE I 90 -17.39 -66.19 19.11
N ARG I 91 -16.25 -66.79 19.47
CA ARG I 91 -15.06 -66.60 18.66
C ARG I 91 -15.20 -67.23 17.29
N GLY I 92 -16.01 -68.27 17.17
CA GLY I 92 -16.19 -68.94 15.89
C GLY I 92 -17.11 -68.18 14.95
N LEU I 93 -18.17 -67.60 15.49
CA LEU I 93 -19.09 -66.83 14.66
C LEU I 93 -18.54 -65.46 14.30
N SER I 94 -17.62 -64.92 15.10
CA SER I 94 -17.05 -63.61 14.84
C SER I 94 -15.97 -63.64 13.77
N ILE I 95 -15.72 -64.80 13.13
CA ILE I 95 -14.68 -64.91 12.13
C ILE I 95 -15.20 -65.40 10.78
N ASN I 96 -16.35 -66.07 10.72
CA ASN I 96 -16.81 -66.66 9.49
C ASN I 96 -17.59 -65.64 8.66
N LYS I 97 -17.46 -65.76 7.33
CA LYS I 97 -18.22 -64.95 6.40
C LYS I 97 -19.06 -65.78 5.44
N LYS I 98 -19.04 -67.09 5.56
CA LYS I 98 -19.89 -67.92 4.72
C LYS I 98 -21.34 -67.81 5.22
N PRO I 99 -22.31 -67.92 4.31
CA PRO I 99 -23.71 -67.87 4.75
C PRO I 99 -23.99 -69.00 5.73
N LEU I 100 -24.84 -68.72 6.71
CA LEU I 100 -25.17 -69.72 7.72
C LEU I 100 -26.65 -70.08 7.62
N LEU I 101 -26.94 -71.37 7.77
CA LEU I 101 -28.30 -71.85 7.92
C LEU I 101 -28.44 -72.55 9.26
N HIS I 102 -29.43 -72.14 10.04
CA HIS I 102 -29.66 -72.70 11.37
C HIS I 102 -30.76 -73.75 11.26
N LEU I 103 -30.37 -75.01 11.20
CA LEU I 103 -31.31 -76.11 11.09
C LEU I 103 -31.77 -76.50 12.50
N HIS I 104 -33.06 -76.35 12.76
CA HIS I 104 -33.68 -76.73 14.02
C HIS I 104 -34.49 -77.99 13.80
N THR I 105 -34.03 -79.11 14.36
CA THR I 105 -34.65 -80.40 14.07
C THR I 105 -34.31 -81.40 15.18
N GLN I 106 -35.15 -82.41 15.27
CA GLN I 106 -34.96 -83.55 16.16
C GLN I 106 -35.00 -84.83 15.33
N TYR I 107 -34.06 -85.75 15.61
CA TYR I 107 -33.87 -86.89 14.71
C TYR I 107 -35.09 -87.81 14.69
N ASN I 108 -35.75 -87.99 15.83
CA ASN I 108 -36.94 -88.81 15.91
C ASN I 108 -38.19 -87.93 15.82
N ARG I 109 -39.18 -88.42 15.08
CA ARG I 109 -40.40 -87.63 14.87
C ARG I 109 -41.25 -87.60 16.14
N GLU I 110 -41.75 -88.76 16.55
CA GLU I 110 -42.62 -88.85 17.71
C GLU I 110 -41.78 -89.03 18.98
N ILE I 111 -42.45 -89.15 20.11
CA ILE I 111 -41.82 -89.27 21.42
C ILE I 111 -41.98 -90.71 21.89
N PRO I 112 -40.91 -91.40 22.27
CA PRO I 112 -41.07 -92.70 22.91
C PRO I 112 -41.76 -92.56 24.25
N TRP I 113 -43.09 -92.60 24.24
CA TRP I 113 -43.87 -92.29 25.43
C TRP I 113 -43.52 -93.20 26.60
N ASP I 114 -43.21 -94.46 26.31
CA ASP I 114 -42.97 -95.44 27.35
C ASP I 114 -41.51 -95.61 27.73
N THR I 115 -40.58 -94.97 27.01
CA THR I 115 -39.16 -95.20 27.25
C THR I 115 -38.38 -93.89 27.38
N ILE I 116 -39.06 -92.76 27.60
CA ILE I 116 -38.36 -91.50 27.82
C ILE I 116 -37.79 -91.50 29.23
N ASP I 117 -36.47 -91.53 29.33
CA ASP I 117 -35.73 -91.55 30.59
C ASP I 117 -34.65 -90.48 30.54
N MET I 118 -33.92 -90.35 31.65
CA MET I 118 -32.88 -89.32 31.71
C MET I 118 -31.70 -89.62 30.81
N ASP I 119 -31.48 -90.88 30.41
CA ASP I 119 -30.43 -91.18 29.46
C ASP I 119 -30.83 -90.88 28.02
N TYR I 120 -32.10 -90.56 27.77
CA TYR I 120 -32.58 -90.13 26.47
C TYR I 120 -32.76 -88.62 26.38
N MET I 121 -33.28 -88.00 27.44
CA MET I 121 -33.37 -86.54 27.49
C MET I 121 -31.99 -85.89 27.49
N ASN I 122 -30.99 -86.55 28.08
CA ASN I 122 -29.63 -86.03 28.06
C ASN I 122 -29.04 -86.06 26.66
N LEU I 123 -29.52 -86.98 25.82
CA LEU I 123 -29.03 -87.06 24.44
C LEU I 123 -29.72 -86.04 23.56
N ASN I 124 -31.06 -86.07 23.50
CA ASN I 124 -31.81 -85.18 22.64
C ASN I 124 -32.16 -83.88 23.36
N GLN I 125 -31.14 -83.07 23.58
CA GLN I 125 -31.36 -81.71 24.07
C GLN I 125 -31.51 -80.73 22.92
N SER I 126 -32.19 -81.16 21.85
CA SER I 126 -32.29 -80.34 20.65
C SER I 126 -33.27 -79.19 20.85
N ALA I 127 -34.39 -79.45 21.53
CA ALA I 127 -35.44 -78.45 21.63
C ALA I 127 -34.95 -77.17 22.30
N HIS I 128 -34.30 -77.31 23.46
CA HIS I 128 -33.74 -76.16 24.17
C HIS I 128 -32.25 -76.01 23.93
N GLY I 129 -31.69 -76.70 22.94
CA GLY I 129 -30.28 -76.59 22.64
C GLY I 129 -29.94 -75.43 21.73
N ASP I 130 -30.61 -75.35 20.59
CA ASP I 130 -30.35 -74.28 19.64
C ASP I 130 -31.18 -73.04 19.91
N ARG I 131 -32.11 -73.07 20.86
CA ARG I 131 -32.70 -71.81 21.31
C ARG I 131 -31.63 -70.92 21.92
N GLU I 132 -30.78 -71.52 22.76
CA GLU I 132 -29.62 -70.85 23.32
C GLU I 132 -28.67 -70.39 22.22
N HIS I 133 -28.55 -71.18 21.15
CA HIS I 133 -27.65 -70.80 20.07
C HIS I 133 -28.22 -69.65 19.25
N GLY I 134 -29.50 -69.71 18.90
CA GLY I 134 -30.13 -68.61 18.20
C GLY I 134 -30.08 -67.32 18.99
N PHE I 135 -30.02 -67.41 20.31
CA PHE I 135 -29.84 -66.19 21.09
C PHE I 135 -28.53 -65.51 20.75
N ILE I 136 -27.45 -66.27 20.62
CA ILE I 136 -26.16 -65.64 20.35
C ILE I 136 -26.13 -65.01 18.96
N HIS I 137 -26.96 -65.51 18.04
CA HIS I 137 -27.07 -64.89 16.71
C HIS I 137 -27.83 -63.59 16.79
N ALA I 138 -29.03 -63.62 17.39
CA ALA I 138 -29.76 -62.37 17.61
C ALA I 138 -28.92 -61.35 18.35
N ARG I 139 -28.07 -61.81 19.27
CA ARG I 139 -27.22 -60.91 20.04
C ARG I 139 -26.09 -60.32 19.19
N MET I 140 -25.41 -61.17 18.43
CA MET I 140 -24.30 -60.70 17.59
C MET I 140 -24.77 -60.09 16.27
N ARG I 141 -26.09 -60.00 16.05
CA ARG I 141 -26.64 -59.44 14.81
C ARG I 141 -26.09 -60.14 13.58
N LEU I 142 -26.01 -61.46 13.64
CA LEU I 142 -25.44 -62.23 12.55
C LEU I 142 -26.54 -62.65 11.58
N PRO I 143 -26.35 -62.48 10.28
CA PRO I 143 -27.39 -62.88 9.32
C PRO I 143 -27.39 -64.38 9.07
N ARG I 144 -28.58 -64.97 9.09
CA ARG I 144 -28.71 -66.40 8.89
C ARG I 144 -30.17 -66.73 8.58
N LYS I 145 -30.38 -67.94 8.06
CA LYS I 145 -31.70 -68.47 7.78
C LYS I 145 -32.04 -69.52 8.83
N VAL I 146 -33.20 -69.39 9.45
CA VAL I 146 -33.65 -70.30 10.50
C VAL I 146 -34.71 -71.21 9.90
N VAL I 147 -34.56 -72.52 10.11
CA VAL I 147 -35.46 -73.51 9.54
C VAL I 147 -35.78 -74.55 10.61
N VAL I 148 -37.07 -74.78 10.84
CA VAL I 148 -37.55 -75.71 11.86
C VAL I 148 -38.39 -76.79 11.18
N GLY I 149 -38.16 -78.03 11.57
CA GLY I 149 -38.90 -79.16 11.03
C GLY I 149 -38.05 -80.41 11.01
N HIS I 150 -38.72 -81.56 10.92
CA HIS I 150 -38.04 -82.85 10.90
C HIS I 150 -37.44 -83.10 9.52
N TRP I 151 -36.18 -83.55 9.49
CA TRP I 151 -35.44 -83.67 8.25
C TRP I 151 -36.07 -84.68 7.28
N GLU I 152 -36.99 -85.53 7.75
CA GLU I 152 -37.70 -86.43 6.86
C GLU I 152 -38.80 -85.73 6.08
N GLU I 153 -39.32 -84.61 6.60
CA GLU I 153 -40.36 -83.86 5.91
C GLU I 153 -39.82 -83.20 4.64
N LYS I 154 -40.69 -83.08 3.64
CA LYS I 154 -40.29 -82.50 2.36
C LYS I 154 -40.34 -80.98 2.39
N GLU I 155 -41.26 -80.40 3.15
CA GLU I 155 -41.43 -78.95 3.18
C GLU I 155 -40.17 -78.26 3.70
N VAL I 156 -39.62 -78.76 4.81
CA VAL I 156 -38.38 -78.22 5.36
C VAL I 156 -37.21 -78.45 4.40
N ARG I 157 -37.21 -79.58 3.71
CA ARG I 157 -36.11 -79.89 2.80
C ARG I 157 -36.09 -78.94 1.61
N GLU I 158 -37.26 -78.51 1.15
CA GLU I 158 -37.28 -77.54 0.05
C GLU I 158 -36.68 -76.21 0.49
N LYS I 159 -37.01 -75.75 1.70
CA LYS I 159 -36.44 -74.50 2.19
C LYS I 159 -34.92 -74.58 2.30
N ILE I 160 -34.42 -75.66 2.90
CA ILE I 160 -32.97 -75.74 3.06
C ILE I 160 -32.27 -75.87 1.71
N ALA I 161 -32.93 -76.51 0.72
CA ALA I 161 -32.29 -76.62 -0.59
C ALA I 161 -32.30 -75.30 -1.34
N LYS I 162 -33.39 -74.53 -1.23
CA LYS I 162 -33.40 -73.20 -1.82
C LYS I 162 -32.29 -72.34 -1.21
N TRP I 163 -32.08 -72.47 0.11
CA TRP I 163 -30.97 -71.74 0.72
C TRP I 163 -29.63 -72.23 0.19
N MET I 164 -29.50 -73.51 -0.11
CA MET I 164 -28.26 -74.00 -0.70
C MET I 164 -28.00 -73.34 -2.05
N ARG I 165 -29.05 -73.27 -2.89
CA ARG I 165 -28.89 -72.64 -4.20
C ARG I 165 -28.48 -71.18 -4.06
N VAL I 166 -29.08 -70.47 -3.10
CA VAL I 166 -28.71 -69.07 -2.92
C VAL I 166 -27.29 -68.95 -2.35
N ALA I 167 -26.93 -69.82 -1.41
CA ALA I 167 -25.62 -69.77 -0.78
C ALA I 167 -24.50 -70.06 -1.75
N CYS I 168 -24.78 -70.78 -2.84
CA CYS I 168 -23.77 -70.90 -3.87
C CYS I 168 -23.92 -69.85 -4.97
N ALA I 169 -25.08 -69.20 -5.07
CA ALA I 169 -25.22 -68.10 -6.01
C ALA I 169 -24.37 -66.89 -5.61
N ILE I 170 -24.20 -66.64 -4.30
CA ILE I 170 -23.39 -65.51 -3.88
C ILE I 170 -21.91 -65.80 -4.12
N GLN I 171 -21.50 -67.06 -4.05
CA GLN I 171 -20.11 -67.42 -4.26
C GLN I 171 -19.69 -67.21 -5.71
N ASP I 172 -20.61 -67.47 -6.65
CA ASP I 172 -20.38 -67.14 -8.06
C ASP I 172 -20.64 -65.65 -8.24
N GLY I 173 -19.78 -64.86 -7.59
CA GLY I 173 -19.90 -63.42 -7.53
C GLY I 173 -18.82 -62.89 -6.63
N ARG I 174 -18.54 -63.64 -5.56
CA ARG I 174 -17.35 -63.38 -4.75
C ARG I 174 -16.10 -63.87 -5.46
N MET I 175 -16.21 -64.93 -6.26
CA MET I 175 -15.11 -65.48 -7.02
C MET I 175 -15.03 -64.88 -8.42
N GLY I 176 -16.17 -64.81 -9.10
CA GLY I 176 -16.21 -64.33 -10.47
C GLY I 176 -15.96 -62.84 -10.60
N GLN I 177 -15.94 -62.39 -11.85
CA GLN I 177 -15.71 -61.01 -12.19
C GLN I 177 -16.64 -60.65 -13.34
N ILE I 178 -17.14 -59.42 -13.34
CA ILE I 178 -18.06 -58.93 -14.37
C ILE I 178 -17.29 -57.97 -15.27
N VAL I 179 -17.55 -58.11 -16.57
CA VAL I 179 -16.81 -57.42 -17.63
C VAL I 179 -17.72 -56.39 -18.27
N ARG I 180 -17.21 -55.18 -18.50
CA ARG I 180 -17.96 -54.12 -19.13
C ARG I 180 -17.28 -53.75 -20.43
N PHE I 181 -18.01 -53.82 -21.54
CA PHE I 181 -17.51 -53.34 -22.83
C PHE I 181 -18.18 -51.99 -23.09
N GLY I 182 -17.51 -50.93 -22.65
CA GLY I 182 -18.09 -49.59 -22.71
C GLY I 182 -18.83 -49.22 -21.44
N ASP I 183 -18.88 -47.92 -21.17
CA ASP I 183 -19.51 -47.42 -19.95
C ASP I 183 -21.02 -47.35 -20.16
N ASN I 184 -21.71 -46.71 -19.21
CA ASN I 184 -23.15 -46.61 -19.26
C ASN I 184 -23.59 -45.66 -20.37
N MET I 185 -24.85 -45.78 -20.77
CA MET I 185 -25.45 -44.78 -21.63
C MET I 185 -25.45 -43.43 -20.93
N ARG I 186 -25.07 -42.39 -21.67
CA ARG I 186 -24.87 -41.08 -21.05
C ARG I 186 -26.15 -40.54 -20.44
N GLU I 187 -26.00 -39.89 -19.28
CA GLU I 187 -27.05 -39.25 -18.49
C GLU I 187 -28.03 -40.24 -17.87
N VAL I 188 -27.81 -41.54 -18.01
CA VAL I 188 -28.68 -42.52 -17.38
C VAL I 188 -28.22 -42.73 -15.95
N ALA I 189 -29.18 -42.78 -15.02
CA ALA I 189 -28.89 -42.81 -13.60
C ALA I 189 -29.10 -44.17 -12.96
N SER I 190 -30.17 -44.89 -13.30
CA SER I 190 -30.45 -46.16 -12.65
C SER I 190 -29.43 -47.23 -13.00
N THR I 191 -28.79 -47.12 -14.16
CA THR I 191 -27.76 -48.08 -14.54
C THR I 191 -26.43 -47.80 -13.86
N GLU I 192 -26.19 -46.57 -13.41
CA GLU I 192 -24.94 -46.23 -12.74
C GLU I 192 -24.98 -46.69 -11.28
N GLY I 193 -23.79 -46.84 -10.71
CA GLY I 193 -23.69 -47.27 -9.32
C GLY I 193 -22.27 -47.18 -8.84
N ASP I 194 -22.10 -47.47 -7.55
CA ASP I 194 -20.79 -47.44 -6.90
C ASP I 194 -20.12 -48.80 -7.09
N LYS I 195 -19.08 -48.85 -7.91
CA LYS I 195 -18.42 -50.11 -8.21
C LYS I 195 -17.68 -50.67 -6.99
N VAL I 196 -17.29 -49.81 -6.04
CA VAL I 196 -16.55 -50.26 -4.87
C VAL I 196 -17.50 -50.81 -3.82
N GLU I 197 -18.64 -50.16 -3.62
CA GLU I 197 -19.62 -50.64 -2.65
C GLU I 197 -20.18 -51.99 -3.05
N ALA I 198 -20.15 -52.34 -4.34
CA ALA I 198 -20.60 -53.66 -4.75
C ALA I 198 -19.61 -54.74 -4.32
N GLN I 199 -18.32 -54.48 -4.48
CA GLN I 199 -17.32 -55.43 -4.00
C GLN I 199 -17.34 -55.53 -2.47
N ILE I 200 -17.59 -54.41 -1.79
CA ILE I 200 -17.57 -54.46 -0.33
C ILE I 200 -18.80 -55.18 0.22
N LYS I 201 -19.97 -54.94 -0.38
CA LYS I 201 -21.20 -55.51 0.15
C LYS I 201 -21.54 -56.84 -0.52
N LEU I 202 -21.67 -56.86 -1.85
CA LEU I 202 -22.06 -58.07 -2.55
C LEU I 202 -20.87 -58.93 -2.95
N GLY I 203 -19.66 -58.36 -3.05
CA GLY I 203 -18.48 -59.09 -3.44
C GLY I 203 -18.22 -59.12 -4.94
N TRP I 204 -19.15 -58.61 -5.75
CA TRP I 204 -19.01 -58.65 -7.20
C TRP I 204 -17.81 -57.84 -7.68
N SER I 205 -16.75 -58.50 -8.13
CA SER I 205 -15.66 -57.81 -8.78
C SER I 205 -16.12 -57.32 -10.16
N ILE I 206 -15.74 -56.09 -10.51
CA ILE I 206 -16.27 -55.44 -11.70
C ILE I 206 -15.17 -54.63 -12.38
N ASN I 207 -15.03 -54.79 -13.69
CA ASN I 207 -14.03 -53.99 -14.41
C ASN I 207 -14.52 -53.66 -15.82
N THR I 208 -13.89 -52.65 -16.41
CA THR I 208 -14.28 -52.10 -17.70
C THR I 208 -13.13 -52.19 -18.69
N TRP I 209 -13.47 -52.49 -19.95
CA TRP I 209 -12.54 -52.58 -21.07
C TRP I 209 -13.07 -51.76 -22.23
N GLY I 210 -12.15 -51.22 -23.04
CA GLY I 210 -12.53 -50.54 -24.25
C GLY I 210 -13.07 -51.50 -25.30
N VAL I 211 -13.98 -51.00 -26.14
CA VAL I 211 -14.61 -51.85 -27.15
C VAL I 211 -13.62 -52.26 -28.23
N GLY I 212 -12.57 -51.46 -28.46
CA GLY I 212 -11.55 -51.87 -29.40
C GLY I 212 -10.85 -53.15 -28.98
N GLU I 213 -10.79 -53.41 -27.68
CA GLU I 213 -10.23 -54.68 -27.21
C GLU I 213 -11.02 -55.85 -27.76
N LEU I 214 -12.35 -55.69 -27.85
CA LEU I 214 -13.19 -56.73 -28.45
C LEU I 214 -13.06 -56.72 -29.97
N ALA I 215 -12.85 -55.54 -30.56
CA ALA I 215 -12.68 -55.44 -32.00
C ALA I 215 -11.41 -56.12 -32.48
N GLU I 216 -10.40 -56.23 -31.62
CA GLU I 216 -9.22 -57.02 -31.99
C GLU I 216 -9.58 -58.50 -32.09
N ARG I 217 -10.38 -59.01 -31.15
CA ARG I 217 -10.66 -60.43 -31.11
C ARG I 217 -11.65 -60.85 -32.19
N VAL I 218 -12.55 -59.95 -32.60
CA VAL I 218 -13.61 -60.38 -33.51
C VAL I 218 -13.05 -60.72 -34.91
N LYS I 219 -11.94 -60.11 -35.30
CA LYS I 219 -11.47 -60.27 -36.68
C LYS I 219 -10.51 -61.44 -36.85
N ALA I 220 -9.72 -61.78 -35.83
CA ALA I 220 -8.72 -62.83 -35.94
C ALA I 220 -9.29 -64.23 -35.69
N VAL I 221 -10.60 -64.41 -35.84
CA VAL I 221 -11.24 -65.70 -35.59
C VAL I 221 -10.99 -66.62 -36.77
N PRO I 222 -10.63 -67.88 -36.54
CA PRO I 222 -10.50 -68.83 -37.65
C PRO I 222 -11.83 -69.03 -38.37
N GLU I 223 -11.73 -69.43 -39.64
CA GLU I 223 -12.93 -69.53 -40.48
C GLU I 223 -13.66 -70.84 -40.28
N ARG I 224 -12.93 -71.94 -40.09
CA ARG I 224 -13.55 -73.24 -39.90
C ARG I 224 -14.15 -73.41 -38.51
N GLU I 225 -14.13 -72.37 -37.68
CA GLU I 225 -14.82 -72.39 -36.40
C GLU I 225 -16.22 -71.82 -36.48
N VAL I 226 -16.48 -70.92 -37.43
CA VAL I 226 -17.80 -70.30 -37.52
C VAL I 226 -18.79 -71.23 -38.21
N GLU I 227 -18.32 -72.11 -39.10
CA GLU I 227 -19.22 -73.06 -39.74
C GLU I 227 -19.64 -74.18 -38.79
N GLU I 228 -18.76 -74.54 -37.85
CA GLU I 228 -19.15 -75.45 -36.79
C GLU I 228 -20.21 -74.81 -35.89
N LEU I 229 -20.27 -73.48 -35.83
CA LEU I 229 -21.39 -72.82 -35.17
C LEU I 229 -22.62 -72.77 -36.06
N LEU I 230 -22.44 -72.64 -37.37
CA LEU I 230 -23.59 -72.59 -38.26
C LEU I 230 -24.33 -73.92 -38.32
N LYS I 231 -23.61 -75.04 -38.23
CA LYS I 231 -24.31 -76.33 -38.21
C LYS I 231 -25.15 -76.47 -36.93
N GLU I 232 -24.61 -76.03 -35.78
CA GLU I 232 -25.39 -76.05 -34.55
C GLU I 232 -26.56 -75.07 -34.61
N TYR I 233 -26.39 -73.94 -35.29
CA TYR I 233 -27.50 -73.02 -35.49
C TYR I 233 -28.59 -73.67 -36.32
N ARG I 234 -28.21 -74.41 -37.37
CA ARG I 234 -29.19 -75.11 -38.18
C ARG I 234 -29.90 -76.20 -37.40
N GLU I 235 -29.18 -76.86 -36.49
CA GLU I 235 -29.82 -77.90 -35.68
C GLU I 235 -30.92 -77.36 -34.76
N LYS I 236 -30.97 -76.05 -34.52
CA LYS I 236 -31.96 -75.52 -33.59
C LYS I 236 -32.76 -74.36 -34.17
N TYR I 237 -32.16 -73.56 -35.06
CA TYR I 237 -32.79 -72.33 -35.50
C TYR I 237 -32.74 -72.16 -37.02
N ILE I 238 -32.16 -71.04 -37.49
CA ILE I 238 -31.81 -70.75 -38.88
C ILE I 238 -33.01 -70.33 -39.71
N MET I 239 -32.82 -69.29 -40.55
CA MET I 239 -33.70 -68.70 -41.54
C MET I 239 -33.42 -69.29 -42.92
N PRO I 240 -34.40 -69.19 -43.87
CA PRO I 240 -34.30 -69.85 -45.18
C PRO I 240 -32.92 -70.14 -45.76
N GLU I 241 -32.41 -69.25 -46.62
CA GLU I 241 -31.28 -69.59 -47.47
C GLU I 241 -30.17 -68.56 -47.33
N ASP I 242 -29.08 -68.81 -48.06
CA ASP I 242 -27.87 -67.98 -48.04
C ASP I 242 -28.15 -66.58 -48.59
N GLU I 243 -28.18 -65.59 -47.71
CA GLU I 243 -28.50 -64.21 -48.06
C GLU I 243 -27.57 -63.30 -47.27
N TYR I 244 -27.90 -62.01 -47.22
CA TYR I 244 -27.30 -61.14 -46.22
C TYR I 244 -27.65 -61.61 -44.81
N SER I 245 -28.85 -62.19 -44.67
CA SER I 245 -29.27 -62.75 -43.39
C SER I 245 -28.28 -63.78 -42.88
N LEU I 246 -27.68 -64.56 -43.80
CA LEU I 246 -26.67 -65.53 -43.39
C LEU I 246 -25.29 -64.91 -43.20
N LYS I 247 -25.06 -63.73 -43.80
CA LYS I 247 -23.83 -62.99 -43.53
C LYS I 247 -23.81 -62.50 -42.09
N ALA I 248 -24.96 -62.03 -41.60
CA ALA I 248 -25.00 -61.59 -40.22
C ALA I 248 -24.83 -62.76 -39.25
N ILE I 249 -25.17 -63.97 -39.69
CA ILE I 249 -24.97 -65.14 -38.82
C ILE I 249 -23.49 -65.43 -38.63
N ARG I 250 -22.71 -65.34 -39.71
CA ARG I 250 -21.27 -65.54 -39.56
C ARG I 250 -20.61 -64.42 -38.78
N GLU I 251 -21.12 -63.20 -38.91
CA GLU I 251 -20.57 -62.12 -38.09
C GLU I 251 -20.87 -62.36 -36.60
N GLN I 252 -22.10 -62.81 -36.30
CA GLN I 252 -22.43 -63.15 -34.91
C GLN I 252 -21.63 -64.34 -34.42
N ALA I 253 -21.30 -65.29 -35.30
CA ALA I 253 -20.53 -66.45 -34.86
C ALA I 253 -19.10 -66.05 -34.50
N LYS I 254 -18.47 -65.20 -35.30
CA LYS I 254 -17.12 -64.76 -34.94
C LYS I 254 -17.15 -63.88 -33.70
N ILE I 255 -18.22 -63.10 -33.51
CA ILE I 255 -18.34 -62.32 -32.27
C ILE I 255 -18.52 -63.24 -31.07
N GLU I 256 -19.31 -64.31 -31.23
CA GLU I 256 -19.49 -65.26 -30.14
C GLU I 256 -18.19 -65.93 -29.76
N ILE I 257 -17.38 -66.30 -30.75
CA ILE I 257 -16.09 -66.93 -30.44
C ILE I 257 -15.17 -65.95 -29.75
N ALA I 258 -15.17 -64.68 -30.19
CA ALA I 258 -14.35 -63.67 -29.55
C ALA I 258 -14.78 -63.44 -28.10
N LEU I 259 -16.09 -63.37 -27.87
CA LEU I 259 -16.59 -63.14 -26.51
C LEU I 259 -16.26 -64.30 -25.59
N ARG I 260 -16.42 -65.54 -26.06
CA ARG I 260 -16.07 -66.68 -25.21
C ARG I 260 -14.58 -66.68 -24.90
N GLU I 261 -13.74 -66.39 -25.91
CA GLU I 261 -12.30 -66.36 -25.68
C GLU I 261 -11.94 -65.28 -24.67
N PHE I 262 -12.61 -64.14 -24.72
CA PHE I 262 -12.28 -63.04 -23.82
C PHE I 262 -12.76 -63.35 -22.41
N LEU I 263 -14.02 -63.77 -22.26
CA LEU I 263 -14.58 -63.99 -20.94
C LEU I 263 -13.90 -65.14 -20.21
N ALA I 264 -13.43 -66.15 -20.94
CA ALA I 264 -12.72 -67.24 -20.26
C ALA I 264 -11.37 -66.78 -19.72
N ALA I 265 -10.70 -65.88 -20.42
CA ALA I 265 -9.35 -65.45 -20.03
C ALA I 265 -9.33 -64.57 -18.79
N ALA I 266 -10.45 -63.96 -18.41
CA ALA I 266 -10.48 -63.03 -17.29
C ALA I 266 -11.45 -63.45 -16.20
N ASN I 267 -11.63 -64.76 -16.02
CA ASN I 267 -12.50 -65.33 -14.99
C ASN I 267 -13.82 -64.58 -14.88
N ALA I 268 -14.64 -64.61 -15.92
CA ALA I 268 -15.86 -63.82 -15.98
C ALA I 268 -17.08 -64.66 -15.64
N VAL I 269 -18.10 -63.99 -15.09
CA VAL I 269 -19.41 -64.60 -14.86
C VAL I 269 -20.54 -63.82 -15.51
N GLY I 270 -20.38 -62.52 -15.76
CA GLY I 270 -21.36 -61.76 -16.50
C GLY I 270 -20.65 -60.69 -17.30
N PHE I 271 -21.36 -60.12 -18.27
CA PHE I 271 -20.77 -59.06 -19.08
C PHE I 271 -21.88 -58.11 -19.53
N THR I 272 -21.46 -56.92 -19.95
CA THR I 272 -22.40 -55.88 -20.38
C THR I 272 -21.80 -55.09 -21.53
N THR I 273 -22.65 -54.68 -22.46
CA THR I 273 -22.26 -53.92 -23.62
C THR I 273 -23.03 -52.60 -23.67
N THR I 274 -22.73 -51.79 -24.68
CA THR I 274 -23.43 -50.54 -24.93
C THR I 274 -23.60 -50.36 -26.43
N PHE I 275 -24.75 -49.81 -26.84
CA PHE I 275 -25.07 -49.77 -28.26
C PHE I 275 -24.55 -48.52 -28.96
N GLU I 276 -24.21 -47.46 -28.22
CA GLU I 276 -23.70 -46.23 -28.83
C GLU I 276 -22.18 -46.18 -28.81
N ASP I 277 -21.52 -47.31 -28.55
CA ASP I 277 -20.05 -47.36 -28.51
C ASP I 277 -19.65 -48.79 -28.90
N LEU I 278 -19.54 -49.01 -30.20
CA LEU I 278 -19.16 -50.32 -30.76
C LEU I 278 -18.24 -50.09 -31.96
N HIS I 279 -17.19 -49.31 -31.75
CA HIS I 279 -16.31 -48.95 -32.85
C HIS I 279 -15.53 -50.17 -33.34
N ASP I 280 -15.38 -50.25 -34.67
CA ASP I 280 -14.73 -51.36 -35.36
C ASP I 280 -15.51 -52.66 -35.24
N LEU I 281 -16.59 -52.66 -34.46
CA LEU I 281 -17.52 -53.78 -34.41
C LEU I 281 -18.53 -53.64 -35.53
N PRO I 282 -18.60 -54.58 -36.49
CA PRO I 282 -19.47 -54.39 -37.65
C PRO I 282 -20.96 -54.38 -37.34
N GLN I 283 -21.37 -54.80 -36.14
CA GLN I 283 -22.80 -54.90 -35.85
C GLN I 283 -22.99 -55.05 -34.34
N LEU I 284 -24.11 -54.50 -33.86
CA LEU I 284 -24.45 -54.57 -32.45
C LEU I 284 -24.59 -56.03 -32.02
N PRO I 285 -23.92 -56.45 -30.94
CA PRO I 285 -24.03 -57.86 -30.49
C PRO I 285 -25.47 -58.22 -30.15
N GLY I 286 -25.96 -59.24 -30.86
CA GLY I 286 -27.31 -59.74 -30.70
C GLY I 286 -27.32 -61.22 -30.38
N LEU I 287 -27.49 -62.05 -31.43
CA LEU I 287 -27.53 -63.50 -31.28
C LEU I 287 -26.41 -64.03 -30.38
N ALA I 288 -25.21 -63.44 -30.45
CA ALA I 288 -24.10 -63.93 -29.64
C ALA I 288 -24.40 -63.75 -28.15
N VAL I 289 -25.05 -62.63 -27.79
CA VAL I 289 -25.40 -62.42 -26.39
C VAL I 289 -26.40 -63.47 -25.93
N GLN I 290 -27.38 -63.78 -26.76
CA GLN I 290 -28.34 -64.84 -26.41
C GLN I 290 -27.66 -66.19 -26.29
N ARG I 291 -26.65 -66.45 -27.13
CA ARG I 291 -25.92 -67.71 -27.05
C ARG I 291 -25.14 -67.79 -25.75
N LEU I 292 -24.53 -66.69 -25.32
CA LEU I 292 -23.78 -66.72 -24.06
C LEU I 292 -24.72 -66.77 -22.86
N MET I 293 -25.86 -66.09 -22.92
CA MET I 293 -26.82 -66.15 -21.84
C MET I 293 -27.46 -67.53 -21.72
N GLU I 294 -27.53 -68.27 -22.84
CA GLU I 294 -28.10 -69.61 -22.79
C GLU I 294 -27.29 -70.54 -21.89
N GLU I 295 -25.98 -70.29 -21.76
CA GLU I 295 -25.16 -71.10 -20.88
C GLU I 295 -25.33 -70.71 -19.42
N GLY I 296 -25.17 -69.42 -19.11
CA GLY I 296 -25.24 -68.98 -17.73
C GLY I 296 -24.79 -67.55 -17.53
N TYR I 297 -23.98 -67.04 -18.45
CA TYR I 297 -23.46 -65.67 -18.36
C TYR I 297 -24.60 -64.68 -18.23
N GLY I 298 -24.56 -63.89 -17.17
CA GLY I 298 -25.51 -62.80 -17.03
C GLY I 298 -25.16 -61.66 -17.96
N PHE I 299 -26.17 -60.90 -18.36
CA PHE I 299 -25.96 -59.83 -19.31
C PHE I 299 -26.85 -58.64 -19.00
N GLY I 300 -26.29 -57.45 -19.17
CA GLY I 300 -27.06 -56.22 -19.14
C GLY I 300 -26.65 -55.34 -20.29
N ALA I 301 -27.57 -54.53 -20.75
CA ALA I 301 -27.31 -53.63 -21.87
C ALA I 301 -27.12 -52.21 -21.39
N GLU I 302 -26.55 -51.38 -22.26
CA GLU I 302 -26.33 -49.96 -21.99
C GLU I 302 -25.46 -49.75 -20.75
N GLY I 303 -24.60 -50.71 -20.45
CA GLY I 303 -23.68 -50.59 -19.32
C GLY I 303 -24.23 -51.02 -17.98
N ASP I 304 -25.48 -51.46 -17.91
CA ASP I 304 -26.11 -51.83 -16.63
C ASP I 304 -25.45 -53.09 -16.10
N TRP I 305 -24.50 -52.92 -15.18
CA TRP I 305 -23.86 -54.05 -14.52
C TRP I 305 -24.67 -54.57 -13.33
N LYS I 306 -25.57 -53.74 -12.77
CA LYS I 306 -26.46 -54.20 -11.72
C LYS I 306 -27.29 -55.39 -12.21
N ALA I 307 -27.95 -55.20 -13.35
CA ALA I 307 -28.80 -56.26 -13.90
C ALA I 307 -27.96 -57.44 -14.34
N ALA I 308 -26.75 -57.20 -14.88
CA ALA I 308 -25.92 -58.31 -15.32
C ALA I 308 -25.54 -59.21 -14.15
N GLY I 309 -25.05 -58.61 -13.06
CA GLY I 309 -24.69 -59.42 -11.90
C GLY I 309 -25.90 -60.09 -11.27
N LEU I 310 -27.04 -59.39 -11.23
CA LEU I 310 -28.24 -59.99 -10.66
C LEU I 310 -28.70 -61.17 -11.52
N VAL I 311 -28.67 -61.01 -12.85
CA VAL I 311 -29.05 -62.09 -13.76
C VAL I 311 -28.12 -63.29 -13.59
N ARG I 312 -26.82 -63.05 -13.44
CA ARG I 312 -25.89 -64.16 -13.26
C ARG I 312 -26.20 -64.93 -11.98
N ALA I 313 -26.31 -64.22 -10.86
CA ALA I 313 -26.58 -64.91 -9.60
C ALA I 313 -27.93 -65.60 -9.61
N ILE I 314 -28.95 -64.93 -10.17
CA ILE I 314 -30.30 -65.48 -10.21
C ILE I 314 -30.44 -66.59 -11.24
N LYS I 315 -29.49 -66.68 -12.18
CA LYS I 315 -29.42 -67.83 -13.07
C LYS I 315 -28.75 -69.01 -12.38
N VAL I 316 -27.76 -68.73 -11.52
CA VAL I 316 -27.18 -69.80 -10.72
C VAL I 316 -28.23 -70.37 -9.79
N MET I 317 -29.13 -69.51 -9.27
CA MET I 317 -30.23 -70.01 -8.46
C MET I 317 -31.12 -70.94 -9.26
N GLY I 318 -31.83 -70.41 -10.26
CA GLY I 318 -32.67 -71.22 -11.13
C GLY I 318 -31.87 -72.02 -12.14
N THR I 319 -31.34 -73.18 -11.73
CA THR I 319 -30.42 -73.95 -12.55
C THR I 319 -30.91 -75.35 -12.90
N SER I 320 -32.10 -75.75 -12.46
CA SER I 320 -32.52 -77.13 -12.62
C SER I 320 -33.60 -77.27 -13.69
N LEU I 321 -34.56 -78.15 -13.47
CA LEU I 321 -35.55 -78.46 -14.49
C LEU I 321 -36.43 -77.28 -14.88
N PRO I 322 -37.00 -76.49 -13.94
CA PRO I 322 -37.89 -75.41 -14.37
C PRO I 322 -37.15 -74.15 -14.78
N GLY I 323 -35.91 -74.31 -15.27
CA GLY I 323 -35.07 -73.18 -15.61
C GLY I 323 -35.69 -72.15 -16.54
N GLY I 324 -35.20 -70.92 -16.47
CA GLY I 324 -35.74 -69.85 -17.29
C GLY I 324 -35.49 -68.48 -16.70
N THR I 325 -34.32 -67.90 -16.96
CA THR I 325 -33.97 -66.58 -16.46
C THR I 325 -33.41 -65.75 -17.60
N SER I 326 -33.86 -64.50 -17.70
CA SER I 326 -33.49 -63.62 -18.80
C SER I 326 -33.32 -62.20 -18.32
N PHE I 327 -32.61 -61.42 -19.14
CA PHE I 327 -32.49 -59.98 -18.97
C PHE I 327 -33.71 -59.32 -19.62
N MET I 328 -34.48 -58.56 -18.86
CA MET I 328 -35.76 -58.06 -19.32
C MET I 328 -35.80 -56.54 -19.24
N GLU I 329 -36.63 -55.94 -20.09
CA GLU I 329 -36.91 -54.51 -20.06
C GLU I 329 -38.39 -54.32 -20.30
N ASP I 330 -39.09 -53.76 -19.31
CA ASP I 330 -40.51 -53.52 -19.43
C ASP I 330 -40.77 -52.55 -20.57
N TYR I 331 -41.26 -53.07 -21.70
CA TYR I 331 -41.25 -52.30 -22.95
C TYR I 331 -42.55 -51.55 -23.21
N THR I 332 -43.71 -52.21 -23.08
CA THR I 332 -44.96 -51.52 -23.37
C THR I 332 -46.08 -52.12 -22.54
N TYR I 333 -47.18 -51.38 -22.44
CA TYR I 333 -48.32 -51.78 -21.63
C TYR I 333 -49.54 -52.09 -22.49
N HIS I 334 -50.49 -52.80 -21.88
CA HIS I 334 -51.81 -53.05 -22.47
C HIS I 334 -52.84 -52.67 -21.42
N LEU I 335 -53.56 -51.57 -21.66
CA LEU I 335 -54.36 -50.90 -20.64
C LEU I 335 -55.84 -51.20 -20.76
N THR I 336 -56.23 -52.38 -21.22
CA THR I 336 -57.64 -52.73 -21.18
C THR I 336 -58.06 -52.98 -19.73
N PRO I 337 -59.26 -52.54 -19.34
CA PRO I 337 -59.61 -52.57 -17.91
C PRO I 337 -59.56 -53.95 -17.28
N GLY I 338 -60.15 -54.97 -17.91
CA GLY I 338 -60.24 -56.26 -17.26
C GLY I 338 -59.02 -57.13 -17.40
N ASN I 339 -58.26 -56.96 -18.48
CA ASN I 339 -57.12 -57.83 -18.79
C ASN I 339 -55.89 -57.00 -19.11
N GLU I 340 -55.54 -56.07 -18.21
CA GLU I 340 -54.38 -55.20 -18.43
C GLU I 340 -53.09 -56.00 -18.26
N LEU I 341 -52.24 -55.99 -19.28
CA LEU I 341 -51.02 -56.78 -19.30
C LEU I 341 -49.81 -55.87 -19.54
N VAL I 342 -48.62 -56.48 -19.60
CA VAL I 342 -47.42 -55.75 -19.95
C VAL I 342 -46.53 -56.61 -20.83
N LEU I 343 -46.09 -56.04 -21.94
CA LEU I 343 -45.25 -56.72 -22.93
C LEU I 343 -43.79 -56.34 -22.67
N GLY I 344 -43.00 -57.32 -22.25
CA GLY I 344 -41.59 -57.12 -21.98
C GLY I 344 -40.73 -57.73 -23.07
N ALA I 345 -39.70 -56.99 -23.47
CA ALA I 345 -38.77 -57.41 -24.51
C ALA I 345 -37.58 -56.46 -24.46
N HIS I 346 -36.63 -56.67 -25.38
CA HIS I 346 -35.53 -55.74 -25.55
C HIS I 346 -35.37 -55.41 -27.03
N MET I 347 -34.26 -54.77 -27.41
CA MET I 347 -34.00 -54.52 -28.83
C MET I 347 -33.41 -55.74 -29.53
N LEU I 348 -32.70 -56.60 -28.78
CA LEU I 348 -32.08 -57.79 -29.36
C LEU I 348 -31.93 -58.90 -28.33
N GLU I 349 -31.40 -58.55 -27.16
CA GLU I 349 -30.90 -59.55 -26.21
C GLU I 349 -32.01 -60.00 -25.28
N VAL I 350 -32.58 -61.17 -25.57
CA VAL I 350 -33.50 -61.85 -24.67
C VAL I 350 -33.05 -63.31 -24.59
N CYS I 351 -32.93 -63.82 -23.36
CA CYS I 351 -32.38 -65.16 -23.18
C CYS I 351 -33.34 -66.21 -23.75
N PRO I 352 -32.83 -67.20 -24.49
CA PRO I 352 -33.69 -68.24 -25.04
C PRO I 352 -34.10 -69.33 -24.04
N THR I 353 -33.89 -69.10 -22.74
CA THR I 353 -34.27 -70.09 -21.74
C THR I 353 -35.74 -69.98 -21.37
N ILE I 354 -36.30 -68.76 -21.42
CA ILE I 354 -37.72 -68.54 -21.13
C ILE I 354 -38.56 -68.79 -22.37
N ALA I 355 -37.95 -69.32 -23.43
CA ALA I 355 -38.66 -69.53 -24.68
C ALA I 355 -39.68 -70.65 -24.54
N LYS I 356 -40.75 -70.55 -25.34
CA LYS I 356 -41.78 -71.58 -25.41
C LYS I 356 -41.84 -72.30 -26.75
N GLU I 357 -41.49 -71.61 -27.83
CA GLU I 357 -41.49 -72.18 -29.17
C GLU I 357 -40.05 -72.46 -29.60
N LYS I 358 -39.88 -72.78 -30.88
CA LYS I 358 -38.54 -72.97 -31.41
C LYS I 358 -37.89 -71.62 -31.63
N PRO I 359 -36.74 -71.34 -31.03
CA PRO I 359 -36.06 -70.05 -31.26
C PRO I 359 -35.72 -69.87 -32.73
N ARG I 360 -36.35 -68.89 -33.38
CA ARG I 360 -36.18 -68.66 -34.81
C ARG I 360 -35.26 -67.47 -35.01
N ILE I 361 -34.18 -67.67 -35.78
CA ILE I 361 -33.27 -66.58 -36.08
C ILE I 361 -33.92 -65.63 -37.07
N GLU I 362 -33.86 -64.34 -36.78
CA GLU I 362 -34.37 -63.30 -37.68
C GLU I 362 -33.43 -62.10 -37.64
N VAL I 363 -33.36 -61.40 -38.77
CA VAL I 363 -32.65 -60.14 -38.89
C VAL I 363 -33.64 -59.08 -39.37
N HIS I 364 -33.53 -57.88 -38.81
CA HIS I 364 -34.49 -56.82 -39.08
C HIS I 364 -33.75 -55.50 -39.08
N PRO I 365 -34.28 -54.48 -39.77
CA PRO I 365 -33.65 -53.16 -39.77
C PRO I 365 -33.61 -52.58 -38.36
N LEU I 366 -32.40 -52.29 -37.88
CA LEU I 366 -32.21 -51.70 -36.55
C LEU I 366 -31.17 -50.60 -36.67
N SER I 367 -31.64 -49.34 -36.63
CA SER I 367 -30.77 -48.17 -36.76
C SER I 367 -30.22 -47.69 -35.42
N ILE I 368 -30.61 -48.32 -34.31
CA ILE I 368 -30.20 -47.86 -32.98
C ILE I 368 -28.70 -48.07 -32.82
N GLY I 369 -27.98 -46.97 -32.58
CA GLY I 369 -26.54 -46.98 -32.42
C GLY I 369 -25.75 -46.97 -33.71
N GLY I 370 -26.39 -47.09 -34.87
CA GLY I 370 -25.73 -46.89 -36.14
C GLY I 370 -24.77 -47.97 -36.59
N LYS I 371 -25.22 -49.21 -36.70
CA LYS I 371 -24.38 -50.28 -37.23
C LYS I 371 -25.19 -51.08 -38.27
N ALA I 372 -24.76 -52.32 -38.50
CA ALA I 372 -25.33 -53.17 -39.52
C ALA I 372 -26.31 -54.15 -38.89
N ASP I 373 -27.43 -54.40 -39.60
CA ASP I 373 -28.53 -55.23 -39.15
C ASP I 373 -28.10 -56.54 -38.51
N PRO I 374 -28.15 -56.62 -37.18
CA PRO I 374 -27.71 -57.83 -36.48
C PRO I 374 -28.81 -58.89 -36.41
N ALA I 375 -28.38 -60.12 -36.20
CA ALA I 375 -29.30 -61.24 -36.05
C ALA I 375 -29.80 -61.32 -34.61
N ARG I 376 -30.90 -62.06 -34.43
CA ARG I 376 -31.53 -62.17 -33.12
C ARG I 376 -32.39 -63.42 -33.10
N LEU I 377 -32.69 -63.88 -31.88
CA LEU I 377 -33.58 -65.02 -31.68
C LEU I 377 -34.97 -64.54 -31.31
N VAL I 378 -35.98 -65.14 -31.93
CA VAL I 378 -37.38 -64.76 -31.74
C VAL I 378 -38.11 -65.98 -31.18
N PHE I 379 -38.91 -65.76 -30.15
CA PHE I 379 -39.66 -66.83 -29.50
C PHE I 379 -40.70 -66.19 -28.58
N ASP I 380 -41.72 -66.97 -28.25
CA ASP I 380 -42.76 -66.52 -27.34
C ASP I 380 -42.39 -66.85 -25.89
N GLY I 381 -43.00 -66.10 -24.97
CA GLY I 381 -42.72 -66.28 -23.56
C GLY I 381 -43.41 -67.50 -22.98
N GLN I 382 -43.01 -67.84 -21.75
CA GLN I 382 -43.60 -68.95 -21.03
C GLN I 382 -44.83 -68.51 -20.24
N GLU I 383 -45.66 -69.48 -19.89
CA GLU I 383 -46.84 -69.24 -19.07
C GLU I 383 -46.52 -69.54 -17.61
N GLY I 384 -47.45 -69.19 -16.72
CA GLY I 384 -47.30 -69.50 -15.32
C GLY I 384 -46.67 -68.37 -14.53
N PRO I 385 -46.47 -68.58 -13.23
CA PRO I 385 -45.93 -67.50 -12.39
C PRO I 385 -44.42 -67.33 -12.55
N ALA I 386 -43.98 -66.08 -12.38
CA ALA I 386 -42.58 -65.71 -12.50
C ALA I 386 -42.33 -64.53 -11.58
N VAL I 387 -41.07 -64.07 -11.54
CA VAL I 387 -40.67 -62.92 -10.75
C VAL I 387 -39.86 -61.98 -11.62
N ASN I 388 -39.85 -60.70 -11.24
CA ASN I 388 -39.15 -59.66 -11.97
C ASN I 388 -38.37 -58.85 -10.94
N ALA I 389 -37.05 -58.99 -10.92
CA ALA I 389 -36.24 -58.38 -9.89
C ALA I 389 -35.38 -57.26 -10.45
N SER I 390 -34.85 -56.43 -9.56
CA SER I 390 -33.99 -55.33 -9.95
C SER I 390 -33.25 -54.83 -8.72
N ILE I 391 -31.92 -54.81 -8.80
CA ILE I 391 -31.08 -54.22 -7.76
C ILE I 391 -30.73 -52.81 -8.19
N VAL I 392 -30.83 -51.85 -7.27
CA VAL I 392 -30.55 -50.46 -7.61
C VAL I 392 -29.82 -49.79 -6.46
N ASP I 393 -28.95 -48.86 -6.81
CA ASP I 393 -28.12 -48.14 -5.84
C ASP I 393 -28.89 -46.94 -5.32
N MET I 394 -28.90 -46.79 -4.00
CA MET I 394 -29.64 -45.72 -3.33
C MET I 394 -28.68 -44.71 -2.69
N GLY I 395 -27.48 -44.57 -3.24
CA GLY I 395 -26.49 -43.65 -2.73
C GLY I 395 -25.63 -44.25 -1.64
N ASN I 396 -26.20 -44.50 -0.48
CA ASN I 396 -25.48 -45.07 0.65
C ASN I 396 -25.56 -46.59 0.69
N ARG I 397 -26.45 -47.20 -0.09
CA ARG I 397 -26.68 -48.63 0.01
C ARG I 397 -27.39 -49.10 -1.26
N PHE I 398 -27.49 -50.42 -1.40
CA PHE I 398 -28.27 -51.04 -2.47
C PHE I 398 -29.62 -51.47 -1.92
N ARG I 399 -30.64 -51.47 -2.77
CA ARG I 399 -31.91 -52.10 -2.44
C ARG I 399 -32.37 -52.95 -3.61
N LEU I 400 -33.03 -54.06 -3.27
CA LEU I 400 -33.50 -55.05 -4.23
C LEU I 400 -35.02 -55.00 -4.25
N VAL I 401 -35.58 -54.56 -5.37
CA VAL I 401 -37.03 -54.56 -5.57
C VAL I 401 -37.39 -55.77 -6.41
N VAL I 402 -38.41 -56.51 -5.98
CA VAL I 402 -38.83 -57.72 -6.69
C VAL I 402 -40.35 -57.73 -6.77
N ASN I 403 -40.88 -58.04 -7.96
CA ASN I 403 -42.31 -58.08 -8.21
C ASN I 403 -42.69 -59.46 -8.68
N LYS I 404 -43.61 -60.11 -7.96
CA LYS I 404 -44.14 -61.40 -8.39
C LYS I 404 -45.23 -61.15 -9.43
N VAL I 405 -45.12 -61.83 -10.58
CA VAL I 405 -46.01 -61.61 -11.71
C VAL I 405 -46.51 -62.97 -12.20
N LEU I 406 -47.59 -62.93 -12.98
CA LEU I 406 -48.13 -64.14 -13.61
C LEU I 406 -48.09 -63.96 -15.11
N SER I 407 -47.22 -64.72 -15.78
CA SER I 407 -47.11 -64.66 -17.23
C SER I 407 -48.22 -65.46 -17.88
N VAL I 408 -48.71 -64.96 -19.00
CA VAL I 408 -49.86 -65.53 -19.71
C VAL I 408 -49.45 -65.87 -21.12
N PRO I 409 -50.08 -66.87 -21.76
CA PRO I 409 -49.74 -67.18 -23.15
C PRO I 409 -50.18 -66.07 -24.08
N ILE I 410 -49.44 -65.91 -25.17
CA ILE I 410 -49.73 -64.85 -26.14
C ILE I 410 -50.97 -65.23 -26.92
N GLU I 411 -52.00 -64.37 -26.87
CA GLU I 411 -53.27 -64.71 -27.52
C GLU I 411 -53.21 -64.46 -29.02
N ARG I 412 -52.65 -63.33 -29.44
CA ARG I 412 -52.55 -62.98 -30.85
C ARG I 412 -51.09 -62.94 -31.28
N LYS I 413 -50.86 -63.13 -32.57
CA LYS I 413 -49.52 -63.15 -33.12
C LYS I 413 -49.10 -61.74 -33.52
N MET I 414 -47.79 -61.53 -33.57
CA MET I 414 -47.21 -60.21 -33.85
C MET I 414 -46.24 -60.34 -35.03
N PRO I 415 -46.71 -60.05 -36.25
CA PRO I 415 -45.84 -60.26 -37.42
C PRO I 415 -44.72 -59.24 -37.56
N LYS I 416 -44.94 -58.00 -37.13
CA LYS I 416 -43.96 -56.95 -37.34
C LYS I 416 -43.08 -56.71 -36.12
N LEU I 417 -43.33 -57.39 -35.01
CA LEU I 417 -42.47 -57.26 -33.83
C LEU I 417 -41.26 -58.17 -34.00
N PRO I 418 -40.05 -57.61 -34.07
CA PRO I 418 -38.88 -58.43 -34.46
C PRO I 418 -38.21 -59.18 -33.32
N THR I 419 -38.43 -58.75 -32.08
CA THR I 419 -37.72 -59.32 -30.94
C THR I 419 -38.63 -60.24 -30.14
N ALA I 420 -38.02 -61.23 -29.51
CA ALA I 420 -38.76 -62.14 -28.64
C ALA I 420 -39.37 -61.35 -27.48
N ARG I 421 -40.53 -61.83 -27.00
CA ARG I 421 -41.35 -61.06 -26.10
C ARG I 421 -42.03 -61.98 -25.08
N VAL I 422 -42.41 -61.39 -23.94
CA VAL I 422 -43.17 -62.09 -22.91
C VAL I 422 -44.30 -61.17 -22.45
N LEU I 423 -45.41 -61.78 -22.04
CA LEU I 423 -46.56 -61.06 -21.51
C LEU I 423 -46.86 -61.54 -20.10
N TRP I 424 -47.14 -60.59 -19.20
CA TRP I 424 -47.43 -60.95 -17.83
C TRP I 424 -48.33 -59.90 -17.18
N LYS I 425 -48.90 -60.31 -16.04
CA LYS I 425 -49.75 -59.51 -15.18
C LYS I 425 -48.98 -59.21 -13.90
N PRO I 426 -48.77 -57.95 -13.54
CA PRO I 426 -48.13 -57.63 -12.26
C PRO I 426 -49.13 -57.81 -11.11
N LEU I 427 -48.73 -58.58 -10.10
CA LEU I 427 -49.62 -58.84 -8.97
C LEU I 427 -49.55 -57.69 -7.96
N PRO I 428 -50.69 -57.28 -7.40
CA PRO I 428 -52.01 -57.84 -7.70
C PRO I 428 -52.65 -57.17 -8.91
N ASP I 429 -52.49 -55.86 -8.99
CA ASP I 429 -53.00 -55.05 -10.09
C ASP I 429 -51.84 -54.30 -10.74
N PHE I 430 -51.97 -54.04 -12.05
CA PHE I 430 -50.95 -53.28 -12.75
C PHE I 430 -50.75 -51.91 -12.12
N LYS I 431 -51.86 -51.28 -11.71
CA LYS I 431 -51.78 -49.96 -11.08
C LYS I 431 -50.99 -50.04 -9.77
N ARG I 432 -51.39 -50.96 -8.89
CA ARG I 432 -50.75 -51.07 -7.58
C ARG I 432 -49.29 -51.46 -7.71
N ALA I 433 -49.02 -52.53 -8.47
CA ALA I 433 -47.65 -53.03 -8.57
C ALA I 433 -46.75 -52.02 -9.26
N THR I 434 -47.25 -51.29 -10.26
CA THR I 434 -46.38 -50.35 -10.95
C THR I 434 -46.18 -49.08 -10.12
N THR I 435 -47.20 -48.61 -9.41
CA THR I 435 -46.98 -47.44 -8.57
C THR I 435 -46.09 -47.77 -7.36
N ALA I 436 -46.10 -49.04 -6.90
CA ALA I 436 -45.18 -49.42 -5.85
C ALA I 436 -43.77 -49.64 -6.38
N TRP I 437 -43.65 -50.12 -7.62
CA TRP I 437 -42.35 -50.22 -8.25
C TRP I 437 -41.73 -48.85 -8.48
N ILE I 438 -42.56 -47.86 -8.80
CA ILE I 438 -42.04 -46.51 -9.02
C ILE I 438 -41.70 -45.84 -7.69
N LEU I 439 -42.52 -46.06 -6.66
CA LEU I 439 -42.19 -45.51 -5.35
C LEU I 439 -40.85 -46.05 -4.85
N ALA I 440 -40.63 -47.36 -4.98
CA ALA I 440 -39.37 -47.96 -4.54
C ALA I 440 -38.19 -47.58 -5.42
N GLY I 441 -38.42 -46.95 -6.56
CA GLY I 441 -37.34 -46.56 -7.44
C GLY I 441 -36.70 -47.71 -8.20
N GLY I 442 -37.50 -48.64 -8.68
CA GLY I 442 -36.95 -49.77 -9.41
C GLY I 442 -36.49 -49.36 -10.81
N SER I 443 -35.36 -49.93 -11.23
CA SER I 443 -34.81 -49.62 -12.54
C SER I 443 -35.71 -50.17 -13.64
N HIS I 444 -35.51 -49.64 -14.85
CA HIS I 444 -36.25 -50.16 -15.99
C HIS I 444 -35.66 -51.48 -16.49
N HIS I 445 -34.35 -51.67 -16.35
CA HIS I 445 -33.72 -52.94 -16.67
C HIS I 445 -33.91 -53.90 -15.50
N THR I 446 -34.57 -55.02 -15.74
CA THR I 446 -34.88 -55.99 -14.70
C THR I 446 -34.32 -57.36 -15.08
N ALA I 447 -34.50 -58.29 -14.15
CA ALA I 447 -34.07 -59.69 -14.27
C ALA I 447 -35.33 -60.53 -14.14
N PHE I 448 -35.86 -60.97 -15.28
CA PHE I 448 -37.05 -61.80 -15.31
C PHE I 448 -36.67 -63.25 -15.09
N SER I 449 -37.44 -63.95 -14.25
CA SER I 449 -37.09 -65.34 -13.98
C SER I 449 -38.35 -66.15 -13.70
N THR I 450 -38.46 -67.31 -14.34
CA THR I 450 -39.56 -68.21 -14.10
C THR I 450 -39.15 -69.41 -13.26
N ALA I 451 -37.85 -69.61 -13.04
CA ALA I 451 -37.36 -70.78 -12.34
C ALA I 451 -37.34 -70.65 -10.83
N ILE I 452 -37.48 -69.43 -10.30
CA ILE I 452 -37.34 -69.20 -8.88
C ILE I 452 -38.55 -68.44 -8.35
N ASP I 453 -38.72 -68.49 -7.04
CA ASP I 453 -39.75 -67.75 -6.33
C ASP I 453 -39.12 -66.56 -5.61
N VAL I 454 -39.99 -65.73 -5.01
CA VAL I 454 -39.51 -64.64 -4.17
C VAL I 454 -38.79 -65.19 -2.94
N GLU I 455 -39.11 -66.43 -2.55
CA GLU I 455 -38.44 -67.08 -1.43
C GLU I 455 -36.94 -67.12 -1.63
N TYR I 456 -36.49 -67.30 -2.87
CA TYR I 456 -35.05 -67.35 -3.16
C TYR I 456 -34.39 -66.00 -2.92
N LEU I 457 -34.91 -64.95 -3.56
CA LEU I 457 -34.31 -63.63 -3.45
C LEU I 457 -34.44 -63.07 -2.03
N ILE I 458 -35.43 -63.52 -1.27
CA ILE I 458 -35.56 -63.03 0.10
C ILE I 458 -34.42 -63.53 0.96
N ASP I 459 -33.98 -64.78 0.73
CA ASP I 459 -32.82 -65.29 1.44
C ASP I 459 -31.52 -64.74 0.85
N TRP I 460 -31.53 -64.37 -0.43
CA TRP I 460 -30.37 -63.68 -0.99
C TRP I 460 -30.12 -62.37 -0.27
N ALA I 461 -31.17 -61.55 -0.15
CA ALA I 461 -31.03 -60.26 0.52
C ALA I 461 -30.80 -60.43 2.01
N GLU I 462 -31.40 -61.45 2.62
CA GLU I 462 -31.16 -61.69 4.03
C GLU I 462 -29.71 -62.07 4.28
N ALA I 463 -29.12 -62.86 3.38
CA ALA I 463 -27.74 -63.29 3.57
C ALA I 463 -26.75 -62.17 3.31
N LEU I 464 -27.05 -61.27 2.38
CA LEU I 464 -26.11 -60.19 2.11
C LEU I 464 -26.40 -58.92 2.91
N GLU I 465 -27.46 -58.90 3.71
CA GLU I 465 -27.80 -57.76 4.56
C GLU I 465 -28.08 -56.50 3.74
N ILE I 466 -28.94 -56.65 2.73
CA ILE I 466 -29.39 -55.52 1.94
C ILE I 466 -30.92 -55.47 2.02
N GLU I 467 -31.47 -54.29 1.76
CA GLU I 467 -32.91 -54.10 1.83
C GLU I 467 -33.59 -54.86 0.72
N TYR I 468 -34.70 -55.52 1.06
CA TYR I 468 -35.54 -56.18 0.07
C TYR I 468 -36.97 -55.71 0.23
N VAL I 469 -37.63 -55.47 -0.89
CA VAL I 469 -39.03 -55.06 -0.91
C VAL I 469 -39.76 -55.93 -1.93
N VAL I 470 -40.83 -56.58 -1.48
CA VAL I 470 -41.58 -57.52 -2.30
C VAL I 470 -42.93 -56.91 -2.67
N ILE I 471 -43.41 -57.29 -3.85
CA ILE I 471 -44.69 -56.80 -4.35
C ILE I 471 -45.62 -58.00 -4.49
N ASP I 472 -45.90 -58.67 -3.37
CA ASP I 472 -46.73 -59.86 -3.39
C ASP I 472 -48.19 -59.50 -3.67
N GLU I 473 -49.03 -60.54 -3.67
CA GLU I 473 -50.47 -60.32 -3.79
C GLU I 473 -51.01 -59.57 -2.58
N ASN I 474 -50.43 -59.82 -1.41
CA ASN I 474 -50.82 -59.13 -0.17
C ASN I 474 -50.26 -57.72 -0.08
N LEU I 475 -50.27 -56.98 -1.20
CA LEU I 475 -49.67 -55.65 -1.27
C LEU I 475 -50.70 -54.61 -0.83
N ASP I 476 -50.42 -53.94 0.30
CA ASP I 476 -51.17 -52.78 0.73
C ASP I 476 -50.29 -51.55 0.52
N LEU I 477 -50.76 -50.63 -0.32
CA LEU I 477 -49.92 -49.54 -0.80
C LEU I 477 -49.51 -48.60 0.34
N GLU I 478 -50.46 -48.28 1.21
CA GLU I 478 -50.19 -47.34 2.29
C GLU I 478 -49.20 -47.93 3.28
N ASP I 479 -49.33 -49.23 3.58
CA ASP I 479 -48.36 -49.89 4.45
C ASP I 479 -47.00 -50.01 3.76
N PHE I 480 -46.99 -50.14 2.44
CA PHE I 480 -45.74 -50.21 1.68
C PHE I 480 -44.96 -48.91 1.77
N LYS I 481 -45.66 -47.77 1.80
CA LYS I 481 -44.98 -46.48 1.95
C LYS I 481 -44.22 -46.42 3.28
N LYS I 482 -44.90 -46.81 4.37
CA LYS I 482 -44.25 -46.83 5.67
C LYS I 482 -43.12 -47.83 5.69
N GLU I 483 -43.29 -48.97 5.01
CA GLU I 483 -42.20 -49.94 4.98
C GLU I 483 -40.97 -49.32 4.33
N LEU I 484 -41.18 -48.55 3.26
CA LEU I 484 -40.03 -47.92 2.59
C LEU I 484 -39.34 -46.95 3.52
N ARG I 485 -40.11 -46.13 4.23
CA ARG I 485 -39.42 -45.11 5.02
C ARG I 485 -38.84 -45.67 6.32
N TRP I 486 -39.48 -46.68 6.92
CA TRP I 486 -38.88 -47.32 8.09
C TRP I 486 -37.63 -48.10 7.74
N ASN I 487 -37.57 -48.71 6.56
CA ASN I 487 -36.36 -49.41 6.16
C ASN I 487 -35.25 -48.46 5.76
N GLU I 488 -35.59 -47.29 5.20
CA GLU I 488 -34.58 -46.43 4.60
C GLU I 488 -33.49 -46.02 5.58
N LEU I 489 -33.81 -45.92 6.87
CA LEU I 489 -32.81 -45.52 7.85
C LEU I 489 -32.18 -46.68 8.60
N TYR I 490 -32.88 -47.82 8.72
CA TYR I 490 -32.30 -48.96 9.42
C TYR I 490 -31.04 -49.46 8.73
N TRP I 491 -31.07 -49.57 7.40
CA TRP I 491 -29.90 -50.02 6.67
C TRP I 491 -28.87 -48.91 6.48
N GLY I 492 -29.18 -47.69 6.90
CA GLY I 492 -28.25 -46.58 6.78
C GLY I 492 -27.16 -46.60 7.84
N LEU I 493 -27.55 -46.61 9.11
CA LEU I 493 -26.59 -46.70 10.20
C LEU I 493 -26.30 -48.16 10.57
N LEU I 494 -27.32 -48.89 11.02
CA LEU I 494 -27.15 -50.32 11.26
C LEU I 494 -27.10 -51.08 9.93
N LYS I 495 -26.58 -52.30 9.99
CA LYS I 495 -26.56 -53.20 8.84
C LYS I 495 -26.60 -54.66 9.29
N MET J 1 -59.17 -14.95 -0.80
CA MET J 1 -60.05 -14.98 0.36
C MET J 1 -61.37 -15.70 0.04
N ILE J 2 -61.62 -15.93 -1.26
CA ILE J 2 -62.86 -16.58 -1.70
C ILE J 2 -62.65 -18.00 -2.19
N ASP J 3 -62.62 -18.17 -3.52
CA ASP J 3 -62.55 -19.45 -4.22
C ASP J 3 -61.28 -19.52 -5.06
N LEU J 4 -61.07 -20.66 -5.72
CA LEU J 4 -59.85 -20.96 -6.46
C LEU J 4 -60.09 -20.81 -7.96
N LYS J 5 -59.34 -21.59 -8.77
CA LYS J 5 -59.36 -21.67 -10.23
C LYS J 5 -58.28 -20.81 -10.90
N GLN J 6 -57.79 -19.76 -10.24
CA GLN J 6 -56.75 -18.97 -10.88
C GLN J 6 -55.43 -19.75 -10.95
N TYR J 7 -55.24 -20.73 -10.07
CA TYR J 7 -54.02 -21.52 -10.05
C TYR J 7 -53.96 -22.44 -11.28
N GLU J 8 -52.78 -22.53 -11.89
CA GLU J 8 -52.57 -23.36 -13.06
C GLU J 8 -51.52 -24.43 -12.75
N PHE J 9 -51.62 -25.56 -13.44
CA PHE J 9 -50.69 -26.68 -13.25
C PHE J 9 -49.93 -26.96 -14.54
N TRP J 10 -48.62 -27.15 -14.41
CA TRP J 10 -47.71 -27.27 -15.54
C TRP J 10 -47.49 -28.74 -15.89
N PHE J 11 -48.06 -29.16 -17.02
CA PHE J 11 -47.76 -30.50 -17.55
C PHE J 11 -46.39 -30.48 -18.21
N LEU J 12 -45.59 -31.52 -17.92
CA LEU J 12 -44.19 -31.57 -18.28
C LEU J 12 -43.91 -32.90 -18.96
N VAL J 13 -43.49 -32.85 -20.22
CA VAL J 13 -43.17 -34.04 -20.99
C VAL J 13 -41.67 -34.07 -21.20
N GLY J 14 -41.09 -35.27 -21.15
CA GLY J 14 -39.65 -35.43 -21.18
C GLY J 14 -39.18 -36.22 -22.38
N SER J 15 -38.06 -35.80 -22.96
CA SER J 15 -37.40 -36.51 -24.04
C SER J 15 -35.91 -36.17 -23.95
N GLN J 16 -35.17 -36.44 -25.02
CA GLN J 16 -33.76 -36.11 -25.05
C GLN J 16 -33.37 -35.60 -26.43
N TYR J 17 -32.26 -34.86 -26.47
CA TYR J 17 -31.76 -34.31 -27.72
C TYR J 17 -31.27 -35.41 -28.67
N LEU J 18 -30.94 -36.58 -28.14
CA LEU J 18 -30.47 -37.70 -28.97
C LEU J 18 -31.60 -38.37 -29.74
N TYR J 19 -32.54 -37.57 -30.25
CA TYR J 19 -33.66 -38.05 -31.05
C TYR J 19 -33.82 -37.13 -32.24
N GLY J 20 -34.56 -37.61 -33.24
CA GLY J 20 -34.85 -36.78 -34.39
C GLY J 20 -35.79 -35.66 -34.03
N LEU J 21 -35.52 -34.48 -34.58
CA LEU J 21 -36.36 -33.32 -34.31
C LEU J 21 -37.77 -33.48 -34.86
N GLU J 22 -37.99 -34.45 -35.74
CA GLU J 22 -39.31 -34.64 -36.33
C GLU J 22 -40.25 -35.38 -35.37
N THR J 23 -39.78 -36.46 -34.75
CA THR J 23 -40.63 -37.25 -33.86
C THR J 23 -40.91 -36.52 -32.54
N LEU J 24 -40.09 -35.52 -32.21
CA LEU J 24 -40.39 -34.71 -31.04
C LEU J 24 -41.69 -33.94 -31.26
N LYS J 25 -41.97 -33.54 -32.51
CA LYS J 25 -43.24 -32.92 -32.81
C LYS J 25 -44.40 -33.90 -32.66
N LYS J 26 -44.17 -35.19 -32.91
CA LYS J 26 -45.21 -36.17 -32.62
C LYS J 26 -45.47 -36.24 -31.12
N VAL J 27 -44.41 -36.13 -30.32
CA VAL J 27 -44.59 -36.13 -28.88
C VAL J 27 -45.36 -34.89 -28.44
N GLU J 28 -45.02 -33.73 -28.99
CA GLU J 28 -45.72 -32.50 -28.66
C GLU J 28 -47.20 -32.57 -29.04
N GLN J 29 -47.50 -33.12 -30.23
CA GLN J 29 -48.88 -33.21 -30.67
C GLN J 29 -49.68 -34.18 -29.81
N GLN J 30 -49.08 -35.30 -29.42
CA GLN J 30 -49.77 -36.27 -28.59
C GLN J 30 -50.03 -35.69 -27.20
N ALA J 31 -49.05 -34.96 -26.66
CA ALA J 31 -49.24 -34.31 -25.37
C ALA J 31 -50.32 -33.26 -25.44
N SER J 32 -50.41 -32.54 -26.56
CA SER J 32 -51.48 -31.57 -26.73
C SER J 32 -52.84 -32.24 -26.73
N LYS J 33 -52.95 -33.39 -27.40
CA LYS J 33 -54.23 -34.11 -27.38
C LYS J 33 -54.58 -34.55 -25.97
N ILE J 34 -53.58 -34.90 -25.17
CA ILE J 34 -53.85 -35.39 -23.83
C ILE J 34 -54.29 -34.24 -22.92
N VAL J 35 -53.55 -33.13 -22.95
CA VAL J 35 -53.87 -32.05 -22.02
C VAL J 35 -55.18 -31.37 -22.42
N ASP J 36 -55.50 -31.33 -23.71
CA ASP J 36 -56.77 -30.73 -24.12
C ASP J 36 -57.95 -31.59 -23.70
N SER J 37 -57.86 -32.92 -23.93
CA SER J 37 -58.92 -33.79 -23.45
C SER J 37 -58.99 -33.78 -21.93
N LEU J 38 -57.88 -33.48 -21.25
CA LEU J 38 -57.91 -33.36 -19.80
C LEU J 38 -58.65 -32.11 -19.35
N ASN J 39 -58.42 -30.98 -20.02
CA ASN J 39 -59.14 -29.77 -19.69
C ASN J 39 -60.62 -29.85 -20.03
N ASP J 40 -61.01 -30.72 -20.97
CA ASP J 40 -62.44 -30.84 -21.27
C ASP J 40 -63.23 -31.42 -20.10
N ASP J 41 -62.59 -32.21 -19.25
CA ASP J 41 -63.28 -32.80 -18.09
C ASP J 41 -63.47 -31.75 -17.00
N PRO J 42 -64.71 -31.53 -16.53
CA PRO J 42 -64.94 -30.52 -15.49
C PRO J 42 -64.58 -30.98 -14.09
N ILE J 43 -64.06 -32.20 -13.93
CA ILE J 43 -63.66 -32.68 -12.61
C ILE J 43 -62.46 -31.90 -12.09
N PHE J 44 -61.55 -31.52 -12.98
CA PHE J 44 -60.38 -30.77 -12.57
C PHE J 44 -60.77 -29.36 -12.15
N PRO J 45 -60.40 -28.93 -10.94
CA PRO J 45 -60.76 -27.57 -10.48
C PRO J 45 -59.84 -26.48 -10.99
N SER J 46 -58.78 -26.81 -11.71
CA SER J 46 -57.83 -25.82 -12.19
C SER J 46 -57.38 -26.18 -13.59
N LYS J 47 -56.77 -25.20 -14.26
CA LYS J 47 -56.34 -25.40 -15.63
C LYS J 47 -54.98 -26.08 -15.68
N ILE J 48 -54.68 -26.62 -16.87
CA ILE J 48 -53.40 -27.24 -17.15
C ILE J 48 -52.74 -26.48 -18.29
N VAL J 49 -51.41 -26.44 -18.25
CA VAL J 49 -50.60 -25.69 -19.21
C VAL J 49 -49.51 -26.63 -19.70
N LEU J 50 -49.58 -26.99 -20.98
CA LEU J 50 -48.54 -27.79 -21.60
C LEU J 50 -47.36 -26.88 -21.95
N LYS J 51 -46.16 -27.30 -21.56
CA LYS J 51 -44.95 -26.57 -21.87
C LYS J 51 -44.06 -27.38 -22.79
N PRO J 52 -43.21 -26.73 -23.59
CA PRO J 52 -42.50 -27.45 -24.66
C PRO J 52 -41.73 -28.66 -24.13
N VAL J 53 -41.69 -29.71 -24.96
CA VAL J 53 -41.07 -30.96 -24.56
C VAL J 53 -39.60 -30.72 -24.25
N LEU J 54 -39.15 -31.26 -23.12
CA LEU J 54 -37.79 -31.02 -22.64
C LEU J 54 -36.86 -32.11 -23.14
N LYS J 55 -35.69 -31.70 -23.60
CA LYS J 55 -34.72 -32.65 -24.16
C LYS J 55 -33.35 -32.57 -23.49
N SER J 56 -32.90 -31.38 -23.10
CA SER J 56 -31.61 -31.19 -22.46
C SER J 56 -31.82 -30.84 -20.99
N SER J 57 -30.72 -30.86 -20.23
CA SER J 57 -30.80 -30.57 -18.81
C SER J 57 -31.11 -29.09 -18.56
N SER J 58 -30.56 -28.21 -19.41
CA SER J 58 -30.76 -26.79 -19.21
C SER J 58 -32.21 -26.40 -19.38
N GLU J 59 -32.93 -27.05 -20.30
CA GLU J 59 -34.35 -26.80 -20.45
C GLU J 59 -35.10 -27.22 -19.20
N ILE J 60 -34.67 -28.35 -18.60
CA ILE J 60 -35.29 -28.84 -17.38
C ILE J 60 -35.17 -27.81 -16.27
N THR J 61 -33.94 -27.35 -16.03
CA THR J 61 -33.76 -26.41 -14.93
C THR J 61 -34.41 -25.07 -15.23
N GLU J 62 -34.43 -24.63 -16.48
CA GLU J 62 -35.10 -23.36 -16.78
C GLU J 62 -36.59 -23.45 -16.48
N ILE J 63 -37.22 -24.56 -16.86
CA ILE J 63 -38.65 -24.69 -16.60
C ILE J 63 -38.93 -24.77 -15.11
N PHE J 64 -38.11 -25.52 -14.36
CA PHE J 64 -38.34 -25.58 -12.92
C PHE J 64 -38.05 -24.26 -12.23
N GLU J 65 -37.09 -23.48 -12.74
CA GLU J 65 -36.86 -22.15 -12.18
C GLU J 65 -38.06 -21.24 -12.40
N LYS J 66 -38.65 -21.30 -13.60
CA LYS J 66 -39.86 -20.51 -13.83
C LYS J 66 -41.06 -21.01 -13.05
N ALA J 67 -41.08 -22.29 -12.68
CA ALA J 67 -42.21 -22.81 -11.90
C ALA J 67 -42.25 -22.20 -10.49
N ASN J 68 -41.10 -21.95 -9.88
CA ASN J 68 -41.07 -21.32 -8.57
C ASN J 68 -41.27 -19.81 -8.62
N ALA J 69 -41.17 -19.20 -9.81
CA ALA J 69 -41.32 -17.75 -9.92
C ALA J 69 -42.76 -17.34 -10.16
N ASP J 70 -43.49 -18.09 -10.97
CA ASP J 70 -44.88 -17.77 -11.27
C ASP J 70 -45.76 -18.16 -10.09
N PRO J 71 -46.39 -17.20 -9.42
CA PRO J 71 -47.25 -17.54 -8.28
C PRO J 71 -48.52 -18.26 -8.68
N LYS J 72 -48.95 -18.18 -9.94
CA LYS J 72 -50.14 -18.90 -10.36
C LYS J 72 -49.87 -20.39 -10.52
N CYS J 73 -48.61 -20.79 -10.64
CA CYS J 73 -48.27 -22.21 -10.69
C CYS J 73 -48.31 -22.79 -9.27
N ALA J 74 -49.08 -23.86 -9.11
CA ALA J 74 -49.22 -24.52 -7.81
C ALA J 74 -48.91 -26.00 -7.87
N GLY J 75 -48.28 -26.48 -8.94
CA GLY J 75 -47.95 -27.88 -9.07
C GLY J 75 -47.37 -28.22 -10.42
N VAL J 76 -46.65 -29.33 -10.51
CA VAL J 76 -46.04 -29.77 -11.75
C VAL J 76 -46.35 -31.26 -11.93
N ILE J 77 -46.87 -31.61 -13.10
CA ILE J 77 -47.19 -33.00 -13.44
C ILE J 77 -46.17 -33.47 -14.46
N VAL J 78 -45.39 -34.49 -14.12
CA VAL J 78 -44.29 -34.97 -14.94
C VAL J 78 -44.65 -36.31 -15.53
N TRP J 79 -44.43 -36.48 -16.85
CA TRP J 79 -44.71 -37.74 -17.53
C TRP J 79 -43.69 -37.93 -18.64
N MET J 80 -43.06 -39.11 -18.65
CA MET J 80 -42.04 -39.43 -19.65
C MET J 80 -42.71 -40.12 -20.84
N HIS J 81 -42.90 -39.38 -21.92
CA HIS J 81 -43.43 -39.98 -23.14
C HIS J 81 -42.44 -40.97 -23.72
N THR J 82 -41.18 -40.57 -23.85
CA THR J 82 -40.10 -41.43 -24.28
C THR J 82 -39.03 -41.48 -23.19
N PHE J 83 -37.98 -42.26 -23.43
CA PHE J 83 -36.92 -42.42 -22.45
C PHE J 83 -36.13 -41.12 -22.31
N SER J 84 -36.34 -40.41 -21.20
CA SER J 84 -35.56 -39.24 -20.89
C SER J 84 -34.60 -39.58 -19.76
N PRO J 85 -33.29 -39.55 -19.99
CA PRO J 85 -32.34 -39.92 -18.94
C PRO J 85 -32.46 -38.99 -17.73
N SER J 86 -32.36 -39.59 -16.54
CA SER J 86 -32.70 -38.88 -15.30
C SER J 86 -31.64 -37.89 -14.88
N LYS J 87 -30.36 -38.13 -15.22
CA LYS J 87 -29.31 -37.21 -14.79
C LYS J 87 -29.50 -35.82 -15.38
N MET J 88 -30.33 -35.69 -16.42
CA MET J 88 -30.68 -34.37 -16.91
C MET J 88 -31.64 -33.65 -15.98
N TRP J 89 -32.46 -34.41 -15.25
CA TRP J 89 -33.46 -33.84 -14.36
C TRP J 89 -32.91 -33.51 -12.97
N ILE J 90 -31.66 -33.88 -12.67
CA ILE J 90 -31.15 -33.70 -11.33
C ILE J 90 -31.08 -32.22 -10.97
N ARG J 91 -30.48 -31.40 -11.85
CA ARG J 91 -30.39 -29.98 -11.54
C ARG J 91 -31.76 -29.31 -11.52
N GLY J 92 -32.71 -29.81 -12.27
CA GLY J 92 -34.03 -29.21 -12.30
C GLY J 92 -34.86 -29.55 -11.09
N LEU J 93 -34.77 -30.80 -10.62
CA LEU J 93 -35.50 -31.23 -9.44
C LEU J 93 -34.87 -30.73 -8.15
N SER J 94 -33.59 -30.40 -8.17
CA SER J 94 -32.89 -29.93 -6.98
C SER J 94 -33.16 -28.47 -6.67
N ILE J 95 -34.03 -27.80 -7.43
CA ILE J 95 -34.31 -26.39 -7.21
C ILE J 95 -35.79 -26.11 -6.97
N ASN J 96 -36.70 -26.97 -7.42
CA ASN J 96 -38.12 -26.67 -7.32
C ASN J 96 -38.66 -27.07 -5.95
N LYS J 97 -39.64 -26.31 -5.48
CA LYS J 97 -40.34 -26.61 -4.24
C LYS J 97 -41.84 -26.80 -4.43
N LYS J 98 -42.33 -26.72 -5.65
CA LYS J 98 -43.75 -26.96 -5.91
C LYS J 98 -44.05 -28.45 -5.81
N PRO J 99 -45.28 -28.81 -5.41
CA PRO J 99 -45.63 -30.23 -5.32
C PRO J 99 -45.49 -30.91 -6.68
N LEU J 100 -45.07 -32.16 -6.65
CA LEU J 100 -44.83 -32.93 -7.86
C LEU J 100 -45.84 -34.08 -7.94
N LEU J 101 -46.42 -34.27 -9.12
CA LEU J 101 -47.22 -35.45 -9.41
C LEU J 101 -46.59 -36.18 -10.59
N HIS J 102 -46.32 -37.47 -10.41
CA HIS J 102 -45.69 -38.29 -11.44
C HIS J 102 -46.77 -39.09 -12.15
N LEU J 103 -47.19 -38.62 -13.32
CA LEU J 103 -48.21 -39.30 -14.10
C LEU J 103 -47.55 -40.36 -14.96
N HIS J 104 -47.90 -41.62 -14.73
CA HIS J 104 -47.43 -42.75 -15.51
C HIS J 104 -48.58 -43.22 -16.38
N THR J 105 -48.46 -43.02 -17.69
CA THR J 105 -49.56 -43.28 -18.59
C THR J 105 -49.03 -43.52 -20.00
N GLN J 106 -49.88 -44.16 -20.81
CA GLN J 106 -49.61 -44.41 -22.22
C GLN J 106 -50.77 -43.81 -23.01
N TYR J 107 -50.45 -43.10 -24.09
CA TYR J 107 -51.48 -42.31 -24.77
C TYR J 107 -52.54 -43.20 -25.39
N ASN J 108 -52.15 -44.34 -25.94
CA ASN J 108 -53.08 -45.31 -26.49
C ASN J 108 -53.33 -46.40 -25.46
N ARG J 109 -54.59 -46.81 -25.35
CA ARG J 109 -54.96 -47.80 -24.33
C ARG J 109 -54.46 -49.18 -24.72
N GLU J 110 -54.96 -49.73 -25.83
CA GLU J 110 -54.62 -51.07 -26.27
C GLU J 110 -53.36 -51.05 -27.12
N ILE J 111 -52.94 -52.23 -27.57
CA ILE J 111 -51.72 -52.40 -28.36
C ILE J 111 -52.13 -52.71 -29.79
N PRO J 112 -51.63 -51.96 -30.78
CA PRO J 112 -51.82 -52.36 -32.18
C PRO J 112 -51.08 -53.66 -32.49
N TRP J 113 -51.75 -54.79 -32.24
CA TRP J 113 -51.06 -56.09 -32.30
C TRP J 113 -50.44 -56.34 -33.67
N ASP J 114 -51.10 -55.89 -34.73
CA ASP J 114 -50.62 -56.16 -36.09
C ASP J 114 -49.75 -55.04 -36.65
N THR J 115 -49.60 -53.92 -35.94
CA THR J 115 -48.89 -52.77 -36.48
C THR J 115 -47.82 -52.25 -35.53
N ILE J 116 -47.42 -53.04 -34.53
CA ILE J 116 -46.34 -52.65 -33.63
C ILE J 116 -45.02 -52.83 -34.36
N ASP J 117 -44.31 -51.71 -34.57
CA ASP J 117 -43.04 -51.71 -35.27
C ASP J 117 -42.01 -50.96 -34.45
N MET J 118 -40.77 -50.93 -34.96
CA MET J 118 -39.69 -50.27 -34.23
C MET J 118 -39.84 -48.75 -34.20
N ASP J 119 -40.58 -48.17 -35.14
CA ASP J 119 -40.86 -46.74 -35.09
C ASP J 119 -41.96 -46.40 -34.11
N TYR J 120 -42.66 -47.40 -33.56
CA TYR J 120 -43.65 -47.22 -32.51
C TYR J 120 -43.09 -47.53 -31.13
N MET J 121 -42.27 -48.56 -31.02
CA MET J 121 -41.56 -48.80 -29.76
C MET J 121 -40.59 -47.67 -29.47
N ASN J 122 -40.01 -47.07 -30.51
CA ASN J 122 -39.12 -45.93 -30.33
C ASN J 122 -39.90 -44.68 -29.92
N LEU J 123 -41.18 -44.59 -30.29
CA LEU J 123 -42.00 -43.45 -29.93
C LEU J 123 -42.55 -43.58 -28.52
N ASN J 124 -43.29 -44.67 -28.25
CA ASN J 124 -43.91 -44.85 -26.94
C ASN J 124 -42.97 -45.64 -26.04
N GLN J 125 -41.92 -44.96 -25.59
CA GLN J 125 -41.03 -45.50 -24.58
C GLN J 125 -41.49 -45.15 -23.18
N SER J 126 -42.81 -45.19 -22.97
CA SER J 126 -43.37 -44.76 -21.69
C SER J 126 -43.14 -45.79 -20.60
N ALA J 127 -43.27 -47.08 -20.92
CA ALA J 127 -43.20 -48.11 -19.89
C ALA J 127 -41.87 -48.09 -19.16
N HIS J 128 -40.77 -48.07 -19.90
CA HIS J 128 -39.43 -48.00 -19.33
C HIS J 128 -38.87 -46.58 -19.35
N GLY J 129 -39.71 -45.58 -19.62
CA GLY J 129 -39.24 -44.22 -19.64
C GLY J 129 -39.21 -43.56 -18.27
N ASP J 130 -40.36 -43.57 -17.58
CA ASP J 130 -40.45 -42.94 -16.27
C ASP J 130 -40.12 -43.89 -15.13
N ARG J 131 -39.89 -45.18 -15.39
CA ARG J 131 -39.34 -46.00 -14.33
C ARG J 131 -37.94 -45.50 -13.96
N GLU J 132 -37.15 -45.19 -14.98
CA GLU J 132 -35.85 -44.54 -14.78
C GLU J 132 -36.02 -43.20 -14.10
N HIS J 133 -37.12 -42.49 -14.39
CA HIS J 133 -37.35 -41.19 -13.77
C HIS J 133 -37.73 -41.33 -12.31
N GLY J 134 -38.63 -42.26 -11.99
CA GLY J 134 -38.97 -42.52 -10.61
C GLY J 134 -37.77 -42.94 -9.79
N PHE J 135 -36.78 -43.57 -10.44
CA PHE J 135 -35.57 -43.90 -9.70
C PHE J 135 -34.87 -42.66 -9.16
N ILE J 136 -34.78 -41.59 -9.98
CA ILE J 136 -34.08 -40.40 -9.53
C ILE J 136 -34.85 -39.69 -8.42
N HIS J 137 -36.17 -39.88 -8.35
CA HIS J 137 -36.94 -39.33 -7.24
C HIS J 137 -36.67 -40.11 -5.97
N ALA J 138 -36.82 -41.44 -6.03
CA ALA J 138 -36.46 -42.26 -4.88
C ALA J 138 -35.03 -42.00 -4.42
N ARG J 139 -34.13 -41.74 -5.35
CA ARG J 139 -32.73 -41.49 -5.02
C ARG J 139 -32.54 -40.15 -4.34
N MET J 140 -33.16 -39.08 -4.86
CA MET J 140 -32.99 -37.76 -4.29
C MET J 140 -33.84 -37.53 -3.04
N ARG J 141 -34.53 -38.55 -2.56
CA ARG J 141 -35.39 -38.44 -1.37
C ARG J 141 -36.38 -37.29 -1.55
N LEU J 142 -36.93 -37.20 -2.75
CA LEU J 142 -37.82 -36.10 -3.12
C LEU J 142 -39.27 -36.50 -2.90
N PRO J 143 -40.08 -35.65 -2.28
CA PRO J 143 -41.49 -36.00 -2.04
C PRO J 143 -42.33 -35.77 -3.29
N ARG J 144 -43.20 -36.73 -3.59
CA ARG J 144 -44.07 -36.61 -4.75
C ARG J 144 -45.19 -37.63 -4.65
N LYS J 145 -46.24 -37.39 -5.44
CA LYS J 145 -47.37 -38.30 -5.57
C LYS J 145 -47.26 -39.03 -6.91
N VAL J 146 -47.36 -40.35 -6.87
CA VAL J 146 -47.26 -41.19 -8.05
C VAL J 146 -48.65 -41.69 -8.41
N VAL J 147 -49.01 -41.57 -9.68
CA VAL J 147 -50.32 -42.00 -10.18
C VAL J 147 -50.11 -42.75 -11.49
N VAL J 148 -50.64 -43.96 -11.57
CA VAL J 148 -50.47 -44.82 -12.73
C VAL J 148 -51.85 -45.18 -13.28
N GLY J 149 -51.99 -45.12 -14.59
CA GLY J 149 -53.23 -45.46 -15.26
C GLY J 149 -53.40 -44.66 -16.53
N HIS J 150 -54.27 -45.15 -17.40
CA HIS J 150 -54.54 -44.48 -18.66
C HIS J 150 -55.47 -43.30 -18.43
N TRP J 151 -55.12 -42.14 -19.01
CA TRP J 151 -55.82 -40.90 -18.71
C TRP J 151 -57.30 -40.93 -19.09
N GLU J 152 -57.75 -41.90 -19.88
CA GLU J 152 -59.17 -42.00 -20.19
C GLU J 152 -59.97 -42.58 -19.02
N GLU J 153 -59.33 -43.33 -18.13
CA GLU J 153 -60.01 -43.89 -16.98
C GLU J 153 -60.37 -42.78 -15.98
N LYS J 154 -61.46 -43.00 -15.25
CA LYS J 154 -61.94 -42.00 -14.30
C LYS J 154 -61.19 -42.05 -12.98
N GLU J 155 -60.74 -43.23 -12.55
CA GLU J 155 -60.07 -43.36 -11.25
C GLU J 155 -58.79 -42.55 -11.21
N VAL J 156 -57.96 -42.66 -12.25
CA VAL J 156 -56.73 -41.88 -12.34
C VAL J 156 -57.04 -40.39 -12.38
N ARG J 157 -58.14 -40.03 -13.05
CA ARG J 157 -58.51 -38.62 -13.11
C ARG J 157 -58.94 -38.10 -11.74
N GLU J 158 -59.59 -38.94 -10.94
CA GLU J 158 -59.93 -38.55 -9.58
C GLU J 158 -58.68 -38.38 -8.74
N LYS J 159 -57.70 -39.28 -8.91
CA LYS J 159 -56.46 -39.15 -8.16
C LYS J 159 -55.77 -37.83 -8.48
N ILE J 160 -55.62 -37.53 -9.78
CA ILE J 160 -54.90 -36.32 -10.16
C ILE J 160 -55.69 -35.06 -9.76
N ALA J 161 -57.02 -35.12 -9.75
CA ALA J 161 -57.78 -33.94 -9.36
C ALA J 161 -57.73 -33.70 -7.86
N LYS J 162 -57.80 -34.75 -7.06
CA LYS J 162 -57.62 -34.59 -5.62
C LYS J 162 -56.24 -34.04 -5.32
N TRP J 163 -55.22 -34.51 -6.04
CA TRP J 163 -53.89 -33.95 -5.84
C TRP J 163 -53.83 -32.49 -6.25
N MET J 164 -54.57 -32.09 -7.28
CA MET J 164 -54.62 -30.67 -7.64
C MET J 164 -55.21 -29.84 -6.53
N ARG J 165 -56.32 -30.32 -5.94
CA ARG J 165 -56.94 -29.57 -4.85
C ARG J 165 -55.97 -29.42 -3.67
N VAL J 166 -55.21 -30.48 -3.38
CA VAL J 166 -54.26 -30.38 -2.28
C VAL J 166 -53.10 -29.46 -2.66
N ALA J 167 -52.62 -29.55 -3.91
CA ALA J 167 -51.50 -28.75 -4.36
C ALA J 167 -51.81 -27.28 -4.39
N CYS J 168 -53.08 -26.90 -4.47
CA CYS J 168 -53.42 -25.49 -4.29
C CYS J 168 -53.80 -25.16 -2.85
N ALA J 169 -54.13 -26.17 -2.05
CA ALA J 169 -54.39 -25.91 -0.63
C ALA J 169 -53.12 -25.47 0.10
N ILE J 170 -51.95 -26.00 -0.31
CA ILE J 170 -50.71 -25.60 0.36
C ILE J 170 -50.32 -24.19 -0.04
N GLN J 171 -50.70 -23.75 -1.25
CA GLN J 171 -50.39 -22.40 -1.69
C GLN J 171 -51.19 -21.36 -0.92
N ASP J 172 -52.44 -21.68 -0.55
CA ASP J 172 -53.23 -20.82 0.31
C ASP J 172 -52.79 -21.04 1.76
N GLY J 173 -51.55 -20.64 2.01
CA GLY J 173 -50.88 -20.82 3.29
C GLY J 173 -49.45 -20.36 3.16
N ARG J 174 -48.86 -20.63 1.99
CA ARG J 174 -47.57 -20.04 1.64
C ARG J 174 -47.72 -18.58 1.25
N MET J 175 -48.86 -18.22 0.66
CA MET J 175 -49.16 -16.85 0.25
C MET J 175 -49.90 -16.09 1.35
N GLY J 176 -50.91 -16.71 1.94
CA GLY J 176 -51.74 -16.07 2.94
C GLY J 176 -51.02 -15.83 4.25
N GLN J 177 -51.76 -15.22 5.17
CA GLN J 177 -51.28 -14.87 6.50
C GLN J 177 -52.37 -15.18 7.50
N ILE J 178 -51.99 -15.63 8.70
CA ILE J 178 -52.94 -15.90 9.76
C ILE J 178 -52.82 -14.80 10.82
N VAL J 179 -53.97 -14.33 11.28
CA VAL J 179 -54.08 -13.18 12.18
C VAL J 179 -54.57 -13.68 13.53
N ARG J 180 -53.94 -13.21 14.60
CA ARG J 180 -54.31 -13.61 15.95
C ARG J 180 -54.79 -12.38 16.71
N PHE J 181 -56.01 -12.44 17.23
CA PHE J 181 -56.52 -11.39 18.12
C PHE J 181 -56.43 -11.93 19.54
N GLY J 182 -55.31 -11.66 20.19
CA GLY J 182 -55.03 -12.22 21.49
C GLY J 182 -54.24 -13.52 21.40
N ASP J 183 -53.48 -13.81 22.44
CA ASP J 183 -52.62 -14.99 22.47
C ASP J 183 -53.46 -16.21 22.84
N ASN J 184 -52.79 -17.32 23.14
CA ASN J 184 -53.48 -18.55 23.47
C ASN J 184 -54.13 -18.44 24.85
N MET J 185 -55.10 -19.32 25.09
CA MET J 185 -55.66 -19.44 26.42
C MET J 185 -54.55 -19.84 27.38
N ARG J 186 -54.52 -19.20 28.55
CA ARG J 186 -53.41 -19.39 29.46
C ARG J 186 -53.31 -20.83 29.95
N GLU J 187 -52.08 -21.32 30.05
CA GLU J 187 -51.71 -22.64 30.53
C GLU J 187 -52.15 -23.77 29.59
N VAL J 188 -52.73 -23.46 28.44
CA VAL J 188 -53.11 -24.47 27.46
C VAL J 188 -51.92 -24.79 26.58
N ALA J 189 -51.72 -26.07 26.31
CA ALA J 189 -50.52 -26.55 25.62
C ALA J 189 -50.76 -26.97 24.18
N SER J 190 -51.86 -27.66 23.89
CA SER J 190 -52.06 -28.18 22.52
C SER J 190 -52.28 -27.08 21.51
N THR J 191 -52.79 -25.92 21.94
CA THR J 191 -52.98 -24.80 21.03
C THR J 191 -51.66 -24.09 20.73
N GLU J 192 -50.66 -24.25 21.57
CA GLU J 192 -49.37 -23.61 21.40
C GLU J 192 -48.54 -24.34 20.34
N GLY J 193 -47.57 -23.63 19.79
CA GLY J 193 -46.68 -24.22 18.79
C GLY J 193 -45.56 -23.25 18.46
N ASP J 194 -44.63 -23.74 17.65
CA ASP J 194 -43.48 -22.94 17.21
C ASP J 194 -43.86 -22.20 15.94
N LYS J 195 -43.99 -20.87 16.04
CA LYS J 195 -44.41 -20.05 14.91
C LYS J 195 -43.37 -20.03 13.80
N VAL J 196 -42.10 -20.28 14.10
CA VAL J 196 -41.05 -20.21 13.09
C VAL J 196 -40.97 -21.50 12.29
N GLU J 197 -40.99 -22.65 12.97
CA GLU J 197 -40.94 -23.91 12.25
C GLU J 197 -42.19 -24.13 11.42
N ALA J 198 -43.29 -23.43 11.72
CA ALA J 198 -44.46 -23.53 10.87
C ALA J 198 -44.21 -22.85 9.53
N GLN J 199 -43.58 -21.69 9.54
CA GLN J 199 -43.19 -21.04 8.28
C GLN J 199 -42.13 -21.84 7.55
N ILE J 200 -41.23 -22.51 8.28
CA ILE J 200 -40.18 -23.27 7.62
C ILE J 200 -40.74 -24.54 6.99
N LYS J 201 -41.67 -25.21 7.68
CA LYS J 201 -42.21 -26.48 7.23
C LYS J 201 -43.46 -26.29 6.37
N LEU J 202 -44.49 -25.64 6.93
CA LEU J 202 -45.76 -25.47 6.24
C LEU J 202 -45.83 -24.19 5.42
N GLY J 203 -45.04 -23.18 5.76
CA GLY J 203 -45.08 -21.91 5.08
C GLY J 203 -46.08 -20.91 5.62
N TRP J 204 -46.91 -21.31 6.60
CA TRP J 204 -47.94 -20.44 7.15
C TRP J 204 -47.31 -19.26 7.88
N SER J 205 -47.42 -18.08 7.30
CA SER J 205 -47.05 -16.86 8.02
C SER J 205 -48.11 -16.56 9.08
N ILE J 206 -47.66 -16.17 10.27
CA ILE J 206 -48.53 -16.04 11.43
C ILE J 206 -48.12 -14.81 12.23
N ASN J 207 -49.09 -13.98 12.60
CA ASN J 207 -48.77 -12.84 13.44
C ASN J 207 -49.92 -12.52 14.39
N THR J 208 -49.60 -11.77 15.44
CA THR J 208 -50.52 -11.46 16.52
C THR J 208 -50.70 -9.96 16.66
N TRP J 209 -51.93 -9.55 16.95
CA TRP J 209 -52.32 -8.17 17.18
C TRP J 209 -53.11 -8.10 18.48
N GLY J 210 -53.03 -6.96 19.15
CA GLY J 210 -53.85 -6.75 20.34
C GLY J 210 -55.32 -6.64 20.00
N VAL J 211 -56.16 -7.08 20.94
CA VAL J 211 -57.60 -7.07 20.71
C VAL J 211 -58.15 -5.65 20.67
N GLY J 212 -57.47 -4.71 21.32
CA GLY J 212 -57.85 -3.31 21.20
C GLY J 212 -57.76 -2.80 19.79
N GLU J 213 -56.87 -3.37 18.98
CA GLU J 213 -56.80 -2.99 17.57
C GLU J 213 -58.12 -3.31 16.86
N LEU J 214 -58.75 -4.43 17.22
CA LEU J 214 -60.06 -4.75 16.67
C LEU J 214 -61.14 -3.89 17.29
N ALA J 215 -60.98 -3.54 18.57
CA ALA J 215 -61.94 -2.66 19.22
C ALA J 215 -61.93 -1.26 18.65
N GLU J 216 -60.82 -0.84 18.02
CA GLU J 216 -60.82 0.43 17.33
C GLU J 216 -61.75 0.39 16.12
N ARG J 217 -61.72 -0.70 15.37
CA ARG J 217 -62.52 -0.77 14.14
C ARG J 217 -63.98 -1.02 14.43
N VAL J 218 -64.31 -1.69 15.54
CA VAL J 218 -65.71 -2.07 15.74
C VAL J 218 -66.59 -0.84 16.00
N LYS J 219 -66.01 0.24 16.52
CA LYS J 219 -66.82 1.40 16.88
C LYS J 219 -66.97 2.41 15.76
N ALA J 220 -65.99 2.52 14.87
CA ALA J 220 -66.01 3.48 13.77
C ALA J 220 -66.75 2.96 12.55
N VAL J 221 -67.65 2.00 12.72
CA VAL J 221 -68.37 1.41 11.59
C VAL J 221 -69.48 2.37 11.16
N PRO J 222 -69.64 2.62 9.86
CA PRO J 222 -70.79 3.40 9.40
C PRO J 222 -72.09 2.71 9.78
N GLU J 223 -73.14 3.53 9.95
CA GLU J 223 -74.38 3.02 10.49
C GLU J 223 -75.23 2.32 9.42
N ARG J 224 -75.23 2.84 8.20
CA ARG J 224 -76.03 2.26 7.14
C ARG J 224 -75.43 1.01 6.52
N GLU J 225 -74.35 0.48 7.10
CA GLU J 225 -73.80 -0.80 6.65
C GLU J 225 -74.39 -1.97 7.45
N VAL J 226 -74.60 -1.77 8.74
CA VAL J 226 -75.14 -2.84 9.57
C VAL J 226 -76.59 -3.13 9.20
N GLU J 227 -77.34 -2.14 8.73
CA GLU J 227 -78.71 -2.40 8.28
C GLU J 227 -78.73 -3.10 6.92
N GLU J 228 -77.79 -2.75 6.04
CA GLU J 228 -77.63 -3.50 4.80
C GLU J 228 -77.24 -4.94 5.08
N LEU J 229 -76.54 -5.19 6.18
CA LEU J 229 -76.29 -6.56 6.60
C LEU J 229 -77.54 -7.21 7.19
N LEU J 230 -78.34 -6.43 7.93
CA LEU J 230 -79.54 -7.00 8.54
C LEU J 230 -80.57 -7.42 7.49
N LYS J 231 -80.68 -6.67 6.39
CA LYS J 231 -81.62 -7.06 5.35
C LYS J 231 -81.22 -8.38 4.72
N GLU J 232 -79.92 -8.68 4.66
CA GLU J 232 -79.46 -9.99 4.20
C GLU J 232 -79.65 -11.05 5.27
N TYR J 233 -79.51 -10.67 6.55
CA TYR J 233 -79.79 -11.60 7.63
C TYR J 233 -81.23 -12.06 7.62
N ARG J 234 -82.15 -11.17 7.25
CA ARG J 234 -83.56 -11.54 7.19
C ARG J 234 -83.85 -12.54 6.08
N GLU J 235 -83.09 -12.48 5.00
CA GLU J 235 -83.29 -13.40 3.88
C GLU J 235 -82.90 -14.84 4.22
N LYS J 236 -82.19 -15.06 5.34
CA LYS J 236 -81.69 -16.40 5.65
C LYS J 236 -82.03 -16.83 7.08
N TYR J 237 -82.09 -15.88 8.02
CA TYR J 237 -82.21 -16.24 9.43
C TYR J 237 -83.30 -15.45 10.16
N ILE J 238 -82.90 -14.72 11.22
CA ILE J 238 -83.71 -13.77 11.99
C ILE J 238 -84.59 -14.45 13.02
N MET J 239 -84.60 -13.90 14.26
CA MET J 239 -85.39 -14.24 15.42
C MET J 239 -86.61 -13.33 15.50
N PRO J 240 -87.66 -13.74 16.28
CA PRO J 240 -88.94 -13.00 16.31
C PRO J 240 -88.93 -11.50 16.06
N GLU J 241 -88.82 -10.69 17.09
CA GLU J 241 -89.11 -9.26 16.98
C GLU J 241 -87.94 -8.43 17.51
N ASP J 242 -88.02 -7.12 17.26
CA ASP J 242 -87.03 -6.16 17.72
C ASP J 242 -87.01 -6.08 19.25
N GLU J 243 -86.08 -6.81 19.86
CA GLU J 243 -85.94 -6.81 21.30
C GLU J 243 -84.47 -6.66 21.67
N TYR J 244 -84.04 -7.26 22.78
CA TYR J 244 -82.62 -7.41 23.03
C TYR J 244 -81.97 -8.42 22.10
N SER J 245 -82.78 -9.17 21.34
CA SER J 245 -82.22 -10.14 20.40
C SER J 245 -81.58 -9.44 19.20
N LEU J 246 -82.15 -8.32 18.75
CA LEU J 246 -81.60 -7.59 17.61
C LEU J 246 -80.44 -6.66 17.99
N LYS J 247 -80.30 -6.34 19.27
CA LYS J 247 -79.16 -5.55 19.73
C LYS J 247 -77.87 -6.30 19.55
N ALA J 248 -77.88 -7.60 19.87
CA ALA J 248 -76.69 -8.41 19.65
C ALA J 248 -76.43 -8.59 18.16
N ILE J 249 -77.49 -8.53 17.35
CA ILE J 249 -77.31 -8.63 15.90
C ILE J 249 -76.59 -7.40 15.38
N ARG J 250 -76.96 -6.21 15.87
CA ARG J 250 -76.25 -5.02 15.42
C ARG J 250 -74.79 -5.02 15.89
N GLU J 251 -74.54 -5.53 17.10
CA GLU J 251 -73.15 -5.60 17.56
C GLU J 251 -72.35 -6.58 16.71
N GLN J 252 -72.93 -7.75 16.42
CA GLN J 252 -72.23 -8.73 15.59
C GLN J 252 -72.04 -8.22 14.17
N ALA J 253 -72.97 -7.41 13.65
CA ALA J 253 -72.80 -6.90 12.30
C ALA J 253 -71.65 -5.90 12.22
N LYS J 254 -71.56 -4.99 13.21
CA LYS J 254 -70.43 -4.08 13.15
C LYS J 254 -69.11 -4.81 13.40
N ILE J 255 -69.14 -5.89 14.19
CA ILE J 255 -67.94 -6.69 14.38
C ILE J 255 -67.54 -7.39 13.07
N GLU J 256 -68.53 -7.89 12.33
CA GLU J 256 -68.23 -8.52 11.05
C GLU J 256 -67.61 -7.54 10.07
N ILE J 257 -68.12 -6.31 10.05
CA ILE J 257 -67.56 -5.31 9.14
C ILE J 257 -66.13 -4.98 9.55
N ALA J 258 -65.89 -4.88 10.87
CA ALA J 258 -64.54 -4.62 11.35
C ALA J 258 -63.58 -5.75 10.98
N LEU J 259 -64.04 -7.00 11.12
CA LEU J 259 -63.19 -8.13 10.78
C LEU J 259 -62.85 -8.16 9.30
N ARG J 260 -63.84 -7.91 8.44
CA ARG J 260 -63.53 -7.90 7.01
C ARG J 260 -62.55 -6.78 6.68
N GLU J 261 -62.75 -5.60 7.28
CA GLU J 261 -61.87 -4.47 7.00
C GLU J 261 -60.44 -4.78 7.45
N PHE J 262 -60.29 -5.44 8.60
CA PHE J 262 -58.95 -5.72 9.12
C PHE J 262 -58.27 -6.83 8.32
N LEU J 263 -58.98 -7.94 8.12
CA LEU J 263 -58.36 -9.10 7.48
C LEU J 263 -58.03 -8.86 6.01
N ALA J 264 -58.81 -8.03 5.30
CA ALA J 264 -58.48 -7.78 3.90
C ALA J 264 -57.18 -6.99 3.77
N ALA J 265 -56.90 -6.09 4.71
CA ALA J 265 -55.73 -5.22 4.60
C ALA J 265 -54.41 -5.95 4.81
N ALA J 266 -54.43 -7.15 5.41
CA ALA J 266 -53.19 -7.85 5.73
C ALA J 266 -53.11 -9.22 5.06
N ASN J 267 -53.70 -9.35 3.87
CA ASN J 267 -53.68 -10.59 3.09
C ASN J 267 -53.89 -11.82 3.96
N ALA J 268 -55.07 -11.94 4.55
CA ALA J 268 -55.33 -13.00 5.51
C ALA J 268 -56.09 -14.15 4.87
N VAL J 269 -55.87 -15.34 5.43
CA VAL J 269 -56.63 -16.53 5.05
C VAL J 269 -57.32 -17.19 6.24
N GLY J 270 -56.81 -17.01 7.45
CA GLY J 270 -57.50 -17.47 8.63
C GLY J 270 -57.22 -16.52 9.77
N PHE J 271 -58.04 -16.62 10.82
CA PHE J 271 -57.85 -15.77 11.98
C PHE J 271 -58.34 -16.52 13.22
N THR J 272 -57.90 -16.04 14.38
CA THR J 272 -58.24 -16.67 15.64
C THR J 272 -58.44 -15.61 16.71
N THR J 273 -59.39 -15.86 17.61
CA THR J 273 -59.72 -14.96 18.71
C THR J 273 -59.56 -15.70 20.04
N THR J 274 -59.81 -14.98 21.14
CA THR J 274 -59.77 -15.54 22.47
C THR J 274 -60.89 -14.93 23.31
N PHE J 275 -61.49 -15.73 24.19
CA PHE J 275 -62.67 -15.29 24.92
C PHE J 275 -62.34 -14.60 26.23
N GLU J 276 -61.13 -14.78 26.77
CA GLU J 276 -60.72 -14.18 28.02
C GLU J 276 -59.90 -12.91 27.81
N ASP J 277 -59.90 -12.37 26.59
CA ASP J 277 -59.14 -11.16 26.27
C ASP J 277 -59.89 -10.45 25.13
N LEU J 278 -60.85 -9.62 25.50
CA LEU J 278 -61.67 -8.87 24.55
C LEU J 278 -61.91 -7.46 25.08
N HIS J 279 -60.83 -6.78 25.46
CA HIS J 279 -60.95 -5.47 26.06
C HIS J 279 -61.47 -4.46 25.06
N ASP J 280 -62.37 -3.58 25.53
CA ASP J 280 -63.02 -2.55 24.73
C ASP J 280 -63.97 -3.15 23.69
N LEU J 281 -63.99 -4.48 23.58
CA LEU J 281 -64.98 -5.15 22.73
C LEU J 281 -66.24 -5.39 23.54
N PRO J 282 -67.38 -4.82 23.15
CA PRO J 282 -68.60 -4.95 23.97
C PRO J 282 -69.18 -6.36 23.99
N GLN J 283 -68.71 -7.28 23.15
CA GLN J 283 -69.35 -8.59 23.05
C GLN J 283 -68.39 -9.57 22.38
N LEU J 284 -68.45 -10.81 22.85
CA LEU J 284 -67.60 -11.87 22.30
C LEU J 284 -67.96 -12.13 20.84
N PRO J 285 -66.98 -12.13 19.93
CA PRO J 285 -67.28 -12.40 18.51
C PRO J 285 -67.89 -13.77 18.30
N GLY J 286 -69.10 -13.77 17.76
CA GLY J 286 -69.85 -14.99 17.51
C GLY J 286 -70.29 -15.11 16.07
N LEU J 287 -71.53 -14.71 15.81
CA LEU J 287 -72.11 -14.76 14.46
C LEU J 287 -71.16 -14.24 13.39
N ALA J 288 -70.36 -13.21 13.69
CA ALA J 288 -69.45 -12.67 12.69
C ALA J 288 -68.42 -13.71 12.26
N VAL J 289 -67.94 -14.53 13.20
CA VAL J 289 -66.99 -15.58 12.85
C VAL J 289 -67.65 -16.60 11.94
N GLN J 290 -68.90 -16.97 12.23
CA GLN J 290 -69.62 -17.89 11.36
C GLN J 290 -69.85 -17.29 9.98
N ARG J 291 -70.09 -15.98 9.92
CA ARG J 291 -70.28 -15.32 8.63
C ARG J 291 -69.00 -15.35 7.81
N LEU J 292 -67.85 -15.16 8.45
CA LEU J 292 -66.59 -15.20 7.73
C LEU J 292 -66.22 -16.63 7.34
N MET J 293 -66.51 -17.61 8.21
CA MET J 293 -66.25 -19.00 7.87
C MET J 293 -67.13 -19.49 6.74
N GLU J 294 -68.34 -18.92 6.60
CA GLU J 294 -69.22 -19.32 5.51
C GLU J 294 -68.60 -19.01 4.16
N GLU J 295 -67.75 -17.98 4.10
CA GLU J 295 -67.09 -17.62 2.86
C GLU J 295 -65.89 -18.52 2.59
N GLY J 296 -65.00 -18.67 3.56
CA GLY J 296 -63.80 -19.46 3.36
C GLY J 296 -62.76 -19.30 4.47
N TYR J 297 -62.82 -18.17 5.17
CA TYR J 297 -61.87 -17.90 6.25
C TYR J 297 -61.87 -19.01 7.30
N GLY J 298 -60.70 -19.59 7.54
CA GLY J 298 -60.56 -20.54 8.63
C GLY J 298 -60.49 -19.84 9.97
N PHE J 299 -60.92 -20.56 11.01
CA PHE J 299 -61.01 -19.97 12.34
C PHE J 299 -60.63 -20.98 13.42
N GLY J 300 -59.94 -20.49 14.44
CA GLY J 300 -59.70 -21.27 15.64
C GLY J 300 -59.94 -20.42 16.86
N ALA J 301 -60.39 -21.06 17.93
CA ALA J 301 -60.71 -20.37 19.17
C ALA J 301 -59.63 -20.63 20.22
N GLU J 302 -59.66 -19.81 21.27
CA GLU J 302 -58.73 -19.94 22.40
C GLU J 302 -57.27 -19.81 21.95
N GLY J 303 -57.03 -19.09 20.86
CA GLY J 303 -55.70 -18.85 20.35
C GLY J 303 -55.13 -19.94 19.45
N ASP J 304 -55.87 -21.03 19.22
CA ASP J 304 -55.39 -22.15 18.43
C ASP J 304 -55.25 -21.73 16.97
N TRP J 305 -54.03 -21.39 16.57
CA TRP J 305 -53.76 -21.09 15.16
C TRP J 305 -53.52 -22.34 14.33
N LYS J 306 -53.16 -23.45 14.98
CA LYS J 306 -53.02 -24.72 14.27
C LYS J 306 -54.34 -25.08 13.59
N ALA J 307 -55.43 -25.06 14.36
CA ALA J 307 -56.74 -25.40 13.83
C ALA J 307 -57.18 -24.40 12.78
N ALA J 308 -56.86 -23.11 12.98
CA ALA J 308 -57.26 -22.11 12.01
C ALA J 308 -56.61 -22.34 10.66
N GLY J 309 -55.29 -22.56 10.64
CA GLY J 309 -54.62 -22.81 9.39
C GLY J 309 -55.06 -24.12 8.74
N LEU J 310 -55.27 -25.15 9.55
CA LEU J 310 -55.73 -26.42 9.01
C LEU J 310 -57.12 -26.30 8.42
N VAL J 311 -58.02 -25.60 9.11
CA VAL J 311 -59.38 -25.38 8.60
C VAL J 311 -59.33 -24.60 7.30
N ARG J 312 -58.46 -23.59 7.20
CA ARG J 312 -58.38 -22.82 5.97
C ARG J 312 -57.94 -23.70 4.80
N ALA J 313 -56.85 -24.46 4.99
CA ALA J 313 -56.36 -25.30 3.89
C ALA J 313 -57.38 -26.38 3.53
N ILE J 314 -58.01 -26.99 4.54
CA ILE J 314 -58.96 -28.06 4.30
C ILE J 314 -60.28 -27.52 3.76
N LYS J 315 -60.51 -26.20 3.89
CA LYS J 315 -61.62 -25.54 3.23
C LYS J 315 -61.28 -25.25 1.77
N VAL J 316 -60.02 -24.94 1.49
CA VAL J 316 -59.59 -24.77 0.10
C VAL J 316 -59.71 -26.09 -0.65
N MET J 317 -59.43 -27.21 0.03
CA MET J 317 -59.62 -28.51 -0.61
C MET J 317 -61.09 -28.75 -0.96
N GLY J 318 -61.95 -28.89 0.05
CA GLY J 318 -63.38 -29.08 -0.19
C GLY J 318 -64.08 -27.80 -0.61
N THR J 319 -64.01 -27.45 -1.90
CA THR J 319 -64.52 -26.18 -2.39
C THR J 319 -65.65 -26.29 -3.40
N SER J 320 -66.09 -27.49 -3.75
CA SER J 320 -67.05 -27.64 -4.84
C SER J 320 -68.44 -28.02 -4.31
N LEU J 321 -69.13 -28.89 -5.04
CA LEU J 321 -70.53 -29.19 -4.70
C LEU J 321 -70.68 -29.88 -3.35
N PRO J 322 -69.88 -30.90 -2.98
CA PRO J 322 -70.13 -31.56 -1.70
C PRO J 322 -69.50 -30.82 -0.52
N GLY J 323 -69.35 -29.51 -0.63
CA GLY J 323 -68.71 -28.70 0.38
C GLY J 323 -69.27 -28.85 1.78
N GLY J 324 -68.43 -28.57 2.79
CA GLY J 324 -68.84 -28.70 4.17
C GLY J 324 -67.68 -28.89 5.14
N THR J 325 -67.06 -27.79 5.58
CA THR J 325 -65.94 -27.84 6.50
C THR J 325 -66.17 -26.83 7.63
N SER J 326 -65.91 -27.25 8.86
CA SER J 326 -66.17 -26.43 10.03
C SER J 326 -65.08 -26.65 11.08
N PHE J 327 -64.97 -25.68 11.98
CA PHE J 327 -64.12 -25.76 13.16
C PHE J 327 -64.91 -26.47 14.25
N MET J 328 -64.37 -27.58 14.76
CA MET J 328 -65.13 -28.42 15.68
C MET J 328 -64.38 -28.60 16.99
N GLU J 329 -65.15 -28.86 18.05
CA GLU J 329 -64.60 -29.21 19.36
C GLU J 329 -65.44 -30.33 19.94
N ASP J 330 -64.83 -31.50 20.16
CA ASP J 330 -65.54 -32.64 20.74
C ASP J 330 -66.07 -32.26 22.11
N TYR J 331 -67.38 -32.03 22.21
CA TYR J 331 -67.96 -31.40 23.40
C TYR J 331 -68.47 -32.42 24.42
N THR J 332 -69.24 -33.42 23.97
CA THR J 332 -69.78 -34.39 24.94
C THR J 332 -69.96 -35.73 24.26
N TYR J 333 -70.11 -36.77 25.06
CA TYR J 333 -70.24 -38.14 24.57
C TYR J 333 -71.62 -38.71 24.86
N HIS J 334 -71.93 -39.81 24.17
CA HIS J 334 -73.12 -40.61 24.42
C HIS J 334 -72.65 -42.05 24.61
N LEU J 335 -72.72 -42.53 25.85
CA LEU J 335 -72.00 -43.73 26.26
C LEU J 335 -72.89 -44.96 26.37
N THR J 336 -73.96 -45.04 25.58
CA THR J 336 -74.72 -46.28 25.54
C THR J 336 -73.90 -47.36 24.83
N PRO J 337 -73.96 -48.61 25.30
CA PRO J 337 -73.04 -49.64 24.76
C PRO J 337 -73.11 -49.80 23.25
N GLY J 338 -74.32 -49.92 22.70
CA GLY J 338 -74.46 -50.20 21.29
C GLY J 338 -74.40 -48.98 20.40
N ASN J 339 -74.70 -47.80 20.94
CA ASN J 339 -74.84 -46.58 20.15
C ASN J 339 -73.95 -45.47 20.72
N GLU J 340 -72.66 -45.76 20.85
CA GLU J 340 -71.72 -44.78 21.39
C GLU J 340 -71.52 -43.66 20.37
N LEU J 341 -71.84 -42.43 20.76
CA LEU J 341 -71.75 -41.29 19.87
C LEU J 341 -70.93 -40.18 20.51
N VAL J 342 -70.75 -39.10 19.75
CA VAL J 342 -70.09 -37.90 20.25
C VAL J 342 -70.78 -36.68 19.67
N LEU J 343 -71.15 -35.76 20.53
CA LEU J 343 -71.83 -34.52 20.16
C LEU J 343 -70.76 -33.43 20.10
N GLY J 344 -70.54 -32.91 18.90
CA GLY J 344 -69.56 -31.86 18.67
C GLY J 344 -70.24 -30.52 18.45
N ALA J 345 -69.67 -29.50 19.06
CA ALA J 345 -70.17 -28.13 18.98
C ALA J 345 -69.08 -27.21 19.54
N HIS J 346 -69.38 -25.92 19.58
CA HIS J 346 -68.50 -24.98 20.26
C HIS J 346 -69.32 -24.08 21.18
N MET J 347 -68.73 -22.99 21.67
CA MET J 347 -69.50 -22.04 22.47
C MET J 347 -70.31 -21.09 21.59
N LEU J 348 -69.85 -20.82 20.37
CA LEU J 348 -70.54 -19.91 19.46
C LEU J 348 -70.25 -20.26 18.00
N GLU J 349 -68.98 -20.45 17.68
CA GLU J 349 -68.50 -20.43 16.30
C GLU J 349 -68.56 -21.83 15.70
N VAL J 350 -69.59 -22.07 14.88
CA VAL J 350 -69.69 -23.28 14.06
C VAL J 350 -70.05 -22.84 12.64
N CYS J 351 -69.31 -23.34 11.66
CA CYS J 351 -69.49 -22.91 10.28
C CYS J 351 -70.85 -23.33 9.75
N PRO J 352 -71.57 -22.45 9.06
CA PRO J 352 -72.89 -22.79 8.51
C PRO J 352 -72.85 -23.60 7.22
N THR J 353 -71.70 -24.14 6.83
CA THR J 353 -71.64 -24.94 5.61
C THR J 353 -72.06 -26.39 5.85
N ILE J 354 -71.80 -26.91 7.05
CA ILE J 354 -72.20 -28.27 7.41
C ILE J 354 -73.64 -28.29 7.92
N ALA J 355 -74.34 -27.16 7.81
CA ALA J 355 -75.69 -27.04 8.34
C ALA J 355 -76.69 -27.85 7.53
N LYS J 356 -77.50 -28.65 8.22
CA LYS J 356 -78.56 -29.43 7.59
C LYS J 356 -79.90 -28.70 7.50
N GLU J 357 -80.21 -27.86 8.49
CA GLU J 357 -81.48 -27.14 8.54
C GLU J 357 -81.25 -25.68 8.16
N LYS J 358 -82.28 -24.86 8.38
CA LYS J 358 -82.14 -23.44 8.14
C LYS J 358 -81.38 -22.84 9.31
N PRO J 359 -80.24 -22.17 9.07
CA PRO J 359 -79.49 -21.56 10.18
C PRO J 359 -80.32 -20.54 10.93
N ARG J 360 -80.65 -20.83 12.18
CA ARG J 360 -81.52 -19.98 12.98
C ARG J 360 -80.66 -19.18 13.95
N ILE J 361 -80.78 -17.86 13.91
CA ILE J 361 -80.05 -17.00 14.84
C ILE J 361 -80.69 -17.12 16.22
N GLU J 362 -79.87 -17.29 17.24
CA GLU J 362 -80.33 -17.33 18.62
C GLU J 362 -79.34 -16.59 19.50
N VAL J 363 -79.87 -15.99 20.56
CA VAL J 363 -79.07 -15.35 21.60
C VAL J 363 -79.43 -15.99 22.94
N HIS J 364 -78.42 -16.27 23.75
CA HIS J 364 -78.61 -16.98 25.01
C HIS J 364 -77.60 -16.45 26.02
N PRO J 365 -77.89 -16.56 27.30
CA PRO J 365 -76.92 -16.11 28.32
C PRO J 365 -75.63 -16.91 28.25
N LEU J 366 -74.52 -16.21 28.05
CA LEU J 366 -73.20 -16.83 27.97
C LEU J 366 -72.23 -15.99 28.78
N SER J 367 -71.86 -16.48 29.97
CA SER J 367 -70.97 -15.77 30.87
C SER J 367 -69.49 -16.07 30.61
N ILE J 368 -69.17 -16.95 29.67
CA ILE J 368 -67.79 -17.32 29.40
C ILE J 368 -67.05 -16.12 28.84
N GLY J 369 -66.00 -15.70 29.55
CA GLY J 369 -65.21 -14.54 29.17
C GLY J 369 -65.80 -13.21 29.58
N GLY J 370 -67.01 -13.18 30.14
CA GLY J 370 -67.54 -11.99 30.75
C GLY J 370 -67.95 -10.86 29.82
N LYS J 371 -68.86 -11.11 28.88
CA LYS J 371 -69.37 -10.06 28.01
C LYS J 371 -70.89 -10.14 27.96
N ALA J 372 -71.47 -9.59 26.89
CA ALA J 372 -72.91 -9.49 26.72
C ALA J 372 -73.36 -10.63 25.81
N ASP J 373 -74.55 -11.19 26.11
CA ASP J 373 -75.11 -12.34 25.43
C ASP J 373 -74.91 -12.27 23.92
N PRO J 374 -73.96 -13.04 23.38
CA PRO J 374 -73.66 -12.95 21.95
C PRO J 374 -74.61 -13.78 21.11
N ALA J 375 -74.70 -13.41 19.83
CA ALA J 375 -75.55 -14.12 18.90
C ALA J 375 -74.82 -15.33 18.36
N ARG J 376 -75.60 -16.27 17.79
CA ARG J 376 -75.02 -17.50 17.28
C ARG J 376 -75.99 -18.13 16.29
N LEU J 377 -75.45 -19.00 15.45
CA LEU J 377 -76.24 -19.75 14.48
C LEU J 377 -76.48 -21.16 14.99
N VAL J 378 -77.72 -21.62 14.87
CA VAL J 378 -78.15 -22.93 15.35
C VAL J 378 -78.62 -23.75 14.16
N PHE J 379 -78.15 -25.00 14.08
CA PHE J 379 -78.50 -25.93 13.02
C PHE J 379 -78.01 -27.32 13.41
N ASP J 380 -78.60 -28.33 12.80
CA ASP J 380 -78.20 -29.73 13.00
C ASP J 380 -77.15 -30.12 11.97
N GLY J 381 -76.41 -31.19 12.30
CA GLY J 381 -75.33 -31.65 11.43
C GLY J 381 -75.83 -32.38 10.19
N GLN J 382 -74.88 -32.61 9.29
CA GLN J 382 -75.13 -33.31 8.03
C GLN J 382 -74.93 -34.82 8.19
N GLU J 383 -75.49 -35.57 7.23
CA GLU J 383 -75.38 -37.01 7.20
C GLU J 383 -74.22 -37.44 6.30
N GLY J 384 -73.92 -38.74 6.34
CA GLY J 384 -72.91 -39.33 5.49
C GLY J 384 -71.55 -39.42 6.17
N PRO J 385 -70.55 -39.93 5.45
CA PRO J 385 -69.21 -40.06 6.03
C PRO J 385 -68.46 -38.73 5.99
N ALA J 386 -67.58 -38.55 6.98
CA ALA J 386 -66.79 -37.33 7.10
C ALA J 386 -65.45 -37.69 7.75
N VAL J 387 -64.59 -36.68 7.91
CA VAL J 387 -63.31 -36.85 8.56
C VAL J 387 -63.12 -35.77 9.61
N ASN J 388 -62.30 -36.08 10.61
CA ASN J 388 -62.03 -35.18 11.73
C ASN J 388 -60.51 -35.17 11.92
N ALA J 389 -59.88 -34.06 11.55
CA ALA J 389 -58.42 -33.96 11.54
C ALA J 389 -57.93 -32.96 12.58
N SER J 390 -56.64 -33.06 12.88
CA SER J 390 -56.00 -32.17 13.87
C SER J 390 -54.50 -32.23 13.68
N ILE J 391 -53.87 -31.08 13.48
CA ILE J 391 -52.42 -30.95 13.43
C ILE J 391 -51.94 -30.53 14.81
N VAL J 392 -50.86 -31.14 15.28
CA VAL J 392 -50.36 -30.82 16.61
C VAL J 392 -48.83 -30.80 16.59
N ASP J 393 -48.26 -29.93 17.42
CA ASP J 393 -46.83 -29.73 17.51
C ASP J 393 -46.24 -30.74 18.49
N MET J 394 -45.19 -31.43 18.05
CA MET J 394 -44.55 -32.47 18.84
C MET J 394 -43.13 -32.08 19.25
N GLY J 395 -42.88 -30.78 19.34
CA GLY J 395 -41.56 -30.29 19.72
C GLY J 395 -40.61 -30.12 18.55
N ASN J 396 -40.21 -31.24 17.95
CA ASN J 396 -39.28 -31.20 16.83
C ASN J 396 -39.98 -31.17 15.47
N ARG J 397 -41.28 -31.42 15.43
CA ARG J 397 -42.00 -31.55 14.17
C ARG J 397 -43.49 -31.45 14.46
N PHE J 398 -44.26 -31.34 13.38
CA PHE J 398 -45.72 -31.41 13.46
C PHE J 398 -46.17 -32.80 13.05
N ARG J 399 -47.30 -33.23 13.62
CA ARG J 399 -47.95 -34.45 13.15
C ARG J 399 -49.43 -34.23 12.97
N LEU J 400 -49.99 -34.91 11.97
CA LEU J 400 -51.38 -34.78 11.57
C LEU J 400 -52.11 -36.07 11.93
N VAL J 401 -53.04 -35.98 12.89
CA VAL J 401 -53.90 -37.09 13.26
C VAL J 401 -55.24 -36.89 12.58
N VAL J 402 -55.76 -37.94 11.95
CA VAL J 402 -57.03 -37.85 11.23
C VAL J 402 -57.85 -39.09 11.52
N ASN J 403 -59.14 -38.89 11.82
CA ASN J 403 -60.06 -39.96 12.14
C ASN J 403 -61.21 -39.94 11.15
N LYS J 404 -61.41 -41.06 10.45
CA LYS J 404 -62.56 -41.19 9.56
C LYS J 404 -63.79 -41.56 10.39
N VAL J 405 -64.88 -40.82 10.21
CA VAL J 405 -66.08 -40.98 11.01
C VAL J 405 -67.30 -41.06 10.09
N LEU J 406 -68.40 -41.57 10.64
CA LEU J 406 -69.67 -41.64 9.92
C LEU J 406 -70.71 -40.82 10.68
N SER J 407 -71.13 -39.70 10.12
CA SER J 407 -72.12 -38.85 10.76
C SER J 407 -73.51 -39.45 10.60
N VAL J 408 -74.34 -39.26 11.62
CA VAL J 408 -75.67 -39.85 11.69
C VAL J 408 -76.70 -38.74 11.83
N PRO J 409 -77.94 -38.94 11.38
CA PRO J 409 -78.96 -37.90 11.57
C PRO J 409 -79.36 -37.78 13.03
N ILE J 410 -79.74 -36.56 13.41
CA ILE J 410 -80.10 -36.27 14.79
C ILE J 410 -81.46 -36.89 15.09
N GLU J 411 -81.51 -37.77 16.10
CA GLU J 411 -82.75 -38.47 16.41
C GLU J 411 -83.70 -37.62 17.24
N ARG J 412 -83.19 -36.99 18.30
CA ARG J 412 -84.00 -36.13 19.16
C ARG J 412 -83.52 -34.68 19.08
N LYS J 413 -84.44 -33.77 19.37
CA LYS J 413 -84.13 -32.34 19.33
C LYS J 413 -83.65 -31.85 20.69
N MET J 414 -82.93 -30.73 20.66
CA MET J 414 -82.33 -30.13 21.85
C MET J 414 -82.79 -28.68 21.97
N PRO J 415 -83.83 -28.40 22.75
CA PRO J 415 -84.37 -27.05 22.81
C PRO J 415 -83.51 -26.06 23.58
N LYS J 416 -82.80 -26.51 24.62
CA LYS J 416 -82.06 -25.61 25.49
C LYS J 416 -80.58 -25.55 25.10
N LEU J 417 -80.15 -26.33 24.13
CA LEU J 417 -78.77 -26.27 23.67
C LEU J 417 -78.62 -25.11 22.70
N PRO J 418 -77.82 -24.09 23.03
CA PRO J 418 -77.82 -22.86 22.22
C PRO J 418 -76.95 -22.89 20.98
N THR J 419 -75.98 -23.78 20.91
CA THR J 419 -75.03 -23.78 19.80
C THR J 419 -75.34 -24.91 18.82
N ALA J 420 -75.03 -24.68 17.54
CA ALA J 420 -75.20 -25.71 16.53
C ALA J 420 -74.33 -26.92 16.86
N ARG J 421 -74.81 -28.09 16.45
CA ARG J 421 -74.23 -29.35 16.90
C ARG J 421 -74.23 -30.38 15.79
N VAL J 422 -73.33 -31.35 15.90
CA VAL J 422 -73.26 -32.48 15.00
C VAL J 422 -73.07 -33.76 15.81
N LEU J 423 -73.62 -34.87 15.30
CA LEU J 423 -73.45 -36.18 15.89
C LEU J 423 -72.84 -37.14 14.86
N TRP J 424 -71.86 -37.93 15.31
CA TRP J 424 -71.18 -38.86 14.42
C TRP J 424 -70.62 -40.03 15.23
N LYS J 425 -70.25 -41.07 14.51
CA LYS J 425 -69.63 -42.27 15.07
C LYS J 425 -68.18 -42.33 14.65
N PRO J 426 -67.22 -42.38 15.58
CA PRO J 426 -65.82 -42.56 15.21
C PRO J 426 -65.54 -44.00 14.79
N LEU J 427 -64.94 -44.16 13.62
CA LEU J 427 -64.64 -45.50 13.10
C LEU J 427 -63.32 -46.00 13.67
N PRO J 428 -63.23 -47.29 14.03
CA PRO J 428 -64.35 -48.24 13.92
C PRO J 428 -65.24 -48.24 15.16
N ASP J 429 -64.63 -48.14 16.33
CA ASP J 429 -65.34 -48.10 17.60
C ASP J 429 -64.92 -46.83 18.34
N PHE J 430 -65.82 -46.30 19.17
CA PHE J 430 -65.49 -45.12 19.96
C PHE J 430 -64.31 -45.39 20.88
N LYS J 431 -64.27 -46.59 21.48
CA LYS J 431 -63.15 -46.94 22.35
C LYS J 431 -61.84 -46.94 21.58
N ARG J 432 -61.80 -47.66 20.46
CA ARG J 432 -60.56 -47.79 19.69
C ARG J 432 -60.12 -46.44 19.14
N ALA J 433 -61.05 -45.73 18.48
CA ALA J 433 -60.68 -44.48 17.84
C ALA J 433 -60.29 -43.42 18.86
N THR J 434 -60.95 -43.40 20.02
CA THR J 434 -60.62 -42.37 21.00
C THR J 434 -59.34 -42.70 21.75
N THR J 435 -59.10 -43.98 22.06
CA THR J 435 -57.83 -44.32 22.69
C THR J 435 -56.66 -44.14 21.73
N ALA J 436 -56.91 -44.26 20.42
CA ALA J 436 -55.86 -43.97 19.45
C ALA J 436 -55.66 -42.47 19.26
N TRP J 437 -56.74 -41.69 19.36
CA TRP J 437 -56.62 -40.24 19.33
C TRP J 437 -55.85 -39.72 20.53
N ILE J 438 -56.04 -40.36 21.69
CA ILE J 438 -55.31 -39.92 22.88
C ILE J 438 -53.86 -40.39 22.84
N LEU J 439 -53.63 -41.62 22.36
CA LEU J 439 -52.25 -42.10 22.22
C LEU J 439 -51.45 -41.21 21.27
N ALA J 440 -52.04 -40.87 20.13
CA ALA J 440 -51.37 -40.00 19.18
C ALA J 440 -51.28 -38.56 19.68
N GLY J 441 -51.98 -38.21 20.75
CA GLY J 441 -51.94 -36.85 21.26
C GLY J 441 -52.68 -35.85 20.42
N GLY J 442 -53.85 -36.21 19.90
CA GLY J 442 -54.62 -35.29 19.08
C GLY J 442 -55.24 -34.19 19.92
N SER J 443 -55.22 -32.97 19.37
CA SER J 443 -55.76 -31.82 20.07
C SER J 443 -57.29 -31.93 20.17
N HIS J 444 -57.86 -31.16 21.09
CA HIS J 444 -59.31 -31.10 21.23
C HIS J 444 -59.95 -30.25 20.14
N HIS J 445 -59.26 -29.23 19.65
CA HIS J 445 -59.74 -28.44 18.52
C HIS J 445 -59.46 -29.20 17.24
N THR J 446 -60.50 -29.53 16.49
CA THR J 446 -60.35 -30.30 15.26
C THR J 446 -60.97 -29.55 14.09
N ALA J 447 -60.80 -30.13 12.91
CA ALA J 447 -61.31 -29.58 11.66
C ALA J 447 -62.25 -30.63 11.08
N PHE J 448 -63.55 -30.47 11.30
CA PHE J 448 -64.53 -31.42 10.81
C PHE J 448 -64.82 -31.13 9.35
N SER J 449 -64.85 -32.17 8.51
CA SER J 449 -65.08 -31.92 7.10
C SER J 449 -65.81 -33.08 6.47
N THR J 450 -66.85 -32.76 5.69
CA THR J 450 -67.59 -33.77 4.95
C THR J 450 -67.26 -33.75 3.45
N ALA J 451 -66.55 -32.73 2.99
CA ALA J 451 -66.29 -32.54 1.56
C ALA J 451 -65.09 -33.32 1.05
N ILE J 452 -64.23 -33.83 1.92
CA ILE J 452 -62.98 -34.45 1.49
C ILE J 452 -62.87 -35.85 2.08
N ASP J 453 -61.98 -36.64 1.48
CA ASP J 453 -61.65 -37.97 1.94
C ASP J 453 -60.29 -37.95 2.64
N VAL J 454 -59.92 -39.11 3.20
CA VAL J 454 -58.60 -39.26 3.81
C VAL J 454 -57.50 -39.14 2.76
N GLU J 455 -57.81 -39.44 1.50
CA GLU J 455 -56.85 -39.30 0.41
C GLU J 455 -56.29 -37.88 0.34
N TYR J 456 -57.14 -36.89 0.60
CA TYR J 456 -56.73 -35.49 0.52
C TYR J 456 -55.66 -35.20 1.55
N LEU J 457 -55.95 -35.47 2.82
CA LEU J 457 -54.99 -35.20 3.87
C LEU J 457 -53.75 -36.07 3.75
N ILE J 458 -53.88 -37.26 3.16
CA ILE J 458 -52.73 -38.11 3.00
C ILE J 458 -51.76 -37.50 1.99
N ASP J 459 -52.30 -36.90 0.92
CA ASP J 459 -51.41 -36.21 0.00
C ASP J 459 -50.94 -34.87 0.54
N TRP J 460 -51.70 -34.25 1.44
CA TRP J 460 -51.26 -33.04 2.11
C TRP J 460 -50.00 -33.31 2.94
N ALA J 461 -50.07 -34.36 3.78
CA ALA J 461 -48.92 -34.68 4.61
C ALA J 461 -47.77 -35.20 3.78
N GLU J 462 -48.05 -35.94 2.71
CA GLU J 462 -46.96 -36.42 1.85
C GLU J 462 -46.26 -35.26 1.15
N ALA J 463 -47.02 -34.23 0.74
CA ALA J 463 -46.41 -33.11 0.04
C ALA J 463 -45.61 -32.21 0.98
N LEU J 464 -46.05 -32.08 2.23
CA LEU J 464 -45.32 -31.23 3.17
C LEU J 464 -44.30 -31.98 4.01
N GLU J 465 -44.23 -33.31 3.87
CA GLU J 465 -43.25 -34.14 4.58
C GLU J 465 -43.44 -34.05 6.10
N ILE J 466 -44.67 -34.24 6.54
CA ILE J 466 -44.96 -34.32 7.97
C ILE J 466 -45.65 -35.65 8.23
N GLU J 467 -45.57 -36.10 9.49
CA GLU J 467 -46.14 -37.38 9.86
C GLU J 467 -47.67 -37.31 9.79
N TYR J 468 -48.27 -38.37 9.27
CA TYR J 468 -49.72 -38.50 9.25
C TYR J 468 -50.09 -39.85 9.85
N VAL J 469 -51.14 -39.86 10.66
CA VAL J 469 -51.66 -41.07 11.27
C VAL J 469 -53.17 -41.10 11.09
N VAL J 470 -53.67 -42.19 10.50
CA VAL J 470 -55.08 -42.33 10.16
C VAL J 470 -55.73 -43.33 11.11
N ILE J 471 -57.02 -43.13 11.36
CA ILE J 471 -57.80 -44.01 12.22
C ILE J 471 -58.91 -44.63 11.35
N ASP J 472 -58.51 -45.36 10.32
CA ASP J 472 -59.47 -45.97 9.40
C ASP J 472 -60.22 -47.12 10.07
N GLU J 473 -61.08 -47.76 9.29
CA GLU J 473 -61.77 -48.95 9.77
C GLU J 473 -60.77 -50.08 10.05
N ASN J 474 -59.72 -50.17 9.25
CA ASN J 474 -58.67 -51.17 9.44
C ASN J 474 -57.70 -50.77 10.56
N LEU J 475 -58.21 -50.21 11.65
CA LEU J 475 -57.38 -49.73 12.75
C LEU J 475 -57.14 -50.89 13.72
N ASP J 476 -55.88 -51.32 13.82
CA ASP J 476 -55.45 -52.27 14.84
C ASP J 476 -54.62 -51.51 15.87
N LEU J 477 -55.06 -51.54 17.12
CA LEU J 477 -54.52 -50.63 18.12
C LEU J 477 -53.04 -50.93 18.40
N GLU J 478 -52.67 -52.21 18.48
CA GLU J 478 -51.30 -52.57 18.77
C GLU J 478 -50.37 -52.17 17.63
N ASP J 479 -50.81 -52.40 16.39
CA ASP J 479 -50.02 -52.02 15.23
C ASP J 479 -49.91 -50.51 15.12
N PHE J 480 -50.96 -49.78 15.52
CA PHE J 480 -50.91 -48.32 15.56
C PHE J 480 -49.91 -47.85 16.61
N LYS J 481 -49.84 -48.58 17.74
CA LYS J 481 -48.88 -48.24 18.78
C LYS J 481 -47.46 -48.37 18.25
N LYS J 482 -47.16 -49.46 17.55
CA LYS J 482 -45.83 -49.59 16.96
C LYS J 482 -45.57 -48.51 15.90
N GLU J 483 -46.61 -48.17 15.12
CA GLU J 483 -46.47 -47.17 14.08
C GLU J 483 -46.05 -45.82 14.65
N LEU J 484 -46.61 -45.46 15.80
CA LEU J 484 -46.29 -44.15 16.38
C LEU J 484 -44.81 -44.03 16.70
N ARG J 485 -44.23 -45.07 17.30
CA ARG J 485 -42.84 -44.97 17.73
C ARG J 485 -41.87 -45.13 16.58
N TRP J 486 -42.22 -45.92 15.56
CA TRP J 486 -41.34 -45.96 14.40
C TRP J 486 -41.35 -44.63 13.64
N ASN J 487 -42.52 -43.96 13.59
CA ASN J 487 -42.56 -42.67 12.91
C ASN J 487 -41.83 -41.60 13.71
N GLU J 488 -41.86 -41.67 15.04
CA GLU J 488 -41.23 -40.61 15.82
C GLU J 488 -39.74 -40.52 15.50
N LEU J 489 -39.13 -41.64 15.11
CA LEU J 489 -37.71 -41.62 14.78
C LEU J 489 -37.46 -41.43 13.29
N TYR J 490 -38.37 -41.86 12.41
CA TYR J 490 -38.11 -41.60 10.99
C TYR J 490 -38.13 -40.10 10.69
N TRP J 491 -39.13 -39.38 11.19
CA TRP J 491 -39.26 -37.95 10.97
C TRP J 491 -38.38 -37.11 11.89
N GLY J 492 -37.67 -37.71 12.84
CA GLY J 492 -36.83 -36.96 13.74
C GLY J 492 -35.53 -36.48 13.14
N LEU J 493 -34.72 -37.40 12.62
CA LEU J 493 -33.49 -37.04 11.94
C LEU J 493 -33.70 -36.80 10.45
N LEU J 494 -34.12 -37.84 9.71
CA LEU J 494 -34.45 -37.64 8.30
C LEU J 494 -35.77 -36.88 8.16
N LYS J 495 -35.99 -36.36 6.96
CA LYS J 495 -37.25 -35.69 6.64
C LYS J 495 -37.59 -35.85 5.15
N MET K 1 -38.64 -7.21 45.73
CA MET K 1 -37.37 -7.45 46.42
C MET K 1 -37.32 -8.87 46.96
N ILE K 2 -37.33 -9.83 46.05
CA ILE K 2 -37.35 -11.25 46.39
C ILE K 2 -35.95 -11.81 46.15
N ASP K 3 -35.29 -12.22 47.22
CA ASP K 3 -33.93 -12.76 47.23
C ASP K 3 -33.91 -14.13 47.89
N LEU K 4 -32.69 -14.70 47.98
CA LEU K 4 -32.49 -16.06 48.42
C LEU K 4 -32.31 -16.17 49.93
N LYS K 5 -31.35 -17.00 50.37
CA LYS K 5 -31.03 -17.26 51.77
C LYS K 5 -32.04 -18.24 52.37
N GLN K 6 -33.28 -18.21 51.89
CA GLN K 6 -34.30 -19.12 52.40
C GLN K 6 -34.07 -20.56 51.93
N TYR K 7 -33.44 -20.74 50.77
CA TYR K 7 -33.18 -22.08 50.24
C TYR K 7 -32.07 -22.78 51.00
N GLU K 8 -32.27 -24.08 51.27
CA GLU K 8 -31.32 -24.89 52.00
C GLU K 8 -30.80 -26.01 51.12
N PHE K 9 -29.58 -26.48 51.40
CA PHE K 9 -28.97 -27.55 50.63
C PHE K 9 -28.70 -28.77 51.51
N TRP K 10 -29.05 -29.95 51.00
CA TRP K 10 -29.00 -31.20 51.77
C TRP K 10 -27.67 -31.91 51.51
N PHE K 11 -26.80 -31.91 52.52
CA PHE K 11 -25.57 -32.69 52.46
C PHE K 11 -25.87 -34.16 52.71
N LEU K 12 -25.26 -35.02 51.89
CA LEU K 12 -25.59 -36.44 51.85
C LEU K 12 -24.31 -37.26 51.95
N VAL K 13 -24.19 -38.03 53.02
CA VAL K 13 -23.03 -38.88 53.27
C VAL K 13 -23.44 -40.33 53.11
N GLY K 14 -22.56 -41.13 52.54
CA GLY K 14 -22.88 -42.50 52.17
C GLY K 14 -22.04 -43.53 52.91
N SER K 15 -22.66 -44.64 53.26
CA SER K 15 -22.00 -45.78 53.88
C SER K 15 -22.79 -47.02 53.50
N GLN K 16 -22.57 -48.13 54.21
CA GLN K 16 -23.30 -49.36 53.94
C GLN K 16 -23.65 -50.06 55.24
N TYR K 17 -24.68 -50.92 55.14
CA TYR K 17 -25.13 -51.69 56.30
C TYR K 17 -24.10 -52.72 56.73
N LEU K 18 -23.19 -53.11 55.84
CA LEU K 18 -22.13 -54.07 56.16
C LEU K 18 -20.98 -53.45 56.94
N TYR K 19 -21.27 -52.58 57.91
CA TYR K 19 -20.25 -51.94 58.72
C TYR K 19 -20.63 -52.00 60.18
N GLY K 20 -19.64 -51.80 61.03
CA GLY K 20 -19.89 -51.73 62.47
C GLY K 20 -20.60 -50.44 62.84
N LEU K 21 -21.52 -50.55 63.80
CA LEU K 21 -22.25 -49.38 64.28
C LEU K 21 -21.35 -48.37 64.98
N GLU K 22 -20.13 -48.76 65.34
CA GLU K 22 -19.22 -47.83 66.00
C GLU K 22 -18.60 -46.84 65.01
N THR K 23 -18.11 -47.33 63.87
CA THR K 23 -17.48 -46.45 62.89
C THR K 23 -18.49 -45.59 62.15
N LEU K 24 -19.76 -45.99 62.12
CA LEU K 24 -20.78 -45.17 61.49
C LEU K 24 -20.98 -43.88 62.27
N LYS K 25 -20.90 -43.95 63.60
CA LYS K 25 -21.00 -42.73 64.40
C LYS K 25 -19.80 -41.83 64.19
N LYS K 26 -18.64 -42.40 63.91
CA LYS K 26 -17.49 -41.57 63.57
C LYS K 26 -17.72 -40.87 62.24
N VAL K 27 -18.36 -41.56 61.29
CA VAL K 27 -18.67 -40.92 60.01
C VAL K 27 -19.68 -39.79 60.21
N GLU K 28 -20.72 -40.04 61.01
CA GLU K 28 -21.71 -38.99 61.27
C GLU K 28 -21.09 -37.78 61.95
N GLN K 29 -20.21 -38.01 62.93
CA GLN K 29 -19.59 -36.89 63.64
C GLN K 29 -18.68 -36.10 62.73
N GLN K 30 -17.92 -36.79 61.86
CA GLN K 30 -17.03 -36.09 60.95
C GLN K 30 -17.82 -35.28 59.93
N ALA K 31 -18.93 -35.84 59.43
CA ALA K 31 -19.76 -35.10 58.49
C ALA K 31 -20.36 -33.86 59.13
N SER K 32 -20.79 -33.97 60.41
CA SER K 32 -21.28 -32.79 61.10
C SER K 32 -20.19 -31.75 61.27
N LYS K 33 -18.97 -32.20 61.59
CA LYS K 33 -17.85 -31.27 61.74
C LYS K 33 -17.55 -30.55 60.43
N ILE K 34 -17.81 -31.21 59.30
CA ILE K 34 -17.54 -30.55 58.01
C ILE K 34 -18.65 -29.55 57.68
N VAL K 35 -19.91 -29.97 57.82
CA VAL K 35 -21.00 -29.10 57.38
C VAL K 35 -21.16 -27.88 58.29
N ASP K 36 -20.83 -28.02 59.57
CA ASP K 36 -20.95 -26.86 60.47
C ASP K 36 -19.90 -25.81 60.14
N SER K 37 -18.65 -26.25 59.92
CA SER K 37 -17.62 -25.32 59.47
C SER K 37 -17.94 -24.76 58.10
N LEU K 38 -18.73 -25.48 57.31
CA LEU K 38 -19.18 -24.92 56.03
C LEU K 38 -20.18 -23.79 56.26
N ASN K 39 -21.09 -23.95 57.22
CA ASN K 39 -22.02 -22.86 57.52
C ASN K 39 -21.32 -21.67 58.16
N ASP K 40 -20.17 -21.87 58.82
CA ASP K 40 -19.50 -20.71 59.40
C ASP K 40 -18.93 -19.77 58.34
N ASP K 41 -18.62 -20.27 57.14
CA ASP K 41 -18.02 -19.43 56.10
C ASP K 41 -19.09 -18.53 55.46
N PRO K 42 -18.86 -17.22 55.40
CA PRO K 42 -19.87 -16.33 54.81
C PRO K 42 -19.85 -16.28 53.28
N ILE K 43 -19.00 -17.05 52.62
CA ILE K 43 -19.01 -17.07 51.16
C ILE K 43 -20.27 -17.75 50.65
N PHE K 44 -20.71 -18.79 51.32
CA PHE K 44 -21.91 -19.51 50.91
C PHE K 44 -23.15 -18.67 51.17
N PRO K 45 -24.00 -18.46 50.16
CA PRO K 45 -25.20 -17.63 50.34
C PRO K 45 -26.38 -18.36 50.96
N SER K 46 -26.28 -19.67 51.22
CA SER K 46 -27.39 -20.44 51.74
C SER K 46 -26.90 -21.45 52.76
N LYS K 47 -27.84 -21.99 53.54
CA LYS K 47 -27.50 -22.91 54.61
C LYS K 47 -27.35 -24.34 54.10
N ILE K 48 -26.71 -25.15 54.94
CA ILE K 48 -26.49 -26.58 54.70
C ILE K 48 -27.22 -27.35 55.79
N VAL K 49 -27.69 -28.54 55.42
CA VAL K 49 -28.47 -29.40 56.32
C VAL K 49 -27.86 -30.79 56.24
N LEU K 50 -27.25 -31.23 57.34
CA LEU K 50 -26.73 -32.59 57.42
C LEU K 50 -27.87 -33.56 57.70
N LYS K 51 -27.94 -34.64 56.93
CA LYS K 51 -28.94 -35.67 57.12
C LYS K 51 -28.27 -36.99 57.49
N PRO K 52 -28.96 -37.87 58.21
CA PRO K 52 -28.29 -39.06 58.75
C PRO K 52 -27.60 -39.88 57.67
N VAL K 53 -26.46 -40.46 58.03
CA VAL K 53 -25.66 -41.21 57.07
C VAL K 53 -26.45 -42.41 56.56
N LEU K 54 -26.42 -42.60 55.24
CA LEU K 54 -27.22 -43.62 54.58
C LEU K 54 -26.45 -44.94 54.48
N LYS K 55 -27.14 -46.03 54.75
CA LYS K 55 -26.53 -47.35 54.72
C LYS K 55 -27.25 -48.33 53.80
N SER K 56 -28.58 -48.27 53.73
CA SER K 56 -29.36 -49.15 52.89
C SER K 56 -29.93 -48.38 51.70
N SER K 57 -30.46 -49.14 50.73
CA SER K 57 -31.01 -48.52 49.53
C SER K 57 -32.29 -47.75 49.83
N SER K 58 -33.12 -48.28 50.74
CA SER K 58 -34.38 -47.64 51.06
C SER K 58 -34.16 -46.27 51.69
N GLU K 59 -33.11 -46.13 52.50
CA GLU K 59 -32.78 -44.83 53.06
C GLU K 59 -32.37 -43.84 51.97
N ILE K 60 -31.66 -44.35 50.96
CA ILE K 60 -31.25 -43.51 49.83
C ILE K 60 -32.49 -42.94 49.15
N THR K 61 -33.42 -43.82 48.77
CA THR K 61 -34.60 -43.34 48.07
C THR K 61 -35.48 -42.48 48.97
N GLU K 62 -35.52 -42.76 50.27
CA GLU K 62 -36.30 -41.93 51.18
C GLU K 62 -35.77 -40.51 51.20
N ILE K 63 -34.44 -40.35 51.25
CA ILE K 63 -33.90 -39.01 51.28
C ILE K 63 -34.15 -38.29 49.96
N PHE K 64 -33.99 -38.99 48.83
CA PHE K 64 -34.24 -38.29 47.56
C PHE K 64 -35.72 -37.92 47.38
N GLU K 65 -36.64 -38.76 47.87
CA GLU K 65 -38.05 -38.42 47.81
C GLU K 65 -38.36 -37.19 48.65
N LYS K 66 -37.81 -37.12 49.87
CA LYS K 66 -38.04 -35.94 50.68
C LYS K 66 -37.35 -34.71 50.08
N ALA K 67 -36.28 -34.92 49.32
CA ALA K 67 -35.63 -33.79 48.66
C ALA K 67 -36.51 -33.23 47.56
N ASN K 68 -37.22 -34.09 46.84
CA ASN K 68 -38.16 -33.57 45.86
C ASN K 68 -39.46 -33.08 46.48
N ALA K 69 -39.72 -33.40 47.75
CA ALA K 69 -40.97 -32.94 48.35
C ALA K 69 -40.83 -31.58 49.01
N ASP K 70 -39.70 -31.29 49.65
CA ASP K 70 -39.50 -30.02 50.34
C ASP K 70 -39.22 -28.89 49.36
N PRO K 71 -40.08 -27.88 49.26
CA PRO K 71 -39.82 -26.79 48.30
C PRO K 71 -38.65 -25.89 48.66
N LYS K 72 -38.22 -25.88 49.93
CA LYS K 72 -37.06 -25.07 50.31
C LYS K 72 -35.74 -25.71 49.89
N CYS K 73 -35.73 -27.00 49.59
CA CYS K 73 -34.54 -27.68 49.11
C CYS K 73 -34.31 -27.34 47.63
N ALA K 74 -33.10 -26.86 47.31
CA ALA K 74 -32.76 -26.48 45.95
C ALA K 74 -31.50 -27.17 45.44
N GLY K 75 -31.04 -28.21 46.12
CA GLY K 75 -29.86 -28.92 45.69
C GLY K 75 -29.41 -29.97 46.69
N VAL K 76 -28.62 -30.94 46.23
CA VAL K 76 -28.12 -32.01 47.09
C VAL K 76 -26.63 -32.16 46.82
N ILE K 77 -25.83 -32.18 47.89
CA ILE K 77 -24.39 -32.35 47.79
C ILE K 77 -24.04 -33.73 48.31
N VAL K 78 -23.48 -34.58 47.45
CA VAL K 78 -23.23 -35.97 47.78
C VAL K 78 -21.72 -36.17 47.96
N TRP K 79 -21.35 -36.86 49.04
CA TRP K 79 -19.94 -37.15 49.32
C TRP K 79 -19.85 -38.51 50.02
N MET K 80 -18.99 -39.38 49.50
CA MET K 80 -18.79 -40.71 50.07
C MET K 80 -17.66 -40.65 51.09
N HIS K 81 -18.02 -40.65 52.38
CA HIS K 81 -17.02 -40.71 53.43
C HIS K 81 -16.31 -42.05 53.42
N THR K 82 -17.06 -43.14 53.36
CA THR K 82 -16.53 -44.49 53.23
C THR K 82 -17.06 -45.13 51.94
N PHE K 83 -16.62 -46.35 51.69
CA PHE K 83 -17.02 -47.07 50.48
C PHE K 83 -18.49 -47.46 50.59
N SER K 84 -19.34 -46.75 49.85
CA SER K 84 -20.76 -47.09 49.75
C SER K 84 -21.03 -47.68 48.38
N PRO K 85 -21.43 -48.95 48.29
CA PRO K 85 -21.66 -49.56 46.98
C PRO K 85 -22.77 -48.84 46.21
N SER K 86 -22.55 -48.66 44.91
CA SER K 86 -23.41 -47.77 44.12
C SER K 86 -24.77 -48.38 43.79
N LYS K 87 -24.88 -49.71 43.71
CA LYS K 87 -26.16 -50.31 43.35
C LYS K 87 -27.25 -49.99 44.35
N MET K 88 -26.88 -49.51 45.56
CA MET K 88 -27.88 -49.05 46.50
C MET K 88 -28.45 -47.69 46.09
N TRP K 89 -27.66 -46.90 45.35
CA TRP K 89 -28.06 -45.55 44.95
C TRP K 89 -28.90 -45.54 43.67
N ILE K 90 -29.08 -46.68 43.01
CA ILE K 90 -29.74 -46.68 41.71
C ILE K 90 -31.19 -46.24 41.83
N ARG K 91 -31.95 -46.85 42.76
CA ARG K 91 -33.35 -46.46 42.91
C ARG K 91 -33.50 -45.04 43.44
N GLY K 92 -32.53 -44.56 44.21
CA GLY K 92 -32.61 -43.23 44.78
C GLY K 92 -32.29 -42.14 43.78
N LEU K 93 -31.31 -42.41 42.91
CA LEU K 93 -30.95 -41.44 41.88
C LEU K 93 -31.95 -41.42 40.73
N SER K 94 -32.72 -42.48 40.56
CA SER K 94 -33.70 -42.57 39.48
C SER K 94 -34.98 -41.80 39.78
N ILE K 95 -35.05 -41.09 40.89
CA ILE K 95 -36.27 -40.36 41.25
C ILE K 95 -36.02 -38.87 41.47
N ASN K 96 -34.80 -38.44 41.77
CA ASN K 96 -34.58 -37.05 42.13
C ASN K 96 -34.38 -36.19 40.88
N LYS K 97 -34.86 -34.95 40.96
CA LYS K 97 -34.65 -33.97 39.90
C LYS K 97 -33.93 -32.72 40.40
N LYS K 98 -33.54 -32.67 41.67
CA LYS K 98 -32.79 -31.54 42.17
C LYS K 98 -31.35 -31.59 41.64
N PRO K 99 -30.72 -30.44 41.43
CA PRO K 99 -29.33 -30.44 40.97
C PRO K 99 -28.43 -31.15 41.97
N LEU K 100 -27.43 -31.86 41.46
CA LEU K 100 -26.49 -32.60 42.27
C LEU K 100 -25.11 -32.00 42.18
N LEU K 101 -24.43 -31.91 43.32
CA LEU K 101 -23.02 -31.58 43.36
C LEU K 101 -22.28 -32.73 44.01
N HIS K 102 -21.27 -33.26 43.32
CA HIS K 102 -20.52 -34.40 43.79
C HIS K 102 -19.25 -33.88 44.44
N LEU K 103 -19.27 -33.79 45.77
CA LEU K 103 -18.12 -33.29 46.52
C LEU K 103 -17.17 -34.43 46.77
N HIS K 104 -15.97 -34.32 46.22
CA HIS K 104 -14.90 -35.32 46.40
C HIS K 104 -13.87 -34.71 47.33
N THR K 105 -13.80 -35.24 48.56
CA THR K 105 -12.96 -34.62 49.56
C THR K 105 -12.62 -35.63 50.65
N GLN K 106 -11.55 -35.33 51.39
CA GLN K 106 -11.13 -36.08 52.55
C GLN K 106 -11.02 -35.12 53.73
N TYR K 107 -11.53 -35.53 54.89
CA TYR K 107 -11.69 -34.58 55.99
C TYR K 107 -10.34 -34.08 56.49
N ASN K 108 -9.34 -34.95 56.55
CA ASN K 108 -8.00 -34.57 56.97
C ASN K 108 -7.15 -34.30 55.73
N ARG K 109 -6.34 -33.25 55.80
CA ARG K 109 -5.54 -32.85 54.65
C ARG K 109 -4.37 -33.81 54.44
N GLU K 110 -3.47 -33.88 55.43
CA GLU K 110 -2.26 -34.69 55.31
C GLU K 110 -2.52 -36.13 55.73
N ILE K 111 -1.49 -36.95 55.66
CA ILE K 111 -1.57 -38.38 55.97
C ILE K 111 -0.84 -38.61 57.29
N PRO K 112 -1.48 -39.24 58.28
CA PRO K 112 -0.73 -39.66 59.48
C PRO K 112 0.28 -40.75 59.14
N TRP K 113 1.49 -40.36 58.75
CA TRP K 113 2.47 -41.31 58.25
C TRP K 113 2.77 -42.40 59.27
N ASP K 114 2.80 -42.05 60.55
CA ASP K 114 3.17 -42.99 61.59
C ASP K 114 1.99 -43.71 62.23
N THR K 115 0.75 -43.33 61.87
CA THR K 115 -0.42 -43.89 62.53
C THR K 115 -1.46 -44.40 61.54
N ILE K 116 -1.08 -44.58 60.27
CA ILE K 116 -1.98 -45.15 59.29
C ILE K 116 -2.05 -46.66 59.50
N ASP K 117 -3.21 -47.15 59.91
CA ASP K 117 -3.42 -48.57 60.16
C ASP K 117 -4.69 -49.03 59.44
N MET K 118 -4.97 -50.33 59.53
CA MET K 118 -6.13 -50.89 58.84
C MET K 118 -7.44 -50.41 59.43
N ASP K 119 -7.46 -49.99 60.70
CA ASP K 119 -8.64 -49.41 61.29
C ASP K 119 -8.83 -47.94 60.91
N TYR K 120 -7.84 -47.32 60.28
CA TYR K 120 -7.95 -45.97 59.74
C TYR K 120 -8.23 -45.97 58.24
N MET K 121 -7.62 -46.89 57.51
CA MET K 121 -7.97 -47.07 56.11
C MET K 121 -9.42 -47.53 55.98
N ASN K 122 -9.91 -48.26 56.96
CA ASN K 122 -11.32 -48.68 56.96
C ASN K 122 -12.24 -47.49 57.18
N LEU K 123 -11.76 -46.45 57.85
CA LEU K 123 -12.58 -45.26 58.07
C LEU K 123 -12.57 -44.33 56.85
N ASN K 124 -11.39 -43.88 56.44
CA ASN K 124 -11.26 -42.93 55.33
C ASN K 124 -11.10 -43.67 54.01
N GLN K 125 -12.19 -44.27 53.56
CA GLN K 125 -12.26 -44.87 52.23
C GLN K 125 -12.75 -43.88 51.19
N SER K 126 -12.30 -42.63 51.28
CA SER K 126 -12.82 -41.59 50.40
C SER K 126 -12.26 -41.71 48.99
N ALA K 127 -10.98 -42.03 48.86
CA ALA K 127 -10.34 -42.04 47.55
C ALA K 127 -11.02 -43.02 46.59
N HIS K 128 -11.21 -44.25 47.04
CA HIS K 128 -11.89 -45.26 46.24
C HIS K 128 -13.35 -45.41 46.61
N GLY K 129 -13.91 -44.49 47.37
CA GLY K 129 -15.30 -44.57 47.75
C GLY K 129 -16.26 -43.97 46.73
N ASP K 130 -16.04 -42.70 46.39
CA ASP K 130 -16.92 -42.03 45.43
C ASP K 130 -16.45 -42.19 43.98
N ARG K 131 -15.30 -42.81 43.72
CA ARG K 131 -15.01 -43.19 42.35
C ARG K 131 -16.03 -44.21 41.87
N GLU K 132 -16.32 -45.20 42.73
CA GLU K 132 -17.39 -46.14 42.48
C GLU K 132 -18.74 -45.44 42.38
N HIS K 133 -18.91 -44.35 43.12
CA HIS K 133 -20.17 -43.60 43.07
C HIS K 133 -20.29 -42.81 41.77
N GLY K 134 -19.23 -42.11 41.38
CA GLY K 134 -19.24 -41.39 40.13
C GLY K 134 -19.44 -42.29 38.93
N PHE K 135 -19.04 -43.56 39.06
CA PHE K 135 -19.33 -44.49 37.97
C PHE K 135 -20.83 -44.63 37.76
N ILE K 136 -21.61 -44.69 38.84
CA ILE K 136 -23.05 -44.92 38.65
C ILE K 136 -23.70 -43.70 37.99
N HIS K 137 -23.13 -42.51 38.16
CA HIS K 137 -23.64 -41.33 37.47
C HIS K 137 -23.25 -41.37 35.99
N ALA K 138 -21.96 -41.56 35.71
CA ALA K 138 -21.53 -41.70 34.32
C ALA K 138 -22.31 -42.79 33.59
N ARG K 139 -22.67 -43.86 34.30
CA ARG K 139 -23.44 -44.95 33.68
C ARG K 139 -24.88 -44.53 33.45
N MET K 140 -25.50 -43.88 34.44
CA MET K 140 -26.89 -43.47 34.27
C MET K 140 -27.04 -42.18 33.47
N ARG K 141 -25.94 -41.60 32.97
CA ARG K 141 -25.98 -40.36 32.20
C ARG K 141 -26.71 -39.26 32.96
N LEU K 142 -26.42 -39.15 34.24
CA LEU K 142 -27.11 -38.18 35.08
C LEU K 142 -26.31 -36.87 35.11
N PRO K 143 -26.97 -35.71 34.96
CA PRO K 143 -26.24 -34.45 34.96
C PRO K 143 -25.88 -34.02 36.38
N ARG K 144 -24.64 -33.58 36.57
CA ARG K 144 -24.17 -33.15 37.88
C ARG K 144 -22.87 -32.39 37.71
N LYS K 145 -22.50 -31.64 38.75
CA LYS K 145 -21.23 -30.93 38.80
C LYS K 145 -20.30 -31.67 39.75
N VAL K 146 -19.07 -31.95 39.28
CA VAL K 146 -18.07 -32.66 40.07
C VAL K 146 -17.04 -31.66 40.55
N VAL K 147 -16.74 -31.70 41.85
CA VAL K 147 -15.79 -30.77 42.46
C VAL K 147 -14.88 -31.56 43.39
N VAL K 148 -13.57 -31.40 43.21
CA VAL K 148 -12.57 -32.14 43.97
C VAL K 148 -11.68 -31.14 44.72
N GLY K 149 -11.40 -31.46 45.96
CA GLY K 149 -10.54 -30.63 46.80
C GLY K 149 -10.94 -30.75 48.26
N HIS K 150 -10.00 -30.38 49.14
CA HIS K 150 -10.23 -30.44 50.57
C HIS K 150 -11.12 -29.28 51.01
N TRP K 151 -12.14 -29.58 51.81
CA TRP K 151 -13.15 -28.58 52.16
C TRP K 151 -12.58 -27.38 52.90
N GLU K 152 -11.37 -27.49 53.45
CA GLU K 152 -10.74 -26.34 54.07
C GLU K 152 -10.14 -25.39 53.05
N GLU K 153 -9.80 -25.88 51.86
CA GLU K 153 -9.27 -25.04 50.80
C GLU K 153 -10.35 -24.10 50.27
N LYS K 154 -9.93 -22.92 49.81
CA LYS K 154 -10.87 -21.89 49.37
C LYS K 154 -11.37 -22.11 47.94
N GLU K 155 -10.54 -22.68 47.06
CA GLU K 155 -10.92 -22.84 45.66
C GLU K 155 -12.13 -23.75 45.51
N VAL K 156 -12.09 -24.91 46.18
CA VAL K 156 -13.22 -25.84 46.15
C VAL K 156 -14.46 -25.21 46.77
N ARG K 157 -14.27 -24.38 47.80
CA ARG K 157 -15.40 -23.72 48.42
C ARG K 157 -16.04 -22.71 47.47
N GLU K 158 -15.23 -22.03 46.66
CA GLU K 158 -15.79 -21.13 45.66
C GLU K 158 -16.57 -21.91 44.61
N LYS K 159 -16.04 -23.06 44.18
CA LYS K 159 -16.76 -23.87 43.20
C LYS K 159 -18.13 -24.30 43.73
N ILE K 160 -18.15 -24.83 44.96
CA ILE K 160 -19.42 -25.33 45.50
C ILE K 160 -20.38 -24.18 45.79
N ALA K 161 -19.87 -22.98 46.11
CA ALA K 161 -20.78 -21.88 46.35
C ALA K 161 -21.39 -21.34 45.06
N LYS K 162 -20.59 -21.29 43.98
CA LYS K 162 -21.16 -20.90 42.69
C LYS K 162 -22.23 -21.89 42.25
N TRP K 163 -21.99 -23.19 42.49
CA TRP K 163 -23.03 -24.16 42.17
C TRP K 163 -24.25 -23.97 43.05
N MET K 164 -24.07 -23.58 44.31
CA MET K 164 -25.24 -23.31 45.15
C MET K 164 -26.09 -22.18 44.59
N ARG K 165 -25.44 -21.09 44.17
CA ARG K 165 -26.19 -19.97 43.59
C ARG K 165 -26.94 -20.41 42.35
N VAL K 166 -26.31 -21.23 41.49
CA VAL K 166 -27.00 -21.68 40.29
C VAL K 166 -28.13 -22.65 40.65
N ALA K 167 -27.90 -23.53 41.62
CA ALA K 167 -28.89 -24.54 41.99
C ALA K 167 -30.12 -23.92 42.62
N CYS K 168 -30.01 -22.72 43.18
CA CYS K 168 -31.23 -22.03 43.60
C CYS K 168 -31.77 -21.08 42.54
N ALA K 169 -30.95 -20.70 41.56
CA ALA K 169 -31.46 -19.91 40.44
C ALA K 169 -32.43 -20.69 39.57
N ILE K 170 -32.24 -22.01 39.42
CA ILE K 170 -33.15 -22.78 38.60
C ILE K 170 -34.48 -22.98 39.32
N GLN K 171 -34.47 -23.00 40.66
CA GLN K 171 -35.70 -23.18 41.41
C GLN K 171 -36.59 -21.94 41.31
N ASP K 172 -35.99 -20.75 41.28
CA ASP K 172 -36.72 -19.51 41.04
C ASP K 172 -36.97 -19.37 39.54
N GLY K 173 -37.79 -20.29 39.03
CA GLY K 173 -38.08 -20.40 37.62
C GLY K 173 -38.96 -21.61 37.39
N ARG K 174 -38.71 -22.65 38.18
CA ARG K 174 -39.63 -23.78 38.25
C ARG K 174 -40.86 -23.45 39.08
N MET K 175 -40.72 -22.57 40.07
CA MET K 175 -41.82 -22.13 40.93
C MET K 175 -42.51 -20.90 40.37
N GLY K 176 -41.73 -19.90 39.95
CA GLY K 176 -42.27 -18.64 39.48
C GLY K 176 -42.97 -18.77 38.14
N GLN K 177 -43.49 -17.63 37.68
CA GLN K 177 -44.21 -17.54 36.42
C GLN K 177 -43.80 -16.26 35.70
N ILE K 178 -43.76 -16.32 34.37
CA ILE K 178 -43.41 -15.17 33.56
C ILE K 178 -44.68 -14.64 32.90
N VAL K 179 -44.82 -13.32 32.92
CA VAL K 179 -46.02 -12.61 32.48
C VAL K 179 -45.69 -11.84 31.21
N ARG K 180 -46.57 -11.91 30.23
CA ARG K 180 -46.36 -11.21 28.97
C ARG K 180 -47.47 -10.19 28.78
N PHE K 181 -47.10 -8.92 28.63
CA PHE K 181 -48.04 -7.85 28.30
C PHE K 181 -47.90 -7.57 26.82
N GLY K 182 -48.71 -8.26 26.02
CA GLY K 182 -48.59 -8.21 24.57
C GLY K 182 -47.70 -9.30 24.03
N ASP K 183 -47.96 -9.71 22.80
CA ASP K 183 -47.23 -10.80 22.17
C ASP K 183 -45.91 -10.27 21.59
N ASN K 184 -45.25 -11.10 20.79
CA ASN K 184 -43.97 -10.72 20.21
C ASN K 184 -44.17 -9.67 19.12
N MET K 185 -43.09 -8.95 18.81
CA MET K 185 -43.09 -8.09 17.65
C MET K 185 -43.31 -8.93 16.39
N ARG K 186 -44.17 -8.45 15.50
CA ARG K 186 -44.57 -9.24 14.35
C ARG K 186 -43.38 -9.55 13.44
N GLU K 187 -43.37 -10.78 12.92
CA GLU K 187 -42.38 -11.30 11.98
C GLU K 187 -40.99 -11.46 12.58
N VAL K 188 -40.81 -11.22 13.89
CA VAL K 188 -39.53 -11.44 14.55
C VAL K 188 -39.44 -12.91 14.95
N ALA K 189 -38.28 -13.52 14.68
CA ALA K 189 -38.10 -14.96 14.87
C ALA K 189 -37.25 -15.32 16.08
N SER K 190 -36.17 -14.59 16.35
CA SER K 190 -35.27 -14.97 17.44
C SER K 190 -35.93 -14.81 18.80
N THR K 191 -36.91 -13.90 18.91
CA THR K 191 -37.65 -13.74 20.15
C THR K 191 -38.69 -14.83 20.35
N GLU K 192 -39.10 -15.49 19.26
CA GLU K 192 -40.09 -16.55 19.34
C GLU K 192 -39.47 -17.84 19.86
N GLY K 193 -40.33 -18.72 20.37
CA GLY K 193 -39.88 -19.99 20.88
C GLY K 193 -41.07 -20.85 21.25
N ASP K 194 -40.78 -22.10 21.63
CA ASP K 194 -41.80 -23.06 22.00
C ASP K 194 -42.09 -22.88 23.49
N LYS K 195 -43.27 -22.36 23.81
CA LYS K 195 -43.63 -22.10 25.20
C LYS K 195 -43.79 -23.37 26.02
N VAL K 196 -44.05 -24.50 25.36
CA VAL K 196 -44.24 -25.74 26.10
C VAL K 196 -42.89 -26.39 26.39
N GLU K 197 -41.97 -26.38 25.43
CA GLU K 197 -40.66 -26.94 25.66
C GLU K 197 -39.89 -26.17 26.71
N ALA K 198 -40.24 -24.91 26.96
CA ALA K 198 -39.61 -24.17 28.05
C ALA K 198 -40.04 -24.71 29.40
N GLN K 199 -41.33 -25.00 29.56
CA GLN K 199 -41.79 -25.62 30.80
C GLN K 199 -41.24 -27.04 30.94
N ILE K 200 -41.09 -27.76 29.83
CA ILE K 200 -40.62 -29.14 29.94
C ILE K 200 -39.13 -29.18 30.25
N LYS K 201 -38.34 -28.30 29.65
CA LYS K 201 -36.89 -28.34 29.81
C LYS K 201 -36.44 -27.48 30.99
N LEU K 202 -36.74 -26.18 30.95
CA LEU K 202 -36.28 -25.27 31.98
C LEU K 202 -37.24 -25.16 33.16
N GLY K 203 -38.52 -25.49 32.97
CA GLY K 203 -39.51 -25.37 34.01
C GLY K 203 -40.23 -24.03 34.07
N TRP K 204 -39.81 -23.06 33.26
CA TRP K 204 -40.41 -21.72 33.27
C TRP K 204 -41.87 -21.74 32.84
N SER K 205 -42.79 -21.54 33.78
CA SER K 205 -44.18 -21.33 33.39
C SER K 205 -44.32 -19.95 32.78
N ILE K 206 -45.11 -19.85 31.70
CA ILE K 206 -45.18 -18.63 30.89
C ILE K 206 -46.61 -18.42 30.44
N ASN K 207 -47.12 -17.20 30.62
CA ASN K 207 -48.45 -16.89 30.13
C ASN K 207 -48.54 -15.44 29.66
N THR K 208 -49.57 -15.16 28.87
CA THR K 208 -49.76 -13.89 28.21
C THR K 208 -51.10 -13.28 28.62
N TRP K 209 -51.11 -11.97 28.81
CA TRP K 209 -52.30 -11.20 29.14
C TRP K 209 -52.41 -10.01 28.21
N GLY K 210 -53.65 -9.58 27.96
CA GLY K 210 -53.87 -8.38 27.18
C GLY K 210 -53.43 -7.13 27.93
N VAL K 211 -52.99 -6.13 27.17
CA VAL K 211 -52.49 -4.89 27.75
C VAL K 211 -53.60 -4.09 28.43
N GLY K 212 -54.85 -4.28 28.01
CA GLY K 212 -55.96 -3.62 28.69
C GLY K 212 -56.09 -4.02 30.14
N GLU K 213 -55.64 -5.23 30.50
CA GLU K 213 -55.64 -5.63 31.89
C GLU K 213 -54.75 -4.71 32.73
N LEU K 214 -53.61 -4.29 32.17
CA LEU K 214 -52.74 -3.35 32.85
C LEU K 214 -53.30 -1.93 32.80
N ALA K 215 -53.96 -1.58 31.68
CA ALA K 215 -54.56 -0.26 31.57
C ALA K 215 -55.72 -0.07 32.55
N GLU K 216 -56.35 -1.15 32.98
CA GLU K 216 -57.35 -1.03 34.03
C GLU K 216 -56.70 -0.64 35.35
N ARG K 217 -55.55 -1.24 35.66
CA ARG K 217 -54.91 -1.00 36.95
C ARG K 217 -54.22 0.36 37.02
N VAL K 218 -53.77 0.89 35.87
CA VAL K 218 -52.99 2.13 35.95
C VAL K 218 -53.84 3.31 36.36
N LYS K 219 -55.15 3.27 36.09
CA LYS K 219 -56.00 4.43 36.37
C LYS K 219 -56.58 4.42 37.78
N ALA K 220 -56.81 3.24 38.36
CA ALA K 220 -57.40 3.12 39.69
C ALA K 220 -56.37 3.17 40.81
N VAL K 221 -55.20 3.76 40.55
CA VAL K 221 -54.15 3.85 41.55
C VAL K 221 -54.50 4.94 42.56
N PRO K 222 -54.35 4.70 43.86
CA PRO K 222 -54.52 5.77 44.83
C PRO K 222 -53.50 6.88 44.60
N GLU K 223 -53.89 8.11 44.95
CA GLU K 223 -53.07 9.27 44.63
C GLU K 223 -51.93 9.47 45.61
N ARG K 224 -52.11 9.08 46.88
CA ARG K 224 -51.07 9.25 47.89
C ARG K 224 -49.98 8.17 47.81
N GLU K 225 -50.02 7.32 46.79
CA GLU K 225 -48.95 6.36 46.57
C GLU K 225 -47.92 6.88 45.58
N VAL K 226 -48.37 7.61 44.55
CA VAL K 226 -47.45 8.11 43.53
C VAL K 226 -46.52 9.17 44.12
N GLU K 227 -47.00 9.99 45.06
CA GLU K 227 -46.11 10.95 45.68
C GLU K 227 -45.19 10.31 46.71
N GLU K 228 -45.63 9.21 47.34
CA GLU K 228 -44.75 8.43 48.19
C GLU K 228 -43.64 7.77 47.37
N LEU K 229 -43.92 7.50 46.09
CA LEU K 229 -42.84 7.08 45.20
C LEU K 229 -41.98 8.25 44.75
N LEU K 230 -42.58 9.43 44.57
CA LEU K 230 -41.83 10.59 44.11
C LEU K 230 -40.84 11.07 45.16
N LYS K 231 -41.16 10.94 46.45
CA LYS K 231 -40.19 11.34 47.47
C LYS K 231 -38.96 10.44 47.44
N GLU K 232 -39.15 9.14 47.19
CA GLU K 232 -38.02 8.23 47.00
C GLU K 232 -37.24 8.61 45.75
N TYR K 233 -37.94 8.91 44.66
CA TYR K 233 -37.30 9.40 43.45
C TYR K 233 -36.41 10.60 43.76
N ARG K 234 -36.88 11.52 44.60
CA ARG K 234 -36.08 12.69 44.97
C ARG K 234 -34.89 12.28 45.82
N GLU K 235 -35.09 11.32 46.73
CA GLU K 235 -33.97 10.81 47.51
C GLU K 235 -32.92 10.16 46.64
N LYS K 236 -33.27 9.70 45.43
CA LYS K 236 -32.27 9.04 44.60
C LYS K 236 -32.02 9.70 43.25
N TYR K 237 -33.00 10.36 42.65
CA TYR K 237 -32.84 10.85 41.28
C TYR K 237 -33.34 12.27 41.10
N ILE K 238 -34.33 12.44 40.20
CA ILE K 238 -35.10 13.67 39.99
C ILE K 238 -34.39 14.68 39.08
N MET K 239 -35.18 15.26 38.14
CA MET K 239 -35.04 16.28 37.12
C MET K 239 -35.47 17.63 37.70
N PRO K 240 -35.11 18.81 37.08
CA PRO K 240 -35.01 20.04 37.90
C PRO K 240 -36.27 20.43 38.66
N GLU K 241 -37.25 21.05 37.99
CA GLU K 241 -38.37 21.64 38.72
C GLU K 241 -39.70 21.13 38.16
N ASP K 242 -40.78 21.50 38.85
CA ASP K 242 -42.14 21.08 38.52
C ASP K 242 -42.56 21.68 37.18
N GLU K 243 -42.48 20.88 36.12
CA GLU K 243 -42.96 21.29 34.81
C GLU K 243 -43.69 20.13 34.16
N TYR K 244 -43.62 20.03 32.83
CA TYR K 244 -44.09 18.82 32.17
C TYR K 244 -43.19 17.62 32.46
N SER K 245 -42.01 17.85 33.03
CA SER K 245 -41.10 16.76 33.33
C SER K 245 -41.60 15.90 34.49
N LEU K 246 -42.27 16.51 35.47
CA LEU K 246 -42.79 15.77 36.61
C LEU K 246 -44.10 15.05 36.32
N LYS K 247 -44.81 15.46 35.27
CA LYS K 247 -46.02 14.76 34.86
C LYS K 247 -45.70 13.34 34.41
N ALA K 248 -44.62 13.17 33.65
CA ALA K 248 -44.22 11.84 33.25
C ALA K 248 -43.74 11.03 34.44
N ILE K 249 -43.22 11.70 35.47
CA ILE K 249 -42.80 10.99 36.67
C ILE K 249 -44.01 10.42 37.40
N ARG K 250 -45.09 11.21 37.49
CA ARG K 250 -46.30 10.67 38.11
C ARG K 250 -46.92 9.56 37.27
N GLU K 251 -46.83 9.67 35.94
CA GLU K 251 -47.36 8.60 35.09
C GLU K 251 -46.58 7.31 35.27
N GLN K 252 -45.24 7.41 35.32
CA GLN K 252 -44.42 6.22 35.56
C GLN K 252 -44.65 5.66 36.96
N ALA K 253 -44.94 6.52 37.94
CA ALA K 253 -45.18 6.00 39.29
C ALA K 253 -46.48 5.20 39.36
N LYS K 254 -47.54 5.69 38.72
CA LYS K 254 -48.77 4.91 38.75
C LYS K 254 -48.64 3.63 37.92
N ILE K 255 -47.84 3.66 36.84
CA ILE K 255 -47.59 2.43 36.10
C ILE K 255 -46.80 1.43 36.94
N GLU K 256 -45.82 1.94 37.70
CA GLU K 256 -45.03 1.06 38.58
C GLU K 256 -45.91 0.41 39.63
N ILE K 257 -46.86 1.16 40.19
CA ILE K 257 -47.75 0.58 41.20
C ILE K 257 -48.64 -0.49 40.56
N ALA K 258 -49.12 -0.24 39.34
CA ALA K 258 -49.93 -1.24 38.67
C ALA K 258 -49.13 -2.52 38.41
N LEU K 259 -47.88 -2.36 37.97
CA LEU K 259 -47.03 -3.53 37.71
C LEU K 259 -46.74 -4.29 38.99
N ARG K 260 -46.48 -3.57 40.09
CA ARG K 260 -46.24 -4.25 41.36
C ARG K 260 -47.44 -5.07 41.78
N GLU K 261 -48.64 -4.49 41.66
CA GLU K 261 -49.85 -5.21 42.04
C GLU K 261 -50.04 -6.44 41.18
N PHE K 262 -49.79 -6.31 39.86
CA PHE K 262 -50.06 -7.42 38.96
C PHE K 262 -49.06 -8.55 39.18
N LEU K 263 -47.76 -8.23 39.21
CA LEU K 263 -46.77 -9.29 39.36
C LEU K 263 -46.87 -9.94 40.73
N ALA K 264 -47.24 -9.19 41.78
CA ALA K 264 -47.41 -9.83 43.08
C ALA K 264 -48.65 -10.71 43.10
N ALA K 265 -49.71 -10.32 42.39
CA ALA K 265 -50.95 -11.08 42.45
C ALA K 265 -50.88 -12.43 41.74
N ALA K 266 -49.92 -12.61 40.83
CA ALA K 266 -49.84 -13.85 40.05
C ALA K 266 -48.51 -14.57 40.21
N ASN K 267 -47.87 -14.42 41.37
CA ASN K 267 -46.61 -15.08 41.70
C ASN K 267 -45.63 -15.04 40.53
N ALA K 268 -45.24 -13.83 40.16
CA ALA K 268 -44.42 -13.60 38.97
C ALA K 268 -42.96 -13.41 39.36
N VAL K 269 -42.08 -13.75 38.42
CA VAL K 269 -40.66 -13.48 38.57
C VAL K 269 -40.08 -12.65 37.44
N GLY K 270 -40.68 -12.66 36.26
CA GLY K 270 -40.25 -11.78 35.18
C GLY K 270 -41.45 -11.37 34.35
N PHE K 271 -41.24 -10.33 33.55
CA PHE K 271 -42.32 -9.84 32.69
C PHE K 271 -41.73 -9.23 31.43
N THR K 272 -42.58 -9.09 30.41
CA THR K 272 -42.17 -8.56 29.12
C THR K 272 -43.30 -7.72 28.55
N THR K 273 -42.93 -6.64 27.85
CA THR K 273 -43.88 -5.73 27.23
C THR K 273 -43.61 -5.65 25.72
N THR K 274 -44.45 -4.86 25.03
CA THR K 274 -44.30 -4.63 23.61
C THR K 274 -44.62 -3.16 23.30
N PHE K 275 -43.91 -2.59 22.34
CA PHE K 275 -44.03 -1.16 22.07
C PHE K 275 -45.11 -0.82 21.04
N GLU K 276 -45.53 -1.79 20.23
CA GLU K 276 -46.56 -1.58 19.22
C GLU K 276 -47.95 -1.99 19.67
N ASP K 277 -48.14 -2.23 20.97
CA ASP K 277 -49.44 -2.66 21.50
C ASP K 277 -49.52 -2.17 22.94
N LEU K 278 -50.00 -0.94 23.12
CA LEU K 278 -50.13 -0.32 24.43
C LEU K 278 -51.42 0.48 24.50
N HIS K 279 -52.54 -0.15 24.15
CA HIS K 279 -53.81 0.55 24.09
C HIS K 279 -54.27 0.95 25.49
N ASP K 280 -54.81 2.17 25.59
CA ASP K 280 -55.28 2.81 26.81
C ASP K 280 -54.15 3.13 27.79
N LEU K 281 -52.92 2.73 27.51
CA LEU K 281 -51.79 3.13 28.33
C LEU K 281 -51.28 4.50 27.87
N PRO K 282 -51.33 5.53 28.73
CA PRO K 282 -50.96 6.88 28.28
C PRO K 282 -49.48 7.04 27.95
N GLN K 283 -48.63 6.07 28.30
CA GLN K 283 -47.19 6.25 28.11
C GLN K 283 -46.51 4.89 28.17
N LEU K 284 -45.49 4.73 27.33
CA LEU K 284 -44.74 3.48 27.28
C LEU K 284 -44.02 3.23 28.61
N PRO K 285 -44.15 2.05 29.21
CA PRO K 285 -43.47 1.78 30.48
C PRO K 285 -41.95 1.86 30.32
N GLY K 286 -41.36 2.79 31.07
CA GLY K 286 -39.93 3.05 31.04
C GLY K 286 -39.34 2.94 32.43
N LEU K 287 -39.22 4.09 33.10
CA LEU K 287 -38.68 4.16 34.46
C LEU K 287 -39.26 3.08 35.38
N ALA K 288 -40.54 2.75 35.23
CA ALA K 288 -41.15 1.74 36.08
C ALA K 288 -40.51 0.37 35.85
N VAL K 289 -40.16 0.06 34.60
CA VAL K 289 -39.49 -1.20 34.31
C VAL K 289 -38.12 -1.23 34.97
N GLN K 290 -37.40 -0.11 34.92
CA GLN K 290 -36.11 -0.03 35.60
C GLN K 290 -36.25 -0.16 37.11
N ARG K 291 -37.35 0.39 37.67
CA ARG K 291 -37.58 0.26 39.11
C ARG K 291 -37.83 -1.19 39.50
N LEU K 292 -38.56 -1.93 38.66
CA LEU K 292 -38.79 -3.34 38.98
C LEU K 292 -37.54 -4.18 38.74
N MET K 293 -36.76 -3.86 37.71
CA MET K 293 -35.50 -4.56 37.47
C MET K 293 -34.48 -4.26 38.56
N GLU K 294 -34.59 -3.11 39.21
CA GLU K 294 -33.67 -2.77 40.30
C GLU K 294 -33.77 -3.77 41.44
N GLU K 295 -34.94 -4.37 41.64
CA GLU K 295 -35.11 -5.36 42.70
C GLU K 295 -34.57 -6.71 42.27
N GLY K 296 -35.00 -7.20 41.10
CA GLY K 296 -34.60 -8.53 40.66
C GLY K 296 -35.40 -9.04 39.47
N TYR K 297 -36.60 -8.52 39.29
CA TYR K 297 -37.48 -8.94 38.21
C TYR K 297 -36.78 -8.84 36.86
N GLY K 298 -36.73 -9.95 36.13
CA GLY K 298 -36.21 -9.94 34.79
C GLY K 298 -37.20 -9.33 33.81
N PHE K 299 -36.66 -8.75 32.74
CA PHE K 299 -37.48 -8.04 31.77
C PHE K 299 -36.93 -8.24 30.37
N GLY K 300 -37.85 -8.39 29.42
CA GLY K 300 -37.49 -8.37 28.02
C GLY K 300 -38.48 -7.53 27.24
N ALA K 301 -37.99 -6.93 26.16
CA ALA K 301 -38.81 -6.06 25.33
C ALA K 301 -39.19 -6.77 24.04
N GLU K 302 -40.20 -6.21 23.37
CA GLU K 302 -40.70 -6.73 22.10
C GLU K 302 -41.19 -8.17 22.22
N GLY K 303 -41.65 -8.54 23.42
CA GLY K 303 -42.19 -9.86 23.66
C GLY K 303 -41.18 -10.95 23.98
N ASP K 304 -39.89 -10.62 24.02
CA ASP K 304 -38.83 -11.61 24.24
C ASP K 304 -38.93 -12.14 25.66
N TRP K 305 -39.55 -13.30 25.82
CA TRP K 305 -39.60 -13.95 27.13
C TRP K 305 -38.35 -14.77 27.43
N LYS K 306 -37.60 -15.16 26.39
CA LYS K 306 -36.33 -15.85 26.60
C LYS K 306 -35.40 -14.99 27.43
N ALA K 307 -35.20 -13.74 27.00
CA ALA K 307 -34.31 -12.83 27.72
C ALA K 307 -34.85 -12.50 29.09
N ALA K 308 -36.18 -12.39 29.23
CA ALA K 308 -36.75 -12.07 30.53
C ALA K 308 -36.46 -13.17 31.54
N GLY K 309 -36.71 -14.42 31.17
CA GLY K 309 -36.42 -15.53 32.07
C GLY K 309 -34.93 -15.66 32.36
N LEU K 310 -34.10 -15.46 31.34
CA LEU K 310 -32.66 -15.53 31.55
C LEU K 310 -32.17 -14.44 32.49
N VAL K 311 -32.66 -13.21 32.31
CA VAL K 311 -32.28 -12.10 33.18
C VAL K 311 -32.73 -12.38 34.61
N ARG K 312 -33.93 -12.94 34.79
CA ARG K 312 -34.38 -13.25 36.15
C ARG K 312 -33.47 -14.28 36.81
N ALA K 313 -33.21 -15.39 36.12
CA ALA K 313 -32.37 -16.43 36.73
C ALA K 313 -30.94 -15.94 36.96
N ILE K 314 -30.38 -15.20 36.00
CA ILE K 314 -29.02 -14.72 36.11
C ILE K 314 -28.90 -13.58 37.11
N LYS K 315 -30.02 -12.94 37.46
CA LYS K 315 -30.03 -12.00 38.57
C LYS K 315 -30.12 -12.73 39.90
N VAL K 316 -30.82 -13.86 39.93
CA VAL K 316 -30.81 -14.67 41.14
C VAL K 316 -29.40 -15.18 41.41
N MET K 317 -28.66 -15.50 40.34
CA MET K 317 -27.25 -15.88 40.52
C MET K 317 -26.43 -14.74 41.11
N GLY K 318 -26.23 -13.68 40.34
CA GLY K 318 -25.51 -12.51 40.83
C GLY K 318 -26.35 -11.66 41.76
N THR K 319 -26.42 -12.03 43.04
CA THR K 319 -27.32 -11.38 43.97
C THR K 319 -26.63 -10.69 45.15
N SER K 320 -25.31 -10.73 45.23
CA SER K 320 -24.63 -10.22 46.42
C SER K 320 -23.93 -8.90 46.14
N LEU K 321 -22.75 -8.72 46.72
CA LEU K 321 -22.05 -7.43 46.65
C LEU K 321 -21.69 -7.04 45.23
N PRO K 322 -21.11 -7.90 44.37
CA PRO K 322 -20.72 -7.43 43.04
C PRO K 322 -21.86 -7.39 42.04
N GLY K 323 -23.09 -7.20 42.53
CA GLY K 323 -24.27 -7.23 41.68
C GLY K 323 -24.21 -6.30 40.47
N GLY K 324 -24.96 -6.63 39.43
CA GLY K 324 -24.98 -5.85 38.21
C GLY K 324 -25.42 -6.64 37.00
N THR K 325 -26.72 -6.76 36.79
CA THR K 325 -27.29 -7.50 35.67
C THR K 325 -28.37 -6.67 35.02
N SER K 326 -28.36 -6.60 33.68
CA SER K 326 -29.27 -5.76 32.92
C SER K 326 -29.68 -6.45 31.63
N PHE K 327 -30.80 -5.98 31.08
CA PHE K 327 -31.26 -6.36 29.75
C PHE K 327 -30.60 -5.42 28.73
N MET K 328 -29.90 -6.01 27.75
CA MET K 328 -29.08 -5.22 26.84
C MET K 328 -29.46 -5.49 25.40
N GLU K 329 -29.18 -4.51 24.52
CA GLU K 329 -29.34 -4.69 23.08
C GLU K 329 -28.14 -4.04 22.43
N ASP K 330 -27.34 -4.84 21.71
CA ASP K 330 -26.17 -4.35 21.01
C ASP K 330 -26.60 -3.35 19.94
N TYR K 331 -26.42 -2.04 20.16
CA TYR K 331 -27.06 -1.07 19.28
C TYR K 331 -26.14 -0.59 18.16
N THR K 332 -24.90 -0.23 18.47
CA THR K 332 -24.00 0.27 17.43
C THR K 332 -22.55 -0.11 17.77
N TYR K 333 -21.71 -0.03 16.74
CA TYR K 333 -20.31 -0.42 16.84
C TYR K 333 -19.40 0.80 16.71
N HIS K 334 -18.14 0.61 17.12
CA HIS K 334 -17.07 1.59 16.93
C HIS K 334 -15.92 0.87 16.27
N LEU K 335 -15.65 1.20 15.00
CA LEU K 335 -14.79 0.39 14.13
C LEU K 335 -13.39 0.96 13.97
N THR K 336 -12.86 1.64 14.99
CA THR K 336 -11.45 2.04 14.92
C THR K 336 -10.55 0.81 15.06
N PRO K 337 -9.45 0.74 14.33
CA PRO K 337 -8.66 -0.50 14.29
C PRO K 337 -8.13 -0.95 15.65
N GLY K 338 -7.50 -0.05 16.41
CA GLY K 338 -6.84 -0.47 17.64
C GLY K 338 -7.74 -0.57 18.84
N ASN K 339 -8.82 0.21 18.87
CA ASN K 339 -9.71 0.27 20.03
C ASN K 339 -11.16 0.08 19.61
N GLU K 340 -11.43 -1.01 18.90
CA GLU K 340 -12.78 -1.29 18.42
C GLU K 340 -13.68 -1.69 19.59
N LEU K 341 -14.79 -0.98 19.76
CA LEU K 341 -15.70 -1.16 20.87
C LEU K 341 -17.10 -1.44 20.34
N VAL K 342 -18.05 -1.64 21.26
CA VAL K 342 -19.44 -1.79 20.86
C VAL K 342 -20.34 -1.12 21.91
N LEU K 343 -21.29 -0.31 21.44
CA LEU K 343 -22.19 0.45 22.30
C LEU K 343 -23.49 -0.33 22.48
N GLY K 344 -23.75 -0.73 23.72
CA GLY K 344 -24.96 -1.46 24.07
C GLY K 344 -25.93 -0.55 24.81
N ALA K 345 -27.21 -0.69 24.49
CA ALA K 345 -28.25 0.13 25.09
C ALA K 345 -29.61 -0.47 24.75
N HIS K 346 -30.66 0.23 25.14
CA HIS K 346 -32.00 -0.05 24.67
C HIS K 346 -32.68 1.27 24.33
N MET K 347 -34.00 1.22 24.12
CA MET K 347 -34.77 2.45 23.91
C MET K 347 -35.14 3.13 25.23
N LEU K 348 -35.27 2.36 26.32
CA LEU K 348 -35.62 2.91 27.62
C LEU K 348 -35.08 2.07 28.77
N GLU K 349 -35.29 0.75 28.69
CA GLU K 349 -35.15 -0.13 29.85
C GLU K 349 -33.72 -0.66 29.93
N VAL K 350 -32.94 -0.06 30.83
CA VAL K 350 -31.62 -0.58 31.23
C VAL K 350 -31.58 -0.58 32.74
N CYS K 351 -31.18 -1.71 33.33
CA CYS K 351 -31.23 -1.86 34.77
C CYS K 351 -30.24 -0.89 35.44
N PRO K 352 -30.65 -0.23 36.52
CA PRO K 352 -29.74 0.70 37.22
C PRO K 352 -28.73 0.04 38.13
N THR K 353 -28.56 -1.28 38.04
CA THR K 353 -27.58 -1.98 38.87
C THR K 353 -26.18 -1.90 38.27
N ILE K 354 -26.08 -1.88 36.95
CA ILE K 354 -24.78 -1.78 36.28
C ILE K 354 -24.34 -0.31 36.19
N ALA K 355 -25.11 0.59 36.80
CA ALA K 355 -24.78 2.00 36.70
C ALA K 355 -23.53 2.34 37.52
N LYS K 356 -22.74 3.28 37.01
CA LYS K 356 -21.57 3.77 37.73
C LYS K 356 -21.82 5.10 38.44
N GLU K 357 -22.69 5.94 37.88
CA GLU K 357 -23.00 7.25 38.42
C GLU K 357 -24.36 7.21 39.11
N LYS K 358 -24.86 8.40 39.46
CA LYS K 358 -26.18 8.52 40.03
C LYS K 358 -27.23 8.41 38.92
N PRO K 359 -28.19 7.48 39.03
CA PRO K 359 -29.22 7.36 37.99
C PRO K 359 -29.99 8.65 37.81
N ARG K 360 -29.85 9.27 36.63
CA ARG K 360 -30.45 10.58 36.40
C ARG K 360 -31.75 10.43 35.60
N ILE K 361 -32.85 10.94 36.14
CA ILE K 361 -34.12 10.87 35.42
C ILE K 361 -34.11 11.89 34.29
N GLU K 362 -34.50 11.43 33.10
CA GLU K 362 -34.63 12.29 31.93
C GLU K 362 -35.84 11.87 31.13
N VAL K 363 -36.47 12.85 30.48
CA VAL K 363 -37.56 12.62 29.54
C VAL K 363 -37.16 13.23 28.20
N HIS K 364 -37.47 12.52 27.12
CA HIS K 364 -37.06 12.91 25.78
C HIS K 364 -38.14 12.50 24.79
N PRO K 365 -38.24 13.18 23.65
CA PRO K 365 -39.20 12.77 22.62
C PRO K 365 -38.88 11.37 22.10
N LEU K 366 -39.86 10.47 22.20
CA LEU K 366 -39.70 9.10 21.72
C LEU K 366 -40.96 8.73 20.96
N SER K 367 -40.86 8.69 19.63
CA SER K 367 -41.99 8.38 18.77
C SER K 367 -42.18 6.89 18.51
N ILE K 368 -41.29 6.05 19.01
CA ILE K 368 -41.39 4.61 18.78
C ILE K 368 -42.63 4.08 19.49
N GLY K 369 -43.56 3.51 18.71
CA GLY K 369 -44.79 2.98 19.23
C GLY K 369 -45.88 4.00 19.48
N GLY K 370 -45.60 5.29 19.34
CA GLY K 370 -46.64 6.31 19.35
C GLY K 370 -47.31 6.59 20.67
N LYS K 371 -46.56 6.99 21.70
CA LYS K 371 -47.15 7.38 22.97
C LYS K 371 -46.54 8.70 23.43
N ALA K 372 -46.60 8.94 24.74
CA ALA K 372 -46.16 10.19 25.34
C ALA K 372 -44.76 10.00 25.91
N ASP K 373 -43.93 11.04 25.77
CA ASP K 373 -42.52 11.05 26.16
C ASP K 373 -42.31 10.39 27.52
N PRO K 374 -41.80 9.15 27.54
CA PRO K 374 -41.65 8.44 28.82
C PRO K 374 -40.38 8.84 29.53
N ALA K 375 -40.37 8.62 30.84
CA ALA K 375 -39.20 8.91 31.63
C ALA K 375 -38.23 7.74 31.57
N ARG K 376 -36.98 8.00 31.93
CA ARG K 376 -35.95 6.98 31.85
C ARG K 376 -34.79 7.37 32.75
N LEU K 377 -33.98 6.38 33.12
CA LEU K 377 -32.78 6.60 33.89
C LEU K 377 -31.57 6.60 32.96
N VAL K 378 -30.69 7.57 33.15
CA VAL K 378 -29.50 7.75 32.34
C VAL K 378 -28.29 7.61 33.24
N PHE K 379 -27.32 6.83 32.78
CA PHE K 379 -26.08 6.53 33.52
C PHE K 379 -25.12 5.82 32.57
N ASP K 380 -23.85 5.86 32.93
CA ASP K 380 -22.82 5.13 32.19
C ASP K 380 -22.66 3.73 32.78
N GLY K 381 -22.09 2.84 31.98
CA GLY K 381 -21.91 1.46 32.41
C GLY K 381 -20.79 1.31 33.42
N GLN K 382 -20.71 0.11 33.99
CA GLN K 382 -19.68 -0.21 34.96
C GLN K 382 -18.43 -0.72 34.26
N GLU K 383 -17.32 -0.69 34.98
CA GLU K 383 -16.03 -1.15 34.48
C GLU K 383 -15.78 -2.61 34.86
N GLY K 384 -14.72 -3.18 34.30
CA GLY K 384 -14.32 -4.53 34.60
C GLY K 384 -14.83 -5.56 33.60
N PRO K 385 -14.53 -6.83 33.85
CA PRO K 385 -14.99 -7.89 32.94
C PRO K 385 -16.45 -8.25 33.20
N ALA K 386 -17.13 -8.65 32.13
CA ALA K 386 -18.54 -9.02 32.22
C ALA K 386 -18.82 -10.10 31.18
N VAL K 387 -20.07 -10.58 31.18
CA VAL K 387 -20.53 -11.59 30.24
C VAL K 387 -21.81 -11.10 29.60
N ASN K 388 -22.09 -11.62 28.41
CA ASN K 388 -23.27 -11.27 27.63
C ASN K 388 -23.88 -12.57 27.15
N ALA K 389 -25.03 -12.95 27.72
CA ALA K 389 -25.61 -14.25 27.44
C ALA K 389 -26.91 -14.11 26.65
N SER K 390 -27.33 -15.22 26.05
CA SER K 390 -28.55 -15.25 25.26
C SER K 390 -28.99 -16.68 25.07
N ILE K 391 -30.23 -16.98 25.47
CA ILE K 391 -30.86 -18.28 25.22
C ILE K 391 -31.69 -18.16 23.96
N VAL K 392 -31.60 -19.15 23.08
CA VAL K 392 -32.34 -19.10 21.83
C VAL K 392 -32.88 -20.48 21.48
N ASP K 393 -34.05 -20.48 20.84
CA ASP K 393 -34.74 -21.71 20.46
C ASP K 393 -34.24 -22.19 19.10
N MET K 394 -33.89 -23.47 19.02
CA MET K 394 -33.37 -24.07 17.80
C MET K 394 -34.32 -25.09 17.21
N GLY K 395 -35.62 -24.94 17.52
CA GLY K 395 -36.63 -25.85 17.01
C GLY K 395 -36.83 -27.06 17.89
N ASN K 396 -35.84 -27.93 17.93
CA ASN K 396 -35.90 -29.14 18.73
C ASN K 396 -35.31 -28.97 20.12
N ARG K 397 -34.61 -27.86 20.37
CA ARG K 397 -33.92 -27.68 21.63
C ARG K 397 -33.57 -26.20 21.78
N PHE K 398 -33.14 -25.84 22.98
CA PHE K 398 -32.60 -24.53 23.28
C PHE K 398 -31.08 -24.59 23.31
N ARG K 399 -30.44 -23.48 22.93
CA ARG K 399 -29.00 -23.35 23.12
C ARG K 399 -28.68 -22.01 23.76
N LEU K 400 -27.64 -22.01 24.57
CA LEU K 400 -27.20 -20.85 25.34
C LEU K 400 -25.87 -20.37 24.77
N VAL K 401 -25.87 -19.19 24.14
CA VAL K 401 -24.67 -18.56 23.62
C VAL K 401 -24.21 -17.53 24.64
N VAL K 402 -22.92 -17.53 24.96
CA VAL K 402 -22.39 -16.59 25.95
C VAL K 402 -21.06 -16.04 25.43
N ASN K 403 -20.91 -14.72 25.51
CA ASN K 403 -19.69 -14.03 25.07
C ASN K 403 -19.11 -13.29 26.26
N LYS K 404 -17.86 -13.61 26.59
CA LYS K 404 -17.13 -12.89 27.62
C LYS K 404 -16.56 -11.59 27.04
N VAL K 405 -16.83 -10.47 27.72
CA VAL K 405 -16.45 -9.16 27.22
C VAL K 405 -15.75 -8.40 28.34
N LEU K 406 -15.03 -7.35 27.94
CA LEU K 406 -14.33 -6.48 28.88
C LEU K 406 -14.87 -5.07 28.73
N SER K 407 -15.58 -4.57 29.75
CA SER K 407 -16.16 -3.24 29.69
C SER K 407 -15.09 -2.17 29.94
N VAL K 408 -15.23 -1.05 29.26
CA VAL K 408 -14.25 0.04 29.32
C VAL K 408 -14.97 1.32 29.77
N PRO K 409 -14.30 2.24 30.44
CA PRO K 409 -14.95 3.50 30.81
C PRO K 409 -15.23 4.37 29.59
N ILE K 410 -16.30 5.15 29.69
CA ILE K 410 -16.71 6.00 28.57
C ILE K 410 -15.74 7.18 28.49
N GLU K 411 -15.10 7.33 27.32
CA GLU K 411 -14.08 8.36 27.18
C GLU K 411 -14.69 9.74 26.93
N ARG K 412 -15.68 9.83 26.03
CA ARG K 412 -16.33 11.08 25.71
C ARG K 412 -17.80 11.04 26.15
N LYS K 413 -18.35 12.22 26.39
CA LYS K 413 -19.72 12.35 26.82
C LYS K 413 -20.66 12.46 25.61
N MET K 414 -21.92 12.11 25.84
CA MET K 414 -22.93 12.04 24.78
C MET K 414 -24.13 12.90 25.15
N PRO K 415 -24.21 14.13 24.63
CA PRO K 415 -25.30 15.02 25.04
C PRO K 415 -26.64 14.64 24.45
N LYS K 416 -26.67 14.09 23.24
CA LYS K 416 -27.92 13.81 22.55
C LYS K 416 -28.37 12.37 22.70
N LEU K 417 -27.57 11.51 23.33
CA LEU K 417 -28.00 10.13 23.56
C LEU K 417 -28.86 10.09 24.82
N PRO K 418 -30.14 9.76 24.70
CA PRO K 418 -31.05 9.90 25.86
C PRO K 418 -31.07 8.70 26.78
N THR K 419 -30.63 7.54 26.31
CA THR K 419 -30.73 6.29 27.07
C THR K 419 -29.38 5.89 27.65
N ALA K 420 -29.44 5.21 28.79
CA ALA K 420 -28.23 4.69 29.42
C ALA K 420 -27.52 3.72 28.49
N ARG K 421 -26.19 3.67 28.61
CA ARG K 421 -25.35 2.98 27.63
C ARG K 421 -24.18 2.31 28.33
N VAL K 422 -23.64 1.29 27.66
CA VAL K 422 -22.42 0.61 28.11
C VAL K 422 -21.51 0.41 26.91
N LEU K 423 -20.20 0.43 27.17
CA LEU K 423 -19.19 0.18 26.16
C LEU K 423 -18.33 -1.01 26.57
N TRP K 424 -18.05 -1.89 25.61
CA TRP K 424 -17.24 -3.07 25.92
C TRP K 424 -16.52 -3.56 24.67
N LYS K 425 -15.54 -4.43 24.92
CA LYS K 425 -14.74 -5.10 23.92
C LYS K 425 -15.11 -6.58 23.91
N PRO K 426 -15.56 -7.12 22.78
CA PRO K 426 -15.81 -8.57 22.68
C PRO K 426 -14.51 -9.35 22.55
N LEU K 427 -14.33 -10.34 23.42
CA LEU K 427 -13.13 -11.17 23.42
C LEU K 427 -13.23 -12.28 22.38
N PRO K 428 -12.16 -12.58 21.66
CA PRO K 428 -10.86 -11.89 21.74
C PRO K 428 -10.80 -10.66 20.82
N ASP K 429 -11.38 -10.79 19.65
CA ASP K 429 -11.44 -9.73 18.65
C ASP K 429 -12.91 -9.48 18.32
N PHE K 430 -13.22 -8.23 17.96
CA PHE K 430 -14.59 -7.89 17.60
C PHE K 430 -15.05 -8.72 16.40
N LYS K 431 -14.17 -8.90 15.41
CA LYS K 431 -14.53 -9.69 14.24
C LYS K 431 -14.82 -11.13 14.63
N ARG K 432 -13.90 -11.75 15.37
CA ARG K 432 -14.05 -13.16 15.74
C ARG K 432 -15.27 -13.39 16.61
N ALA K 433 -15.40 -12.60 17.68
CA ALA K 433 -16.51 -12.81 18.61
C ALA K 433 -17.85 -12.54 17.95
N THR K 434 -17.92 -11.54 17.07
CA THR K 434 -19.21 -11.24 16.47
C THR K 434 -19.56 -12.25 15.38
N THR K 435 -18.57 -12.70 14.60
CA THR K 435 -18.87 -13.72 13.59
C THR K 435 -19.19 -15.06 14.25
N ALA K 436 -18.66 -15.32 15.45
CA ALA K 436 -19.05 -16.54 16.17
C ALA K 436 -20.41 -16.40 16.82
N TRP K 437 -20.79 -15.20 17.27
CA TRP K 437 -22.14 -14.98 17.75
C TRP K 437 -23.14 -15.15 16.63
N ILE K 438 -22.78 -14.73 15.41
CA ILE K 438 -23.69 -14.86 14.28
C ILE K 438 -23.78 -16.31 13.80
N LEU K 439 -22.65 -17.03 13.80
CA LEU K 439 -22.69 -18.44 13.42
C LEU K 439 -23.60 -19.24 14.34
N ALA K 440 -23.49 -19.03 15.65
CA ALA K 440 -24.33 -19.73 16.61
C ALA K 440 -25.77 -19.25 16.59
N GLY K 441 -26.08 -18.17 15.88
CA GLY K 441 -27.44 -17.67 15.81
C GLY K 441 -27.91 -17.01 17.08
N GLY K 442 -27.05 -16.23 17.73
CA GLY K 442 -27.44 -15.56 18.96
C GLY K 442 -28.39 -14.41 18.70
N SER K 443 -29.37 -14.27 19.59
CA SER K 443 -30.36 -13.21 19.46
C SER K 443 -29.71 -11.84 19.71
N HIS K 444 -30.39 -10.79 19.25
CA HIS K 444 -29.93 -9.43 19.51
C HIS K 444 -30.24 -8.98 20.93
N HIS K 445 -31.34 -9.47 21.53
CA HIS K 445 -31.64 -9.18 22.92
C HIS K 445 -30.79 -10.08 23.82
N THR K 446 -29.96 -9.48 24.66
CA THR K 446 -29.06 -10.25 25.51
C THR K 446 -29.27 -9.89 26.97
N ALA K 447 -28.55 -10.62 27.82
CA ALA K 447 -28.55 -10.46 29.26
C ALA K 447 -27.11 -10.12 29.63
N PHE K 448 -26.85 -8.83 29.83
CA PHE K 448 -25.54 -8.35 30.20
C PHE K 448 -25.37 -8.48 31.71
N SER K 449 -24.23 -9.00 32.16
CA SER K 449 -24.06 -9.19 33.59
C SER K 449 -22.59 -9.05 33.97
N THR K 450 -22.34 -8.28 35.03
CA THR K 450 -21.01 -8.12 35.59
C THR K 450 -20.80 -8.89 36.88
N ALA K 451 -21.88 -9.42 37.48
CA ALA K 451 -21.81 -10.07 38.78
C ALA K 451 -21.40 -11.52 38.72
N ILE K 452 -21.45 -12.15 37.55
CA ILE K 452 -21.19 -13.58 37.44
C ILE K 452 -20.14 -13.84 36.37
N ASP K 453 -19.58 -15.03 36.42
CA ASP K 453 -18.63 -15.50 35.43
C ASP K 453 -19.30 -16.50 34.48
N VAL K 454 -18.56 -16.90 33.45
CA VAL K 454 -19.05 -17.96 32.56
C VAL K 454 -19.19 -19.26 33.32
N GLU K 455 -18.43 -19.42 34.41
CA GLU K 455 -18.50 -20.61 35.24
C GLU K 455 -19.93 -20.84 35.76
N TYR K 456 -20.65 -19.75 36.06
CA TYR K 456 -22.02 -19.86 36.56
C TYR K 456 -22.95 -20.42 35.49
N LEU K 457 -22.97 -19.78 34.32
CA LEU K 457 -23.87 -20.20 33.25
C LEU K 457 -23.51 -21.58 32.71
N ILE K 458 -22.25 -21.99 32.81
CA ILE K 458 -21.88 -23.31 32.32
C ILE K 458 -22.51 -24.38 33.21
N ASP K 459 -22.59 -24.13 34.52
CA ASP K 459 -23.29 -25.06 35.39
C ASP K 459 -24.79 -24.93 35.26
N TRP K 460 -25.28 -23.75 34.87
CA TRP K 460 -26.69 -23.62 34.54
C TRP K 460 -27.07 -24.55 33.39
N ALA K 461 -26.29 -24.50 32.31
CA ALA K 461 -26.57 -25.34 31.15
C ALA K 461 -26.33 -26.80 31.46
N GLU K 462 -25.30 -27.11 32.26
CA GLU K 462 -25.06 -28.51 32.62
C GLU K 462 -26.18 -29.07 33.47
N ALA K 463 -26.72 -28.27 34.39
CA ALA K 463 -27.79 -28.76 35.25
C ALA K 463 -29.10 -28.90 34.48
N LEU K 464 -29.33 -28.04 33.49
CA LEU K 464 -30.57 -28.13 32.74
C LEU K 464 -30.44 -28.98 31.47
N GLU K 465 -29.24 -29.49 31.17
CA GLU K 465 -29.00 -30.37 30.02
C GLU K 465 -29.32 -29.67 28.70
N ILE K 466 -28.76 -28.47 28.52
CA ILE K 466 -28.87 -27.76 27.26
C ILE K 466 -27.49 -27.45 26.73
N GLU K 467 -27.42 -27.23 25.41
CA GLU K 467 -26.17 -26.91 24.76
C GLU K 467 -25.68 -25.53 25.20
N TYR K 468 -24.38 -25.41 25.46
CA TYR K 468 -23.77 -24.13 25.77
C TYR K 468 -22.59 -23.90 24.85
N VAL K 469 -22.46 -22.66 24.37
CA VAL K 469 -21.34 -22.28 23.52
C VAL K 469 -20.76 -20.98 24.06
N VAL K 470 -19.46 -21.00 24.34
CA VAL K 470 -18.76 -19.87 24.95
C VAL K 470 -17.86 -19.21 23.93
N ILE K 471 -17.68 -17.89 24.07
CA ILE K 471 -16.81 -17.13 23.19
C ILE K 471 -15.70 -16.55 24.06
N ASP K 472 -14.93 -17.44 24.69
CA ASP K 472 -13.87 -17.02 25.60
C ASP K 472 -12.71 -16.38 24.82
N GLU K 473 -11.67 -16.01 25.57
CA GLU K 473 -10.45 -15.52 24.94
C GLU K 473 -9.81 -16.60 24.10
N ASN K 474 -9.91 -17.86 24.54
CA ASN K 474 -9.38 -19.01 23.80
C ASN K 474 -10.29 -19.43 22.65
N LEU K 475 -10.86 -18.47 21.93
CA LEU K 475 -11.80 -18.75 20.84
C LEU K 475 -11.02 -18.93 19.54
N ASP K 476 -11.07 -20.14 19.00
CA ASP K 476 -10.57 -20.44 17.67
C ASP K 476 -11.77 -20.64 16.77
N LEU K 477 -11.90 -19.80 15.74
CA LEU K 477 -13.13 -19.73 14.96
C LEU K 477 -13.39 -21.05 14.23
N GLU K 478 -12.33 -21.65 13.68
CA GLU K 478 -12.50 -22.90 12.94
C GLU K 478 -12.93 -24.03 13.87
N ASP K 479 -12.37 -24.09 15.07
CA ASP K 479 -12.78 -25.10 16.04
C ASP K 479 -14.21 -24.87 16.51
N PHE K 480 -14.62 -23.59 16.62
CA PHE K 480 -16.00 -23.26 16.98
C PHE K 480 -16.97 -23.72 15.91
N LYS K 481 -16.55 -23.65 14.64
CA LYS K 481 -17.39 -24.12 13.54
C LYS K 481 -17.72 -25.60 13.72
N LYS K 482 -16.70 -26.42 13.98
CA LYS K 482 -16.91 -27.84 14.22
C LYS K 482 -17.70 -28.09 15.49
N GLU K 483 -17.47 -27.27 16.52
CA GLU K 483 -18.19 -27.47 17.78
C GLU K 483 -19.69 -27.31 17.59
N LEU K 484 -20.11 -26.36 16.75
CA LEU K 484 -21.55 -26.15 16.56
C LEU K 484 -22.21 -27.38 15.95
N ARG K 485 -21.60 -27.94 14.91
CA ARG K 485 -22.24 -29.06 14.22
C ARG K 485 -22.08 -30.37 14.96
N TRP K 486 -20.97 -30.58 15.68
CA TRP K 486 -20.87 -31.77 16.51
C TRP K 486 -21.88 -31.72 17.66
N ASN K 487 -22.14 -30.54 18.21
CA ASN K 487 -23.13 -30.45 19.27
C ASN K 487 -24.56 -30.56 18.76
N GLU K 488 -24.83 -30.07 17.54
CA GLU K 488 -26.20 -29.99 17.07
C GLU K 488 -26.91 -31.34 17.07
N LEU K 489 -26.17 -32.42 16.89
CA LEU K 489 -26.79 -33.74 16.84
C LEU K 489 -26.77 -34.48 18.18
N TYR K 490 -25.81 -34.21 19.06
CA TYR K 490 -25.79 -34.86 20.35
C TYR K 490 -27.03 -34.50 21.17
N TRP K 491 -27.37 -33.22 21.20
CA TRP K 491 -28.55 -32.77 21.93
C TRP K 491 -29.84 -33.00 21.14
N GLY K 492 -29.75 -33.44 19.89
CA GLY K 492 -30.93 -33.69 19.08
C GLY K 492 -31.64 -34.98 19.44
N LEU K 493 -30.93 -36.11 19.39
CA LEU K 493 -31.52 -37.39 19.79
C LEU K 493 -31.32 -37.66 21.27
N LEU K 494 -30.07 -37.76 21.72
CA LEU K 494 -29.81 -37.90 23.14
C LEU K 494 -30.06 -36.58 23.87
N LYS K 495 -30.19 -36.66 25.18
CA LYS K 495 -30.37 -35.48 26.03
C LYS K 495 -29.77 -35.72 27.41
N MET L 1 -45.32 -64.63 50.36
CA MET L 1 -46.59 -64.47 51.06
C MET L 1 -47.55 -63.61 50.23
N ILE L 2 -47.17 -63.37 48.97
CA ILE L 2 -47.86 -62.56 47.97
C ILE L 2 -48.81 -61.52 48.57
N ASP L 3 -48.29 -60.67 49.44
CA ASP L 3 -49.05 -59.61 50.08
C ASP L 3 -49.57 -58.61 49.05
N LEU L 4 -50.76 -58.85 48.49
CA LEU L 4 -51.28 -58.04 47.39
C LEU L 4 -52.44 -57.13 47.76
N LYS L 5 -52.78 -56.97 49.04
CA LYS L 5 -53.92 -56.14 49.39
C LYS L 5 -53.54 -54.81 50.03
N GLN L 6 -52.27 -54.61 50.41
CA GLN L 6 -51.87 -53.33 51.01
C GLN L 6 -51.72 -52.23 49.98
N TYR L 7 -51.42 -52.57 48.72
CA TYR L 7 -51.18 -51.53 47.71
C TYR L 7 -52.45 -50.79 47.36
N GLU L 8 -52.34 -49.47 47.26
CA GLU L 8 -53.45 -48.59 46.93
C GLU L 8 -53.15 -47.82 45.65
N PHE L 9 -54.20 -47.44 44.93
CA PHE L 9 -54.05 -46.68 43.69
C PHE L 9 -54.74 -45.33 43.85
N TRP L 10 -54.05 -44.28 43.42
CA TRP L 10 -54.48 -42.91 43.66
C TRP L 10 -55.28 -42.40 42.46
N PHE L 11 -56.60 -42.28 42.65
CA PHE L 11 -57.46 -41.64 41.66
C PHE L 11 -57.27 -40.12 41.73
N LEU L 12 -57.13 -39.50 40.56
CA LEU L 12 -56.73 -38.11 40.44
C LEU L 12 -57.69 -37.42 39.48
N VAL L 13 -58.39 -36.39 39.96
CA VAL L 13 -59.34 -35.64 39.17
C VAL L 13 -58.75 -34.26 38.92
N GLY L 14 -58.97 -33.73 37.72
CA GLY L 14 -58.34 -32.49 37.30
C GLY L 14 -59.31 -31.34 37.07
N SER L 15 -58.90 -30.15 37.49
CA SER L 15 -59.65 -28.90 37.27
C SER L 15 -58.67 -27.74 37.24
N GLN L 16 -59.17 -26.51 37.36
CA GLN L 16 -58.32 -25.33 37.36
C GLN L 16 -58.85 -24.29 38.35
N TYR L 17 -57.95 -23.37 38.72
CA TYR L 17 -58.29 -22.26 39.62
C TYR L 17 -59.26 -21.26 39.00
N LEU L 18 -59.34 -21.20 37.67
CA LEU L 18 -60.23 -20.26 37.00
C LEU L 18 -61.69 -20.71 36.99
N TYR L 19 -62.17 -21.28 38.10
CA TYR L 19 -63.54 -21.72 38.21
C TYR L 19 -64.09 -21.27 39.56
N GLY L 20 -65.42 -21.26 39.67
CA GLY L 20 -66.03 -20.95 40.95
C GLY L 20 -65.84 -22.09 41.93
N LEU L 21 -65.58 -21.73 43.19
CA LEU L 21 -65.40 -22.74 44.23
C LEU L 21 -66.69 -23.51 44.53
N GLU L 22 -67.83 -23.03 44.05
CA GLU L 22 -69.11 -23.70 44.28
C GLU L 22 -69.26 -24.92 43.37
N THR L 23 -68.95 -24.75 42.08
CA THR L 23 -69.10 -25.85 41.13
C THR L 23 -68.01 -26.91 41.29
N LEU L 24 -66.91 -26.58 41.97
CA LEU L 24 -65.87 -27.57 42.25
C LEU L 24 -66.34 -28.64 43.22
N LYS L 25 -67.21 -28.26 44.15
CA LYS L 25 -67.74 -29.22 45.12
C LYS L 25 -68.60 -30.27 44.43
N LYS L 26 -69.26 -29.91 43.33
CA LYS L 26 -70.00 -30.91 42.56
C LYS L 26 -69.05 -31.91 41.92
N VAL L 27 -67.87 -31.45 41.47
CA VAL L 27 -66.88 -32.36 40.91
C VAL L 27 -66.35 -33.30 41.98
N GLU L 28 -66.05 -32.76 43.17
CA GLU L 28 -65.57 -33.62 44.25
C GLU L 28 -66.61 -34.67 44.63
N GLN L 29 -67.87 -34.27 44.72
CA GLN L 29 -68.92 -35.22 45.10
C GLN L 29 -69.12 -36.27 44.01
N GLN L 30 -69.08 -35.87 42.74
CA GLN L 30 -69.26 -36.83 41.66
C GLN L 30 -68.10 -37.81 41.60
N ALA L 31 -66.87 -37.32 41.81
CA ALA L 31 -65.73 -38.22 41.84
C ALA L 31 -65.80 -39.21 42.99
N SER L 32 -66.29 -38.75 44.15
CA SER L 32 -66.51 -39.68 45.25
C SER L 32 -67.57 -40.72 44.89
N LYS L 33 -68.63 -40.29 44.22
CA LYS L 33 -69.67 -41.21 43.80
C LYS L 33 -69.12 -42.26 42.82
N ILE L 34 -68.12 -41.90 42.04
CA ILE L 34 -67.55 -42.88 41.11
C ILE L 34 -66.60 -43.83 41.83
N VAL L 35 -65.67 -43.29 42.62
CA VAL L 35 -64.63 -44.14 43.21
C VAL L 35 -65.20 -45.05 44.30
N ASP L 36 -66.22 -44.59 45.02
CA ASP L 36 -66.80 -45.43 46.07
C ASP L 36 -67.52 -46.62 45.47
N SER L 37 -68.30 -46.39 44.41
CA SER L 37 -68.92 -47.50 43.67
C SER L 37 -67.87 -48.37 42.98
N LEU L 38 -66.70 -47.79 42.66
CA LEU L 38 -65.64 -48.59 42.06
C LEU L 38 -65.07 -49.61 43.05
N ASN L 39 -64.90 -49.20 44.30
CA ASN L 39 -64.39 -50.16 45.29
C ASN L 39 -65.37 -51.30 45.60
N ASP L 40 -66.67 -51.12 45.33
CA ASP L 40 -67.62 -52.19 45.61
C ASP L 40 -67.43 -53.41 44.70
N ASP L 41 -66.88 -53.20 43.50
CA ASP L 41 -66.69 -54.32 42.58
C ASP L 41 -65.51 -55.17 43.02
N PRO L 42 -65.69 -56.49 43.20
CA PRO L 42 -64.58 -57.33 43.65
C PRO L 42 -63.57 -57.70 42.57
N ILE L 43 -63.75 -57.22 41.35
CA ILE L 43 -62.78 -57.51 40.29
C ILE L 43 -61.46 -56.82 40.58
N PHE L 44 -61.51 -55.62 41.14
CA PHE L 44 -60.30 -54.87 41.45
C PHE L 44 -59.56 -55.54 42.59
N PRO L 45 -58.27 -55.87 42.43
CA PRO L 45 -57.52 -56.52 43.51
C PRO L 45 -56.97 -55.55 44.54
N SER L 46 -57.13 -54.25 44.34
CA SER L 46 -56.60 -53.24 45.26
C SER L 46 -57.58 -52.10 45.40
N LYS L 47 -57.38 -51.29 46.42
CA LYS L 47 -58.28 -50.18 46.71
C LYS L 47 -57.92 -48.94 45.88
N ILE L 48 -58.87 -48.02 45.84
CA ILE L 48 -58.73 -46.72 45.19
C ILE L 48 -58.80 -45.65 46.27
N VAL L 49 -58.08 -44.56 46.04
CA VAL L 49 -57.97 -43.47 47.00
C VAL L 49 -58.19 -42.17 46.23
N LEU L 50 -59.31 -41.51 46.50
CA LEU L 50 -59.55 -40.20 45.91
C LEU L 50 -58.78 -39.15 46.69
N LYS L 51 -58.07 -38.29 45.97
CA LYS L 51 -57.31 -37.20 46.58
C LYS L 51 -57.88 -35.87 46.09
N PRO L 52 -57.71 -34.79 46.87
CA PRO L 52 -58.43 -33.54 46.55
C PRO L 52 -58.19 -33.07 45.13
N VAL L 53 -59.25 -32.49 44.54
CA VAL L 53 -59.20 -32.06 43.14
C VAL L 53 -58.13 -31.00 42.97
N LEU L 54 -57.31 -31.15 41.94
CA LEU L 54 -56.19 -30.25 41.70
C LEU L 54 -56.61 -29.11 40.80
N LYS L 55 -56.18 -27.91 41.16
CA LYS L 55 -56.55 -26.71 40.40
C LYS L 55 -55.33 -25.90 39.97
N SER L 56 -54.29 -25.83 40.78
CA SER L 56 -53.10 -25.06 40.48
C SER L 56 -51.94 -25.99 40.13
N SER L 57 -50.86 -25.39 39.64
CA SER L 57 -49.70 -26.17 39.23
C SER L 57 -48.98 -26.77 40.43
N SER L 58 -48.91 -26.03 41.54
CA SER L 58 -48.20 -26.51 42.71
C SER L 58 -48.86 -27.74 43.33
N GLU L 59 -50.21 -27.79 43.30
CA GLU L 59 -50.92 -28.93 43.84
C GLU L 59 -50.62 -30.20 43.04
N ILE L 60 -50.42 -30.06 41.74
CA ILE L 60 -50.10 -31.20 40.88
C ILE L 60 -48.82 -31.85 41.37
N THR L 61 -47.76 -31.04 41.51
CA THR L 61 -46.48 -31.57 41.94
C THR L 61 -46.54 -32.07 43.38
N GLU L 62 -47.35 -31.45 44.23
CA GLU L 62 -47.45 -31.94 45.60
C GLU L 62 -48.01 -33.37 45.60
N ILE L 63 -49.06 -33.61 44.83
CA ILE L 63 -49.64 -34.96 44.81
C ILE L 63 -48.68 -35.96 44.18
N PHE L 64 -48.03 -35.58 43.07
CA PHE L 64 -47.10 -36.53 42.45
C PHE L 64 -45.88 -36.78 43.33
N GLU L 65 -45.44 -35.79 44.11
CA GLU L 65 -44.38 -36.01 45.07
C GLU L 65 -44.81 -36.99 46.15
N LYS L 66 -46.06 -36.88 46.61
CA LYS L 66 -46.55 -37.84 47.60
C LYS L 66 -46.70 -39.23 47.00
N ALA L 67 -46.91 -39.33 45.68
CA ALA L 67 -47.05 -40.65 45.06
C ALA L 67 -45.73 -41.42 45.06
N ASN L 68 -44.61 -40.73 44.84
CA ASN L 68 -43.31 -41.40 44.85
C ASN L 68 -42.78 -41.64 46.27
N ALA L 69 -43.35 -41.00 47.29
CA ALA L 69 -42.87 -41.18 48.64
C ALA L 69 -43.56 -42.31 49.38
N ASP L 70 -44.86 -42.48 49.18
CA ASP L 70 -45.59 -43.53 49.88
C ASP L 70 -45.29 -44.88 49.22
N PRO L 71 -44.67 -45.82 49.92
CA PRO L 71 -44.38 -47.12 49.30
C PRO L 71 -45.62 -47.95 49.03
N LYS L 72 -46.74 -47.68 49.69
CA LYS L 72 -47.97 -48.41 49.42
C LYS L 72 -48.63 -47.99 48.12
N CYS L 73 -48.31 -46.82 47.60
CA CYS L 73 -48.84 -46.39 46.30
C CYS L 73 -48.06 -47.07 45.19
N ALA L 74 -48.79 -47.73 44.28
CA ALA L 74 -48.16 -48.45 43.18
C ALA L 74 -48.69 -48.01 41.82
N GLY L 75 -49.42 -46.89 41.74
CA GLY L 75 -49.97 -46.42 40.49
C GLY L 75 -50.85 -45.20 40.67
N VAL L 76 -51.06 -44.45 39.59
CA VAL L 76 -51.89 -43.25 39.61
C VAL L 76 -52.84 -43.30 38.41
N ILE L 77 -54.11 -43.06 38.66
CA ILE L 77 -55.14 -43.03 37.62
C ILE L 77 -55.56 -41.58 37.45
N VAL L 78 -55.41 -41.05 36.24
CA VAL L 78 -55.65 -39.63 35.96
C VAL L 78 -56.91 -39.47 35.12
N TRP L 79 -57.76 -38.51 35.51
CA TRP L 79 -58.98 -38.22 34.77
C TRP L 79 -59.30 -36.73 34.88
N MET L 80 -59.54 -36.11 33.73
CA MET L 80 -59.91 -34.70 33.65
C MET L 80 -61.43 -34.59 33.65
N HIS L 81 -62.01 -34.21 34.79
CA HIS L 81 -63.44 -33.99 34.86
C HIS L 81 -63.86 -32.80 34.01
N THR L 82 -63.16 -31.69 34.16
CA THR L 82 -63.38 -30.49 33.36
C THR L 82 -62.08 -30.15 32.63
N PHE L 83 -62.13 -29.07 31.85
CA PHE L 83 -60.97 -28.65 31.07
C PHE L 83 -59.88 -28.15 32.01
N SER L 84 -58.86 -28.97 32.25
CA SER L 84 -57.72 -28.57 33.05
C SER L 84 -56.52 -28.35 32.14
N PRO L 85 -56.01 -27.13 32.04
CA PRO L 85 -54.88 -26.87 31.13
C PRO L 85 -53.66 -27.69 31.51
N SER L 86 -52.97 -28.23 30.50
CA SER L 86 -51.93 -29.21 30.73
C SER L 86 -50.62 -28.58 31.19
N LYS L 87 -50.35 -27.32 30.84
CA LYS L 87 -49.10 -26.69 31.23
C LYS L 87 -48.96 -26.59 32.75
N MET L 88 -50.06 -26.72 33.49
CA MET L 88 -49.98 -26.81 34.94
C MET L 88 -49.49 -28.19 35.39
N TRP L 89 -49.76 -29.22 34.59
CA TRP L 89 -49.41 -30.59 34.92
C TRP L 89 -47.97 -30.96 34.57
N ILE L 90 -47.24 -30.07 33.90
CA ILE L 90 -45.92 -30.43 33.40
C ILE L 90 -44.96 -30.69 34.56
N ARG L 91 -44.92 -29.79 35.55
CA ARG L 91 -44.00 -29.99 36.67
C ARG L 91 -44.38 -31.22 37.50
N GLY L 92 -45.66 -31.57 37.53
CA GLY L 92 -46.09 -32.72 38.31
C GLY L 92 -45.79 -34.04 37.61
N LEU L 93 -45.94 -34.07 36.29
CA LEU L 93 -45.65 -35.28 35.52
C LEU L 93 -44.16 -35.50 35.30
N SER L 94 -43.35 -34.44 35.39
CA SER L 94 -41.92 -34.54 35.17
C SER L 94 -41.16 -35.11 36.36
N ILE L 95 -41.85 -35.53 37.43
CA ILE L 95 -41.18 -36.03 38.62
C ILE L 95 -41.60 -37.46 38.98
N ASN L 96 -42.75 -37.92 38.55
CA ASN L 96 -43.27 -39.21 39.00
C ASN L 96 -42.72 -40.35 38.15
N LYS L 97 -42.52 -41.50 38.81
CA LYS L 97 -42.15 -42.75 38.15
C LYS L 97 -43.15 -43.86 38.38
N LYS L 98 -44.24 -43.59 39.10
CA LYS L 98 -45.27 -44.60 39.28
C LYS L 98 -46.06 -44.77 37.99
N PRO L 99 -46.56 -45.98 37.73
CA PRO L 99 -47.32 -46.21 36.49
C PRO L 99 -48.56 -45.32 36.43
N LEU L 100 -48.90 -44.89 35.21
CA LEU L 100 -50.06 -44.05 34.98
C LEU L 100 -51.10 -44.80 34.18
N LEU L 101 -52.35 -44.66 34.57
CA LEU L 101 -53.49 -45.09 33.76
C LEU L 101 -54.35 -43.87 33.48
N HIS L 102 -54.62 -43.63 32.21
CA HIS L 102 -55.39 -42.46 31.77
C HIS L 102 -56.83 -42.90 31.56
N LEU L 103 -57.68 -42.62 32.54
CA LEU L 103 -59.08 -43.00 32.44
C LEU L 103 -59.84 -41.89 31.71
N HIS L 104 -60.39 -42.23 30.54
CA HIS L 104 -61.23 -41.32 29.76
C HIS L 104 -62.68 -41.77 29.88
N THR L 105 -63.48 -40.98 30.56
CA THR L 105 -64.84 -41.39 30.86
C THR L 105 -65.69 -40.16 31.16
N GLN L 106 -67.00 -40.35 31.05
CA GLN L 106 -68.00 -39.36 31.43
C GLN L 106 -68.91 -40.00 32.46
N TYR L 107 -69.20 -39.29 33.56
CA TYR L 107 -69.84 -39.92 34.70
C TYR L 107 -71.25 -40.39 34.36
N ASN L 108 -71.96 -39.64 33.53
CA ASN L 108 -73.30 -40.02 33.11
C ASN L 108 -73.22 -40.76 31.77
N ARG L 109 -74.02 -41.81 31.63
CA ARG L 109 -73.96 -42.64 30.44
C ARG L 109 -74.59 -41.91 29.26
N GLU L 110 -75.91 -41.69 29.32
CA GLU L 110 -76.62 -41.05 28.22
C GLU L 110 -76.60 -39.54 28.40
N ILE L 111 -77.22 -38.83 27.46
CA ILE L 111 -77.25 -37.38 27.45
C ILE L 111 -78.66 -36.92 27.81
N PRO L 112 -78.83 -36.06 28.81
CA PRO L 112 -80.15 -35.44 29.04
C PRO L 112 -80.52 -34.52 27.89
N TRP L 113 -81.17 -35.08 26.87
CA TRP L 113 -81.40 -34.34 25.62
C TRP L 113 -82.18 -33.05 25.86
N ASP L 114 -83.11 -33.07 26.80
CA ASP L 114 -83.98 -31.92 27.03
C ASP L 114 -83.48 -31.00 28.13
N THR L 115 -82.39 -31.35 28.82
CA THR L 115 -81.94 -30.56 29.97
C THR L 115 -80.45 -30.21 29.88
N ILE L 116 -79.84 -30.35 28.70
CA ILE L 116 -78.45 -29.95 28.53
C ILE L 116 -78.39 -28.43 28.43
N ASP L 117 -77.74 -27.79 29.40
CA ASP L 117 -77.61 -26.35 29.46
C ASP L 117 -76.15 -25.97 29.65
N MET L 118 -75.89 -24.65 29.64
CA MET L 118 -74.52 -24.16 29.75
C MET L 118 -73.93 -24.38 31.14
N ASP L 119 -74.75 -24.53 32.17
CA ASP L 119 -74.23 -24.86 33.48
C ASP L 119 -73.91 -26.34 33.62
N TYR L 120 -74.27 -27.15 32.63
CA TYR L 120 -73.92 -28.56 32.58
C TYR L 120 -72.75 -28.82 31.64
N MET L 121 -72.70 -28.14 30.49
CA MET L 121 -71.53 -28.22 29.62
C MET L 121 -70.30 -27.64 30.31
N ASN L 122 -70.48 -26.63 31.15
CA ASN L 122 -69.36 -26.09 31.91
C ASN L 122 -68.86 -27.07 32.95
N LEU L 123 -69.73 -27.96 33.42
CA LEU L 123 -69.34 -28.97 34.40
C LEU L 123 -68.64 -30.15 33.73
N ASN L 124 -69.33 -30.80 32.79
CA ASN L 124 -68.80 -31.99 32.14
C ASN L 124 -68.02 -31.60 30.88
N GLN L 125 -66.85 -31.01 31.10
CA GLN L 125 -65.91 -30.76 30.02
C GLN L 125 -64.95 -31.93 29.83
N SER L 126 -65.47 -33.15 29.94
CA SER L 126 -64.63 -34.33 29.91
C SER L 126 -64.15 -34.65 28.50
N ALA L 127 -65.02 -34.48 27.51
CA ALA L 127 -64.68 -34.89 26.15
C ALA L 127 -63.44 -34.15 25.64
N HIS L 128 -63.42 -32.83 25.78
CA HIS L 128 -62.27 -32.03 25.38
C HIS L 128 -61.37 -31.67 26.55
N GLY L 129 -61.55 -32.34 27.69
CA GLY L 129 -60.69 -32.05 28.83
C GLY L 129 -59.38 -32.81 28.86
N ASP L 130 -59.46 -34.14 28.80
CA ASP L 130 -58.28 -34.99 28.82
C ASP L 130 -57.71 -35.27 27.43
N ARG L 131 -58.38 -34.86 26.35
CA ARG L 131 -57.71 -34.90 25.06
C ARG L 131 -56.50 -33.95 25.09
N GLU L 132 -56.70 -32.77 25.67
CA GLU L 132 -55.60 -31.84 25.93
C GLU L 132 -54.58 -32.46 26.85
N HIS L 133 -55.01 -33.30 27.79
CA HIS L 133 -54.08 -33.94 28.71
C HIS L 133 -53.25 -35.01 28.01
N GLY L 134 -53.91 -35.84 27.19
CA GLY L 134 -53.18 -36.83 26.43
C GLY L 134 -52.18 -36.20 25.48
N PHE L 135 -52.44 -34.96 25.06
CA PHE L 135 -51.44 -34.28 24.25
C PHE L 135 -50.14 -34.07 25.04
N ILE L 136 -50.24 -33.69 26.32
CA ILE L 136 -49.01 -33.42 27.07
C ILE L 136 -48.23 -34.70 27.31
N HIS L 137 -48.92 -35.85 27.35
CA HIS L 137 -48.23 -37.13 27.48
C HIS L 137 -47.53 -37.51 26.18
N ALA L 138 -48.28 -37.52 25.08
CA ALA L 138 -47.66 -37.76 23.78
C ALA L 138 -46.50 -36.80 23.52
N ARG L 139 -46.59 -35.58 24.03
CA ARG L 139 -45.54 -34.58 23.85
C ARG L 139 -44.31 -34.92 24.67
N MET L 140 -44.50 -35.27 25.94
CA MET L 140 -43.36 -35.60 26.79
C MET L 140 -42.87 -37.02 26.59
N ARG L 141 -43.46 -37.77 25.65
CA ARG L 141 -43.08 -39.16 25.39
C ARG L 141 -43.09 -39.98 26.67
N LEU L 142 -44.13 -39.78 27.47
CA LEU L 142 -44.28 -40.39 28.79
C LEU L 142 -45.03 -41.70 28.68
N PRO L 143 -44.56 -42.77 29.33
CA PRO L 143 -45.25 -44.07 29.22
C PRO L 143 -46.46 -44.13 30.15
N ARG L 144 -47.57 -44.63 29.61
CA ARG L 144 -48.81 -44.76 30.37
C ARG L 144 -49.76 -45.66 29.60
N LYS L 145 -50.78 -46.14 30.31
CA LYS L 145 -51.85 -46.95 29.72
C LYS L 145 -53.10 -46.08 29.58
N VAL L 146 -53.68 -46.06 28.39
CA VAL L 146 -54.87 -45.27 28.10
C VAL L 146 -56.05 -46.23 28.01
N VAL L 147 -57.11 -45.90 28.73
CA VAL L 147 -58.32 -46.72 28.78
C VAL L 147 -59.52 -45.80 28.63
N VAL L 148 -60.38 -46.11 27.67
CA VAL L 148 -61.54 -45.29 27.34
C VAL L 148 -62.80 -46.13 27.51
N GLY L 149 -63.81 -45.54 28.12
CA GLY L 149 -65.09 -46.21 28.33
C GLY L 149 -65.74 -45.70 29.59
N HIS L 150 -67.05 -45.91 29.68
CA HIS L 150 -67.81 -45.48 30.84
C HIS L 150 -67.58 -46.44 32.00
N TRP L 151 -67.34 -45.87 33.18
CA TRP L 151 -66.92 -46.68 34.34
C TRP L 151 -67.97 -47.71 34.75
N GLU L 152 -69.20 -47.59 34.28
CA GLU L 152 -70.21 -48.59 34.57
C GLU L 152 -70.05 -49.84 33.71
N GLU L 153 -69.42 -49.72 32.55
CA GLU L 153 -69.19 -50.87 31.69
C GLU L 153 -68.13 -51.80 32.30
N LYS L 154 -68.26 -53.09 31.99
CA LYS L 154 -67.38 -54.10 32.57
C LYS L 154 -66.04 -54.23 31.83
N GLU L 155 -66.01 -54.01 30.52
CA GLU L 155 -64.78 -54.20 29.74
C GLU L 155 -63.69 -53.24 30.19
N VAL L 156 -64.06 -51.96 30.34
CA VAL L 156 -63.11 -50.96 30.83
C VAL L 156 -62.64 -51.31 32.24
N ARG L 157 -63.54 -51.89 33.05
CA ARG L 157 -63.16 -52.27 34.40
C ARG L 157 -62.15 -53.41 34.38
N GLU L 158 -62.29 -54.34 33.42
CA GLU L 158 -61.29 -55.40 33.30
C GLU L 158 -59.95 -54.82 32.91
N LYS L 159 -59.94 -53.87 31.98
CA LYS L 159 -58.68 -53.27 31.57
C LYS L 159 -57.98 -52.59 32.75
N ILE L 160 -58.73 -51.77 33.50
CA ILE L 160 -58.10 -51.03 34.59
C ILE L 160 -57.67 -51.97 35.72
N ALA L 161 -58.37 -53.08 35.93
CA ALA L 161 -57.95 -53.98 37.02
C ALA L 161 -56.70 -54.78 36.64
N LYS L 162 -56.64 -55.24 35.39
CA LYS L 162 -55.42 -55.90 34.94
C LYS L 162 -54.22 -54.96 35.01
N TRP L 163 -54.44 -53.68 34.67
CA TRP L 163 -53.36 -52.71 34.81
C TRP L 163 -52.97 -52.53 36.27
N MET L 164 -53.93 -52.60 37.19
CA MET L 164 -53.58 -52.52 38.60
C MET L 164 -52.67 -53.68 39.00
N ARG L 165 -53.01 -54.89 38.55
CA ARG L 165 -52.16 -56.04 38.88
C ARG L 165 -50.74 -55.85 38.36
N VAL L 166 -50.60 -55.32 37.14
CA VAL L 166 -49.26 -55.12 36.62
C VAL L 166 -48.56 -53.98 37.35
N ALA L 167 -49.29 -52.90 37.65
CA ALA L 167 -48.70 -51.72 38.29
C ALA L 167 -48.21 -52.02 39.71
N CYS L 168 -48.74 -53.06 40.35
CA CYS L 168 -48.15 -53.48 41.60
C CYS L 168 -47.14 -54.62 41.41
N ALA L 169 -47.17 -55.31 40.27
CA ALA L 169 -46.15 -56.30 40.00
C ALA L 169 -44.78 -55.67 39.80
N ILE L 170 -44.70 -54.45 39.26
CA ILE L 170 -43.42 -53.80 39.09
C ILE L 170 -42.86 -53.33 40.43
N GLN L 171 -43.73 -53.04 41.38
CA GLN L 171 -43.28 -52.60 42.70
C GLN L 171 -42.64 -53.74 43.48
N ASP L 172 -43.14 -54.97 43.30
CA ASP L 172 -42.52 -56.15 43.89
C ASP L 172 -41.30 -56.55 43.03
N GLY L 173 -40.32 -55.66 43.05
CA GLY L 173 -39.13 -55.80 42.24
C GLY L 173 -38.27 -54.56 42.41
N ARG L 174 -38.93 -53.40 42.54
CA ARG L 174 -38.22 -52.20 42.95
C ARG L 174 -37.90 -52.23 44.44
N MET L 175 -38.75 -52.90 45.22
CA MET L 175 -38.56 -53.05 46.65
C MET L 175 -37.80 -54.33 46.98
N GLY L 176 -38.20 -55.45 46.38
CA GLY L 176 -37.62 -56.74 46.66
C GLY L 176 -36.19 -56.87 46.15
N GLN L 177 -35.62 -58.05 46.42
CA GLN L 177 -34.27 -58.38 46.02
C GLN L 177 -34.24 -59.81 45.52
N ILE L 178 -33.41 -60.08 44.52
CA ILE L 178 -33.25 -61.42 43.99
C ILE L 178 -31.89 -61.96 44.44
N VAL L 179 -31.89 -63.21 44.89
CA VAL L 179 -30.76 -63.86 45.53
C VAL L 179 -30.23 -64.95 44.61
N ARG L 180 -28.91 -65.02 44.49
CA ARG L 180 -28.27 -66.02 43.66
C ARG L 180 -27.39 -66.90 44.54
N PHE L 181 -27.63 -68.22 44.52
CA PHE L 181 -26.75 -69.18 45.19
C PHE L 181 -25.90 -69.83 44.11
N GLY L 182 -24.75 -69.23 43.87
CA GLY L 182 -23.86 -69.62 42.78
C GLY L 182 -24.11 -68.82 41.52
N ASP L 183 -23.06 -68.70 40.70
CA ASP L 183 -23.14 -67.90 39.48
C ASP L 183 -23.78 -68.73 38.37
N ASN L 184 -23.72 -68.21 37.14
CA ASN L 184 -24.33 -68.89 36.01
C ASN L 184 -23.54 -70.13 35.62
N MET L 185 -24.21 -71.03 34.89
CA MET L 185 -23.51 -72.14 34.27
C MET L 185 -22.47 -71.61 33.29
N ARG L 186 -21.28 -72.19 33.33
CA ARG L 186 -20.17 -71.67 32.52
C ARG L 186 -20.48 -71.78 31.03
N GLU L 187 -20.07 -70.75 30.29
CA GLU L 187 -20.19 -70.63 28.84
C GLU L 187 -21.63 -70.48 28.35
N VAL L 188 -22.61 -70.38 29.25
CA VAL L 188 -23.99 -70.14 28.83
C VAL L 188 -24.19 -68.64 28.65
N ALA L 189 -24.86 -68.27 27.56
CA ALA L 189 -24.97 -66.86 27.18
C ALA L 189 -26.34 -66.26 27.43
N SER L 190 -27.42 -66.99 27.15
CA SER L 190 -28.76 -66.40 27.27
C SER L 190 -29.12 -66.12 28.73
N THR L 191 -28.52 -66.85 29.67
CA THR L 191 -28.76 -66.61 31.08
C THR L 191 -27.97 -65.42 31.61
N GLU L 192 -26.91 -65.01 30.92
CA GLU L 192 -26.09 -63.89 31.37
C GLU L 192 -26.77 -62.56 31.02
N GLY L 193 -26.38 -61.53 31.74
CA GLY L 193 -26.91 -60.19 31.50
C GLY L 193 -26.18 -59.18 32.36
N ASP L 194 -26.50 -57.91 32.13
CA ASP L 194 -25.91 -56.82 32.88
C ASP L 194 -26.75 -56.57 34.13
N LYS L 195 -26.19 -56.88 35.30
CA LYS L 195 -26.93 -56.75 36.54
C LYS L 195 -27.23 -55.30 36.91
N VAL L 196 -26.47 -54.34 36.39
CA VAL L 196 -26.66 -52.94 36.76
C VAL L 196 -27.77 -52.30 35.93
N GLU L 197 -27.77 -52.52 34.62
CA GLU L 197 -28.81 -51.96 33.78
C GLU L 197 -30.17 -52.54 34.12
N ALA L 198 -30.22 -53.71 34.75
CA ALA L 198 -31.50 -54.24 35.20
C ALA L 198 -32.06 -53.43 36.36
N GLN L 199 -31.20 -53.03 37.31
CA GLN L 199 -31.66 -52.14 38.36
C GLN L 199 -32.02 -50.78 37.80
N ILE L 200 -31.31 -50.32 36.78
CA ILE L 200 -31.61 -48.99 36.25
C ILE L 200 -32.93 -49.00 35.49
N LYS L 201 -33.21 -50.07 34.75
CA LYS L 201 -34.41 -50.13 33.93
C LYS L 201 -35.58 -50.75 34.68
N LEU L 202 -35.42 -51.99 35.15
CA LEU L 202 -36.52 -52.70 35.80
C LEU L 202 -36.59 -52.45 37.29
N GLY L 203 -35.48 -52.05 37.92
CA GLY L 203 -35.44 -51.85 39.35
C GLY L 203 -35.09 -53.07 40.17
N TRP L 204 -34.97 -54.24 39.53
CA TRP L 204 -34.69 -55.49 40.25
C TRP L 204 -33.31 -55.46 40.89
N SER L 205 -33.25 -55.33 42.22
CA SER L 205 -31.98 -55.49 42.91
C SER L 205 -31.58 -56.95 42.87
N ILE L 206 -30.29 -57.21 42.64
CA ILE L 206 -29.81 -58.56 42.39
C ILE L 206 -28.45 -58.73 43.05
N ASN L 207 -28.28 -59.83 43.80
CA ASN L 207 -26.98 -60.08 44.38
C ASN L 207 -26.71 -61.58 44.46
N THR L 208 -25.42 -61.90 44.64
CA THR L 208 -24.94 -63.28 44.62
C THR L 208 -24.26 -63.61 45.94
N TRP L 209 -24.49 -64.84 46.41
CA TRP L 209 -23.90 -65.39 47.62
C TRP L 209 -23.32 -66.76 47.30
N GLY L 210 -22.27 -67.14 48.04
CA GLY L 210 -21.72 -68.46 47.89
C GLY L 210 -22.67 -69.54 48.40
N VAL L 211 -22.58 -70.72 47.77
CA VAL L 211 -23.46 -71.82 48.14
C VAL L 211 -23.13 -72.39 49.51
N GLY L 212 -21.89 -72.21 49.99
CA GLY L 212 -21.56 -72.64 51.34
C GLY L 212 -22.37 -71.91 52.39
N GLU L 213 -22.78 -70.67 52.10
CA GLU L 213 -23.67 -69.96 53.02
C GLU L 213 -24.98 -70.71 53.18
N LEU L 214 -25.48 -71.31 52.09
CA LEU L 214 -26.69 -72.12 52.17
C LEU L 214 -26.39 -73.48 52.82
N ALA L 215 -25.20 -74.02 52.60
CA ALA L 215 -24.83 -75.30 53.22
C ALA L 215 -24.68 -75.19 54.73
N GLU L 216 -24.41 -73.99 55.25
CA GLU L 216 -24.34 -73.81 56.70
C GLU L 216 -25.70 -74.02 57.35
N ARG L 217 -26.77 -73.51 56.74
CA ARG L 217 -28.09 -73.50 57.39
C ARG L 217 -28.76 -74.87 57.43
N VAL L 218 -28.45 -75.76 56.49
CA VAL L 218 -29.21 -77.01 56.38
C VAL L 218 -28.95 -77.94 57.55
N LYS L 219 -27.78 -77.84 58.19
CA LYS L 219 -27.46 -78.78 59.26
C LYS L 219 -27.99 -78.34 60.62
N ALA L 220 -28.10 -77.03 60.85
CA ALA L 220 -28.55 -76.50 62.14
C ALA L 220 -30.06 -76.40 62.23
N VAL L 221 -30.80 -77.17 61.43
CA VAL L 221 -32.26 -77.14 61.42
C VAL L 221 -32.78 -77.88 62.66
N PRO L 222 -33.77 -77.34 63.37
CA PRO L 222 -34.38 -78.09 64.48
C PRO L 222 -35.01 -79.38 63.99
N GLU L 223 -35.14 -80.33 64.92
CA GLU L 223 -35.60 -81.67 64.55
C GLU L 223 -37.11 -81.76 64.50
N ARG L 224 -37.81 -81.09 65.41
CA ARG L 224 -39.27 -81.10 65.44
C ARG L 224 -39.90 -80.17 64.41
N GLU L 225 -39.09 -79.57 63.54
CA GLU L 225 -39.62 -78.78 62.43
C GLU L 225 -39.78 -79.61 61.17
N VAL L 226 -38.99 -80.67 61.00
CA VAL L 226 -39.07 -81.47 59.79
C VAL L 226 -40.25 -82.43 59.84
N GLU L 227 -40.64 -82.90 61.03
CA GLU L 227 -41.81 -83.76 61.15
C GLU L 227 -43.11 -82.97 60.98
N GLU L 228 -43.12 -81.72 61.41
CA GLU L 228 -44.26 -80.85 61.14
C GLU L 228 -44.40 -80.58 59.65
N LEU L 229 -43.30 -80.66 58.90
CA LEU L 229 -43.38 -80.59 57.45
C LEU L 229 -43.82 -81.93 56.84
N LEU L 230 -43.39 -83.04 57.44
CA LEU L 230 -43.77 -84.34 56.91
C LEU L 230 -45.26 -84.62 57.09
N LYS L 231 -45.87 -84.12 58.17
CA LYS L 231 -47.30 -84.32 58.31
C LYS L 231 -48.08 -83.54 57.25
N GLU L 232 -47.62 -82.34 56.91
CA GLU L 232 -48.22 -81.59 55.81
C GLU L 232 -48.01 -82.31 54.49
N TYR L 233 -46.79 -82.82 54.26
CA TYR L 233 -46.51 -83.62 53.07
C TYR L 233 -47.47 -84.79 52.97
N ARG L 234 -47.77 -85.44 54.10
CA ARG L 234 -48.71 -86.55 54.11
C ARG L 234 -50.12 -86.06 53.79
N GLU L 235 -50.50 -84.90 54.32
CA GLU L 235 -51.80 -84.33 53.98
C GLU L 235 -51.92 -83.97 52.51
N LYS L 236 -50.80 -83.74 51.82
CA LYS L 236 -50.89 -83.36 50.41
C LYS L 236 -50.20 -84.32 49.44
N TYR L 237 -49.13 -85.00 49.84
CA TYR L 237 -48.35 -85.77 48.87
C TYR L 237 -47.90 -87.13 49.41
N ILE L 238 -46.59 -87.34 49.51
CA ILE L 238 -45.94 -88.48 50.17
C ILE L 238 -45.95 -89.75 49.33
N MET L 239 -44.80 -90.47 49.31
CA MET L 239 -44.51 -91.75 48.70
C MET L 239 -44.69 -92.87 49.73
N PRO L 240 -44.87 -94.14 49.26
CA PRO L 240 -45.22 -95.27 50.15
C PRO L 240 -44.76 -95.23 51.59
N GLU L 241 -43.61 -95.84 51.89
CA GLU L 241 -43.23 -96.09 53.28
C GLU L 241 -41.80 -95.58 53.53
N ASP L 242 -41.41 -95.64 54.81
CA ASP L 242 -40.10 -95.17 55.27
C ASP L 242 -39.01 -96.06 54.71
N GLU L 243 -38.36 -95.60 53.64
CA GLU L 243 -37.23 -96.31 53.05
C GLU L 243 -36.21 -95.32 52.52
N TYR L 244 -35.61 -95.62 51.37
CA TYR L 244 -34.77 -94.65 50.68
C TYR L 244 -35.56 -93.38 50.34
N SER L 245 -36.88 -93.50 50.20
CA SER L 245 -37.68 -92.40 49.68
C SER L 245 -37.86 -91.30 50.73
N LEU L 246 -37.99 -91.67 52.01
CA LEU L 246 -38.15 -90.66 53.05
C LEU L 246 -36.83 -90.02 53.46
N LYS L 247 -35.72 -90.68 53.13
CA LYS L 247 -34.40 -90.10 53.38
C LYS L 247 -34.22 -88.83 52.59
N ALA L 248 -34.66 -88.83 51.33
CA ALA L 248 -34.58 -87.62 50.52
C ALA L 248 -35.60 -86.58 50.96
N ILE L 249 -36.74 -87.02 51.51
CA ILE L 249 -37.76 -86.06 51.94
C ILE L 249 -37.29 -85.26 53.15
N ARG L 250 -36.62 -85.92 54.10
CA ARG L 250 -36.12 -85.15 55.25
C ARG L 250 -35.03 -84.17 54.83
N GLU L 251 -34.21 -84.54 53.86
CA GLU L 251 -33.18 -83.64 53.36
C GLU L 251 -33.80 -82.45 52.65
N GLN L 252 -34.85 -82.69 51.84
CA GLN L 252 -35.55 -81.59 51.20
C GLN L 252 -36.25 -80.71 52.23
N ALA L 253 -36.72 -81.28 53.33
CA ALA L 253 -37.38 -80.48 54.35
C ALA L 253 -36.40 -79.54 55.04
N LYS L 254 -35.21 -80.04 55.37
CA LYS L 254 -34.23 -79.15 55.99
C LYS L 254 -33.72 -78.11 55.00
N ILE L 255 -33.66 -78.46 53.71
CA ILE L 255 -33.30 -77.46 52.71
C ILE L 255 -34.38 -76.40 52.57
N GLU L 256 -35.65 -76.81 52.64
CA GLU L 256 -36.75 -75.86 52.57
C GLU L 256 -36.70 -74.89 53.75
N ILE L 257 -36.42 -75.41 54.94
CA ILE L 257 -36.34 -74.54 56.11
C ILE L 257 -35.16 -73.59 56.00
N ALA L 258 -34.02 -74.07 55.47
CA ALA L 258 -32.87 -73.19 55.29
C ALA L 258 -33.16 -72.07 54.29
N LEU L 259 -33.80 -72.41 53.17
CA LEU L 259 -34.14 -71.39 52.18
C LEU L 259 -35.13 -70.39 52.73
N ARG L 260 -36.14 -70.87 53.48
CA ARG L 260 -37.11 -69.97 54.08
C ARG L 260 -36.44 -69.02 55.05
N GLU L 261 -35.49 -69.53 55.85
CA GLU L 261 -34.79 -68.69 56.79
C GLU L 261 -33.94 -67.65 56.07
N PHE L 262 -33.29 -68.05 54.97
CA PHE L 262 -32.36 -67.15 54.29
C PHE L 262 -33.10 -66.04 53.53
N LEU L 263 -34.08 -66.41 52.71
CA LEU L 263 -34.72 -65.41 51.85
C LEU L 263 -35.51 -64.37 52.64
N ALA L 264 -36.11 -64.76 53.76
CA ALA L 264 -36.86 -63.79 54.55
C ALA L 264 -35.95 -62.76 55.24
N ALA L 265 -34.75 -63.17 55.64
CA ALA L 265 -33.86 -62.28 56.37
C ALA L 265 -33.27 -61.18 55.49
N ALA L 266 -33.30 -61.34 54.17
CA ALA L 266 -32.66 -60.38 53.27
C ALA L 266 -33.66 -59.78 52.28
N ASN L 267 -34.91 -59.64 52.70
CA ASN L 267 -35.99 -59.04 51.90
C ASN L 267 -35.95 -59.52 50.45
N ALA L 268 -36.17 -60.81 50.27
CA ALA L 268 -36.07 -61.44 48.97
C ALA L 268 -37.45 -61.65 48.35
N VAL L 269 -37.47 -61.67 47.02
CA VAL L 269 -38.67 -62.02 46.27
C VAL L 269 -38.44 -63.15 45.27
N GLY L 270 -37.20 -63.39 44.83
CA GLY L 270 -36.89 -64.53 44.00
C GLY L 270 -35.50 -65.02 44.31
N PHE L 271 -35.21 -66.23 43.85
CA PHE L 271 -33.89 -66.82 44.06
C PHE L 271 -33.58 -67.78 42.91
N THR L 272 -32.30 -68.08 42.76
CA THR L 272 -31.82 -68.95 41.70
C THR L 272 -30.66 -69.80 42.21
N THR L 273 -30.58 -71.03 41.73
CA THR L 273 -29.54 -71.98 42.12
C THR L 273 -28.78 -72.44 40.87
N THR L 274 -27.79 -73.31 41.10
CA THR L 274 -27.00 -73.91 40.04
C THR L 274 -26.73 -75.37 40.39
N PHE L 275 -26.75 -76.24 39.38
CA PHE L 275 -26.67 -77.68 39.65
C PHE L 275 -25.24 -78.22 39.69
N GLU L 276 -24.27 -77.51 39.14
CA GLU L 276 -22.89 -77.97 39.15
C GLU L 276 -22.08 -77.33 40.27
N ASP L 277 -22.73 -76.68 41.24
CA ASP L 277 -22.03 -76.05 42.34
C ASP L 277 -22.96 -76.05 43.56
N LEU L 278 -22.93 -77.16 44.30
CA LEU L 278 -23.73 -77.33 45.51
C LEU L 278 -22.91 -78.10 46.55
N HIS L 279 -21.70 -77.60 46.83
CA HIS L 279 -20.79 -78.29 47.72
C HIS L 279 -21.33 -78.27 49.16
N ASP L 280 -21.13 -79.39 49.86
CA ASP L 280 -21.59 -79.62 51.23
C ASP L 280 -23.12 -79.72 51.31
N LEU L 281 -23.82 -79.50 50.20
CA LEU L 281 -25.24 -79.76 50.13
C LEU L 281 -25.47 -81.22 49.78
N PRO L 282 -26.10 -82.02 50.64
CA PRO L 282 -26.20 -83.46 50.38
C PRO L 282 -27.07 -83.83 49.19
N GLN L 283 -27.83 -82.89 48.62
CA GLN L 283 -28.77 -83.23 47.58
C GLN L 283 -29.19 -81.98 46.81
N LEU L 284 -29.40 -82.15 45.51
CA LEU L 284 -29.82 -81.06 44.65
C LEU L 284 -31.19 -80.53 45.09
N PRO L 285 -31.35 -79.23 45.28
CA PRO L 285 -32.65 -78.68 45.69
C PRO L 285 -33.75 -78.96 44.68
N GLY L 286 -34.77 -79.68 45.13
CA GLY L 286 -35.88 -80.07 44.30
C GLY L 286 -37.22 -79.64 44.89
N LEU L 287 -37.85 -80.59 45.60
CA LEU L 287 -39.14 -80.35 46.25
C LEU L 287 -39.19 -79.03 47.00
N ALA L 288 -38.09 -78.63 47.65
CA ALA L 288 -38.09 -77.38 48.40
C ALA L 288 -38.30 -76.18 47.50
N VAL L 289 -37.74 -76.22 46.28
CA VAL L 289 -37.93 -75.13 45.35
C VAL L 289 -39.39 -75.04 44.94
N GLN L 290 -40.03 -76.18 44.69
CA GLN L 290 -41.45 -76.16 44.36
C GLN L 290 -42.29 -75.64 45.53
N ARG L 291 -41.90 -75.97 46.76
CA ARG L 291 -42.63 -75.48 47.91
C ARG L 291 -42.50 -73.96 48.04
N LEU L 292 -41.32 -73.42 47.76
CA LEU L 292 -41.16 -71.97 47.84
C LEU L 292 -41.86 -71.26 46.69
N MET L 293 -41.83 -71.85 45.49
CA MET L 293 -42.56 -71.26 44.38
C MET L 293 -44.06 -71.33 44.58
N GLU L 294 -44.54 -72.30 45.37
CA GLU L 294 -45.96 -72.42 45.63
C GLU L 294 -46.51 -71.19 46.33
N GLU L 295 -45.70 -70.49 47.13
CA GLU L 295 -46.17 -69.27 47.78
C GLU L 295 -46.14 -68.08 46.83
N GLY L 296 -45.01 -67.85 46.16
CA GLY L 296 -44.87 -66.70 45.31
C GLY L 296 -43.46 -66.42 44.82
N TYR L 297 -42.46 -66.91 45.56
CA TYR L 297 -41.06 -66.71 45.19
C TYR L 297 -40.80 -67.23 43.78
N GLY L 298 -40.28 -66.36 42.92
CA GLY L 298 -39.84 -66.77 41.61
C GLY L 298 -38.52 -67.52 41.65
N PHE L 299 -38.31 -68.39 40.68
CA PHE L 299 -37.12 -69.22 40.66
C PHE L 299 -36.63 -69.45 39.23
N GLY L 300 -35.32 -69.45 39.08
CA GLY L 300 -34.70 -69.88 37.83
C GLY L 300 -33.52 -70.78 38.15
N ALA L 301 -33.26 -71.72 37.24
CA ALA L 301 -32.19 -72.68 37.42
C ALA L 301 -31.00 -72.33 36.53
N GLU L 302 -29.87 -72.96 36.82
CA GLU L 302 -28.64 -72.77 36.04
C GLU L 302 -28.18 -71.32 36.06
N GLY L 303 -28.53 -70.59 37.12
CA GLY L 303 -28.14 -69.20 37.28
C GLY L 303 -29.01 -68.18 36.60
N ASP L 304 -30.05 -68.60 35.89
CA ASP L 304 -30.90 -67.68 35.13
C ASP L 304 -31.71 -66.82 36.11
N TRP L 305 -31.22 -65.61 36.39
CA TRP L 305 -31.95 -64.67 37.20
C TRP L 305 -33.00 -63.90 36.40
N LYS L 306 -32.86 -63.85 35.07
CA LYS L 306 -33.87 -63.24 34.23
C LYS L 306 -35.20 -63.95 34.43
N ALA L 307 -35.20 -65.28 34.30
CA ALA L 307 -36.42 -66.06 34.44
C ALA L 307 -36.93 -66.01 35.87
N ALA L 308 -36.04 -65.98 36.85
CA ALA L 308 -36.48 -65.93 38.24
C ALA L 308 -37.24 -64.63 38.52
N GLY L 309 -36.67 -63.48 38.14
CA GLY L 309 -37.36 -62.22 38.36
C GLY L 309 -38.65 -62.11 37.56
N LEU L 310 -38.63 -62.60 36.32
CA LEU L 310 -39.84 -62.57 35.51
C LEU L 310 -40.93 -63.44 36.11
N VAL L 311 -40.56 -64.63 36.58
CA VAL L 311 -41.53 -65.52 37.23
C VAL L 311 -42.09 -64.88 38.48
N ARG L 312 -41.26 -64.20 39.25
CA ARG L 312 -41.77 -63.54 40.46
C ARG L 312 -42.80 -62.47 40.11
N ALA L 313 -42.46 -61.58 39.17
CA ALA L 313 -43.39 -60.52 38.82
C ALA L 313 -44.67 -61.09 38.18
N ILE L 314 -44.53 -62.09 37.33
CA ILE L 314 -45.68 -62.68 36.64
C ILE L 314 -46.50 -63.57 37.56
N LYS L 315 -45.93 -63.99 38.69
CA LYS L 315 -46.70 -64.66 39.73
C LYS L 315 -47.45 -63.65 40.58
N VAL L 316 -46.85 -62.47 40.80
CA VAL L 316 -47.58 -61.41 41.48
C VAL L 316 -48.77 -60.97 40.63
N MET L 317 -48.62 -60.98 39.30
CA MET L 317 -49.76 -60.68 38.44
C MET L 317 -50.89 -61.70 38.62
N GLY L 318 -50.65 -62.96 38.26
CA GLY L 318 -51.63 -64.01 38.44
C GLY L 318 -51.80 -64.46 39.87
N THR L 319 -52.64 -63.77 40.65
CA THR L 319 -52.75 -64.00 42.08
C THR L 319 -54.13 -64.46 42.54
N SER L 320 -55.10 -64.60 41.63
CA SER L 320 -56.45 -64.88 42.09
C SER L 320 -56.85 -66.33 41.83
N LEU L 321 -58.12 -66.55 41.48
CA LEU L 321 -58.63 -67.92 41.37
C LEU L 321 -57.97 -68.70 40.23
N PRO L 322 -57.82 -68.15 39.00
CA PRO L 322 -57.26 -68.98 37.92
C PRO L 322 -55.74 -69.08 37.94
N GLY L 323 -55.15 -68.97 39.13
CA GLY L 323 -53.70 -68.97 39.26
C GLY L 323 -52.99 -70.13 38.60
N GLY L 324 -51.73 -69.92 38.24
CA GLY L 324 -50.95 -70.95 37.57
C GLY L 324 -49.73 -70.39 36.85
N THR L 325 -48.63 -70.22 37.57
CA THR L 325 -47.39 -69.69 37.01
C THR L 325 -46.23 -70.57 37.44
N SER L 326 -45.36 -70.91 36.49
CA SER L 326 -44.26 -71.83 36.73
C SER L 326 -43.03 -71.41 35.94
N PHE L 327 -41.89 -71.92 36.40
CA PHE L 327 -40.62 -71.83 35.69
C PHE L 327 -40.56 -72.99 34.72
N MET L 328 -40.40 -72.70 33.42
CA MET L 328 -40.51 -73.72 32.40
C MET L 328 -39.25 -73.78 31.56
N GLU L 329 -38.99 -74.95 30.98
CA GLU L 329 -37.91 -75.14 30.03
C GLU L 329 -38.45 -76.01 28.90
N ASP L 330 -38.50 -75.47 27.69
CA ASP L 330 -38.99 -76.22 26.54
C ASP L 330 -38.07 -77.43 26.31
N TYR L 331 -38.56 -78.61 26.68
CA TYR L 331 -37.67 -79.77 26.80
C TYR L 331 -37.59 -80.62 25.54
N THR L 332 -38.74 -80.98 24.95
CA THR L 332 -38.71 -81.82 23.76
C THR L 332 -39.92 -81.55 22.90
N TYR L 333 -39.86 -81.99 21.65
CA TYR L 333 -40.94 -81.73 20.70
C TYR L 333 -41.65 -83.04 20.34
N HIS L 334 -42.84 -82.89 19.77
CA HIS L 334 -43.59 -84.00 19.20
C HIS L 334 -43.98 -83.58 17.78
N LEU L 335 -43.36 -84.24 16.79
CA LEU L 335 -43.36 -83.76 15.41
C LEU L 335 -44.34 -84.52 14.51
N THR L 336 -45.46 -84.97 15.06
CA THR L 336 -46.48 -85.55 14.20
C THR L 336 -47.16 -84.42 13.41
N PRO L 337 -47.48 -84.64 12.14
CA PRO L 337 -47.96 -83.53 11.29
C PRO L 337 -49.24 -82.86 11.80
N GLY L 338 -50.26 -83.65 12.15
CA GLY L 338 -51.55 -83.06 12.47
C GLY L 338 -51.69 -82.59 13.90
N ASN L 339 -50.95 -83.18 14.83
CA ASN L 339 -51.06 -82.89 16.25
C ASN L 339 -49.69 -82.62 16.84
N GLU L 340 -48.97 -81.68 16.24
CA GLU L 340 -47.61 -81.35 16.67
C GLU L 340 -47.65 -80.62 18.01
N LEU L 341 -46.95 -81.17 19.00
CA LEU L 341 -47.00 -80.61 20.35
C LEU L 341 -45.59 -80.32 20.84
N VAL L 342 -45.48 -79.81 22.06
CA VAL L 342 -44.19 -79.64 22.70
C VAL L 342 -44.32 -79.97 24.19
N LEU L 343 -43.42 -80.83 24.66
CA LEU L 343 -43.40 -81.31 26.03
C LEU L 343 -42.41 -80.47 26.82
N GLY L 344 -42.93 -79.68 27.75
CA GLY L 344 -42.13 -78.82 28.60
C GLY L 344 -42.03 -79.39 30.00
N ALA L 345 -40.82 -79.32 30.55
CA ALA L 345 -40.53 -79.82 31.88
C ALA L 345 -39.15 -79.30 32.27
N HIS L 346 -38.71 -79.67 33.46
CA HIS L 346 -37.35 -79.36 33.89
C HIS L 346 -36.69 -80.61 34.44
N MET L 347 -35.56 -80.46 35.13
CA MET L 347 -34.95 -81.60 35.78
C MET L 347 -35.62 -81.92 37.12
N LEU L 348 -36.21 -80.91 37.77
CA LEU L 348 -36.87 -81.10 39.05
C LEU L 348 -37.97 -80.06 39.28
N GLU L 349 -37.65 -78.79 39.03
CA GLU L 349 -38.43 -77.66 39.53
C GLU L 349 -39.54 -77.31 38.55
N VAL L 350 -40.76 -77.73 38.87
CA VAL L 350 -41.97 -77.30 38.19
C VAL L 350 -42.98 -76.89 39.24
N CYS L 351 -43.55 -75.70 39.10
CA CYS L 351 -44.43 -75.17 40.14
C CYS L 351 -45.73 -76.00 40.21
N PRO L 352 -46.19 -76.32 41.43
CA PRO L 352 -47.44 -77.08 41.57
C PRO L 352 -48.70 -76.24 41.42
N THR L 353 -48.60 -75.02 40.89
CA THR L 353 -49.79 -74.20 40.70
C THR L 353 -50.50 -74.53 39.39
N ILE L 354 -49.74 -74.94 38.37
CA ILE L 354 -50.32 -75.35 37.09
C ILE L 354 -50.71 -76.83 37.14
N ALA L 355 -50.63 -77.43 38.33
CA ALA L 355 -50.87 -78.86 38.47
C ALA L 355 -52.35 -79.20 38.31
N LYS L 356 -52.65 -80.12 37.37
CA LYS L 356 -53.99 -80.63 37.16
C LYS L 356 -54.33 -81.82 38.05
N GLU L 357 -53.34 -82.64 38.40
CA GLU L 357 -53.54 -83.83 39.20
C GLU L 357 -53.06 -83.56 40.63
N LYS L 358 -53.01 -84.61 41.43
CA LYS L 358 -52.47 -84.49 42.78
C LYS L 358 -50.96 -84.47 42.70
N PRO L 359 -50.29 -83.42 43.22
CA PRO L 359 -48.82 -83.41 43.20
C PRO L 359 -48.28 -84.61 43.97
N ARG L 360 -47.65 -85.54 43.26
CA ARG L 360 -47.18 -86.78 43.87
C ARG L 360 -45.66 -86.69 44.07
N ILE L 361 -45.21 -86.91 45.31
CA ILE L 361 -43.78 -86.90 45.57
C ILE L 361 -43.17 -88.17 44.99
N GLU L 362 -42.07 -88.00 44.27
CA GLU L 362 -41.31 -89.11 43.73
C GLU L 362 -39.83 -88.82 43.82
N VAL L 363 -39.04 -89.87 43.98
CA VAL L 363 -37.59 -89.81 43.94
C VAL L 363 -37.11 -90.76 42.84
N HIS L 364 -36.12 -90.31 42.08
CA HIS L 364 -35.63 -91.05 40.94
C HIS L 364 -34.13 -90.81 40.81
N PRO L 365 -33.40 -91.73 40.18
CA PRO L 365 -31.97 -91.51 39.98
C PRO L 365 -31.72 -90.28 39.10
N LEU L 366 -30.98 -89.33 39.62
CA LEU L 366 -30.64 -88.10 38.90
C LEU L 366 -29.16 -87.83 39.10
N SER L 367 -28.38 -88.07 38.05
CA SER L 367 -26.93 -87.90 38.08
C SER L 367 -26.49 -86.48 37.75
N ILE L 368 -27.42 -85.58 37.43
CA ILE L 368 -27.04 -84.23 37.02
C ILE L 368 -26.40 -83.50 38.20
N GLY L 369 -25.14 -83.11 38.03
CA GLY L 369 -24.37 -82.42 39.04
C GLY L 369 -23.74 -83.29 40.10
N GLY L 370 -24.03 -84.59 40.15
CA GLY L 370 -23.29 -85.46 41.06
C GLY L 370 -23.64 -85.29 42.52
N LYS L 371 -24.89 -85.57 42.91
CA LYS L 371 -25.26 -85.48 44.31
C LYS L 371 -25.93 -86.76 44.81
N ALA L 372 -27.25 -86.87 44.66
CA ALA L 372 -27.96 -88.01 45.22
C ALA L 372 -29.29 -88.17 44.48
N ASP L 373 -30.30 -88.69 45.16
CA ASP L 373 -31.61 -88.91 44.58
C ASP L 373 -32.54 -87.81 45.08
N PRO L 374 -32.81 -86.76 44.29
CA PRO L 374 -33.64 -85.67 44.79
C PRO L 374 -35.12 -85.97 44.71
N ALA L 375 -35.87 -85.31 45.58
CA ALA L 375 -37.32 -85.45 45.57
C ALA L 375 -37.92 -84.47 44.56
N ARG L 376 -39.14 -84.76 44.15
CA ARG L 376 -39.80 -83.90 43.17
C ARG L 376 -41.29 -84.15 43.22
N LEU L 377 -42.05 -83.17 42.72
CA LEU L 377 -43.49 -83.30 42.58
C LEU L 377 -43.81 -83.64 41.13
N VAL L 378 -44.68 -84.61 40.93
CA VAL L 378 -45.05 -85.12 39.61
C VAL L 378 -46.55 -84.88 39.44
N PHE L 379 -46.91 -84.33 38.29
CA PHE L 379 -48.30 -84.00 37.97
C PHE L 379 -48.38 -83.67 36.48
N ASP L 380 -49.59 -83.75 35.95
CA ASP L 380 -49.84 -83.39 34.57
C ASP L 380 -50.19 -81.90 34.47
N GLY L 381 -50.01 -81.36 33.27
CA GLY L 381 -50.23 -79.95 33.07
C GLY L 381 -51.71 -79.59 33.02
N GLN L 382 -51.97 -78.29 33.04
CA GLN L 382 -53.32 -77.76 32.98
C GLN L 382 -53.75 -77.59 31.52
N GLU L 383 -55.06 -77.51 31.31
CA GLU L 383 -55.63 -77.33 29.99
C GLU L 383 -55.91 -75.85 29.73
N GLY L 384 -56.25 -75.53 28.47
CA GLY L 384 -56.66 -74.19 28.12
C GLY L 384 -55.53 -73.30 27.63
N PRO L 385 -55.84 -72.04 27.35
CA PRO L 385 -54.80 -71.14 26.82
C PRO L 385 -53.88 -70.63 27.92
N ALA L 386 -52.63 -70.40 27.52
CA ALA L 386 -51.60 -69.92 28.43
C ALA L 386 -50.60 -69.08 27.63
N VAL L 387 -49.61 -68.54 28.33
CA VAL L 387 -48.56 -67.76 27.70
C VAL L 387 -47.21 -68.27 28.19
N ASN L 388 -46.19 -68.05 27.36
CA ASN L 388 -44.82 -68.49 27.64
C ASN L 388 -43.91 -67.32 27.35
N ALA L 389 -43.37 -66.70 28.41
CA ALA L 389 -42.60 -65.46 28.25
C ALA L 389 -41.14 -65.70 28.57
N SER L 390 -40.30 -64.75 28.15
CA SER L 390 -38.86 -64.83 28.40
C SER L 390 -38.26 -63.45 28.18
N ILE L 391 -37.57 -62.93 29.19
CA ILE L 391 -36.82 -61.68 29.06
C ILE L 391 -35.37 -62.04 28.78
N VAL L 392 -34.76 -61.34 27.83
CA VAL L 392 -33.38 -61.61 27.46
C VAL L 392 -32.66 -60.30 27.20
N ASP L 393 -31.37 -60.29 27.53
CA ASP L 393 -30.53 -59.10 27.41
C ASP L 393 -29.96 -59.01 26.01
N MET L 394 -30.07 -57.83 25.40
CA MET L 394 -29.63 -57.59 24.03
C MET L 394 -28.44 -56.64 23.98
N GLY L 395 -27.65 -56.59 25.04
CA GLY L 395 -26.49 -55.71 25.10
C GLY L 395 -26.82 -54.33 25.60
N ASN L 396 -27.56 -53.56 24.81
CA ASN L 396 -27.95 -52.20 25.18
C ASN L 396 -29.30 -52.13 25.88
N ARG L 397 -30.08 -53.21 25.85
CA ARG L 397 -31.45 -53.18 26.36
C ARG L 397 -31.92 -54.61 26.58
N PHE L 398 -33.05 -54.73 27.25
CA PHE L 398 -33.75 -56.00 27.42
C PHE L 398 -34.91 -56.08 26.42
N ARG L 399 -35.22 -57.29 25.98
CA ARG L 399 -36.43 -57.52 25.21
C ARG L 399 -37.17 -58.74 25.76
N LEU L 400 -38.50 -58.66 25.68
CA LEU L 400 -39.40 -59.67 26.20
C LEU L 400 -40.07 -60.38 25.04
N VAL L 401 -39.75 -61.65 24.85
CA VAL L 401 -40.39 -62.47 23.83
C VAL L 401 -41.46 -63.30 24.52
N VAL L 402 -42.67 -63.31 23.95
CA VAL L 402 -43.79 -64.02 24.56
C VAL L 402 -44.57 -64.76 23.47
N ASN L 403 -44.89 -66.02 23.74
CA ASN L 403 -45.60 -66.87 22.80
C ASN L 403 -46.91 -67.30 23.45
N LYS L 404 -48.03 -67.00 22.79
CA LYS L 404 -49.32 -67.46 23.24
C LYS L 404 -49.52 -68.90 22.78
N VAL L 405 -49.86 -69.78 23.72
CA VAL L 405 -49.96 -71.21 23.45
C VAL L 405 -51.28 -71.73 23.98
N LEU L 406 -51.67 -72.91 23.49
CA LEU L 406 -52.87 -73.59 23.96
C LEU L 406 -52.45 -74.93 24.54
N SER L 407 -52.55 -75.07 25.87
CA SER L 407 -52.20 -76.31 26.53
C SER L 407 -53.32 -77.33 26.39
N VAL L 408 -52.93 -78.58 26.18
CA VAL L 408 -53.83 -79.69 25.89
C VAL L 408 -53.65 -80.78 26.92
N PRO L 409 -54.68 -81.58 27.19
CA PRO L 409 -54.52 -82.69 28.14
C PRO L 409 -53.63 -83.78 27.58
N ILE L 410 -52.93 -84.46 28.50
CA ILE L 410 -51.99 -85.50 28.12
C ILE L 410 -52.78 -86.74 27.68
N GLU L 411 -52.54 -87.20 26.45
CA GLU L 411 -53.32 -88.32 25.93
C GLU L 411 -52.81 -89.66 26.46
N ARG L 412 -51.49 -89.87 26.45
CA ARG L 412 -50.89 -91.10 26.93
C ARG L 412 -50.05 -90.82 28.17
N LYS L 413 -49.86 -91.85 28.99
CA LYS L 413 -49.09 -91.73 30.21
C LYS L 413 -47.62 -92.04 29.94
N MET L 414 -46.76 -91.53 30.82
CA MET L 414 -45.31 -91.63 30.69
C MET L 414 -44.72 -92.27 31.94
N PRO L 415 -44.46 -93.57 31.93
CA PRO L 415 -44.00 -94.25 33.16
C PRO L 415 -42.56 -93.90 33.55
N LYS L 416 -41.69 -93.65 32.58
CA LYS L 416 -40.27 -93.42 32.86
C LYS L 416 -39.90 -91.95 32.94
N LEU L 417 -40.84 -91.04 32.69
CA LEU L 417 -40.56 -89.62 32.82
C LEU L 417 -40.70 -89.23 34.29
N PRO L 418 -39.62 -88.82 34.95
CA PRO L 418 -39.67 -88.62 36.41
C PRO L 418 -40.17 -87.25 36.85
N THR L 419 -40.12 -86.27 35.95
CA THR L 419 -40.41 -84.89 36.30
C THR L 419 -41.80 -84.49 35.79
N ALA L 420 -42.45 -83.57 36.51
CA ALA L 420 -43.73 -83.05 36.07
C ALA L 420 -43.60 -82.38 34.71
N ARG L 421 -44.67 -82.45 33.92
CA ARG L 421 -44.60 -82.09 32.51
C ARG L 421 -45.90 -81.42 32.08
N VAL L 422 -45.80 -80.62 31.02
CA VAL L 422 -46.95 -80.00 30.39
C VAL L 422 -46.82 -80.17 28.88
N LEU L 423 -47.97 -80.26 28.19
CA LEU L 423 -48.01 -80.33 26.75
C LEU L 423 -48.83 -79.18 26.20
N TRP L 424 -48.34 -78.55 25.13
CA TRP L 424 -49.04 -77.41 24.56
C TRP L 424 -48.72 -77.29 23.07
N LYS L 425 -49.55 -76.48 22.41
CA LYS L 425 -49.44 -76.13 21.00
C LYS L 425 -49.04 -74.67 20.88
N PRO L 426 -47.93 -74.37 20.21
CA PRO L 426 -47.57 -72.96 19.96
C PRO L 426 -48.43 -72.36 18.85
N LEU L 427 -49.04 -71.22 19.15
CA LEU L 427 -49.88 -70.55 18.17
C LEU L 427 -49.02 -69.69 17.23
N PRO L 428 -49.32 -69.69 15.93
CA PRO L 428 -50.38 -70.49 15.30
C PRO L 428 -49.90 -71.87 14.92
N ASP L 429 -48.67 -71.95 14.43
CA ASP L 429 -48.04 -73.19 14.02
C ASP L 429 -46.75 -73.38 14.80
N PHE L 430 -46.39 -74.64 15.07
CA PHE L 430 -45.15 -74.92 15.77
C PHE L 430 -43.94 -74.41 14.99
N LYS L 431 -43.97 -74.59 13.67
CA LYS L 431 -42.86 -74.10 12.83
C LYS L 431 -42.76 -72.58 12.90
N ARG L 432 -43.88 -71.89 12.68
CA ARG L 432 -43.86 -70.43 12.67
C ARG L 432 -43.45 -69.88 14.02
N ALA L 433 -44.10 -70.34 15.09
CA ALA L 433 -43.82 -69.80 16.41
C ALA L 433 -42.40 -70.11 16.85
N THR L 434 -41.87 -71.29 16.51
CA THR L 434 -40.53 -71.62 16.97
C THR L 434 -39.46 -70.90 16.15
N THR L 435 -39.67 -70.76 14.84
CA THR L 435 -38.70 -70.00 14.07
C THR L 435 -38.76 -68.52 14.41
N ALA L 436 -39.91 -68.02 14.88
CA ALA L 436 -39.97 -66.64 15.35
C ALA L 436 -39.35 -66.50 16.73
N TRP L 437 -39.46 -67.53 17.57
CA TRP L 437 -38.77 -67.53 18.85
C TRP L 437 -37.26 -67.52 18.64
N ILE L 438 -36.78 -68.20 17.60
CA ILE L 438 -35.34 -68.18 17.34
C ILE L 438 -34.93 -66.84 16.74
N LEU L 439 -35.77 -66.26 15.88
CA LEU L 439 -35.46 -64.95 15.33
C LEU L 439 -35.33 -63.89 16.41
N ALA L 440 -36.28 -63.87 17.36
CA ALA L 440 -36.25 -62.90 18.44
C ALA L 440 -35.14 -63.19 19.46
N GLY L 441 -34.48 -64.34 19.39
CA GLY L 441 -33.44 -64.67 20.34
C GLY L 441 -33.95 -65.01 21.73
N GLY L 442 -35.04 -65.76 21.81
CA GLY L 442 -35.58 -66.13 23.11
C GLY L 442 -34.73 -67.17 23.80
N SER L 443 -34.60 -67.02 25.12
CA SER L 443 -33.84 -67.96 25.92
C SER L 443 -34.57 -69.30 25.99
N HIS L 444 -33.82 -70.34 26.39
CA HIS L 444 -34.42 -71.65 26.61
C HIS L 444 -35.20 -71.69 27.93
N HIS L 445 -34.78 -70.92 28.92
CA HIS L 445 -35.53 -70.79 30.17
C HIS L 445 -36.68 -69.83 29.97
N THR L 446 -37.91 -70.29 30.19
CA THR L 446 -39.09 -69.45 30.01
C THR L 446 -39.90 -69.40 31.30
N ALA L 447 -40.94 -68.59 31.26
CA ALA L 447 -41.87 -68.36 32.36
C ALA L 447 -43.25 -68.74 31.82
N PHE L 448 -43.70 -69.95 32.16
CA PHE L 448 -45.01 -70.42 31.72
C PHE L 448 -46.08 -69.90 32.67
N SER L 449 -47.19 -69.42 32.12
CA SER L 449 -48.24 -68.93 33.00
C SER L 449 -49.60 -69.13 32.35
N THR L 450 -50.54 -69.67 33.12
CA THR L 450 -51.90 -69.87 32.67
C THR L 450 -52.87 -68.86 33.26
N ALA L 451 -52.44 -68.09 34.27
CA ALA L 451 -53.34 -67.19 34.98
C ALA L 451 -53.49 -65.83 34.29
N ILE L 452 -52.62 -65.50 33.32
CA ILE L 452 -52.63 -64.17 32.73
C ILE L 452 -52.69 -64.29 31.21
N ASP L 453 -53.06 -63.18 30.58
CA ASP L 453 -53.09 -63.05 29.13
C ASP L 453 -51.92 -62.20 28.67
N VAL L 454 -51.76 -62.09 27.34
CA VAL L 454 -50.75 -61.21 26.77
C VAL L 454 -51.03 -59.75 27.14
N GLU L 455 -52.30 -59.42 27.43
CA GLU L 455 -52.68 -58.08 27.85
C GLU L 455 -51.89 -57.63 29.07
N TYR L 456 -51.58 -58.57 29.98
CA TYR L 456 -50.79 -58.24 31.17
C TYR L 456 -49.38 -57.83 30.80
N LEU L 457 -48.69 -58.68 30.03
CA LEU L 457 -47.32 -58.40 29.65
C LEU L 457 -47.21 -57.15 28.79
N ILE L 458 -48.28 -56.80 28.07
CA ILE L 458 -48.21 -55.59 27.25
C ILE L 458 -48.13 -54.37 28.16
N ASP L 459 -48.84 -54.39 29.28
CA ASP L 459 -48.74 -53.27 30.21
C ASP L 459 -47.45 -53.33 31.01
N TRP L 460 -46.91 -54.52 31.25
CA TRP L 460 -45.60 -54.61 31.88
C TRP L 460 -44.53 -53.93 31.03
N ALA L 461 -44.48 -54.29 29.74
CA ALA L 461 -43.49 -53.71 28.85
C ALA L 461 -43.76 -52.23 28.60
N GLU L 462 -45.03 -51.83 28.53
CA GLU L 462 -45.33 -50.42 28.33
C GLU L 462 -44.90 -49.59 29.55
N ALA L 463 -45.07 -50.13 30.75
CA ALA L 463 -44.68 -49.37 31.94
C ALA L 463 -43.18 -49.30 32.10
N LEU L 464 -42.45 -50.34 31.71
CA LEU L 464 -41.01 -50.31 31.86
C LEU L 464 -40.25 -49.85 30.61
N GLU L 465 -40.95 -49.61 29.50
CA GLU L 465 -40.34 -49.09 28.28
C GLU L 465 -39.27 -50.04 27.73
N ILE L 466 -39.65 -51.31 27.58
CA ILE L 466 -38.76 -52.30 26.96
C ILE L 466 -39.47 -52.90 25.76
N GLU L 467 -38.67 -53.45 24.85
CA GLU L 467 -39.21 -54.05 23.64
C GLU L 467 -39.99 -55.32 23.97
N TYR L 468 -41.13 -55.47 23.32
CA TYR L 468 -41.97 -56.66 23.43
C TYR L 468 -42.29 -57.19 22.05
N VAL L 469 -42.24 -58.52 21.90
CA VAL L 469 -42.61 -59.19 20.66
C VAL L 469 -43.54 -60.34 21.02
N VAL L 470 -44.73 -60.36 20.41
CA VAL L 470 -45.77 -61.33 20.72
C VAL L 470 -45.90 -62.32 19.57
N ILE L 471 -46.29 -63.55 19.91
CA ILE L 471 -46.48 -64.60 18.91
C ILE L 471 -47.93 -65.06 18.92
N ASP L 472 -48.84 -64.13 18.63
CA ASP L 472 -50.27 -64.44 18.61
C ASP L 472 -50.60 -65.32 17.40
N GLU L 473 -51.90 -65.60 17.24
CA GLU L 473 -52.37 -66.30 16.05
C GLU L 473 -52.12 -65.48 14.79
N ASN L 474 -52.22 -64.15 14.89
CA ASN L 474 -51.97 -63.26 13.76
C ASN L 474 -50.47 -63.07 13.48
N LEU L 475 -49.69 -64.15 13.56
CA LEU L 475 -48.24 -64.08 13.37
C LEU L 475 -47.93 -64.20 11.88
N ASP L 476 -47.38 -63.13 11.31
CA ASP L 476 -46.84 -63.12 9.97
C ASP L 476 -45.32 -63.09 10.07
N LEU L 477 -44.66 -64.12 9.51
CA LEU L 477 -43.24 -64.32 9.78
C LEU L 477 -42.41 -63.19 9.19
N GLU L 478 -42.72 -62.75 7.97
CA GLU L 478 -41.96 -61.68 7.35
C GLU L 478 -42.19 -60.36 8.07
N ASP L 479 -43.44 -60.10 8.47
CA ASP L 479 -43.75 -58.89 9.21
C ASP L 479 -43.08 -58.89 10.57
N PHE L 480 -42.97 -60.05 11.20
CA PHE L 480 -42.22 -60.16 12.46
C PHE L 480 -40.75 -59.90 12.22
N LYS L 481 -40.23 -60.34 11.07
CA LYS L 481 -38.84 -60.07 10.71
C LYS L 481 -38.58 -58.58 10.62
N LYS L 482 -39.48 -57.87 9.93
CA LYS L 482 -39.33 -56.41 9.81
C LYS L 482 -39.48 -55.74 11.18
N GLU L 483 -40.41 -56.24 12.00
CA GLU L 483 -40.63 -55.65 13.32
C GLU L 483 -39.39 -55.73 14.18
N LEU L 484 -38.64 -56.84 14.09
CA LEU L 484 -37.46 -56.98 14.94
C LEU L 484 -36.44 -55.89 14.64
N ARG L 485 -36.15 -55.65 13.35
CA ARG L 485 -35.11 -54.69 13.03
C ARG L 485 -35.58 -53.26 13.15
N TRP L 486 -36.87 -52.99 12.90
CA TRP L 486 -37.37 -51.64 13.15
C TRP L 486 -37.36 -51.32 14.64
N ASN L 487 -37.62 -52.31 15.50
CA ASN L 487 -37.56 -52.06 16.93
C ASN L 487 -36.14 -51.94 17.45
N GLU L 488 -35.19 -52.67 16.84
CA GLU L 488 -33.84 -52.73 17.41
C GLU L 488 -33.20 -51.36 17.56
N LEU L 489 -33.54 -50.42 16.69
CA LEU L 489 -32.93 -49.09 16.78
C LEU L 489 -33.79 -48.09 17.54
N TYR L 490 -35.12 -48.26 17.57
CA TYR L 490 -35.95 -47.32 18.33
C TYR L 490 -35.63 -47.38 19.82
N TRP L 491 -35.54 -48.58 20.36
CA TRP L 491 -35.22 -48.75 21.78
C TRP L 491 -33.72 -48.60 22.05
N GLY L 492 -32.90 -48.47 21.01
CA GLY L 492 -31.47 -48.33 21.18
C GLY L 492 -31.06 -46.94 21.63
N LEU L 493 -31.43 -45.91 20.88
CA LEU L 493 -31.14 -44.54 21.30
C LEU L 493 -32.24 -43.95 22.17
N LEU L 494 -33.46 -43.81 21.64
CA LEU L 494 -34.56 -43.35 22.48
C LEU L 494 -34.99 -44.45 23.45
N LYS L 495 -35.71 -44.02 24.49
CA LYS L 495 -36.27 -44.94 25.47
C LYS L 495 -37.56 -44.38 26.07
MN MN M . 11.77 39.17 19.47
MN MN N . 26.96 46.38 4.06
MN MN O . 24.42 7.14 -28.58
MN MN P . 4.86 64.07 -34.29
MN MN Q . 24.86 55.22 -27.86
MN MN R . 37.89 67.17 -42.02
MN MN S . -1.66 -42.94 -11.56
MN MN T . -22.64 -44.43 -2.95
MN MN U . 56.16 15.06 -17.72
MN MN V . 35.44 25.13 -19.59
MN MN W . -12.14 -52.48 47.14
MN MN X . 39.11 60.72 17.64
MN MN Y . -32.95 -50.31 -22.93
MN MN Z . -62.69 -24.64 24.69
MN MN AA . -39.60 -26.69 18.52
MN MN BA . -34.96 -4.30 20.39
MN MN CA . -32.18 -75.84 32.03
MN MN DA . -24.89 -54.47 28.33
#